data_4H19
#
_entry.id   4H19
#
_cell.length_a   178.363
_cell.length_b   395.688
_cell.length_c   177.802
_cell.angle_alpha   90.000
_cell.angle_beta   90.000
_cell.angle_gamma   90.000
#
_symmetry.space_group_name_H-M   'C 2 2 21'
#
loop_
_entity.id
_entity.type
_entity.pdbx_description
1 polymer 'Mandelate racemase'
2 non-polymer 'CALCIUM ION'
3 non-polymer 'CHLORIDE ION'
4 non-polymer 'MAGNESIUM ION'
5 non-polymer GLYCEROL
6 non-polymer (2R,3R,4R)-N,2,3,4,5-pentakis(oxidanyl)pentanamide
7 water water
#
_entity_poly.entity_id   1
_entity_poly.type   'polypeptide(L)'
_entity_poly.pdbx_seq_one_letter_code
;MKITAVEPFILHLPLTSESISDSTHSITHWGVVGAKITTSDGIEGYGFTGTHAHLPSDRLITSCISDCYAPLLLGEDASD
HSRLWTKLARYPSLQWVGRAGITHLALAAVDVALWDIKAKKAGVPLWHYLGGARTAGVEAYNTDIGWLSFTLEDLLAGSA
RAVEEDGFTRLKIKVGHDDPNIDIARLTAVRERVDSAVRIAIDGNGKWDLPTCQRFCAAAKDLDIYWFEEPLWYDDVTSH
ARLARNTSIPIALGEQLYTVDAFRSFIDAGAVAYVQPDVTRLGGITEYIQVADLALAHRLPVVPHAGEMSQVHVHLSYWH
PASTILEYIPWIKDHFEEPIHVRDGVYKRPEQPGASTTPLAESFTRYGKAVK
;
_entity_poly.pdbx_strand_id   A,B,C,D,E,F,G,H,I,K,L,M,N,P,J,O
#
loop_
_chem_comp.id
_chem_comp.type
_chem_comp.name
_chem_comp.formula
0YR non-polymer (2R,3R,4R)-N,2,3,4,5-pentakis(oxidanyl)pentanamide 'C5 H11 N O6'
CA non-polymer 'CALCIUM ION' 'Ca 2'
CL non-polymer 'CHLORIDE ION' 'Cl -1'
GOL non-polymer GLYCEROL 'C3 H8 O3'
MG non-polymer 'MAGNESIUM ION' 'Mg 2'
#
# COMPACT_ATOMS: atom_id res chain seq x y z
N MET A 1 -28.32 82.41 12.06
CA MET A 1 -27.27 83.14 11.28
C MET A 1 -26.08 82.21 11.23
N LYS A 2 -25.27 82.32 10.20
CA LYS A 2 -24.09 81.48 10.08
C LYS A 2 -23.03 81.72 11.12
N ILE A 3 -22.43 80.65 11.59
CA ILE A 3 -21.32 80.71 12.43
C ILE A 3 -20.05 81.08 11.63
N THR A 4 -19.38 82.13 12.07
CA THR A 4 -18.18 82.63 11.41
C THR A 4 -16.89 82.39 12.15
N ALA A 5 -16.93 82.17 13.47
CA ALA A 5 -15.72 81.88 14.23
C ALA A 5 -16.08 81.11 15.47
N VAL A 6 -15.15 80.26 15.88
CA VAL A 6 -15.21 79.50 17.11
C VAL A 6 -13.87 79.64 17.80
N GLU A 7 -13.85 80.25 18.96
CA GLU A 7 -12.57 80.51 19.57
C GLU A 7 -12.60 80.01 21.00
N PRO A 8 -11.79 79.04 21.33
CA PRO A 8 -11.78 78.62 22.68
C PRO A 8 -11.04 79.53 23.65
N PHE A 9 -11.34 79.40 24.92
CA PHE A 9 -10.67 80.14 25.97
C PHE A 9 -10.58 79.36 27.26
N ILE A 10 -9.62 79.77 28.09
CA ILE A 10 -9.44 79.27 29.45
C ILE A 10 -9.23 80.45 30.40
N LEU A 11 -10.06 80.54 31.44
CA LEU A 11 -9.87 81.41 32.59
C LEU A 11 -9.60 80.63 33.83
N HIS A 12 -8.59 81.04 34.61
CA HIS A 12 -8.36 80.46 35.91
C HIS A 12 -8.66 81.55 36.93
N LEU A 13 -9.75 81.39 37.67
CA LEU A 13 -10.31 82.38 38.61
C LEU A 13 -10.00 81.92 40.02
N PRO A 14 -9.44 82.83 40.87
CA PRO A 14 -9.19 82.59 42.30
C PRO A 14 -10.45 82.46 43.13
N LEU A 15 -10.34 81.74 44.23
CA LEU A 15 -11.50 81.44 45.06
C LEU A 15 -11.56 82.38 46.31
N THR A 16 -12.62 82.24 47.11
CA THR A 16 -12.77 82.82 48.47
C THR A 16 -11.62 82.61 49.48
N SER A 17 -10.95 81.46 49.41
CA SER A 17 -9.82 81.14 50.26
C SER A 17 -8.67 80.80 49.31
N GLU A 18 -7.43 80.76 49.82
CA GLU A 18 -6.28 80.40 49.00
C GLU A 18 -6.43 78.97 48.45
N SER A 19 -6.90 78.08 49.30
CA SER A 19 -7.19 76.70 48.89
C SER A 19 -8.48 76.29 49.58
N ILE A 20 -9.24 75.40 48.92
CA ILE A 20 -10.37 74.72 49.53
C ILE A 20 -10.29 73.22 49.21
N SER A 21 -10.88 72.41 50.08
CA SER A 21 -10.94 70.94 49.88
C SER A 21 -12.34 70.39 50.18
N ASP A 22 -12.70 69.31 49.46
CA ASP A 22 -13.83 68.47 49.85
C ASP A 22 -13.17 67.15 50.16
N SER A 23 -13.93 66.08 50.23
CA SER A 23 -13.34 64.77 50.59
C SER A 23 -12.28 64.19 49.61
N THR A 24 -12.22 64.74 48.41
CA THR A 24 -11.46 64.13 47.33
C THR A 24 -10.47 65.09 46.66
N HIS A 25 -10.81 66.38 46.62
CA HIS A 25 -10.09 67.36 45.84
C HIS A 25 -9.63 68.55 46.73
N SER A 26 -8.47 69.11 46.39
CA SER A 26 -7.99 70.42 46.87
C SER A 26 -7.67 71.33 45.68
N ILE A 27 -8.20 72.55 45.70
CA ILE A 27 -8.05 73.43 44.57
C ILE A 27 -7.74 74.84 45.02
N THR A 28 -7.04 75.56 44.16
CA THR A 28 -6.69 77.00 44.37
C THR A 28 -7.40 77.92 43.40
N HIS A 29 -7.85 77.39 42.24
CA HIS A 29 -8.52 78.17 41.21
C HIS A 29 -9.65 77.36 40.61
N TRP A 30 -10.58 78.09 40.02
CA TRP A 30 -11.66 77.44 39.26
C TRP A 30 -11.42 77.68 37.80
N GLY A 31 -11.58 76.62 37.00
CA GLY A 31 -11.33 76.66 35.60
C GLY A 31 -12.64 76.91 34.86
N VAL A 32 -12.71 78.01 34.12
CA VAL A 32 -13.76 78.29 33.18
C VAL A 32 -13.18 78.07 31.80
N VAL A 33 -13.63 77.00 31.14
CA VAL A 33 -12.98 76.45 29.98
C VAL A 33 -14.06 76.34 28.91
N GLY A 34 -13.94 77.16 27.87
CA GLY A 34 -14.99 77.17 26.87
C GLY A 34 -14.74 77.70 25.51
N ALA A 35 -15.83 78.19 24.91
CA ALA A 35 -15.82 78.63 23.51
C ALA A 35 -16.62 79.93 23.39
N LYS A 36 -16.09 80.85 22.61
CA LYS A 36 -16.80 82.01 22.13
C LYS A 36 -17.12 81.75 20.67
N ILE A 37 -18.38 81.78 20.34
CA ILE A 37 -18.86 81.48 18.97
C ILE A 37 -19.47 82.73 18.40
N THR A 38 -18.99 83.11 17.21
CA THR A 38 -19.43 84.33 16.56
C THR A 38 -20.24 84.03 15.36
N THR A 39 -21.34 84.76 15.20
CA THR A 39 -22.18 84.61 14.02
C THR A 39 -22.05 85.82 13.01
N SER A 40 -22.59 85.68 11.83
CA SER A 40 -22.34 86.70 10.76
C SER A 40 -23.00 88.05 11.04
N ASP A 41 -23.98 88.07 11.97
CA ASP A 41 -24.56 89.32 12.44
C ASP A 41 -23.78 89.99 13.54
N GLY A 42 -22.66 89.42 13.94
CA GLY A 42 -21.87 90.02 15.01
C GLY A 42 -22.17 89.56 16.43
N ILE A 43 -23.21 88.75 16.62
CA ILE A 43 -23.50 88.21 17.99
C ILE A 43 -22.42 87.23 18.38
N GLU A 44 -21.97 87.33 19.62
CA GLU A 44 -21.01 86.47 20.20
C GLU A 44 -21.65 85.72 21.37
N GLY A 45 -21.60 84.41 21.33
CA GLY A 45 -22.14 83.57 22.40
C GLY A 45 -21.00 82.86 23.10
N TYR A 46 -21.17 82.67 24.41
CA TYR A 46 -20.16 82.09 25.28
C TYR A 46 -20.75 80.87 25.98
N GLY A 47 -19.96 79.83 26.07
CA GLY A 47 -20.33 78.68 26.86
C GLY A 47 -19.08 78.05 27.42
N PHE A 48 -19.22 77.36 28.55
CA PHE A 48 -18.08 76.80 29.17
C PHE A 48 -18.42 75.64 30.08
N THR A 49 -17.42 74.78 30.29
CA THR A 49 -17.44 73.81 31.35
C THR A 49 -16.66 74.34 32.56
N GLY A 50 -16.59 73.54 33.59
CA GLY A 50 -16.05 73.92 34.85
C GLY A 50 -15.01 72.90 35.23
N THR A 51 -13.77 73.31 35.46
CA THR A 51 -12.69 72.40 35.80
C THR A 51 -12.00 72.85 37.09
N HIS A 52 -11.07 72.03 37.51
CA HIS A 52 -10.21 72.31 38.66
C HIS A 52 -8.94 73.04 38.28
N ALA A 53 -8.94 73.62 37.08
CA ALA A 53 -7.91 74.51 36.62
C ALA A 53 -6.57 73.85 36.56
N HIS A 54 -6.61 72.63 36.03
CA HIS A 54 -5.40 71.89 35.65
C HIS A 54 -5.11 72.16 34.19
N LEU A 55 -4.10 73.03 33.92
CA LEU A 55 -3.95 73.54 32.57
C LEU A 55 -3.72 72.46 31.50
N PRO A 56 -3.01 71.43 31.84
CA PRO A 56 -2.78 70.48 30.72
C PRO A 56 -4.06 69.78 30.27
N SER A 57 -5.00 69.52 31.18
CA SER A 57 -6.29 68.91 30.79
C SER A 57 -7.31 69.92 30.34
N ASP A 58 -7.25 71.15 30.85
CA ASP A 58 -8.04 72.23 30.28
C ASP A 58 -7.81 72.38 28.80
N ARG A 59 -6.56 72.28 28.40
CA ARG A 59 -6.17 72.38 27.02
C ARG A 59 -6.61 71.20 26.14
N LEU A 60 -6.87 70.05 26.75
CA LEU A 60 -7.54 68.96 25.99
C LEU A 60 -8.95 69.38 25.59
N ILE A 61 -9.66 70.03 26.51
CA ILE A 61 -11.03 70.49 26.21
C ILE A 61 -11.00 71.58 25.14
N THR A 62 -10.10 72.56 25.28
CA THR A 62 -10.01 73.55 24.23
C THR A 62 -9.60 72.99 22.85
N SER A 63 -8.66 72.10 22.86
CA SER A 63 -8.17 71.53 21.62
C SER A 63 -9.33 70.72 20.98
N CYS A 64 -10.18 70.11 21.77
CA CYS A 64 -11.39 69.45 21.18
C CYS A 64 -12.34 70.43 20.57
N ILE A 65 -12.49 71.56 21.22
CA ILE A 65 -13.37 72.56 20.65
C ILE A 65 -12.80 73.04 19.31
N SER A 66 -11.51 73.40 19.29
CA SER A 66 -10.95 74.05 18.09
C SER A 66 -10.64 73.07 16.98
N ASP A 67 -10.18 71.88 17.31
CA ASP A 67 -9.64 70.97 16.31
C ASP A 67 -10.67 69.91 15.87
N CYS A 68 -11.63 69.58 16.74
CA CYS A 68 -12.61 68.52 16.47
C CYS A 68 -13.96 69.12 16.07
N TYR A 69 -14.41 70.13 16.82
CA TYR A 69 -15.74 70.63 16.66
C TYR A 69 -15.85 71.86 15.78
N ALA A 70 -14.90 72.79 15.89
CA ALA A 70 -15.05 73.97 15.04
C ALA A 70 -15.27 73.63 13.57
N PRO A 71 -14.56 72.66 13.03
CA PRO A 71 -14.78 72.41 11.61
C PRO A 71 -16.18 71.95 11.30
N LEU A 72 -16.87 71.35 12.28
CA LEU A 72 -18.24 70.95 12.10
C LEU A 72 -19.29 72.03 12.33
N LEU A 73 -18.85 73.15 12.88
CA LEU A 73 -19.65 74.32 13.21
C LEU A 73 -19.54 75.48 12.17
N LEU A 74 -18.33 75.76 11.70
CA LEU A 74 -18.13 76.92 10.75
C LEU A 74 -19.02 76.79 9.54
N GLY A 75 -19.75 77.84 9.25
CA GLY A 75 -20.67 77.90 8.14
C GLY A 75 -22.07 77.35 8.43
N GLU A 76 -22.31 76.73 9.63
CA GLU A 76 -23.66 76.26 9.96
C GLU A 76 -24.48 77.37 10.57
N ASP A 77 -25.77 77.25 10.43
CA ASP A 77 -26.70 78.14 11.05
C ASP A 77 -26.77 77.88 12.54
N ALA A 78 -26.36 78.89 13.35
CA ALA A 78 -26.24 78.75 14.80
C ALA A 78 -27.59 78.47 15.44
N SER A 79 -28.66 78.79 14.71
CA SER A 79 -30.00 78.68 15.22
C SER A 79 -30.34 77.16 15.43
N ASP A 80 -29.68 76.30 14.66
CA ASP A 80 -30.00 74.87 14.62
C ASP A 80 -29.33 74.11 15.76
N HIS A 81 -29.54 74.56 16.99
CA HIS A 81 -28.74 73.99 18.10
C HIS A 81 -29.03 72.49 18.28
N SER A 82 -30.26 72.04 18.02
CA SER A 82 -30.57 70.63 18.28
C SER A 82 -29.94 69.76 17.24
N ARG A 83 -30.07 70.16 15.98
CA ARG A 83 -29.33 69.46 14.92
C ARG A 83 -27.83 69.44 15.10
N LEU A 84 -27.24 70.58 15.46
CA LEU A 84 -25.83 70.63 15.67
C LEU A 84 -25.36 69.80 16.90
N TRP A 85 -26.22 69.66 17.91
CA TRP A 85 -25.85 68.86 19.10
C TRP A 85 -25.57 67.43 18.62
N THR A 86 -26.50 66.90 17.83
CA THR A 86 -26.34 65.61 17.26
C THR A 86 -25.14 65.50 16.33
N LYS A 87 -24.94 66.51 15.50
CA LYS A 87 -23.87 66.48 14.50
C LYS A 87 -22.52 66.30 15.20
N LEU A 88 -22.31 67.03 16.27
CA LEU A 88 -21.09 66.91 17.03
C LEU A 88 -21.04 65.72 17.93
N ALA A 89 -22.06 65.53 18.77
CA ALA A 89 -22.03 64.45 19.74
C ALA A 89 -21.91 63.10 19.06
N ARG A 90 -22.58 62.94 17.93
CA ARG A 90 -22.66 61.61 17.31
C ARG A 90 -21.77 61.52 16.06
N TYR A 91 -20.89 62.49 15.84
CA TYR A 91 -19.93 62.39 14.73
C TYR A 91 -19.11 61.07 14.92
N PRO A 92 -19.15 60.14 13.94
CA PRO A 92 -18.74 58.74 14.24
C PRO A 92 -17.36 58.56 14.91
N SER A 93 -16.35 59.25 14.39
CA SER A 93 -15.01 59.00 14.87
C SER A 93 -14.80 59.68 16.22
N LEU A 94 -15.58 60.72 16.53
CA LEU A 94 -15.52 61.40 17.85
C LEU A 94 -16.35 60.64 18.91
N GLN A 95 -17.51 60.11 18.47
CA GLN A 95 -18.32 59.27 19.38
C GLN A 95 -17.45 58.09 19.81
N TRP A 96 -16.65 57.59 18.88
CA TRP A 96 -15.73 56.44 19.13
C TRP A 96 -14.87 56.63 20.35
N VAL A 97 -14.42 57.89 20.62
CA VAL A 97 -13.57 58.18 21.69
C VAL A 97 -14.29 59.08 22.72
N GLY A 98 -15.61 59.03 22.74
CA GLY A 98 -16.42 59.97 23.52
C GLY A 98 -17.55 59.26 24.20
N ARG A 99 -18.73 59.88 24.13
CA ARG A 99 -19.94 59.59 24.88
C ARG A 99 -19.82 60.05 26.31
N ALA A 100 -18.64 60.52 26.76
CA ALA A 100 -18.37 60.93 28.13
C ALA A 100 -16.97 61.55 28.13
N GLY A 101 -16.54 62.14 29.23
CA GLY A 101 -15.21 62.71 29.36
C GLY A 101 -15.00 63.95 28.48
N ILE A 102 -13.76 64.17 28.09
CA ILE A 102 -13.34 65.38 27.44
C ILE A 102 -14.22 65.76 26.26
N THR A 103 -14.55 64.85 25.35
CA THR A 103 -15.37 65.25 24.23
C THR A 103 -16.75 65.77 24.63
N HIS A 104 -17.31 65.23 25.71
CA HIS A 104 -18.59 65.63 26.16
C HIS A 104 -18.55 67.01 26.87
N LEU A 105 -17.48 67.29 27.64
CA LEU A 105 -17.31 68.57 28.30
C LEU A 105 -17.13 69.67 27.25
N ALA A 106 -16.43 69.34 26.15
CA ALA A 106 -16.31 70.31 25.05
C ALA A 106 -17.61 70.59 24.33
N LEU A 107 -18.38 69.54 24.15
CA LEU A 107 -19.74 69.66 23.54
C LEU A 107 -20.60 70.58 24.39
N ALA A 108 -20.54 70.39 25.69
CA ALA A 108 -21.32 71.18 26.65
C ALA A 108 -21.00 72.69 26.45
N ALA A 109 -19.73 73.03 26.30
CA ALA A 109 -19.32 74.45 26.13
C ALA A 109 -19.89 74.98 24.82
N VAL A 110 -19.83 74.19 23.75
CA VAL A 110 -20.40 74.63 22.47
C VAL A 110 -21.88 74.82 22.52
N ASP A 111 -22.56 73.82 23.10
CA ASP A 111 -24.00 73.89 23.21
C ASP A 111 -24.45 75.12 23.97
N VAL A 112 -23.83 75.37 25.11
CA VAL A 112 -24.23 76.53 25.93
C VAL A 112 -24.05 77.78 25.09
N ALA A 113 -22.94 77.89 24.40
CA ALA A 113 -22.70 79.07 23.50
C ALA A 113 -23.81 79.26 22.50
N LEU A 114 -24.34 78.18 21.89
CA LEU A 114 -25.34 78.35 20.87
C LEU A 114 -26.66 78.77 21.52
N TRP A 115 -26.89 78.33 22.76
CA TRP A 115 -28.10 78.82 23.47
C TRP A 115 -27.97 80.30 23.83
N ASP A 116 -26.80 80.70 24.26
CA ASP A 116 -26.51 82.11 24.53
C ASP A 116 -26.80 83.00 23.32
N ILE A 117 -26.33 82.58 22.15
CA ILE A 117 -26.67 83.22 20.89
C ILE A 117 -28.11 83.32 20.66
N LYS A 118 -28.81 82.22 20.87
CA LYS A 118 -30.23 82.19 20.60
C LYS A 118 -30.98 83.23 21.45
N ALA A 119 -30.73 83.26 22.74
CA ALA A 119 -31.42 84.17 23.62
C ALA A 119 -30.95 85.66 23.36
N LYS A 120 -29.69 85.86 23.03
CA LYS A 120 -29.15 87.19 22.65
C LYS A 120 -29.81 87.69 21.35
N LYS A 121 -29.94 86.82 20.35
CA LYS A 121 -30.63 87.21 19.14
C LYS A 121 -32.10 87.62 19.39
N ALA A 122 -32.75 86.94 20.35
CA ALA A 122 -34.13 87.20 20.68
C ALA A 122 -34.27 88.37 21.61
N GLY A 123 -33.16 88.85 22.12
CA GLY A 123 -33.15 90.05 23.01
C GLY A 123 -33.70 89.85 24.39
N VAL A 124 -33.62 88.60 24.90
CA VAL A 124 -34.17 88.32 26.18
C VAL A 124 -33.28 87.36 27.00
N PRO A 125 -33.37 87.37 28.31
CA PRO A 125 -32.64 86.35 29.12
C PRO A 125 -33.21 84.96 28.86
N LEU A 126 -32.34 83.99 28.98
CA LEU A 126 -32.63 82.61 28.69
C LEU A 126 -33.93 82.13 29.37
N TRP A 127 -34.13 82.45 30.64
CA TRP A 127 -35.28 81.92 31.36
C TRP A 127 -36.57 82.40 30.69
N HIS A 128 -36.54 83.61 30.15
CA HIS A 128 -37.72 84.15 29.51
C HIS A 128 -37.86 83.52 28.14
N TYR A 129 -36.76 83.45 27.43
CA TYR A 129 -36.72 82.80 26.12
C TYR A 129 -37.44 81.44 26.19
N LEU A 130 -37.11 80.67 27.23
CA LEU A 130 -37.57 79.26 27.31
C LEU A 130 -39.03 79.14 27.69
N GLY A 131 -39.62 80.23 28.16
CA GLY A 131 -41.07 80.28 28.41
C GLY A 131 -41.63 80.92 29.68
N GLY A 132 -40.78 81.63 30.36
CA GLY A 132 -41.18 82.34 31.55
C GLY A 132 -40.91 81.65 32.85
N ALA A 133 -41.20 82.36 33.91
CA ALA A 133 -40.70 81.98 35.25
C ALA A 133 -41.68 81.08 35.95
N ARG A 134 -41.16 80.07 36.62
CA ARG A 134 -42.00 79.17 37.39
C ARG A 134 -42.14 79.62 38.83
N THR A 135 -41.30 80.54 39.25
CA THR A 135 -41.30 81.05 40.62
C THR A 135 -40.97 82.55 40.62
N ALA A 136 -41.42 83.28 41.66
CA ALA A 136 -41.05 84.69 41.83
C ALA A 136 -39.70 84.78 42.50
N GLY A 137 -39.19 83.67 43.05
CA GLY A 137 -37.87 83.72 43.64
C GLY A 137 -37.22 82.37 43.84
N VAL A 138 -36.06 82.17 43.24
CA VAL A 138 -35.28 80.91 43.43
C VAL A 138 -34.45 81.06 44.69
N GLU A 139 -34.72 80.21 45.64
CA GLU A 139 -33.94 80.16 46.85
C GLU A 139 -32.58 79.57 46.67
N ALA A 140 -31.61 80.15 47.35
CA ALA A 140 -30.23 79.74 47.35
C ALA A 140 -29.86 78.92 48.53
N TYR A 141 -28.89 78.00 48.35
CA TYR A 141 -28.24 77.39 49.47
C TYR A 141 -26.73 77.57 49.39
N ASN A 142 -26.11 77.88 50.53
CA ASN A 142 -24.72 78.28 50.53
C ASN A 142 -23.76 77.10 50.75
N THR A 143 -23.00 76.73 49.71
CA THR A 143 -21.99 75.69 49.81
C THR A 143 -20.61 76.19 50.24
N ASP A 144 -20.38 77.46 49.96
CA ASP A 144 -19.05 78.04 50.22
C ASP A 144 -18.65 78.14 51.68
N ILE A 145 -19.58 77.98 52.62
CA ILE A 145 -19.22 77.93 54.02
C ILE A 145 -18.90 76.55 54.54
N GLY A 146 -18.97 75.51 53.69
CA GLY A 146 -18.95 74.15 54.30
C GLY A 146 -17.79 73.24 53.96
N TRP A 147 -16.76 73.79 53.29
CA TRP A 147 -15.64 72.98 52.85
C TRP A 147 -15.03 72.11 53.96
N LEU A 148 -14.57 70.94 53.55
CA LEU A 148 -14.05 69.94 54.48
C LEU A 148 -12.74 70.44 55.07
N SER A 149 -12.10 71.32 54.34
CA SER A 149 -10.78 71.92 54.75
C SER A 149 -10.92 72.92 55.92
N PHE A 150 -12.13 73.32 56.21
CA PHE A 150 -12.39 74.24 57.36
C PHE A 150 -12.23 73.52 58.70
N THR A 151 -11.51 74.14 59.64
CA THR A 151 -11.56 73.67 60.97
C THR A 151 -12.97 73.84 61.48
N LEU A 152 -13.27 73.17 62.58
CA LEU A 152 -14.59 73.24 63.21
C LEU A 152 -14.93 74.68 63.57
N GLU A 153 -13.94 75.40 64.09
CA GLU A 153 -14.13 76.78 64.42
C GLU A 153 -14.58 77.54 63.20
N ASP A 154 -13.89 77.36 62.08
CA ASP A 154 -14.16 78.19 60.90
C ASP A 154 -15.48 77.76 60.21
N LEU A 155 -15.81 76.49 60.32
CA LEU A 155 -17.05 75.95 59.74
C LEU A 155 -18.21 76.63 60.49
N LEU A 156 -18.08 76.65 61.81
CA LEU A 156 -19.09 77.30 62.65
C LEU A 156 -19.20 78.75 62.42
N ALA A 157 -18.07 79.45 62.38
CA ALA A 157 -18.08 80.89 62.11
C ALA A 157 -18.80 81.27 60.79
N GLY A 158 -18.37 80.60 59.72
CA GLY A 158 -18.90 80.88 58.41
C GLY A 158 -20.36 80.52 58.31
N SER A 159 -20.75 79.37 58.82
CA SER A 159 -22.18 78.96 58.80
C SER A 159 -23.02 79.98 59.53
N ALA A 160 -22.53 80.40 60.68
CA ALA A 160 -23.24 81.42 61.51
C ALA A 160 -23.38 82.75 60.80
N ARG A 161 -22.33 83.18 60.14
CA ARG A 161 -22.36 84.40 59.38
C ARG A 161 -23.33 84.34 58.19
N ALA A 162 -23.28 83.20 57.47
CA ALA A 162 -24.22 83.04 56.34
C ALA A 162 -25.65 83.18 56.77
N VAL A 163 -25.99 82.64 57.92
CA VAL A 163 -27.34 82.62 58.39
C VAL A 163 -27.69 83.96 59.07
N GLU A 164 -26.81 84.43 59.97
CA GLU A 164 -27.13 85.59 60.84
C GLU A 164 -26.85 86.90 60.13
N GLU A 165 -25.88 86.98 59.26
CA GLU A 165 -25.58 88.22 58.60
C GLU A 165 -26.11 88.23 57.20
N ASP A 166 -26.12 87.11 56.49
CA ASP A 166 -26.36 87.18 55.01
C ASP A 166 -27.73 86.67 54.63
N GLY A 167 -28.44 86.15 55.61
CA GLY A 167 -29.83 85.83 55.44
C GLY A 167 -30.07 84.49 54.72
N PHE A 168 -29.07 83.62 54.68
CA PHE A 168 -29.32 82.22 54.19
C PHE A 168 -30.11 81.39 55.20
N THR A 169 -31.03 80.56 54.73
CA THR A 169 -31.67 79.58 55.60
C THR A 169 -31.44 78.13 55.14
N ARG A 170 -30.49 77.98 54.24
CA ARG A 170 -30.13 76.71 53.57
C ARG A 170 -28.57 76.69 53.38
N LEU A 171 -27.91 75.63 53.84
CA LEU A 171 -26.48 75.48 53.79
C LEU A 171 -26.20 74.06 53.27
N LYS A 172 -25.02 73.91 52.69
CA LYS A 172 -24.47 72.58 52.43
C LYS A 172 -23.08 72.44 52.98
N ILE A 173 -22.90 71.36 53.69
CA ILE A 173 -21.64 71.09 54.44
C ILE A 173 -20.98 69.81 53.96
N LYS A 174 -19.69 69.88 53.64
CA LYS A 174 -18.97 68.71 53.15
C LYS A 174 -18.78 67.72 54.26
N VAL A 175 -18.84 66.45 53.89
CA VAL A 175 -18.45 65.38 54.79
C VAL A 175 -17.48 64.47 54.05
N GLY A 176 -16.94 63.47 54.73
CA GLY A 176 -15.92 62.61 54.12
C GLY A 176 -14.57 62.46 54.79
N HIS A 177 -14.53 62.61 56.12
CA HIS A 177 -13.40 62.15 56.83
C HIS A 177 -13.34 60.62 56.74
N ASP A 178 -12.16 60.09 57.00
CA ASP A 178 -11.96 58.66 56.97
C ASP A 178 -12.84 57.98 58.02
N ASP A 179 -12.97 58.62 59.18
CA ASP A 179 -13.94 58.23 60.22
C ASP A 179 -15.14 59.18 60.23
N PRO A 180 -16.31 58.71 59.79
CA PRO A 180 -17.47 59.56 59.64
C PRO A 180 -17.99 60.16 60.95
N ASN A 181 -17.61 59.59 62.06
CA ASN A 181 -18.01 60.12 63.32
C ASN A 181 -17.40 61.52 63.51
N ILE A 182 -16.31 61.83 62.89
CA ILE A 182 -15.78 63.24 62.94
C ILE A 182 -16.79 64.18 62.24
N ASP A 183 -17.35 63.69 61.15
CA ASP A 183 -18.35 64.47 60.43
C ASP A 183 -19.61 64.57 61.29
N ILE A 184 -20.05 63.49 61.96
CA ILE A 184 -21.19 63.55 62.80
C ILE A 184 -20.92 64.65 63.88
N ALA A 185 -19.68 64.70 64.38
CA ALA A 185 -19.37 65.70 65.44
C ALA A 185 -19.50 67.11 64.86
N ARG A 186 -18.88 67.31 63.72
CA ARG A 186 -18.96 68.61 63.03
C ARG A 186 -20.38 69.07 62.77
N LEU A 187 -21.21 68.18 62.24
CA LEU A 187 -22.55 68.50 61.97
C LEU A 187 -23.37 68.77 63.22
N THR A 188 -23.08 67.98 64.23
CA THR A 188 -23.74 68.14 65.52
C THR A 188 -23.47 69.55 66.06
N ALA A 189 -22.23 69.98 65.99
CA ALA A 189 -21.89 71.34 66.38
C ALA A 189 -22.55 72.41 65.54
N VAL A 190 -22.59 72.26 64.22
CA VAL A 190 -23.27 73.19 63.40
C VAL A 190 -24.76 73.29 63.79
N ARG A 191 -25.38 72.17 64.06
CA ARG A 191 -26.77 72.13 64.40
C ARG A 191 -27.04 72.86 65.71
N GLU A 192 -26.10 72.77 66.63
CA GLU A 192 -26.21 73.52 67.85
C GLU A 192 -26.01 74.99 67.66
N ARG A 193 -25.14 75.42 66.77
CA ARG A 193 -24.75 76.79 66.62
C ARG A 193 -25.84 77.57 65.88
N VAL A 194 -26.42 77.01 64.85
CA VAL A 194 -27.37 77.78 64.04
C VAL A 194 -28.80 77.47 64.38
N ASP A 195 -29.71 78.36 63.99
CA ASP A 195 -31.13 78.18 64.26
C ASP A 195 -31.66 76.88 63.69
N SER A 196 -32.62 76.24 64.34
CA SER A 196 -33.18 74.96 63.90
C SER A 196 -33.91 75.03 62.58
N ALA A 197 -34.30 76.20 62.14
CA ALA A 197 -34.98 76.27 60.87
C ALA A 197 -34.00 76.43 59.70
N VAL A 198 -32.69 76.35 59.96
CA VAL A 198 -31.72 76.34 58.88
C VAL A 198 -31.73 74.91 58.29
N ARG A 199 -31.92 74.80 56.97
CA ARG A 199 -31.82 73.49 56.29
C ARG A 199 -30.33 73.22 56.00
N ILE A 200 -29.87 72.00 56.32
CA ILE A 200 -28.51 71.61 56.13
C ILE A 200 -28.45 70.32 55.34
N ALA A 201 -27.90 70.46 54.15
CA ALA A 201 -27.58 69.31 53.32
C ALA A 201 -26.14 68.96 53.49
N ILE A 202 -25.74 67.74 53.11
CA ILE A 202 -24.33 67.35 53.16
C ILE A 202 -23.86 66.72 51.87
N ASP A 203 -22.55 66.66 51.67
CA ASP A 203 -21.97 66.18 50.42
C ASP A 203 -20.65 65.43 50.68
N GLY A 204 -20.64 64.15 50.32
CA GLY A 204 -19.47 63.30 50.49
C GLY A 204 -18.52 63.21 49.32
N ASN A 205 -18.89 63.80 48.17
CA ASN A 205 -18.06 63.73 46.98
C ASN A 205 -17.54 62.33 46.65
N GLY A 206 -18.42 61.34 46.82
CA GLY A 206 -18.13 59.94 46.42
C GLY A 206 -17.05 59.25 47.24
N LYS A 207 -16.85 59.64 48.49
CA LYS A 207 -15.72 59.16 49.26
C LYS A 207 -15.91 57.77 49.88
N TRP A 208 -17.10 57.43 50.34
CA TRP A 208 -17.29 56.28 51.17
C TRP A 208 -17.91 55.09 50.40
N ASP A 209 -17.85 53.93 51.01
CA ASP A 209 -18.52 52.72 50.55
C ASP A 209 -19.89 52.51 51.19
N LEU A 210 -20.62 51.54 50.69
CA LEU A 210 -21.94 51.30 51.15
C LEU A 210 -22.05 51.11 52.69
N PRO A 211 -21.33 50.15 53.24
CA PRO A 211 -21.49 49.95 54.68
C PRO A 211 -21.15 51.17 55.51
N THR A 212 -20.15 51.94 55.08
CA THR A 212 -19.76 53.15 55.80
C THR A 212 -20.95 54.11 55.79
N CYS A 213 -21.53 54.32 54.61
CA CYS A 213 -22.69 55.15 54.49
C CYS A 213 -23.87 54.68 55.30
N GLN A 214 -24.12 53.36 55.39
CA GLN A 214 -25.28 52.91 56.12
C GLN A 214 -25.12 53.29 57.57
N ARG A 215 -23.94 53.06 58.11
CA ARG A 215 -23.70 53.41 59.51
C ARG A 215 -23.78 54.93 59.78
N PHE A 216 -23.18 55.72 58.90
CA PHE A 216 -23.25 57.21 59.04
C PHE A 216 -24.65 57.70 59.00
N CYS A 217 -25.42 57.20 58.07
CA CYS A 217 -26.79 57.68 57.97
C CYS A 217 -27.63 57.34 59.16
N ALA A 218 -27.45 56.15 59.72
CA ALA A 218 -28.10 55.85 60.98
C ALA A 218 -27.68 56.82 62.15
N ALA A 219 -26.41 57.10 62.26
CA ALA A 219 -25.87 57.93 63.30
C ALA A 219 -26.29 59.42 63.07
N ALA A 220 -26.64 59.78 61.84
CA ALA A 220 -27.13 61.10 61.54
C ALA A 220 -28.63 61.29 61.66
N LYS A 221 -29.31 60.33 62.26
CA LYS A 221 -30.79 60.32 62.31
C LYS A 221 -31.46 61.52 63.01
N ASP A 222 -30.79 62.14 63.97
CA ASP A 222 -31.34 63.34 64.61
C ASP A 222 -30.75 64.65 64.13
N LEU A 223 -29.98 64.70 63.06
CA LEU A 223 -29.36 65.95 62.66
C LEU A 223 -30.13 66.72 61.64
N ASP A 224 -31.27 66.16 61.23
CA ASP A 224 -32.15 66.77 60.21
C ASP A 224 -31.39 67.13 58.96
N ILE A 225 -30.81 66.09 58.36
CA ILE A 225 -30.01 66.29 57.14
C ILE A 225 -30.93 66.41 55.92
N TYR A 226 -30.81 67.47 55.16
CA TYR A 226 -31.75 67.69 54.07
C TYR A 226 -31.58 66.67 52.92
N TRP A 227 -30.32 66.47 52.53
CA TRP A 227 -29.90 65.44 51.57
C TRP A 227 -28.46 65.04 51.80
N PHE A 228 -28.09 63.84 51.30
CA PHE A 228 -26.71 63.38 51.26
C PHE A 228 -26.31 63.21 49.83
N GLU A 229 -25.47 64.14 49.36
CA GLU A 229 -25.03 64.21 48.00
C GLU A 229 -23.79 63.31 47.80
N GLU A 230 -23.76 62.65 46.64
CA GLU A 230 -22.69 61.78 46.20
C GLU A 230 -22.13 60.94 47.29
N PRO A 231 -23.00 60.16 47.93
CA PRO A 231 -22.47 59.40 49.07
C PRO A 231 -21.46 58.30 48.71
N LEU A 232 -21.56 57.81 47.47
CA LEU A 232 -20.90 56.60 47.02
C LEU A 232 -20.20 56.78 45.70
N TRP A 233 -19.51 55.74 45.24
CA TRP A 233 -18.80 55.90 43.98
C TRP A 233 -19.70 56.29 42.84
N TYR A 234 -19.24 57.25 42.00
CA TYR A 234 -20.13 57.92 41.07
C TYR A 234 -20.86 57.05 40.09
N ASP A 235 -20.23 55.97 39.67
CA ASP A 235 -20.79 55.08 38.66
C ASP A 235 -21.46 53.84 39.19
N ASP A 236 -21.60 53.74 40.48
CA ASP A 236 -22.13 52.50 41.15
C ASP A 236 -23.61 52.73 41.49
N VAL A 237 -24.49 52.37 40.57
CA VAL A 237 -25.93 52.57 40.76
C VAL A 237 -26.43 51.73 41.93
N THR A 238 -26.06 50.46 41.93
CA THR A 238 -26.57 49.53 42.92
C THR A 238 -26.34 49.92 44.39
N SER A 239 -25.12 50.34 44.73
CA SER A 239 -24.89 50.77 46.11
C SER A 239 -25.79 51.94 46.50
N HIS A 240 -26.04 52.83 45.55
CA HIS A 240 -26.90 53.94 45.85
C HIS A 240 -28.34 53.47 46.08
N ALA A 241 -28.82 52.53 45.27
CA ALA A 241 -30.15 52.02 45.42
C ALA A 241 -30.32 51.34 46.79
N ARG A 242 -29.31 50.56 47.18
CA ARG A 242 -29.34 49.87 48.44
C ARG A 242 -29.32 50.86 49.61
N LEU A 243 -28.56 51.90 49.51
CA LEU A 243 -28.50 52.92 50.57
C LEU A 243 -29.81 53.65 50.67
N ALA A 244 -30.41 54.06 49.53
CA ALA A 244 -31.58 54.86 49.54
C ALA A 244 -32.68 54.08 50.28
N ARG A 245 -32.69 52.75 50.16
CA ARG A 245 -33.69 51.92 50.82
C ARG A 245 -33.44 51.74 52.32
N ASN A 246 -32.22 52.02 52.78
CA ASN A 246 -31.77 51.67 54.09
C ASN A 246 -31.95 52.86 55.01
N THR A 247 -32.24 54.04 54.47
CA THR A 247 -32.27 55.25 55.31
C THR A 247 -33.40 56.13 54.89
N SER A 248 -33.87 57.00 55.80
CA SER A 248 -34.81 58.02 55.41
C SER A 248 -34.13 59.29 54.85
N ILE A 249 -32.81 59.42 54.98
CA ILE A 249 -32.11 60.57 54.43
C ILE A 249 -32.10 60.52 52.91
N PRO A 250 -32.55 61.59 52.23
CA PRO A 250 -32.61 61.58 50.76
C PRO A 250 -31.26 61.60 50.11
N ILE A 251 -31.10 60.85 49.02
CA ILE A 251 -29.90 60.87 48.24
C ILE A 251 -29.94 61.85 47.10
N ALA A 252 -28.86 62.60 46.93
CA ALA A 252 -28.64 63.55 45.86
C ALA A 252 -27.41 63.15 45.04
N LEU A 253 -27.51 63.32 43.73
CA LEU A 253 -26.35 63.09 42.87
C LEU A 253 -26.67 63.57 41.48
N GLY A 254 -25.62 63.67 40.68
CA GLY A 254 -25.71 64.01 39.28
C GLY A 254 -24.56 64.78 38.72
N GLU A 255 -23.78 65.43 39.59
CA GLU A 255 -22.75 66.35 39.09
C GLU A 255 -21.64 65.69 38.32
N GLN A 256 -21.53 64.39 38.45
CA GLN A 256 -20.49 63.62 37.76
C GLN A 256 -21.06 62.76 36.60
N LEU A 257 -22.36 62.86 36.37
CA LEU A 257 -23.01 62.03 35.31
C LEU A 257 -22.99 62.73 33.98
N TYR A 258 -22.36 62.12 32.96
CA TYR A 258 -22.23 62.77 31.65
C TYR A 258 -23.41 62.68 30.70
N THR A 259 -24.34 61.78 30.93
CA THR A 259 -25.36 61.48 29.99
C THR A 259 -26.74 61.27 30.58
N VAL A 260 -27.69 61.47 29.69
CA VAL A 260 -29.11 61.12 30.04
C VAL A 260 -29.27 59.67 30.44
N ASP A 261 -28.51 58.77 29.76
CA ASP A 261 -28.60 57.32 30.06
C ASP A 261 -28.20 57.07 31.52
N ALA A 262 -27.11 57.67 31.98
CA ALA A 262 -26.70 57.54 33.37
C ALA A 262 -27.75 58.04 34.37
N PHE A 263 -28.31 59.21 34.10
CA PHE A 263 -29.37 59.69 34.93
C PHE A 263 -30.53 58.72 34.93
N ARG A 264 -30.93 58.22 33.77
CA ARG A 264 -32.04 57.30 33.75
C ARG A 264 -31.73 56.02 34.56
N SER A 265 -30.54 55.49 34.46
CA SER A 265 -30.19 54.30 35.29
C SER A 265 -30.39 54.59 36.77
N PHE A 266 -29.89 55.76 37.26
CA PHE A 266 -30.02 56.07 38.69
C PHE A 266 -31.46 56.32 39.09
N ILE A 267 -32.21 57.07 38.29
CA ILE A 267 -33.57 57.40 38.62
C ILE A 267 -34.45 56.17 38.66
N ASP A 268 -34.34 55.33 37.62
CA ASP A 268 -35.17 54.12 37.53
C ASP A 268 -34.86 53.17 38.69
N ALA A 269 -33.64 53.18 39.25
CA ALA A 269 -33.27 52.23 40.33
C ALA A 269 -33.71 52.75 41.68
N GLY A 270 -34.28 53.95 41.71
CA GLY A 270 -34.62 54.59 43.00
C GLY A 270 -33.37 54.99 43.77
N ALA A 271 -32.28 55.26 43.01
CA ALA A 271 -30.96 55.49 43.59
C ALA A 271 -30.68 56.99 43.85
N VAL A 272 -31.63 57.84 43.44
CA VAL A 272 -31.47 59.27 43.58
C VAL A 272 -32.84 59.91 43.82
N ALA A 273 -32.93 60.88 44.76
CA ALA A 273 -34.16 61.60 45.03
C ALA A 273 -33.98 63.05 44.55
N TYR A 274 -32.82 63.64 44.77
CA TYR A 274 -32.54 65.03 44.34
C TYR A 274 -31.63 64.91 43.16
N VAL A 275 -32.17 65.28 41.97
CA VAL A 275 -31.50 65.12 40.71
C VAL A 275 -30.69 66.39 40.41
N GLN A 276 -29.43 66.20 40.13
CA GLN A 276 -28.46 67.31 39.99
C GLN A 276 -27.78 67.36 38.63
N PRO A 277 -28.53 67.68 37.59
CA PRO A 277 -27.91 67.82 36.29
C PRO A 277 -27.02 69.08 36.27
N ASP A 278 -26.09 69.15 35.35
CA ASP A 278 -25.17 70.28 35.28
C ASP A 278 -24.87 70.46 33.80
N VAL A 279 -25.15 71.64 33.27
CA VAL A 279 -24.86 71.93 31.88
C VAL A 279 -23.42 71.82 31.52
N THR A 280 -22.53 71.85 32.50
CA THR A 280 -21.12 71.72 32.22
C THR A 280 -20.61 70.28 32.17
N ARG A 281 -21.45 69.35 32.57
CA ARG A 281 -21.16 67.93 32.63
C ARG A 281 -21.89 67.07 31.62
N LEU A 282 -23.21 67.15 31.61
CA LEU A 282 -24.07 66.72 30.52
C LEU A 282 -23.72 67.56 29.29
N GLY A 283 -24.25 67.18 28.15
CA GLY A 283 -23.99 67.99 26.96
C GLY A 283 -24.77 69.28 26.88
N GLY A 284 -24.48 70.20 27.78
CA GLY A 284 -25.08 71.53 27.77
C GLY A 284 -26.54 71.57 28.14
N ILE A 285 -27.15 72.71 27.81
CA ILE A 285 -28.49 73.00 28.05
C ILE A 285 -29.38 71.99 27.36
N THR A 286 -29.02 71.54 26.19
CA THR A 286 -29.89 70.68 25.44
C THR A 286 -30.11 69.38 26.22
N GLU A 287 -29.03 68.78 26.70
CA GLU A 287 -29.13 67.56 27.44
C GLU A 287 -29.65 67.74 28.87
N TYR A 288 -29.29 68.84 29.49
CA TYR A 288 -29.91 69.22 30.78
C TYR A 288 -31.40 69.22 30.75
N ILE A 289 -32.02 69.83 29.71
CA ILE A 289 -33.44 69.91 29.67
C ILE A 289 -34.02 68.51 29.56
N GLN A 290 -33.41 67.61 28.79
CA GLN A 290 -33.87 66.24 28.75
C GLN A 290 -33.91 65.60 30.12
N VAL A 291 -32.82 65.75 30.86
CA VAL A 291 -32.71 65.18 32.19
C VAL A 291 -33.71 65.84 33.16
N ALA A 292 -33.90 67.15 33.05
CA ALA A 292 -34.87 67.87 33.93
C ALA A 292 -36.29 67.35 33.66
N ASP A 293 -36.61 67.09 32.38
CA ASP A 293 -37.90 66.51 31.96
C ASP A 293 -38.07 65.08 32.43
N LEU A 294 -36.99 64.32 32.44
CA LEU A 294 -37.02 63.01 32.98
C LEU A 294 -37.31 63.07 34.46
N ALA A 295 -36.62 63.96 35.17
CA ALA A 295 -36.93 64.16 36.62
C ALA A 295 -38.40 64.59 36.87
N LEU A 296 -38.89 65.50 36.07
CA LEU A 296 -40.28 65.89 36.16
C LEU A 296 -41.25 64.72 36.03
N ALA A 297 -40.94 63.82 35.12
CA ALA A 297 -41.83 62.66 34.84
C ALA A 297 -41.87 61.78 36.06
N HIS A 298 -40.80 61.77 36.85
CA HIS A 298 -40.74 61.02 38.14
C HIS A 298 -41.16 61.84 39.37
N ARG A 299 -41.58 63.10 39.13
CA ARG A 299 -41.88 64.09 40.14
C ARG A 299 -40.77 64.23 41.15
N LEU A 300 -39.53 64.23 40.69
CA LEU A 300 -38.43 64.48 41.56
C LEU A 300 -37.89 65.89 41.37
N PRO A 301 -37.36 66.48 42.45
CA PRO A 301 -36.82 67.83 42.34
C PRO A 301 -35.51 67.90 41.59
N VAL A 302 -35.35 68.97 40.84
CA VAL A 302 -34.14 69.29 40.11
C VAL A 302 -33.40 70.43 40.82
N VAL A 303 -32.19 70.10 41.27
CA VAL A 303 -31.34 71.00 41.98
C VAL A 303 -29.95 70.91 41.36
N PRO A 304 -29.67 71.74 40.34
CA PRO A 304 -28.47 71.56 39.51
C PRO A 304 -27.23 71.89 40.24
N HIS A 305 -26.17 71.21 39.91
CA HIS A 305 -24.87 71.41 40.53
C HIS A 305 -24.20 72.63 39.86
N ALA A 306 -23.56 73.44 40.65
CA ALA A 306 -22.91 74.68 40.21
C ALA A 306 -21.53 74.52 39.52
N GLY A 307 -21.46 73.66 38.50
CA GLY A 307 -20.24 73.51 37.69
C GLY A 307 -19.90 74.80 36.95
N GLU A 308 -20.93 75.61 36.74
CA GLU A 308 -20.79 76.95 36.13
C GLU A 308 -21.15 78.06 37.14
N MET A 309 -20.94 77.75 38.42
CA MET A 309 -21.22 78.61 39.60
C MET A 309 -22.58 79.28 39.45
N SER A 310 -23.54 78.54 38.86
CA SER A 310 -24.91 78.97 38.64
C SER A 310 -25.16 80.12 37.72
N GLN A 311 -24.18 80.51 36.93
CA GLN A 311 -24.42 81.54 35.92
C GLN A 311 -25.46 81.18 34.88
N VAL A 312 -25.47 79.88 34.50
CA VAL A 312 -26.47 79.37 33.58
C VAL A 312 -27.67 78.81 34.33
N HIS A 313 -27.42 78.04 35.40
CA HIS A 313 -28.51 77.38 36.08
C HIS A 313 -29.49 78.32 36.78
N VAL A 314 -29.10 79.59 37.05
CA VAL A 314 -30.08 80.54 37.54
C VAL A 314 -31.24 80.67 36.53
N HIS A 315 -30.95 80.63 35.24
CA HIS A 315 -31.97 80.76 34.19
C HIS A 315 -32.79 79.46 34.26
N LEU A 316 -32.10 78.32 34.23
CA LEU A 316 -32.82 77.05 34.11
C LEU A 316 -33.68 76.77 35.35
N SER A 317 -33.22 77.23 36.52
N SER A 317 -33.23 77.23 36.51
CA SER A 317 -34.02 77.10 37.72
CA SER A 317 -34.01 77.07 37.71
C SER A 317 -35.16 78.12 37.84
C SER A 317 -35.16 78.11 37.85
N TYR A 318 -35.00 79.31 37.30
CA TYR A 318 -36.14 80.20 37.20
C TYR A 318 -37.26 79.69 36.24
N TRP A 319 -36.88 78.84 35.24
CA TRP A 319 -37.83 78.40 34.27
C TRP A 319 -38.39 77.00 34.49
N HIS A 320 -37.50 76.02 34.70
CA HIS A 320 -38.01 74.62 34.55
C HIS A 320 -38.94 74.27 35.75
N PRO A 321 -40.13 73.76 35.48
CA PRO A 321 -41.04 73.63 36.56
C PRO A 321 -40.70 72.56 37.62
N ALA A 322 -39.72 71.71 37.38
CA ALA A 322 -39.30 70.70 38.38
C ALA A 322 -38.24 71.24 39.32
N SER A 323 -37.75 72.45 39.05
CA SER A 323 -36.69 73.05 39.81
C SER A 323 -37.16 73.44 41.17
N THR A 324 -36.26 73.36 42.13
CA THR A 324 -36.55 73.87 43.50
C THR A 324 -35.52 74.96 43.93
N ILE A 325 -34.45 74.56 44.59
CA ILE A 325 -33.39 75.48 45.09
C ILE A 325 -32.11 75.40 44.29
N LEU A 326 -31.23 76.37 44.54
CA LEU A 326 -30.08 76.59 43.73
C LEU A 326 -28.81 76.79 44.52
N GLU A 327 -27.83 75.94 44.27
CA GLU A 327 -26.51 76.09 44.87
C GLU A 327 -25.86 77.47 44.61
N TYR A 328 -25.22 77.98 45.64
CA TYR A 328 -24.51 79.26 45.56
C TYR A 328 -23.06 79.14 46.04
N ILE A 329 -22.15 79.47 45.15
CA ILE A 329 -20.74 79.56 45.46
C ILE A 329 -20.32 80.86 44.68
N PRO A 330 -19.80 81.84 45.42
CA PRO A 330 -19.55 83.17 44.83
C PRO A 330 -18.19 83.39 44.19
N TRP A 331 -17.47 82.32 43.86
CA TRP A 331 -16.08 82.45 43.38
C TRP A 331 -15.92 83.26 42.08
N ILE A 332 -16.83 83.13 41.11
CA ILE A 332 -16.57 83.73 39.81
C ILE A 332 -17.52 84.79 39.37
N LYS A 333 -18.59 85.00 40.10
CA LYS A 333 -19.74 85.76 39.63
C LYS A 333 -19.30 87.20 39.17
N ASP A 334 -18.37 87.79 39.91
CA ASP A 334 -17.96 89.21 39.62
C ASP A 334 -17.16 89.33 38.34
N HIS A 335 -16.78 88.20 37.76
CA HIS A 335 -16.13 88.20 36.47
C HIS A 335 -17.02 88.22 35.24
N PHE A 336 -18.35 88.29 35.41
CA PHE A 336 -19.33 88.29 34.38
C PHE A 336 -20.01 89.62 34.15
N GLU A 337 -20.44 89.84 32.91
CA GLU A 337 -21.27 91.05 32.59
C GLU A 337 -22.55 91.05 33.37
N GLU A 338 -23.18 89.87 33.59
CA GLU A 338 -24.27 89.78 34.56
C GLU A 338 -23.99 88.78 35.65
N PRO A 339 -23.29 89.21 36.69
CA PRO A 339 -23.15 88.30 37.81
C PRO A 339 -24.47 87.76 38.36
N ILE A 340 -24.44 86.52 38.85
CA ILE A 340 -25.51 86.11 39.75
C ILE A 340 -25.47 86.97 41.00
N HIS A 341 -26.60 87.08 41.67
CA HIS A 341 -26.70 87.88 42.92
C HIS A 341 -27.72 87.27 43.82
N VAL A 342 -27.33 87.02 45.06
CA VAL A 342 -28.24 86.51 46.03
C VAL A 342 -28.38 87.54 47.19
N ARG A 343 -29.60 87.88 47.55
CA ARG A 343 -29.95 88.75 48.65
C ARG A 343 -30.97 88.04 49.47
N ASP A 344 -30.73 87.94 50.80
CA ASP A 344 -31.70 87.29 51.68
C ASP A 344 -32.03 85.89 51.22
N GLY A 345 -31.01 85.20 50.77
CA GLY A 345 -31.18 83.79 50.34
C GLY A 345 -32.00 83.55 49.09
N VAL A 346 -32.14 84.57 48.27
CA VAL A 346 -32.90 84.42 47.04
C VAL A 346 -32.05 84.98 45.91
N TYR A 347 -32.01 84.25 44.78
CA TYR A 347 -31.35 84.70 43.56
C TYR A 347 -32.15 85.80 42.87
N LYS A 348 -31.47 86.88 42.46
CA LYS A 348 -32.06 87.82 41.49
C LYS A 348 -32.36 87.13 40.17
N ARG A 349 -33.47 87.49 39.56
CA ARG A 349 -33.83 87.00 38.27
C ARG A 349 -33.01 87.73 37.21
N PRO A 350 -32.35 86.99 36.29
CA PRO A 350 -31.50 87.61 35.30
C PRO A 350 -32.29 88.52 34.37
N GLU A 351 -31.61 89.58 33.89
CA GLU A 351 -32.22 90.64 33.09
C GLU A 351 -31.68 90.78 31.71
N GLN A 352 -30.37 90.61 31.55
N GLN A 352 -30.36 90.60 31.55
CA GLN A 352 -29.75 90.83 30.24
CA GLN A 352 -29.70 90.81 30.24
C GLN A 352 -30.01 89.72 29.23
C GLN A 352 -30.04 89.71 29.22
N PRO A 353 -30.01 90.06 27.94
CA PRO A 353 -30.18 89.05 26.87
C PRO A 353 -29.03 88.02 26.96
N GLY A 354 -29.40 86.77 26.84
CA GLY A 354 -28.45 85.70 26.92
C GLY A 354 -28.60 84.79 28.11
N ALA A 355 -27.57 83.95 28.23
CA ALA A 355 -27.47 82.95 29.28
C ALA A 355 -26.57 83.33 30.45
N SER A 356 -26.27 84.65 30.57
CA SER A 356 -25.31 85.21 31.55
C SER A 356 -23.97 84.43 31.62
N THR A 357 -23.41 84.13 30.45
CA THR A 357 -22.20 83.40 30.34
C THR A 357 -21.09 84.30 29.86
N THR A 358 -21.43 85.55 29.52
CA THR A 358 -20.45 86.45 28.96
C THR A 358 -19.50 87.03 30.02
N PRO A 359 -18.22 86.67 30.00
CA PRO A 359 -17.31 87.27 30.92
C PRO A 359 -17.05 88.74 30.55
N LEU A 360 -16.73 89.52 31.56
CA LEU A 360 -16.23 90.89 31.32
C LEU A 360 -15.03 90.80 30.42
N ALA A 361 -14.90 91.76 29.51
CA ALA A 361 -13.69 91.79 28.64
C ALA A 361 -12.40 91.70 29.40
N GLU A 362 -12.30 92.36 30.58
CA GLU A 362 -11.03 92.38 31.29
C GLU A 362 -10.77 91.06 31.94
N SER A 363 -11.78 90.18 31.96
CA SER A 363 -11.54 88.84 32.47
C SER A 363 -10.52 88.00 31.73
N PHE A 364 -10.57 88.09 30.39
CA PHE A 364 -9.68 87.36 29.54
C PHE A 364 -8.26 87.83 29.68
N THR A 365 -8.06 89.15 29.75
CA THR A 365 -6.69 89.62 29.85
C THR A 365 -6.15 89.35 31.22
N ARG A 366 -6.95 89.41 32.26
CA ARG A 366 -6.37 89.27 33.59
C ARG A 366 -6.24 87.84 34.05
N TYR A 367 -7.17 87.00 33.65
CA TYR A 367 -7.19 85.61 34.16
C TYR A 367 -7.14 84.50 33.10
N GLY A 368 -6.99 84.88 31.86
CA GLY A 368 -6.89 84.03 30.69
C GLY A 368 -5.60 83.25 30.68
N LYS A 369 -5.68 82.01 30.20
CA LYS A 369 -4.51 81.19 30.03
C LYS A 369 -4.38 80.84 28.56
N ALA A 370 -3.18 80.65 28.05
CA ALA A 370 -3.04 80.38 26.63
C ALA A 370 -3.53 78.93 26.34
N VAL A 371 -4.25 78.75 25.25
CA VAL A 371 -4.78 77.40 24.89
C VAL A 371 -3.72 76.48 24.28
N LYS A 372 -2.56 77.02 23.93
CA LYS A 372 -1.43 76.16 23.49
C LYS A 372 -0.14 76.71 24.12
N MET B 1 17.52 -63.99 20.24
CA MET B 1 16.48 -64.72 21.04
C MET B 1 15.24 -63.84 21.01
N LYS B 2 14.07 -64.42 21.19
CA LYS B 2 12.83 -63.68 21.14
C LYS B 2 12.61 -62.74 22.32
N ILE B 3 12.14 -61.53 22.01
CA ILE B 3 11.71 -60.58 23.02
C ILE B 3 10.38 -61.03 23.62
N THR B 4 10.38 -61.24 24.92
CA THR B 4 9.19 -61.60 25.62
C THR B 4 8.52 -60.52 26.42
N ALA B 5 9.24 -59.45 26.76
CA ALA B 5 8.65 -58.36 27.51
C ALA B 5 9.43 -57.04 27.22
N VAL B 6 8.70 -55.94 27.32
CA VAL B 6 9.29 -54.65 27.23
C VAL B 6 8.66 -53.82 28.35
N GLU B 7 9.44 -53.32 29.29
CA GLU B 7 8.82 -52.63 30.44
C GLU B 7 9.47 -51.29 30.60
N PRO B 8 8.72 -50.25 30.37
CA PRO B 8 9.35 -48.94 30.64
C PRO B 8 9.57 -48.62 32.11
N PHE B 9 10.46 -47.67 32.39
CA PHE B 9 10.69 -47.22 33.70
C PHE B 9 11.15 -45.76 33.68
N ILE B 10 10.97 -45.11 34.81
CA ILE B 10 11.49 -43.76 35.06
C ILE B 10 12.22 -43.76 36.44
N LEU B 11 13.44 -43.25 36.50
CA LEU B 11 14.11 -42.97 37.72
C LEU B 11 14.37 -41.45 37.77
N HIS B 12 14.07 -40.83 38.91
CA HIS B 12 14.49 -39.47 39.20
C HIS B 12 15.56 -39.49 40.22
N LEU B 13 16.77 -39.16 39.78
CA LEU B 13 17.96 -39.24 40.66
C LEU B 13 18.41 -37.85 41.13
N PRO B 14 18.72 -37.71 42.43
CA PRO B 14 19.25 -36.42 42.95
C PRO B 14 20.66 -36.03 42.49
N LEU B 15 20.97 -34.73 42.47
CA LEU B 15 22.24 -34.28 41.95
C LEU B 15 23.23 -34.03 43.06
N THR B 16 24.44 -33.62 42.70
CA THR B 16 25.50 -33.25 43.68
C THR B 16 25.22 -31.96 44.52
N SER B 17 24.30 -31.12 44.07
CA SER B 17 23.75 -29.93 44.75
C SER B 17 22.20 -30.03 44.70
N GLU B 18 21.49 -29.26 45.50
CA GLU B 18 20.03 -29.33 45.52
C GLU B 18 19.45 -28.83 44.19
N SER B 19 20.15 -27.87 43.61
CA SER B 19 19.75 -27.30 42.31
C SER B 19 21.02 -26.96 41.55
N ILE B 20 21.01 -27.18 40.21
CA ILE B 20 22.12 -26.62 39.38
C ILE B 20 21.50 -25.93 38.17
N SER B 21 22.28 -25.00 37.60
CA SER B 21 21.84 -24.27 36.45
C SER B 21 22.93 -24.12 35.44
N ASP B 22 22.50 -24.12 34.18
CA ASP B 22 23.32 -23.59 33.10
C ASP B 22 22.63 -22.33 32.58
N SER B 23 22.96 -21.91 31.35
CA SER B 23 22.44 -20.60 30.83
C SER B 23 20.93 -20.60 30.60
N THR B 24 20.34 -21.82 30.54
CA THR B 24 18.97 -22.07 30.02
C THR B 24 18.07 -22.86 30.99
N HIS B 25 18.66 -23.72 31.82
CA HIS B 25 17.88 -24.67 32.61
C HIS B 25 18.34 -24.63 34.06
N SER B 26 17.40 -25.00 34.94
CA SER B 26 17.65 -25.19 36.37
C SER B 26 16.93 -26.49 36.72
N ILE B 27 17.68 -27.43 37.29
CA ILE B 27 17.17 -28.76 37.61
C ILE B 27 17.58 -29.23 39.01
N THR B 28 16.74 -30.08 39.61
CA THR B 28 16.99 -30.68 40.93
C THR B 28 17.19 -32.18 40.85
N HIS B 29 16.76 -32.80 39.74
CA HIS B 29 16.87 -34.25 39.53
C HIS B 29 17.22 -34.54 38.06
N TRP B 30 17.90 -35.65 37.86
CA TRP B 30 18.14 -36.16 36.52
C TRP B 30 17.16 -37.30 36.22
N GLY B 31 16.52 -37.26 35.05
CA GLY B 31 15.61 -38.32 34.67
C GLY B 31 16.28 -39.39 33.88
N VAL B 32 16.18 -40.63 34.35
CA VAL B 32 16.72 -41.78 33.62
C VAL B 32 15.47 -42.50 33.19
N VAL B 33 15.17 -42.42 31.88
CA VAL B 33 13.88 -42.78 31.35
C VAL B 33 14.06 -43.78 30.23
N GLY B 34 13.53 -44.99 30.39
CA GLY B 34 13.87 -46.03 29.44
C GLY B 34 13.04 -47.28 29.52
N ALA B 35 13.66 -48.36 29.12
CA ALA B 35 13.00 -49.64 28.93
C ALA B 35 13.89 -50.78 29.36
N LYS B 36 13.26 -51.78 29.96
CA LYS B 36 13.86 -53.06 30.19
C LYS B 36 13.23 -54.04 29.25
N ILE B 37 14.07 -54.71 28.47
CA ILE B 37 13.65 -55.68 27.49
C ILE B 37 14.17 -57.04 27.92
N THR B 38 13.23 -57.97 27.97
CA THR B 38 13.59 -59.36 28.35
C THR B 38 13.49 -60.24 27.19
N THR B 39 14.45 -61.15 27.08
CA THR B 39 14.38 -62.16 26.06
C THR B 39 14.01 -63.53 26.66
N SER B 40 13.74 -64.48 25.76
CA SER B 40 13.27 -65.85 26.10
C SER B 40 14.30 -66.66 26.90
N ASP B 41 15.57 -66.28 26.80
CA ASP B 41 16.65 -66.91 27.57
C ASP B 41 16.82 -66.27 28.93
N GLY B 42 16.04 -65.26 29.22
CA GLY B 42 16.03 -64.63 30.50
C GLY B 42 16.99 -63.43 30.64
N ILE B 43 17.68 -63.08 29.57
CA ILE B 43 18.54 -61.92 29.61
C ILE B 43 17.65 -60.68 29.59
N GLU B 44 18.06 -59.74 30.39
CA GLU B 44 17.39 -58.48 30.57
C GLU B 44 18.36 -57.36 30.13
N GLY B 45 17.91 -56.57 29.16
CA GLY B 45 18.65 -55.40 28.67
C GLY B 45 17.99 -54.11 29.08
N TYR B 46 18.80 -53.09 29.33
CA TYR B 46 18.35 -51.81 29.77
C TYR B 46 18.89 -50.72 28.86
N GLY B 47 18.01 -49.80 28.50
CA GLY B 47 18.45 -48.63 27.75
C GLY B 47 17.61 -47.47 28.25
N PHE B 48 18.17 -46.28 28.10
CA PHE B 48 17.45 -45.12 28.54
C PHE B 48 17.92 -43.82 27.85
N THR B 49 17.02 -42.84 27.90
CA THR B 49 17.33 -41.50 27.49
C THR B 49 17.56 -40.70 28.80
N GLY B 50 17.88 -39.44 28.67
CA GLY B 50 18.21 -38.59 29.75
C GLY B 50 17.38 -37.33 29.72
N THR B 51 16.64 -37.06 30.79
CA THR B 51 15.73 -35.91 30.84
C THR B 51 15.98 -35.06 32.04
N HIS B 52 15.27 -33.92 32.08
CA HIS B 52 15.34 -33.05 33.22
C HIS B 52 14.35 -33.46 34.33
N ALA B 53 13.84 -34.66 34.23
CA ALA B 53 12.93 -35.20 35.21
C ALA B 53 11.67 -34.42 35.43
N HIS B 54 11.06 -34.05 34.29
CA HIS B 54 9.73 -33.50 34.23
C HIS B 54 8.78 -34.67 34.05
N LEU B 55 8.13 -35.10 35.14
CA LEU B 55 7.37 -36.33 35.09
C LEU B 55 6.30 -36.40 33.97
N PRO B 56 5.58 -35.31 33.73
CA PRO B 56 4.56 -35.47 32.69
C PRO B 56 5.16 -35.76 31.31
N SER B 57 6.33 -35.22 31.00
CA SER B 57 6.93 -35.49 29.67
C SER B 57 7.75 -36.78 29.71
N ASP B 58 8.31 -37.15 30.86
CA ASP B 58 8.96 -38.46 30.98
C ASP B 58 7.97 -39.52 30.64
N ARG B 59 6.73 -39.35 31.08
CA ARG B 59 5.68 -40.31 30.76
C ARG B 59 5.22 -40.37 29.28
N LEU B 60 5.44 -39.31 28.53
CA LEU B 60 5.24 -39.43 27.10
C LEU B 60 6.27 -40.41 26.48
N ILE B 61 7.49 -40.35 26.98
CA ILE B 61 8.55 -41.19 26.45
C ILE B 61 8.25 -42.69 26.78
N THR B 62 7.86 -42.93 28.02
CA THR B 62 7.47 -44.28 28.41
C THR B 62 6.21 -44.82 27.73
N SER B 63 5.25 -43.95 27.51
CA SER B 63 4.06 -44.32 26.81
C SER B 63 4.39 -44.64 25.40
N CYS B 64 5.34 -43.91 24.80
CA CYS B 64 5.80 -44.27 23.44
C CYS B 64 6.40 -45.71 23.43
N ILE B 65 7.22 -45.99 24.43
CA ILE B 65 7.87 -47.26 24.47
C ILE B 65 6.85 -48.37 24.62
N SER B 66 5.95 -48.22 25.58
CA SER B 66 4.96 -49.29 25.89
C SER B 66 3.86 -49.43 24.85
N ASP B 67 3.33 -48.32 24.35
CA ASP B 67 2.10 -48.35 23.54
C ASP B 67 2.36 -48.31 22.02
N CYS B 68 3.46 -47.67 21.61
CA CYS B 68 3.85 -47.53 20.21
C CYS B 68 4.86 -48.56 19.83
N TYR B 69 5.92 -48.71 20.63
CA TYR B 69 7.02 -49.59 20.21
C TYR B 69 6.89 -51.07 20.67
N ALA B 70 6.48 -51.27 21.91
CA ALA B 70 6.41 -52.65 22.45
C ALA B 70 5.67 -53.61 21.50
N PRO B 71 4.54 -53.19 20.91
CA PRO B 71 3.93 -54.17 20.02
C PRO B 71 4.71 -54.53 18.79
N LEU B 72 5.64 -53.68 18.34
CA LEU B 72 6.48 -53.99 17.20
C LEU B 72 7.70 -54.78 17.58
N LEU B 73 7.93 -54.94 18.90
CA LEU B 73 9.09 -55.64 19.41
C LEU B 73 8.77 -57.04 19.89
N LEU B 74 7.67 -57.21 20.58
CA LEU B 74 7.36 -58.53 21.19
C LEU B 74 7.34 -59.63 20.16
N GLY B 75 8.03 -60.73 20.45
CA GLY B 75 8.15 -61.82 19.50
C GLY B 75 9.26 -61.71 18.47
N GLU B 76 9.92 -60.55 18.38
CA GLU B 76 11.00 -60.36 17.42
C GLU B 76 12.27 -60.84 17.99
N ASP B 77 13.16 -61.30 17.12
CA ASP B 77 14.49 -61.67 17.54
C ASP B 77 15.30 -60.46 17.97
N ALA B 78 15.66 -60.38 19.25
CA ALA B 78 16.43 -59.23 19.78
C ALA B 78 17.77 -59.03 19.10
N SER B 79 18.27 -60.10 18.53
CA SER B 79 19.55 -60.08 17.80
C SER B 79 19.51 -59.05 16.65
N ASP B 80 18.36 -58.88 16.05
CA ASP B 80 18.22 -58.10 14.83
C ASP B 80 18.13 -56.59 15.08
N HIS B 81 19.10 -56.04 15.80
CA HIS B 81 18.92 -54.67 16.27
C HIS B 81 18.92 -53.66 15.11
N SER B 82 19.67 -53.92 14.03
CA SER B 82 19.59 -52.98 12.89
C SER B 82 18.27 -53.00 12.15
N ARG B 83 17.76 -54.21 11.89
CA ARG B 83 16.47 -54.34 11.24
C ARG B 83 15.37 -53.73 12.13
N LEU B 84 15.47 -53.97 13.43
CA LEU B 84 14.50 -53.44 14.37
C LEU B 84 14.55 -51.89 14.53
N TRP B 85 15.76 -51.32 14.43
CA TRP B 85 15.90 -49.85 14.44
C TRP B 85 15.01 -49.26 13.35
N THR B 86 15.08 -49.81 12.15
CA THR B 86 14.27 -49.30 11.03
C THR B 86 12.81 -49.57 11.19
N LYS B 87 12.49 -50.79 11.62
CA LYS B 87 11.11 -51.15 11.83
C LYS B 87 10.46 -50.13 12.74
N LEU B 88 11.12 -49.72 13.80
CA LEU B 88 10.52 -48.73 14.71
C LEU B 88 10.65 -47.28 14.26
N ALA B 89 11.83 -46.90 13.85
CA ALA B 89 12.06 -45.51 13.38
C ALA B 89 11.21 -45.11 12.17
N ARG B 90 11.03 -46.02 11.25
CA ARG B 90 10.40 -45.73 10.03
C ARG B 90 9.00 -46.36 9.90
N TYR B 91 8.43 -46.83 10.99
CA TYR B 91 7.05 -47.29 11.00
C TYR B 91 6.20 -46.09 10.53
N PRO B 92 5.43 -46.25 9.46
CA PRO B 92 4.96 -45.03 8.80
C PRO B 92 4.18 -44.02 9.67
N SER B 93 3.26 -44.50 10.45
CA SER B 93 2.43 -43.63 11.16
C SER B 93 3.21 -43.01 12.36
N LEU B 94 4.27 -43.65 12.80
CA LEU B 94 5.10 -43.06 13.85
C LEU B 94 6.13 -42.08 13.31
N GLN B 95 6.72 -42.43 12.19
CA GLN B 95 7.59 -41.46 11.47
C GLN B 95 6.80 -40.19 11.24
N TRP B 96 5.51 -40.32 10.84
CA TRP B 96 4.68 -39.12 10.56
C TRP B 96 4.68 -38.12 11.70
N VAL B 97 4.75 -38.59 12.94
CA VAL B 97 4.81 -37.70 14.11
C VAL B 97 6.15 -37.69 14.79
N GLY B 98 7.20 -38.04 14.05
CA GLY B 98 8.52 -38.24 14.62
C GLY B 98 9.62 -37.68 13.78
N ARG B 99 10.64 -38.51 13.59
CA ARG B 99 11.95 -38.15 13.10
C ARG B 99 12.79 -37.38 14.08
N ALA B 100 12.21 -37.02 15.21
CA ALA B 100 12.82 -36.25 16.22
C ALA B 100 11.88 -36.15 17.39
N GLY B 101 12.38 -35.55 18.46
CA GLY B 101 11.60 -35.38 19.68
C GLY B 101 11.26 -36.71 20.36
N ILE B 102 10.10 -36.75 21.02
CA ILE B 102 9.73 -37.87 21.90
C ILE B 102 9.91 -39.23 21.27
N THR B 103 9.37 -39.42 20.07
CA THR B 103 9.45 -40.74 19.44
C THR B 103 10.90 -41.18 19.27
N HIS B 104 11.79 -40.21 19.08
CA HIS B 104 13.19 -40.55 18.79
C HIS B 104 13.90 -40.86 20.10
N LEU B 105 13.56 -40.16 21.15
CA LEU B 105 14.13 -40.43 22.49
C LEU B 105 13.70 -41.81 23.02
N ALA B 106 12.48 -42.15 22.77
CA ALA B 106 11.97 -43.53 23.06
C ALA B 106 12.70 -44.61 22.24
N LEU B 107 12.96 -44.34 20.99
CA LEU B 107 13.67 -45.24 20.11
C LEU B 107 15.08 -45.45 20.63
N ALA B 108 15.71 -44.37 21.07
CA ALA B 108 16.99 -44.45 21.66
C ALA B 108 17.02 -45.46 22.82
N ALA B 109 16.05 -45.36 23.74
CA ALA B 109 16.07 -46.23 24.92
C ALA B 109 16.02 -47.68 24.51
N VAL B 110 15.17 -47.95 23.53
CA VAL B 110 14.97 -49.27 23.00
C VAL B 110 16.26 -49.83 22.40
N ASP B 111 16.87 -49.02 21.53
CA ASP B 111 18.05 -49.45 20.82
C ASP B 111 19.17 -49.72 21.80
N VAL B 112 19.37 -48.88 22.79
CA VAL B 112 20.42 -49.16 23.78
C VAL B 112 20.15 -50.47 24.50
N ALA B 113 18.93 -50.73 24.87
CA ALA B 113 18.57 -52.03 25.52
C ALA B 113 18.88 -53.26 24.65
N LEU B 114 18.69 -53.14 23.34
CA LEU B 114 18.98 -54.24 22.43
C LEU B 114 20.49 -54.46 22.30
N TRP B 115 21.30 -53.39 22.31
CA TRP B 115 22.73 -53.56 22.35
C TRP B 115 23.23 -54.13 23.72
N ASP B 116 22.56 -53.77 24.79
CA ASP B 116 22.94 -54.25 26.14
C ASP B 116 22.70 -55.78 26.14
N ILE B 117 21.56 -56.21 25.61
CA ILE B 117 21.29 -57.66 25.38
C ILE B 117 22.37 -58.35 24.58
N LYS B 118 22.77 -57.72 23.49
CA LYS B 118 23.72 -58.33 22.57
C LYS B 118 25.04 -58.57 23.26
N ALA B 119 25.53 -57.57 23.97
CA ALA B 119 26.79 -57.69 24.68
C ALA B 119 26.66 -58.67 25.90
N LYS B 120 25.57 -58.59 26.64
CA LYS B 120 25.28 -59.59 27.70
C LYS B 120 25.29 -61.05 27.17
N LYS B 121 24.60 -61.32 26.07
CA LYS B 121 24.52 -62.67 25.52
C LYS B 121 25.91 -63.12 25.04
N ALA B 122 26.74 -62.19 24.54
CA ALA B 122 28.12 -62.51 24.19
C ALA B 122 29.03 -62.63 25.38
N GLY B 123 28.57 -62.22 26.56
CA GLY B 123 29.35 -62.26 27.79
C GLY B 123 30.53 -61.31 27.94
N VAL B 124 30.46 -60.12 27.31
CA VAL B 124 31.59 -59.24 27.28
C VAL B 124 31.07 -57.77 27.40
N PRO B 125 31.91 -56.87 27.90
CA PRO B 125 31.48 -55.48 27.87
C PRO B 125 31.38 -54.98 26.42
N LEU B 126 30.54 -53.98 26.23
CA LEU B 126 30.24 -53.51 24.90
C LEU B 126 31.49 -53.05 24.13
N TRP B 127 32.43 -52.33 24.78
CA TRP B 127 33.63 -51.90 24.07
C TRP B 127 34.36 -53.05 23.45
N HIS B 128 34.38 -54.19 24.15
CA HIS B 128 35.07 -55.37 23.64
C HIS B 128 34.25 -56.03 22.56
N TYR B 129 32.96 -56.09 22.75
CA TYR B 129 32.04 -56.63 21.73
C TYR B 129 32.23 -55.95 20.39
N LEU B 130 32.37 -54.64 20.40
CA LEU B 130 32.47 -53.87 19.16
C LEU B 130 33.80 -53.98 18.46
N GLY B 131 34.81 -54.53 19.13
CA GLY B 131 36.08 -54.82 18.52
C GLY B 131 37.38 -54.39 19.23
N GLY B 132 37.27 -54.06 20.49
CA GLY B 132 38.39 -53.80 21.35
C GLY B 132 38.74 -52.31 21.49
N ALA B 133 39.69 -52.04 22.37
CA ALA B 133 40.04 -50.71 22.87
C ALA B 133 40.95 -49.99 21.90
N ARG B 134 40.64 -48.72 21.65
CA ARG B 134 41.46 -47.86 20.80
C ARG B 134 42.48 -47.13 21.67
N THR B 135 42.33 -47.20 22.97
CA THR B 135 43.24 -46.52 23.89
C THR B 135 43.35 -47.32 25.21
N ALA B 136 44.47 -47.18 25.89
CA ALA B 136 44.67 -47.76 27.25
C ALA B 136 43.95 -46.96 28.33
N GLY B 137 43.60 -45.71 28.02
CA GLY B 137 42.83 -44.92 28.92
C GLY B 137 42.13 -43.71 28.36
N VAL B 138 40.82 -43.64 28.54
CA VAL B 138 40.02 -42.49 28.12
C VAL B 138 40.08 -41.39 29.19
N GLU B 139 40.63 -40.27 28.85
CA GLU B 139 40.65 -39.12 29.76
C GLU B 139 39.33 -38.44 29.95
N ALA B 140 39.06 -38.05 31.19
CA ALA B 140 37.84 -37.45 31.60
C ALA B 140 37.99 -35.94 31.67
N TYR B 141 36.88 -35.22 31.42
CA TYR B 141 36.81 -33.81 31.75
C TYR B 141 35.67 -33.55 32.69
N ASN B 142 35.90 -32.68 33.69
CA ASN B 142 34.88 -32.47 34.70
C ASN B 142 33.96 -31.31 34.38
N THR B 143 32.69 -31.61 34.19
CA THR B 143 31.64 -30.60 33.93
C THR B 143 30.92 -30.16 35.26
N ASP B 144 30.95 -31.02 36.27
CA ASP B 144 30.12 -30.81 37.49
C ASP B 144 30.63 -29.68 38.36
N ILE B 145 31.86 -29.22 38.15
CA ILE B 145 32.39 -28.06 38.88
C ILE B 145 32.09 -26.72 38.23
N GLY B 146 31.37 -26.72 37.07
CA GLY B 146 31.34 -25.53 36.23
C GLY B 146 30.02 -24.82 36.09
N TRP B 147 29.01 -25.26 36.82
CA TRP B 147 27.59 -24.79 36.68
C TRP B 147 27.49 -23.26 36.76
N LEU B 148 26.67 -22.66 35.89
CA LEU B 148 26.54 -21.22 35.85
C LEU B 148 25.87 -20.70 37.15
N SER B 149 25.13 -21.55 37.84
CA SER B 149 24.56 -21.21 39.18
C SER B 149 25.60 -21.01 40.29
N PHE B 150 26.83 -21.50 40.10
CA PHE B 150 27.84 -21.29 41.14
C PHE B 150 28.29 -19.85 41.23
N THR B 151 28.37 -19.30 42.45
CA THR B 151 29.07 -18.04 42.60
C THR B 151 30.49 -18.21 42.15
N LEU B 152 31.16 -17.13 41.88
CA LEU B 152 32.56 -17.21 41.49
C LEU B 152 33.40 -17.91 42.59
N GLU B 153 33.11 -17.65 43.87
CA GLU B 153 33.85 -18.31 44.95
C GLU B 153 33.67 -19.83 44.88
N ASP B 154 32.45 -20.30 44.67
CA ASP B 154 32.20 -21.76 44.53
C ASP B 154 32.73 -22.34 43.21
N LEU B 155 32.63 -21.61 42.10
CA LEU B 155 33.28 -22.03 40.83
C LEU B 155 34.76 -22.26 41.03
N LEU B 156 35.43 -21.28 41.66
CA LEU B 156 36.85 -21.37 41.93
C LEU B 156 37.22 -22.57 42.81
N ALA B 157 36.44 -22.76 43.84
CA ALA B 157 36.84 -23.72 44.84
C ALA B 157 36.66 -25.15 44.30
N GLY B 158 35.54 -25.44 43.64
CA GLY B 158 35.37 -26.76 43.01
C GLY B 158 36.32 -27.05 41.86
N SER B 159 36.60 -26.03 41.04
CA SER B 159 37.58 -26.18 39.96
C SER B 159 38.95 -26.54 40.53
N ALA B 160 39.38 -25.79 41.55
CA ALA B 160 40.65 -26.08 42.24
C ALA B 160 40.68 -27.48 42.87
N ARG B 161 39.58 -27.91 43.49
CA ARG B 161 39.48 -29.19 44.15
C ARG B 161 39.55 -30.32 43.10
N ALA B 162 38.77 -30.20 42.03
CA ALA B 162 38.87 -31.11 40.89
C ALA B 162 40.28 -31.29 40.37
N VAL B 163 41.04 -30.22 40.26
CA VAL B 163 42.36 -30.28 39.74
C VAL B 163 43.37 -30.76 40.82
N GLU B 164 43.28 -30.18 42.01
CA GLU B 164 44.34 -30.30 43.01
C GLU B 164 44.14 -31.50 43.90
N GLU B 165 42.90 -31.89 44.13
CA GLU B 165 42.59 -33.01 44.99
C GLU B 165 42.30 -34.23 44.14
N ASP B 166 41.61 -34.08 43.00
CA ASP B 166 41.11 -35.22 42.23
C ASP B 166 41.88 -35.61 40.93
N GLY B 167 42.89 -34.86 40.57
CA GLY B 167 43.76 -35.18 39.48
C GLY B 167 43.13 -34.94 38.09
N PHE B 168 42.10 -34.08 38.00
CA PHE B 168 41.59 -33.68 36.69
C PHE B 168 42.59 -32.69 36.11
N THR B 169 42.83 -32.81 34.81
CA THR B 169 43.55 -31.77 34.07
C THR B 169 42.72 -31.14 32.91
N ARG B 170 41.41 -31.38 33.01
CA ARG B 170 40.40 -30.96 31.99
C ARG B 170 39.07 -30.66 32.69
N LEU B 171 38.56 -29.42 32.48
CA LEU B 171 37.33 -28.95 33.05
C LEU B 171 36.45 -28.36 31.92
N LYS B 172 35.18 -28.26 32.17
CA LYS B 172 34.27 -27.50 31.36
C LYS B 172 33.44 -26.57 32.21
N ILE B 173 33.39 -25.30 31.85
CA ILE B 173 32.74 -24.25 32.65
C ILE B 173 31.62 -23.67 31.81
N LYS B 174 30.42 -23.58 32.39
CA LYS B 174 29.31 -22.93 31.75
C LYS B 174 29.52 -21.43 31.61
N VAL B 175 29.08 -20.95 30.46
CA VAL B 175 28.95 -19.50 30.18
C VAL B 175 27.52 -19.23 29.78
N GLY B 176 27.13 -17.96 29.65
CA GLY B 176 25.77 -17.64 29.31
C GLY B 176 25.08 -16.57 30.14
N HIS B 177 25.86 -15.72 30.80
CA HIS B 177 25.27 -14.55 31.43
C HIS B 177 24.73 -13.63 30.31
N ASP B 178 23.79 -12.76 30.64
CA ASP B 178 23.26 -11.84 29.63
C ASP B 178 24.38 -10.93 29.11
N ASP B 179 25.26 -10.46 29.99
CA ASP B 179 26.51 -9.81 29.58
C ASP B 179 27.68 -10.77 29.59
N PRO B 180 28.16 -11.16 28.42
CA PRO B 180 29.26 -12.12 28.46
C PRO B 180 30.53 -11.69 29.16
N ASN B 181 30.73 -10.39 29.34
CA ASN B 181 31.93 -9.95 30.06
C ASN B 181 31.96 -10.47 31.50
N ILE B 182 30.82 -10.84 32.05
CA ILE B 182 30.76 -11.54 33.37
C ILE B 182 31.38 -12.92 33.27
N ASP B 183 31.11 -13.59 32.13
CA ASP B 183 31.76 -14.86 31.89
C ASP B 183 33.25 -14.70 31.67
N ILE B 184 33.69 -13.67 30.94
CA ILE B 184 35.06 -13.44 30.73
C ILE B 184 35.78 -13.27 32.13
N ALA B 185 35.16 -12.49 32.99
CA ALA B 185 35.66 -12.31 34.39
C ALA B 185 35.78 -13.60 35.15
N ARG B 186 34.75 -14.43 35.10
CA ARG B 186 34.73 -15.70 35.77
C ARG B 186 35.81 -16.60 35.25
N LEU B 187 35.89 -16.76 33.95
CA LEU B 187 36.94 -17.57 33.35
C LEU B 187 38.33 -17.05 33.65
N THR B 188 38.47 -15.75 33.65
CA THR B 188 39.81 -15.15 33.91
C THR B 188 40.30 -15.52 35.36
N ALA B 189 39.38 -15.50 36.29
CA ALA B 189 39.66 -15.83 37.68
C ALA B 189 39.99 -17.26 37.80
N VAL B 190 39.28 -18.12 37.06
CA VAL B 190 39.62 -19.53 37.05
C VAL B 190 41.02 -19.74 36.50
N ARG B 191 41.32 -19.08 35.40
CA ARG B 191 42.60 -19.30 34.76
C ARG B 191 43.72 -18.79 35.63
N GLU B 192 43.45 -17.76 36.45
CA GLU B 192 44.47 -17.26 37.37
C GLU B 192 44.67 -18.19 38.54
N ARG B 193 43.67 -18.98 38.91
CA ARG B 193 43.67 -19.81 40.07
C ARG B 193 44.25 -21.16 39.82
N VAL B 194 43.93 -21.81 38.70
CA VAL B 194 44.40 -23.19 38.49
C VAL B 194 45.59 -23.21 37.64
N ASP B 195 46.28 -24.33 37.64
CA ASP B 195 47.50 -24.46 36.89
C ASP B 195 47.22 -24.19 35.38
N SER B 196 48.19 -23.63 34.67
CA SER B 196 48.10 -23.28 33.27
C SER B 196 47.92 -24.51 32.38
N ALA B 197 48.29 -25.68 32.90
CA ALA B 197 48.18 -26.91 32.11
C ALA B 197 46.79 -27.56 32.20
N VAL B 198 45.90 -26.92 32.91
CA VAL B 198 44.55 -27.40 32.99
C VAL B 198 43.80 -26.88 31.73
N ARG B 199 43.22 -27.83 31.03
CA ARG B 199 42.43 -27.50 29.81
C ARG B 199 41.04 -27.13 30.25
N ILE B 200 40.50 -26.05 29.67
CA ILE B 200 39.24 -25.52 30.07
C ILE B 200 38.40 -25.25 28.82
N ALA B 201 37.35 -26.04 28.67
CA ALA B 201 36.25 -25.87 27.65
C ALA B 201 35.16 -25.03 28.27
N ILE B 202 34.27 -24.44 27.45
CA ILE B 202 33.17 -23.73 27.98
C ILE B 202 31.95 -24.13 27.21
N ASP B 203 30.79 -23.77 27.75
CA ASP B 203 29.50 -24.26 27.23
C ASP B 203 28.44 -23.19 27.43
N GLY B 204 27.86 -22.74 26.29
CA GLY B 204 26.76 -21.80 26.34
C GLY B 204 25.36 -22.27 26.38
N ASN B 205 25.14 -23.57 26.11
CA ASN B 205 23.83 -24.11 26.09
C ASN B 205 22.87 -23.33 25.20
N GLY B 206 23.40 -22.82 24.12
CA GLY B 206 22.56 -22.18 23.09
C GLY B 206 22.03 -20.83 23.37
N LYS B 207 22.66 -20.09 24.28
CA LYS B 207 22.01 -18.95 24.81
C LYS B 207 22.10 -17.71 23.89
N TRP B 208 23.25 -17.52 23.32
CA TRP B 208 23.57 -16.29 22.65
C TRP B 208 23.33 -16.28 21.15
N ASP B 209 23.36 -15.07 20.59
CA ASP B 209 23.31 -14.85 19.12
C ASP B 209 24.71 -14.64 18.49
N LEU B 210 24.75 -14.61 17.19
CA LEU B 210 26.02 -14.59 16.50
C LEU B 210 26.89 -13.40 16.89
N PRO B 211 26.33 -12.18 16.84
CA PRO B 211 27.22 -11.08 17.14
C PRO B 211 27.75 -11.09 18.55
N THR B 212 26.92 -11.58 19.47
CA THR B 212 27.36 -11.65 20.85
C THR B 212 28.53 -12.66 20.98
N CYS B 213 28.39 -13.84 20.33
CA CYS B 213 29.48 -14.76 20.26
C CYS B 213 30.72 -14.28 19.62
N GLN B 214 30.61 -13.48 18.55
CA GLN B 214 31.79 -13.01 17.90
C GLN B 214 32.60 -12.11 18.87
N ARG B 215 31.89 -11.26 19.57
CA ARG B 215 32.60 -10.33 20.50
C ARG B 215 33.21 -11.11 21.67
N PHE B 216 32.44 -12.04 22.20
CA PHE B 216 32.88 -12.90 23.33
C PHE B 216 34.09 -13.67 22.96
N CYS B 217 34.09 -14.29 21.79
CA CYS B 217 35.28 -15.08 21.34
C CYS B 217 36.52 -14.22 21.14
N ALA B 218 36.38 -13.02 20.63
CA ALA B 218 37.54 -12.13 20.51
C ALA B 218 38.01 -11.72 21.92
N ALA B 219 37.11 -11.52 22.84
CA ALA B 219 37.52 -11.15 24.21
C ALA B 219 38.16 -12.29 25.00
N ALA B 220 37.89 -13.49 24.63
CA ALA B 220 38.41 -14.66 25.24
C ALA B 220 39.72 -15.12 24.63
N LYS B 221 40.34 -14.31 23.77
CA LYS B 221 41.49 -14.73 23.01
C LYS B 221 42.63 -15.12 23.89
N ASP B 222 42.83 -14.55 25.06
CA ASP B 222 43.93 -15.01 25.90
C ASP B 222 43.60 -16.00 27.02
N LEU B 223 42.40 -16.55 27.06
CA LEU B 223 42.01 -17.47 28.14
C LEU B 223 42.28 -18.95 27.83
N ASP B 224 42.81 -19.22 26.66
CA ASP B 224 43.11 -20.58 26.19
C ASP B 224 41.90 -21.56 26.34
N ILE B 225 40.82 -21.20 25.66
CA ILE B 225 39.58 -21.91 25.73
C ILE B 225 39.66 -23.11 24.77
N TYR B 226 39.46 -24.26 25.33
CA TYR B 226 39.64 -25.53 24.60
C TYR B 226 38.58 -25.73 23.50
N TRP B 227 37.34 -25.51 23.84
CA TRP B 227 36.25 -25.43 22.84
C TRP B 227 35.13 -24.59 23.38
N PHE B 228 34.23 -24.10 22.52
CA PHE B 228 33.06 -23.37 22.91
C PHE B 228 31.86 -24.19 22.46
N GLU B 229 31.18 -24.78 23.42
CA GLU B 229 30.05 -25.65 23.18
C GLU B 229 28.69 -24.95 23.07
N GLU B 230 27.89 -25.40 22.11
CA GLU B 230 26.59 -24.86 21.87
C GLU B 230 26.57 -23.35 21.99
N PRO B 231 27.32 -22.66 21.18
CA PRO B 231 27.34 -21.15 21.35
C PRO B 231 26.05 -20.48 20.94
N LEU B 232 25.36 -21.12 20.00
CA LEU B 232 24.25 -20.54 19.27
C LEU B 232 23.01 -21.44 19.27
N TRP B 233 21.89 -20.94 18.74
CA TRP B 233 20.68 -21.72 18.72
C TRP B 233 20.87 -23.01 18.00
N TYR B 234 20.31 -24.07 18.56
CA TYR B 234 20.74 -25.42 18.27
C TYR B 234 20.49 -25.82 16.85
N ASP B 235 19.46 -25.26 16.25
CA ASP B 235 19.10 -25.65 14.87
C ASP B 235 19.62 -24.72 13.78
N ASP B 236 20.38 -23.72 14.15
CA ASP B 236 20.86 -22.65 13.25
C ASP B 236 22.28 -22.97 12.78
N VAL B 237 22.37 -23.65 11.63
CA VAL B 237 23.65 -24.07 11.13
C VAL B 237 24.49 -22.87 10.69
N THR B 238 23.90 -22.00 9.86
CA THR B 238 24.62 -20.90 9.27
C THR B 238 25.27 -19.98 10.32
N SER B 239 24.61 -19.67 11.42
CA SER B 239 25.27 -18.85 12.46
C SER B 239 26.54 -19.54 13.00
N HIS B 240 26.46 -20.86 13.20
CA HIS B 240 27.62 -21.59 13.67
C HIS B 240 28.74 -21.58 12.65
N ALA B 241 28.41 -21.72 11.37
CA ALA B 241 29.43 -21.65 10.36
C ALA B 241 30.16 -20.31 10.29
N ARG B 242 29.39 -19.24 10.40
CA ARG B 242 29.94 -17.92 10.36
C ARG B 242 30.82 -17.73 11.59
N LEU B 243 30.37 -18.19 12.72
CA LEU B 243 31.19 -18.02 13.95
C LEU B 243 32.47 -18.76 13.86
N ALA B 244 32.39 -20.03 13.41
CA ALA B 244 33.58 -20.86 13.28
C ALA B 244 34.68 -20.20 12.42
N ARG B 245 34.29 -19.42 11.42
CA ARG B 245 35.22 -18.81 10.54
C ARG B 245 35.76 -17.51 11.10
N ASN B 246 35.07 -16.95 12.11
CA ASN B 246 35.43 -15.66 12.67
C ASN B 246 36.42 -15.78 13.81
N THR B 247 36.57 -16.97 14.38
CA THR B 247 37.38 -17.13 15.61
C THR B 247 38.31 -18.34 15.46
N SER B 248 39.41 -18.36 16.22
CA SER B 248 40.20 -19.60 16.35
C SER B 248 39.73 -20.53 17.46
N ILE B 249 38.76 -20.15 18.27
CA ILE B 249 38.26 -21.01 19.25
C ILE B 249 37.37 -22.12 18.58
N PRO B 250 37.65 -23.44 18.81
CA PRO B 250 36.84 -24.52 18.27
C PRO B 250 35.40 -24.50 18.76
N ILE B 251 34.47 -24.77 17.85
CA ILE B 251 33.08 -24.94 18.15
C ILE B 251 32.74 -26.45 18.37
N ALA B 252 32.05 -26.71 19.46
CA ALA B 252 31.51 -28.00 19.83
C ALA B 252 29.99 -27.99 19.88
N LEU B 253 29.41 -29.06 19.36
CA LEU B 253 27.97 -29.20 19.49
C LEU B 253 27.57 -30.60 19.21
N GLY B 254 26.30 -30.89 19.53
CA GLY B 254 25.78 -32.20 19.13
C GLY B 254 24.74 -32.72 20.09
N GLU B 255 24.71 -32.28 21.33
CA GLU B 255 23.81 -32.91 22.34
C GLU B 255 22.33 -32.72 22.11
N GLN B 256 22.00 -31.71 21.30
CA GLN B 256 20.62 -31.43 20.94
C GLN B 256 20.24 -31.94 19.53
N LEU B 257 21.16 -32.51 18.78
CA LEU B 257 20.85 -33.00 17.43
C LEU B 257 20.27 -34.40 17.45
N TYR B 258 19.09 -34.59 16.86
CA TYR B 258 18.42 -35.89 16.95
C TYR B 258 18.82 -36.83 15.87
N THR B 259 19.38 -36.35 14.78
CA THR B 259 19.56 -37.19 13.61
C THR B 259 20.90 -37.10 12.96
N VAL B 260 21.24 -38.15 12.22
CA VAL B 260 22.43 -38.16 11.41
C VAL B 260 22.40 -37.01 10.37
N ASP B 261 21.22 -36.76 9.80
CA ASP B 261 21.06 -35.66 8.88
C ASP B 261 21.48 -34.31 9.50
N ALA B 262 21.11 -34.07 10.75
CA ALA B 262 21.47 -32.78 11.39
C ALA B 262 22.96 -32.69 11.57
N PHE B 263 23.59 -33.82 12.00
CA PHE B 263 25.00 -33.88 12.12
C PHE B 263 25.71 -33.58 10.81
N ARG B 264 25.24 -34.18 9.73
CA ARG B 264 25.84 -33.97 8.46
C ARG B 264 25.76 -32.49 7.98
N SER B 265 24.61 -31.89 8.21
CA SER B 265 24.46 -30.44 7.88
C SER B 265 25.46 -29.54 8.59
N PHE B 266 25.62 -29.76 9.90
CA PHE B 266 26.62 -29.07 10.66
C PHE B 266 28.06 -29.35 10.22
N ILE B 267 28.39 -30.61 10.06
CA ILE B 267 29.75 -30.98 9.73
C ILE B 267 30.14 -30.49 8.34
N ASP B 268 29.24 -30.65 7.37
CA ASP B 268 29.53 -30.24 5.98
C ASP B 268 29.71 -28.74 5.91
N ALA B 269 29.03 -27.97 6.77
CA ALA B 269 29.08 -26.49 6.77
C ALA B 269 30.37 -25.93 7.43
N GLY B 270 31.16 -26.80 8.03
CA GLY B 270 32.30 -26.40 8.84
C GLY B 270 31.81 -25.66 10.11
N ALA B 271 30.65 -26.05 10.61
CA ALA B 271 29.96 -25.38 11.73
C ALA B 271 30.29 -26.03 13.09
N VAL B 272 31.00 -27.16 13.06
CA VAL B 272 31.34 -27.86 14.29
C VAL B 272 32.71 -28.52 14.10
N ALA B 273 33.57 -28.44 15.11
CA ALA B 273 34.87 -29.12 15.16
C ALA B 273 34.88 -30.27 16.12
N TYR B 274 34.24 -30.14 17.26
CA TYR B 274 34.15 -31.19 18.25
C TYR B 274 32.76 -31.74 18.17
N VAL B 275 32.64 -32.98 17.70
CA VAL B 275 31.37 -33.57 17.41
C VAL B 275 30.88 -34.32 18.61
N GLN B 276 29.64 -34.05 19.04
CA GLN B 276 29.15 -34.55 20.32
C GLN B 276 27.89 -35.38 20.17
N PRO B 277 27.98 -36.58 19.59
CA PRO B 277 26.79 -37.45 19.49
C PRO B 277 26.42 -37.91 20.87
N ASP B 278 25.19 -38.28 21.06
CA ASP B 278 24.67 -38.77 22.36
C ASP B 278 23.65 -39.84 22.08
N VAL B 279 23.90 -41.05 22.61
CA VAL B 279 23.01 -42.21 22.39
C VAL B 279 21.59 -41.96 22.89
N THR B 280 21.43 -41.00 23.79
CA THR B 280 20.15 -40.70 24.40
C THR B 280 19.39 -39.68 23.59
N ARG B 281 20.03 -39.07 22.58
CA ARG B 281 19.38 -38.02 21.73
C ARG B 281 19.18 -38.42 20.25
N LEU B 282 20.26 -38.94 19.68
CA LEU B 282 20.21 -39.71 18.47
C LEU B 282 19.46 -40.99 18.77
N GLY B 283 19.19 -41.81 17.77
CA GLY B 283 18.49 -43.05 18.00
C GLY B 283 19.44 -44.13 18.51
N GLY B 284 19.97 -43.96 19.71
CA GLY B 284 20.70 -45.03 20.37
C GLY B 284 22.11 -45.21 19.80
N ILE B 285 22.69 -46.33 20.18
CA ILE B 285 24.03 -46.67 19.74
C ILE B 285 24.08 -46.86 18.22
N THR B 286 23.00 -47.37 17.61
CA THR B 286 23.08 -47.68 16.20
C THR B 286 23.37 -46.34 15.42
N GLU B 287 22.64 -45.30 15.79
CA GLU B 287 22.78 -44.02 15.09
C GLU B 287 23.98 -43.25 15.54
N TYR B 288 24.39 -43.41 16.80
CA TYR B 288 25.66 -42.84 17.32
C TYR B 288 26.80 -43.29 16.48
N ILE B 289 26.87 -44.60 16.17
CA ILE B 289 28.01 -45.13 15.40
C ILE B 289 28.07 -44.57 13.98
N GLN B 290 26.89 -44.31 13.37
CA GLN B 290 26.82 -43.70 12.06
C GLN B 290 27.45 -42.35 12.14
N VAL B 291 27.09 -41.59 13.20
CA VAL B 291 27.62 -40.24 13.36
C VAL B 291 29.12 -40.24 13.66
N ALA B 292 29.57 -41.15 14.51
CA ALA B 292 30.97 -41.25 14.82
C ALA B 292 31.79 -41.56 13.57
N ASP B 293 31.28 -42.44 12.70
CA ASP B 293 31.91 -42.78 11.43
C ASP B 293 31.91 -41.54 10.52
N LEU B 294 30.85 -40.76 10.52
CA LEU B 294 30.78 -39.52 9.73
C LEU B 294 31.94 -38.61 10.20
N ALA B 295 32.04 -38.47 11.53
CA ALA B 295 33.09 -37.59 12.16
C ALA B 295 34.49 -38.13 11.78
N LEU B 296 34.67 -39.45 11.79
CA LEU B 296 35.95 -40.04 11.40
C LEU B 296 36.31 -39.69 10.00
N ALA B 297 35.34 -39.73 9.10
CA ALA B 297 35.61 -39.39 7.70
C ALA B 297 36.11 -38.01 7.50
N HIS B 298 35.70 -37.07 8.37
CA HIS B 298 36.11 -35.69 8.32
C HIS B 298 37.33 -35.43 9.24
N ARG B 299 37.84 -36.50 9.84
CA ARG B 299 38.96 -36.46 10.79
C ARG B 299 38.69 -35.52 11.96
N LEU B 300 37.43 -35.49 12.42
CA LEU B 300 37.03 -34.66 13.56
C LEU B 300 36.94 -35.51 14.80
N PRO B 301 37.31 -34.94 15.96
CA PRO B 301 37.17 -35.67 17.22
C PRO B 301 35.73 -35.85 17.68
N VAL B 302 35.48 -36.99 18.27
CA VAL B 302 34.21 -37.39 18.80
C VAL B 302 34.28 -37.37 20.32
N VAL B 303 33.47 -36.50 20.90
CA VAL B 303 33.44 -36.21 22.33
C VAL B 303 32.02 -36.23 22.82
N PRO B 304 31.51 -37.43 23.16
CA PRO B 304 30.06 -37.47 23.31
C PRO B 304 29.54 -36.78 24.54
N HIS B 305 28.32 -36.28 24.43
CA HIS B 305 27.67 -35.59 25.51
C HIS B 305 27.04 -36.57 26.51
N ALA B 306 27.22 -36.30 27.80
CA ALA B 306 26.77 -37.24 28.85
C ALA B 306 25.29 -37.23 29.22
N GLY B 307 24.39 -37.39 28.24
CA GLY B 307 23.00 -37.52 28.49
C GLY B 307 22.64 -38.75 29.28
N GLU B 308 23.51 -39.75 29.23
CA GLU B 308 23.39 -40.97 30.06
C GLU B 308 24.54 -40.99 31.09
N MET B 309 25.06 -39.79 31.40
CA MET B 309 26.16 -39.59 32.37
C MET B 309 27.31 -40.55 32.13
N SER B 310 27.56 -40.83 30.86
CA SER B 310 28.67 -41.63 30.36
C SER B 310 28.67 -43.15 30.67
N GLN B 311 27.56 -43.66 31.13
CA GLN B 311 27.40 -45.07 31.38
C GLN B 311 27.52 -45.91 30.15
N VAL B 312 27.05 -45.41 29.01
CA VAL B 312 27.16 -46.05 27.74
C VAL B 312 28.38 -45.52 26.97
N HIS B 313 28.56 -44.19 26.99
CA HIS B 313 29.66 -43.57 26.22
C HIS B 313 31.09 -43.95 26.67
N VAL B 314 31.28 -44.38 27.92
CA VAL B 314 32.59 -44.95 28.30
C VAL B 314 32.95 -46.15 27.37
N HIS B 315 31.96 -46.94 27.01
CA HIS B 315 32.21 -48.06 26.09
C HIS B 315 32.58 -47.56 24.70
N LEU B 316 31.69 -46.71 24.19
CA LEU B 316 31.89 -46.16 22.89
C LEU B 316 33.16 -45.35 22.72
N SER B 317 33.59 -44.64 23.78
N SER B 317 33.60 -44.64 23.78
CA SER B 317 34.82 -43.89 23.71
CA SER B 317 34.83 -43.92 23.67
C SER B 317 36.07 -44.76 23.86
C SER B 317 36.07 -44.78 23.83
N TYR B 318 35.99 -45.85 24.62
CA TYR B 318 37.07 -46.83 24.67
C TYR B 318 37.26 -47.57 23.28
N TRP B 319 36.20 -47.67 22.49
CA TRP B 319 36.27 -48.41 21.20
C TRP B 319 36.49 -47.56 19.96
N HIS B 320 35.61 -46.55 19.77
CA HIS B 320 35.55 -45.92 18.49
C HIS B 320 36.80 -45.08 18.28
N PRO B 321 37.48 -45.27 17.15
CA PRO B 321 38.78 -44.66 16.98
C PRO B 321 38.85 -43.18 16.73
N ALA B 322 37.75 -42.53 16.42
CA ALA B 322 37.69 -41.07 16.38
C ALA B 322 37.50 -40.42 17.75
N SER B 323 37.30 -41.22 18.80
CA SER B 323 37.00 -40.71 20.12
C SER B 323 38.24 -40.06 20.71
N THR B 324 38.03 -39.10 21.56
CA THR B 324 39.17 -38.49 22.31
C THR B 324 38.85 -38.52 23.79
N ILE B 325 38.26 -37.47 24.35
CA ILE B 325 38.04 -37.37 25.78
C ILE B 325 36.57 -37.51 26.12
N LEU B 326 36.27 -37.57 27.41
CA LEU B 326 34.94 -38.01 27.85
C LEU B 326 34.43 -37.23 29.02
N GLU B 327 33.30 -36.56 28.80
CA GLU B 327 32.58 -35.88 29.84
C GLU B 327 32.33 -36.70 31.13
N TYR B 328 32.48 -36.01 32.25
CA TYR B 328 32.22 -36.60 33.58
C TYR B 328 31.36 -35.76 34.46
N ILE B 329 30.25 -36.33 34.87
CA ILE B 329 29.29 -35.72 35.77
C ILE B 329 28.91 -36.95 36.64
N PRO B 330 29.09 -36.85 37.96
CA PRO B 330 28.97 -38.08 38.80
C PRO B 330 27.62 -38.29 39.42
N TRP B 331 26.58 -37.64 38.91
CA TRP B 331 25.26 -37.66 39.54
C TRP B 331 24.61 -39.02 39.74
N ILE B 332 24.77 -39.97 38.83
CA ILE B 332 23.97 -41.14 38.84
C ILE B 332 24.79 -42.41 38.90
N LYS B 333 26.11 -42.30 38.80
CA LYS B 333 26.95 -43.49 38.59
C LYS B 333 26.72 -44.55 39.69
N ASP B 334 26.49 -44.10 40.92
CA ASP B 334 26.43 -45.10 42.03
C ASP B 334 25.14 -45.86 42.04
N HIS B 335 24.19 -45.49 41.17
CA HIS B 335 22.96 -46.20 41.04
C HIS B 335 23.02 -47.38 40.06
N PHE B 336 24.18 -47.64 39.49
CA PHE B 336 24.37 -48.70 38.54
C PHE B 336 25.15 -49.89 39.07
N GLU B 337 24.84 -51.05 38.51
CA GLU B 337 25.62 -52.26 38.82
C GLU B 337 27.08 -52.10 38.49
N GLU B 338 27.40 -51.38 37.41
CA GLU B 338 28.76 -51.00 37.13
C GLU B 338 28.81 -49.48 36.92
N PRO B 339 29.06 -48.73 37.97
CA PRO B 339 29.30 -47.32 37.89
C PRO B 339 30.49 -47.01 37.00
N ILE B 340 30.45 -45.90 36.27
CA ILE B 340 31.67 -45.34 35.75
C ILE B 340 32.55 -44.94 36.94
N HIS B 341 33.83 -44.86 36.72
CA HIS B 341 34.78 -44.49 37.77
C HIS B 341 35.95 -43.83 37.13
N VAL B 342 36.28 -42.66 37.65
CA VAL B 342 37.36 -41.87 37.18
C VAL B 342 38.40 -41.70 38.30
N ARG B 343 39.64 -42.00 37.97
CA ARG B 343 40.78 -41.86 38.90
C ARG B 343 41.87 -41.18 38.15
N ASP B 344 42.40 -40.11 38.76
CA ASP B 344 43.50 -39.31 38.15
C ASP B 344 43.16 -38.85 36.75
N GLY B 345 41.90 -38.55 36.60
CA GLY B 345 41.38 -37.97 35.33
C GLY B 345 41.22 -38.98 34.21
N VAL B 346 41.15 -40.25 34.57
CA VAL B 346 41.05 -41.31 33.58
C VAL B 346 39.95 -42.27 33.93
N TYR B 347 39.09 -42.59 32.96
CA TYR B 347 37.99 -43.49 33.15
C TYR B 347 38.52 -44.90 33.24
N LYS B 348 37.98 -45.64 34.21
CA LYS B 348 38.19 -47.05 34.29
C LYS B 348 37.57 -47.73 33.08
N ARG B 349 38.23 -48.74 32.52
CA ARG B 349 37.67 -49.53 31.44
C ARG B 349 36.60 -50.47 31.98
N PRO B 350 35.38 -50.48 31.42
CA PRO B 350 34.33 -51.35 31.98
C PRO B 350 34.70 -52.86 31.87
N GLU B 351 34.14 -53.67 32.74
CA GLU B 351 34.48 -55.11 32.81
C GLU B 351 33.30 -56.02 32.65
N GLN B 352 32.14 -55.63 33.11
CA GLN B 352 30.97 -56.52 33.17
C GLN B 352 30.31 -56.64 31.81
N PRO B 353 29.67 -57.79 31.56
CA PRO B 353 28.95 -57.95 30.31
C PRO B 353 27.86 -56.93 30.14
N GLY B 354 27.78 -56.41 28.92
CA GLY B 354 26.77 -55.41 28.58
C GLY B 354 27.30 -54.01 28.41
N ALA B 355 26.35 -53.06 28.44
CA ALA B 355 26.64 -51.63 28.15
C ALA B 355 26.62 -50.75 29.40
N SER B 356 26.78 -51.37 30.60
CA SER B 356 26.64 -50.70 31.88
C SER B 356 25.47 -49.78 32.05
N THR B 357 24.31 -50.22 31.63
CA THR B 357 23.08 -49.49 31.75
C THR B 357 22.15 -50.10 32.77
N THR B 358 22.60 -51.21 33.38
CA THR B 358 21.74 -51.91 34.37
C THR B 358 21.77 -51.22 35.74
N PRO B 359 20.62 -50.67 36.20
CA PRO B 359 20.58 -49.98 37.50
C PRO B 359 20.56 -51.04 38.64
N LEU B 360 21.12 -50.72 39.78
CA LEU B 360 20.89 -51.58 41.02
C LEU B 360 19.42 -51.77 41.24
N ALA B 361 19.01 -53.00 41.66
CA ALA B 361 17.59 -53.30 41.91
C ALA B 361 16.98 -52.25 42.83
N GLU B 362 17.73 -51.85 43.85
CA GLU B 362 17.20 -50.92 44.84
C GLU B 362 17.03 -49.48 44.27
N SER B 363 17.63 -49.17 43.13
CA SER B 363 17.47 -47.84 42.50
C SER B 363 16.04 -47.68 42.02
N PHE B 364 15.45 -48.74 41.53
CA PHE B 364 14.07 -48.66 41.10
C PHE B 364 13.12 -48.44 42.24
N THR B 365 13.36 -49.13 43.35
CA THR B 365 12.47 -48.99 44.51
C THR B 365 12.62 -47.65 45.17
N ARG B 366 13.80 -47.11 45.21
CA ARG B 366 14.03 -45.88 45.97
C ARG B 366 13.81 -44.64 45.11
N TYR B 367 14.08 -44.74 43.79
CA TYR B 367 13.99 -43.51 42.94
C TYR B 367 13.03 -43.61 41.75
N GLY B 368 12.34 -44.70 41.67
CA GLY B 368 11.41 -44.96 40.61
C GLY B 368 10.20 -44.06 40.69
N LYS B 369 9.65 -43.74 39.53
CA LYS B 369 8.38 -43.08 39.44
C LYS B 369 7.44 -43.92 38.65
N ALA B 370 6.16 -43.85 38.98
CA ALA B 370 5.12 -44.54 38.23
C ALA B 370 4.96 -44.02 36.80
N VAL B 371 4.88 -44.93 35.85
CA VAL B 371 4.73 -44.53 34.41
C VAL B 371 3.31 -44.13 34.04
N LYS B 372 2.34 -44.39 34.91
CA LYS B 372 0.98 -43.81 34.75
C LYS B 372 0.45 -43.21 36.09
N MET C 1 39.85 -65.01 20.84
CA MET C 1 40.78 -66.18 21.04
C MET C 1 42.06 -65.83 20.33
N LYS C 2 43.17 -66.40 20.79
CA LYS C 2 44.45 -65.94 20.29
C LYS C 2 44.69 -66.42 18.87
N ILE C 3 45.33 -65.57 18.09
CA ILE C 3 45.73 -65.95 16.73
C ILE C 3 47.01 -66.82 16.82
N THR C 4 46.98 -68.01 16.21
CA THR C 4 48.08 -68.94 16.24
C THR C 4 48.73 -69.09 14.89
N ALA C 5 48.07 -68.70 13.82
CA ALA C 5 48.70 -68.80 12.51
C ALA C 5 48.12 -67.82 11.53
N VAL C 6 48.93 -67.41 10.57
CA VAL C 6 48.54 -66.47 9.51
C VAL C 6 49.17 -67.00 8.26
N GLU C 7 48.36 -67.47 7.29
CA GLU C 7 48.88 -68.12 6.14
C GLU C 7 48.36 -67.48 4.88
N PRO C 8 49.24 -66.86 4.14
CA PRO C 8 48.73 -66.32 2.85
C PRO C 8 48.47 -67.30 1.76
N PHE C 9 47.67 -66.91 0.79
CA PHE C 9 47.46 -67.73 -0.35
C PHE C 9 47.16 -66.89 -1.59
N ILE C 10 47.32 -67.51 -2.75
CA ILE C 10 46.93 -66.95 -4.02
C ILE C 10 46.20 -67.98 -4.86
N LEU C 11 44.99 -67.65 -5.31
CA LEU C 11 44.28 -68.44 -6.26
C LEU C 11 44.17 -67.69 -7.59
N HIS C 12 44.44 -68.36 -8.70
CA HIS C 12 44.18 -67.77 -9.99
C HIS C 12 43.04 -68.51 -10.62
N LEU C 13 41.87 -67.87 -10.69
CA LEU C 13 40.60 -68.55 -11.14
C LEU C 13 40.20 -68.12 -12.50
N PRO C 14 39.84 -69.08 -13.39
CA PRO C 14 39.46 -68.77 -14.78
C PRO C 14 38.11 -68.07 -14.97
N LEU C 15 37.95 -67.29 -16.03
CA LEU C 15 36.74 -66.53 -16.23
C LEU C 15 35.67 -67.22 -17.09
N THR C 16 34.56 -66.53 -17.41
CA THR C 16 33.46 -67.05 -18.29
C THR C 16 33.91 -67.13 -19.74
N SER C 17 34.93 -66.37 -20.10
CA SER C 17 35.50 -66.42 -21.44
C SER C 17 37.00 -66.55 -21.25
N GLU C 18 37.71 -66.81 -22.34
CA GLU C 18 39.13 -67.05 -22.24
C GLU C 18 39.84 -65.73 -21.89
N SER C 19 39.28 -64.63 -22.37
CA SER C 19 39.81 -63.26 -22.09
C SER C 19 38.62 -62.33 -22.02
N ILE C 20 38.70 -61.34 -21.14
CA ILE C 20 37.74 -60.26 -21.21
C ILE C 20 38.52 -58.95 -21.14
N SER C 21 37.89 -57.93 -21.68
CA SER C 21 38.40 -56.54 -21.61
C SER C 21 37.36 -55.49 -21.23
N ASP C 22 37.81 -54.53 -20.45
CA ASP C 22 37.09 -53.24 -20.32
C ASP C 22 37.92 -52.16 -21.03
N SER C 23 37.65 -50.89 -20.74
CA SER C 23 38.33 -49.80 -21.50
C SER C 23 39.83 -49.81 -21.34
N THR C 24 40.30 -50.42 -20.26
CA THR C 24 41.65 -50.24 -19.75
C THR C 24 42.47 -51.55 -19.49
N HIS C 25 41.76 -52.66 -19.26
CA HIS C 25 42.35 -53.93 -18.78
C HIS C 25 41.89 -55.08 -19.68
N SER C 26 42.78 -56.07 -19.89
CA SER C 26 42.42 -57.37 -20.51
C SER C 26 42.96 -58.46 -19.60
N ILE C 27 42.09 -59.38 -19.14
CA ILE C 27 42.50 -60.40 -18.20
C ILE C 27 41.97 -61.78 -18.63
N THR C 28 42.66 -62.80 -18.17
CA THR C 28 42.29 -64.21 -18.39
C THR C 28 41.92 -64.91 -17.10
N HIS C 29 42.42 -64.43 -15.96
CA HIS C 29 42.11 -65.02 -14.69
C HIS C 29 41.78 -63.93 -13.67
N TRP C 30 41.09 -64.32 -12.60
CA TRP C 30 40.89 -63.48 -11.51
C TRP C 30 41.73 -63.91 -10.32
N GLY C 31 42.35 -62.92 -9.68
CA GLY C 31 43.26 -63.17 -8.58
C GLY C 31 42.55 -63.06 -7.27
N VAL C 32 42.53 -64.17 -6.52
CA VAL C 32 42.04 -64.16 -5.15
C VAL C 32 43.23 -64.28 -4.27
N VAL C 33 43.56 -63.22 -3.57
CA VAL C 33 44.88 -63.14 -2.91
C VAL C 33 44.61 -62.72 -1.47
N GLY C 34 45.00 -63.55 -0.52
CA GLY C 34 44.61 -63.29 0.79
C GLY C 34 45.30 -64.11 1.86
N ALA C 35 44.62 -64.17 2.99
CA ALA C 35 45.12 -64.72 4.23
C ALA C 35 44.13 -65.68 4.84
N LYS C 36 44.70 -66.75 5.39
CA LYS C 36 43.97 -67.67 6.25
C LYS C 36 44.50 -67.50 7.64
N ILE C 37 43.62 -67.14 8.55
CA ILE C 37 44.04 -66.85 9.93
C ILE C 37 43.44 -67.88 10.86
N THR C 38 44.28 -68.56 11.66
CA THR C 38 43.76 -69.56 12.56
C THR C 38 43.86 -69.14 13.97
N THR C 39 42.86 -69.48 14.76
CA THR C 39 42.86 -69.15 16.17
C THR C 39 43.01 -70.43 17.04
N SER C 40 43.24 -70.22 18.32
CA SER C 40 43.59 -71.31 19.27
C SER C 40 42.49 -72.34 19.44
N ASP C 41 41.25 -71.96 19.17
CA ASP C 41 40.12 -72.84 19.18
C ASP C 41 39.94 -73.59 17.87
N GLY C 42 40.86 -73.46 16.94
CA GLY C 42 40.71 -74.15 15.69
C GLY C 42 39.89 -73.45 14.61
N ILE C 43 39.30 -72.29 14.88
CA ILE C 43 38.54 -71.60 13.80
C ILE C 43 39.52 -71.02 12.80
N GLU C 44 39.14 -71.10 11.53
CA GLU C 44 39.95 -70.62 10.41
C GLU C 44 39.13 -69.56 9.68
N GLY C 45 39.73 -68.38 9.54
CA GLY C 45 39.07 -67.20 8.94
C GLY C 45 39.80 -66.91 7.65
N TYR C 46 39.06 -66.55 6.63
CA TYR C 46 39.65 -66.27 5.34
C TYR C 46 39.27 -64.85 4.92
N GLY C 47 40.22 -64.15 4.36
CA GLY C 47 39.93 -62.85 3.73
C GLY C 47 40.79 -62.66 2.53
N PHE C 48 40.37 -61.82 1.59
CA PHE C 48 41.20 -61.67 0.40
C PHE C 48 40.91 -60.40 -0.35
N THR C 49 41.89 -59.94 -1.10
CA THR C 49 41.68 -58.88 -2.09
C THR C 49 41.45 -59.50 -3.48
N GLY C 50 41.25 -58.66 -4.46
CA GLY C 50 40.90 -59.03 -5.79
C GLY C 50 41.90 -58.42 -6.76
N THR C 51 42.61 -59.22 -7.52
CA THR C 51 43.62 -58.72 -8.41
C THR C 51 43.40 -59.23 -9.81
N HIS C 52 44.16 -58.69 -10.74
CA HIS C 52 44.17 -59.14 -12.11
C HIS C 52 45.09 -60.40 -12.37
N ALA C 53 45.47 -61.06 -11.30
CA ALA C 53 46.22 -62.31 -11.32
C ALA C 53 47.61 -62.20 -12.02
N HIS C 54 48.30 -61.12 -11.71
CA HIS C 54 49.67 -60.89 -12.09
C HIS C 54 50.50 -61.41 -10.94
N LEU C 55 51.04 -62.63 -11.09
CA LEU C 55 51.72 -63.30 -9.99
C LEU C 55 52.78 -62.47 -9.29
N PRO C 56 53.61 -61.72 -10.04
CA PRO C 56 54.65 -61.06 -9.30
C PRO C 56 54.13 -60.00 -8.29
N SER C 57 53.04 -59.34 -8.62
CA SER C 57 52.49 -58.35 -7.68
C SER C 57 51.53 -59.00 -6.70
N ASP C 58 50.90 -60.15 -7.04
CA ASP C 58 50.11 -60.89 -6.06
C ASP C 58 51.01 -61.27 -4.90
N ARG C 59 52.23 -61.62 -5.23
CA ARG C 59 53.23 -62.00 -4.24
C ARG C 59 53.69 -60.87 -3.33
N LEU C 60 53.64 -59.61 -3.80
CA LEU C 60 53.89 -58.47 -2.91
C LEU C 60 52.85 -58.40 -1.82
N ILE C 61 51.60 -58.62 -2.20
CA ILE C 61 50.51 -58.59 -1.25
C ILE C 61 50.69 -59.74 -0.27
N THR C 62 50.91 -60.97 -0.76
CA THR C 62 51.16 -62.04 0.23
C THR C 62 52.41 -61.90 1.10
N SER C 63 53.51 -61.36 0.57
CA SER C 63 54.61 -61.07 1.43
C SER C 63 54.34 -60.01 2.51
N CYS C 64 53.52 -59.02 2.19
CA CYS C 64 53.15 -58.00 3.17
C CYS C 64 52.38 -58.70 4.28
N ILE C 65 51.48 -59.62 3.93
CA ILE C 65 50.73 -60.34 4.95
C ILE C 65 51.69 -61.17 5.84
N SER C 66 52.57 -61.94 5.20
CA SER C 66 53.39 -62.88 6.01
C SER C 66 54.48 -62.14 6.73
N ASP C 67 55.11 -61.17 6.10
CA ASP C 67 56.38 -60.70 6.61
C ASP C 67 56.17 -59.38 7.37
N CYS C 68 55.12 -58.64 7.07
CA CYS C 68 54.93 -57.35 7.73
C CYS C 68 53.79 -57.45 8.71
N TYR C 69 52.66 -58.08 8.32
CA TYR C 69 51.50 -58.14 9.22
C TYR C 69 51.46 -59.30 10.24
N ALA C 70 51.83 -60.47 9.80
CA ALA C 70 51.73 -61.63 10.64
C ALA C 70 52.46 -61.47 11.98
N PRO C 71 53.64 -60.87 12.02
CA PRO C 71 54.22 -60.71 13.35
C PRO C 71 53.46 -59.79 14.28
N LEU C 72 52.63 -58.92 13.73
CA LEU C 72 51.81 -58.03 14.55
C LEU C 72 50.50 -58.69 14.92
N LEU C 73 50.15 -59.79 14.30
CA LEU C 73 48.94 -60.54 14.66
C LEU C 73 49.12 -61.75 15.59
N LEU C 74 50.14 -62.55 15.35
CA LEU C 74 50.40 -63.72 16.20
C LEU C 74 50.30 -63.42 17.65
N GLY C 75 49.47 -64.21 18.33
CA GLY C 75 49.28 -64.09 19.78
C GLY C 75 48.29 -63.02 20.23
N GLU C 76 47.83 -62.18 19.29
CA GLU C 76 46.75 -61.28 19.61
C GLU C 76 45.38 -61.96 19.64
N ASP C 77 44.49 -61.36 20.43
CA ASP C 77 43.07 -61.75 20.45
C ASP C 77 42.40 -61.40 19.12
N ALA C 78 42.02 -62.39 18.32
CA ALA C 78 41.37 -62.16 17.05
C ALA C 78 40.08 -61.33 17.17
N SER C 79 39.47 -61.39 18.32
CA SER C 79 38.22 -60.68 18.60
C SER C 79 38.39 -59.16 18.42
N ASP C 80 39.58 -58.69 18.71
CA ASP C 80 39.89 -57.25 18.74
C ASP C 80 40.13 -56.66 17.40
N HIS C 81 39.20 -56.85 16.46
CA HIS C 81 39.51 -56.52 15.09
C HIS C 81 39.68 -54.99 14.89
N SER C 82 39.01 -54.16 15.67
CA SER C 82 39.13 -52.66 15.50
C SER C 82 40.46 -52.21 15.99
N ARG C 83 40.87 -52.77 17.13
CA ARG C 83 42.20 -52.41 17.68
C ARG C 83 43.27 -52.85 16.71
N LEU C 84 43.14 -54.08 16.26
CA LEU C 84 44.10 -54.62 15.32
C LEU C 84 44.16 -53.94 13.94
N TRP C 85 43.02 -53.39 13.45
CA TRP C 85 43.02 -52.60 12.21
C TRP C 85 44.02 -51.44 12.35
N THR C 86 43.92 -50.70 13.46
CA THR C 86 44.78 -49.58 13.76
C THR C 86 46.23 -50.01 13.94
N LYS C 87 46.41 -51.10 14.69
CA LYS C 87 47.76 -51.60 14.94
C LYS C 87 48.47 -51.86 13.64
N LEU C 88 47.80 -52.51 12.68
CA LEU C 88 48.41 -52.79 11.41
C LEU C 88 48.47 -51.59 10.52
N ALA C 89 47.33 -50.88 10.35
CA ALA C 89 47.26 -49.84 9.34
C ALA C 89 48.19 -48.72 9.66
N ARG C 90 48.30 -48.44 10.97
CA ARG C 90 49.03 -47.30 11.44
C ARG C 90 50.39 -47.64 12.07
N TYR C 91 50.87 -48.85 11.86
CA TYR C 91 52.22 -49.22 12.37
C TYR C 91 53.18 -48.28 11.65
N PRO C 92 53.99 -47.52 12.38
CA PRO C 92 54.59 -46.35 11.72
C PRO C 92 55.45 -46.58 10.52
N SER C 93 56.33 -47.61 10.55
CA SER C 93 57.16 -47.80 9.40
C SER C 93 56.40 -48.34 8.21
N LEU C 94 55.28 -49.01 8.46
CA LEU C 94 54.40 -49.47 7.38
C LEU C 94 53.49 -48.37 6.80
N GLN C 95 52.93 -47.56 7.66
CA GLN C 95 52.23 -46.35 7.20
C GLN C 95 53.10 -45.52 6.30
N TRP C 96 54.41 -45.44 6.62
CA TRP C 96 55.39 -44.62 5.85
C TRP C 96 55.40 -45.00 4.42
N VAL C 97 55.16 -46.27 4.11
CA VAL C 97 55.17 -46.73 2.75
C VAL C 97 53.77 -47.19 2.32
N GLY C 98 52.74 -46.64 2.99
CA GLY C 98 51.42 -47.19 2.97
C GLY C 98 50.39 -46.10 2.81
N ARG C 99 49.29 -46.30 3.49
CA ARG C 99 48.03 -45.51 3.35
C ARG C 99 47.21 -45.87 2.15
N ALA C 100 47.77 -46.69 1.25
CA ALA C 100 47.20 -46.95 -0.07
C ALA C 100 48.09 -47.96 -0.72
N GLY C 101 47.61 -48.58 -1.77
CA GLY C 101 48.36 -49.54 -2.54
C GLY C 101 48.54 -50.86 -1.83
N ILE C 102 49.66 -51.53 -2.15
CA ILE C 102 49.87 -52.86 -1.63
C ILE C 102 49.66 -53.07 -0.14
N THR C 103 50.17 -52.21 0.74
CA THR C 103 49.97 -52.43 2.15
C THR C 103 48.49 -52.41 2.59
N HIS C 104 47.73 -51.59 1.91
CA HIS C 104 46.32 -51.47 2.21
C HIS C 104 45.53 -52.68 1.74
N LEU C 105 45.85 -53.20 0.58
CA LEU C 105 45.20 -54.38 0.02
C LEU C 105 45.48 -55.55 0.94
N ALA C 106 46.69 -55.63 1.46
CA ALA C 106 47.05 -56.69 2.36
C ALA C 106 46.30 -56.54 3.70
N LEU C 107 46.09 -55.30 4.14
CA LEU C 107 45.32 -55.05 5.35
C LEU C 107 43.86 -55.51 5.14
N ALA C 108 43.33 -55.19 3.97
CA ALA C 108 41.98 -55.58 3.64
C ALA C 108 41.79 -57.08 3.84
N ALA C 109 42.71 -57.87 3.25
CA ALA C 109 42.65 -59.32 3.45
C ALA C 109 42.60 -59.76 4.91
N VAL C 110 43.43 -59.19 5.75
CA VAL C 110 43.50 -59.59 7.17
C VAL C 110 42.24 -59.23 7.84
N ASP C 111 41.73 -58.02 7.51
CA ASP C 111 40.58 -57.51 8.25
C ASP C 111 39.37 -58.36 7.97
N VAL C 112 39.21 -58.76 6.70
CA VAL C 112 38.09 -59.61 6.34
C VAL C 112 38.21 -60.97 7.03
N ALA C 113 39.40 -61.50 7.07
CA ALA C 113 39.57 -62.80 7.84
C ALA C 113 39.16 -62.68 9.26
N LEU C 114 39.42 -61.53 9.90
CA LEU C 114 39.13 -61.40 11.33
C LEU C 114 37.63 -61.30 11.50
N TRP C 115 36.93 -60.63 10.57
CA TRP C 115 35.48 -60.64 10.56
C TRP C 115 34.85 -62.03 10.28
N ASP C 116 35.49 -62.80 9.44
CA ASP C 116 34.97 -64.14 9.11
C ASP C 116 35.07 -65.00 10.38
N ILE C 117 36.18 -64.89 11.09
CA ILE C 117 36.33 -65.52 12.41
C ILE C 117 35.26 -65.08 13.38
N LYS C 118 35.01 -63.78 13.48
CA LYS C 118 34.04 -63.29 14.42
C LYS C 118 32.66 -63.93 14.22
N ALA C 119 32.24 -63.99 12.97
CA ALA C 119 30.89 -64.51 12.59
C ALA C 119 30.88 -66.02 12.70
N LYS C 120 31.98 -66.64 12.27
CA LYS C 120 32.11 -68.11 12.53
C LYS C 120 32.04 -68.49 14.03
N LYS C 121 32.69 -67.72 14.87
CA LYS C 121 32.70 -68.01 16.29
C LYS C 121 31.35 -67.82 16.90
N ALA C 122 30.58 -66.87 16.39
CA ALA C 122 29.23 -66.60 16.87
C ALA C 122 28.21 -67.58 16.28
N GLY C 123 28.61 -68.33 15.27
CA GLY C 123 27.76 -69.30 14.62
C GLY C 123 26.73 -68.85 13.62
N VAL C 124 26.93 -67.66 13.01
CA VAL C 124 25.91 -67.01 12.19
C VAL C 124 26.53 -66.36 10.99
N PRO C 125 25.76 -66.22 9.90
CA PRO C 125 26.35 -65.46 8.79
C PRO C 125 26.57 -64.00 9.18
N LEU C 126 27.50 -63.37 8.51
CA LEU C 126 27.92 -62.00 8.81
C LEU C 126 26.76 -60.99 8.81
N TRP C 127 25.85 -61.09 7.84
CA TRP C 127 24.74 -60.09 7.75
C TRP C 127 23.91 -60.22 9.02
N HIS C 128 23.75 -61.42 9.54
CA HIS C 128 22.98 -61.58 10.76
C HIS C 128 23.80 -61.07 11.93
N TYR C 129 25.08 -61.45 11.97
CA TYR C 129 25.94 -60.98 13.06
C TYR C 129 25.82 -59.45 13.29
N LEU C 130 25.87 -58.72 12.16
CA LEU C 130 25.91 -57.24 12.16
C LEU C 130 24.62 -56.58 12.58
N GLY C 131 23.54 -57.36 12.65
CA GLY C 131 22.24 -56.87 13.10
C GLY C 131 21.01 -57.12 12.33
N GLY C 132 21.10 -57.98 11.34
CA GLY C 132 19.89 -58.47 10.69
C GLY C 132 19.71 -57.80 9.34
N ALA C 133 18.71 -58.30 8.59
CA ALA C 133 18.46 -57.87 7.22
C ALA C 133 17.68 -56.62 7.02
N ARG C 134 18.16 -55.74 6.14
CA ARG C 134 17.41 -54.55 5.73
C ARG C 134 16.45 -54.76 4.60
N THR C 135 16.49 -55.93 3.97
CA THR C 135 15.59 -56.24 2.87
C THR C 135 15.37 -57.76 2.82
N ALA C 136 14.23 -58.14 2.24
CA ALA C 136 13.95 -59.57 1.98
C ALA C 136 14.68 -60.11 0.73
N GLY C 137 15.16 -59.22 -0.13
CA GLY C 137 15.82 -59.63 -1.37
C GLY C 137 16.73 -58.55 -1.98
N VAL C 138 18.03 -58.80 -2.00
CA VAL C 138 19.00 -57.87 -2.66
C VAL C 138 19.01 -58.13 -4.14
N GLU C 139 18.57 -57.15 -4.93
CA GLU C 139 18.60 -57.31 -6.37
C GLU C 139 20.01 -57.26 -6.95
N ALA C 140 20.23 -58.10 -7.96
CA ALA C 140 21.48 -58.19 -8.69
C ALA C 140 21.46 -57.44 -10.01
N TYR C 141 22.59 -56.89 -10.40
CA TYR C 141 22.71 -56.45 -11.77
C TYR C 141 23.85 -57.24 -12.41
N ASN C 142 23.68 -57.57 -13.68
CA ASN C 142 24.68 -58.42 -14.37
C ASN C 142 25.71 -57.65 -15.15
N THR C 143 26.95 -57.75 -14.72
CA THR C 143 28.09 -57.09 -15.38
C THR C 143 28.75 -58.00 -16.37
N ASP C 144 28.61 -59.29 -16.17
CA ASP C 144 29.42 -60.23 -16.98
C ASP C 144 29.00 -60.28 -18.44
N ILE C 145 27.80 -59.76 -18.78
CA ILE C 145 27.38 -59.68 -20.17
C ILE C 145 27.84 -58.47 -20.94
N GLY C 146 28.57 -57.57 -20.30
CA GLY C 146 28.76 -56.22 -20.89
C GLY C 146 30.16 -55.77 -21.25
N TRP C 147 31.11 -56.69 -21.16
CA TRP C 147 32.56 -56.46 -21.49
C TRP C 147 32.80 -55.79 -22.83
N LEU C 148 33.74 -54.83 -22.85
CA LEU C 148 33.99 -53.98 -24.00
C LEU C 148 34.57 -54.88 -25.14
N SER C 149 35.20 -55.94 -24.73
CA SER C 149 35.71 -56.95 -25.68
C SER C 149 34.65 -57.73 -26.46
N PHE C 150 33.35 -57.65 -26.11
CA PHE C 150 32.35 -58.28 -26.88
C PHE C 150 32.07 -57.50 -28.15
N THR C 151 31.99 -58.23 -29.28
CA THR C 151 31.39 -57.64 -30.45
C THR C 151 29.95 -57.26 -30.15
N LEU C 152 29.40 -56.44 -31.02
CA LEU C 152 28.05 -56.01 -30.85
C LEU C 152 27.14 -57.21 -30.86
N GLU C 153 27.40 -58.15 -31.77
CA GLU C 153 26.52 -59.30 -31.81
C GLU C 153 26.50 -60.06 -30.50
N ASP C 154 27.66 -60.30 -29.91
CA ASP C 154 27.79 -61.05 -28.66
C ASP C 154 27.27 -60.24 -27.42
N LEU C 155 27.39 -58.90 -27.49
CA LEU C 155 26.89 -58.02 -26.39
C LEU C 155 25.41 -58.13 -26.40
N LEU C 156 24.79 -58.06 -27.58
CA LEU C 156 23.34 -58.18 -27.70
C LEU C 156 22.82 -59.57 -27.30
N ALA C 157 23.51 -60.62 -27.76
CA ALA C 157 23.08 -61.98 -27.44
C ALA C 157 23.08 -62.28 -25.93
N GLY C 158 24.15 -61.90 -25.25
CA GLY C 158 24.31 -62.17 -23.84
C GLY C 158 23.42 -61.29 -23.01
N SER C 159 23.28 -60.03 -23.41
CA SER C 159 22.34 -59.08 -22.75
C SER C 159 20.91 -59.65 -22.83
N ALA C 160 20.48 -60.05 -24.00
CA ALA C 160 19.11 -60.56 -24.13
C ALA C 160 18.91 -61.85 -23.34
N ARG C 161 19.90 -62.72 -23.36
CA ARG C 161 19.79 -63.96 -22.60
C ARG C 161 19.71 -63.75 -21.09
N ALA C 162 20.50 -62.80 -20.61
CA ALA C 162 20.40 -62.48 -19.17
C ALA C 162 19.00 -62.04 -18.83
N VAL C 163 18.38 -61.27 -19.69
CA VAL C 163 17.10 -60.70 -19.37
C VAL C 163 16.00 -61.74 -19.63
N GLU C 164 16.08 -62.39 -20.79
CA GLU C 164 15.00 -63.32 -21.21
C GLU C 164 15.11 -64.72 -20.63
N GLU C 165 16.30 -65.25 -20.43
CA GLU C 165 16.43 -66.58 -19.86
C GLU C 165 16.65 -66.56 -18.39
N ASP C 166 17.49 -65.64 -17.91
CA ASP C 166 17.98 -65.65 -16.56
C ASP C 166 17.21 -64.72 -15.63
N GLY C 167 16.32 -63.90 -16.14
CA GLY C 167 15.45 -63.12 -15.25
C GLY C 167 16.11 -61.85 -14.64
N PHE C 168 17.17 -61.36 -15.26
CA PHE C 168 17.80 -60.09 -14.78
C PHE C 168 16.96 -58.97 -15.36
N THR C 169 16.78 -57.88 -14.59
CA THR C 169 16.19 -56.68 -15.15
C THR C 169 17.13 -55.48 -14.96
N ARG C 170 18.38 -55.80 -14.67
CA ARG C 170 19.42 -54.79 -14.47
C ARG C 170 20.72 -55.31 -15.08
N LEU C 171 21.38 -54.49 -15.90
CA LEU C 171 22.61 -54.86 -16.53
C LEU C 171 23.61 -53.69 -16.34
N LYS C 172 24.91 -53.99 -16.49
CA LYS C 172 25.89 -52.95 -16.66
C LYS C 172 26.79 -53.27 -17.85
N ILE C 173 26.97 -52.29 -18.74
CA ILE C 173 27.66 -52.41 -19.97
C ILE C 173 28.88 -51.46 -19.95
N LYS C 174 30.02 -52.00 -20.29
CA LYS C 174 31.24 -51.22 -20.42
C LYS C 174 31.20 -50.28 -21.59
N VAL C 175 31.80 -49.10 -21.38
CA VAL C 175 32.07 -48.17 -22.45
C VAL C 175 33.54 -47.77 -22.35
N GLY C 176 34.00 -46.97 -23.29
CA GLY C 176 35.38 -46.60 -23.36
C GLY C 176 36.14 -46.88 -24.64
N HIS C 177 35.44 -46.90 -25.76
CA HIS C 177 36.10 -46.80 -27.03
C HIS C 177 36.73 -45.39 -27.18
N ASP C 178 37.77 -45.29 -28.01
CA ASP C 178 38.43 -43.99 -28.24
C ASP C 178 37.43 -42.97 -28.76
N ASP C 179 36.53 -43.43 -29.62
CA ASP C 179 35.39 -42.64 -30.05
C ASP C 179 34.12 -43.06 -29.32
N PRO C 180 33.63 -42.22 -28.35
CA PRO C 180 32.43 -42.60 -27.60
C PRO C 180 31.20 -42.85 -28.42
N ASN C 181 31.14 -42.28 -29.64
CA ASN C 181 29.97 -42.51 -30.48
C ASN C 181 29.80 -44.00 -30.82
N ILE C 182 30.90 -44.77 -30.73
CA ILE C 182 30.82 -46.21 -30.94
C ILE C 182 30.05 -46.85 -29.77
N ASP C 183 30.36 -46.38 -28.56
CA ASP C 183 29.57 -46.78 -27.41
C ASP C 183 28.13 -46.30 -27.47
N ILE C 184 27.85 -45.09 -27.95
CA ILE C 184 26.51 -44.69 -28.10
C ILE C 184 25.76 -45.72 -29.03
N ALA C 185 26.43 -46.12 -30.09
CA ALA C 185 25.79 -47.05 -31.07
C ALA C 185 25.53 -48.40 -30.41
N ARG C 186 26.50 -48.89 -29.61
CA ARG C 186 26.35 -50.15 -28.88
C ARG C 186 25.18 -50.14 -27.90
N LEU C 187 25.09 -49.03 -27.15
CA LEU C 187 24.04 -48.91 -26.14
C LEU C 187 22.69 -48.74 -26.82
N THR C 188 22.65 -48.01 -27.92
CA THR C 188 21.42 -47.81 -28.66
C THR C 188 20.90 -49.19 -29.13
N ALA C 189 21.81 -50.00 -29.64
CA ALA C 189 21.41 -51.34 -30.12
C ALA C 189 20.91 -52.21 -28.96
N VAL C 190 21.60 -52.18 -27.83
CA VAL C 190 21.10 -52.94 -26.68
C VAL C 190 19.73 -52.44 -26.28
N ARG C 191 19.57 -51.14 -26.21
CA ARG C 191 18.27 -50.60 -25.81
C ARG C 191 17.14 -51.04 -26.75
N GLU C 192 17.43 -51.08 -28.04
CA GLU C 192 16.40 -51.55 -29.01
C GLU C 192 16.15 -53.03 -28.82
N ARG C 193 17.15 -53.81 -28.40
CA ARG C 193 17.01 -55.25 -28.26
C ARG C 193 16.27 -55.73 -27.04
N VAL C 194 16.49 -55.12 -25.86
CA VAL C 194 15.87 -55.60 -24.66
C VAL C 194 14.69 -54.73 -24.21
N ASP C 195 13.84 -55.32 -23.37
CA ASP C 195 12.64 -54.62 -22.92
C ASP C 195 13.02 -53.23 -22.29
N SER C 196 12.17 -52.21 -22.47
CA SER C 196 12.41 -50.87 -21.94
C SER C 196 12.52 -50.91 -20.40
N ALA C 197 12.01 -51.97 -19.74
CA ALA C 197 12.04 -51.98 -18.26
C ALA C 197 13.36 -52.44 -17.70
N VAL C 198 14.28 -52.79 -18.58
CA VAL C 198 15.61 -53.24 -18.13
C VAL C 198 16.42 -51.98 -17.80
N ARG C 199 17.05 -51.99 -16.62
CA ARG C 199 17.87 -50.86 -16.21
C ARG C 199 19.25 -51.16 -16.72
N ILE C 200 19.89 -50.14 -17.28
CA ILE C 200 21.21 -50.29 -17.88
C ILE C 200 22.12 -49.21 -17.38
N ALA C 201 23.06 -49.65 -16.54
CA ALA C 201 24.21 -48.75 -16.14
C ALA C 201 25.37 -48.94 -17.10
N ILE C 202 26.33 -48.02 -17.10
CA ILE C 202 27.53 -48.14 -17.89
C ILE C 202 28.77 -47.85 -17.04
N ASP C 203 29.93 -48.25 -17.54
CA ASP C 203 31.19 -48.13 -16.81
C ASP C 203 32.32 -47.87 -17.77
N GLY C 204 33.01 -46.73 -17.56
CA GLY C 204 34.12 -46.35 -18.40
C GLY C 204 35.51 -46.73 -17.87
N ASN C 205 35.60 -47.28 -16.65
CA ASN C 205 36.85 -47.61 -16.04
C ASN C 205 37.94 -46.54 -16.18
N GLY C 206 37.53 -45.30 -16.08
CA GLY C 206 38.46 -44.20 -15.93
C GLY C 206 39.20 -43.87 -17.19
N LYS C 207 38.58 -44.11 -18.34
CA LYS C 207 39.21 -43.93 -19.63
C LYS C 207 39.23 -42.50 -20.19
N TRP C 208 38.19 -41.75 -20.00
CA TRP C 208 37.96 -40.51 -20.75
C TRP C 208 38.29 -39.30 -19.91
N ASP C 209 38.41 -38.18 -20.57
CA ASP C 209 38.58 -36.85 -19.96
C ASP C 209 37.22 -36.09 -19.89
N LEU C 210 37.26 -34.97 -19.18
CA LEU C 210 36.04 -34.28 -18.86
C LEU C 210 35.29 -33.88 -20.11
N PRO C 211 35.97 -33.23 -21.05
CA PRO C 211 35.19 -32.77 -22.20
C PRO C 211 34.57 -33.91 -22.98
N THR C 212 35.32 -35.00 -23.11
CA THR C 212 34.79 -36.24 -23.79
C THR C 212 33.51 -36.77 -23.10
N CYS C 213 33.55 -36.86 -21.76
CA CYS C 213 32.44 -37.25 -20.96
C CYS C 213 31.27 -36.27 -21.06
N GLN C 214 31.51 -34.95 -21.11
CA GLN C 214 30.43 -34.01 -21.27
C GLN C 214 29.66 -34.30 -22.56
N ARG C 215 30.41 -34.53 -23.63
CA ARG C 215 29.74 -34.72 -24.96
C ARG C 215 28.99 -36.05 -24.98
N PHE C 216 29.63 -37.07 -24.43
CA PHE C 216 29.06 -38.46 -24.45
C PHE C 216 27.82 -38.47 -23.60
N CYS C 217 27.87 -37.82 -22.42
CA CYS C 217 26.66 -37.78 -21.61
C CYS C 217 25.49 -37.06 -22.29
N ALA C 218 25.75 -35.96 -23.00
CA ALA C 218 24.71 -35.27 -23.72
C ALA C 218 24.12 -36.14 -24.86
N ALA C 219 24.99 -36.82 -25.55
CA ALA C 219 24.58 -37.81 -26.57
C ALA C 219 23.79 -38.99 -26.06
N ALA C 220 23.96 -39.36 -24.79
CA ALA C 220 23.34 -40.47 -24.19
C ALA C 220 22.00 -40.10 -23.55
N LYS C 221 21.53 -38.88 -23.75
CA LYS C 221 20.30 -38.34 -23.06
C LYS C 221 19.03 -39.17 -23.27
N ASP C 222 18.92 -39.88 -24.33
CA ASP C 222 17.72 -40.66 -24.52
C ASP C 222 17.92 -42.13 -24.31
N LEU C 223 19.08 -42.58 -23.80
CA LEU C 223 19.30 -44.02 -23.61
C LEU C 223 18.92 -44.54 -22.24
N ASP C 224 18.41 -43.67 -21.35
CA ASP C 224 18.00 -44.05 -19.96
C ASP C 224 19.11 -44.84 -19.28
N ILE C 225 20.25 -44.15 -19.13
CA ILE C 225 21.39 -44.72 -18.44
C ILE C 225 21.24 -44.59 -16.95
N TYR C 226 21.38 -45.73 -16.29
CA TYR C 226 21.08 -45.78 -14.88
C TYR C 226 22.19 -45.06 -14.04
N TRP C 227 23.44 -45.31 -14.36
CA TRP C 227 24.61 -44.53 -13.82
C TRP C 227 25.78 -44.69 -14.79
N PHE C 228 26.77 -43.79 -14.65
CA PHE C 228 27.98 -43.78 -15.41
C PHE C 228 29.08 -43.95 -14.44
N GLU C 229 29.65 -45.14 -14.43
CA GLU C 229 30.67 -45.51 -13.44
C GLU C 229 32.06 -45.14 -13.94
N GLU C 230 32.90 -44.66 -13.01
CA GLU C 230 34.29 -44.27 -13.26
C GLU C 230 34.46 -43.57 -14.61
N PRO C 231 33.80 -42.43 -14.80
CA PRO C 231 33.87 -41.76 -16.11
C PRO C 231 35.25 -41.19 -16.35
N LEU C 232 35.92 -40.83 -15.26
CA LEU C 232 37.14 -40.02 -15.31
C LEU C 232 38.27 -40.60 -14.54
N TRP C 233 39.40 -39.93 -14.57
CA TRP C 233 40.56 -40.42 -13.87
C TRP C 233 40.29 -40.57 -12.36
N TYR C 234 40.78 -41.65 -11.79
CA TYR C 234 40.27 -42.12 -10.52
C TYR C 234 40.52 -41.18 -9.37
N ASP C 235 41.60 -40.42 -9.48
CA ASP C 235 42.01 -39.55 -8.36
C ASP C 235 41.64 -38.06 -8.60
N ASP C 236 40.94 -37.77 -9.68
CA ASP C 236 40.62 -36.39 -10.09
C ASP C 236 39.20 -36.05 -9.64
N VAL C 237 39.10 -35.50 -8.42
CA VAL C 237 37.80 -35.15 -7.87
C VAL C 237 37.10 -34.05 -8.63
N THR C 238 37.85 -33.02 -8.97
CA THR C 238 37.26 -31.83 -9.59
C THR C 238 36.60 -32.12 -10.93
N SER C 239 37.23 -32.93 -11.77
CA SER C 239 36.59 -33.19 -13.03
C SER C 239 35.22 -33.95 -12.81
N HIS C 240 35.18 -34.84 -11.84
CA HIS C 240 33.92 -35.55 -11.56
C HIS C 240 32.85 -34.58 -11.05
N ALA C 241 33.25 -33.63 -10.23
CA ALA C 241 32.31 -32.64 -9.74
C ALA C 241 31.70 -31.80 -10.86
N ARG C 242 32.55 -31.42 -11.83
CA ARG C 242 32.12 -30.62 -12.96
C ARG C 242 31.18 -31.43 -13.83
N LEU C 243 31.55 -32.68 -14.09
CA LEU C 243 30.66 -33.55 -14.92
C LEU C 243 29.29 -33.75 -14.30
N ALA C 244 29.31 -34.05 -12.99
CA ALA C 244 28.08 -34.28 -12.27
C ALA C 244 27.11 -33.12 -12.33
N ARG C 245 27.63 -31.93 -12.36
CA ARG C 245 26.82 -30.73 -12.48
C ARG C 245 26.35 -30.48 -13.94
N ASN C 246 27.02 -31.05 -14.93
CA ASN C 246 26.76 -30.76 -16.37
C ASN C 246 25.76 -31.75 -16.98
N THR C 247 25.42 -32.88 -16.30
CA THR C 247 24.53 -33.86 -16.84
C THR C 247 23.54 -34.31 -15.75
N SER C 248 22.41 -34.84 -16.17
CA SER C 248 21.47 -35.53 -15.27
C SER C 248 21.86 -37.00 -15.06
N ILE C 249 22.79 -37.53 -15.84
CA ILE C 249 23.15 -38.95 -15.64
C ILE C 249 23.92 -39.02 -14.32
N PRO C 250 23.56 -39.96 -13.43
CA PRO C 250 24.29 -40.02 -12.13
C PRO C 250 25.67 -40.63 -12.28
N ILE C 251 26.63 -40.17 -11.45
CA ILE C 251 27.97 -40.69 -11.49
C ILE C 251 28.14 -41.72 -10.37
N ALA C 252 28.81 -42.82 -10.70
CA ALA C 252 29.13 -43.86 -9.75
C ALA C 252 30.64 -44.03 -9.74
N LEU C 253 31.21 -44.20 -8.56
CA LEU C 253 32.63 -44.51 -8.40
C LEU C 253 32.95 -45.03 -7.00
N GLY C 254 34.15 -45.59 -6.86
CA GLY C 254 34.61 -46.09 -5.58
C GLY C 254 35.54 -47.24 -5.64
N GLU C 255 35.50 -48.03 -6.69
CA GLU C 255 36.25 -49.28 -6.65
C GLU C 255 37.76 -49.10 -6.60
N GLN C 256 38.24 -47.91 -6.96
CA GLN C 256 39.68 -47.62 -6.95
C GLN C 256 40.11 -46.75 -5.74
N LEU C 257 39.18 -46.38 -4.86
CA LEU C 257 39.50 -45.51 -3.68
C LEU C 257 39.88 -46.35 -2.48
N TYR C 258 41.11 -46.12 -2.02
CA TYR C 258 41.69 -46.88 -0.97
C TYR C 258 41.22 -46.48 0.41
N THR C 259 40.75 -45.23 0.61
CA THR C 259 40.50 -44.74 1.91
C THR C 259 39.18 -43.97 2.08
N VAL C 260 38.73 -43.99 3.33
CA VAL C 260 37.65 -43.14 3.80
C VAL C 260 37.86 -41.67 3.46
N ASP C 261 39.11 -41.16 3.56
CA ASP C 261 39.40 -39.75 3.14
C ASP C 261 39.11 -39.51 1.67
N ALA C 262 39.47 -40.47 0.82
CA ALA C 262 39.15 -40.32 -0.60
C ALA C 262 37.67 -40.29 -0.91
N PHE C 263 36.92 -41.21 -0.33
CA PHE C 263 35.49 -41.15 -0.42
C PHE C 263 34.84 -39.86 0.07
N ARG C 264 35.30 -39.38 1.23
CA ARG C 264 34.83 -38.11 1.79
C ARG C 264 35.08 -37.00 0.76
N SER C 265 36.29 -36.95 0.17
CA SER C 265 36.57 -35.89 -0.76
C SER C 265 35.63 -35.90 -1.95
N PHE C 266 35.36 -37.08 -2.54
CA PHE C 266 34.43 -37.16 -3.65
C PHE C 266 33.00 -36.87 -3.21
N ILE C 267 32.58 -37.43 -2.10
CA ILE C 267 31.19 -37.23 -1.66
C ILE C 267 30.92 -35.71 -1.32
N ASP C 268 31.84 -35.11 -0.62
CA ASP C 268 31.64 -33.71 -0.24
C ASP C 268 31.56 -32.81 -1.47
N ALA C 269 32.25 -33.14 -2.54
CA ALA C 269 32.32 -32.33 -3.72
C ALA C 269 31.12 -32.55 -4.63
N GLY C 270 30.20 -33.40 -4.25
CA GLY C 270 29.08 -33.72 -5.11
C GLY C 270 29.54 -34.45 -6.40
N ALA C 271 30.65 -35.20 -6.30
CA ALA C 271 31.38 -35.81 -7.46
C ALA C 271 30.93 -37.25 -7.63
N VAL C 272 30.13 -37.74 -6.72
CA VAL C 272 29.62 -39.12 -6.82
C VAL C 272 28.24 -39.18 -6.25
N ALA C 273 27.37 -39.96 -6.92
CA ALA C 273 26.03 -40.23 -6.45
C ALA C 273 25.82 -41.67 -5.99
N TYR C 274 26.41 -42.61 -6.71
CA TYR C 274 26.34 -44.03 -6.39
C TYR C 274 27.68 -44.43 -5.83
N VAL C 275 27.72 -44.67 -4.51
CA VAL C 275 28.94 -44.84 -3.76
C VAL C 275 29.34 -46.32 -3.78
N GLN C 276 30.56 -46.61 -4.23
CA GLN C 276 30.96 -48.00 -4.51
C GLN C 276 32.19 -48.42 -3.66
N PRO C 277 31.99 -48.59 -2.37
CA PRO C 277 33.03 -49.13 -1.53
C PRO C 277 33.32 -50.61 -1.88
N ASP C 278 34.52 -51.06 -1.57
CA ASP C 278 34.88 -52.45 -1.89
C ASP C 278 35.79 -52.87 -0.77
N VAL C 279 35.39 -53.92 0.00
CA VAL C 279 36.17 -54.44 1.09
C VAL C 279 37.58 -54.85 0.64
N THR C 280 37.78 -55.11 -0.66
CA THR C 280 39.08 -55.54 -1.16
C THR C 280 40.03 -54.39 -1.49
N ARG C 281 39.53 -53.15 -1.41
CA ARG C 281 40.25 -51.94 -1.85
C ARG C 281 40.45 -50.96 -0.71
N LEU C 282 39.36 -50.64 -0.02
CA LEU C 282 39.47 -50.10 1.30
C LEU C 282 40.03 -51.09 2.25
N GLY C 283 40.22 -50.68 3.49
CA GLY C 283 40.77 -51.55 4.54
C GLY C 283 39.75 -52.50 5.12
N GLY C 284 39.27 -53.37 4.23
CA GLY C 284 38.36 -54.41 4.65
C GLY C 284 36.97 -53.98 5.03
N ILE C 285 36.30 -54.82 5.83
CA ILE C 285 34.95 -54.56 6.30
C ILE C 285 34.91 -53.39 7.22
N THR C 286 35.94 -53.29 8.07
CA THR C 286 36.03 -52.21 9.01
C THR C 286 35.94 -50.86 8.34
N GLU C 287 36.74 -50.64 7.32
CA GLU C 287 36.72 -49.34 6.67
C GLU C 287 35.47 -49.20 5.71
N TYR C 288 35.06 -50.30 5.09
CA TYR C 288 33.79 -50.35 4.37
C TYR C 288 32.65 -49.79 5.15
N ILE C 289 32.47 -50.24 6.39
CA ILE C 289 31.30 -49.80 7.14
C ILE C 289 31.39 -48.28 7.41
N GLN C 290 32.60 -47.77 7.62
CA GLN C 290 32.79 -46.36 7.80
C GLN C 290 32.35 -45.61 6.58
N VAL C 291 32.70 -46.05 5.37
CA VAL C 291 32.26 -45.40 4.13
C VAL C 291 30.75 -45.53 3.88
N ALA C 292 30.20 -46.70 4.19
CA ALA C 292 28.79 -46.88 4.08
C ALA C 292 27.96 -45.97 5.01
N ASP C 293 28.53 -45.68 6.18
CA ASP C 293 27.89 -44.81 7.16
C ASP C 293 28.04 -43.40 6.69
N LEU C 294 29.15 -43.10 6.07
CA LEU C 294 29.31 -41.77 5.47
C LEU C 294 28.29 -41.54 4.35
N ALA C 295 28.11 -42.55 3.48
CA ALA C 295 27.12 -42.49 2.42
C ALA C 295 25.69 -42.31 2.96
N LEU C 296 25.39 -43.08 3.99
CA LEU C 296 24.13 -42.98 4.65
C LEU C 296 23.88 -41.54 5.13
N ALA C 297 24.87 -40.93 5.76
CA ALA C 297 24.66 -39.62 6.28
C ALA C 297 24.32 -38.62 5.16
N HIS C 298 24.76 -38.88 3.90
CA HIS C 298 24.44 -38.05 2.74
C HIS C 298 23.23 -38.56 1.96
N ARG C 299 22.60 -39.60 2.51
CA ARG C 299 21.47 -40.19 1.92
C ARG C 299 21.74 -40.68 0.47
N LEU C 300 22.96 -41.15 0.25
CA LEU C 300 23.38 -41.70 -1.02
C LEU C 300 23.36 -43.24 -1.01
N PRO C 301 23.00 -43.86 -2.12
CA PRO C 301 22.98 -45.35 -2.18
C PRO C 301 24.38 -45.97 -2.18
N VAL C 302 24.50 -47.12 -1.55
CA VAL C 302 25.69 -47.88 -1.52
C VAL C 302 25.54 -49.17 -2.34
N VAL C 303 26.40 -49.23 -3.36
CA VAL C 303 26.37 -50.23 -4.44
C VAL C 303 27.78 -50.69 -4.57
N PRO C 304 28.18 -51.67 -3.78
CA PRO C 304 29.63 -52.01 -3.73
C PRO C 304 30.14 -52.73 -4.93
N HIS C 305 31.38 -52.44 -5.25
CA HIS C 305 32.00 -53.05 -6.38
C HIS C 305 32.46 -54.50 -6.04
N ALA C 306 32.25 -55.38 -7.00
CA ALA C 306 32.57 -56.79 -6.82
C ALA C 306 34.04 -57.16 -7.00
N GLY C 307 34.90 -56.55 -6.19
CA GLY C 307 36.29 -56.92 -6.13
C GLY C 307 36.50 -58.31 -5.50
N GLU C 308 35.53 -58.74 -4.72
CA GLU C 308 35.50 -60.06 -4.16
C GLU C 308 34.34 -60.89 -4.72
N MET C 309 33.94 -60.52 -5.92
CA MET C 309 32.85 -61.10 -6.69
C MET C 309 31.58 -61.28 -5.84
N SER C 310 31.34 -60.31 -4.94
CA SER C 310 30.17 -60.29 -4.05
C SER C 310 30.05 -61.35 -3.00
N GLN C 311 31.09 -62.13 -2.78
CA GLN C 311 31.08 -63.09 -1.68
C GLN C 311 30.96 -62.48 -0.32
N VAL C 312 31.61 -61.31 -0.07
CA VAL C 312 31.47 -60.60 1.19
C VAL C 312 30.34 -59.58 1.09
N HIS C 313 30.27 -58.89 -0.06
CA HIS C 313 29.33 -57.78 -0.18
C HIS C 313 27.89 -58.23 -0.19
N VAL C 314 27.61 -59.53 -0.51
CA VAL C 314 26.23 -59.98 -0.35
C VAL C 314 25.76 -59.82 1.10
N HIS C 315 26.65 -60.08 2.06
CA HIS C 315 26.38 -59.89 3.50
C HIS C 315 26.16 -58.39 3.77
N LEU C 316 27.10 -57.57 3.32
CA LEU C 316 27.03 -56.14 3.67
C LEU C 316 25.82 -55.49 3.05
N SER C 317 25.44 -55.91 1.85
N SER C 317 25.44 -55.90 1.85
CA SER C 317 24.25 -55.39 1.19
CA SER C 317 24.24 -55.37 1.18
C SER C 317 22.94 -55.87 1.84
C SER C 317 22.90 -55.90 1.75
N TYR C 318 22.90 -57.11 2.30
CA TYR C 318 21.70 -57.60 3.02
C TYR C 318 21.48 -56.88 4.36
N TRP C 319 22.56 -56.32 4.92
CA TRP C 319 22.56 -55.64 6.21
C TRP C 319 22.51 -54.08 6.18
N HIS C 320 23.46 -53.46 5.54
CA HIS C 320 23.56 -52.06 5.69
C HIS C 320 22.42 -51.28 5.06
N PRO C 321 21.74 -50.43 5.84
CA PRO C 321 20.55 -49.75 5.37
C PRO C 321 20.66 -48.77 4.26
N ALA C 322 21.85 -48.36 3.89
CA ALA C 322 22.04 -47.49 2.73
C ALA C 322 22.19 -48.26 1.41
N SER C 323 22.28 -49.59 1.53
CA SER C 323 22.53 -50.47 0.43
C SER C 323 21.32 -50.53 -0.49
N THR C 324 21.57 -50.69 -1.77
CA THR C 324 20.48 -50.91 -2.73
C THR C 324 20.69 -52.24 -3.52
N ILE C 325 21.37 -52.15 -4.67
CA ILE C 325 21.56 -53.26 -5.65
C ILE C 325 22.99 -53.77 -5.62
N LEU C 326 23.24 -54.98 -6.15
CA LEU C 326 24.51 -55.61 -5.99
C LEU C 326 25.05 -56.22 -7.26
N GLU C 327 26.24 -55.79 -7.63
CA GLU C 327 26.92 -56.31 -8.82
C GLU C 327 27.00 -57.84 -8.80
N TYR C 328 26.83 -58.44 -9.99
CA TYR C 328 27.01 -59.92 -10.19
C TYR C 328 27.90 -60.27 -11.36
N ILE C 329 28.97 -61.00 -11.03
CA ILE C 329 29.90 -61.58 -11.92
C ILE C 329 30.12 -62.99 -11.38
N PRO C 330 29.80 -64.02 -12.16
CA PRO C 330 29.78 -65.36 -11.64
C PRO C 330 31.09 -66.11 -11.82
N TRP C 331 32.18 -65.39 -12.01
CA TRP C 331 33.49 -66.06 -12.19
C TRP C 331 33.99 -67.00 -11.12
N ILE C 332 33.83 -66.73 -9.84
CA ILE C 332 34.55 -67.53 -8.85
C ILE C 332 33.62 -68.22 -7.87
N LYS C 333 32.32 -67.91 -7.94
CA LYS C 333 31.39 -68.31 -6.90
C LYS C 333 31.48 -69.81 -6.64
N ASP C 334 31.60 -70.62 -7.70
CA ASP C 334 31.61 -72.06 -7.49
C ASP C 334 32.84 -72.61 -6.78
N HIS C 335 33.82 -71.75 -6.51
CA HIS C 335 34.93 -72.15 -5.74
C HIS C 335 34.84 -71.98 -4.28
N PHE C 336 33.70 -71.51 -3.77
CA PHE C 336 33.54 -71.30 -2.35
C PHE C 336 32.62 -72.29 -1.71
N GLU C 337 32.83 -72.53 -0.42
CA GLU C 337 31.93 -73.36 0.42
C GLU C 337 30.48 -72.86 0.39
N GLU C 338 30.26 -71.52 0.41
CA GLU C 338 28.96 -70.94 0.18
C GLU C 338 29.00 -69.96 -0.98
N PRO C 339 28.74 -70.47 -2.17
CA PRO C 339 28.74 -69.62 -3.33
C PRO C 339 27.63 -68.54 -3.22
N ILE C 340 27.84 -67.35 -3.78
CA ILE C 340 26.68 -66.52 -4.01
C ILE C 340 25.79 -67.24 -5.06
N HIS C 341 24.52 -66.90 -5.01
CA HIS C 341 23.57 -67.45 -5.94
C HIS C 341 22.51 -66.45 -6.23
N VAL C 342 22.22 -66.29 -7.50
CA VAL C 342 21.23 -65.34 -7.98
C VAL C 342 20.19 -66.11 -8.79
N ARG C 343 18.94 -65.86 -8.47
CA ARG C 343 17.83 -66.45 -9.21
C ARG C 343 16.84 -65.34 -9.37
N ASP C 344 16.35 -65.22 -10.60
CA ASP C 344 15.30 -64.28 -10.93
C ASP C 344 15.78 -62.86 -10.55
N GLY C 345 17.07 -62.60 -10.71
CA GLY C 345 17.58 -61.27 -10.40
C GLY C 345 17.73 -60.90 -8.95
N VAL C 346 17.67 -61.91 -8.10
CA VAL C 346 17.75 -61.70 -6.65
C VAL C 346 18.80 -62.61 -6.05
N TYR C 347 19.69 -62.02 -5.24
CA TYR C 347 20.70 -62.76 -4.51
C TYR C 347 20.06 -63.58 -3.41
N LYS C 348 20.45 -64.85 -3.31
CA LYS C 348 20.11 -65.64 -2.13
C LYS C 348 20.73 -65.07 -0.85
N ARG C 349 19.98 -65.04 0.24
CA ARG C 349 20.55 -64.66 1.53
C ARG C 349 21.48 -65.68 2.08
N PRO C 350 22.71 -65.29 2.46
CA PRO C 350 23.68 -66.36 2.91
C PRO C 350 23.20 -67.02 4.21
N GLU C 351 23.62 -68.28 4.41
CA GLU C 351 23.14 -69.11 5.51
C GLU C 351 24.25 -69.60 6.40
N GLN C 352 25.46 -69.87 5.89
CA GLN C 352 26.49 -70.47 6.73
C GLN C 352 27.19 -69.49 7.67
N PRO C 353 27.61 -69.95 8.86
CA PRO C 353 28.46 -69.07 9.68
C PRO C 353 29.64 -68.46 8.89
N GLY C 354 29.95 -67.19 9.15
CA GLY C 354 31.09 -66.54 8.53
C GLY C 354 30.72 -65.52 7.42
N ALA C 355 31.69 -65.11 6.64
CA ALA C 355 31.50 -64.08 5.62
C ALA C 355 31.53 -64.65 4.23
N SER C 356 31.28 -65.97 4.09
CA SER C 356 31.35 -66.65 2.80
C SER C 356 32.60 -66.35 1.98
N THR C 357 33.72 -66.39 2.66
CA THR C 357 35.02 -66.19 2.06
C THR C 357 35.84 -67.52 2.02
N THR C 358 35.28 -68.57 2.61
CA THR C 358 36.07 -69.83 2.72
C THR C 358 36.07 -70.57 1.40
N PRO C 359 37.23 -70.72 0.77
CA PRO C 359 37.16 -71.48 -0.47
C PRO C 359 37.11 -72.95 -0.17
N LEU C 360 36.60 -73.67 -1.14
CA LEU C 360 36.67 -75.15 -1.12
C LEU C 360 38.11 -75.64 -1.07
N ALA C 361 38.39 -76.69 -0.31
CA ALA C 361 39.77 -77.23 -0.31
C ALA C 361 40.35 -77.51 -1.68
N GLU C 362 39.54 -77.99 -2.62
CA GLU C 362 40.05 -78.37 -3.92
C GLU C 362 40.31 -77.18 -4.86
N SER C 363 39.78 -76.01 -4.52
CA SER C 363 40.10 -74.86 -5.33
C SER C 363 41.56 -74.43 -5.05
N PHE C 364 42.06 -74.52 -3.84
CA PHE C 364 43.53 -74.44 -3.67
C PHE C 364 44.28 -75.51 -4.54
N THR C 365 43.79 -76.73 -4.53
CA THR C 365 44.46 -77.78 -5.30
C THR C 365 44.56 -77.43 -6.73
N ARG C 366 43.48 -77.07 -7.37
CA ARG C 366 43.56 -76.86 -8.74
C ARG C 366 44.12 -75.46 -9.09
N TYR C 367 43.94 -74.43 -8.24
CA TYR C 367 44.12 -73.04 -8.74
C TYR C 367 45.10 -72.22 -7.94
N GLY C 368 45.65 -72.82 -6.90
CA GLY C 368 46.57 -72.21 -6.00
C GLY C 368 47.90 -71.93 -6.67
N LYS C 369 48.59 -70.88 -6.23
CA LYS C 369 49.89 -70.49 -6.79
C LYS C 369 50.81 -70.32 -5.64
N ALA C 370 52.08 -70.70 -5.81
CA ALA C 370 53.04 -70.54 -4.75
C ALA C 370 53.29 -69.06 -4.35
N VAL C 371 53.33 -68.77 -3.07
CA VAL C 371 53.54 -67.39 -2.61
C VAL C 371 54.99 -66.97 -2.69
N LYS C 372 55.91 -67.90 -2.75
CA LYS C 372 57.35 -67.58 -2.94
C LYS C 372 57.81 -68.59 -4.00
N MET D 1 11.89 48.95 37.66
CA MET D 1 12.98 49.95 37.40
C MET D 1 12.35 51.32 37.10
N LYS D 2 13.15 52.35 37.19
CA LYS D 2 12.65 53.72 36.99
C LYS D 2 12.33 54.07 35.56
N ILE D 3 11.20 54.72 35.44
CA ILE D 3 10.76 55.24 34.21
C ILE D 3 11.59 56.48 33.79
N THR D 4 12.18 56.44 32.61
CA THR D 4 13.05 57.54 32.16
C THR D 4 12.46 58.30 31.03
N ALA D 5 11.51 57.74 30.29
CA ALA D 5 10.85 58.53 29.26
C ALA D 5 9.45 57.97 28.99
N VAL D 6 8.57 58.86 28.52
CA VAL D 6 7.23 58.52 28.01
C VAL D 6 7.01 59.24 26.69
N GLU D 7 6.85 58.49 25.61
CA GLU D 7 6.83 59.10 24.32
C GLU D 7 5.56 58.64 23.57
N PRO D 8 4.65 59.57 23.32
CA PRO D 8 3.42 59.15 22.62
C PRO D 8 3.66 58.93 21.13
N PHE D 9 2.78 58.18 20.48
CA PHE D 9 2.86 57.97 19.06
C PHE D 9 1.46 57.70 18.51
N ILE D 10 1.31 57.99 17.22
CA ILE D 10 0.15 57.71 16.46
C ILE D 10 0.60 57.06 15.16
N LEU D 11 0.03 55.89 14.86
CA LEU D 11 0.09 55.26 13.56
C LEU D 11 -1.26 55.23 12.89
N HIS D 12 -1.34 55.61 11.64
CA HIS D 12 -2.55 55.42 10.85
C HIS D 12 -2.30 54.31 9.81
N LEU D 13 -2.80 53.11 10.07
CA LEU D 13 -2.49 51.92 9.27
C LEU D 13 -3.63 51.61 8.31
N PRO D 14 -3.31 51.35 7.02
CA PRO D 14 -4.34 51.00 6.02
C PRO D 14 -5.07 49.66 6.25
N LEU D 15 -6.28 49.53 5.71
CA LEU D 15 -7.12 48.32 5.94
C LEU D 15 -7.06 47.31 4.79
N THR D 16 -7.78 46.17 4.90
CA THR D 16 -7.91 45.14 3.83
C THR D 16 -8.51 45.70 2.54
N SER D 17 -9.37 46.70 2.68
CA SER D 17 -10.02 47.40 1.58
C SER D 17 -9.77 48.89 1.78
N GLU D 18 -10.08 49.67 0.75
CA GLU D 18 -9.85 51.12 0.81
C GLU D 18 -10.73 51.76 1.91
N SER D 19 -11.95 51.29 2.06
CA SER D 19 -12.89 51.77 3.10
C SER D 19 -13.71 50.56 3.56
N ILE D 20 -14.08 50.51 4.84
CA ILE D 20 -15.04 49.51 5.31
C ILE D 20 -16.06 50.27 6.17
N SER D 21 -17.27 49.70 6.25
CA SER D 21 -18.33 50.24 7.06
C SER D 21 -18.99 49.12 7.88
N ASP D 22 -19.43 49.51 9.06
CA ASP D 22 -20.46 48.75 9.82
C ASP D 22 -21.76 49.60 9.82
N SER D 23 -22.71 49.35 10.74
CA SER D 23 -23.95 50.17 10.81
C SER D 23 -23.78 51.67 11.05
N THR D 24 -22.67 52.07 11.66
CA THR D 24 -22.52 53.42 12.28
C THR D 24 -21.26 54.18 11.77
N HIS D 25 -20.23 53.43 11.40
CA HIS D 25 -18.92 54.05 11.05
C HIS D 25 -18.46 53.61 9.63
N SER D 26 -17.75 54.53 8.93
CA SER D 26 -17.00 54.20 7.68
C SER D 26 -15.56 54.70 7.88
N ILE D 27 -14.59 53.85 7.63
CA ILE D 27 -13.21 54.14 7.98
C ILE D 27 -12.25 53.70 6.86
N THR D 28 -11.12 54.41 6.72
CA THR D 28 -10.06 54.04 5.78
C THR D 28 -8.74 53.59 6.41
N HIS D 29 -8.52 53.87 7.71
CA HIS D 29 -7.32 53.53 8.42
C HIS D 29 -7.70 53.20 9.81
N TRP D 30 -6.85 52.42 10.46
CA TRP D 30 -7.02 52.10 11.83
C TRP D 30 -5.97 52.93 12.61
N GLY D 31 -6.40 53.59 13.67
CA GLY D 31 -5.47 54.30 14.54
C GLY D 31 -4.91 53.48 15.68
N VAL D 32 -3.60 53.43 15.75
CA VAL D 32 -2.90 52.82 16.83
C VAL D 32 -2.23 54.02 17.53
N VAL D 33 -2.78 54.39 18.69
CA VAL D 33 -2.45 55.61 19.39
C VAL D 33 -2.02 55.25 20.77
N GLY D 34 -0.78 55.58 21.09
CA GLY D 34 -0.30 55.10 22.33
C GLY D 34 1.00 55.71 22.82
N ALA D 35 1.65 54.96 23.68
CA ALA D 35 2.87 55.46 24.29
C ALA D 35 3.95 54.38 24.32
N LYS D 36 5.19 54.88 24.23
CA LYS D 36 6.36 54.06 24.46
C LYS D 36 6.94 54.55 25.73
N ILE D 37 7.18 53.64 26.65
CA ILE D 37 7.68 53.96 27.96
C ILE D 37 9.00 53.23 28.17
N THR D 38 10.04 54.01 28.54
CA THR D 38 11.42 53.45 28.65
C THR D 38 11.80 53.51 30.11
N THR D 39 12.43 52.44 30.56
CA THR D 39 12.97 52.36 31.87
C THR D 39 14.50 52.48 31.87
N SER D 40 15.05 52.59 33.08
CA SER D 40 16.49 52.92 33.26
C SER D 40 17.41 51.79 32.78
N ASP D 41 16.88 50.59 32.68
CA ASP D 41 17.61 49.46 32.12
C ASP D 41 17.51 49.35 30.63
N GLY D 42 16.86 50.29 29.95
CA GLY D 42 16.86 50.29 28.50
C GLY D 42 15.66 49.56 27.91
N ILE D 43 14.87 48.94 28.79
CA ILE D 43 13.63 48.30 28.27
C ILE D 43 12.61 49.32 27.79
N GLU D 44 12.00 49.00 26.65
CA GLU D 44 10.98 49.86 26.04
C GLU D 44 9.66 49.09 26.00
N GLY D 45 8.65 49.62 26.67
CA GLY D 45 7.30 49.02 26.54
C GLY D 45 6.39 49.88 25.70
N TYR D 46 5.41 49.23 25.07
CA TYR D 46 4.49 49.89 24.19
C TYR D 46 3.10 49.50 24.57
N GLY D 47 2.21 50.47 24.53
CA GLY D 47 0.77 50.26 24.74
C GLY D 47 0.00 51.23 23.93
N PHE D 48 -1.22 50.86 23.56
CA PHE D 48 -2.00 51.70 22.71
C PHE D 48 -3.47 51.41 22.79
N THR D 49 -4.24 52.40 22.41
CA THR D 49 -5.68 52.27 22.23
C THR D 49 -5.93 52.15 20.74
N GLY D 50 -7.19 51.93 20.34
CA GLY D 50 -7.51 51.75 18.95
C GLY D 50 -8.58 52.77 18.53
N THR D 51 -8.33 53.61 17.52
CA THR D 51 -9.23 54.64 17.09
C THR D 51 -9.56 54.51 15.63
N HIS D 52 -10.52 55.30 15.19
CA HIS D 52 -10.83 55.41 13.78
C HIS D 52 -9.92 56.42 12.95
N ALA D 53 -8.75 56.73 13.49
CA ALA D 53 -7.73 57.51 12.86
C ALA D 53 -8.23 58.87 12.46
N HIS D 54 -8.88 59.54 13.37
CA HIS D 54 -9.29 60.92 13.17
C HIS D 54 -8.23 61.74 13.93
N LEU D 55 -7.29 62.33 13.16
CA LEU D 55 -6.06 62.86 13.75
C LEU D 55 -6.27 63.92 14.89
N PRO D 56 -7.27 64.78 14.78
CA PRO D 56 -7.44 65.78 15.83
C PRO D 56 -7.80 65.17 17.20
N SER D 57 -8.59 64.09 17.17
CA SER D 57 -8.91 63.43 18.46
C SER D 57 -7.83 62.42 18.87
N ASP D 58 -7.14 61.76 17.94
CA ASP D 58 -5.94 61.00 18.28
C ASP D 58 -4.97 61.86 19.11
N ARG D 59 -4.80 63.13 18.73
CA ARG D 59 -3.87 63.97 19.41
C ARG D 59 -4.35 64.40 20.77
N LEU D 60 -5.67 64.30 21.01
CA LEU D 60 -6.13 64.51 22.43
C LEU D 60 -5.57 63.42 23.35
N ILE D 61 -5.62 62.19 22.82
CA ILE D 61 -5.10 61.01 23.52
C ILE D 61 -3.61 61.17 23.77
N THR D 62 -2.83 61.47 22.72
CA THR D 62 -1.37 61.61 22.91
C THR D 62 -1.03 62.79 23.85
N SER D 63 -1.74 63.90 23.73
CA SER D 63 -1.51 65.03 24.63
C SER D 63 -1.83 64.69 26.08
N CYS D 64 -2.88 63.90 26.29
CA CYS D 64 -3.16 63.47 27.66
C CYS D 64 -1.96 62.62 28.17
N ILE D 65 -1.40 61.75 27.30
CA ILE D 65 -0.27 60.97 27.74
C ILE D 65 0.92 61.85 28.07
N SER D 66 1.26 62.73 27.15
CA SER D 66 2.49 63.56 27.37
C SER D 66 2.35 64.63 28.42
N ASP D 67 1.21 65.28 28.45
CA ASP D 67 1.10 66.50 29.25
C ASP D 67 0.45 66.29 30.57
N CYS D 68 -0.41 65.27 30.65
CA CYS D 68 -1.12 64.95 31.87
C CYS D 68 -0.50 63.75 32.62
N TYR D 69 -0.20 62.63 31.95
CA TYR D 69 0.28 61.45 32.63
C TYR D 69 1.79 61.35 32.77
N ALA D 70 2.53 61.77 31.74
CA ALA D 70 4.00 61.62 31.76
C ALA D 70 4.65 62.20 33.02
N PRO D 71 4.18 63.40 33.50
CA PRO D 71 4.77 63.92 34.69
C PRO D 71 4.49 63.09 35.92
N LEU D 72 3.39 62.32 35.92
CA LEU D 72 3.09 61.42 37.02
C LEU D 72 3.82 60.10 36.92
N LEU D 73 4.36 59.81 35.74
CA LEU D 73 5.15 58.61 35.54
C LEU D 73 6.68 58.70 35.67
N LEU D 74 7.26 59.82 35.25
CA LEU D 74 8.70 59.95 35.22
C LEU D 74 9.29 59.77 36.56
N GLY D 75 10.26 58.87 36.67
CA GLY D 75 10.92 58.66 37.93
C GLY D 75 10.27 57.64 38.84
N GLU D 76 9.09 57.13 38.46
CA GLU D 76 8.45 56.11 39.24
C GLU D 76 8.90 54.73 38.84
N ASP D 77 8.77 53.78 39.75
CA ASP D 77 9.17 52.40 39.44
C ASP D 77 8.09 51.75 38.51
N ALA D 78 8.46 51.35 37.31
CA ALA D 78 7.53 50.79 36.37
C ALA D 78 6.90 49.49 36.86
N SER D 79 7.60 48.78 37.74
CA SER D 79 7.13 47.58 38.36
C SER D 79 5.75 47.77 39.03
N ASP D 80 5.50 48.98 39.51
CA ASP D 80 4.38 49.22 40.37
C ASP D 80 3.14 49.54 39.57
N HIS D 81 2.78 48.67 38.63
CA HIS D 81 1.71 49.03 37.69
C HIS D 81 0.34 49.20 38.36
N SER D 82 0.09 48.48 39.45
N SER D 82 0.09 48.49 39.44
CA SER D 82 -1.23 48.54 40.11
CA SER D 82 -1.22 48.57 40.06
C SER D 82 -1.33 49.86 40.88
C SER D 82 -1.32 49.88 40.86
N ARG D 83 -0.23 50.24 41.55
CA ARG D 83 -0.16 51.57 42.25
C ARG D 83 -0.27 52.69 41.25
N LEU D 84 0.40 52.57 40.10
CA LEU D 84 0.45 53.65 39.13
C LEU D 84 -0.86 53.79 38.38
N TRP D 85 -1.59 52.67 38.27
CA TRP D 85 -2.95 52.74 37.71
C TRP D 85 -3.84 53.72 38.50
N THR D 86 -3.87 53.52 39.80
CA THR D 86 -4.68 54.38 40.70
C THR D 86 -4.09 55.82 40.65
N LYS D 87 -2.77 55.93 40.64
CA LYS D 87 -2.13 57.25 40.66
C LYS D 87 -2.66 58.11 39.49
N LEU D 88 -2.74 57.49 38.33
CA LEU D 88 -3.15 58.22 37.16
C LEU D 88 -4.65 58.33 37.06
N ALA D 89 -5.35 57.19 37.22
CA ALA D 89 -6.81 57.16 37.03
C ALA D 89 -7.54 58.07 37.98
N ARG D 90 -7.06 58.15 39.20
CA ARG D 90 -7.80 58.84 40.23
C ARG D 90 -7.07 60.12 40.62
N TYR D 91 -6.11 60.54 39.80
CA TYR D 91 -5.48 61.87 40.05
C TYR D 91 -6.58 62.93 40.09
N PRO D 92 -6.71 63.68 41.18
CA PRO D 92 -8.04 64.30 41.32
C PRO D 92 -8.53 65.19 40.20
N SER D 93 -7.67 66.05 39.69
CA SER D 93 -8.08 66.97 38.71
C SER D 93 -8.27 66.32 37.35
N LEU D 94 -7.65 65.17 37.15
CA LEU D 94 -7.87 64.42 35.93
C LEU D 94 -9.12 63.59 36.03
N GLN D 95 -9.32 62.96 37.19
CA GLN D 95 -10.60 62.26 37.43
C GLN D 95 -11.77 63.20 37.19
N TRP D 96 -11.66 64.49 37.56
CA TRP D 96 -12.73 65.41 37.37
C TRP D 96 -13.17 65.56 35.98
N VAL D 97 -12.25 65.36 35.02
CA VAL D 97 -12.61 65.47 33.66
C VAL D 97 -12.55 64.07 32.96
N GLY D 98 -12.74 63.02 33.73
CA GLY D 98 -12.36 61.69 33.33
C GLY D 98 -13.34 60.65 33.78
N ARG D 99 -12.79 59.49 34.17
CA ARG D 99 -13.51 58.24 34.47
C ARG D 99 -13.96 57.54 33.20
N ALA D 100 -13.81 58.16 32.05
CA ALA D 100 -14.27 57.66 30.79
C ALA D 100 -13.77 58.56 29.69
N GLY D 101 -13.91 58.14 28.46
CA GLY D 101 -13.45 58.89 27.28
C GLY D 101 -11.95 59.04 27.20
N ILE D 102 -11.51 60.22 26.75
CA ILE D 102 -10.09 60.45 26.38
C ILE D 102 -9.11 60.08 27.47
N THR D 103 -9.36 60.54 28.70
CA THR D 103 -8.43 60.25 29.73
C THR D 103 -8.26 58.75 29.98
N HIS D 104 -9.36 58.03 29.87
CA HIS D 104 -9.33 56.57 30.11
C HIS D 104 -8.62 55.82 29.00
N LEU D 105 -8.79 56.31 27.77
CA LEU D 105 -8.13 55.73 26.62
C LEU D 105 -6.64 55.91 26.68
N ALA D 106 -6.24 57.09 27.15
CA ALA D 106 -4.82 57.34 27.38
C ALA D 106 -4.29 56.55 28.50
N LEU D 107 -5.09 56.29 29.55
CA LEU D 107 -4.70 55.45 30.67
C LEU D 107 -4.46 54.00 30.22
N ALA D 108 -5.32 53.53 29.28
CA ALA D 108 -5.22 52.20 28.74
C ALA D 108 -3.87 52.01 28.10
N ALA D 109 -3.48 52.94 27.25
CA ALA D 109 -2.18 52.87 26.56
C ALA D 109 -1.02 52.78 27.53
N VAL D 110 -1.04 53.60 28.57
CA VAL D 110 0.00 53.58 29.56
C VAL D 110 0.06 52.25 30.32
N ASP D 111 -1.11 51.78 30.75
CA ASP D 111 -1.16 50.57 31.54
C ASP D 111 -0.57 49.40 30.73
N VAL D 112 -1.01 49.28 29.49
CA VAL D 112 -0.53 48.18 28.64
C VAL D 112 1.00 48.23 28.44
N ALA D 113 1.52 49.44 28.25
CA ALA D 113 2.97 49.64 28.20
C ALA D 113 3.70 49.12 29.42
N LEU D 114 3.15 49.37 30.56
CA LEU D 114 3.78 48.92 31.80
C LEU D 114 3.78 47.39 31.91
N TRP D 115 2.71 46.77 31.48
CA TRP D 115 2.64 45.31 31.43
C TRP D 115 3.62 44.72 30.40
N ASP D 116 3.79 45.42 29.29
CA ASP D 116 4.70 44.97 28.22
C ASP D 116 6.12 45.01 28.85
N ILE D 117 6.44 46.10 29.55
CA ILE D 117 7.72 46.18 30.31
C ILE D 117 7.89 44.99 31.30
N LYS D 118 6.88 44.73 32.11
CA LYS D 118 6.93 43.68 33.06
C LYS D 118 7.26 42.31 32.44
N ALA D 119 6.58 41.97 31.36
CA ALA D 119 6.81 40.68 30.71
C ALA D 119 8.16 40.64 29.98
N LYS D 120 8.52 41.76 29.38
CA LYS D 120 9.87 41.92 28.77
C LYS D 120 10.97 41.75 29.79
N LYS D 121 10.82 42.32 30.96
CA LYS D 121 11.81 42.23 32.00
C LYS D 121 11.92 40.83 32.48
N ALA D 122 10.80 40.11 32.53
CA ALA D 122 10.77 38.71 32.95
C ALA D 122 11.29 37.71 31.89
N GLY D 123 11.41 38.20 30.65
CA GLY D 123 11.89 37.45 29.54
C GLY D 123 10.91 36.46 28.94
N VAL D 124 9.60 36.71 29.04
CA VAL D 124 8.59 35.75 28.62
C VAL D 124 7.36 36.47 28.03
N PRO D 125 6.61 35.79 27.14
CA PRO D 125 5.35 36.37 26.66
C PRO D 125 4.32 36.51 27.82
N LEU D 126 3.48 37.52 27.72
CA LEU D 126 2.54 37.83 28.80
C LEU D 126 1.69 36.67 29.25
N TRP D 127 1.17 35.85 28.31
CA TRP D 127 0.27 34.77 28.74
C TRP D 127 1.03 33.87 29.69
N HIS D 128 2.32 33.69 29.45
CA HIS D 128 3.12 32.81 30.29
C HIS D 128 3.43 33.49 31.66
N TYR D 129 3.79 34.77 31.60
CA TYR D 129 4.00 35.54 32.76
C TYR D 129 2.85 35.43 33.77
N LEU D 130 1.63 35.50 33.26
CA LEU D 130 0.41 35.57 34.05
C LEU D 130 0.04 34.24 34.64
N GLY D 131 0.64 33.16 34.16
CA GLY D 131 0.43 31.89 34.84
C GLY D 131 0.17 30.64 33.98
N GLY D 132 0.35 30.80 32.68
CA GLY D 132 0.30 29.64 31.73
C GLY D 132 -1.04 29.55 31.02
N ALA D 133 -1.09 28.61 30.10
CA ALA D 133 -2.19 28.49 29.14
C ALA D 133 -3.36 27.74 29.71
N ARG D 134 -4.56 28.26 29.47
CA ARG D 134 -5.80 27.58 29.85
C ARG D 134 -6.35 26.67 28.76
N THR D 135 -5.81 26.77 27.54
CA THR D 135 -6.26 25.92 26.48
C THR D 135 -5.07 25.50 25.61
N ALA D 136 -5.25 24.37 24.93
CA ALA D 136 -4.32 23.95 23.89
C ALA D 136 -4.44 24.74 22.59
N GLY D 137 -5.55 25.45 22.37
CA GLY D 137 -5.64 26.28 21.21
C GLY D 137 -6.80 27.26 21.29
N VAL D 138 -6.50 28.53 21.14
CA VAL D 138 -7.55 29.54 21.08
C VAL D 138 -8.12 29.64 19.65
N GLU D 139 -9.41 29.35 19.46
CA GLU D 139 -10.00 29.46 18.18
C GLU D 139 -10.32 30.89 17.80
N ALA D 140 -10.15 31.17 16.50
CA ALA D 140 -10.42 32.46 15.91
C ALA D 140 -11.78 32.55 15.30
N TYR D 141 -12.42 33.74 15.25
CA TYR D 141 -13.50 33.93 14.41
C TYR D 141 -13.21 35.12 13.53
N ASN D 142 -13.66 35.04 12.28
CA ASN D 142 -13.29 36.01 11.29
C ASN D 142 -14.32 37.09 11.14
N THR D 143 -13.95 38.32 11.51
CA THR D 143 -14.82 39.48 11.34
C THR D 143 -14.62 40.24 10.03
N ASP D 144 -13.47 40.07 9.43
CA ASP D 144 -13.09 40.88 8.27
C ASP D 144 -13.82 40.55 7.02
N ILE D 145 -14.57 39.42 7.02
CA ILE D 145 -15.30 39.03 5.82
C ILE D 145 -16.73 39.58 5.82
N GLY D 146 -17.07 40.22 6.94
CA GLY D 146 -18.48 40.51 7.25
C GLY D 146 -19.03 41.93 7.26
N TRP D 147 -18.21 42.86 6.82
CA TRP D 147 -18.58 44.28 6.82
C TRP D 147 -19.89 44.60 6.12
N LEU D 148 -20.63 45.57 6.66
CA LEU D 148 -21.90 45.98 6.12
C LEU D 148 -21.76 46.64 4.77
N SER D 149 -20.58 47.17 4.47
CA SER D 149 -20.29 47.80 3.18
C SER D 149 -20.18 46.76 2.07
N PHE D 150 -20.07 45.47 2.40
CA PHE D 150 -19.96 44.47 1.38
C PHE D 150 -21.30 44.28 0.67
N THR D 151 -21.29 44.24 -0.66
CA THR D 151 -22.47 43.80 -1.39
C THR D 151 -22.74 42.33 -1.03
N LEU D 152 -23.95 41.88 -1.25
CA LEU D 152 -24.20 40.47 -0.94
C LEU D 152 -23.26 39.51 -1.68
N GLU D 153 -23.00 39.75 -2.98
CA GLU D 153 -22.03 38.92 -3.68
C GLU D 153 -20.67 38.82 -2.96
N ASP D 154 -20.14 39.94 -2.53
CA ASP D 154 -18.84 39.99 -1.87
C ASP D 154 -18.89 39.38 -0.45
N LEU D 155 -19.97 39.58 0.26
CA LEU D 155 -20.19 38.95 1.58
C LEU D 155 -20.11 37.45 1.45
N LEU D 156 -20.86 36.90 0.49
CA LEU D 156 -20.86 35.47 0.22
C LEU D 156 -19.51 34.96 -0.22
N ALA D 157 -18.82 35.70 -1.06
CA ALA D 157 -17.58 35.16 -1.60
C ALA D 157 -16.50 35.16 -0.57
N GLY D 158 -16.43 36.24 0.21
CA GLY D 158 -15.48 36.29 1.31
C GLY D 158 -15.77 35.27 2.42
N SER D 159 -17.05 35.10 2.77
CA SER D 159 -17.43 34.14 3.79
C SER D 159 -17.02 32.70 3.33
N ALA D 160 -17.35 32.41 2.07
CA ALA D 160 -17.00 31.13 1.47
C ALA D 160 -15.50 30.90 1.45
N ARG D 161 -14.71 31.91 1.12
CA ARG D 161 -13.30 31.79 1.08
C ARG D 161 -12.72 31.53 2.47
N ALA D 162 -13.16 32.30 3.46
CA ALA D 162 -12.71 32.08 4.82
C ALA D 162 -12.91 30.67 5.27
N VAL D 163 -14.05 30.07 4.93
CA VAL D 163 -14.37 28.78 5.42
C VAL D 163 -13.73 27.68 4.57
N GLU D 164 -13.78 27.85 3.26
CA GLU D 164 -13.38 26.77 2.29
C GLU D 164 -11.93 26.77 1.95
N GLU D 165 -11.30 27.93 1.96
CA GLU D 165 -9.87 28.04 1.69
C GLU D 165 -9.08 28.28 2.95
N ASP D 166 -9.55 29.13 3.90
CA ASP D 166 -8.70 29.54 4.99
C ASP D 166 -8.90 28.82 6.33
N GLY D 167 -9.78 27.84 6.38
CA GLY D 167 -9.95 27.02 7.54
C GLY D 167 -10.64 27.65 8.74
N PHE D 168 -11.31 28.77 8.56
CA PHE D 168 -12.24 29.25 9.62
C PHE D 168 -13.48 28.43 9.72
N THR D 169 -13.93 28.19 10.95
CA THR D 169 -15.23 27.65 11.22
C THR D 169 -16.18 28.56 12.02
N ARG D 170 -15.80 29.82 12.12
CA ARG D 170 -16.53 30.77 12.91
C ARG D 170 -16.34 32.10 12.19
N LEU D 171 -17.44 32.77 11.94
CA LEU D 171 -17.49 34.08 11.32
C LEU D 171 -18.35 35.08 12.17
N LYS D 172 -18.15 36.37 11.92
CA LYS D 172 -19.05 37.39 12.46
C LYS D 172 -19.39 38.31 11.32
N ILE D 173 -20.69 38.51 11.15
CA ILE D 173 -21.26 39.36 10.14
C ILE D 173 -21.98 40.59 10.69
N LYS D 174 -21.69 41.74 10.12
CA LYS D 174 -22.38 42.97 10.52
C LYS D 174 -23.80 43.01 10.07
N VAL D 175 -24.63 43.60 10.91
CA VAL D 175 -26.02 43.88 10.56
C VAL D 175 -26.25 45.33 10.91
N GLY D 176 -27.41 45.82 10.53
CA GLY D 176 -27.70 47.25 10.81
C GLY D 176 -28.27 48.05 9.71
N HIS D 177 -28.89 47.41 8.72
CA HIS D 177 -29.61 48.19 7.68
C HIS D 177 -30.80 48.82 8.39
N ASP D 178 -31.25 49.95 7.88
CA ASP D 178 -32.45 50.61 8.38
C ASP D 178 -33.63 49.68 8.45
N ASP D 179 -33.82 48.83 7.45
CA ASP D 179 -34.75 47.70 7.53
C ASP D 179 -33.98 46.36 7.82
N PRO D 180 -34.17 45.77 8.99
CA PRO D 180 -33.43 44.57 9.33
C PRO D 180 -33.76 43.40 8.47
N ASN D 181 -34.90 43.41 7.79
CA ASN D 181 -35.18 42.33 6.88
C ASN D 181 -34.12 42.19 5.76
N ILE D 182 -33.41 43.26 5.44
CA ILE D 182 -32.29 43.18 4.48
C ILE D 182 -31.16 42.37 5.09
N ASP D 183 -30.94 42.56 6.42
CA ASP D 183 -29.99 41.72 7.16
C ASP D 183 -30.41 40.29 7.21
N ILE D 184 -31.70 40.06 7.43
CA ILE D 184 -32.17 38.72 7.47
C ILE D 184 -31.90 38.06 6.06
N ALA D 185 -32.14 38.78 4.99
CA ALA D 185 -31.90 38.22 3.66
C ALA D 185 -30.42 37.88 3.43
N ARG D 186 -29.52 38.76 3.89
CA ARG D 186 -28.08 38.54 3.80
C ARG D 186 -27.63 37.36 4.57
N LEU D 187 -28.10 37.24 5.82
CA LEU D 187 -27.70 36.11 6.65
C LEU D 187 -28.25 34.80 6.12
N THR D 188 -29.46 34.88 5.58
CA THR D 188 -30.13 33.69 5.03
C THR D 188 -29.26 33.18 3.86
N ALA D 189 -28.81 34.08 3.04
CA ALA D 189 -27.91 33.74 1.95
C ALA D 189 -26.56 33.18 2.37
N VAL D 190 -25.98 33.70 3.44
CA VAL D 190 -24.75 33.18 3.93
C VAL D 190 -24.94 31.80 4.50
N ARG D 191 -26.04 31.59 5.16
CA ARG D 191 -26.31 30.28 5.72
C ARG D 191 -26.58 29.18 4.65
N GLU D 192 -27.20 29.57 3.53
CA GLU D 192 -27.37 28.65 2.39
C GLU D 192 -26.01 28.36 1.72
N ARG D 193 -25.08 29.29 1.74
CA ARG D 193 -23.85 29.18 1.00
C ARG D 193 -22.85 28.38 1.75
N VAL D 194 -22.70 28.60 3.05
CA VAL D 194 -21.64 27.87 3.76
C VAL D 194 -22.19 26.67 4.47
N ASP D 195 -21.30 25.80 4.89
CA ASP D 195 -21.64 24.58 5.64
C ASP D 195 -22.34 24.90 6.96
N SER D 196 -23.27 24.04 7.34
CA SER D 196 -24.07 24.24 8.53
C SER D 196 -23.21 24.22 9.80
N ALA D 197 -22.03 23.62 9.76
CA ALA D 197 -21.14 23.58 10.93
C ALA D 197 -20.36 24.92 11.21
N VAL D 198 -20.56 25.87 10.33
CA VAL D 198 -19.91 27.13 10.47
C VAL D 198 -20.75 27.91 11.49
N ARG D 199 -20.08 28.45 12.51
CA ARG D 199 -20.75 29.29 13.48
C ARG D 199 -20.73 30.73 12.95
N ILE D 200 -21.86 31.43 13.07
CA ILE D 200 -22.02 32.79 12.62
C ILE D 200 -22.65 33.70 13.70
N ALA D 201 -21.83 34.62 14.18
CA ALA D 201 -22.25 35.72 15.05
C ALA D 201 -22.57 36.93 14.23
N ILE D 202 -23.34 37.84 14.83
CA ILE D 202 -23.70 39.08 14.17
C ILE D 202 -23.41 40.32 15.09
N ASP D 203 -23.33 41.48 14.52
CA ASP D 203 -22.93 42.67 15.27
C ASP D 203 -23.69 43.82 14.69
N GLY D 204 -24.47 44.52 15.55
CA GLY D 204 -25.25 45.67 15.08
C GLY D 204 -24.62 47.02 15.33
N ASN D 205 -23.52 47.05 16.10
CA ASN D 205 -22.81 48.27 16.48
C ASN D 205 -23.74 49.37 17.05
N GLY D 206 -24.71 48.94 17.82
CA GLY D 206 -25.63 49.87 18.49
C GLY D 206 -26.61 50.62 17.68
N LYS D 207 -27.03 50.10 16.55
CA LYS D 207 -27.80 50.89 15.57
C LYS D 207 -29.26 50.94 15.93
N TRP D 208 -29.78 49.84 16.43
CA TRP D 208 -31.24 49.68 16.54
C TRP D 208 -31.82 49.99 17.94
N ASP D 209 -33.14 50.16 17.97
CA ASP D 209 -33.88 50.27 19.24
C ASP D 209 -34.49 48.91 19.67
N LEU D 210 -35.01 48.87 20.92
CA LEU D 210 -35.55 47.70 21.46
C LEU D 210 -36.62 46.99 20.57
N PRO D 211 -37.65 47.71 20.16
CA PRO D 211 -38.65 46.97 19.44
C PRO D 211 -38.08 46.44 18.11
N THR D 212 -37.22 47.18 17.45
CA THR D 212 -36.66 46.71 16.17
C THR D 212 -35.86 45.40 16.40
N CYS D 213 -35.08 45.38 17.49
CA CYS D 213 -34.33 44.20 17.87
C CYS D 213 -35.25 43.04 18.19
N GLN D 214 -36.36 43.25 18.87
CA GLN D 214 -37.19 42.14 19.27
C GLN D 214 -37.71 41.46 17.98
N ARG D 215 -38.14 42.29 17.07
CA ARG D 215 -38.67 41.74 15.80
C ARG D 215 -37.60 41.01 15.02
N PHE D 216 -36.42 41.60 14.88
CA PHE D 216 -35.33 40.98 14.15
C PHE D 216 -34.90 39.65 14.76
N CYS D 217 -34.80 39.60 16.09
CA CYS D 217 -34.43 38.35 16.73
C CYS D 217 -35.44 37.26 16.49
N ALA D 218 -36.72 37.59 16.51
CA ALA D 218 -37.74 36.57 16.24
C ALA D 218 -37.60 36.11 14.76
N ALA D 219 -37.32 37.05 13.90
CA ALA D 219 -37.17 36.74 12.44
C ALA D 219 -35.93 35.87 12.13
N ALA D 220 -34.91 35.95 12.98
CA ALA D 220 -33.65 35.24 12.86
C ALA D 220 -33.60 33.89 13.57
N LYS D 221 -34.76 33.45 14.04
CA LYS D 221 -34.84 32.22 14.85
C LYS D 221 -34.35 30.94 14.21
N ASP D 222 -34.39 30.84 12.92
CA ASP D 222 -33.86 29.65 12.25
C ASP D 222 -32.48 29.81 11.66
N LEU D 223 -31.85 30.97 11.78
CA LEU D 223 -30.54 31.22 11.14
C LEU D 223 -29.36 30.79 12.02
N ASP D 224 -29.62 30.22 13.21
CA ASP D 224 -28.57 29.69 14.13
C ASP D 224 -27.49 30.76 14.37
N ILE D 225 -27.95 31.87 14.90
CA ILE D 225 -27.07 33.02 15.20
C ILE D 225 -26.35 32.80 16.57
N TYR D 226 -25.03 32.80 16.54
CA TYR D 226 -24.22 32.48 17.66
C TYR D 226 -24.28 33.51 18.83
N TRP D 227 -24.26 34.80 18.47
CA TRP D 227 -24.54 35.91 19.38
C TRP D 227 -24.93 37.12 18.58
N PHE D 228 -25.61 38.12 19.21
CA PHE D 228 -25.96 39.35 18.59
C PHE D 228 -25.21 40.39 19.41
N GLU D 229 -24.20 41.02 18.80
CA GLU D 229 -23.31 41.99 19.46
C GLU D 229 -23.83 43.41 19.31
N GLU D 230 -23.75 44.13 20.41
CA GLU D 230 -24.16 45.49 20.50
C GLU D 230 -25.48 45.79 19.80
N PRO D 231 -26.54 45.12 20.24
CA PRO D 231 -27.80 45.26 19.55
C PRO D 231 -28.40 46.65 19.69
N LEU D 232 -28.12 47.27 20.81
CA LEU D 232 -28.79 48.48 21.24
C LEU D 232 -27.85 49.56 21.65
N TRP D 233 -28.38 50.74 22.00
CA TRP D 233 -27.53 51.84 22.45
C TRP D 233 -26.59 51.46 23.60
N TYR D 234 -25.34 51.88 23.48
CA TYR D 234 -24.22 51.31 24.27
C TYR D 234 -24.43 51.48 25.75
N ASP D 235 -25.03 52.59 26.13
CA ASP D 235 -25.17 52.91 27.55
C ASP D 235 -26.54 52.58 28.13
N ASP D 236 -27.38 51.86 27.38
CA ASP D 236 -28.77 51.55 27.80
C ASP D 236 -28.87 50.14 28.34
N VAL D 237 -28.68 49.99 29.64
CA VAL D 237 -28.66 48.69 30.28
C VAL D 237 -30.03 48.05 30.16
N THR D 238 -31.05 48.80 30.53
CA THR D 238 -32.39 48.26 30.59
C THR D 238 -32.90 47.69 29.24
N SER D 239 -32.66 48.33 28.13
CA SER D 239 -33.13 47.79 26.88
C SER D 239 -32.50 46.40 26.59
N HIS D 240 -31.21 46.23 26.91
CA HIS D 240 -30.49 45.00 26.67
C HIS D 240 -31.07 43.94 27.55
N ALA D 241 -31.40 44.30 28.78
CA ALA D 241 -31.93 43.38 29.76
C ALA D 241 -33.31 42.85 29.23
N ARG D 242 -34.13 43.74 28.72
CA ARG D 242 -35.45 43.34 28.15
C ARG D 242 -35.26 42.44 26.95
N LEU D 243 -34.32 42.80 26.09
CA LEU D 243 -34.12 41.99 24.88
C LEU D 243 -33.65 40.64 25.20
N ALA D 244 -32.68 40.52 26.12
CA ALA D 244 -32.14 39.22 26.48
C ALA D 244 -33.20 38.31 26.96
N ARG D 245 -34.22 38.82 27.65
CA ARG D 245 -35.26 37.96 28.11
C ARG D 245 -36.31 37.63 27.08
N ASN D 246 -36.30 38.33 25.96
CA ASN D 246 -37.34 38.17 24.93
C ASN D 246 -36.93 37.21 23.82
N THR D 247 -35.67 36.81 23.75
CA THR D 247 -35.12 35.95 22.71
C THR D 247 -34.17 34.91 23.29
N SER D 248 -33.93 33.84 22.53
CA SER D 248 -32.95 32.87 22.89
C SER D 248 -31.58 33.24 22.29
N ILE D 249 -31.52 34.14 21.36
CA ILE D 249 -30.24 34.57 20.83
C ILE D 249 -29.39 35.30 21.92
N PRO D 250 -28.16 34.84 22.16
CA PRO D 250 -27.35 35.49 23.23
C PRO D 250 -26.93 36.90 22.82
N ILE D 251 -26.85 37.79 23.79
CA ILE D 251 -26.38 39.14 23.56
C ILE D 251 -24.92 39.22 23.95
N ALA D 252 -24.18 39.89 23.10
CA ALA D 252 -22.75 40.17 23.35
C ALA D 252 -22.56 41.68 23.39
N LEU D 253 -21.71 42.12 24.30
CA LEU D 253 -21.35 43.56 24.30
C LEU D 253 -20.14 43.78 25.19
N GLY D 254 -19.58 44.95 25.09
CA GLY D 254 -18.51 45.40 25.98
C GLY D 254 -17.49 46.32 25.32
N GLU D 255 -17.40 46.32 24.00
CA GLU D 255 -16.32 47.08 23.36
C GLU D 255 -16.39 48.62 23.57
N GLN D 256 -17.54 49.11 23.97
CA GLN D 256 -17.75 50.56 24.17
C GLN D 256 -17.82 50.88 25.67
N LEU D 257 -17.64 49.90 26.53
CA LEU D 257 -17.73 50.15 27.99
C LEU D 257 -16.35 50.48 28.56
N TYR D 258 -16.26 51.63 29.21
CA TYR D 258 -15.03 52.18 29.75
C TYR D 258 -14.61 51.67 31.08
N THR D 259 -15.53 51.13 31.88
CA THR D 259 -15.21 50.83 33.28
C THR D 259 -15.74 49.47 33.75
N VAL D 260 -15.15 49.01 34.84
CA VAL D 260 -15.65 47.83 35.47
C VAL D 260 -17.08 48.09 35.99
N ASP D 261 -17.39 49.32 36.43
CA ASP D 261 -18.76 49.65 36.85
C ASP D 261 -19.79 49.38 35.81
N ALA D 262 -19.48 49.78 34.59
CA ALA D 262 -20.43 49.62 33.52
C ALA D 262 -20.65 48.12 33.21
N PHE D 263 -19.59 47.37 33.12
CA PHE D 263 -19.69 45.87 32.95
C PHE D 263 -20.50 45.28 34.08
N ARG D 264 -20.30 45.74 35.31
CA ARG D 264 -21.03 45.19 36.40
C ARG D 264 -22.53 45.44 36.23
N SER D 265 -22.84 46.64 35.85
CA SER D 265 -24.22 47.00 35.61
C SER D 265 -24.92 46.13 34.58
N PHE D 266 -24.26 45.88 33.44
CA PHE D 266 -24.84 45.01 32.42
C PHE D 266 -24.89 43.56 32.87
N ILE D 267 -23.85 43.12 33.52
CA ILE D 267 -23.80 41.68 33.92
C ILE D 267 -24.86 41.42 34.96
N ASP D 268 -24.96 42.29 35.97
CA ASP D 268 -25.92 42.05 37.03
C ASP D 268 -27.37 42.05 36.51
N ALA D 269 -27.62 42.83 35.50
CA ALA D 269 -28.95 42.96 34.92
C ALA D 269 -29.34 41.80 34.01
N GLY D 270 -28.46 40.87 33.76
CA GLY D 270 -28.69 39.85 32.79
C GLY D 270 -28.72 40.40 31.38
N ALA D 271 -28.04 41.51 31.13
CA ALA D 271 -28.19 42.23 29.88
C ALA D 271 -27.07 41.80 28.91
N VAL D 272 -26.17 40.94 29.37
CA VAL D 272 -25.04 40.48 28.54
C VAL D 272 -24.72 39.04 28.87
N ALA D 273 -24.50 38.20 27.81
CA ALA D 273 -24.07 36.81 27.97
C ALA D 273 -22.65 36.59 27.50
N TYR D 274 -22.26 37.23 26.42
CA TYR D 274 -20.89 37.18 25.95
C TYR D 274 -20.20 38.53 26.33
N VAL D 275 -19.26 38.50 27.27
CA VAL D 275 -18.67 39.68 27.81
C VAL D 275 -17.41 40.02 27.01
N GLN D 276 -17.37 41.25 26.50
CA GLN D 276 -16.33 41.65 25.58
C GLN D 276 -15.46 42.80 26.11
N PRO D 277 -14.62 42.54 27.09
CA PRO D 277 -13.75 43.61 27.55
C PRO D 277 -12.73 43.87 26.47
N ASP D 278 -12.07 45.01 26.57
CA ASP D 278 -11.09 45.43 25.57
C ASP D 278 -10.08 46.32 26.32
N VAL D 279 -8.80 45.90 26.34
CA VAL D 279 -7.71 46.63 27.02
C VAL D 279 -7.54 48.04 26.47
N THR D 280 -8.06 48.29 25.27
CA THR D 280 -7.99 49.60 24.66
C THR D 280 -9.11 50.56 25.08
N ARG D 281 -10.14 50.04 25.76
CA ARG D 281 -11.37 50.74 26.07
C ARG D 281 -11.48 50.91 27.57
N LEU D 282 -11.44 49.79 28.31
CA LEU D 282 -11.22 49.76 29.72
C LEU D 282 -9.82 50.32 30.01
N GLY D 283 -9.51 50.53 31.28
CA GLY D 283 -8.13 50.92 31.66
C GLY D 283 -7.06 49.85 31.57
N GLY D 284 -6.72 49.48 30.34
CA GLY D 284 -5.71 48.51 30.11
C GLY D 284 -5.92 47.10 30.58
N ILE D 285 -4.83 46.36 30.61
CA ILE D 285 -4.78 45.03 31.12
C ILE D 285 -5.26 44.98 32.60
N THR D 286 -4.92 45.97 33.43
CA THR D 286 -5.24 45.92 34.82
C THR D 286 -6.77 45.87 34.99
N GLU D 287 -7.50 46.71 34.26
CA GLU D 287 -8.96 46.70 34.39
C GLU D 287 -9.60 45.55 33.65
N TYR D 288 -9.02 45.18 32.48
CA TYR D 288 -9.48 43.97 31.77
C TYR D 288 -9.54 42.74 32.70
N ILE D 289 -8.50 42.54 33.50
CA ILE D 289 -8.44 41.39 34.34
C ILE D 289 -9.54 41.41 35.36
N GLN D 290 -9.85 42.60 35.91
CA GLN D 290 -10.94 42.74 36.83
C GLN D 290 -12.27 42.38 36.21
N VAL D 291 -12.54 42.79 34.96
CA VAL D 291 -13.75 42.48 34.25
C VAL D 291 -13.80 40.99 33.95
N ALA D 292 -12.67 40.41 33.57
CA ALA D 292 -12.60 38.98 33.27
C ALA D 292 -12.95 38.17 34.47
N ASP D 293 -12.45 38.59 35.62
CA ASP D 293 -12.71 37.93 36.87
C ASP D 293 -14.18 38.08 37.25
N LEU D 294 -14.76 39.25 37.01
CA LEU D 294 -16.22 39.40 37.20
C LEU D 294 -17.03 38.45 36.37
N ALA D 295 -16.68 38.35 35.10
CA ALA D 295 -17.32 37.39 34.17
C ALA D 295 -17.20 35.96 34.69
N LEU D 296 -16.01 35.55 35.11
CA LEU D 296 -15.72 34.22 35.62
C LEU D 296 -16.66 33.95 36.80
N ALA D 297 -16.79 34.93 37.70
CA ALA D 297 -17.68 34.76 38.83
C ALA D 297 -19.14 34.45 38.47
N HIS D 298 -19.60 34.96 37.33
CA HIS D 298 -20.93 34.72 36.80
C HIS D 298 -20.93 33.58 35.82
N ARG D 299 -19.80 32.91 35.66
CA ARG D 299 -19.63 31.82 34.70
C ARG D 299 -20.03 32.16 33.29
N LEU D 300 -19.71 33.38 32.90
CA LEU D 300 -19.92 33.87 31.56
C LEU D 300 -18.65 33.94 30.73
N PRO D 301 -18.75 33.62 29.43
CA PRO D 301 -17.57 33.56 28.55
C PRO D 301 -17.01 34.97 28.25
N VAL D 302 -15.68 35.05 28.22
CA VAL D 302 -14.94 36.28 27.90
C VAL D 302 -14.42 36.20 26.46
N VAL D 303 -14.91 37.07 25.60
CA VAL D 303 -14.60 37.14 24.18
C VAL D 303 -14.21 38.54 23.83
N PRO D 304 -12.94 38.91 24.08
CA PRO D 304 -12.56 40.36 23.95
C PRO D 304 -12.67 40.92 22.59
N HIS D 305 -13.04 42.21 22.52
CA HIS D 305 -13.12 42.90 21.27
C HIS D 305 -11.76 43.36 20.78
N ALA D 306 -11.52 43.22 19.48
CA ALA D 306 -10.23 43.51 18.88
C ALA D 306 -9.92 44.97 18.58
N GLY D 307 -10.01 45.78 19.62
CA GLY D 307 -9.59 47.18 19.58
C GLY D 307 -8.10 47.39 19.28
N GLU D 308 -7.34 46.39 19.65
CA GLU D 308 -5.91 46.27 19.43
C GLU D 308 -5.60 45.14 18.43
N MET D 309 -6.64 44.75 17.68
CA MET D 309 -6.60 43.70 16.68
C MET D 309 -6.04 42.39 17.21
N SER D 310 -6.30 42.13 18.50
CA SER D 310 -5.94 40.90 19.20
C SER D 310 -4.45 40.74 19.50
N GLN D 311 -3.61 41.78 19.24
CA GLN D 311 -2.24 41.70 19.58
C GLN D 311 -2.04 41.48 21.09
N VAL D 312 -2.85 42.11 21.93
CA VAL D 312 -2.74 41.92 23.37
C VAL D 312 -3.66 40.76 23.79
N HIS D 313 -4.87 40.78 23.27
CA HIS D 313 -5.88 39.83 23.70
C HIS D 313 -5.57 38.34 23.40
N VAL D 314 -4.69 38.08 22.44
CA VAL D 314 -4.24 36.69 22.21
C VAL D 314 -3.55 36.17 23.45
N HIS D 315 -2.80 37.04 24.16
CA HIS D 315 -2.27 36.64 25.41
C HIS D 315 -3.32 36.40 26.50
N LEU D 316 -4.19 37.37 26.65
CA LEU D 316 -5.20 37.26 27.70
C LEU D 316 -6.16 36.11 27.43
N SER D 317 -6.47 35.83 26.18
CA SER D 317 -7.36 34.75 25.87
C SER D 317 -6.66 33.36 26.06
N TYR D 318 -5.34 33.29 25.85
CA TYR D 318 -4.60 32.05 26.10
C TYR D 318 -4.50 31.73 27.56
N TRP D 319 -4.60 32.78 28.40
CA TRP D 319 -4.42 32.67 29.84
C TRP D 319 -5.69 32.64 30.68
N HIS D 320 -6.55 33.64 30.52
CA HIS D 320 -7.59 33.80 31.52
C HIS D 320 -8.60 32.65 31.41
N PRO D 321 -8.92 31.95 32.48
CA PRO D 321 -9.77 30.74 32.33
C PRO D 321 -11.23 30.92 31.93
N ALA D 322 -11.77 32.15 31.95
CA ALA D 322 -13.14 32.37 31.43
C ALA D 322 -13.15 32.60 29.92
N SER D 323 -11.98 32.73 29.31
CA SER D 323 -11.90 32.99 27.90
C SER D 323 -12.40 31.84 27.04
N THR D 324 -12.91 32.20 25.89
CA THR D 324 -13.27 31.19 24.91
C THR D 324 -12.62 31.43 23.52
N ILE D 325 -13.33 32.14 22.63
CA ILE D 325 -12.90 32.38 21.25
C ILE D 325 -12.35 33.82 21.08
N LEU D 326 -11.72 34.08 19.94
CA LEU D 326 -10.98 35.32 19.76
C LEU D 326 -11.19 35.93 18.40
N GLU D 327 -11.70 37.17 18.42
CA GLU D 327 -11.90 37.90 17.19
C GLU D 327 -10.62 38.03 16.33
N TYR D 328 -10.77 37.95 15.00
CA TYR D 328 -9.66 38.07 14.09
C TYR D 328 -9.98 39.02 12.99
N ILE D 329 -9.15 40.06 12.92
CA ILE D 329 -9.13 41.07 11.87
C ILE D 329 -7.64 41.30 11.51
N PRO D 330 -7.23 41.02 10.23
CA PRO D 330 -5.78 40.95 9.94
C PRO D 330 -5.15 42.32 9.54
N TRP D 331 -5.79 43.43 9.83
CA TRP D 331 -5.40 44.71 9.27
C TRP D 331 -4.03 45.15 9.63
N ILE D 332 -3.68 45.01 10.92
CA ILE D 332 -2.44 45.61 11.42
C ILE D 332 -1.34 44.63 11.79
N LYS D 333 -1.64 43.35 11.77
CA LYS D 333 -0.69 42.40 12.41
C LYS D 333 0.74 42.45 11.83
N ASP D 334 0.83 42.70 10.55
CA ASP D 334 2.17 42.65 9.90
C ASP D 334 3.05 43.84 10.23
N HIS D 335 2.48 44.77 10.98
CA HIS D 335 3.24 45.92 11.45
C HIS D 335 3.84 45.77 12.81
N PHE D 336 3.73 44.58 13.40
CA PHE D 336 4.28 44.25 14.71
C PHE D 336 5.53 43.33 14.64
N GLU D 337 6.42 43.47 15.61
CA GLU D 337 7.55 42.56 15.74
C GLU D 337 7.07 41.12 15.89
N GLU D 338 5.95 40.92 16.60
CA GLU D 338 5.29 39.58 16.66
C GLU D 338 3.79 39.64 16.21
N PRO D 339 3.53 39.46 14.94
CA PRO D 339 2.20 39.52 14.40
C PRO D 339 1.41 38.40 15.07
N ILE D 340 0.14 38.63 15.38
CA ILE D 340 -0.73 37.46 15.62
C ILE D 340 -0.66 36.53 14.40
N HIS D 341 -0.98 35.26 14.63
CA HIS D 341 -0.92 34.32 13.50
C HIS D 341 -2.04 33.28 13.75
N VAL D 342 -2.87 33.12 12.76
CA VAL D 342 -3.96 32.16 12.78
C VAL D 342 -3.73 31.19 11.62
N ARG D 343 -3.84 29.91 11.92
CA ARG D 343 -3.76 28.87 10.85
C ARG D 343 -4.79 27.82 11.20
N ASP D 344 -5.57 27.35 10.21
CA ASP D 344 -6.63 26.35 10.48
C ASP D 344 -7.54 26.84 11.62
N GLY D 345 -7.77 28.13 11.67
CA GLY D 345 -8.75 28.69 12.65
C GLY D 345 -8.29 28.75 14.08
N VAL D 346 -6.98 28.56 14.28
CA VAL D 346 -6.41 28.60 15.62
C VAL D 346 -5.27 29.62 15.72
N TYR D 347 -5.34 30.51 16.73
CA TYR D 347 -4.24 31.38 17.05
C TYR D 347 -3.02 30.65 17.58
N LYS D 348 -1.88 30.92 16.99
CA LYS D 348 -0.60 30.46 17.60
C LYS D 348 -0.33 31.16 18.92
N ARG D 349 0.36 30.52 19.88
N ARG D 349 0.35 30.52 19.88
CA ARG D 349 0.77 31.16 21.15
CA ARG D 349 0.72 31.19 21.12
C ARG D 349 1.91 32.13 20.89
C ARG D 349 1.85 32.16 20.82
N PRO D 350 1.81 33.38 21.41
CA PRO D 350 2.94 34.27 21.36
C PRO D 350 4.18 33.65 21.97
N GLU D 351 5.36 33.94 21.38
CA GLU D 351 6.64 33.43 21.87
C GLU D 351 7.60 34.48 22.34
N GLN D 352 7.52 35.69 21.85
CA GLN D 352 8.52 36.70 22.27
C GLN D 352 8.20 37.32 23.66
N PRO D 353 9.23 37.86 24.37
CA PRO D 353 8.99 38.56 25.66
C PRO D 353 8.06 39.76 25.40
N GLY D 354 7.10 39.93 26.30
CA GLY D 354 6.18 41.06 26.25
C GLY D 354 4.74 40.72 25.91
N ALA D 355 4.00 41.76 25.46
CA ALA D 355 2.59 41.69 25.19
C ALA D 355 2.31 41.81 23.68
N SER D 356 3.33 41.58 22.83
CA SER D 356 3.29 41.77 21.40
C SER D 356 2.58 43.03 20.97
N THR D 357 3.01 44.11 21.58
CA THR D 357 2.54 45.46 21.26
C THR D 357 3.63 46.33 20.61
N THR D 358 4.81 45.76 20.32
CA THR D 358 5.93 46.52 19.77
C THR D 358 5.81 46.60 18.30
N PRO D 359 5.52 47.81 17.73
CA PRO D 359 5.51 47.93 16.27
C PRO D 359 6.90 47.84 15.63
N LEU D 360 6.96 47.43 14.36
CA LEU D 360 8.19 47.48 13.53
C LEU D 360 8.61 48.93 13.39
N ALA D 361 9.93 49.16 13.42
CA ALA D 361 10.47 50.55 13.15
C ALA D 361 10.03 51.14 11.89
N GLU D 362 10.03 50.32 10.84
CA GLU D 362 9.68 50.75 9.52
C GLU D 362 8.21 51.24 9.50
N SER D 363 7.37 50.65 10.34
CA SER D 363 5.96 51.03 10.38
C SER D 363 5.79 52.43 10.99
N PHE D 364 6.57 52.75 11.95
CA PHE D 364 6.57 54.13 12.45
C PHE D 364 7.00 55.11 11.37
N THR D 365 8.04 54.76 10.62
CA THR D 365 8.56 55.63 9.58
C THR D 365 7.54 55.86 8.51
N ARG D 366 6.90 54.78 8.09
CA ARG D 366 6.01 54.92 6.98
C ARG D 366 4.63 55.51 7.37
N TYR D 367 4.11 55.11 8.53
CA TYR D 367 2.72 55.41 8.88
C TYR D 367 2.49 56.24 10.17
N GLY D 368 3.58 56.69 10.79
CA GLY D 368 3.55 57.53 11.99
C GLY D 368 2.94 58.86 11.62
N LYS D 369 2.15 59.45 12.52
CA LYS D 369 1.55 60.77 12.33
C LYS D 369 2.08 61.71 13.38
N ALA D 370 2.18 62.99 13.04
CA ALA D 370 2.69 63.95 14.01
C ALA D 370 1.68 64.15 15.18
N VAL D 371 2.20 64.30 16.38
CA VAL D 371 1.31 64.46 17.53
C VAL D 371 0.96 65.90 17.84
N LYS D 372 1.62 66.82 17.18
CA LYS D 372 1.24 68.23 17.31
C LYS D 372 1.41 68.93 15.98
N MET E 1 -13.99 -0.27 9.67
CA MET E 1 -14.82 0.95 9.40
C MET E 1 -14.25 1.75 8.26
N LYS E 2 -15.12 2.48 7.60
CA LYS E 2 -14.73 3.19 6.38
C LYS E 2 -13.87 4.41 6.64
N ILE E 3 -12.85 4.55 5.81
CA ILE E 3 -12.02 5.79 5.87
C ILE E 3 -12.82 6.99 5.34
N THR E 4 -12.91 8.04 6.12
CA THR E 4 -13.66 9.23 5.72
C THR E 4 -12.77 10.43 5.47
N ALA E 5 -11.57 10.46 6.03
CA ALA E 5 -10.63 11.55 5.74
C ALA E 5 -9.19 11.10 5.84
N VAL E 6 -8.33 11.78 5.07
CA VAL E 6 -6.89 11.62 5.16
C VAL E 6 -6.30 13.03 5.10
N GLU E 7 -5.63 13.41 6.17
CA GLU E 7 -5.16 14.76 6.33
C GLU E 7 -3.70 14.74 6.69
N PRO E 8 -2.82 15.07 5.74
CA PRO E 8 -1.39 15.09 6.09
C PRO E 8 -0.98 16.21 6.99
N PHE E 9 0.17 16.06 7.63
CA PHE E 9 0.71 17.09 8.49
C PHE E 9 2.23 17.03 8.50
N ILE E 10 2.84 18.14 8.91
CA ILE E 10 4.29 18.28 9.07
C ILE E 10 4.53 18.99 10.39
N LEU E 11 5.35 18.40 11.27
CA LEU E 11 5.86 19.11 12.42
C LEU E 11 7.36 19.21 12.27
N HIS E 12 7.93 20.37 12.57
CA HIS E 12 9.38 20.50 12.71
C HIS E 12 9.71 20.77 14.15
N LEU E 13 10.29 19.80 14.80
CA LEU E 13 10.49 19.86 16.24
C LEU E 13 11.94 20.11 16.59
N PRO E 14 12.19 21.00 17.55
CA PRO E 14 13.59 21.28 17.90
C PRO E 14 14.29 20.13 18.60
N LEU E 15 15.61 20.19 18.63
CA LEU E 15 16.39 19.10 19.22
C LEU E 15 16.94 19.47 20.58
N THR E 16 17.73 18.57 21.16
CA THR E 16 18.31 18.80 22.53
C THR E 16 19.53 19.79 22.48
N SER E 17 20.05 20.08 21.28
CA SER E 17 21.09 21.09 21.06
C SER E 17 20.57 21.97 19.92
N GLU E 18 21.13 23.15 19.76
CA GLU E 18 20.75 24.01 18.61
C GLU E 18 20.98 23.29 17.25
N SER E 19 22.10 22.56 17.14
CA SER E 19 22.45 21.79 15.91
C SER E 19 23.07 20.51 16.39
N ILE E 20 22.89 19.45 15.61
CA ILE E 20 23.68 18.21 15.86
C ILE E 20 24.18 17.70 14.51
N SER E 21 25.33 17.05 14.57
CA SER E 21 25.88 16.37 13.38
C SER E 21 26.31 14.93 13.66
N ASP E 22 26.20 14.15 12.57
CA ASP E 22 26.86 12.85 12.50
C ASP E 22 27.86 13.01 11.35
N SER E 23 28.29 11.91 10.74
CA SER E 23 29.41 11.96 9.75
C SER E 23 28.98 12.66 8.49
N THR E 24 27.66 12.78 8.29
CA THR E 24 27.12 13.08 6.95
C THR E 24 26.15 14.24 6.92
N HIS E 25 25.44 14.43 8.03
CA HIS E 25 24.34 15.39 8.14
C HIS E 25 24.54 16.35 9.32
N SER E 26 24.04 17.59 9.15
CA SER E 26 23.82 18.51 10.29
C SER E 26 22.39 19.06 10.27
N ILE E 27 21.67 19.01 11.40
CA ILE E 27 20.26 19.39 11.45
C ILE E 27 19.96 20.20 12.72
N THR E 28 18.93 21.01 12.64
CA THR E 28 18.41 21.83 13.71
C THR E 28 17.04 21.38 14.21
N HIS E 29 16.33 20.66 13.34
CA HIS E 29 15.03 20.16 13.63
C HIS E 29 14.82 18.73 13.13
N TRP E 30 13.91 18.03 13.80
CA TRP E 30 13.44 16.71 13.34
C TRP E 30 12.05 16.87 12.69
N GLY E 31 11.91 16.33 11.48
CA GLY E 31 10.67 16.34 10.75
C GLY E 31 9.81 15.14 11.04
N VAL E 32 8.64 15.41 11.62
CA VAL E 32 7.57 14.41 11.79
C VAL E 32 6.58 14.63 10.73
N VAL E 33 6.55 13.75 9.73
CA VAL E 33 5.83 14.02 8.52
C VAL E 33 4.89 12.90 8.22
N GLY E 34 3.61 13.18 8.18
CA GLY E 34 2.70 12.07 8.05
C GLY E 34 1.25 12.40 7.81
N ALA E 35 0.38 11.52 8.30
CA ALA E 35 -1.06 11.58 7.98
C ALA E 35 -1.89 11.22 9.17
N LYS E 36 -2.97 11.98 9.35
CA LYS E 36 -4.08 11.63 10.26
C LYS E 36 -5.21 11.06 9.42
N ILE E 37 -5.61 9.82 9.69
CA ILE E 37 -6.64 9.16 8.95
C ILE E 37 -7.86 8.96 9.91
N THR E 38 -9.03 9.39 9.47
CA THR E 38 -10.26 9.36 10.27
C THR E 38 -11.19 8.32 9.71
N THR E 39 -11.78 7.51 10.56
CA THR E 39 -12.77 6.55 10.11
C THR E 39 -14.20 6.99 10.51
N SER E 40 -15.20 6.25 10.01
CA SER E 40 -16.62 6.72 10.09
C SER E 40 -17.08 6.66 11.54
N ASP E 41 -16.35 5.94 12.36
CA ASP E 41 -16.70 5.88 13.77
C ASP E 41 -16.06 6.99 14.58
N GLY E 42 -15.36 7.90 13.93
CA GLY E 42 -14.71 8.97 14.67
C GLY E 42 -13.31 8.67 15.10
N ILE E 43 -12.85 7.43 14.93
CA ILE E 43 -11.47 7.15 15.41
C ILE E 43 -10.44 7.85 14.46
N GLU E 44 -9.39 8.40 15.00
CA GLU E 44 -8.36 9.09 14.23
C GLU E 44 -7.00 8.35 14.50
N GLY E 45 -6.38 7.95 13.41
CA GLY E 45 -5.11 7.31 13.46
C GLY E 45 -4.02 8.18 12.90
N TYR E 46 -2.84 8.07 13.47
CA TYR E 46 -1.71 8.88 13.08
C TYR E 46 -0.57 7.98 12.71
N GLY E 47 0.13 8.38 11.65
CA GLY E 47 1.36 7.70 11.31
C GLY E 47 2.27 8.68 10.54
N PHE E 48 3.58 8.45 10.61
CA PHE E 48 4.51 9.41 10.11
C PHE E 48 5.83 8.79 9.80
N THR E 49 6.55 9.43 8.88
CA THR E 49 7.96 9.15 8.71
C THR E 49 8.81 10.17 9.43
N GLY E 50 10.13 10.06 9.31
CA GLY E 50 11.07 10.87 10.07
C GLY E 50 12.02 11.48 9.08
N THR E 51 12.04 12.79 8.96
CA THR E 51 12.91 13.50 8.03
C THR E 51 13.83 14.48 8.73
N HIS E 52 14.72 15.10 7.95
CA HIS E 52 15.56 16.16 8.45
C HIS E 52 14.97 17.57 8.37
N ALA E 53 13.66 17.65 8.23
CA ALA E 53 12.91 18.90 8.33
C ALA E 53 13.30 19.87 7.25
N HIS E 54 13.50 19.38 6.06
CA HIS E 54 13.70 20.17 4.87
C HIS E 54 12.31 20.39 4.27
N LEU E 55 11.70 21.58 4.48
CA LEU E 55 10.28 21.72 4.14
C LEU E 55 9.88 21.40 2.72
N PRO E 56 10.71 21.76 1.72
CA PRO E 56 10.24 21.43 0.39
C PRO E 56 10.09 19.95 0.06
N SER E 57 10.97 19.12 0.61
CA SER E 57 10.86 17.68 0.42
C SER E 57 9.86 17.05 1.39
N ASP E 58 9.72 17.55 2.62
CA ASP E 58 8.58 17.18 3.48
C ASP E 58 7.28 17.31 2.71
N ARG E 59 7.09 18.39 1.95
CA ARG E 59 5.87 18.54 1.20
C ARG E 59 5.70 17.60 0.06
N LEU E 60 6.78 17.04 -0.48
CA LEU E 60 6.64 16.01 -1.48
C LEU E 60 5.98 14.76 -0.84
N ILE E 61 6.38 14.42 0.38
CA ILE E 61 5.80 13.30 1.11
C ILE E 61 4.28 13.51 1.38
N THR E 62 3.96 14.72 1.91
CA THR E 62 2.56 15.04 2.16
C THR E 62 1.69 15.10 0.92
N SER E 63 2.21 15.66 -0.17
CA SER E 63 1.51 15.64 -1.45
C SER E 63 1.26 14.27 -2.03
N CYS E 64 2.24 13.37 -1.83
CA CYS E 64 2.03 11.96 -2.13
C CYS E 64 0.87 11.36 -1.34
N ILE E 65 0.82 11.71 -0.06
CA ILE E 65 -0.27 11.22 0.74
C ILE E 65 -1.62 11.74 0.26
N SER E 66 -1.77 13.07 0.13
CA SER E 66 -3.06 13.69 -0.18
C SER E 66 -3.44 13.53 -1.63
N ASP E 67 -2.47 13.57 -2.53
CA ASP E 67 -2.83 13.63 -3.93
C ASP E 67 -2.72 12.25 -4.63
N CYS E 68 -1.85 11.36 -4.13
CA CYS E 68 -1.67 10.03 -4.76
C CYS E 68 -2.42 8.91 -4.00
N TYR E 69 -2.28 8.90 -2.68
CA TYR E 69 -2.81 7.83 -1.83
C TYR E 69 -4.23 8.05 -1.30
N ALA E 70 -4.52 9.27 -0.89
CA ALA E 70 -5.90 9.52 -0.34
C ALA E 70 -7.02 9.04 -1.24
N PRO E 71 -7.00 9.36 -2.55
CA PRO E 71 -8.03 8.81 -3.38
C PRO E 71 -8.20 7.28 -3.39
N LEU E 72 -7.15 6.53 -3.06
CA LEU E 72 -7.17 5.09 -3.03
C LEU E 72 -7.65 4.59 -1.63
N LEU E 73 -7.70 5.50 -0.65
CA LEU E 73 -8.03 5.14 0.71
C LEU E 73 -9.48 5.47 1.03
N LEU E 74 -9.94 6.65 0.58
CA LEU E 74 -11.26 7.10 1.00
C LEU E 74 -12.32 6.09 0.62
N GLY E 75 -13.17 5.77 1.57
CA GLY E 75 -14.26 4.82 1.32
C GLY E 75 -13.89 3.36 1.55
N GLU E 76 -12.61 3.08 1.79
CA GLU E 76 -12.16 1.70 2.03
C GLU E 76 -12.25 1.38 3.50
N ASP E 77 -12.40 0.09 3.81
CA ASP E 77 -12.40 -0.38 5.21
C ASP E 77 -10.98 -0.31 5.77
N ALA E 78 -10.78 0.49 6.81
CA ALA E 78 -9.47 0.69 7.36
C ALA E 78 -8.92 -0.56 8.00
N SER E 79 -9.82 -1.50 8.32
N SER E 79 -9.81 -1.51 8.33
CA SER E 79 -9.44 -2.73 8.94
CA SER E 79 -9.42 -2.77 8.96
C SER E 79 -8.54 -3.55 8.01
C SER E 79 -8.58 -3.62 8.00
N ASP E 80 -8.72 -3.37 6.69
CA ASP E 80 -8.04 -4.18 5.68
C ASP E 80 -6.63 -3.70 5.43
N HIS E 81 -5.81 -3.54 6.46
CA HIS E 81 -4.50 -2.87 6.27
C HIS E 81 -3.57 -3.63 5.29
N SER E 82 -3.68 -4.96 5.26
N SER E 82 -3.68 -4.95 5.24
CA SER E 82 -2.80 -5.79 4.43
CA SER E 82 -2.78 -5.76 4.42
C SER E 82 -3.18 -5.62 2.98
C SER E 82 -3.17 -5.67 2.94
N ARG E 83 -4.46 -5.72 2.68
CA ARG E 83 -4.97 -5.51 1.34
C ARG E 83 -4.64 -4.08 0.86
N LEU E 84 -4.86 -3.10 1.73
CA LEU E 84 -4.57 -1.68 1.37
C LEU E 84 -3.06 -1.37 1.17
N TRP E 85 -2.21 -2.06 1.91
CA TRP E 85 -0.78 -1.95 1.70
C TRP E 85 -0.42 -2.22 0.24
N THR E 86 -0.91 -3.33 -0.26
CA THR E 86 -0.64 -3.74 -1.64
C THR E 86 -1.31 -2.80 -2.64
N LYS E 87 -2.54 -2.42 -2.34
CA LYS E 87 -3.28 -1.49 -3.19
C LYS E 87 -2.49 -0.22 -3.46
N LEU E 88 -1.91 0.37 -2.41
CA LEU E 88 -1.12 1.59 -2.51
C LEU E 88 0.28 1.31 -3.05
N ALA E 89 1.00 0.35 -2.45
CA ALA E 89 2.39 0.07 -2.83
C ALA E 89 2.52 -0.39 -4.27
N ARG E 90 1.57 -1.12 -4.77
CA ARG E 90 1.69 -1.72 -6.06
C ARG E 90 0.74 -1.10 -7.08
N TYR E 91 0.20 0.07 -6.79
CA TYR E 91 -0.65 0.81 -7.75
C TYR E 91 0.25 1.11 -8.96
N PRO E 92 -0.07 0.61 -10.18
CA PRO E 92 0.93 0.52 -11.24
C PRO E 92 1.64 1.83 -11.52
N SER E 93 0.95 2.96 -11.60
CA SER E 93 1.63 4.17 -12.00
C SER E 93 2.45 4.80 -10.91
N LEU E 94 2.14 4.47 -9.63
CA LEU E 94 2.94 4.93 -8.51
C LEU E 94 4.15 4.00 -8.26
N GLN E 95 3.92 2.72 -8.40
CA GLN E 95 5.02 1.78 -8.39
C GLN E 95 6.08 2.21 -9.39
N TRP E 96 5.62 2.62 -10.58
CA TRP E 96 6.52 3.06 -11.63
C TRP E 96 7.51 4.13 -11.18
N VAL E 97 7.10 5.02 -10.28
CA VAL E 97 7.95 6.06 -9.80
C VAL E 97 8.36 5.81 -8.34
N GLY E 98 8.28 4.53 -7.95
CA GLY E 98 8.45 4.20 -6.54
C GLY E 98 9.28 2.98 -6.27
N ARG E 99 8.74 2.13 -5.36
CA ARG E 99 9.48 1.04 -4.67
C ARG E 99 10.47 1.46 -3.61
N ALA E 100 10.68 2.77 -3.45
CA ALA E 100 11.71 3.31 -2.59
C ALA E 100 11.52 4.81 -2.67
N GLY E 101 12.13 5.51 -1.78
CA GLY E 101 12.12 6.97 -1.79
C GLY E 101 10.77 7.53 -1.35
N ILE E 102 10.39 8.67 -1.91
CA ILE E 102 9.28 9.45 -1.39
C ILE E 102 8.01 8.61 -1.30
N THR E 103 7.66 7.90 -2.36
CA THR E 103 6.41 7.16 -2.37
C THR E 103 6.37 6.15 -1.31
N HIS E 104 7.54 5.64 -0.95
CA HIS E 104 7.60 4.55 0.09
C HIS E 104 7.47 5.16 1.48
N LEU E 105 8.09 6.30 1.70
CA LEU E 105 7.98 7.02 2.97
C LEU E 105 6.56 7.47 3.23
N ALA E 106 5.86 7.91 2.17
CA ALA E 106 4.47 8.25 2.34
C ALA E 106 3.62 7.04 2.67
N LEU E 107 3.94 5.92 2.08
CA LEU E 107 3.21 4.68 2.35
C LEU E 107 3.36 4.29 3.81
N ALA E 108 4.59 4.44 4.32
CA ALA E 108 4.94 4.11 5.68
C ALA E 108 4.01 4.89 6.64
N ALA E 109 3.83 6.18 6.36
CA ALA E 109 2.98 6.98 7.24
C ALA E 109 1.57 6.45 7.20
N VAL E 110 1.04 6.16 6.04
CA VAL E 110 -0.34 5.68 5.91
C VAL E 110 -0.49 4.35 6.66
N ASP E 111 0.46 3.46 6.45
CA ASP E 111 0.37 2.13 7.06
C ASP E 111 0.35 2.21 8.63
N VAL E 112 1.22 3.03 9.19
CA VAL E 112 1.31 3.17 10.63
C VAL E 112 -0.03 3.73 11.10
N ALA E 113 -0.59 4.67 10.34
CA ALA E 113 -1.89 5.27 10.78
C ALA E 113 -2.99 4.23 10.85
N LEU E 114 -3.00 3.32 9.85
CA LEU E 114 -3.98 2.24 9.79
C LEU E 114 -3.78 1.27 10.98
N TRP E 115 -2.56 1.06 11.42
CA TRP E 115 -2.32 0.18 12.62
C TRP E 115 -2.71 0.90 13.92
N ASP E 116 -2.48 2.19 13.96
CA ASP E 116 -2.87 2.98 15.12
C ASP E 116 -4.39 2.90 15.22
N ILE E 117 -5.13 3.03 14.13
CA ILE E 117 -6.58 2.78 14.11
C ILE E 117 -6.96 1.43 14.69
N LYS E 118 -6.31 0.37 14.20
CA LYS E 118 -6.68 -0.98 14.58
C LYS E 118 -6.55 -1.14 16.07
N ALA E 119 -5.43 -0.70 16.62
CA ALA E 119 -5.16 -0.86 18.04
C ALA E 119 -6.11 0.04 18.87
N LYS E 120 -6.34 1.25 18.40
CA LYS E 120 -7.35 2.09 19.06
C LYS E 120 -8.74 1.49 19.04
N LYS E 121 -9.17 0.95 17.91
CA LYS E 121 -10.46 0.39 17.82
C LYS E 121 -10.54 -0.78 18.81
N ALA E 122 -9.48 -1.55 18.97
CA ALA E 122 -9.49 -2.65 19.95
C ALA E 122 -9.30 -2.19 21.37
N GLY E 123 -9.00 -0.92 21.59
CA GLY E 123 -8.85 -0.42 22.91
C GLY E 123 -7.62 -0.82 23.68
N VAL E 124 -6.52 -1.17 22.97
CA VAL E 124 -5.31 -1.66 23.60
C VAL E 124 -4.05 -1.07 22.96
N PRO E 125 -2.93 -1.02 23.68
CA PRO E 125 -1.68 -0.62 23.07
C PRO E 125 -1.25 -1.68 22.00
N LEU E 126 -0.58 -1.19 20.96
CA LEU E 126 -0.14 -2.05 19.86
C LEU E 126 0.56 -3.32 20.32
N TRP E 127 1.48 -3.21 21.28
CA TRP E 127 2.28 -4.41 21.63
C TRP E 127 1.35 -5.52 22.13
N HIS E 128 0.24 -5.12 22.75
CA HIS E 128 -0.73 -6.07 23.33
C HIS E 128 -1.60 -6.59 22.24
N TYR E 129 -2.10 -5.69 21.36
CA TYR E 129 -2.83 -6.06 20.17
C TYR E 129 -2.15 -7.21 19.37
N LEU E 130 -0.84 -7.08 19.16
CA LEU E 130 -0.11 -8.03 18.37
C LEU E 130 0.09 -9.39 19.04
N GLY E 131 -0.19 -9.54 20.34
CA GLY E 131 -0.08 -10.84 21.01
C GLY E 131 0.66 -10.94 22.29
N GLY E 132 1.02 -9.79 22.89
CA GLY E 132 1.66 -9.70 24.21
C GLY E 132 3.14 -9.55 24.23
N ALA E 133 3.63 -9.35 25.44
CA ALA E 133 5.00 -8.97 25.67
C ALA E 133 6.03 -10.12 25.69
N ARG E 134 7.19 -9.91 25.03
CA ARG E 134 8.27 -10.92 24.97
C ARG E 134 9.28 -10.69 26.08
N THR E 135 9.16 -9.56 26.77
CA THR E 135 10.03 -9.19 27.83
C THR E 135 9.25 -8.32 28.87
N ALA E 136 9.76 -8.34 30.08
CA ALA E 136 9.25 -7.51 31.17
C ALA E 136 9.84 -6.11 31.11
N GLY E 137 10.95 -5.96 30.41
CA GLY E 137 11.59 -4.66 30.18
C GLY E 137 12.51 -4.56 28.95
N VAL E 138 12.18 -3.60 28.06
CA VAL E 138 13.03 -3.29 26.92
C VAL E 138 14.08 -2.34 27.35
N GLU E 139 15.33 -2.77 27.23
CA GLU E 139 16.44 -1.93 27.59
C GLU E 139 16.71 -0.95 26.49
N ALA E 140 17.12 0.22 26.94
CA ALA E 140 17.44 1.39 26.10
C ALA E 140 18.93 1.62 25.95
N TYR E 141 19.33 2.21 24.83
CA TYR E 141 20.64 2.67 24.64
C TYR E 141 20.58 4.10 24.14
N ASN E 142 21.48 4.92 24.68
CA ASN E 142 21.37 6.38 24.48
C ASN E 142 22.26 6.81 23.34
N THR E 143 21.64 7.31 22.28
CA THR E 143 22.33 7.88 21.11
C THR E 143 22.60 9.35 21.24
N ASP E 144 21.78 10.03 22.02
CA ASP E 144 21.85 11.51 22.09
C ASP E 144 23.08 12.14 22.73
N ILE E 145 23.88 11.34 23.41
CA ILE E 145 25.11 11.78 23.98
C ILE E 145 26.34 11.66 23.07
N GLY E 146 26.10 11.14 21.87
CA GLY E 146 27.18 10.60 21.01
C GLY E 146 27.49 11.28 19.71
N TRP E 147 26.82 12.41 19.49
CA TRP E 147 26.92 13.12 18.22
C TRP E 147 28.32 13.52 17.84
N LEU E 148 28.62 13.47 16.53
CA LEU E 148 29.96 13.69 16.07
C LEU E 148 30.37 15.18 16.24
N SER E 149 29.38 16.04 16.31
CA SER E 149 29.56 17.54 16.53
C SER E 149 29.95 17.90 17.95
N PHE E 150 29.88 16.94 18.86
CA PHE E 150 30.40 17.13 20.21
C PHE E 150 31.90 17.14 20.24
N THR E 151 32.46 18.13 20.99
CA THR E 151 33.85 18.12 21.29
C THR E 151 34.13 16.94 22.16
N LEU E 152 35.39 16.50 22.22
CA LEU E 152 35.74 15.38 23.08
C LEU E 152 35.31 15.65 24.54
N GLU E 153 35.57 16.87 25.02
CA GLU E 153 35.14 17.28 26.34
C GLU E 153 33.64 17.09 26.52
N ASP E 154 32.81 17.52 25.59
CA ASP E 154 31.38 17.38 25.78
C ASP E 154 30.88 15.90 25.55
N LEU E 155 31.55 15.16 24.67
CA LEU E 155 31.26 13.72 24.51
C LEU E 155 31.42 12.97 25.84
N LEU E 156 32.56 13.17 26.48
CA LEU E 156 32.83 12.59 27.77
C LEU E 156 31.84 12.95 28.86
N ALA E 157 31.50 14.22 28.92
CA ALA E 157 30.65 14.73 29.97
C ALA E 157 29.25 14.23 29.84
N GLY E 158 28.71 14.26 28.63
CA GLY E 158 27.38 13.72 28.40
C GLY E 158 27.31 12.19 28.53
N SER E 159 28.34 11.48 28.07
CA SER E 159 28.41 10.02 28.25
C SER E 159 28.45 9.66 29.75
N ALA E 160 29.28 10.37 30.49
CA ALA E 160 29.39 10.11 31.93
C ALA E 160 28.09 10.42 32.68
N ARG E 161 27.40 11.48 32.35
CA ARG E 161 26.14 11.79 32.96
C ARG E 161 25.06 10.73 32.66
N ALA E 162 24.97 10.32 31.39
CA ALA E 162 24.02 9.28 31.01
C ALA E 162 24.20 8.02 31.82
N VAL E 163 25.42 7.65 32.09
CA VAL E 163 25.71 6.46 32.79
C VAL E 163 25.59 6.70 34.33
N GLU E 164 26.21 7.79 34.78
CA GLU E 164 26.35 8.04 36.24
C GLU E 164 25.10 8.69 36.90
N GLU E 165 24.34 9.49 36.16
CA GLU E 165 23.15 10.17 36.72
C GLU E 165 21.88 9.49 36.20
N ASP E 166 21.84 9.09 34.92
CA ASP E 166 20.59 8.60 34.31
C ASP E 166 20.45 7.08 34.23
N GLY E 167 21.45 6.35 34.64
CA GLY E 167 21.28 4.94 34.79
C GLY E 167 21.36 4.15 33.47
N PHE E 168 21.89 4.76 32.41
CA PHE E 168 22.16 3.95 31.18
C PHE E 168 23.37 3.07 31.38
N THR E 169 23.32 1.85 30.80
CA THR E 169 24.50 1.04 30.68
C THR E 169 24.83 0.68 29.20
N ARG E 170 24.19 1.41 28.28
CA ARG E 170 24.34 1.21 26.84
C ARG E 170 24.31 2.57 26.19
N LEU E 171 25.31 2.87 25.37
CA LEU E 171 25.41 4.08 24.64
C LEU E 171 25.75 3.78 23.17
N LYS E 172 25.59 4.80 22.33
CA LYS E 172 26.01 4.76 20.90
C LYS E 172 26.65 6.07 20.54
N ILE E 173 27.88 5.98 20.08
CA ILE E 173 28.69 7.11 19.71
C ILE E 173 28.93 7.14 18.20
N LYS E 174 28.81 8.33 17.62
CA LYS E 174 29.13 8.56 16.22
C LYS E 174 30.60 8.58 15.92
N VAL E 175 30.93 8.03 14.73
CA VAL E 175 32.28 8.06 14.14
C VAL E 175 32.14 8.54 12.74
N GLY E 176 33.26 8.85 12.10
CA GLY E 176 33.21 9.34 10.77
C GLY E 176 34.07 10.56 10.49
N HIS E 177 35.11 10.81 11.27
CA HIS E 177 36.05 11.82 10.90
C HIS E 177 36.79 11.32 9.64
N ASP E 178 37.39 12.24 8.90
CA ASP E 178 38.12 11.88 7.66
C ASP E 178 39.24 10.95 8.00
N ASP E 179 39.90 11.17 9.13
CA ASP E 179 40.88 10.23 9.72
C ASP E 179 40.29 9.49 10.90
N PRO E 180 40.02 8.17 10.72
CA PRO E 180 39.41 7.39 11.77
C PRO E 180 40.21 7.32 13.05
N ASN E 181 41.49 7.64 13.01
CA ASN E 181 42.26 7.63 14.25
C ASN E 181 41.78 8.69 15.27
N ILE E 182 41.11 9.72 14.78
CA ILE E 182 40.41 10.68 15.65
C ILE E 182 39.28 10.01 16.39
N ASP E 183 38.49 9.21 15.65
CA ASP E 183 37.53 8.39 16.30
C ASP E 183 38.09 7.40 17.27
N ILE E 184 39.21 6.76 16.97
CA ILE E 184 39.78 5.81 17.91
C ILE E 184 40.13 6.60 19.24
N ALA E 185 40.73 7.76 19.09
CA ALA E 185 41.11 8.59 20.28
C ALA E 185 39.86 8.97 21.08
N ARG E 186 38.82 9.37 20.39
CA ARG E 186 37.60 9.76 21.10
C ARG E 186 37.01 8.55 21.84
N LEU E 187 36.96 7.40 21.17
CA LEU E 187 36.34 6.23 21.80
C LEU E 187 37.21 5.70 22.96
N THR E 188 38.52 5.76 22.79
CA THR E 188 39.42 5.36 23.81
C THR E 188 39.24 6.25 25.06
N ALA E 189 39.06 7.53 24.84
CA ALA E 189 38.81 8.46 25.95
C ALA E 189 37.52 8.10 26.67
N VAL E 190 36.44 7.87 25.91
CA VAL E 190 35.14 7.49 26.49
C VAL E 190 35.31 6.23 27.27
N ARG E 191 36.02 5.27 26.68
CA ARG E 191 36.22 3.98 27.36
C ARG E 191 36.95 4.16 28.72
N GLU E 192 37.93 5.04 28.79
CA GLU E 192 38.68 5.32 30.04
C GLU E 192 37.81 6.07 31.05
N ARG E 193 36.88 6.86 30.60
CA ARG E 193 36.05 7.66 31.46
C ARG E 193 34.87 6.90 32.11
N VAL E 194 34.21 5.97 31.41
CA VAL E 194 33.02 5.34 31.96
C VAL E 194 33.38 3.93 32.38
N ASP E 195 32.52 3.32 33.18
CA ASP E 195 32.72 2.02 33.76
C ASP E 195 32.80 1.00 32.63
N SER E 196 33.62 -0.04 32.81
CA SER E 196 33.84 -1.06 31.79
C SER E 196 32.55 -1.80 31.42
N ALA E 197 31.57 -1.83 32.31
CA ALA E 197 30.37 -2.57 32.04
C ALA E 197 29.39 -1.79 31.11
N VAL E 198 29.76 -0.58 30.75
CA VAL E 198 28.95 0.14 29.83
C VAL E 198 29.19 -0.42 28.38
N ARG E 199 28.10 -0.72 27.69
CA ARG E 199 28.15 -1.20 26.32
C ARG E 199 28.19 0.01 25.43
N ILE E 200 29.09 0.01 24.44
CA ILE E 200 29.22 1.10 23.56
C ILE E 200 29.22 0.60 22.09
N ALA E 201 28.16 0.99 21.39
CA ALA E 201 28.07 0.85 19.95
C ALA E 201 28.53 2.12 19.24
N ILE E 202 28.84 1.99 17.93
CA ILE E 202 29.33 3.12 17.14
C ILE E 202 28.55 3.13 15.83
N ASP E 203 28.53 4.30 15.19
CA ASP E 203 27.73 4.47 14.02
C ASP E 203 28.45 5.47 13.09
N GLY E 204 28.83 4.98 11.88
CA GLY E 204 29.50 5.79 10.87
C GLY E 204 28.64 6.52 9.84
N ASN E 205 27.32 6.28 9.87
CA ASN E 205 26.41 6.87 8.91
C ASN E 205 26.92 6.79 7.44
N GLY E 206 27.50 5.64 7.11
CA GLY E 206 27.86 5.31 5.70
C GLY E 206 28.96 6.18 5.13
N LYS E 207 29.81 6.71 5.98
CA LYS E 207 30.84 7.65 5.52
C LYS E 207 32.08 7.07 4.81
N TRP E 208 32.53 5.89 5.22
CA TRP E 208 33.85 5.42 4.87
C TRP E 208 33.80 4.28 3.84
N ASP E 209 34.94 4.01 3.23
CA ASP E 209 35.02 2.87 2.25
C ASP E 209 35.56 1.64 2.95
N LEU E 210 35.56 0.53 2.19
CA LEU E 210 35.98 -0.72 2.74
C LEU E 210 37.39 -0.74 3.39
N PRO E 211 38.45 -0.31 2.69
CA PRO E 211 39.75 -0.34 3.28
C PRO E 211 39.85 0.51 4.54
N THR E 212 39.18 1.67 4.55
CA THR E 212 39.20 2.55 5.69
C THR E 212 38.58 1.81 6.90
N CYS E 213 37.43 1.11 6.68
CA CYS E 213 36.78 0.40 7.76
C CYS E 213 37.60 -0.78 8.23
N GLN E 214 38.28 -1.47 7.32
CA GLN E 214 39.10 -2.60 7.75
C GLN E 214 40.18 -2.15 8.72
N ARG E 215 40.84 -1.07 8.36
CA ARG E 215 41.90 -0.56 9.25
C ARG E 215 41.32 -0.08 10.59
N PHE E 216 40.21 0.63 10.51
CA PHE E 216 39.54 1.18 11.74
C PHE E 216 39.12 0.05 12.66
N CYS E 217 38.49 -1.00 12.11
CA CYS E 217 38.07 -2.08 12.95
C CYS E 217 39.22 -2.83 13.61
N ALA E 218 40.32 -3.02 12.90
CA ALA E 218 41.48 -3.62 13.50
C ALA E 218 42.05 -2.71 14.64
N ALA E 219 42.09 -1.42 14.40
CA ALA E 219 42.51 -0.42 15.45
C ALA E 219 41.58 -0.38 16.64
N ALA E 220 40.33 -0.77 16.46
CA ALA E 220 39.34 -0.76 17.54
C ALA E 220 39.20 -2.02 18.31
N LYS E 221 40.07 -2.98 18.10
CA LYS E 221 39.92 -4.35 18.62
C LYS E 221 39.90 -4.47 20.15
N ASP E 222 40.51 -3.54 20.87
CA ASP E 222 40.51 -3.51 22.33
C ASP E 222 39.47 -2.53 22.90
N LEU E 223 38.61 -1.93 22.09
CA LEU E 223 37.68 -0.95 22.61
C LEU E 223 36.35 -1.51 23.03
N ASP E 224 36.18 -2.83 22.89
CA ASP E 224 34.94 -3.51 23.16
C ASP E 224 33.75 -2.82 22.56
N ILE E 225 33.79 -2.69 21.24
CA ILE E 225 32.71 -2.12 20.44
C ILE E 225 31.53 -3.05 20.25
N TYR E 226 30.35 -2.66 20.66
CA TYR E 226 29.17 -3.52 20.70
C TYR E 226 28.73 -3.85 19.26
N TRP E 227 28.64 -2.82 18.42
CA TRP E 227 28.38 -2.95 16.96
C TRP E 227 28.87 -1.73 16.24
N PHE E 228 29.10 -1.89 14.95
CA PHE E 228 29.55 -0.80 14.05
C PHE E 228 28.41 -0.65 13.07
N GLU E 229 27.63 0.44 13.23
CA GLU E 229 26.48 0.70 12.39
C GLU E 229 26.81 1.47 11.13
N GLU E 230 26.12 1.12 10.02
CA GLU E 230 26.34 1.73 8.71
C GLU E 230 27.81 2.11 8.44
N PRO E 231 28.68 1.09 8.42
CA PRO E 231 30.09 1.42 8.21
C PRO E 231 30.38 1.93 6.76
N LEU E 232 29.54 1.52 5.81
CA LEU E 232 29.85 1.65 4.39
C LEU E 232 28.65 2.20 3.67
N TRP E 233 28.78 2.41 2.35
CA TRP E 233 27.72 3.02 1.58
C TRP E 233 26.48 2.16 1.63
N TYR E 234 25.32 2.78 1.74
CA TYR E 234 24.13 2.12 2.20
C TYR E 234 23.67 1.00 1.27
N ASP E 235 23.97 1.12 -0.04
CA ASP E 235 23.42 0.18 -1.01
C ASP E 235 24.44 -0.84 -1.49
N ASP E 236 25.61 -0.80 -0.92
CA ASP E 236 26.75 -1.67 -1.29
C ASP E 236 26.80 -2.90 -0.35
N VAL E 237 26.17 -3.96 -0.77
CA VAL E 237 26.10 -5.22 0.01
C VAL E 237 27.48 -5.87 0.12
N THR E 238 28.16 -6.00 -1.03
CA THR E 238 29.41 -6.69 -1.05
C THR E 238 30.43 -6.12 -0.11
N SER E 239 30.58 -4.82 -0.06
CA SER E 239 31.56 -4.27 0.87
C SER E 239 31.26 -4.62 2.29
N HIS E 240 29.98 -4.61 2.66
CA HIS E 240 29.62 -4.99 4.02
C HIS E 240 29.90 -6.47 4.36
N ALA E 241 29.59 -7.34 3.39
CA ALA E 241 29.93 -8.78 3.47
C ALA E 241 31.43 -9.00 3.64
N ARG E 242 32.26 -8.28 2.90
CA ARG E 242 33.76 -8.41 3.03
C ARG E 242 34.20 -7.89 4.41
N LEU E 243 33.64 -6.77 4.87
CA LEU E 243 34.06 -6.26 6.19
C LEU E 243 33.65 -7.19 7.30
N ALA E 244 32.44 -7.76 7.25
CA ALA E 244 31.94 -8.61 8.28
C ALA E 244 32.81 -9.79 8.48
N ARG E 245 33.39 -10.31 7.42
CA ARG E 245 34.29 -11.47 7.53
C ARG E 245 35.68 -11.05 7.93
N ASN E 246 36.04 -9.78 7.87
CA ASN E 246 37.41 -9.31 8.16
C ASN E 246 37.60 -8.92 9.62
N THR E 247 36.50 -8.82 10.39
CA THR E 247 36.59 -8.36 11.75
C THR E 247 35.66 -9.18 12.64
N SER E 248 35.92 -9.14 13.94
CA SER E 248 35.00 -9.62 14.91
C SER E 248 33.95 -8.61 15.40
N ILE E 249 34.11 -7.33 15.05
CA ILE E 249 33.09 -6.34 15.44
C ILE E 249 31.83 -6.57 14.57
N PRO E 250 30.63 -6.73 15.19
CA PRO E 250 29.37 -6.97 14.50
C PRO E 250 28.97 -5.76 13.70
N ILE E 251 28.40 -5.98 12.51
CA ILE E 251 27.90 -4.94 11.66
C ILE E 251 26.41 -4.80 11.91
N ALA E 252 25.99 -3.53 12.09
CA ALA E 252 24.59 -3.19 12.17
C ALA E 252 24.20 -2.28 11.00
N LEU E 253 23.03 -2.50 10.43
CA LEU E 253 22.45 -1.59 9.42
C LEU E 253 20.99 -1.82 9.23
N GLY E 254 20.36 -0.92 8.47
CA GLY E 254 18.98 -1.08 8.18
C GLY E 254 18.23 0.24 8.04
N GLU E 255 18.72 1.31 8.67
CA GLU E 255 17.89 2.53 8.71
C GLU E 255 17.62 3.22 7.36
N GLN E 256 18.41 2.87 6.35
CA GLN E 256 18.28 3.45 5.03
C GLN E 256 17.72 2.46 4.02
N LEU E 257 17.35 1.24 4.49
CA LEU E 257 16.82 0.24 3.55
C LEU E 257 15.35 0.32 3.38
N TYR E 258 14.87 0.58 2.18
CA TYR E 258 13.45 0.77 1.94
C TYR E 258 12.56 -0.44 1.87
N THR E 259 13.15 -1.62 1.56
CA THR E 259 12.36 -2.80 1.26
C THR E 259 12.84 -4.09 1.95
N VAL E 260 11.92 -5.05 2.01
CA VAL E 260 12.24 -6.37 2.50
C VAL E 260 13.27 -7.01 1.58
N ASP E 261 13.23 -6.72 0.28
CA ASP E 261 14.25 -7.23 -0.64
C ASP E 261 15.65 -6.79 -0.27
N ALA E 262 15.83 -5.49 0.06
CA ALA E 262 17.13 -4.97 0.45
C ALA E 262 17.63 -5.69 1.72
N PHE E 263 16.75 -5.82 2.71
CA PHE E 263 17.10 -6.56 3.91
C PHE E 263 17.53 -7.96 3.59
N ARG E 264 16.73 -8.63 2.77
CA ARG E 264 17.08 -10.00 2.43
C ARG E 264 18.45 -10.09 1.76
N SER E 265 18.77 -9.16 0.85
CA SER E 265 20.09 -9.17 0.19
C SER E 265 21.26 -9.10 1.21
N PHE E 266 21.13 -8.17 2.15
CA PHE E 266 22.18 -7.98 3.17
C PHE E 266 22.30 -9.20 4.13
N ILE E 267 21.15 -9.69 4.59
CA ILE E 267 21.09 -10.80 5.49
C ILE E 267 21.68 -12.04 4.89
N ASP E 268 21.23 -12.35 3.67
CA ASP E 268 21.69 -13.55 2.98
C ASP E 268 23.21 -13.55 2.72
N ALA E 269 23.77 -12.39 2.49
CA ALA E 269 25.16 -12.20 2.23
C ALA E 269 26.06 -12.27 3.52
N GLY E 270 25.43 -12.36 4.66
CA GLY E 270 26.20 -12.25 5.90
C GLY E 270 26.70 -10.83 6.14
N ALA E 271 26.02 -9.84 5.59
CA ALA E 271 26.54 -8.47 5.54
C ALA E 271 25.98 -7.67 6.72
N VAL E 272 25.11 -8.25 7.51
CA VAL E 272 24.56 -7.62 8.69
C VAL E 272 24.31 -8.62 9.81
N ALA E 273 24.62 -8.25 11.06
CA ALA E 273 24.35 -9.07 12.23
C ALA E 273 23.25 -8.43 13.11
N TYR E 274 23.25 -7.08 13.22
CA TYR E 274 22.24 -6.38 13.99
C TYR E 274 21.31 -5.71 12.98
N VAL E 275 20.12 -6.24 12.89
CA VAL E 275 19.18 -5.87 11.86
C VAL E 275 18.34 -4.69 12.39
N GLN E 276 18.29 -3.62 11.61
CA GLN E 276 17.68 -2.35 12.06
C GLN E 276 16.55 -1.87 11.16
N PRO E 277 15.41 -2.58 11.10
CA PRO E 277 14.23 -2.10 10.37
C PRO E 277 13.73 -0.82 11.04
N ASP E 278 12.97 -0.04 10.28
CA ASP E 278 12.42 1.21 10.76
C ASP E 278 11.13 1.38 10.01
N VAL E 279 10.05 1.52 10.77
CA VAL E 279 8.70 1.67 10.20
C VAL E 279 8.54 2.95 9.40
N THR E 280 9.44 3.90 9.58
CA THR E 280 9.42 5.19 8.82
C THR E 280 10.14 5.08 7.48
N ARG E 281 10.84 3.96 7.27
CA ARG E 281 11.68 3.77 6.08
C ARG E 281 11.22 2.65 5.21
N LEU E 282 11.02 1.47 5.78
CA LEU E 282 10.24 0.42 5.13
C LEU E 282 8.79 0.91 5.04
N GLY E 283 7.90 0.17 4.43
CA GLY E 283 6.52 0.55 4.35
C GLY E 283 5.74 0.25 5.63
N GLY E 284 6.11 0.93 6.69
CA GLY E 284 5.39 0.83 7.92
C GLY E 284 5.54 -0.45 8.71
N ILE E 285 4.61 -0.60 9.64
CA ILE E 285 4.57 -1.72 10.54
C ILE E 285 4.42 -3.00 9.74
N THR E 286 3.61 -2.96 8.72
CA THR E 286 3.34 -4.15 7.92
C THR E 286 4.65 -4.73 7.32
N GLU E 287 5.47 -3.89 6.72
CA GLU E 287 6.72 -4.35 6.17
C GLU E 287 7.78 -4.60 7.24
N TYR E 288 7.77 -3.79 8.28
CA TYR E 288 8.59 -4.05 9.45
C TYR E 288 8.47 -5.49 9.96
N ILE E 289 7.25 -5.96 10.08
CA ILE E 289 7.02 -7.26 10.73
C ILE E 289 7.55 -8.36 9.82
N GLN E 290 7.44 -8.18 8.50
CA GLN E 290 8.08 -9.09 7.52
C GLN E 290 9.60 -9.18 7.69
N VAL E 291 10.26 -8.05 7.85
CA VAL E 291 11.68 -7.99 8.04
C VAL E 291 12.05 -8.56 9.40
N ALA E 292 11.25 -8.28 10.46
CA ALA E 292 11.60 -8.81 11.79
C ALA E 292 11.51 -10.37 11.74
N ASP E 293 10.54 -10.85 11.02
CA ASP E 293 10.30 -12.31 10.86
C ASP E 293 11.46 -12.94 10.06
N LEU E 294 11.86 -12.27 8.98
CA LEU E 294 13.09 -12.62 8.30
C LEU E 294 14.33 -12.71 9.23
N ALA E 295 14.57 -11.72 10.09
CA ALA E 295 15.67 -11.75 11.05
C ALA E 295 15.52 -12.91 12.03
N LEU E 296 14.30 -13.15 12.51
CA LEU E 296 14.00 -14.23 13.42
C LEU E 296 14.39 -15.56 12.78
N ALA E 297 14.05 -15.75 11.49
CA ALA E 297 14.40 -17.00 10.83
C ALA E 297 15.93 -17.22 10.75
N HIS E 298 16.69 -16.14 10.68
CA HIS E 298 18.13 -16.17 10.76
C HIS E 298 18.72 -16.06 12.12
N ARG E 299 17.89 -16.07 13.14
CA ARG E 299 18.30 -15.94 14.50
C ARG E 299 19.14 -14.73 14.73
N LEU E 300 18.83 -13.62 14.07
CA LEU E 300 19.58 -12.36 14.25
C LEU E 300 18.77 -11.38 15.05
N PRO E 301 19.40 -10.57 15.84
CA PRO E 301 18.65 -9.63 16.69
C PRO E 301 18.07 -8.44 15.90
N VAL E 302 16.88 -7.99 16.30
CA VAL E 302 16.20 -6.86 15.69
C VAL E 302 16.35 -5.69 16.69
N VAL E 303 16.97 -4.61 16.22
CA VAL E 303 17.29 -3.38 16.96
C VAL E 303 16.91 -2.17 16.09
N PRO E 304 15.64 -1.78 16.16
CA PRO E 304 15.12 -0.89 15.13
C PRO E 304 15.71 0.53 15.31
N HIS E 305 15.85 1.24 14.21
CA HIS E 305 16.38 2.57 14.22
C HIS E 305 15.25 3.54 14.57
N ALA E 306 15.58 4.52 15.37
CA ALA E 306 14.58 5.48 15.90
C ALA E 306 14.25 6.58 14.90
N GLY E 307 13.82 6.24 13.71
CA GLY E 307 13.35 7.25 12.74
C GLY E 307 12.01 7.91 13.16
N GLU E 308 11.26 7.24 14.05
CA GLU E 308 10.09 7.78 14.74
C GLU E 308 10.39 7.98 16.23
N MET E 309 11.68 8.15 16.57
CA MET E 309 12.15 8.38 17.92
C MET E 309 11.62 7.35 18.94
N SER E 310 11.35 6.18 18.41
CA SER E 310 10.90 5.01 19.19
C SER E 310 9.50 5.06 19.69
N GLN E 311 8.72 6.04 19.24
CA GLN E 311 7.30 6.12 19.62
C GLN E 311 6.51 4.89 19.15
N VAL E 312 6.83 4.35 17.96
CA VAL E 312 6.20 3.09 17.46
C VAL E 312 7.05 1.84 17.83
N HIS E 313 8.37 1.97 17.72
CA HIS E 313 9.24 0.84 17.93
C HIS E 313 9.21 0.32 19.35
N VAL E 314 8.86 1.14 20.32
CA VAL E 314 8.66 0.59 21.67
C VAL E 314 7.63 -0.49 21.72
N HIS E 315 6.57 -0.35 21.00
CA HIS E 315 5.62 -1.41 20.91
C HIS E 315 6.17 -2.66 20.22
N LEU E 316 6.82 -2.45 19.08
CA LEU E 316 7.31 -3.61 18.32
C LEU E 316 8.43 -4.35 19.06
N SER E 317 9.25 -3.63 19.83
N SER E 317 9.27 -3.63 19.81
CA SER E 317 10.32 -4.24 20.57
CA SER E 317 10.33 -4.29 20.54
C SER E 317 9.81 -4.90 21.89
C SER E 317 9.75 -4.97 21.81
N TYR E 318 8.68 -4.44 22.41
CA TYR E 318 7.98 -5.17 23.52
C TYR E 318 7.32 -6.46 23.05
N TRP E 319 6.94 -6.57 21.78
CA TRP E 319 6.22 -7.71 21.23
C TRP E 319 7.09 -8.72 20.47
N HIS E 320 7.85 -8.24 19.49
CA HIS E 320 8.38 -9.17 18.53
C HIS E 320 9.50 -9.98 19.17
N PRO E 321 9.44 -11.30 19.05
CA PRO E 321 10.37 -12.10 19.86
C PRO E 321 11.83 -12.09 19.43
N ALA E 322 12.14 -11.56 18.23
CA ALA E 322 13.54 -11.30 17.90
C ALA E 322 14.17 -10.04 18.39
N SER E 323 13.36 -9.19 18.99
CA SER E 323 13.84 -7.95 19.51
C SER E 323 14.75 -8.08 20.73
N THR E 324 15.67 -7.16 20.79
CA THR E 324 16.58 -7.01 21.92
C THR E 324 16.49 -5.62 22.55
N ILE E 325 17.37 -4.72 22.16
CA ILE E 325 17.43 -3.37 22.78
C ILE E 325 16.86 -2.26 21.87
N LEU E 326 16.70 -1.07 22.42
CA LEU E 326 16.01 -0.02 21.69
C LEU E 326 16.70 1.33 21.83
N GLU E 327 16.94 1.94 20.70
CA GLU E 327 17.57 3.24 20.64
C GLU E 327 16.72 4.25 21.39
N TYR E 328 17.42 5.18 22.05
CA TYR E 328 16.73 6.29 22.74
C TYR E 328 17.33 7.61 22.34
N ILE E 329 16.48 8.47 21.79
CA ILE E 329 16.79 9.88 21.51
C ILE E 329 15.57 10.68 22.01
N PRO E 330 15.77 11.58 22.98
CA PRO E 330 14.55 12.15 23.61
C PRO E 330 14.00 13.40 22.94
N TRP E 331 14.33 13.64 21.69
CA TRP E 331 13.94 14.88 21.03
C TRP E 331 12.47 15.24 20.98
N ILE E 332 11.60 14.30 20.68
CA ILE E 332 10.22 14.58 20.36
C ILE E 332 9.22 13.99 21.34
N LYS E 333 9.67 13.19 22.33
CA LYS E 333 8.77 12.41 23.13
C LYS E 333 7.66 13.24 23.79
N ASP E 334 8.04 14.42 24.23
CA ASP E 334 7.11 15.23 25.05
C ASP E 334 6.00 15.86 24.22
N HIS E 335 6.10 15.72 22.92
CA HIS E 335 5.09 16.11 21.97
C HIS E 335 3.98 15.12 21.69
N PHE E 336 3.98 14.02 22.40
CA PHE E 336 3.02 13.00 22.14
C PHE E 336 2.07 12.83 23.34
N GLU E 337 0.85 12.37 23.05
CA GLU E 337 -0.10 12.02 24.13
C GLU E 337 0.47 10.95 25.02
N GLU E 338 1.22 9.98 24.47
CA GLU E 338 1.94 9.03 25.32
C GLU E 338 3.44 9.03 24.97
N PRO E 339 4.21 9.87 25.64
CA PRO E 339 5.63 9.93 25.42
C PRO E 339 6.29 8.57 25.72
N ILE E 340 7.32 8.19 24.94
CA ILE E 340 8.25 7.20 25.47
C ILE E 340 8.85 7.71 26.79
N HIS E 341 9.22 6.76 27.61
CA HIS E 341 9.82 7.10 28.91
C HIS E 341 10.81 6.05 29.27
N VAL E 342 12.02 6.47 29.54
CA VAL E 342 13.09 5.57 29.97
C VAL E 342 13.53 5.98 31.40
N ARG E 343 13.57 5.00 32.29
CA ARG E 343 14.07 5.14 33.66
C ARG E 343 15.01 3.99 33.93
N ASP E 344 16.20 4.29 34.39
CA ASP E 344 17.17 3.24 34.70
C ASP E 344 17.48 2.37 33.48
N GLY E 345 17.48 2.98 32.30
CA GLY E 345 17.90 2.30 31.11
C GLY E 345 16.90 1.31 30.58
N VAL E 346 15.67 1.41 31.03
CA VAL E 346 14.61 0.54 30.60
C VAL E 346 13.43 1.41 30.14
N TYR E 347 12.92 1.12 28.95
CA TYR E 347 11.70 1.72 28.47
C TYR E 347 10.45 1.30 29.25
N LYS E 348 9.62 2.28 29.62
CA LYS E 348 8.29 1.97 30.12
C LYS E 348 7.42 1.29 29.07
N ARG E 349 6.62 0.33 29.53
CA ARG E 349 5.72 -0.35 28.62
C ARG E 349 4.51 0.56 28.29
N PRO E 350 4.23 0.82 27.00
CA PRO E 350 3.09 1.65 26.64
C PRO E 350 1.73 1.15 27.24
N GLU E 351 0.88 2.09 27.61
CA GLU E 351 -0.46 1.75 28.23
C GLU E 351 -1.65 2.19 27.42
N GLN E 352 -1.57 3.29 26.68
CA GLN E 352 -2.73 3.79 25.97
C GLN E 352 -3.07 3.01 24.74
N PRO E 353 -4.34 3.01 24.35
CA PRO E 353 -4.73 2.40 23.08
C PRO E 353 -4.02 3.04 21.90
N GLY E 354 -3.62 2.23 20.92
CA GLY E 354 -2.89 2.76 19.80
C GLY E 354 -1.43 2.42 19.76
N ALA E 355 -0.73 3.10 18.83
CA ALA E 355 0.69 2.94 18.58
C ALA E 355 1.51 4.11 19.08
N SER E 356 0.96 4.89 20.03
CA SER E 356 1.63 6.09 20.56
C SER E 356 2.24 7.03 19.51
N THR E 357 1.46 7.21 18.47
CA THR E 357 1.80 8.13 17.36
C THR E 357 1.01 9.46 17.39
N THR E 358 0.16 9.63 18.41
CA THR E 358 -0.76 10.74 18.49
C THR E 358 -0.09 11.96 19.10
N PRO E 359 0.17 13.02 18.31
CA PRO E 359 0.83 14.17 18.90
C PRO E 359 -0.19 15.05 19.64
N LEU E 360 0.35 15.88 20.53
CA LEU E 360 -0.42 16.88 21.28
C LEU E 360 -0.95 17.94 20.31
N ALA E 361 -2.18 18.38 20.55
CA ALA E 361 -2.81 19.46 19.74
C ALA E 361 -1.90 20.68 19.80
N GLU E 362 -1.35 21.02 20.97
CA GLU E 362 -0.51 22.22 21.13
C GLU E 362 0.74 22.16 20.25
N SER E 363 1.26 20.93 20.08
CA SER E 363 2.40 20.69 19.22
C SER E 363 2.17 20.99 17.77
N PHE E 364 1.00 20.65 17.24
CA PHE E 364 0.62 21.04 15.89
C PHE E 364 0.59 22.58 15.79
N THR E 365 0.12 23.21 16.85
CA THR E 365 -0.11 24.68 16.76
C THR E 365 1.21 25.40 16.78
N ARG E 366 2.09 24.99 17.68
CA ARG E 366 3.37 25.59 17.84
C ARG E 366 4.36 25.21 16.72
N TYR E 367 4.45 23.92 16.39
CA TYR E 367 5.55 23.45 15.51
C TYR E 367 5.14 22.94 14.15
N GLY E 368 3.85 22.96 13.87
CA GLY E 368 3.29 22.47 12.63
C GLY E 368 3.61 23.43 11.52
N LYS E 369 3.68 22.90 10.30
CA LYS E 369 3.93 23.67 9.08
C LYS E 369 2.84 23.40 8.10
N ALA E 370 2.48 24.41 7.29
CA ALA E 370 1.43 24.23 6.30
C ALA E 370 1.95 23.23 5.20
N VAL E 371 1.11 22.32 4.77
CA VAL E 371 1.57 21.30 3.81
C VAL E 371 1.54 21.84 2.38
N LYS E 372 0.85 22.96 2.21
CA LYS E 372 0.69 23.72 0.96
C LYS E 372 1.06 25.18 1.17
N MET F 1 10.00 26.68 36.63
CA MET F 1 11.04 25.59 36.77
C MET F 1 10.28 24.37 37.23
N LYS F 2 10.85 23.19 37.04
CA LYS F 2 10.11 21.95 37.34
C LYS F 2 9.97 21.66 38.81
N ILE F 3 8.80 21.23 39.22
CA ILE F 3 8.56 20.76 40.55
C ILE F 3 9.23 19.40 40.78
N THR F 4 10.07 19.29 41.79
CA THR F 4 10.82 18.05 42.02
C THR F 4 10.33 17.39 43.26
N ALA F 5 9.61 18.10 44.16
CA ALA F 5 9.10 17.51 45.36
C ALA F 5 7.87 18.24 45.91
N VAL F 6 6.97 17.49 46.52
CA VAL F 6 5.81 18.04 47.27
C VAL F 6 5.73 17.30 48.56
N GLU F 7 5.96 18.00 49.67
CA GLU F 7 5.99 17.38 50.98
C GLU F 7 5.01 18.03 51.92
N PRO F 8 3.98 17.30 52.38
CA PRO F 8 3.01 17.91 53.30
C PRO F 8 3.54 18.04 54.68
N PHE F 9 2.96 18.94 55.42
CA PHE F 9 3.32 19.13 56.78
C PHE F 9 2.12 19.58 57.61
N ILE F 10 2.18 19.27 58.92
CA ILE F 10 1.26 19.76 59.92
C ILE F 10 2.02 20.37 61.09
N LEU F 11 1.69 21.62 61.41
CA LEU F 11 2.08 22.28 62.67
C LEU F 11 0.85 22.48 63.56
N HIS F 12 0.94 22.09 64.83
CA HIS F 12 -0.05 22.48 65.81
C HIS F 12 0.60 23.46 66.78
N LEU F 13 0.17 24.72 66.69
CA LEU F 13 0.77 25.85 67.40
C LEU F 13 -0.12 26.27 68.55
N PRO F 14 0.47 26.54 69.73
CA PRO F 14 -0.37 27.00 70.85
C PRO F 14 -0.88 28.46 70.73
N LEU F 15 -1.94 28.76 71.48
CA LEU F 15 -2.59 30.07 71.42
C LEU F 15 -2.15 31.02 72.54
N THR F 16 -2.77 32.22 72.60
CA THR F 16 -2.54 33.21 73.64
C THR F 16 -3.07 32.78 74.99
N SER F 17 -4.08 31.92 74.99
CA SER F 17 -4.65 31.35 76.19
C SER F 17 -4.62 29.83 76.01
N GLU F 18 -4.85 29.11 77.11
CA GLU F 18 -4.87 27.65 77.04
C GLU F 18 -6.03 27.16 76.14
N SER F 19 -7.18 27.84 76.24
CA SER F 19 -8.34 27.54 75.38
C SER F 19 -8.99 28.84 74.97
N ILE F 20 -9.48 28.90 73.72
CA ILE F 20 -10.39 29.99 73.38
C ILE F 20 -11.68 29.45 72.78
N SER F 21 -12.75 30.23 72.98
CA SER F 21 -14.03 29.84 72.32
C SER F 21 -14.66 30.99 71.55
N ASP F 22 -15.35 30.66 70.47
CA ASP F 22 -16.36 31.62 69.90
C ASP F 22 -17.70 30.96 70.13
N SER F 23 -18.72 31.35 69.37
CA SER F 23 -20.11 30.83 69.58
C SER F 23 -20.24 29.36 69.34
N THR F 24 -19.30 28.81 68.57
CA THR F 24 -19.47 27.47 67.99
C THR F 24 -18.35 26.47 68.34
N HIS F 25 -17.15 26.99 68.60
CA HIS F 25 -15.95 26.14 68.66
C HIS F 25 -15.17 26.55 69.95
N SER F 26 -14.46 25.55 70.53
CA SER F 26 -13.42 25.75 71.58
C SER F 26 -12.11 25.10 71.10
N ILE F 27 -11.00 25.81 71.10
CA ILE F 27 -9.76 25.23 70.57
C ILE F 27 -8.61 25.51 71.51
N THR F 28 -7.58 24.64 71.49
CA THR F 28 -6.31 24.87 72.21
C THR F 28 -5.07 25.12 71.32
N HIS F 29 -5.19 24.78 70.05
CA HIS F 29 -4.09 24.90 69.09
C HIS F 29 -4.64 25.29 67.76
N TRP F 30 -3.81 25.97 66.98
CA TRP F 30 -4.15 26.33 65.60
C TRP F 30 -3.37 25.35 64.73
N GLY F 31 -4.04 24.76 63.75
CA GLY F 31 -3.38 23.93 62.80
C GLY F 31 -2.93 24.66 61.55
N VAL F 32 -1.63 24.61 61.28
CA VAL F 32 -1.07 25.06 60.03
C VAL F 32 -0.81 23.83 59.23
N VAL F 33 -1.59 23.64 58.15
CA VAL F 33 -1.60 22.39 57.48
C VAL F 33 -1.41 22.65 56.04
N GLY F 34 -0.30 22.16 55.52
CA GLY F 34 0.08 22.51 54.18
C GLY F 34 1.15 21.70 53.47
N ALA F 35 1.80 22.36 52.52
CA ALA F 35 2.70 21.69 51.54
C ALA F 35 3.92 22.53 51.37
N LYS F 36 5.09 21.90 51.36
CA LYS F 36 6.33 22.55 50.90
C LYS F 36 6.61 21.99 49.55
N ILE F 37 6.71 22.83 48.53
CA ILE F 37 6.97 22.42 47.17
C ILE F 37 8.35 22.92 46.75
N THR F 38 9.17 22.01 46.25
CA THR F 38 10.54 22.34 45.83
C THR F 38 10.63 22.25 44.34
N THR F 39 11.35 23.20 43.75
CA THR F 39 11.58 23.21 42.34
C THR F 39 13.06 22.88 42.03
N SER F 40 13.33 22.65 40.76
CA SER F 40 14.61 22.12 40.30
C SER F 40 15.73 23.12 40.51
N ASP F 41 15.38 24.38 40.67
CA ASP F 41 16.33 25.38 40.99
C ASP F 41 16.64 25.54 42.49
N GLY F 42 16.08 24.70 43.35
CA GLY F 42 16.39 24.74 44.76
C GLY F 42 15.48 25.67 45.50
N ILE F 43 14.58 26.36 44.80
CA ILE F 43 13.60 27.18 45.56
C ILE F 43 12.57 26.28 46.26
N GLU F 44 12.16 26.70 47.44
CA GLU F 44 11.24 25.95 48.32
C GLU F 44 10.08 26.90 48.66
N GLY F 45 8.88 26.52 48.21
CA GLY F 45 7.64 27.29 48.48
C GLY F 45 6.76 26.61 49.50
N TYR F 46 6.10 27.42 50.28
CA TYR F 46 5.21 26.98 51.29
C TYR F 46 3.82 27.56 51.17
N GLY F 47 2.84 26.73 51.50
CA GLY F 47 1.47 27.20 51.56
C GLY F 47 0.71 26.31 52.48
N PHE F 48 -0.32 26.89 53.09
CA PHE F 48 -1.09 26.12 54.01
C PHE F 48 -2.52 26.61 54.17
N THR F 49 -3.36 25.70 54.64
CA THR F 49 -4.65 26.07 55.17
C THR F 49 -4.61 26.23 56.70
N GLY F 50 -5.74 26.60 57.31
CA GLY F 50 -5.84 26.75 58.69
C GLY F 50 -6.95 25.94 59.29
N THR F 51 -6.61 25.09 60.25
CA THR F 51 -7.59 24.23 60.87
C THR F 51 -7.61 24.39 62.39
N HIS F 52 -8.57 23.71 62.99
CA HIS F 52 -8.69 23.67 64.40
C HIS F 52 -7.80 22.59 65.05
N ALA F 53 -6.81 22.12 64.30
CA ALA F 53 -5.79 21.18 64.83
C ALA F 53 -6.42 19.91 65.38
N HIS F 54 -7.35 19.37 64.61
CA HIS F 54 -7.87 18.05 64.83
C HIS F 54 -7.03 17.13 63.93
N LEU F 55 -6.14 16.40 64.56
CA LEU F 55 -5.18 15.61 63.80
C LEU F 55 -5.71 14.66 62.72
N PRO F 56 -6.74 13.86 63.02
CA PRO F 56 -7.25 12.96 62.05
C PRO F 56 -7.77 13.59 60.77
N SER F 57 -8.32 14.80 60.87
CA SER F 57 -8.83 15.50 59.69
C SER F 57 -7.76 16.34 59.07
N ASP F 58 -6.81 16.77 59.86
CA ASP F 58 -5.61 17.45 59.29
C ASP F 58 -4.92 16.49 58.39
N ARG F 59 -4.86 15.19 58.77
CA ARG F 59 -4.20 14.24 57.90
C ARG F 59 -5.00 13.92 56.64
N LEU F 60 -6.29 14.18 56.64
CA LEU F 60 -7.05 14.06 55.38
C LEU F 60 -6.53 15.06 54.33
N ILE F 61 -6.33 16.28 54.76
CA ILE F 61 -5.76 17.36 53.91
C ILE F 61 -4.36 17.00 53.42
N THR F 62 -3.46 16.61 54.34
CA THR F 62 -2.14 16.21 53.87
C THR F 62 -2.15 14.99 52.95
N SER F 63 -3.02 13.97 53.21
CA SER F 63 -3.10 12.87 52.30
C SER F 63 -3.61 13.25 50.90
N CYS F 64 -4.57 14.18 50.80
CA CYS F 64 -5.00 14.68 49.50
C CYS F 64 -3.83 15.35 48.80
N ILE F 65 -3.02 16.10 49.54
CA ILE F 65 -1.82 16.74 48.93
C ILE F 65 -0.80 15.73 48.41
N SER F 66 -0.41 14.78 49.26
CA SER F 66 0.59 13.78 48.83
C SER F 66 0.05 12.75 47.90
N ASP F 67 -1.18 12.30 48.12
CA ASP F 67 -1.68 11.15 47.34
C ASP F 67 -2.50 11.48 46.14
N CYS F 68 -3.26 12.60 46.15
CA CYS F 68 -4.08 13.04 45.02
C CYS F 68 -3.40 14.07 44.14
N TYR F 69 -2.81 15.09 44.76
CA TYR F 69 -2.26 16.18 43.99
C TYR F 69 -0.79 16.07 43.59
N ALA F 70 0.07 15.56 44.49
CA ALA F 70 1.50 15.46 44.16
C ALA F 70 1.75 14.76 42.84
N PRO F 71 0.99 13.70 42.52
CA PRO F 71 1.29 13.09 41.21
C PRO F 71 0.97 13.96 40.03
N LEU F 72 0.08 14.93 40.17
CA LEU F 72 -0.32 15.85 39.08
C LEU F 72 0.63 17.08 39.02
N LEU F 73 1.44 17.29 40.05
CA LEU F 73 2.38 18.41 40.14
C LEU F 73 3.83 18.04 39.76
N LEU F 74 4.29 16.86 40.20
CA LEU F 74 5.68 16.45 39.98
C LEU F 74 6.01 16.56 38.52
N GLY F 75 7.13 17.22 38.22
CA GLY F 75 7.55 17.42 36.84
C GLY F 75 6.87 18.54 36.07
N GLU F 76 5.88 19.19 36.65
CA GLU F 76 5.27 20.37 35.98
C GLU F 76 6.06 21.64 36.24
N ASP F 77 5.90 22.61 35.36
CA ASP F 77 6.53 23.90 35.57
C ASP F 77 5.77 24.70 36.63
N ALA F 78 6.41 24.98 37.72
CA ALA F 78 5.74 25.63 38.84
C ALA F 78 5.29 27.05 38.47
N SER F 79 5.88 27.57 37.41
CA SER F 79 5.57 28.91 36.94
C SER F 79 4.07 29.00 36.51
N ASP F 80 3.55 27.87 36.04
CA ASP F 80 2.21 27.80 35.37
C ASP F 80 1.08 27.64 36.44
N HIS F 81 1.04 28.54 37.43
CA HIS F 81 0.15 28.37 38.56
C HIS F 81 -1.32 28.45 38.16
N SER F 82 -1.64 29.23 37.14
N SER F 82 -1.66 29.22 37.14
CA SER F 82 -3.04 29.35 36.71
CA SER F 82 -3.07 29.31 36.72
C SER F 82 -3.49 28.02 36.06
C SER F 82 -3.51 28.00 36.04
N ARG F 83 -2.66 27.50 35.17
CA ARG F 83 -2.93 26.23 34.52
C ARG F 83 -3.02 25.11 35.52
N LEU F 84 -2.09 25.08 36.43
CA LEU F 84 -2.03 24.04 37.46
C LEU F 84 -3.22 24.14 38.43
N TRP F 85 -3.70 25.32 38.73
CA TRP F 85 -4.93 25.44 39.52
C TRP F 85 -6.09 24.65 38.88
N THR F 86 -6.38 24.87 37.60
CA THR F 86 -7.40 24.09 36.87
C THR F 86 -7.09 22.62 36.79
N LYS F 87 -5.84 22.29 36.54
CA LYS F 87 -5.42 20.89 36.50
C LYS F 87 -5.83 20.14 37.76
N LEU F 88 -5.49 20.66 38.93
CA LEU F 88 -5.88 20.05 40.15
C LEU F 88 -7.33 20.18 40.48
N ALA F 89 -7.86 21.40 40.43
CA ALA F 89 -9.17 21.64 40.92
C ALA F 89 -10.18 20.86 40.10
N ARG F 90 -9.96 20.76 38.80
CA ARG F 90 -10.94 20.20 37.91
C ARG F 90 -10.53 18.80 37.43
N TYR F 91 -9.60 18.17 38.14
CA TYR F 91 -9.22 16.75 37.77
C TYR F 91 -10.50 15.90 37.99
N PRO F 92 -10.94 15.17 36.95
CA PRO F 92 -12.37 14.82 37.05
C PRO F 92 -12.72 14.00 38.26
N SER F 93 -11.91 13.01 38.59
CA SER F 93 -12.31 12.18 39.69
C SER F 93 -12.17 12.88 41.05
N LEU F 94 -11.25 13.84 41.16
CA LEU F 94 -11.17 14.63 42.34
C LEU F 94 -12.36 15.66 42.45
N GLN F 95 -12.66 16.33 41.36
CA GLN F 95 -13.80 17.22 41.30
C GLN F 95 -15.07 16.50 41.76
N TRP F 96 -15.21 15.26 41.32
CA TRP F 96 -16.35 14.44 41.76
C TRP F 96 -16.55 14.39 43.29
N VAL F 97 -15.46 14.37 44.06
CA VAL F 97 -15.52 14.31 45.53
C VAL F 97 -15.14 15.64 46.13
N GLY F 98 -15.28 16.70 45.30
CA GLY F 98 -14.74 17.97 45.69
C GLY F 98 -15.63 19.16 45.43
N ARG F 99 -15.01 20.20 44.87
CA ARG F 99 -15.58 21.56 44.74
C ARG F 99 -15.65 22.34 46.00
N ALA F 100 -15.35 21.72 47.14
CA ALA F 100 -15.44 22.31 48.42
C ALA F 100 -14.89 21.27 49.41
N GLY F 101 -14.73 21.69 50.63
CA GLY F 101 -14.26 20.84 51.69
C GLY F 101 -12.79 20.42 51.50
N ILE F 102 -12.47 19.21 51.96
CA ILE F 102 -11.10 18.80 52.09
C ILE F 102 -10.26 19.01 50.82
N THR F 103 -10.79 18.64 49.66
CA THR F 103 -10.06 18.79 48.45
C THR F 103 -9.72 20.21 48.09
N HIS F 104 -10.57 21.11 48.49
CA HIS F 104 -10.36 22.53 48.19
C HIS F 104 -9.39 23.14 49.16
N LEU F 105 -9.39 22.70 50.42
CA LEU F 105 -8.41 23.10 51.40
C LEU F 105 -6.99 22.67 51.01
N ALA F 106 -6.89 21.48 50.46
CA ALA F 106 -5.59 21.00 49.99
C ALA F 106 -5.10 21.79 48.77
N LEU F 107 -6.05 22.14 47.92
CA LEU F 107 -5.76 22.91 46.70
C LEU F 107 -5.23 24.28 47.11
N ALA F 108 -5.83 24.86 48.15
CA ALA F 108 -5.44 26.15 48.67
C ALA F 108 -3.95 26.16 49.09
N ALA F 109 -3.57 25.09 49.77
CA ALA F 109 -2.18 24.97 50.28
C ALA F 109 -1.24 24.89 49.11
N VAL F 110 -1.57 24.10 48.08
CA VAL F 110 -0.72 23.99 46.91
C VAL F 110 -0.61 25.30 46.18
N ASP F 111 -1.76 25.92 45.91
CA ASP F 111 -1.76 27.18 45.18
C ASP F 111 -0.90 28.28 45.90
N VAL F 112 -1.03 28.40 47.23
CA VAL F 112 -0.24 29.41 47.98
C VAL F 112 1.29 29.13 47.81
N ALA F 113 1.61 27.87 47.80
CA ALA F 113 3.06 27.48 47.74
C ALA F 113 3.56 27.87 46.38
N LEU F 114 2.72 27.73 45.36
CA LEU F 114 3.20 28.08 44.03
C LEU F 114 3.42 29.59 43.85
N TRP F 115 2.52 30.38 44.44
CA TRP F 115 2.77 31.84 44.52
C TRP F 115 3.99 32.25 45.32
N ASP F 116 4.22 31.60 46.44
CA ASP F 116 5.47 31.76 47.24
C ASP F 116 6.68 31.51 46.40
N ILE F 117 6.68 30.42 45.65
CA ILE F 117 7.73 30.19 44.73
C ILE F 117 7.90 31.32 43.70
N LYS F 118 6.79 31.75 43.10
CA LYS F 118 6.85 32.70 42.02
C LYS F 118 7.50 34.03 42.55
N ALA F 119 7.09 34.48 43.72
CA ALA F 119 7.63 35.72 44.34
C ALA F 119 9.09 35.57 44.82
N LYS F 120 9.38 34.41 45.35
CA LYS F 120 10.75 34.08 45.69
C LYS F 120 11.68 34.07 44.50
N LYS F 121 11.28 33.44 43.43
CA LYS F 121 12.06 33.47 42.22
C LYS F 121 12.27 34.87 41.66
N ALA F 122 11.24 35.69 41.80
CA ALA F 122 11.34 37.08 41.35
C ALA F 122 12.18 37.92 42.31
N GLY F 123 12.47 37.41 43.51
CA GLY F 123 13.23 38.10 44.53
C GLY F 123 12.54 39.23 45.29
N VAL F 124 11.21 39.22 45.37
CA VAL F 124 10.44 40.28 45.94
C VAL F 124 9.29 39.74 46.81
N PRO F 125 8.80 40.55 47.76
CA PRO F 125 7.60 40.21 48.47
C PRO F 125 6.38 40.24 47.52
N LEU F 126 5.46 39.37 47.85
CA LEU F 126 4.28 39.11 47.00
C LEU F 126 3.53 40.41 46.67
N TRP F 127 3.37 41.30 47.64
CA TRP F 127 2.62 42.56 47.36
C TRP F 127 3.29 43.35 46.25
N HIS F 128 4.60 43.32 46.24
CA HIS F 128 5.34 44.06 45.25
C HIS F 128 5.26 43.35 43.92
N TYR F 129 5.42 42.03 43.95
CA TYR F 129 5.27 41.21 42.78
C TYR F 129 3.95 41.44 42.00
N LEU F 130 2.85 41.54 42.74
CA LEU F 130 1.52 41.78 42.21
C LEU F 130 1.29 43.17 41.63
N GLY F 131 2.15 44.16 41.94
CA GLY F 131 2.05 45.42 41.22
C GLY F 131 2.18 46.65 42.12
N GLY F 132 2.55 46.45 43.40
CA GLY F 132 2.86 47.55 44.28
C GLY F 132 1.77 47.88 45.27
N ALA F 133 2.05 48.85 46.16
CA ALA F 133 1.21 49.13 47.30
C ALA F 133 0.07 50.09 47.00
N ARG F 134 -1.14 49.77 47.49
CA ARG F 134 -2.32 50.63 47.36
C ARG F 134 -2.42 51.54 48.57
N THR F 135 -1.63 51.29 49.60
CA THR F 135 -1.60 52.16 50.78
C THR F 135 -0.20 52.20 51.41
N ALA F 136 0.09 53.33 52.10
CA ALA F 136 1.30 53.53 52.93
C ALA F 136 1.20 52.71 54.21
N GLY F 137 -0.01 52.34 54.61
CA GLY F 137 -0.18 51.53 55.82
C GLY F 137 -1.52 50.80 55.98
N VAL F 138 -1.51 49.49 56.05
CA VAL F 138 -2.77 48.70 56.32
C VAL F 138 -3.08 48.69 57.83
N GLU F 139 -4.25 49.18 58.20
CA GLU F 139 -4.65 49.23 59.55
C GLU F 139 -5.10 47.88 59.97
N ALA F 140 -4.78 47.56 61.24
CA ALA F 140 -5.20 46.36 61.82
C ALA F 140 -6.38 46.46 62.72
N TYR F 141 -7.11 45.38 62.87
CA TYR F 141 -8.05 45.25 63.96
C TYR F 141 -7.84 44.00 64.81
N ASN F 142 -8.03 44.17 66.10
CA ASN F 142 -7.70 43.10 67.08
C ASN F 142 -8.86 42.22 67.43
N THR F 143 -8.76 40.94 67.01
CA THR F 143 -9.69 39.92 67.31
C THR F 143 -9.40 39.20 68.58
N ASP F 144 -8.13 39.17 68.95
CA ASP F 144 -7.70 38.29 70.04
C ASP F 144 -8.14 38.72 71.44
N ILE F 145 -8.65 39.93 71.58
CA ILE F 145 -9.16 40.38 72.84
C ILE F 145 -10.66 40.10 73.02
N GLY F 146 -11.25 39.49 72.00
CA GLY F 146 -12.76 39.40 71.98
C GLY F 146 -13.48 38.12 72.11
N TRP F 147 -12.74 37.03 72.41
CA TRP F 147 -13.30 35.71 72.49
C TRP F 147 -14.47 35.60 73.42
N LEU F 148 -15.44 34.75 73.02
CA LEU F 148 -16.65 34.56 73.73
C LEU F 148 -16.40 33.89 75.09
N SER F 149 -15.33 33.10 75.17
CA SER F 149 -14.91 32.47 76.42
C SER F 149 -14.41 33.46 77.47
N PHE F 150 -14.16 34.72 77.13
CA PHE F 150 -13.73 35.68 78.15
C PHE F 150 -14.91 36.09 79.05
N THR F 151 -14.71 36.03 80.37
CA THR F 151 -15.60 36.74 81.27
C THR F 151 -15.63 38.19 80.89
N LEU F 152 -16.69 38.88 81.25
CA LEU F 152 -16.82 40.29 80.99
C LEU F 152 -15.66 41.06 81.58
N GLU F 153 -15.27 40.69 82.80
CA GLU F 153 -14.06 41.36 83.36
C GLU F 153 -12.79 41.27 82.42
N ASP F 154 -12.50 40.08 81.93
CA ASP F 154 -11.37 39.84 81.06
C ASP F 154 -11.57 40.45 79.64
N LEU F 155 -12.80 40.52 79.21
CA LEU F 155 -13.13 41.11 77.89
C LEU F 155 -12.83 42.57 77.96
N LEU F 156 -13.28 43.19 79.05
CA LEU F 156 -12.99 44.57 79.27
C LEU F 156 -11.51 44.92 79.45
N ALA F 157 -10.83 44.10 80.25
CA ALA F 157 -9.37 44.33 80.54
C ALA F 157 -8.52 44.27 79.25
N GLY F 158 -8.76 43.25 78.45
CA GLY F 158 -8.09 43.08 77.17
C GLY F 158 -8.39 44.16 76.18
N SER F 159 -9.68 44.50 76.02
CA SER F 159 -10.06 45.53 75.10
C SER F 159 -9.38 46.85 75.51
N ALA F 160 -9.41 47.13 76.82
CA ALA F 160 -8.74 48.38 77.29
C ALA F 160 -7.24 48.41 77.02
N ARG F 161 -6.58 47.29 77.25
CA ARG F 161 -5.13 47.20 77.02
C ARG F 161 -4.77 47.33 75.50
N ALA F 162 -5.59 46.72 74.65
CA ALA F 162 -5.39 46.86 73.20
C ALA F 162 -5.42 48.29 72.77
N VAL F 163 -6.34 49.04 73.36
CA VAL F 163 -6.56 50.39 72.94
C VAL F 163 -5.62 51.36 73.62
N GLU F 164 -5.50 51.19 74.95
CA GLU F 164 -4.72 52.14 75.77
C GLU F 164 -3.22 51.85 75.87
N GLU F 165 -2.81 50.63 75.70
CA GLU F 165 -1.36 50.30 75.69
C GLU F 165 -0.82 50.00 74.32
N ASP F 166 -1.59 49.31 73.51
CA ASP F 166 -1.07 48.79 72.26
C ASP F 166 -1.44 49.63 71.04
N GLY F 167 -2.25 50.65 71.22
CA GLY F 167 -2.51 51.56 70.13
C GLY F 167 -3.49 51.04 69.07
N PHE F 168 -4.31 50.03 69.38
CA PHE F 168 -5.37 49.66 68.44
C PHE F 168 -6.51 50.68 68.52
N THR F 169 -7.14 51.01 67.38
CA THR F 169 -8.38 51.75 67.46
C THR F 169 -9.51 51.01 66.75
N ARG F 170 -9.31 49.70 66.56
CA ARG F 170 -10.31 48.82 65.88
C ARG F 170 -10.23 47.48 66.57
N LEU F 171 -11.40 46.98 67.00
CA LEU F 171 -11.54 45.69 67.69
C LEU F 171 -12.65 44.88 67.04
N LYS F 172 -12.60 43.56 67.23
CA LYS F 172 -13.72 42.67 66.95
C LYS F 172 -14.00 41.73 68.16
N ILE F 173 -15.26 41.73 68.55
CA ILE F 173 -15.70 41.07 69.71
C ILE F 173 -16.68 39.99 69.33
N LYS F 174 -16.55 38.80 69.90
CA LYS F 174 -17.49 37.72 69.54
C LYS F 174 -18.79 37.91 70.22
N VAL F 175 -19.85 37.41 69.57
CA VAL F 175 -21.18 37.33 70.12
C VAL F 175 -21.69 35.91 69.83
N GLY F 176 -22.80 35.54 70.42
CA GLY F 176 -23.41 34.25 70.21
C GLY F 176 -23.81 33.55 71.47
N HIS F 177 -24.10 34.25 72.55
CA HIS F 177 -24.81 33.59 73.64
C HIS F 177 -26.17 33.15 73.16
N ASP F 178 -26.73 32.19 73.84
CA ASP F 178 -28.06 31.75 73.51
C ASP F 178 -29.10 32.83 73.57
N ASP F 179 -28.97 33.69 74.57
CA ASP F 179 -29.72 34.91 74.70
C ASP F 179 -28.84 36.08 74.30
N PRO F 180 -29.07 36.68 73.15
CA PRO F 180 -28.25 37.79 72.70
C PRO F 180 -28.26 38.99 73.56
N ASN F 181 -29.21 39.09 74.48
CA ASN F 181 -29.19 40.22 75.39
C ASN F 181 -27.91 40.23 76.31
N ILE F 182 -27.34 39.06 76.50
CA ILE F 182 -26.07 38.95 77.19
C ILE F 182 -24.96 39.61 76.40
N ASP F 183 -24.98 39.42 75.07
CA ASP F 183 -24.06 40.11 74.19
C ASP F 183 -24.25 41.60 74.15
N ILE F 184 -25.50 42.04 74.14
CA ILE F 184 -25.77 43.48 74.19
C ILE F 184 -25.13 44.04 75.49
N ALA F 185 -25.32 43.33 76.61
CA ALA F 185 -24.75 43.80 77.91
C ALA F 185 -23.22 43.89 77.85
N ARG F 186 -22.61 42.86 77.27
CA ARG F 186 -21.14 42.83 77.08
C ARG F 186 -20.64 43.93 76.21
N LEU F 187 -21.26 44.09 75.03
CA LEU F 187 -20.90 45.15 74.17
C LEU F 187 -21.14 46.51 74.77
N THR F 188 -22.24 46.69 75.46
CA THR F 188 -22.50 47.98 76.15
C THR F 188 -21.40 48.35 77.17
N ALA F 189 -20.95 47.37 77.90
CA ALA F 189 -19.86 47.59 78.86
C ALA F 189 -18.55 47.92 78.18
N VAL F 190 -18.22 47.26 77.06
CA VAL F 190 -17.03 47.61 76.33
C VAL F 190 -17.13 48.99 75.82
N ARG F 191 -18.29 49.35 75.25
CA ARG F 191 -18.49 50.71 74.78
C ARG F 191 -18.35 51.79 75.90
N GLU F 192 -18.79 51.51 77.10
CA GLU F 192 -18.59 52.44 78.23
C GLU F 192 -17.16 52.52 78.67
N ARG F 193 -16.40 51.47 78.48
CA ARG F 193 -15.02 51.43 78.93
C ARG F 193 -14.00 51.99 77.98
N VAL F 194 -14.21 51.97 76.65
CA VAL F 194 -13.14 52.43 75.80
C VAL F 194 -13.62 53.67 75.12
N ASP F 195 -12.66 54.38 74.54
CA ASP F 195 -12.89 55.65 73.91
C ASP F 195 -13.91 55.50 72.77
N SER F 196 -14.77 56.48 72.58
CA SER F 196 -15.80 56.39 71.53
C SER F 196 -15.20 56.27 70.12
N ALA F 197 -13.95 56.69 69.95
CA ALA F 197 -13.36 56.60 68.64
C ALA F 197 -12.81 55.21 68.29
N VAL F 198 -12.95 54.24 69.19
CA VAL F 198 -12.58 52.88 68.90
C VAL F 198 -13.68 52.28 68.04
N ARG F 199 -13.32 51.69 66.91
CA ARG F 199 -14.27 50.96 66.12
C ARG F 199 -14.40 49.56 66.62
N ILE F 200 -15.65 49.04 66.72
CA ILE F 200 -15.92 47.74 67.25
C ILE F 200 -16.87 46.97 66.27
N ALA F 201 -16.32 45.92 65.75
CA ALA F 201 -17.07 44.94 64.94
C ALA F 201 -17.41 43.75 65.80
N ILE F 202 -18.35 42.94 65.34
CA ILE F 202 -18.73 41.75 66.08
C ILE F 202 -18.86 40.54 65.19
N ASP F 203 -18.85 39.36 65.80
CA ASP F 203 -18.79 38.15 64.99
C ASP F 203 -19.57 37.08 65.68
N GLY F 204 -20.63 36.59 65.05
CA GLY F 204 -21.50 35.56 65.61
C GLY F 204 -21.12 34.09 65.26
N ASN F 205 -20.17 33.95 64.36
CA ASN F 205 -19.76 32.63 63.84
C ASN F 205 -20.94 31.73 63.47
N GLY F 206 -21.97 32.33 62.85
CA GLY F 206 -23.11 31.61 62.38
C GLY F 206 -24.03 30.92 63.35
N LYS F 207 -24.12 31.43 64.55
CA LYS F 207 -24.86 30.75 65.62
C LYS F 207 -26.37 30.98 65.59
N TRP F 208 -26.84 32.13 65.11
CA TRP F 208 -28.25 32.50 65.31
C TRP F 208 -29.11 32.37 64.00
N ASP F 209 -30.42 32.45 64.19
CA ASP F 209 -31.34 32.41 63.09
C ASP F 209 -31.80 33.82 62.77
N LEU F 210 -32.54 33.95 61.68
CA LEU F 210 -32.92 35.27 61.17
C LEU F 210 -33.72 36.13 62.24
N PRO F 211 -34.79 35.57 62.83
CA PRO F 211 -35.53 36.42 63.80
C PRO F 211 -34.61 36.89 64.96
N THR F 212 -33.74 36.01 65.42
CA THR F 212 -32.88 36.31 66.61
C THR F 212 -31.95 37.47 66.18
N CYS F 213 -31.41 37.36 64.96
CA CYS F 213 -30.58 38.46 64.47
C CYS F 213 -31.34 39.76 64.25
N GLN F 214 -32.57 39.69 63.77
CA GLN F 214 -33.32 40.95 63.58
C GLN F 214 -33.47 41.67 64.91
N ARG F 215 -33.83 40.91 65.93
CA ARG F 215 -34.09 41.53 67.24
C ARG F 215 -32.78 42.08 67.80
N PHE F 216 -31.73 41.29 67.70
CA PHE F 216 -30.41 41.68 68.20
C PHE F 216 -29.92 42.93 67.52
N CYS F 217 -30.05 42.96 66.18
CA CYS F 217 -29.58 44.16 65.52
C CYS F 217 -30.30 45.44 65.93
N ALA F 218 -31.62 45.34 66.12
CA ALA F 218 -32.40 46.46 66.58
C ALA F 218 -31.98 46.92 67.98
N ALA F 219 -31.67 45.95 68.81
CA ALA F 219 -31.23 46.21 70.20
C ALA F 219 -29.82 46.83 70.26
N ALA F 220 -29.01 46.57 69.23
CA ALA F 220 -27.67 47.05 69.11
C ALA F 220 -27.53 48.40 68.40
N LYS F 221 -28.66 49.07 68.13
CA LYS F 221 -28.69 50.28 67.27
C LYS F 221 -27.92 51.47 67.86
N ASP F 222 -27.70 51.53 69.16
CA ASP F 222 -26.92 52.60 69.68
C ASP F 222 -25.47 52.23 70.03
N LEU F 223 -25.02 51.03 69.73
CA LEU F 223 -23.69 50.60 70.12
C LEU F 223 -22.57 50.87 69.08
N ASP F 224 -22.90 51.48 67.94
CA ASP F 224 -21.95 51.83 66.88
C ASP F 224 -21.11 50.60 66.51
N ILE F 225 -21.86 49.59 66.01
CA ILE F 225 -21.29 48.31 65.62
C ILE F 225 -20.79 48.44 64.15
N TYR F 226 -19.51 48.21 63.93
CA TYR F 226 -18.86 48.40 62.65
C TYR F 226 -19.29 47.40 61.59
N TRP F 227 -19.36 46.13 61.93
CA TRP F 227 -20.00 45.11 61.10
C TRP F 227 -20.42 43.96 61.99
N PHE F 228 -21.36 43.14 61.47
CA PHE F 228 -21.83 41.95 62.10
C PHE F 228 -21.44 40.80 61.23
N GLU F 229 -20.36 40.07 61.64
CA GLU F 229 -19.81 38.99 60.85
C GLU F 229 -20.52 37.64 61.11
N GLU F 230 -20.75 36.89 60.02
CA GLU F 230 -21.37 35.57 60.03
C GLU F 230 -22.57 35.50 61.01
N PRO F 231 -23.56 36.34 60.77
CA PRO F 231 -24.68 36.34 61.70
C PRO F 231 -25.50 35.10 61.68
N LEU F 232 -25.56 34.47 60.49
CA LEU F 232 -26.50 33.40 60.18
C LEU F 232 -25.80 32.19 59.64
N TRP F 233 -26.53 31.11 59.38
CA TRP F 233 -25.91 29.87 58.90
C TRP F 233 -25.18 30.10 57.60
N TYR F 234 -24.03 29.50 57.49
CA TYR F 234 -23.04 29.88 56.46
C TYR F 234 -23.49 29.78 55.00
N ASP F 235 -24.35 28.83 54.72
CA ASP F 235 -24.77 28.54 53.33
C ASP F 235 -26.15 29.05 53.05
N ASP F 236 -26.71 29.88 53.92
CA ASP F 236 -28.07 30.38 53.75
C ASP F 236 -28.02 31.83 53.21
N VAL F 237 -28.05 31.98 51.89
CA VAL F 237 -27.99 33.29 51.32
C VAL F 237 -29.17 34.14 51.67
N THR F 238 -30.35 33.59 51.51
CA THR F 238 -31.57 34.36 51.65
C THR F 238 -31.78 35.01 53.01
N SER F 239 -31.48 34.27 54.07
CA SER F 239 -31.60 34.86 55.41
C SER F 239 -30.69 36.05 55.54
N HIS F 240 -29.46 35.94 55.01
CA HIS F 240 -28.55 37.10 55.08
C HIS F 240 -29.10 38.31 54.29
N ALA F 241 -29.65 38.04 53.11
CA ALA F 241 -30.21 39.10 52.32
C ALA F 241 -31.35 39.76 53.08
N ARG F 242 -32.21 39.01 53.73
CA ARG F 242 -33.33 39.62 54.45
C ARG F 242 -32.80 40.46 55.67
N LEU F 243 -31.78 39.95 56.38
CA LEU F 243 -31.24 40.70 57.55
C LEU F 243 -30.66 41.98 57.06
N ALA F 244 -29.85 41.91 56.00
CA ALA F 244 -29.20 43.11 55.47
C ALA F 244 -30.16 44.23 55.19
N ARG F 245 -31.35 43.92 54.73
CA ARG F 245 -32.34 44.89 54.44
C ARG F 245 -33.07 45.38 55.66
N ASN F 246 -32.97 44.65 56.76
CA ASN F 246 -33.78 44.90 57.93
C ASN F 246 -33.05 45.84 58.90
N THR F 247 -31.75 46.02 58.71
CA THR F 247 -30.89 46.78 59.69
C THR F 247 -29.90 47.64 58.93
N SER F 248 -29.46 48.73 59.55
CA SER F 248 -28.36 49.50 59.04
C SER F 248 -26.99 48.92 59.39
N ILE F 249 -26.92 47.93 60.28
CA ILE F 249 -25.66 47.32 60.62
C ILE F 249 -25.15 46.54 59.41
N PRO F 250 -23.93 46.80 58.95
CA PRO F 250 -23.35 46.03 57.86
C PRO F 250 -23.09 44.59 58.18
N ILE F 251 -23.36 43.74 57.16
CA ILE F 251 -23.07 42.31 57.31
C ILE F 251 -21.71 42.03 56.71
N ALA F 252 -20.93 41.23 57.39
CA ALA F 252 -19.65 40.71 56.92
C ALA F 252 -19.69 39.18 56.86
N LEU F 253 -19.10 38.59 55.83
CA LEU F 253 -18.96 37.09 55.76
C LEU F 253 -18.03 36.72 54.67
N GLY F 254 -17.62 35.47 54.71
CA GLY F 254 -16.74 34.91 53.71
C GLY F 254 -15.80 33.81 54.17
N GLU F 255 -15.49 33.77 55.45
CA GLU F 255 -14.46 32.89 55.91
C GLU F 255 -14.85 31.41 55.74
N GLN F 256 -16.15 31.10 55.58
CA GLN F 256 -16.56 29.73 55.39
C GLN F 256 -16.91 29.39 53.94
N LEU F 257 -16.73 30.32 53.03
CA LEU F 257 -17.19 30.12 51.64
C LEU F 257 -16.02 29.57 50.82
N TYR F 258 -16.26 28.43 50.20
CA TYR F 258 -15.20 27.70 49.45
C TYR F 258 -14.92 28.21 48.07
N THR F 259 -15.87 28.92 47.42
CA THR F 259 -15.83 29.14 45.99
C THR F 259 -16.20 30.57 45.57
N VAL F 260 -15.66 30.99 44.42
CA VAL F 260 -16.14 32.20 43.81
C VAL F 260 -17.66 32.18 43.61
N ASP F 261 -18.20 31.03 43.26
CA ASP F 261 -19.65 30.96 43.05
C ASP F 261 -20.44 31.37 44.30
N ALA F 262 -19.99 30.89 45.46
CA ALA F 262 -20.66 31.20 46.71
C ALA F 262 -20.55 32.67 46.96
N PHE F 263 -19.36 33.26 46.82
CA PHE F 263 -19.24 34.70 46.93
C PHE F 263 -20.18 35.48 46.02
N ARG F 264 -20.24 35.10 44.77
CA ARG F 264 -21.13 35.75 43.80
C ARG F 264 -22.59 35.67 44.26
N SER F 265 -23.00 34.52 44.77
CA SER F 265 -24.41 34.35 45.24
C SER F 265 -24.72 35.35 46.33
N PHE F 266 -23.86 35.40 47.35
CA PHE F 266 -24.05 36.35 48.43
C PHE F 266 -23.96 37.82 48.03
N ILE F 267 -23.00 38.16 47.19
CA ILE F 267 -22.82 39.55 46.78
C ILE F 267 -23.99 40.03 45.95
N ASP F 268 -24.35 39.19 44.95
CA ASP F 268 -25.43 39.60 44.03
C ASP F 268 -26.75 39.76 44.79
N ALA F 269 -26.97 38.97 45.80
CA ALA F 269 -28.20 39.10 46.62
C ALA F 269 -28.21 40.30 47.59
N GLY F 270 -27.09 40.98 47.75
CA GLY F 270 -27.01 42.07 48.69
C GLY F 270 -26.93 41.53 50.11
N ALA F 271 -26.41 40.35 50.23
CA ALA F 271 -26.41 39.63 51.50
C ALA F 271 -25.03 39.84 52.27
N VAL F 272 -24.12 40.58 51.69
CA VAL F 272 -22.86 40.85 52.32
C VAL F 272 -22.37 42.23 51.89
N ALA F 273 -21.80 43.01 52.83
CA ALA F 273 -21.24 44.30 52.49
C ALA F 273 -19.72 44.30 52.72
N TYR F 274 -19.27 43.60 53.75
CA TYR F 274 -17.85 43.40 54.00
C TYR F 274 -17.47 41.98 53.58
N VAL F 275 -16.74 41.90 52.49
CA VAL F 275 -16.41 40.62 51.82
C VAL F 275 -15.13 40.09 52.44
N GLN F 276 -15.16 38.84 52.86
CA GLN F 276 -14.06 38.26 53.65
C GLN F 276 -13.49 36.99 53.00
N PRO F 277 -12.83 37.12 51.85
CA PRO F 277 -12.21 35.96 51.25
C PRO F 277 -11.05 35.50 52.13
N ASP F 278 -10.63 34.27 51.92
CA ASP F 278 -9.55 33.74 52.74
C ASP F 278 -8.80 32.73 51.88
N VAL F 279 -7.53 32.96 51.66
CA VAL F 279 -6.72 32.07 50.78
C VAL F 279 -6.69 30.63 51.33
N THR F 280 -7.00 30.41 52.57
CA THR F 280 -6.98 29.04 53.11
C THR F 280 -8.32 28.33 52.96
N ARG F 281 -9.35 29.06 52.50
CA ARG F 281 -10.70 28.51 52.42
C ARG F 281 -11.13 28.39 50.96
N LEU F 282 -11.02 29.50 50.26
CA LEU F 282 -11.00 29.50 48.80
C LEU F 282 -9.81 28.68 48.29
N GLY F 283 -9.75 28.53 46.95
CA GLY F 283 -8.63 27.84 46.35
C GLY F 283 -7.41 28.74 46.20
N GLY F 284 -6.86 29.13 47.33
CA GLY F 284 -5.66 29.93 47.41
C GLY F 284 -5.72 31.37 46.91
N ILE F 285 -4.52 31.90 46.60
CA ILE F 285 -4.39 33.29 46.16
C ILE F 285 -5.07 33.41 44.80
N THR F 286 -5.01 32.37 43.97
CA THR F 286 -5.57 32.48 42.69
C THR F 286 -7.06 32.80 42.77
N GLU F 287 -7.77 32.03 43.60
CA GLU F 287 -9.21 32.24 43.74
C GLU F 287 -9.56 33.44 44.60
N TYR F 288 -8.71 33.74 45.55
CA TYR F 288 -8.87 34.98 46.33
C TYR F 288 -8.93 36.19 45.42
N ILE F 289 -8.03 36.24 44.45
CA ILE F 289 -7.92 37.43 43.61
C ILE F 289 -9.16 37.60 42.79
N GLN F 290 -9.71 36.49 42.32
CA GLN F 290 -10.94 36.57 41.60
C GLN F 290 -12.09 37.12 42.45
N VAL F 291 -12.21 36.69 43.71
CA VAL F 291 -13.22 37.18 44.63
C VAL F 291 -12.94 38.67 44.91
N ALA F 292 -11.66 39.04 45.12
CA ALA F 292 -11.35 40.48 45.39
C ALA F 292 -11.76 41.38 44.23
N ASP F 293 -11.60 40.86 43.01
CA ASP F 293 -11.98 41.57 41.81
C ASP F 293 -13.46 41.70 41.69
N LEU F 294 -14.15 40.63 42.07
CA LEU F 294 -15.57 40.64 42.10
C LEU F 294 -16.11 41.70 43.09
N ALA F 295 -15.53 41.76 44.30
CA ALA F 295 -15.92 42.75 45.28
C ALA F 295 -15.59 44.15 44.77
N LEU F 296 -14.43 44.33 44.11
CA LEU F 296 -14.07 45.64 43.58
C LEU F 296 -15.12 46.10 42.57
N ALA F 297 -15.64 45.15 41.77
CA ALA F 297 -16.67 45.50 40.80
C ALA F 297 -17.95 46.05 41.41
N HIS F 298 -18.29 45.57 42.61
CA HIS F 298 -19.41 45.97 43.37
C HIS F 298 -19.07 47.10 44.32
N ARG F 299 -17.84 47.63 44.23
CA ARG F 299 -17.32 48.66 45.10
C ARG F 299 -17.49 48.30 46.64
N LEU F 300 -17.33 47.05 46.99
CA LEU F 300 -17.40 46.63 48.35
C LEU F 300 -15.99 46.38 48.89
N PRO F 301 -15.80 46.62 50.19
CA PRO F 301 -14.48 46.47 50.89
C PRO F 301 -14.15 45.00 51.10
N VAL F 302 -12.87 44.67 50.87
CA VAL F 302 -12.28 43.40 51.06
C VAL F 302 -11.47 43.42 52.37
N VAL F 303 -11.91 42.61 53.30
CA VAL F 303 -11.35 42.49 54.64
C VAL F 303 -11.16 41.02 54.94
N PRO F 304 -10.04 40.45 54.52
CA PRO F 304 -9.91 38.99 54.53
C PRO F 304 -9.82 38.40 55.90
N HIS F 305 -10.32 37.18 56.02
CA HIS F 305 -10.35 36.48 57.31
C HIS F 305 -8.96 35.85 57.55
N ALA F 306 -8.50 35.97 58.76
CA ALA F 306 -7.14 35.47 59.17
C ALA F 306 -7.04 33.99 59.39
N GLY F 307 -7.43 33.24 58.38
CA GLY F 307 -7.28 31.75 58.38
C GLY F 307 -5.80 31.32 58.38
N GLU F 308 -4.96 32.20 57.85
CA GLU F 308 -3.51 32.03 57.83
C GLU F 308 -2.84 33.05 58.76
N MET F 309 -3.63 33.54 59.71
CA MET F 309 -3.21 34.53 60.68
C MET F 309 -2.60 35.75 60.05
N SER F 310 -3.08 36.05 58.86
CA SER F 310 -2.66 37.23 58.07
C SER F 310 -1.26 37.19 57.48
N GLN F 311 -0.55 36.07 57.61
CA GLN F 311 0.77 35.96 57.03
C GLN F 311 0.75 36.14 55.50
N VAL F 312 -0.32 35.69 54.83
CA VAL F 312 -0.45 35.91 53.38
C VAL F 312 -1.24 37.18 53.08
N HIS F 313 -2.36 37.32 53.79
CA HIS F 313 -3.28 38.41 53.55
C HIS F 313 -2.64 39.79 53.78
N VAL F 314 -1.58 39.87 54.59
CA VAL F 314 -0.86 41.18 54.66
C VAL F 314 -0.37 41.66 53.31
N HIS F 315 0.07 40.72 52.49
CA HIS F 315 0.50 41.05 51.16
C HIS F 315 -0.69 41.46 50.31
N LEU F 316 -1.72 40.66 50.40
CA LEU F 316 -2.89 40.90 49.52
C LEU F 316 -3.62 42.20 49.87
N SER F 317 -3.64 42.56 51.17
N SER F 317 -3.65 42.57 51.16
CA SER F 317 -4.22 43.81 51.55
CA SER F 317 -4.25 43.82 51.53
C SER F 317 -3.35 45.02 51.30
C SER F 317 -3.36 45.01 51.26
N TYR F 318 -2.04 44.83 51.29
CA TYR F 318 -1.15 45.88 50.84
C TYR F 318 -1.28 46.22 49.35
N TRP F 319 -1.67 45.22 48.54
CA TRP F 319 -1.75 45.35 47.07
C TRP F 319 -3.15 45.60 46.53
N HIS F 320 -4.14 44.79 46.91
CA HIS F 320 -5.39 44.84 46.11
C HIS F 320 -6.12 46.10 46.42
N PRO F 321 -6.51 46.85 45.42
CA PRO F 321 -7.09 48.13 45.74
C PRO F 321 -8.46 48.21 46.38
N ALA F 322 -9.19 47.12 46.46
CA ALA F 322 -10.44 47.10 47.21
C ALA F 322 -10.25 46.85 48.68
N SER F 323 -9.03 46.48 49.09
CA SER F 323 -8.76 46.17 50.47
C SER F 323 -8.91 47.39 51.38
N THR F 324 -9.25 47.13 52.61
CA THR F 324 -9.27 48.21 53.63
C THR F 324 -8.46 47.83 54.89
N ILE F 325 -9.06 47.16 55.84
CA ILE F 325 -8.42 46.80 57.10
C ILE F 325 -8.09 45.32 57.22
N LEU F 326 -7.29 44.94 58.23
CA LEU F 326 -6.84 43.59 58.33
C LEU F 326 -6.86 43.00 59.74
N GLU F 327 -7.48 41.84 59.86
CA GLU F 327 -7.64 41.10 61.08
C GLU F 327 -6.25 40.75 61.63
N TYR F 328 -6.13 40.99 62.92
CA TYR F 328 -4.92 40.65 63.72
C TYR F 328 -5.23 39.67 64.83
N ILE F 329 -4.54 38.53 64.76
CA ILE F 329 -4.49 37.53 65.80
C ILE F 329 -3.04 37.04 65.85
N PRO F 330 -2.38 37.21 66.99
CA PRO F 330 -0.91 37.04 67.07
C PRO F 330 -0.40 35.65 67.39
N TRP F 331 -1.24 34.66 67.23
CA TRP F 331 -0.93 33.30 67.70
C TRP F 331 0.26 32.64 67.07
N ILE F 332 0.49 32.79 65.75
CA ILE F 332 1.49 32.00 65.09
C ILE F 332 2.64 32.81 64.51
N LYS F 333 2.50 34.13 64.53
CA LYS F 333 3.41 34.95 63.76
C LYS F 333 4.90 34.67 64.14
N ASP F 334 5.17 34.32 65.40
CA ASP F 334 6.60 34.18 65.80
C ASP F 334 7.25 32.88 65.28
N HIS F 335 6.45 32.06 64.59
CA HIS F 335 6.92 30.85 64.02
C HIS F 335 7.33 30.99 62.56
N PHE F 336 7.30 32.21 62.03
CA PHE F 336 7.64 32.46 60.63
C PHE F 336 8.97 33.16 60.47
N GLU F 337 9.62 32.95 59.35
CA GLU F 337 10.81 33.69 58.95
C GLU F 337 10.57 35.17 58.82
N GLU F 338 9.37 35.57 58.36
CA GLU F 338 8.95 36.95 58.43
C GLU F 338 7.60 37.05 59.11
N PRO F 339 7.58 37.22 60.44
CA PRO F 339 6.33 37.40 61.15
C PRO F 339 5.58 38.63 60.70
N ILE F 340 4.24 38.59 60.71
CA ILE F 340 3.54 39.83 60.69
C ILE F 340 3.93 40.65 61.91
N HIS F 341 3.72 41.93 61.83
CA HIS F 341 4.10 42.83 62.89
C HIS F 341 3.20 44.02 62.85
N VAL F 342 2.53 44.27 63.94
CA VAL F 342 1.65 45.43 64.03
C VAL F 342 2.19 46.38 65.11
N ARG F 343 2.21 47.66 64.79
CA ARG F 343 2.61 48.69 65.75
C ARG F 343 1.69 49.85 65.52
N ASP F 344 1.16 50.38 66.62
CA ASP F 344 0.27 51.54 66.62
C ASP F 344 -0.90 51.28 65.64
N GLY F 345 -1.37 50.05 65.63
CA GLY F 345 -2.56 49.70 64.84
C GLY F 345 -2.35 49.56 63.34
N VAL F 346 -1.10 49.48 62.90
CA VAL F 346 -0.72 49.40 61.47
C VAL F 346 0.24 48.23 61.25
N TYR F 347 -0.07 47.41 60.26
CA TYR F 347 0.82 46.35 59.84
C TYR F 347 2.07 46.91 59.18
N LYS F 348 3.18 46.30 59.55
CA LYS F 348 4.41 46.52 58.88
C LYS F 348 4.31 45.95 57.43
N ARG F 349 4.85 46.67 56.47
CA ARG F 349 4.88 46.15 55.11
C ARG F 349 5.91 45.03 54.95
N PRO F 350 5.51 43.88 54.37
CA PRO F 350 6.50 42.81 54.25
C PRO F 350 7.69 43.20 53.40
N GLU F 351 8.85 42.59 53.69
CA GLU F 351 10.11 42.88 53.02
C GLU F 351 10.75 41.72 52.30
N GLN F 352 10.61 40.50 52.80
CA GLN F 352 11.37 39.37 52.26
C GLN F 352 10.74 38.81 50.98
N PRO F 353 11.53 38.22 50.09
CA PRO F 353 10.93 37.54 48.92
C PRO F 353 9.93 36.47 49.35
N GLY F 354 8.86 36.31 48.57
CA GLY F 354 7.85 35.31 48.86
C GLY F 354 6.58 35.90 49.51
N ALA F 355 5.72 35.01 49.99
CA ALA F 355 4.43 35.30 50.56
C ALA F 355 4.40 35.18 52.08
N SER F 356 5.58 35.23 52.72
CA SER F 356 5.76 35.12 54.17
C SER F 356 5.03 33.93 54.77
N THR F 357 5.12 32.82 54.05
CA THR F 357 4.56 31.57 54.50
C THR F 357 5.61 30.57 55.01
N THR F 358 6.86 30.98 54.98
CA THR F 358 7.99 30.08 55.33
C THR F 358 8.16 30.05 56.88
N PRO F 359 7.89 28.86 57.50
CA PRO F 359 8.00 28.72 58.95
C PRO F 359 9.45 28.56 59.35
N LEU F 360 9.80 28.89 60.57
CA LEU F 360 11.18 28.64 61.07
C LEU F 360 11.41 27.15 61.14
N ALA F 361 12.62 26.72 60.76
CA ALA F 361 13.00 25.33 60.87
C ALA F 361 12.69 24.75 62.24
N GLU F 362 13.00 25.53 63.27
CA GLU F 362 12.85 25.06 64.64
C GLU F 362 11.34 24.84 65.00
N SER F 363 10.45 25.60 64.35
CA SER F 363 9.02 25.42 64.57
C SER F 363 8.52 24.10 64.02
N PHE F 364 9.01 23.64 62.88
CA PHE F 364 8.72 22.23 62.45
C PHE F 364 9.09 21.18 63.47
N THR F 365 10.31 21.32 63.95
CA THR F 365 10.83 20.38 64.90
C THR F 365 10.00 20.37 66.19
N ARG F 366 9.73 21.55 66.76
CA ARG F 366 9.07 21.56 68.02
C ARG F 366 7.58 21.24 67.87
N TYR F 367 6.92 21.76 66.82
CA TYR F 367 5.45 21.71 66.76
C TYR F 367 4.83 20.84 65.65
N GLY F 368 5.65 20.22 64.82
CA GLY F 368 5.17 19.44 63.75
C GLY F 368 4.52 18.18 64.29
N LYS F 369 3.61 17.64 63.51
CA LYS F 369 2.93 16.41 63.78
C LYS F 369 3.16 15.52 62.58
N ALA F 370 3.24 14.20 62.79
CA ALA F 370 3.37 13.24 61.68
C ALA F 370 2.12 13.20 60.81
N VAL F 371 2.34 13.14 59.51
CA VAL F 371 1.23 13.16 58.54
C VAL F 371 0.58 11.79 58.38
N LYS F 372 1.24 10.72 58.84
CA LYS F 372 0.65 9.37 58.85
C LYS F 372 1.05 8.76 60.16
N MET G 1 -8.88 -12.75 27.41
CA MET G 1 -9.70 -13.18 28.61
C MET G 1 -9.02 -14.40 29.19
N LYS G 2 -9.22 -14.70 30.47
CA LYS G 2 -8.51 -15.88 31.06
C LYS G 2 -8.93 -17.24 30.54
N ILE G 3 -7.94 -18.11 30.38
CA ILE G 3 -8.22 -19.47 29.96
C ILE G 3 -8.75 -20.21 31.20
N THR G 4 -9.89 -20.84 31.07
CA THR G 4 -10.51 -21.59 32.18
C THR G 4 -10.49 -23.10 31.99
N ALA G 5 -10.34 -23.58 30.77
CA ALA G 5 -10.20 -25.03 30.52
C ALA G 5 -9.40 -25.32 29.25
N VAL G 6 -8.71 -26.46 29.27
CA VAL G 6 -7.97 -26.95 28.08
C VAL G 6 -8.36 -28.41 27.99
N GLU G 7 -9.05 -28.82 26.96
CA GLU G 7 -9.51 -30.21 26.83
C GLU G 7 -9.04 -30.83 25.51
N PRO G 8 -8.26 -31.89 25.60
CA PRO G 8 -7.77 -32.49 24.34
C PRO G 8 -8.86 -33.33 23.71
N PHE G 9 -8.76 -33.57 22.41
CA PHE G 9 -9.66 -34.45 21.72
C PHE G 9 -8.95 -35.18 20.52
N ILE G 10 -9.52 -36.31 20.13
CA ILE G 10 -9.07 -37.08 19.01
C ILE G 10 -10.32 -37.45 18.22
N LEU G 11 -10.29 -37.13 16.93
CA LEU G 11 -11.23 -37.64 16.00
C LEU G 11 -10.50 -38.52 14.98
N HIS G 12 -11.08 -39.67 14.67
CA HIS G 12 -10.62 -40.48 13.53
C HIS G 12 -11.68 -40.46 12.46
N LEU G 13 -11.39 -39.74 11.35
CA LEU G 13 -12.40 -39.57 10.26
C LEU G 13 -12.11 -40.41 9.05
N PRO G 14 -13.15 -40.99 8.45
CA PRO G 14 -12.93 -41.87 7.29
C PRO G 14 -12.63 -41.12 6.00
N LEU G 15 -11.98 -41.78 5.03
CA LEU G 15 -11.58 -41.11 3.82
C LEU G 15 -12.54 -41.35 2.62
N THR G 16 -12.23 -40.82 1.42
CA THR G 16 -13.06 -41.02 0.22
C THR G 16 -13.10 -42.49 -0.28
N SER G 17 -12.06 -43.27 0.02
CA SER G 17 -11.91 -44.71 -0.34
C SER G 17 -11.63 -45.42 1.00
N GLU G 18 -11.69 -46.75 1.05
CA GLU G 18 -11.49 -47.49 2.30
C GLU G 18 -10.04 -47.29 2.78
N SER G 19 -9.12 -47.23 1.81
CA SER G 19 -7.69 -47.10 2.06
C SER G 19 -7.15 -46.23 0.98
N ILE G 20 -6.17 -45.38 1.35
CA ILE G 20 -5.37 -44.67 0.34
C ILE G 20 -3.90 -44.83 0.65
N SER G 21 -3.09 -44.77 -0.42
CA SER G 21 -1.61 -44.89 -0.28
C SER G 21 -0.92 -43.83 -1.09
N ASP G 22 0.21 -43.34 -0.55
CA ASP G 22 1.22 -42.65 -1.35
C ASP G 22 2.45 -43.54 -1.38
N SER G 23 3.62 -42.97 -1.71
CA SER G 23 4.81 -43.80 -1.85
C SER G 23 5.23 -44.47 -0.54
N THR G 24 4.77 -43.94 0.60
CA THR G 24 5.32 -44.27 1.92
C THR G 24 4.26 -44.78 2.93
N HIS G 25 3.02 -44.24 2.83
CA HIS G 25 2.02 -44.49 3.83
C HIS G 25 0.76 -45.13 3.15
N SER G 26 0.07 -45.97 3.94
CA SER G 26 -1.30 -46.42 3.60
C SER G 26 -2.14 -46.16 4.83
N ILE G 27 -3.27 -45.48 4.66
CA ILE G 27 -4.11 -45.10 5.74
C ILE G 27 -5.58 -45.39 5.42
N THR G 28 -6.37 -45.52 6.49
CA THR G 28 -7.81 -45.71 6.40
C THR G 28 -8.64 -44.59 7.05
N HIS G 29 -8.00 -43.79 7.91
CA HIS G 29 -8.61 -42.66 8.57
C HIS G 29 -7.66 -41.54 8.70
N TRP G 30 -8.22 -40.36 8.89
CA TRP G 30 -7.42 -39.13 9.16
C TRP G 30 -7.59 -38.74 10.62
N GLY G 31 -6.51 -38.48 11.29
CA GLY G 31 -6.53 -38.14 12.64
C GLY G 31 -6.55 -36.61 12.80
N VAL G 32 -7.60 -36.15 13.44
CA VAL G 32 -7.76 -34.69 13.87
C VAL G 32 -7.55 -34.71 15.37
N VAL G 33 -6.37 -34.25 15.77
CA VAL G 33 -5.87 -34.43 17.14
C VAL G 33 -5.59 -33.07 17.72
N GLY G 34 -6.37 -32.69 18.73
CA GLY G 34 -6.15 -31.34 19.24
C GLY G 34 -6.72 -30.91 20.54
N ALA G 35 -6.92 -29.60 20.68
CA ALA G 35 -7.27 -28.94 21.93
C ALA G 35 -8.49 -28.07 21.70
N LYS G 36 -9.45 -28.17 22.61
CA LYS G 36 -10.51 -27.16 22.79
C LYS G 36 -10.14 -26.31 23.99
N ILE G 37 -9.97 -25.01 23.77
CA ILE G 37 -9.62 -24.13 24.85
C ILE G 37 -10.79 -23.19 25.18
N THR G 38 -11.11 -23.00 26.47
CA THR G 38 -12.29 -22.24 26.81
C THR G 38 -11.78 -21.10 27.62
N THR G 39 -12.40 -19.95 27.35
CA THR G 39 -12.06 -18.73 28.11
C THR G 39 -13.22 -18.30 29.03
N SER G 40 -12.96 -17.30 29.87
CA SER G 40 -13.91 -16.99 30.97
C SER G 40 -15.19 -16.34 30.41
N ASP G 41 -15.15 -15.91 29.14
CA ASP G 41 -16.30 -15.32 28.51
C ASP G 41 -17.14 -16.38 27.78
N GLY G 42 -16.75 -17.63 27.91
CA GLY G 42 -17.46 -18.67 27.25
C GLY G 42 -17.01 -18.99 25.87
N ILE G 43 -16.07 -18.23 25.30
CA ILE G 43 -15.66 -18.54 23.94
C ILE G 43 -14.90 -19.86 23.95
N GLU G 44 -15.06 -20.67 22.94
CA GLU G 44 -14.36 -21.94 22.84
C GLU G 44 -13.54 -21.93 21.54
N GLY G 45 -12.21 -22.05 21.64
CA GLY G 45 -11.31 -22.20 20.49
C GLY G 45 -10.88 -23.63 20.26
N TYR G 46 -10.72 -23.98 18.98
CA TYR G 46 -10.28 -25.25 18.58
C TYR G 46 -9.04 -25.14 17.72
N GLY G 47 -8.15 -26.07 18.00
CA GLY G 47 -6.98 -26.21 17.14
C GLY G 47 -6.55 -27.66 17.10
N PHE G 48 -5.83 -28.04 16.03
CA PHE G 48 -5.47 -29.44 15.89
C PHE G 48 -4.32 -29.63 14.96
N THR G 49 -3.72 -30.80 15.12
CA THR G 49 -2.73 -31.30 14.20
C THR G 49 -3.39 -32.38 13.39
N GLY G 50 -2.63 -32.93 12.44
CA GLY G 50 -3.16 -33.92 11.55
C GLY G 50 -2.26 -35.12 11.58
N THR G 51 -2.82 -36.29 11.85
CA THR G 51 -2.07 -37.50 11.96
C THR G 51 -2.68 -38.60 11.10
N HIS G 52 -1.97 -39.73 11.06
CA HIS G 52 -2.43 -40.88 10.35
C HIS G 52 -3.35 -41.81 11.19
N ALA G 53 -3.88 -41.26 12.28
CA ALA G 53 -4.84 -41.94 13.16
C ALA G 53 -4.30 -43.23 13.77
N HIS G 54 -3.06 -43.18 14.25
CA HIS G 54 -2.49 -44.25 15.05
C HIS G 54 -2.75 -43.84 16.50
N LEU G 55 -3.74 -44.50 17.12
CA LEU G 55 -4.26 -44.01 18.40
C LEU G 55 -3.18 -43.86 19.49
N PRO G 56 -2.22 -44.81 19.61
CA PRO G 56 -1.21 -44.68 20.63
C PRO G 56 -0.33 -43.47 20.56
N SER G 57 0.02 -43.03 19.34
CA SER G 57 0.74 -41.78 19.19
C SER G 57 -0.12 -40.56 19.20
N ASP G 58 -1.37 -40.68 18.72
CA ASP G 58 -2.36 -39.60 18.93
C ASP G 58 -2.45 -39.23 20.38
N ARG G 59 -2.49 -40.23 21.26
CA ARG G 59 -2.53 -39.99 22.69
C ARG G 59 -1.29 -39.40 23.29
N LEU G 60 -0.14 -39.54 22.65
CA LEU G 60 1.04 -38.79 23.09
C LEU G 60 0.82 -37.27 22.94
N ILE G 61 0.21 -36.93 21.81
CA ILE G 61 -0.04 -35.49 21.53
C ILE G 61 -1.06 -34.95 22.55
N THR G 62 -2.15 -35.70 22.75
CA THR G 62 -3.15 -35.31 23.70
C THR G 62 -2.68 -35.27 25.14
N SER G 63 -1.86 -36.23 25.57
CA SER G 63 -1.30 -36.20 26.90
C SER G 63 -0.33 -35.05 27.02
N CYS G 64 0.36 -34.69 25.92
CA CYS G 64 1.29 -33.47 26.04
C CYS G 64 0.41 -32.19 26.28
N ILE G 65 -0.71 -32.09 25.57
CA ILE G 65 -1.63 -30.98 25.73
C ILE G 65 -2.21 -30.93 27.16
N SER G 66 -2.68 -32.07 27.65
CA SER G 66 -3.31 -32.12 28.96
C SER G 66 -2.40 -32.07 30.13
N ASP G 67 -1.27 -32.75 30.03
CA ASP G 67 -0.39 -32.89 31.16
C ASP G 67 0.82 -31.97 31.18
N CYS G 68 1.26 -31.53 30.00
CA CYS G 68 2.45 -30.70 29.91
C CYS G 68 2.02 -29.25 29.70
N TYR G 69 1.14 -28.99 28.75
CA TYR G 69 0.83 -27.59 28.40
C TYR G 69 -0.31 -26.96 29.21
N ALA G 70 -1.37 -27.71 29.50
CA ALA G 70 -2.55 -27.12 30.19
C ALA G 70 -2.17 -26.39 31.48
N PRO G 71 -1.22 -26.92 32.27
CA PRO G 71 -0.87 -26.21 33.51
C PRO G 71 -0.25 -24.88 33.23
N LEU G 72 0.39 -24.76 32.07
CA LEU G 72 1.04 -23.48 31.69
C LEU G 72 0.08 -22.51 31.02
N LEU G 73 -1.09 -22.99 30.66
CA LEU G 73 -2.11 -22.10 30.08
C LEU G 73 -3.24 -21.66 31.03
N LEU G 74 -3.69 -22.56 31.93
CA LEU G 74 -4.86 -22.22 32.77
C LEU G 74 -4.55 -20.92 33.53
N GLY G 75 -5.48 -19.98 33.51
CA GLY G 75 -5.34 -18.69 34.17
C GLY G 75 -4.64 -17.59 33.37
N GLU G 76 -4.02 -17.96 32.25
CA GLU G 76 -3.34 -17.01 31.37
C GLU G 76 -4.34 -16.25 30.49
N ASP G 77 -4.01 -15.03 30.08
CA ASP G 77 -4.86 -14.34 29.16
C ASP G 77 -4.69 -14.93 27.76
N ALA G 78 -5.76 -15.45 27.18
CA ALA G 78 -5.67 -16.08 25.86
C ALA G 78 -5.24 -15.12 24.73
N SER G 79 -5.42 -13.81 24.96
CA SER G 79 -5.09 -12.80 23.99
C SER G 79 -3.62 -12.81 23.67
N ASP G 80 -2.80 -13.15 24.65
CA ASP G 80 -1.36 -13.05 24.58
C ASP G 80 -0.76 -14.25 23.83
N HIS G 81 -1.22 -14.53 22.62
CA HIS G 81 -0.81 -15.77 21.88
C HIS G 81 0.69 -15.81 21.58
N SER G 82 1.32 -14.65 21.38
N SER G 82 1.32 -14.65 21.38
CA SER G 82 2.74 -14.58 21.08
CA SER G 82 2.72 -14.60 21.05
C SER G 82 3.58 -14.92 22.31
C SER G 82 3.56 -14.92 22.30
N ARG G 83 3.24 -14.29 23.44
CA ARG G 83 3.89 -14.58 24.69
C ARG G 83 3.72 -16.04 25.06
N LEU G 84 2.52 -16.58 24.89
CA LEU G 84 2.20 -17.93 25.31
C LEU G 84 2.86 -18.98 24.37
N TRP G 85 3.07 -18.65 23.09
CA TRP G 85 3.82 -19.51 22.20
C TRP G 85 5.22 -19.79 22.79
N THR G 86 5.92 -18.76 23.16
CA THR G 86 7.25 -18.87 23.71
C THR G 86 7.18 -19.55 25.09
N LYS G 87 6.19 -19.21 25.87
CA LYS G 87 6.05 -19.80 27.21
C LYS G 87 6.01 -21.31 27.08
N LEU G 88 5.20 -21.85 26.15
CA LEU G 88 5.12 -23.31 25.96
C LEU G 88 6.30 -23.95 25.17
N ALA G 89 6.65 -23.36 24.05
CA ALA G 89 7.70 -23.88 23.19
C ALA G 89 9.04 -23.92 23.86
N ARG G 90 9.35 -22.92 24.69
CA ARG G 90 10.69 -22.80 25.27
C ARG G 90 10.70 -23.05 26.78
N TYR G 91 9.63 -23.65 27.27
CA TYR G 91 9.58 -24.17 28.64
C TYR G 91 10.73 -25.16 28.82
N PRO G 92 11.72 -24.85 29.68
CA PRO G 92 12.97 -25.54 29.56
C PRO G 92 12.94 -27.04 29.52
N SER G 93 12.21 -27.70 30.42
CA SER G 93 12.26 -29.14 30.46
C SER G 93 11.49 -29.76 29.27
N LEU G 94 10.54 -29.02 28.71
CA LEU G 94 9.81 -29.45 27.55
C LEU G 94 10.63 -29.21 26.31
N GLN G 95 11.29 -28.06 26.20
CA GLN G 95 12.23 -27.88 25.12
C GLN G 95 13.28 -28.95 25.05
N TRP G 96 13.71 -29.39 26.22
CA TRP G 96 14.68 -30.46 26.31
C TRP G 96 14.33 -31.72 25.57
N VAL G 97 13.02 -32.04 25.49
CA VAL G 97 12.50 -33.24 24.81
C VAL G 97 11.71 -32.87 23.58
N GLY G 98 12.00 -31.69 23.08
CA GLY G 98 11.13 -31.02 22.11
C GLY G 98 11.93 -30.39 20.96
N ARG G 99 11.42 -29.27 20.49
CA ARG G 99 11.89 -28.52 19.33
C ARG G 99 11.36 -29.08 18.05
N ALA G 100 10.68 -30.23 18.11
CA ALA G 100 10.27 -30.94 16.98
C ALA G 100 9.45 -32.14 17.50
N GLY G 101 8.74 -32.84 16.63
CA GLY G 101 8.02 -34.03 16.97
C GLY G 101 6.82 -33.80 17.87
N ILE G 102 6.56 -34.75 18.80
CA ILE G 102 5.32 -34.67 19.57
C ILE G 102 5.05 -33.34 20.28
N THR G 103 6.02 -32.77 20.97
CA THR G 103 5.79 -31.52 21.68
C THR G 103 5.37 -30.39 20.77
N HIS G 104 5.90 -30.41 19.55
CA HIS G 104 5.67 -29.31 18.62
C HIS G 104 4.32 -29.43 17.97
N LEU G 105 3.92 -30.66 17.74
CA LEU G 105 2.60 -30.88 17.20
C LEU G 105 1.49 -30.49 18.19
N ALA G 106 1.72 -30.78 19.45
CA ALA G 106 0.82 -30.39 20.48
C ALA G 106 0.79 -28.87 20.65
N LEU G 107 1.95 -28.23 20.52
CA LEU G 107 2.04 -26.73 20.49
C LEU G 107 1.24 -26.13 19.36
N ALA G 108 1.34 -26.73 18.18
CA ALA G 108 0.52 -26.30 17.01
C ALA G 108 -0.96 -26.30 17.32
N ALA G 109 -1.46 -27.38 17.93
CA ALA G 109 -2.85 -27.44 18.25
C ALA G 109 -3.28 -26.28 19.16
N VAL G 110 -2.53 -26.05 20.23
CA VAL G 110 -2.84 -25.05 21.16
C VAL G 110 -2.80 -23.64 20.50
N ASP G 111 -1.75 -23.41 19.73
CA ASP G 111 -1.55 -22.09 19.08
C ASP G 111 -2.76 -21.79 18.15
N VAL G 112 -3.18 -22.77 17.38
CA VAL G 112 -4.32 -22.57 16.46
C VAL G 112 -5.61 -22.25 17.27
N ALA G 113 -5.80 -22.97 18.38
CA ALA G 113 -6.95 -22.69 19.22
C ALA G 113 -6.94 -21.25 19.74
N LEU G 114 -5.79 -20.76 20.17
CA LEU G 114 -5.69 -19.38 20.64
C LEU G 114 -6.04 -18.36 19.53
N TRP G 115 -5.60 -18.64 18.32
CA TRP G 115 -5.98 -17.79 17.16
C TRP G 115 -7.48 -17.89 16.81
N ASP G 116 -8.05 -19.08 16.89
CA ASP G 116 -9.45 -19.27 16.74
C ASP G 116 -10.19 -18.42 17.79
N ILE G 117 -9.78 -18.46 19.06
CA ILE G 117 -10.36 -17.56 20.07
C ILE G 117 -10.27 -16.09 19.70
N LYS G 118 -9.09 -15.63 19.32
CA LYS G 118 -8.91 -14.28 18.93
C LYS G 118 -9.86 -13.82 17.85
N ALA G 119 -10.03 -14.58 16.79
CA ALA G 119 -10.90 -14.15 15.72
C ALA G 119 -12.38 -14.22 16.14
N LYS G 120 -12.70 -15.23 16.91
CA LYS G 120 -14.05 -15.41 17.43
C LYS G 120 -14.41 -14.23 18.34
N LYS G 121 -13.52 -13.83 19.23
CA LYS G 121 -13.73 -12.68 20.11
C LYS G 121 -13.91 -11.39 19.29
N ALA G 122 -13.19 -11.27 18.20
CA ALA G 122 -13.31 -10.09 17.32
C ALA G 122 -14.51 -10.17 16.43
N GLY G 123 -15.09 -11.35 16.32
CA GLY G 123 -16.31 -11.53 15.59
C GLY G 123 -16.19 -11.62 14.07
N VAL G 124 -14.99 -11.97 13.59
CA VAL G 124 -14.70 -12.03 12.15
C VAL G 124 -13.93 -13.31 11.77
N PRO G 125 -13.96 -13.71 10.51
CA PRO G 125 -13.13 -14.81 10.06
C PRO G 125 -11.67 -14.39 10.13
N LEU G 126 -10.82 -15.35 10.42
CA LEU G 126 -9.39 -15.11 10.51
C LEU G 126 -8.73 -14.34 9.39
N TRP G 127 -9.09 -14.61 8.13
CA TRP G 127 -8.42 -13.89 7.02
C TRP G 127 -8.71 -12.39 7.12
N HIS G 128 -9.86 -12.05 7.68
CA HIS G 128 -10.32 -10.65 7.77
C HIS G 128 -9.60 -10.02 8.96
N TYR G 129 -9.59 -10.75 10.09
CA TYR G 129 -8.89 -10.37 11.30
C TYR G 129 -7.44 -9.97 10.96
N LEU G 130 -6.78 -10.78 10.14
CA LEU G 130 -5.37 -10.58 9.87
C LEU G 130 -5.03 -9.39 8.96
N GLY G 131 -6.01 -8.90 8.24
CA GLY G 131 -5.82 -7.69 7.46
C GLY G 131 -6.47 -7.65 6.06
N GLY G 132 -7.34 -8.59 5.74
CA GLY G 132 -8.10 -8.60 4.49
C GLY G 132 -7.56 -9.44 3.37
N ALA G 133 -8.32 -9.53 2.31
CA ALA G 133 -8.07 -10.48 1.27
C ALA G 133 -7.02 -9.99 0.27
N ARG G 134 -6.08 -10.88 -0.11
CA ARG G 134 -5.06 -10.56 -1.12
C ARG G 134 -5.50 -10.95 -2.50
N THR G 135 -6.64 -11.66 -2.61
CA THR G 135 -7.11 -12.14 -3.88
C THR G 135 -8.63 -12.22 -3.81
N ALA G 136 -9.22 -12.06 -4.99
CA ALA G 136 -10.62 -12.30 -5.25
C ALA G 136 -10.96 -13.76 -5.22
N GLY G 137 -9.98 -14.62 -5.37
CA GLY G 137 -10.32 -16.03 -5.35
C GLY G 137 -9.11 -16.97 -5.29
N VAL G 138 -9.05 -17.74 -4.25
CA VAL G 138 -7.94 -18.76 -4.06
C VAL G 138 -8.24 -20.02 -4.87
N GLU G 139 -7.39 -20.34 -5.83
CA GLU G 139 -7.59 -21.50 -6.64
C GLU G 139 -7.15 -22.73 -5.91
N ALA G 140 -7.89 -23.77 -6.13
CA ALA G 140 -7.65 -25.04 -5.55
C ALA G 140 -6.93 -25.95 -6.51
N TYR G 141 -6.14 -26.87 -5.97
CA TYR G 141 -5.75 -28.02 -6.77
C TYR G 141 -6.14 -29.34 -6.13
N ASN G 142 -6.48 -30.33 -6.92
CA ASN G 142 -7.02 -31.57 -6.37
C ASN G 142 -5.95 -32.67 -6.18
N THR G 143 -5.65 -33.00 -4.92
CA THR G 143 -4.79 -34.11 -4.59
C THR G 143 -5.55 -35.46 -4.50
N ASP G 144 -6.84 -35.40 -4.23
CA ASP G 144 -7.56 -36.63 -3.90
C ASP G 144 -7.77 -37.60 -5.05
N ILE G 145 -7.58 -37.15 -6.28
CA ILE G 145 -7.64 -37.99 -7.43
C ILE G 145 -6.35 -38.71 -7.76
N GLY G 146 -5.26 -38.46 -7.01
CA GLY G 146 -3.92 -38.79 -7.49
C GLY G 146 -3.16 -39.85 -6.72
N TRP G 147 -3.78 -40.47 -5.73
CA TRP G 147 -3.10 -41.47 -4.86
C TRP G 147 -2.42 -42.58 -5.62
N LEU G 148 -1.25 -43.00 -5.09
CA LEU G 148 -0.43 -43.99 -5.71
C LEU G 148 -1.10 -45.36 -5.72
N SER G 149 -1.95 -45.59 -4.74
CA SER G 149 -2.86 -46.74 -4.67
C SER G 149 -3.82 -46.90 -5.84
N PHE G 150 -4.12 -45.85 -6.57
CA PHE G 150 -5.02 -45.98 -7.72
C PHE G 150 -4.40 -46.73 -8.85
N THR G 151 -5.15 -47.69 -9.42
CA THR G 151 -4.72 -48.28 -10.67
C THR G 151 -4.71 -47.21 -11.73
N LEU G 152 -4.05 -47.48 -12.85
CA LEU G 152 -3.99 -46.49 -13.88
C LEU G 152 -5.37 -46.12 -14.40
N GLU G 153 -6.21 -47.11 -14.66
CA GLU G 153 -7.57 -46.82 -15.04
C GLU G 153 -8.29 -45.87 -14.06
N ASP G 154 -8.12 -46.07 -12.78
CA ASP G 154 -8.80 -45.26 -11.80
C ASP G 154 -8.16 -43.87 -11.64
N LEU G 155 -6.86 -43.76 -11.93
CA LEU G 155 -6.16 -42.48 -11.85
C LEU G 155 -6.73 -41.60 -12.99
N LEU G 156 -6.83 -42.20 -14.17
CA LEU G 156 -7.29 -41.50 -15.39
C LEU G 156 -8.74 -41.12 -15.22
N ALA G 157 -9.55 -42.05 -14.75
CA ALA G 157 -10.99 -41.75 -14.54
C ALA G 157 -11.25 -40.58 -13.55
N GLY G 158 -10.60 -40.61 -12.37
CA GLY G 158 -10.73 -39.56 -11.39
C GLY G 158 -10.13 -38.27 -11.89
N SER G 159 -8.99 -38.34 -12.57
CA SER G 159 -8.36 -37.10 -13.04
C SER G 159 -9.31 -36.46 -14.02
N ALA G 160 -9.82 -37.26 -14.95
CA ALA G 160 -10.77 -36.69 -15.95
C ALA G 160 -12.06 -36.14 -15.38
N ARG G 161 -12.57 -36.81 -14.36
CA ARG G 161 -13.78 -36.36 -13.72
C ARG G 161 -13.52 -35.00 -12.99
N ALA G 162 -12.38 -34.90 -12.31
CA ALA G 162 -12.07 -33.64 -11.64
C ALA G 162 -12.07 -32.50 -12.61
N VAL G 163 -11.53 -32.73 -13.79
CA VAL G 163 -11.30 -31.66 -14.78
C VAL G 163 -12.62 -31.45 -15.59
N GLU G 164 -13.23 -32.54 -15.99
CA GLU G 164 -14.41 -32.45 -16.92
C GLU G 164 -15.76 -32.22 -16.26
N GLU G 165 -15.96 -32.70 -15.06
CA GLU G 165 -17.18 -32.54 -14.37
C GLU G 165 -17.08 -31.55 -13.21
N ASP G 166 -15.96 -31.51 -12.49
CA ASP G 166 -15.86 -30.72 -11.29
C ASP G 166 -15.13 -29.38 -11.43
N GLY G 167 -14.66 -29.04 -12.61
CA GLY G 167 -14.14 -27.68 -12.83
C GLY G 167 -12.71 -27.41 -12.35
N PHE G 168 -11.94 -28.46 -12.05
CA PHE G 168 -10.53 -28.29 -11.64
C PHE G 168 -9.69 -28.11 -12.87
N THR G 169 -8.71 -27.20 -12.79
CA THR G 169 -7.65 -27.08 -13.81
C THR G 169 -6.26 -27.25 -13.21
N ARG G 170 -6.20 -27.81 -12.00
CA ARG G 170 -4.94 -28.04 -11.28
C ARG G 170 -5.13 -29.32 -10.49
N LEU G 171 -4.20 -30.23 -10.68
CA LEU G 171 -4.18 -31.55 -10.04
C LEU G 171 -2.83 -31.81 -9.41
N LYS G 172 -2.79 -32.76 -8.47
CA LYS G 172 -1.53 -33.26 -7.97
C LYS G 172 -1.60 -34.76 -7.89
N ILE G 173 -0.59 -35.41 -8.47
CA ILE G 173 -0.53 -36.81 -8.68
C ILE G 173 0.66 -37.44 -7.98
N LYS G 174 0.39 -38.44 -7.14
CA LYS G 174 1.49 -39.13 -6.44
C LYS G 174 2.44 -39.88 -7.36
N VAL G 175 3.72 -39.93 -7.02
CA VAL G 175 4.69 -40.71 -7.73
C VAL G 175 5.47 -41.38 -6.63
N GLY G 176 6.32 -42.31 -6.97
CA GLY G 176 7.08 -43.06 -5.95
C GLY G 176 7.06 -44.59 -6.07
N HIS G 177 6.76 -45.12 -7.27
CA HIS G 177 7.09 -46.52 -7.57
C HIS G 177 8.58 -46.79 -7.41
N ASP G 178 8.92 -48.05 -7.11
CA ASP G 178 10.34 -48.42 -7.03
C ASP G 178 11.08 -48.10 -8.32
N ASP G 179 10.46 -48.37 -9.48
CA ASP G 179 10.94 -47.94 -10.79
C ASP G 179 10.16 -46.71 -11.27
N PRO G 180 10.83 -45.53 -11.30
CA PRO G 180 10.10 -44.29 -11.60
C PRO G 180 9.55 -44.30 -13.03
N ASN G 181 10.08 -45.18 -13.88
CA ASN G 181 9.49 -45.25 -15.21
C ASN G 181 7.99 -45.64 -15.22
N ILE G 182 7.54 -46.32 -14.16
CA ILE G 182 6.11 -46.61 -14.00
C ILE G 182 5.33 -45.29 -13.78
N ASP G 183 5.89 -44.39 -12.96
CA ASP G 183 5.32 -43.07 -12.82
C ASP G 183 5.33 -42.28 -14.12
N ILE G 184 6.42 -42.33 -14.90
CA ILE G 184 6.46 -41.56 -16.12
C ILE G 184 5.33 -42.06 -17.04
N ALA G 185 5.13 -43.37 -17.05
CA ALA G 185 3.99 -43.98 -17.87
C ALA G 185 2.64 -43.47 -17.39
N ARG G 186 2.44 -43.44 -16.08
CA ARG G 186 1.18 -42.98 -15.49
C ARG G 186 0.93 -41.55 -15.79
N LEU G 187 1.96 -40.74 -15.62
CA LEU G 187 1.81 -39.32 -15.92
C LEU G 187 1.59 -39.04 -17.41
N THR G 188 2.29 -39.79 -18.25
CA THR G 188 2.13 -39.70 -19.65
C THR G 188 0.64 -39.95 -20.09
N ALA G 189 0.07 -41.00 -19.53
CA ALA G 189 -1.36 -41.33 -19.74
C ALA G 189 -2.28 -40.24 -19.24
N VAL G 190 -2.04 -39.68 -18.05
CA VAL G 190 -2.86 -38.60 -17.59
C VAL G 190 -2.74 -37.39 -18.52
N ARG G 191 -1.53 -37.03 -18.92
CA ARG G 191 -1.34 -35.93 -19.84
C ARG G 191 -2.06 -36.12 -21.18
N GLU G 192 -2.09 -37.34 -21.67
CA GLU G 192 -2.81 -37.62 -22.92
C GLU G 192 -4.33 -37.60 -22.74
N ARG G 193 -4.82 -37.86 -21.53
CA ARG G 193 -6.22 -37.99 -21.27
C ARG G 193 -6.87 -36.62 -21.03
N VAL G 194 -6.23 -35.73 -20.31
CA VAL G 194 -6.83 -34.43 -19.93
C VAL G 194 -6.28 -33.30 -20.78
N ASP G 195 -6.98 -32.17 -20.77
CA ASP G 195 -6.65 -31.04 -21.57
C ASP G 195 -5.26 -30.52 -21.19
N SER G 196 -4.52 -30.00 -22.18
CA SER G 196 -3.16 -29.48 -21.99
C SER G 196 -3.15 -28.31 -21.05
N ALA G 197 -4.27 -27.62 -20.87
CA ALA G 197 -4.29 -26.50 -19.94
C ALA G 197 -4.49 -26.90 -18.44
N VAL G 198 -4.59 -28.19 -18.19
CA VAL G 198 -4.63 -28.67 -16.83
C VAL G 198 -3.18 -28.67 -16.28
N ARG G 199 -3.01 -28.08 -15.11
CA ARG G 199 -1.64 -27.99 -14.49
C ARG G 199 -1.55 -29.26 -13.63
N ILE G 200 -0.43 -29.97 -13.69
CA ILE G 200 -0.26 -31.20 -12.90
C ILE G 200 1.07 -31.13 -12.16
N ALA G 201 0.96 -31.16 -10.85
CA ALA G 201 2.04 -31.31 -9.99
C ALA G 201 2.17 -32.73 -9.55
N ILE G 202 3.35 -33.05 -9.02
CA ILE G 202 3.60 -34.41 -8.53
C ILE G 202 4.20 -34.43 -7.11
N ASP G 203 4.11 -35.59 -6.43
CA ASP G 203 4.57 -35.68 -5.05
C ASP G 203 5.09 -37.05 -4.76
N GLY G 204 6.37 -37.08 -4.37
CA GLY G 204 7.02 -38.36 -4.09
C GLY G 204 7.06 -38.77 -2.63
N ASN G 205 6.63 -37.88 -1.71
CA ASN G 205 6.61 -38.17 -0.28
C ASN G 205 7.92 -38.71 0.26
N GLY G 206 9.00 -38.17 -0.27
CA GLY G 206 10.36 -38.50 0.22
C GLY G 206 10.91 -39.87 -0.09
N LYS G 207 10.44 -40.48 -1.16
CA LYS G 207 10.74 -41.88 -1.42
C LYS G 207 12.11 -42.12 -2.03
N TRP G 208 12.58 -41.27 -2.90
CA TRP G 208 13.67 -41.53 -3.74
C TRP G 208 14.96 -40.87 -3.26
N ASP G 209 16.07 -41.31 -3.81
CA ASP G 209 17.39 -40.69 -3.62
C ASP G 209 17.75 -39.75 -4.75
N LEU G 210 18.86 -39.02 -4.56
CA LEU G 210 19.26 -38.01 -5.51
C LEU G 210 19.42 -38.53 -6.98
N PRO G 211 20.22 -39.60 -7.18
CA PRO G 211 20.40 -40.06 -8.54
C PRO G 211 19.06 -40.49 -9.20
N THR G 212 18.23 -41.15 -8.43
CA THR G 212 16.89 -41.56 -8.92
C THR G 212 16.11 -40.36 -9.38
N CYS G 213 16.03 -39.34 -8.53
CA CYS G 213 15.37 -38.09 -8.94
C CYS G 213 15.95 -37.41 -10.16
N GLN G 214 17.29 -37.36 -10.30
CA GLN G 214 17.88 -36.72 -11.47
C GLN G 214 17.37 -37.38 -12.74
N ARG G 215 17.42 -38.70 -12.74
CA ARG G 215 16.95 -39.45 -13.92
C ARG G 215 15.50 -39.22 -14.18
N PHE G 216 14.68 -39.31 -13.12
CA PHE G 216 13.21 -39.14 -13.34
C PHE G 216 12.89 -37.76 -13.87
N CYS G 217 13.54 -36.74 -13.29
CA CYS G 217 13.28 -35.34 -13.73
C CYS G 217 13.64 -35.16 -15.21
N ALA G 218 14.75 -35.75 -15.65
CA ALA G 218 15.14 -35.69 -17.05
C ALA G 218 14.10 -36.43 -17.92
N ALA G 219 13.59 -37.58 -17.45
CA ALA G 219 12.57 -38.34 -18.21
C ALA G 219 11.21 -37.63 -18.27
N ALA G 220 10.95 -36.70 -17.34
CA ALA G 220 9.68 -36.01 -17.23
C ALA G 220 9.71 -34.66 -17.94
N LYS G 221 10.74 -34.41 -18.72
CA LYS G 221 10.95 -33.10 -19.38
C LYS G 221 9.81 -32.62 -20.30
N ASP G 222 9.04 -33.51 -20.88
CA ASP G 222 8.01 -33.13 -21.77
C ASP G 222 6.62 -33.24 -21.15
N LEU G 223 6.54 -33.58 -19.87
CA LEU G 223 5.25 -33.79 -19.22
C LEU G 223 4.65 -32.53 -18.56
N ASP G 224 5.35 -31.41 -18.64
CA ASP G 224 4.85 -30.14 -18.05
C ASP G 224 4.43 -30.32 -16.59
N ILE G 225 5.41 -30.73 -15.80
CA ILE G 225 5.26 -30.89 -14.38
C ILE G 225 5.35 -29.58 -13.63
N TYR G 226 4.27 -29.28 -12.92
CA TYR G 226 4.14 -27.97 -12.26
C TYR G 226 5.17 -27.79 -11.11
N TRP G 227 5.26 -28.81 -10.28
CA TRP G 227 6.28 -28.95 -9.22
C TRP G 227 6.48 -30.39 -8.87
N PHE G 228 7.60 -30.71 -8.21
CA PHE G 228 7.89 -32.03 -7.69
C PHE G 228 8.07 -31.84 -6.18
N GLU G 229 7.10 -32.36 -5.45
CA GLU G 229 7.00 -32.21 -4.01
C GLU G 229 7.70 -33.36 -3.31
N GLU G 230 8.40 -33.00 -2.24
CA GLU G 230 9.22 -33.91 -1.43
C GLU G 230 9.91 -35.02 -2.23
N PRO G 231 10.74 -34.61 -3.16
CA PRO G 231 11.40 -35.61 -3.96
C PRO G 231 12.37 -36.57 -3.19
N LEU G 232 12.94 -36.05 -2.12
CA LEU G 232 14.07 -36.62 -1.39
C LEU G 232 13.79 -36.67 0.12
N TRP G 233 14.69 -37.33 0.87
CA TRP G 233 14.54 -37.47 2.29
C TRP G 233 14.38 -36.13 2.97
N TYR G 234 13.44 -36.10 3.92
CA TYR G 234 12.87 -34.82 4.38
C TYR G 234 13.86 -33.86 5.00
N ASP G 235 14.89 -34.41 5.67
CA ASP G 235 15.89 -33.68 6.42
C ASP G 235 17.16 -33.47 5.67
N ASP G 236 17.18 -33.82 4.39
CA ASP G 236 18.43 -33.74 3.58
C ASP G 236 18.41 -32.50 2.65
N VAL G 237 18.89 -31.38 3.16
CA VAL G 237 18.92 -30.15 2.44
C VAL G 237 19.78 -30.25 1.17
N THR G 238 21.00 -30.77 1.35
CA THR G 238 21.93 -30.80 0.28
C THR G 238 21.43 -31.57 -0.95
N SER G 239 20.83 -32.74 -0.80
CA SER G 239 20.37 -33.49 -2.00
C SER G 239 19.33 -32.65 -2.78
N HIS G 240 18.48 -31.91 -2.04
CA HIS G 240 17.49 -31.09 -2.66
C HIS G 240 18.17 -29.94 -3.41
N ALA G 241 19.20 -29.32 -2.80
CA ALA G 241 19.86 -28.23 -3.41
C ALA G 241 20.50 -28.71 -4.75
N ARG G 242 21.13 -29.93 -4.74
CA ARG G 242 21.73 -30.46 -5.96
C ARG G 242 20.67 -30.77 -7.04
N LEU G 243 19.55 -31.36 -6.62
CA LEU G 243 18.50 -31.65 -7.54
C LEU G 243 17.97 -30.38 -8.19
N ALA G 244 17.66 -29.36 -7.38
CA ALA G 244 17.06 -28.10 -7.89
C ALA G 244 17.93 -27.50 -9.02
N ARG G 245 19.23 -27.62 -8.92
CA ARG G 245 20.15 -27.06 -9.91
C ARG G 245 20.31 -27.94 -11.13
N ASN G 246 19.89 -29.17 -11.04
CA ASN G 246 20.08 -30.18 -12.08
C ASN G 246 18.83 -30.24 -13.01
N THR G 247 17.71 -29.63 -12.63
CA THR G 247 16.46 -29.74 -13.43
C THR G 247 15.78 -28.38 -13.50
N SER G 248 14.92 -28.15 -14.48
CA SER G 248 14.06 -27.04 -14.51
C SER G 248 12.76 -27.28 -13.75
N ILE G 249 12.43 -28.52 -13.39
CA ILE G 249 11.24 -28.76 -12.63
C ILE G 249 11.39 -28.18 -11.21
N PRO G 250 10.48 -27.32 -10.78
CA PRO G 250 10.53 -26.72 -9.45
C PRO G 250 10.33 -27.74 -8.34
N ILE G 251 11.09 -27.59 -7.24
CA ILE G 251 10.95 -28.42 -6.07
C ILE G 251 9.99 -27.75 -5.09
N ALA G 252 9.11 -28.55 -4.48
CA ALA G 252 8.24 -28.10 -3.45
C ALA G 252 8.50 -28.97 -2.22
N LEU G 253 8.40 -28.39 -1.05
CA LEU G 253 8.49 -29.14 0.17
C LEU G 253 8.09 -28.26 1.33
N GLY G 254 7.92 -28.90 2.50
CA GLY G 254 7.56 -28.16 3.69
C GLY G 254 6.74 -28.94 4.69
N GLU G 255 5.92 -29.85 4.22
CA GLU G 255 4.93 -30.50 5.11
C GLU G 255 5.53 -31.31 6.27
N GLN G 256 6.77 -31.73 6.15
CA GLN G 256 7.47 -32.41 7.24
C GLN G 256 8.39 -31.57 8.10
N LEU G 257 8.50 -30.29 7.76
CA LEU G 257 9.43 -29.42 8.51
C LEU G 257 8.79 -28.80 9.74
N TYR G 258 9.39 -29.01 10.90
CA TYR G 258 8.78 -28.55 12.15
C TYR G 258 9.08 -27.14 12.53
N THR G 259 10.10 -26.49 11.94
CA THR G 259 10.59 -25.25 12.46
C THR G 259 10.93 -24.25 11.37
N VAL G 260 10.88 -23.00 11.75
CA VAL G 260 11.38 -21.91 10.93
C VAL G 260 12.87 -22.08 10.56
N ASP G 261 13.64 -22.66 11.47
CA ASP G 261 15.03 -22.93 11.21
C ASP G 261 15.18 -23.90 10.02
N ALA G 262 14.36 -24.93 10.00
CA ALA G 262 14.44 -25.86 8.90
C ALA G 262 14.06 -25.23 7.57
N PHE G 263 12.98 -24.46 7.55
CA PHE G 263 12.62 -23.73 6.33
C PHE G 263 13.71 -22.81 5.87
N ARG G 264 14.33 -22.07 6.80
CA ARG G 264 15.42 -21.18 6.43
C ARG G 264 16.57 -21.99 5.81
N SER G 265 16.92 -23.12 6.41
CA SER G 265 17.99 -23.92 5.80
C SER G 265 17.70 -24.30 4.36
N PHE G 266 16.48 -24.77 4.05
CA PHE G 266 16.19 -25.20 2.73
C PHE G 266 16.14 -24.01 1.76
N ILE G 267 15.51 -22.95 2.23
CA ILE G 267 15.33 -21.74 1.38
C ILE G 267 16.67 -21.12 1.05
N ASP G 268 17.52 -20.92 2.05
CA ASP G 268 18.84 -20.28 1.83
C ASP G 268 19.70 -21.13 0.88
N ALA G 269 19.47 -22.43 0.86
CA ALA G 269 20.25 -23.31 0.02
C ALA G 269 19.73 -23.36 -1.47
N GLY G 270 18.60 -22.74 -1.71
CA GLY G 270 18.00 -22.79 -3.05
C GLY G 270 17.43 -24.21 -3.27
N ALA G 271 17.07 -24.88 -2.18
CA ALA G 271 16.64 -26.32 -2.19
C ALA G 271 15.12 -26.44 -2.28
N VAL G 272 14.42 -25.31 -2.33
CA VAL G 272 12.95 -25.29 -2.41
C VAL G 272 12.52 -24.06 -3.13
N ALA G 273 11.57 -24.21 -4.06
CA ALA G 273 10.90 -23.11 -4.74
C ALA G 273 9.45 -22.89 -4.32
N TYR G 274 8.66 -23.96 -4.13
CA TYR G 274 7.32 -23.85 -3.64
C TYR G 274 7.33 -24.19 -2.14
N VAL G 275 7.14 -23.20 -1.28
CA VAL G 275 7.29 -23.35 0.18
C VAL G 275 5.92 -23.78 0.76
N GLN G 276 5.92 -24.88 1.50
CA GLN G 276 4.69 -25.52 1.97
C GLN G 276 4.67 -25.57 3.49
N PRO G 277 4.52 -24.41 4.13
CA PRO G 277 4.32 -24.43 5.60
C PRO G 277 2.96 -25.11 5.92
N ASP G 278 2.81 -25.60 7.15
CA ASP G 278 1.58 -26.29 7.57
C ASP G 278 1.42 -25.94 9.06
N VAL G 279 0.29 -25.33 9.44
CA VAL G 279 0.03 -24.94 10.83
C VAL G 279 -0.02 -26.16 11.75
N THR G 280 -0.20 -27.36 11.19
CA THR G 280 -0.25 -28.59 12.00
C THR G 280 1.13 -29.17 12.28
N ARG G 281 2.18 -28.67 11.58
CA ARG G 281 3.52 -29.24 11.61
C ARG G 281 4.50 -28.30 12.25
N LEU G 282 4.55 -27.08 11.75
CA LEU G 282 5.11 -25.91 12.47
C LEU G 282 4.38 -25.68 13.75
N GLY G 283 4.89 -24.76 14.55
CA GLY G 283 4.17 -24.30 15.78
C GLY G 283 2.94 -23.42 15.50
N GLY G 284 1.96 -23.94 14.77
CA GLY G 284 0.70 -23.25 14.49
C GLY G 284 0.76 -22.06 13.57
N ILE G 285 -0.28 -21.24 13.60
CA ILE G 285 -0.36 -20.03 12.86
C ILE G 285 0.80 -19.09 13.18
N THR G 286 1.23 -19.01 14.44
CA THR G 286 2.24 -18.04 14.79
C THR G 286 3.52 -18.31 13.97
N GLU G 287 3.94 -19.56 13.99
CA GLU G 287 5.15 -19.92 13.24
C GLU G 287 4.92 -19.99 11.73
N TYR G 288 3.73 -20.38 11.29
CA TYR G 288 3.39 -20.33 9.86
C TYR G 288 3.67 -18.94 9.30
N ILE G 289 3.19 -17.90 10.01
CA ILE G 289 3.32 -16.54 9.51
C ILE G 289 4.76 -16.13 9.44
N GLN G 290 5.58 -16.60 10.38
CA GLN G 290 7.00 -16.30 10.25
C GLN G 290 7.57 -16.96 8.99
N VAL G 291 7.21 -18.18 8.72
CA VAL G 291 7.71 -18.89 7.54
C VAL G 291 7.19 -18.25 6.22
N ALA G 292 5.92 -17.86 6.19
CA ALA G 292 5.36 -17.17 5.06
C ALA G 292 6.06 -15.86 4.78
N ASP G 293 6.41 -15.13 5.85
CA ASP G 293 7.14 -13.90 5.70
C ASP G 293 8.58 -14.10 5.19
N LEU G 294 9.22 -15.16 5.67
CA LEU G 294 10.52 -15.59 5.11
C LEU G 294 10.42 -15.91 3.63
N ALA G 295 9.41 -16.64 3.22
CA ALA G 295 9.20 -16.95 1.82
C ALA G 295 8.99 -15.67 1.01
N LEU G 296 8.16 -14.76 1.57
CA LEU G 296 7.88 -13.51 0.89
C LEU G 296 9.18 -12.71 0.67
N ALA G 297 10.07 -12.69 1.65
CA ALA G 297 11.35 -12.05 1.52
C ALA G 297 12.21 -12.56 0.40
N HIS G 298 12.07 -13.82 0.11
CA HIS G 298 12.75 -14.42 -1.03
C HIS G 298 11.92 -14.43 -2.30
N ARG G 299 10.73 -13.81 -2.25
CA ARG G 299 9.79 -13.81 -3.38
C ARG G 299 9.41 -15.17 -3.89
N LEU G 300 9.25 -16.10 -2.95
CA LEU G 300 8.83 -17.44 -3.32
C LEU G 300 7.34 -17.70 -2.94
N PRO G 301 6.66 -18.54 -3.73
CA PRO G 301 5.25 -18.75 -3.50
C PRO G 301 4.97 -19.66 -2.26
N VAL G 302 3.92 -19.34 -1.53
CA VAL G 302 3.53 -20.09 -0.33
C VAL G 302 2.30 -20.89 -0.69
N VAL G 303 2.43 -22.21 -0.66
CA VAL G 303 1.38 -23.19 -1.04
C VAL G 303 1.28 -24.21 0.07
N PRO G 304 0.49 -23.89 1.11
CA PRO G 304 0.59 -24.69 2.33
C PRO G 304 0.06 -26.09 2.17
N HIS G 305 0.66 -27.03 2.90
CA HIS G 305 0.19 -28.41 2.89
C HIS G 305 -1.08 -28.65 3.72
N ALA G 306 -2.04 -29.42 3.22
CA ALA G 306 -3.34 -29.64 3.84
C ALA G 306 -3.29 -30.66 4.99
N GLY G 307 -2.44 -30.44 5.98
CA GLY G 307 -2.44 -31.28 7.18
C GLY G 307 -3.68 -31.09 8.08
N GLU G 308 -4.36 -29.97 7.90
CA GLU G 308 -5.61 -29.68 8.49
C GLU G 308 -6.71 -29.62 7.42
N MET G 309 -6.47 -30.26 6.26
CA MET G 309 -7.38 -30.38 5.15
C MET G 309 -7.86 -28.99 4.68
N SER G 310 -6.99 -28.01 4.82
CA SER G 310 -7.22 -26.63 4.39
C SER G 310 -8.26 -25.81 5.20
N GLN G 311 -8.77 -26.37 6.30
CA GLN G 311 -9.71 -25.65 7.17
C GLN G 311 -9.11 -24.35 7.70
N VAL G 312 -7.86 -24.36 8.06
CA VAL G 312 -7.17 -23.18 8.50
C VAL G 312 -6.47 -22.49 7.33
N HIS G 313 -5.84 -23.26 6.43
CA HIS G 313 -5.04 -22.66 5.38
C HIS G 313 -5.87 -21.86 4.37
N VAL G 314 -7.16 -22.11 4.28
CA VAL G 314 -8.01 -21.25 3.47
C VAL G 314 -7.94 -19.81 3.93
N HIS G 315 -7.87 -19.60 5.25
CA HIS G 315 -7.82 -18.25 5.74
C HIS G 315 -6.45 -17.64 5.42
N LEU G 316 -5.40 -18.43 5.69
CA LEU G 316 -4.08 -17.93 5.51
C LEU G 316 -3.79 -17.65 4.04
N SER G 317 -4.30 -18.46 3.13
N SER G 317 -4.29 -18.47 3.11
CA SER G 317 -4.05 -18.23 1.72
CA SER G 317 -4.02 -18.23 1.69
C SER G 317 -4.84 -17.03 1.18
C SER G 317 -4.90 -17.10 1.10
N TYR G 318 -6.04 -16.83 1.72
CA TYR G 318 -6.86 -15.64 1.32
C TYR G 318 -6.14 -14.38 1.76
N TRP G 319 -5.38 -14.43 2.86
CA TRP G 319 -4.75 -13.24 3.44
C TRP G 319 -3.25 -12.99 3.03
N HIS G 320 -2.38 -13.96 3.21
CA HIS G 320 -0.95 -13.70 3.16
C HIS G 320 -0.52 -13.42 1.73
N PRO G 321 0.11 -12.29 1.47
CA PRO G 321 0.32 -11.87 0.06
C PRO G 321 1.28 -12.72 -0.74
N ALA G 322 2.04 -13.58 -0.08
CA ALA G 322 2.91 -14.51 -0.83
C ALA G 322 2.19 -15.77 -1.28
N SER G 323 0.98 -15.98 -0.81
CA SER G 323 0.19 -17.16 -1.16
C SER G 323 -0.22 -17.18 -2.59
N THR G 324 -0.37 -18.36 -3.11
CA THR G 324 -0.84 -18.61 -4.42
C THR G 324 -2.05 -19.61 -4.42
N ILE G 325 -1.81 -20.89 -4.68
CA ILE G 325 -2.88 -21.84 -4.82
C ILE G 325 -2.99 -22.73 -3.55
N LEU G 326 -4.05 -23.55 -3.47
CA LEU G 326 -4.40 -24.25 -2.22
C LEU G 326 -4.79 -25.66 -2.46
N GLU G 327 -4.07 -26.54 -1.76
CA GLU G 327 -4.40 -27.97 -1.87
C GLU G 327 -5.85 -28.24 -1.46
N TYR G 328 -6.48 -29.19 -2.14
CA TYR G 328 -7.84 -29.62 -1.80
C TYR G 328 -7.88 -31.15 -1.66
N ILE G 329 -8.38 -31.58 -0.52
CA ILE G 329 -8.63 -32.98 -0.16
C ILE G 329 -9.94 -32.89 0.69
N PRO G 330 -11.00 -33.52 0.23
CA PRO G 330 -12.33 -33.25 0.81
C PRO G 330 -12.69 -34.22 1.92
N TRP G 331 -11.70 -34.91 2.51
CA TRP G 331 -12.02 -35.95 3.49
C TRP G 331 -12.81 -35.50 4.72
N ILE G 332 -12.51 -34.34 5.29
CA ILE G 332 -13.06 -34.06 6.59
C ILE G 332 -13.98 -32.86 6.62
N LYS G 333 -14.10 -32.18 5.50
CA LYS G 333 -14.70 -30.86 5.54
C LYS G 333 -16.12 -30.89 6.09
N ASP G 334 -16.86 -31.95 5.77
CA ASP G 334 -18.28 -31.96 6.20
C ASP G 334 -18.45 -32.20 7.68
N HIS G 335 -17.36 -32.43 8.39
CA HIS G 335 -17.35 -32.55 9.85
C HIS G 335 -17.15 -31.22 10.59
N PHE G 336 -17.16 -30.09 9.85
CA PHE G 336 -16.94 -28.80 10.48
C PHE G 336 -18.16 -27.90 10.44
N GLU G 337 -18.27 -26.98 11.39
CA GLU G 337 -19.33 -25.96 11.37
C GLU G 337 -19.20 -25.11 10.14
N GLU G 338 -17.96 -24.80 9.71
CA GLU G 338 -17.82 -24.15 8.38
C GLU G 338 -16.87 -24.99 7.50
N PRO G 339 -17.41 -25.93 6.72
CA PRO G 339 -16.63 -26.66 5.76
C PRO G 339 -15.98 -25.71 4.75
N ILE G 340 -14.73 -26.01 4.40
CA ILE G 340 -14.20 -25.47 3.15
C ILE G 340 -15.14 -25.88 2.03
N HIS G 341 -15.13 -25.10 0.97
CA HIS G 341 -15.98 -25.40 -0.16
C HIS G 341 -15.30 -24.90 -1.41
N VAL G 342 -15.13 -25.79 -2.36
CA VAL G 342 -14.53 -25.50 -3.66
C VAL G 342 -15.58 -25.67 -4.77
N ARG G 343 -15.70 -24.66 -5.61
CA ARG G 343 -16.57 -24.80 -6.78
C ARG G 343 -15.87 -24.17 -8.00
N ASP G 344 -15.89 -24.85 -9.14
CA ASP G 344 -15.19 -24.37 -10.34
C ASP G 344 -13.74 -24.06 -10.02
N GLY G 345 -13.13 -24.87 -9.15
CA GLY G 345 -11.67 -24.78 -8.87
C GLY G 345 -11.26 -23.62 -7.98
N VAL G 346 -12.23 -23.00 -7.36
CA VAL G 346 -12.01 -21.85 -6.45
C VAL G 346 -12.60 -22.07 -5.05
N TYR G 347 -11.78 -21.79 -4.02
CA TYR G 347 -12.23 -21.86 -2.62
C TYR G 347 -13.13 -20.68 -2.28
N LYS G 348 -14.25 -20.99 -1.66
CA LYS G 348 -15.11 -19.99 -1.14
C LYS G 348 -14.41 -19.29 0.04
N ARG G 349 -14.63 -18.01 0.18
CA ARG G 349 -14.00 -17.27 1.27
C ARG G 349 -14.74 -17.58 2.57
N PRO G 350 -14.03 -17.89 3.66
CA PRO G 350 -14.72 -18.15 4.95
C PRO G 350 -15.52 -16.93 5.45
N GLU G 351 -16.61 -17.19 6.14
CA GLU G 351 -17.54 -16.16 6.59
C GLU G 351 -17.67 -16.11 8.10
N GLN G 352 -17.69 -17.25 8.75
CA GLN G 352 -17.96 -17.29 10.18
C GLN G 352 -16.76 -16.78 11.03
N PRO G 353 -17.05 -16.25 12.23
CA PRO G 353 -16.00 -15.85 13.15
C PRO G 353 -15.09 -17.04 13.49
N GLY G 354 -13.80 -16.79 13.58
CA GLY G 354 -12.82 -17.82 13.87
C GLY G 354 -11.96 -18.30 12.73
N ALA G 355 -11.32 -19.45 12.98
CA ALA G 355 -10.42 -20.09 11.97
C ALA G 355 -10.95 -21.35 11.32
N SER G 356 -12.27 -21.52 11.35
CA SER G 356 -12.99 -22.67 10.80
C SER G 356 -12.40 -23.98 11.23
N THR G 357 -12.08 -24.05 12.53
CA THR G 357 -11.57 -25.26 13.14
C THR G 357 -12.58 -25.95 14.03
N THR G 358 -13.77 -25.40 14.17
CA THR G 358 -14.80 -25.92 15.10
C THR G 358 -15.53 -27.16 14.47
N PRO G 359 -15.31 -28.39 15.04
CA PRO G 359 -16.02 -29.52 14.45
C PRO G 359 -17.49 -29.53 14.93
N LEU G 360 -18.29 -30.26 14.20
CA LEU G 360 -19.70 -30.47 14.51
C LEU G 360 -19.80 -31.35 15.74
N ALA G 361 -20.74 -31.03 16.67
CA ALA G 361 -20.93 -31.86 17.87
C ALA G 361 -21.10 -33.29 17.53
N GLU G 362 -21.89 -33.61 16.51
CA GLU G 362 -22.17 -34.99 16.12
C GLU G 362 -20.94 -35.72 15.65
N SER G 363 -19.98 -35.00 15.07
CA SER G 363 -18.75 -35.65 14.62
C SER G 363 -17.93 -36.12 15.80
N PHE G 364 -17.89 -35.42 16.91
CA PHE G 364 -17.21 -35.98 18.10
C PHE G 364 -17.84 -37.25 18.61
N THR G 365 -19.16 -37.25 18.64
CA THR G 365 -19.87 -38.41 19.08
C THR G 365 -19.57 -39.60 18.27
N ARG G 366 -19.66 -39.45 16.97
CA ARG G 366 -19.60 -40.54 16.13
C ARG G 366 -18.16 -41.00 15.92
N TYR G 367 -17.20 -40.07 15.93
CA TYR G 367 -15.83 -40.37 15.48
C TYR G 367 -14.72 -40.06 16.49
N GLY G 368 -15.11 -39.63 17.68
CA GLY G 368 -14.21 -39.35 18.75
C GLY G 368 -13.55 -40.61 19.29
N LYS G 369 -12.28 -40.52 19.66
CA LYS G 369 -11.60 -41.63 20.30
C LYS G 369 -11.22 -41.23 21.72
N ALA G 370 -11.10 -42.20 22.60
CA ALA G 370 -10.66 -41.97 23.94
C ALA G 370 -9.18 -41.58 24.04
N VAL G 371 -8.88 -40.62 24.93
CA VAL G 371 -7.56 -40.02 25.07
C VAL G 371 -6.72 -40.75 26.10
N LYS G 372 -7.37 -41.68 26.78
CA LYS G 372 -6.77 -42.65 27.70
C LYS G 372 -7.62 -43.94 27.66
N MET H 1 28.65 28.26 -18.35
CA MET H 1 27.97 29.60 -18.19
C MET H 1 27.06 29.46 -16.98
N LYS H 2 26.65 30.55 -16.37
CA LYS H 2 25.78 30.45 -15.18
C LYS H 2 24.40 30.08 -15.54
N ILE H 3 23.79 29.26 -14.71
CA ILE H 3 22.39 28.91 -14.83
C ILE H 3 21.54 30.09 -14.34
N THR H 4 20.63 30.54 -15.17
CA THR H 4 19.82 31.68 -14.84
C THR H 4 18.36 31.27 -14.60
N ALA H 5 17.94 30.08 -15.03
CA ALA H 5 16.56 29.69 -14.75
C ALA H 5 16.46 28.17 -14.79
N VAL H 6 15.52 27.65 -13.99
CA VAL H 6 15.16 26.22 -14.06
C VAL H 6 13.66 26.15 -14.07
N GLU H 7 13.04 25.60 -15.11
CA GLU H 7 11.60 25.60 -15.26
C GLU H 7 11.13 24.21 -15.55
N PRO H 8 10.36 23.62 -14.62
CA PRO H 8 9.88 22.27 -14.87
C PRO H 8 8.72 22.22 -15.82
N PHE H 9 8.46 21.06 -16.43
CA PHE H 9 7.35 20.85 -17.32
C PHE H 9 6.89 19.45 -17.28
N ILE H 10 5.62 19.28 -17.63
CA ILE H 10 4.99 18.00 -17.89
C ILE H 10 4.28 17.92 -19.21
N LEU H 11 4.60 16.96 -20.05
CA LEU H 11 3.79 16.63 -21.22
C LEU H 11 3.14 15.31 -21.03
N HIS H 12 1.87 15.22 -21.37
CA HIS H 12 1.20 13.96 -21.54
C HIS H 12 0.93 13.69 -22.98
N LEU H 13 1.59 12.68 -23.51
CA LEU H 13 1.57 12.42 -24.97
C LEU H 13 0.82 11.16 -25.34
N PRO H 14 -0.07 11.20 -26.34
CA PRO H 14 -0.85 9.98 -26.66
C PRO H 14 -0.09 8.86 -27.36
N LEU H 15 -0.63 7.63 -27.35
CA LEU H 15 0.12 6.49 -27.86
C LEU H 15 -0.33 6.03 -29.27
N THR H 16 0.28 4.93 -29.76
CA THR H 16 -0.05 4.28 -31.03
C THR H 16 -1.46 3.64 -31.02
N SER H 17 -1.94 3.28 -29.84
CA SER H 17 -3.30 2.80 -29.61
C SER H 17 -3.91 3.66 -28.50
N GLU H 18 -5.22 3.54 -28.29
CA GLU H 18 -5.90 4.23 -27.18
C GLU H 18 -5.35 3.80 -25.80
N SER H 19 -5.09 2.49 -25.70
CA SER H 19 -4.49 1.90 -24.51
C SER H 19 -3.51 0.80 -24.91
N ILE H 20 -2.44 0.64 -24.13
CA ILE H 20 -1.63 -0.57 -24.29
C ILE H 20 -1.39 -1.13 -22.89
N SER H 21 -1.17 -2.44 -22.87
CA SER H 21 -0.79 -3.15 -21.61
C SER H 21 0.40 -4.11 -21.79
N ASP H 22 1.20 -4.19 -20.70
CA ASP H 22 2.16 -5.28 -20.52
C ASP H 22 1.56 -6.13 -19.40
N SER H 23 2.41 -6.89 -18.72
CA SER H 23 1.92 -7.86 -17.72
C SER H 23 1.38 -7.13 -16.46
N THR H 24 1.78 -5.86 -16.27
CA THR H 24 1.64 -5.20 -14.99
C THR H 24 0.86 -3.85 -15.10
N HIS H 25 0.96 -3.22 -16.25
CA HIS H 25 0.54 -1.81 -16.43
C HIS H 25 -0.36 -1.72 -17.65
N SER H 26 -1.36 -0.82 -17.56
CA SER H 26 -2.17 -0.37 -18.70
C SER H 26 -2.14 1.15 -18.77
N ILE H 27 -1.78 1.72 -19.93
CA ILE H 27 -1.60 3.18 -19.99
C ILE H 27 -2.20 3.81 -21.21
N THR H 28 -2.53 5.09 -21.15
CA THR H 28 -3.09 5.77 -22.34
C THR H 28 -2.21 6.92 -22.85
N HIS H 29 -1.30 7.43 -22.01
CA HIS H 29 -0.40 8.51 -22.38
C HIS H 29 0.95 8.20 -21.81
N TRP H 30 1.98 8.77 -22.45
CA TRP H 30 3.31 8.76 -21.88
C TRP H 30 3.60 10.12 -21.27
N GLY H 31 4.20 10.11 -20.09
CA GLY H 31 4.56 11.30 -19.37
C GLY H 31 5.98 11.66 -19.64
N VAL H 32 6.18 12.84 -20.17
CA VAL H 32 7.51 13.37 -20.31
C VAL H 32 7.59 14.45 -19.31
N VAL H 33 8.41 14.24 -18.27
CA VAL H 33 8.40 15.06 -17.09
C VAL H 33 9.81 15.51 -16.80
N GLY H 34 10.01 16.83 -16.80
CA GLY H 34 11.36 17.34 -16.79
C GLY H 34 11.57 18.77 -16.48
N ALA H 35 12.75 19.24 -16.90
CA ALA H 35 13.28 20.54 -16.58
C ALA H 35 13.89 21.18 -17.86
N LYS H 36 13.57 22.46 -18.07
CA LYS H 36 14.30 23.33 -18.99
C LYS H 36 15.17 24.24 -18.20
N ILE H 37 16.48 24.20 -18.50
CA ILE H 37 17.47 24.89 -17.76
C ILE H 37 18.05 25.91 -18.72
N THR H 38 17.99 27.18 -18.36
CA THR H 38 18.57 28.27 -19.20
C THR H 38 19.85 28.77 -18.59
N THR H 39 20.84 29.13 -19.41
CA THR H 39 22.05 29.70 -18.91
C THR H 39 22.19 31.18 -19.47
N SER H 40 23.18 31.88 -18.98
CA SER H 40 23.36 33.31 -19.20
C SER H 40 23.59 33.67 -20.68
N ASP H 41 24.15 32.75 -21.46
CA ASP H 41 24.24 32.95 -22.93
C ASP H 41 22.93 32.67 -23.70
N GLY H 42 21.83 32.36 -23.02
CA GLY H 42 20.59 32.03 -23.70
C GLY H 42 20.44 30.60 -24.21
N ILE H 43 21.41 29.74 -23.97
CA ILE H 43 21.19 28.33 -24.30
C ILE H 43 20.14 27.73 -23.34
N GLU H 44 19.23 26.97 -23.90
CA GLU H 44 18.21 26.23 -23.16
C GLU H 44 18.46 24.75 -23.34
N GLY H 45 18.64 24.10 -22.18
CA GLY H 45 18.74 22.63 -22.13
C GLY H 45 17.53 21.95 -21.55
N TYR H 46 17.21 20.78 -22.12
CA TYR H 46 16.06 20.03 -21.73
C TYR H 46 16.44 18.62 -21.32
N GLY H 47 15.83 18.17 -20.24
CA GLY H 47 15.98 16.81 -19.79
C GLY H 47 14.69 16.37 -19.13
N PHE H 48 14.46 15.06 -19.16
CA PHE H 48 13.23 14.53 -18.64
C PHE H 48 13.35 13.07 -18.22
N THR H 49 12.42 12.68 -17.35
CA THR H 49 12.17 11.26 -17.06
C THR H 49 10.94 10.85 -17.84
N GLY H 50 10.53 9.61 -17.71
CA GLY H 50 9.48 8.96 -18.47
C GLY H 50 8.55 8.29 -17.45
N THR H 51 7.32 8.75 -17.37
CA THR H 51 6.33 8.22 -16.45
C THR H 51 5.13 7.71 -17.18
N HIS H 52 4.21 7.11 -16.42
CA HIS H 52 2.93 6.64 -16.92
C HIS H 52 1.84 7.73 -16.93
N ALA H 53 2.26 8.98 -16.82
CA ALA H 53 1.41 10.15 -16.96
C ALA H 53 0.29 10.15 -15.93
N HIS H 54 0.65 9.82 -14.72
CA HIS H 54 -0.17 10.01 -13.51
C HIS H 54 0.14 11.38 -12.91
N LEU H 55 -0.73 12.33 -13.20
CA LEU H 55 -0.45 13.75 -12.92
C LEU H 55 -0.06 14.02 -11.47
N PRO H 56 -0.77 13.44 -10.48
CA PRO H 56 -0.40 13.80 -9.10
C PRO H 56 1.05 13.39 -8.75
N SER H 57 1.56 12.31 -9.34
CA SER H 57 2.93 11.91 -9.08
C SER H 57 3.89 12.57 -10.00
N ASP H 58 3.50 12.87 -11.24
CA ASP H 58 4.31 13.77 -12.15
C ASP H 58 4.68 15.07 -11.43
N ARG H 59 3.74 15.62 -10.67
CA ARG H 59 3.92 16.85 -9.99
C ARG H 59 4.83 16.75 -8.83
N LEU H 60 5.02 15.52 -8.30
CA LEU H 60 6.05 15.35 -7.24
C LEU H 60 7.45 15.54 -7.83
N ILE H 61 7.69 15.01 -9.02
CA ILE H 61 8.96 15.11 -9.71
C ILE H 61 9.26 16.60 -10.05
N THR H 62 8.30 17.29 -10.60
CA THR H 62 8.47 18.73 -10.90
C THR H 62 8.63 19.60 -9.72
N SER H 63 7.95 19.29 -8.60
CA SER H 63 8.17 20.05 -7.40
C SER H 63 9.49 19.77 -6.84
N CYS H 64 9.97 18.53 -6.95
CA CYS H 64 11.33 18.27 -6.56
C CYS H 64 12.30 19.14 -7.38
N ILE H 65 12.09 19.26 -8.66
CA ILE H 65 13.00 20.07 -9.52
C ILE H 65 12.99 21.56 -9.08
N SER H 66 11.80 22.10 -8.96
CA SER H 66 11.66 23.55 -8.67
C SER H 66 11.95 23.87 -7.27
N ASP H 67 11.48 23.06 -6.34
CA ASP H 67 11.55 23.46 -4.98
C ASP H 67 12.74 22.89 -4.23
N CYS H 68 13.26 21.72 -4.64
CA CYS H 68 14.45 21.18 -3.95
C CYS H 68 15.77 21.46 -4.69
N TYR H 69 15.79 21.25 -6.00
CA TYR H 69 17.05 21.31 -6.82
C TYR H 69 17.31 22.71 -7.41
N ALA H 70 16.25 23.37 -7.82
CA ALA H 70 16.52 24.66 -8.46
C ALA H 70 17.35 25.62 -7.57
N PRO H 71 17.06 25.72 -6.26
CA PRO H 71 17.91 26.59 -5.51
C PRO H 71 19.35 26.20 -5.46
N LEU H 72 19.62 24.89 -5.64
CA LEU H 72 20.97 24.43 -5.68
C LEU H 72 21.69 24.67 -7.03
N LEU H 73 20.95 24.96 -8.07
CA LEU H 73 21.45 25.14 -9.42
C LEU H 73 21.59 26.60 -9.88
N LEU H 74 20.69 27.45 -9.43
CA LEU H 74 20.81 28.85 -9.87
C LEU H 74 22.12 29.47 -9.47
N GLY H 75 22.74 30.11 -10.44
CA GLY H 75 24.00 30.77 -10.20
C GLY H 75 25.22 29.87 -10.45
N GLU H 76 24.98 28.57 -10.71
CA GLU H 76 26.11 27.64 -10.79
C GLU H 76 26.51 27.61 -12.25
N ASP H 77 27.77 27.27 -12.54
CA ASP H 77 28.21 27.12 -13.91
C ASP H 77 27.70 25.74 -14.40
N ALA H 78 26.86 25.76 -15.40
CA ALA H 78 26.22 24.57 -15.95
C ALA H 78 27.24 23.60 -16.53
N SER H 79 28.44 24.12 -16.86
CA SER H 79 29.51 23.29 -17.39
C SER H 79 29.87 22.14 -16.40
N ASP H 80 29.73 22.43 -15.13
CA ASP H 80 30.27 21.58 -14.10
C ASP H 80 29.27 20.44 -13.75
N HIS H 81 28.85 19.70 -14.73
CA HIS H 81 27.76 18.74 -14.58
C HIS H 81 28.19 17.59 -13.64
N SER H 82 29.50 17.24 -13.56
CA SER H 82 29.85 16.16 -12.62
C SER H 82 29.77 16.63 -11.17
N ARG H 83 30.28 17.84 -10.92
CA ARG H 83 30.24 18.41 -9.61
C ARG H 83 28.80 18.64 -9.19
N LEU H 84 27.95 19.11 -10.09
CA LEU H 84 26.56 19.41 -9.76
C LEU H 84 25.71 18.14 -9.56
N TRP H 85 26.10 17.06 -10.21
CA TRP H 85 25.49 15.76 -9.94
C TRP H 85 25.58 15.38 -8.46
N THR H 86 26.77 15.41 -7.91
CA THR H 86 27.02 15.10 -6.52
C THR H 86 26.29 16.11 -5.61
N LYS H 87 26.38 17.41 -5.98
CA LYS H 87 25.79 18.46 -5.18
C LYS H 87 24.33 18.16 -4.91
N LEU H 88 23.59 17.79 -5.97
CA LEU H 88 22.15 17.53 -5.89
C LEU H 88 21.88 16.15 -5.33
N ALA H 89 22.54 15.16 -5.90
CA ALA H 89 22.28 13.79 -5.45
C ALA H 89 22.55 13.55 -3.97
N ARG H 90 23.59 14.16 -3.45
CA ARG H 90 24.05 13.82 -2.16
C ARG H 90 23.79 15.01 -1.22
N TYR H 91 22.92 15.91 -1.63
CA TYR H 91 22.54 16.97 -0.71
C TYR H 91 21.90 16.33 0.52
N PRO H 92 22.42 16.59 1.71
CA PRO H 92 22.16 15.61 2.78
C PRO H 92 20.66 15.36 3.09
N SER H 93 19.88 16.40 3.17
CA SER H 93 18.49 16.26 3.59
C SER H 93 17.64 15.66 2.47
N LEU H 94 18.11 15.80 1.21
CA LEU H 94 17.44 15.15 0.14
C LEU H 94 17.86 13.70 -0.01
N GLN H 95 19.16 13.43 0.09
CA GLN H 95 19.63 12.01 0.15
C GLN H 95 18.83 11.26 1.20
N TRP H 96 18.59 11.92 2.33
CA TRP H 96 17.82 11.30 3.45
C TRP H 96 16.47 10.74 3.01
N VAL H 97 15.83 11.40 2.04
CA VAL H 97 14.59 10.92 1.50
C VAL H 97 14.70 10.41 0.06
N GLY H 98 15.90 9.97 -0.32
CA GLY H 98 16.21 9.76 -1.71
C GLY H 98 17.06 8.52 -1.91
N ARG H 99 18.07 8.64 -2.77
CA ARG H 99 18.85 7.52 -3.31
C ARG H 99 18.14 6.73 -4.35
N ALA H 100 16.86 6.97 -4.55
CA ALA H 100 15.99 6.18 -5.35
C ALA H 100 14.61 6.87 -5.37
N GLY H 101 13.80 6.57 -6.31
CA GLY H 101 12.40 7.02 -6.38
C GLY H 101 12.38 8.47 -6.93
N ILE H 102 11.39 9.19 -6.48
CA ILE H 102 11.18 10.59 -6.95
C ILE H 102 12.38 11.49 -7.05
N THR H 103 13.19 11.54 -6.00
CA THR H 103 14.31 12.48 -5.98
C THR H 103 15.27 12.09 -7.06
N HIS H 104 15.37 10.78 -7.38
CA HIS H 104 16.39 10.37 -8.32
C HIS H 104 15.86 10.63 -9.74
N LEU H 105 14.56 10.48 -9.97
CA LEU H 105 13.98 10.75 -11.28
C LEU H 105 14.12 12.23 -11.62
N ALA H 106 13.90 13.08 -10.64
CA ALA H 106 14.08 14.49 -10.81
C ALA H 106 15.56 14.88 -11.06
N LEU H 107 16.46 14.18 -10.39
CA LEU H 107 17.90 14.35 -10.63
C LEU H 107 18.24 13.99 -12.10
N ALA H 108 17.61 12.93 -12.63
CA ALA H 108 17.87 12.42 -13.97
C ALA H 108 17.56 13.52 -15.00
N ALA H 109 16.40 14.15 -14.77
CA ALA H 109 15.94 15.27 -15.63
C ALA H 109 16.93 16.42 -15.67
N VAL H 110 17.43 16.85 -14.53
CA VAL H 110 18.40 17.91 -14.42
C VAL H 110 19.72 17.56 -15.11
N ASP H 111 20.20 16.38 -14.79
CA ASP H 111 21.41 15.93 -15.41
C ASP H 111 21.34 15.91 -16.91
N VAL H 112 20.28 15.34 -17.46
CA VAL H 112 20.17 15.26 -18.88
C VAL H 112 20.14 16.69 -19.47
N ALA H 113 19.43 17.58 -18.82
CA ALA H 113 19.41 18.99 -19.30
C ALA H 113 20.81 19.58 -19.35
N LEU H 114 21.61 19.32 -18.35
CA LEU H 114 22.95 19.88 -18.31
C LEU H 114 23.85 19.33 -19.44
N TRP H 115 23.70 18.07 -19.81
CA TRP H 115 24.42 17.48 -20.93
C TRP H 115 23.90 18.04 -22.22
N ASP H 116 22.59 18.27 -22.29
CA ASP H 116 21.99 18.89 -23.52
C ASP H 116 22.66 20.29 -23.76
N ILE H 117 22.77 21.08 -22.72
CA ILE H 117 23.48 22.38 -22.79
C ILE H 117 24.92 22.22 -23.26
N LYS H 118 25.62 21.27 -22.64
CA LYS H 118 27.02 21.06 -22.96
C LYS H 118 27.24 20.80 -24.45
N ALA H 119 26.38 19.98 -25.04
CA ALA H 119 26.51 19.59 -26.45
C ALA H 119 26.04 20.76 -27.38
N LYS H 120 25.01 21.46 -26.92
CA LYS H 120 24.51 22.67 -27.64
C LYS H 120 25.55 23.75 -27.66
N LYS H 121 26.16 24.03 -26.53
CA LYS H 121 27.25 24.96 -26.46
C LYS H 121 28.45 24.60 -27.35
N ALA H 122 28.78 23.30 -27.44
CA ALA H 122 29.84 22.84 -28.35
C ALA H 122 29.39 22.78 -29.81
N GLY H 123 28.10 22.89 -30.06
CA GLY H 123 27.53 22.93 -31.41
C GLY H 123 27.45 21.59 -32.10
N VAL H 124 27.36 20.48 -31.35
CA VAL H 124 27.43 19.19 -31.96
C VAL H 124 26.39 18.23 -31.30
N PRO H 125 25.93 17.21 -32.02
CA PRO H 125 25.19 16.11 -31.32
C PRO H 125 26.00 15.42 -30.24
N LEU H 126 25.29 15.01 -29.17
CA LEU H 126 25.90 14.43 -28.01
C LEU H 126 26.79 13.25 -28.35
N TRP H 127 26.36 12.36 -29.26
CA TRP H 127 27.24 11.23 -29.68
C TRP H 127 28.56 11.70 -30.20
N HIS H 128 28.54 12.82 -30.92
CA HIS H 128 29.83 13.33 -31.46
C HIS H 128 30.64 13.94 -30.32
N TYR H 129 29.96 14.70 -29.46
CA TYR H 129 30.58 15.39 -28.33
C TYR H 129 31.39 14.40 -27.47
N LEU H 130 30.81 13.23 -27.27
CA LEU H 130 31.39 12.23 -26.33
C LEU H 130 32.61 11.50 -26.87
N GLY H 131 32.88 11.65 -28.17
CA GLY H 131 34.00 10.97 -28.79
C GLY H 131 33.84 10.25 -30.13
N GLY H 132 32.68 10.35 -30.75
CA GLY H 132 32.43 9.86 -32.08
C GLY H 132 31.76 8.51 -32.11
N ALA H 133 31.45 8.03 -33.32
CA ALA H 133 30.59 6.85 -33.47
C ALA H 133 31.30 5.51 -33.40
N ARG H 134 30.73 4.55 -32.65
CA ARG H 134 31.28 3.23 -32.55
C ARG H 134 30.74 2.31 -33.68
N THR H 135 29.71 2.77 -34.41
CA THR H 135 29.12 1.99 -35.48
C THR H 135 28.60 2.94 -36.59
N ALA H 136 28.59 2.46 -37.82
CA ALA H 136 27.93 3.16 -38.90
C ALA H 136 26.40 3.10 -38.81
N GLY H 137 25.84 2.20 -37.99
CA GLY H 137 24.36 2.13 -37.89
C GLY H 137 23.87 1.29 -36.72
N VAL H 138 23.09 1.93 -35.85
CA VAL H 138 22.56 1.26 -34.65
C VAL H 138 21.28 0.62 -35.11
N GLU H 139 21.22 -0.69 -34.96
CA GLU H 139 20.06 -1.46 -35.29
C GLU H 139 18.97 -1.32 -34.23
N ALA H 140 17.73 -1.22 -34.71
CA ALA H 140 16.57 -1.07 -33.88
C ALA H 140 15.85 -2.41 -33.64
N TYR H 141 15.14 -2.50 -32.52
CA TYR H 141 14.20 -3.57 -32.34
C TYR H 141 12.88 -2.99 -31.99
N ASN H 142 11.82 -3.57 -32.53
CA ASN H 142 10.52 -3.00 -32.37
C ASN H 142 9.74 -3.60 -31.21
N THR H 143 9.44 -2.78 -30.23
CA THR H 143 8.66 -3.15 -29.10
C THR H 143 7.16 -2.87 -29.28
N ASP H 144 6.85 -1.91 -30.16
CA ASP H 144 5.49 -1.37 -30.23
C ASP H 144 4.52 -2.35 -30.86
N ILE H 145 5.00 -3.40 -31.48
CA ILE H 145 4.11 -4.40 -32.01
C ILE H 145 3.78 -5.56 -31.06
N GLY H 146 4.34 -5.53 -29.84
CA GLY H 146 4.35 -6.76 -29.03
C GLY H 146 3.60 -6.70 -27.69
N TRP H 147 2.79 -5.66 -27.49
CA TRP H 147 2.03 -5.44 -26.24
C TRP H 147 1.16 -6.65 -25.89
N LEU H 148 1.08 -6.94 -24.58
CA LEU H 148 0.35 -8.08 -24.14
C LEU H 148 -1.16 -7.87 -24.34
N SER H 149 -1.60 -6.63 -24.38
CA SER H 149 -3.01 -6.31 -24.70
C SER H 149 -3.40 -6.65 -26.16
N PHE H 150 -2.44 -6.93 -27.05
CA PHE H 150 -2.83 -7.36 -28.40
C PHE H 150 -3.37 -8.78 -28.40
N THR H 151 -4.52 -8.97 -29.07
CA THR H 151 -4.96 -10.30 -29.45
C THR H 151 -3.94 -10.97 -30.28
N LEU H 152 -3.98 -12.30 -30.33
CA LEU H 152 -3.01 -13.01 -31.12
C LEU H 152 -3.05 -12.55 -32.62
N GLU H 153 -4.26 -12.34 -33.09
CA GLU H 153 -4.43 -11.90 -34.47
C GLU H 153 -3.67 -10.62 -34.73
N ASP H 154 -3.87 -9.63 -33.86
CA ASP H 154 -3.16 -8.31 -33.95
C ASP H 154 -1.64 -8.39 -33.68
N LEU H 155 -1.24 -9.32 -32.81
CA LEU H 155 0.16 -9.56 -32.54
C LEU H 155 0.84 -10.09 -33.82
N LEU H 156 0.19 -11.03 -34.47
CA LEU H 156 0.74 -11.61 -35.70
C LEU H 156 0.75 -10.59 -36.82
N ALA H 157 -0.28 -9.75 -36.92
CA ALA H 157 -0.35 -8.81 -38.03
C ALA H 157 0.66 -7.67 -37.89
N GLY H 158 0.79 -7.08 -36.71
CA GLY H 158 1.81 -6.02 -36.49
C GLY H 158 3.22 -6.59 -36.65
N SER H 159 3.44 -7.81 -36.17
CA SER H 159 4.75 -8.41 -36.24
C SER H 159 5.15 -8.62 -37.73
N ALA H 160 4.21 -9.15 -38.50
CA ALA H 160 4.43 -9.42 -39.92
C ALA H 160 4.66 -8.13 -40.65
N ARG H 161 3.88 -7.11 -40.32
CA ARG H 161 4.03 -5.79 -40.92
C ARG H 161 5.40 -5.15 -40.60
N ALA H 162 5.82 -5.22 -39.35
CA ALA H 162 7.11 -4.65 -38.97
C ALA H 162 8.24 -5.22 -39.82
N VAL H 163 8.18 -6.50 -40.09
CA VAL H 163 9.21 -7.24 -40.71
C VAL H 163 9.05 -7.18 -42.22
N GLU H 164 7.84 -7.38 -42.72
CA GLU H 164 7.61 -7.45 -44.18
C GLU H 164 7.41 -6.11 -44.85
N GLU H 165 6.87 -5.14 -44.16
CA GLU H 165 6.67 -3.83 -44.73
C GLU H 165 7.71 -2.84 -44.25
N ASP H 166 8.14 -2.88 -42.96
CA ASP H 166 8.99 -1.80 -42.40
C ASP H 166 10.44 -2.15 -42.26
N GLY H 167 10.80 -3.35 -42.65
CA GLY H 167 12.16 -3.83 -42.71
C GLY H 167 12.83 -4.10 -41.33
N PHE H 168 12.06 -4.28 -40.26
CA PHE H 168 12.64 -4.80 -38.99
C PHE H 168 13.07 -6.23 -39.10
N THR H 169 14.13 -6.54 -38.40
CA THR H 169 14.59 -7.92 -38.28
C THR H 169 14.75 -8.35 -36.81
N ARG H 170 14.27 -7.48 -35.93
CA ARG H 170 14.36 -7.68 -34.46
C ARG H 170 13.09 -7.14 -33.86
N LEU H 171 12.45 -7.94 -32.98
CA LEU H 171 11.22 -7.58 -32.34
C LEU H 171 11.31 -7.90 -30.85
N LYS H 172 10.45 -7.31 -30.06
CA LYS H 172 10.31 -7.75 -28.64
C LYS H 172 8.83 -7.84 -28.33
N ILE H 173 8.48 -9.00 -27.78
CA ILE H 173 7.13 -9.35 -27.48
C ILE H 173 6.88 -9.51 -26.00
N LYS H 174 5.83 -8.86 -25.51
CA LYS H 174 5.46 -9.05 -24.06
C LYS H 174 5.01 -10.44 -23.74
N VAL H 175 5.36 -10.88 -22.54
CA VAL H 175 4.77 -12.12 -21.99
C VAL H 175 4.36 -11.73 -20.55
N GLY H 176 3.69 -12.65 -19.90
CA GLY H 176 3.15 -12.40 -18.57
C GLY H 176 1.73 -12.77 -18.33
N HIS H 177 1.14 -13.64 -19.11
CA HIS H 177 -0.16 -14.19 -18.74
C HIS H 177 -0.01 -14.98 -17.43
N ASP H 178 -1.11 -15.17 -16.72
CA ASP H 178 -1.08 -15.95 -15.48
C ASP H 178 -0.65 -17.39 -15.76
N ASP H 179 -1.09 -17.96 -16.88
CA ASP H 179 -0.60 -19.21 -17.40
C ASP H 179 0.42 -18.95 -18.52
N PRO H 180 1.73 -19.10 -18.23
CA PRO H 180 2.71 -18.88 -19.29
C PRO H 180 2.58 -19.73 -20.56
N ASN H 181 1.85 -20.85 -20.51
CA ASN H 181 1.61 -21.61 -21.71
C ASN H 181 0.82 -20.78 -22.76
N ILE H 182 0.03 -19.82 -22.32
CA ILE H 182 -0.59 -18.84 -23.25
C ILE H 182 0.46 -18.03 -24.01
N ASP H 183 1.50 -17.67 -23.30
CA ASP H 183 2.57 -16.97 -23.98
C ASP H 183 3.37 -17.88 -24.86
N ILE H 184 3.57 -19.13 -24.45
CA ILE H 184 4.27 -20.05 -25.30
C ILE H 184 3.48 -20.16 -26.65
N ALA H 185 2.16 -20.21 -26.55
CA ALA H 185 1.31 -20.37 -27.75
C ALA H 185 1.43 -19.15 -28.66
N ARG H 186 1.43 -17.95 -28.07
CA ARG H 186 1.58 -16.73 -28.83
C ARG H 186 2.88 -16.65 -29.54
N LEU H 187 3.98 -16.91 -28.79
CA LEU H 187 5.30 -16.87 -29.37
C LEU H 187 5.43 -17.94 -30.49
N THR H 188 4.83 -19.10 -30.27
CA THR H 188 4.90 -20.20 -31.23
C THR H 188 4.27 -19.73 -32.56
N ALA H 189 3.14 -19.09 -32.42
CA ALA H 189 2.41 -18.54 -33.60
C ALA H 189 3.20 -17.44 -34.30
N VAL H 190 3.81 -16.52 -33.56
CA VAL H 190 4.65 -15.52 -34.19
C VAL H 190 5.83 -16.16 -34.91
N ARG H 191 6.47 -17.15 -34.30
CA ARG H 191 7.60 -17.78 -34.91
C ARG H 191 7.23 -18.53 -36.23
N GLU H 192 6.03 -19.07 -36.27
CA GLU H 192 5.56 -19.72 -37.52
C GLU H 192 5.13 -18.68 -38.56
N ARG H 193 4.73 -17.49 -38.14
CA ARG H 193 4.33 -16.43 -39.03
C ARG H 193 5.50 -15.71 -39.68
N VAL H 194 6.51 -15.28 -38.93
CA VAL H 194 7.59 -14.47 -39.54
C VAL H 194 8.78 -15.31 -39.92
N ASP H 195 9.64 -14.77 -40.78
CA ASP H 195 10.85 -15.44 -41.19
C ASP H 195 11.73 -15.89 -39.97
N SER H 196 12.45 -16.99 -40.13
CA SER H 196 13.34 -17.53 -39.04
C SER H 196 14.47 -16.63 -38.69
N ALA H 197 14.86 -15.75 -39.62
CA ALA H 197 15.89 -14.77 -39.35
C ALA H 197 15.47 -13.53 -38.53
N VAL H 198 14.21 -13.47 -38.14
CA VAL H 198 13.78 -12.39 -37.29
C VAL H 198 14.17 -12.80 -35.83
N ARG H 199 14.85 -11.89 -35.14
CA ARG H 199 15.23 -12.06 -33.73
C ARG H 199 14.03 -11.59 -32.85
N ILE H 200 13.66 -12.40 -31.83
CA ILE H 200 12.52 -12.12 -31.03
C ILE H 200 12.95 -12.24 -29.56
N ALA H 201 12.95 -11.11 -28.91
CA ALA H 201 13.14 -11.01 -27.45
C ALA H 201 11.76 -10.95 -26.80
N ILE H 202 11.67 -11.27 -25.50
CA ILE H 202 10.45 -11.19 -24.75
C ILE H 202 10.68 -10.43 -23.44
N ASP H 203 9.61 -9.99 -22.84
CA ASP H 203 9.66 -9.12 -21.69
C ASP H 203 8.50 -9.44 -20.78
N GLY H 204 8.77 -9.79 -19.53
CA GLY H 204 7.69 -10.13 -18.63
C GLY H 204 7.37 -9.03 -17.62
N ASN H 205 8.09 -7.92 -17.65
CA ASN H 205 7.85 -6.79 -16.71
C ASN H 205 7.63 -7.26 -15.27
N GLY H 206 8.44 -8.19 -14.83
CA GLY H 206 8.51 -8.54 -13.43
C GLY H 206 7.36 -9.35 -12.88
N LYS H 207 6.60 -9.97 -13.74
CA LYS H 207 5.33 -10.57 -13.35
C LYS H 207 5.44 -11.90 -12.63
N TRP H 208 6.39 -12.75 -12.99
CA TRP H 208 6.40 -14.15 -12.51
C TRP H 208 7.42 -14.35 -11.38
N ASP H 209 7.27 -15.50 -10.73
CA ASP H 209 8.21 -15.97 -9.72
C ASP H 209 9.19 -16.94 -10.30
N LEU H 210 10.17 -17.33 -9.48
CA LEU H 210 11.21 -18.24 -9.95
C LEU H 210 10.78 -19.57 -10.61
N PRO H 211 9.97 -20.36 -9.92
CA PRO H 211 9.66 -21.64 -10.50
C PRO H 211 8.83 -21.47 -11.76
N THR H 212 7.97 -20.47 -11.78
CA THR H 212 7.19 -20.17 -13.03
C THR H 212 8.12 -19.92 -14.21
N CYS H 213 9.09 -19.05 -13.98
CA CYS H 213 10.08 -18.78 -15.00
C CYS H 213 10.90 -19.95 -15.42
N GLN H 214 11.26 -20.82 -14.47
CA GLN H 214 12.01 -22.04 -14.80
C GLN H 214 11.26 -22.91 -15.81
N ARG H 215 9.99 -23.11 -15.52
CA ARG H 215 9.15 -23.99 -16.39
C ARG H 215 8.98 -23.31 -17.76
N PHE H 216 8.66 -22.04 -17.72
CA PHE H 216 8.48 -21.25 -18.96
C PHE H 216 9.71 -21.31 -19.83
N CYS H 217 10.88 -21.02 -19.28
CA CYS H 217 12.08 -21.04 -20.09
C CYS H 217 12.35 -22.41 -20.69
N ALA H 218 12.12 -23.47 -19.91
CA ALA H 218 12.28 -24.82 -20.48
C ALA H 218 11.29 -25.08 -21.63
N ALA H 219 10.04 -24.68 -21.48
CA ALA H 219 9.03 -24.73 -22.54
C ALA H 219 9.34 -23.92 -23.79
N ALA H 220 10.13 -22.87 -23.65
CA ALA H 220 10.49 -21.94 -24.71
C ALA H 220 11.76 -22.31 -25.41
N LYS H 221 12.31 -23.48 -25.09
CA LYS H 221 13.61 -23.87 -25.59
C LYS H 221 13.73 -23.92 -27.13
N ASP H 222 12.63 -24.13 -27.85
CA ASP H 222 12.77 -24.21 -29.28
C ASP H 222 12.27 -23.01 -30.00
N LEU H 223 11.93 -21.96 -29.26
CA LEU H 223 11.42 -20.75 -29.87
C LEU H 223 12.46 -19.69 -30.27
N ASP H 224 13.73 -19.97 -30.04
CA ASP H 224 14.85 -19.08 -30.33
C ASP H 224 14.61 -17.69 -29.76
N ILE H 225 14.40 -17.64 -28.45
CA ILE H 225 14.24 -16.41 -27.72
C ILE H 225 15.57 -15.66 -27.50
N TYR H 226 15.64 -14.41 -27.96
CA TYR H 226 16.87 -13.65 -27.96
C TYR H 226 17.27 -13.22 -26.50
N TRP H 227 16.30 -12.76 -25.74
CA TRP H 227 16.45 -12.51 -24.32
C TRP H 227 15.10 -12.50 -23.65
N PHE H 228 15.17 -12.70 -22.32
CA PHE H 228 13.98 -12.63 -21.46
C PHE H 228 14.21 -11.49 -20.49
N GLU H 229 13.49 -10.42 -20.72
CA GLU H 229 13.61 -9.22 -19.94
C GLU H 229 12.71 -9.20 -18.73
N GLU H 230 13.27 -8.63 -17.64
CA GLU H 230 12.58 -8.53 -16.36
C GLU H 230 11.71 -9.76 -16.03
N PRO H 231 12.33 -10.92 -15.99
CA PRO H 231 11.52 -12.08 -15.71
C PRO H 231 10.90 -12.15 -14.32
N LEU H 232 11.57 -11.53 -13.39
CA LEU H 232 11.28 -11.71 -11.94
C LEU H 232 11.16 -10.37 -11.24
N TRP H 233 10.86 -10.38 -9.93
CA TRP H 233 10.66 -9.12 -9.20
C TRP H 233 11.88 -8.26 -9.26
N TYR H 234 11.69 -6.96 -9.44
CA TYR H 234 12.78 -6.09 -9.86
C TYR H 234 13.98 -6.02 -8.92
N ASP H 235 13.69 -6.16 -7.63
CA ASP H 235 14.67 -6.02 -6.58
C ASP H 235 15.24 -7.32 -6.06
N ASP H 236 14.91 -8.43 -6.71
CA ASP H 236 15.29 -9.74 -6.23
C ASP H 236 16.43 -10.30 -7.04
N VAL H 237 17.65 -10.05 -6.57
CA VAL H 237 18.82 -10.41 -7.33
C VAL H 237 18.95 -11.95 -7.42
N THR H 238 18.81 -12.56 -6.25
CA THR H 238 19.01 -13.99 -6.12
C THR H 238 18.14 -14.83 -7.05
N SER H 239 16.83 -14.54 -7.17
CA SER H 239 15.98 -15.34 -8.04
C SER H 239 16.51 -15.22 -9.50
N HIS H 240 16.96 -14.04 -9.88
CA HIS H 240 17.44 -13.90 -11.27
C HIS H 240 18.74 -14.68 -11.47
N ALA H 241 19.60 -14.68 -10.47
CA ALA H 241 20.86 -15.48 -10.52
C ALA H 241 20.60 -16.97 -10.66
N ARG H 242 19.63 -17.45 -9.91
CA ARG H 242 19.27 -18.83 -10.07
C ARG H 242 18.66 -19.14 -11.42
N LEU H 243 17.76 -18.29 -11.91
CA LEU H 243 17.18 -18.51 -13.24
C LEU H 243 18.24 -18.52 -14.32
N ALA H 244 19.19 -17.55 -14.28
CA ALA H 244 20.18 -17.46 -15.29
C ALA H 244 20.99 -18.76 -15.38
N ARG H 245 21.25 -19.42 -14.27
CA ARG H 245 21.98 -20.65 -14.26
C ARG H 245 21.14 -21.87 -14.74
N ASN H 246 19.82 -21.76 -14.76
CA ASN H 246 18.88 -22.86 -15.00
C ASN H 246 18.49 -22.95 -16.45
N THR H 247 18.78 -21.91 -17.26
CA THR H 247 18.33 -21.82 -18.69
C THR H 247 19.48 -21.24 -19.54
N SER H 248 19.50 -21.62 -20.83
CA SER H 248 20.36 -20.96 -21.81
C SER H 248 19.76 -19.68 -22.35
N ILE H 249 18.51 -19.35 -22.05
CA ILE H 249 17.90 -18.08 -22.52
C ILE H 249 18.52 -16.91 -21.72
N PRO H 250 19.13 -15.91 -22.38
CA PRO H 250 19.74 -14.78 -21.67
C PRO H 250 18.73 -13.93 -20.91
N ILE H 251 19.15 -13.46 -19.74
CA ILE H 251 18.36 -12.52 -19.00
C ILE H 251 18.72 -11.06 -19.26
N ALA H 252 17.69 -10.21 -19.45
CA ALA H 252 17.87 -8.80 -19.60
C ALA H 252 17.16 -8.06 -18.47
N LEU H 253 17.73 -6.98 -17.95
CA LEU H 253 17.02 -6.15 -17.01
C LEU H 253 17.79 -4.87 -16.80
N GLY H 254 17.14 -3.93 -16.15
CA GLY H 254 17.77 -2.70 -15.77
C GLY H 254 16.82 -1.50 -15.77
N GLU H 255 15.72 -1.56 -16.50
CA GLU H 255 14.85 -0.39 -16.57
C GLU H 255 14.25 0.10 -15.30
N GLN H 256 14.21 -0.75 -14.26
CA GLN H 256 13.69 -0.37 -13.01
C GLN H 256 14.81 -0.10 -11.99
N LEU H 257 16.06 -0.20 -12.37
CA LEU H 257 17.13 -0.03 -11.40
C LEU H 257 17.57 1.40 -11.28
N TYR H 258 17.51 1.97 -10.07
CA TYR H 258 17.83 3.37 -9.88
C TYR H 258 19.30 3.75 -9.75
N THR H 259 20.18 2.80 -9.48
CA THR H 259 21.57 3.21 -9.11
C THR H 259 22.61 2.26 -9.71
N VAL H 260 23.84 2.73 -9.76
CA VAL H 260 24.96 1.92 -10.21
C VAL H 260 25.11 0.78 -9.21
N ASP H 261 24.75 1.02 -7.93
CA ASP H 261 24.88 -0.07 -6.93
C ASP H 261 24.01 -1.26 -7.29
N ALA H 262 22.78 -1.00 -7.71
CA ALA H 262 21.85 -2.05 -8.00
C ALA H 262 22.38 -2.79 -9.23
N PHE H 263 22.82 -2.05 -10.25
CA PHE H 263 23.42 -2.69 -11.44
C PHE H 263 24.58 -3.60 -11.03
N ARG H 264 25.47 -3.13 -10.18
CA ARG H 264 26.60 -3.89 -9.78
C ARG H 264 26.20 -5.18 -9.06
N SER H 265 25.17 -5.10 -8.22
CA SER H 265 24.61 -6.28 -7.58
C SER H 265 24.18 -7.37 -8.56
N PHE H 266 23.34 -6.99 -9.49
CA PHE H 266 22.91 -7.90 -10.50
C PHE H 266 24.04 -8.44 -11.35
N ILE H 267 24.95 -7.54 -11.80
CA ILE H 267 25.96 -7.95 -12.74
C ILE H 267 26.92 -8.94 -12.05
N ASP H 268 27.30 -8.60 -10.79
CA ASP H 268 28.29 -9.42 -10.10
C ASP H 268 27.73 -10.81 -9.81
N ALA H 269 26.44 -10.87 -9.62
CA ALA H 269 25.80 -12.21 -9.26
C ALA H 269 25.55 -13.06 -10.49
N GLY H 270 25.92 -12.55 -11.67
CA GLY H 270 25.58 -13.24 -12.96
C GLY H 270 24.09 -13.31 -13.20
N ALA H 271 23.35 -12.33 -12.73
CA ALA H 271 21.91 -12.30 -12.82
C ALA H 271 21.35 -11.55 -14.04
N VAL H 272 22.23 -10.97 -14.83
CA VAL H 272 21.85 -10.21 -16.00
C VAL H 272 22.93 -10.36 -17.04
N ALA H 273 22.52 -10.59 -18.30
CA ALA H 273 23.41 -10.71 -19.42
C ALA H 273 23.25 -9.45 -20.33
N TYR H 274 22.04 -8.99 -20.55
CA TYR H 274 21.77 -7.83 -21.38
C TYR H 274 21.46 -6.70 -20.44
N VAL H 275 22.37 -5.76 -20.30
CA VAL H 275 22.30 -4.69 -19.31
C VAL H 275 21.53 -3.51 -19.92
N GLN H 276 20.52 -3.03 -19.19
CA GLN H 276 19.54 -2.07 -19.71
C GLN H 276 19.48 -0.77 -18.87
N PRO H 277 20.57 -0.01 -18.88
CA PRO H 277 20.48 1.34 -18.21
C PRO H 277 19.50 2.25 -18.88
N ASP H 278 18.99 3.22 -18.14
CA ASP H 278 18.04 4.18 -18.71
C ASP H 278 18.33 5.53 -18.07
N VAL H 279 18.65 6.56 -18.85
CA VAL H 279 18.93 7.87 -18.29
C VAL H 279 17.78 8.48 -17.49
N THR H 280 16.59 7.96 -17.67
CA THR H 280 15.43 8.48 -17.01
C THR H 280 15.22 7.78 -15.65
N ARG H 281 15.97 6.73 -15.40
CA ARG H 281 15.78 5.89 -14.20
C ARG H 281 16.97 6.02 -13.27
N LEU H 282 18.15 5.74 -13.80
CA LEU H 282 19.41 6.16 -13.20
C LEU H 282 19.48 7.67 -13.14
N GLY H 283 20.50 8.20 -12.47
CA GLY H 283 20.68 9.63 -12.39
C GLY H 283 21.24 10.22 -13.65
N GLY H 284 20.49 10.10 -14.73
CA GLY H 284 20.85 10.76 -15.98
C GLY H 284 21.96 10.12 -16.76
N ILE H 285 22.49 10.88 -17.72
CA ILE H 285 23.61 10.46 -18.53
C ILE H 285 24.85 10.19 -17.72
N THR H 286 25.06 10.99 -16.68
CA THR H 286 26.20 10.85 -15.82
C THR H 286 26.26 9.44 -15.21
N GLU H 287 25.16 8.99 -14.60
CA GLU H 287 25.17 7.67 -13.99
C GLU H 287 25.07 6.54 -15.05
N TYR H 288 24.31 6.79 -16.13
CA TYR H 288 24.26 5.89 -17.26
C TYR H 288 25.68 5.48 -17.72
N ILE H 289 26.58 6.47 -17.85
CA ILE H 289 27.92 6.20 -18.41
C ILE H 289 28.70 5.28 -17.46
N GLN H 290 28.52 5.47 -16.17
CA GLN H 290 29.14 4.64 -15.20
C GLN H 290 28.67 3.19 -15.35
N VAL H 291 27.36 3.03 -15.51
CA VAL H 291 26.78 1.72 -15.65
C VAL H 291 27.24 1.04 -16.93
N ALA H 292 27.30 1.82 -18.03
CA ALA H 292 27.76 1.29 -19.29
C ALA H 292 29.22 0.89 -19.23
N ASP H 293 30.08 1.62 -18.51
CA ASP H 293 31.46 1.28 -18.38
C ASP H 293 31.56 -0.02 -17.53
N LEU H 294 30.76 -0.10 -16.48
CA LEU H 294 30.67 -1.33 -15.68
C LEU H 294 30.34 -2.50 -16.58
N ALA H 295 29.31 -2.34 -17.40
CA ALA H 295 28.97 -3.39 -18.32
C ALA H 295 30.14 -3.79 -19.25
N LEU H 296 30.79 -2.79 -19.82
CA LEU H 296 31.95 -3.02 -20.70
C LEU H 296 33.03 -3.82 -20.01
N ALA H 297 33.30 -3.53 -18.74
CA ALA H 297 34.31 -4.25 -17.95
C ALA H 297 34.01 -5.73 -17.83
N HIS H 298 32.72 -6.06 -17.82
CA HIS H 298 32.24 -7.47 -17.84
C HIS H 298 32.02 -8.04 -19.20
N ARG H 299 32.35 -7.26 -20.24
CA ARG H 299 32.09 -7.59 -21.64
C ARG H 299 30.66 -7.99 -21.95
N LEU H 300 29.72 -7.33 -21.29
CA LEU H 300 28.31 -7.54 -21.50
C LEU H 300 27.74 -6.40 -22.36
N PRO H 301 26.73 -6.75 -23.16
CA PRO H 301 26.16 -5.72 -24.04
C PRO H 301 25.21 -4.76 -23.34
N VAL H 302 25.24 -3.50 -23.79
CA VAL H 302 24.40 -2.44 -23.27
C VAL H 302 23.28 -2.14 -24.29
N VAL H 303 22.06 -2.38 -23.85
CA VAL H 303 20.83 -2.22 -24.62
C VAL H 303 19.84 -1.40 -23.83
N PRO H 304 19.98 -0.08 -23.89
CA PRO H 304 19.17 0.74 -22.96
C PRO H 304 17.73 0.69 -23.17
N HIS H 305 17.00 0.84 -22.04
CA HIS H 305 15.53 0.78 -22.13
C HIS H 305 15.03 2.16 -22.54
N ALA H 306 14.00 2.16 -23.37
CA ALA H 306 13.44 3.42 -23.91
C ALA H 306 12.48 4.17 -23.00
N GLY H 307 12.97 4.57 -21.82
CA GLY H 307 12.18 5.39 -20.88
C GLY H 307 11.99 6.83 -21.41
N GLU H 308 12.94 7.24 -22.28
CA GLU H 308 12.90 8.53 -22.98
C GLU H 308 12.62 8.30 -24.48
N MET H 309 12.00 7.16 -24.78
CA MET H 309 11.68 6.68 -26.10
C MET H 309 12.86 6.79 -27.09
N SER H 310 14.05 6.55 -26.56
CA SER H 310 15.33 6.57 -27.24
C SER H 310 15.79 7.94 -27.78
N GLN H 311 15.13 9.04 -27.43
CA GLN H 311 15.65 10.34 -27.85
C GLN H 311 17.03 10.65 -27.39
N VAL H 312 17.44 10.24 -26.17
CA VAL H 312 18.78 10.36 -25.65
C VAL H 312 19.62 9.15 -26.01
N HIS H 313 19.04 7.97 -25.82
CA HIS H 313 19.79 6.73 -25.97
C HIS H 313 20.29 6.45 -27.36
N VAL H 314 19.64 7.02 -28.39
CA VAL H 314 20.25 6.99 -29.75
C VAL H 314 21.66 7.53 -29.79
N HIS H 315 21.89 8.62 -29.11
CA HIS H 315 23.22 9.16 -28.91
C HIS H 315 24.17 8.25 -28.19
N LEU H 316 23.73 7.81 -27.01
CA LEU H 316 24.60 6.98 -26.24
C LEU H 316 24.86 5.57 -26.92
N SER H 317 23.92 5.03 -27.63
CA SER H 317 24.19 3.80 -28.35
C SER H 317 25.06 3.96 -29.66
N TYR H 318 25.05 5.14 -30.25
CA TYR H 318 25.97 5.47 -31.37
C TYR H 318 27.38 5.67 -30.90
N TRP H 319 27.57 6.00 -29.61
CA TRP H 319 28.87 6.33 -29.03
C TRP H 319 29.47 5.19 -28.11
N HIS H 320 28.74 4.73 -27.09
CA HIS H 320 29.39 3.83 -26.15
C HIS H 320 29.77 2.52 -26.80
N PRO H 321 31.03 2.12 -26.68
CA PRO H 321 31.52 0.91 -27.36
C PRO H 321 30.94 -0.41 -26.86
N ALA H 322 30.33 -0.45 -25.65
CA ALA H 322 29.62 -1.65 -25.24
C ALA H 322 28.19 -1.80 -25.84
N SER H 323 27.68 -0.80 -26.54
CA SER H 323 26.31 -0.80 -27.00
C SER H 323 26.15 -1.74 -28.19
N THR H 324 24.97 -2.29 -28.33
CA THR H 324 24.60 -3.14 -29.47
C THR H 324 23.37 -2.54 -30.14
N ILE H 325 22.17 -2.99 -29.77
CA ILE H 325 20.92 -2.67 -30.45
C ILE H 325 20.08 -1.72 -29.62
N LEU H 326 18.98 -1.19 -30.18
CA LEU H 326 18.24 -0.12 -29.57
C LEU H 326 16.75 -0.25 -29.71
N GLU H 327 16.06 -0.24 -28.56
CA GLU H 327 14.63 -0.30 -28.51
C GLU H 327 14.01 0.81 -29.30
N TYR H 328 12.89 0.49 -29.96
CA TYR H 328 12.12 1.45 -30.79
C TYR H 328 10.68 1.38 -30.40
N ILE H 329 10.17 2.50 -29.92
CA ILE H 329 8.75 2.76 -29.62
C ILE H 329 8.43 4.15 -30.17
N PRO H 330 7.54 4.23 -31.16
CA PRO H 330 7.44 5.54 -31.87
C PRO H 330 6.47 6.55 -31.26
N TRP H 331 6.08 6.40 -30.01
CA TRP H 331 5.04 7.22 -29.39
C TRP H 331 5.29 8.72 -29.30
N ILE H 332 6.48 9.19 -29.00
CA ILE H 332 6.69 10.61 -28.70
C ILE H 332 7.54 11.35 -29.72
N LYS H 333 8.16 10.58 -30.65
CA LYS H 333 9.27 11.10 -31.43
C LYS H 333 8.85 12.38 -32.20
N ASP H 334 7.61 12.44 -32.62
CA ASP H 334 7.19 13.56 -33.51
C ASP H 334 6.98 14.84 -32.73
N HIS H 335 7.14 14.77 -31.41
CA HIS H 335 7.04 15.93 -30.59
C HIS H 335 8.35 16.56 -30.26
N PHE H 336 9.40 16.17 -30.93
CA PHE H 336 10.73 16.68 -30.71
C PHE H 336 11.30 17.41 -31.92
N GLU H 337 12.11 18.42 -31.68
CA GLU H 337 12.80 19.12 -32.79
C GLU H 337 13.60 18.20 -33.66
N GLU H 338 14.22 17.17 -33.05
CA GLU H 338 14.88 16.10 -33.82
C GLU H 338 14.32 14.71 -33.41
N PRO H 339 13.25 14.27 -34.06
CA PRO H 339 12.72 12.94 -33.84
C PRO H 339 13.75 11.90 -34.07
N ILE H 340 13.70 10.81 -33.29
CA ILE H 340 14.39 9.66 -33.71
C ILE H 340 13.73 9.20 -35.01
N HIS H 341 14.52 8.49 -35.78
CA HIS H 341 13.98 7.92 -37.01
C HIS H 341 14.63 6.61 -37.29
N VAL H 342 13.83 5.60 -37.66
CA VAL H 342 14.28 4.30 -38.04
C VAL H 342 13.86 3.98 -39.47
N ARG H 343 14.80 3.48 -40.26
CA ARG H 343 14.54 3.09 -41.67
C ARG H 343 15.27 1.81 -41.90
N ASP H 344 14.56 0.85 -42.48
CA ASP H 344 15.16 -0.45 -42.74
C ASP H 344 15.78 -1.09 -41.48
N GLY H 345 15.22 -0.81 -40.31
CA GLY H 345 15.73 -1.42 -39.11
C GLY H 345 16.94 -0.79 -38.50
N VAL H 346 17.30 0.44 -38.93
CA VAL H 346 18.51 1.14 -38.48
C VAL H 346 18.16 2.51 -38.07
N TYR H 347 18.61 2.92 -36.87
CA TYR H 347 18.37 4.29 -36.42
C TYR H 347 19.21 5.27 -37.27
N LYS H 348 18.58 6.39 -37.61
CA LYS H 348 19.28 7.51 -38.16
C LYS H 348 20.22 8.12 -37.12
N ARG H 349 21.43 8.49 -37.54
CA ARG H 349 22.37 9.16 -36.65
C ARG H 349 22.00 10.59 -36.50
N PRO H 350 21.78 11.08 -35.25
CA PRO H 350 21.39 12.48 -34.99
C PRO H 350 22.39 13.52 -35.50
N GLU H 351 21.89 14.68 -35.87
CA GLU H 351 22.68 15.70 -36.48
C GLU H 351 22.62 17.02 -35.75
N GLN H 352 21.55 17.36 -35.02
CA GLN H 352 21.44 18.65 -34.39
C GLN H 352 22.30 18.75 -33.15
N PRO H 353 22.74 19.95 -32.81
CA PRO H 353 23.41 20.10 -31.52
C PRO H 353 22.53 19.74 -30.33
N GLY H 354 23.13 19.10 -29.35
CA GLY H 354 22.42 18.69 -28.16
C GLY H 354 22.12 17.20 -28.07
N ALA H 355 21.18 16.88 -27.17
CA ALA H 355 20.87 15.49 -26.85
C ALA H 355 19.52 15.05 -27.39
N SER H 356 19.03 15.79 -28.40
CA SER H 356 17.69 15.66 -28.96
C SER H 356 16.58 15.50 -27.94
N THR H 357 16.59 16.36 -26.95
CA THR H 357 15.58 16.33 -25.90
C THR H 357 14.64 17.55 -26.00
N THR H 358 14.83 18.39 -27.01
CA THR H 358 14.10 19.64 -27.10
C THR H 358 12.75 19.34 -27.73
N PRO H 359 11.65 19.57 -27.01
CA PRO H 359 10.36 19.27 -27.59
C PRO H 359 9.91 20.47 -28.43
N LEU H 360 8.99 20.25 -29.33
CA LEU H 360 8.40 21.37 -30.10
C LEU H 360 7.65 22.31 -29.18
N ALA H 361 7.80 23.58 -29.43
CA ALA H 361 6.95 24.59 -28.74
C ALA H 361 5.44 24.29 -28.78
N GLU H 362 4.88 23.84 -29.92
CA GLU H 362 3.44 23.51 -30.05
C GLU H 362 3.06 22.29 -29.21
N SER H 363 4.02 21.40 -29.02
CA SER H 363 3.71 20.24 -28.18
C SER H 363 3.45 20.63 -26.71
N PHE H 364 4.22 21.55 -26.13
CA PHE H 364 3.86 22.10 -24.80
C PHE H 364 2.45 22.70 -24.78
N THR H 365 2.09 23.40 -25.85
CA THR H 365 0.83 24.12 -25.89
C THR H 365 -0.25 23.13 -25.96
N ARG H 366 -0.13 22.14 -26.79
CA ARG H 366 -1.23 21.23 -26.89
C ARG H 366 -1.26 20.11 -25.77
N TYR H 367 -0.10 19.74 -25.25
CA TYR H 367 -0.05 18.50 -24.37
C TYR H 367 0.58 18.71 -23.03
N GLY H 368 0.86 19.96 -22.72
CA GLY H 368 1.49 20.37 -21.49
C GLY H 368 0.45 20.34 -20.36
N LYS H 369 0.90 20.03 -19.16
CA LYS H 369 0.07 20.03 -17.97
C LYS H 369 0.65 20.98 -17.03
N ALA H 370 -0.22 21.62 -16.27
CA ALA H 370 0.20 22.53 -15.26
C ALA H 370 0.99 21.82 -14.14
N VAL H 371 2.09 22.40 -13.70
CA VAL H 371 2.90 21.74 -12.63
C VAL H 371 2.40 21.99 -11.20
N LYS H 372 1.58 23.02 -11.06
CA LYS H 372 0.87 23.29 -9.77
C LYS H 372 -0.60 23.50 -10.13
N MET I 1 38.95 18.30 -35.53
CA MET I 1 39.75 18.80 -36.72
C MET I 1 40.65 17.70 -37.23
N LYS I 2 41.15 17.79 -38.46
CA LYS I 2 41.88 16.62 -39.02
C LYS I 2 43.28 16.52 -38.46
N ILE I 3 43.76 15.30 -38.24
CA ILE I 3 45.14 15.07 -37.88
C ILE I 3 46.09 15.26 -39.09
N THR I 4 47.07 16.13 -38.95
CA THR I 4 48.07 16.35 -39.99
C THR I 4 49.46 15.86 -39.70
N ALA I 5 49.78 15.56 -38.45
CA ALA I 5 51.03 14.99 -38.14
C ALA I 5 50.98 14.19 -36.83
N VAL I 6 51.82 13.15 -36.77
CA VAL I 6 52.09 12.39 -35.59
C VAL I 6 53.58 12.23 -35.51
N GLU I 7 54.18 12.72 -34.46
CA GLU I 7 55.62 12.69 -34.33
C GLU I 7 55.98 12.15 -32.95
N PRO I 8 56.58 10.96 -32.90
CA PRO I 8 56.97 10.44 -31.59
C PRO I 8 58.20 11.10 -31.02
N PHE I 9 58.39 10.97 -29.72
CA PHE I 9 59.48 11.53 -28.99
C PHE I 9 59.85 10.69 -27.81
N ILE I 10 61.08 10.86 -27.40
CA ILE I 10 61.62 10.20 -26.23
C ILE I 10 62.40 11.23 -25.41
N LEU I 11 62.04 11.42 -24.13
CA LEU I 11 62.88 12.23 -23.23
C LEU I 11 63.41 11.27 -22.19
N HIS I 12 64.67 11.41 -21.83
CA HIS I 12 65.17 10.70 -20.65
C HIS I 12 65.55 11.72 -19.60
N LEU I 13 64.80 11.78 -18.52
CA LEU I 13 64.91 12.87 -17.53
C LEU I 13 65.51 12.32 -16.26
N PRO I 14 66.50 13.06 -15.68
CA PRO I 14 67.12 12.67 -14.42
C PRO I 14 66.26 12.80 -13.17
N LEU I 15 66.62 12.03 -12.17
CA LEU I 15 65.84 11.91 -10.96
C LEU I 15 66.41 12.77 -9.82
N THR I 16 65.83 12.63 -8.63
CA THR I 16 66.22 13.42 -7.46
C THR I 16 67.48 12.85 -6.77
N SER I 17 67.87 11.63 -7.13
CA SER I 17 69.16 11.06 -6.77
C SER I 17 69.75 10.50 -8.08
N GLU I 18 71.06 10.22 -8.09
CA GLU I 18 71.67 9.52 -9.24
C GLU I 18 71.05 8.15 -9.56
N SER I 19 70.76 7.35 -8.52
CA SER I 19 70.13 6.03 -8.74
C SER I 19 69.05 5.82 -7.68
N ILE I 20 67.90 5.26 -8.07
CA ILE I 20 66.92 4.84 -7.06
C ILE I 20 66.48 3.40 -7.38
N SER I 21 66.17 2.71 -6.31
CA SER I 21 65.75 1.31 -6.37
C SER I 21 64.46 1.07 -5.58
N ASP I 22 63.61 0.20 -6.12
CA ASP I 22 62.61 -0.47 -5.27
C ASP I 22 63.03 -1.96 -5.11
N SER I 23 62.07 -2.84 -4.78
CA SER I 23 62.42 -4.27 -4.57
C SER I 23 62.89 -5.00 -5.83
N THR I 24 62.61 -4.43 -7.00
CA THR I 24 62.73 -5.09 -8.30
C THR I 24 63.60 -4.32 -9.32
N HIS I 25 63.53 -2.98 -9.33
CA HIS I 25 64.21 -2.16 -10.31
C HIS I 25 65.21 -1.15 -9.65
N SER I 26 66.28 -0.82 -10.40
CA SER I 26 67.16 0.36 -10.12
C SER I 26 67.25 1.16 -11.40
N ILE I 27 67.01 2.47 -11.32
CA ILE I 27 67.01 3.33 -12.49
C ILE I 27 67.77 4.64 -12.18
N THR I 28 68.18 5.35 -13.23
CA THR I 28 68.82 6.68 -13.08
C THR I 28 68.08 7.78 -13.86
N HIS I 29 67.19 7.35 -14.76
CA HIS I 29 66.41 8.27 -15.54
C HIS I 29 64.96 7.80 -15.67
N TRP I 30 64.06 8.76 -15.87
CA TRP I 30 62.67 8.41 -16.26
C TRP I 30 62.47 8.65 -17.73
N GLY I 31 61.88 7.66 -18.40
CA GLY I 31 61.51 7.83 -19.78
C GLY I 31 60.10 8.33 -20.04
N VAL I 32 60.02 9.47 -20.72
CA VAL I 32 58.79 10.05 -21.16
C VAL I 32 58.81 9.75 -22.59
N VAL I 33 57.96 8.79 -23.01
CA VAL I 33 57.94 8.26 -24.36
C VAL I 33 56.58 8.43 -24.96
N GLY I 34 56.48 9.18 -26.03
CA GLY I 34 55.17 9.50 -26.47
C GLY I 34 55.07 10.09 -27.84
N ALA I 35 53.97 10.82 -28.04
CA ALA I 35 53.61 11.34 -29.38
C ALA I 35 53.12 12.74 -29.25
N LYS I 36 53.48 13.57 -30.24
CA LYS I 36 52.90 14.85 -30.46
C LYS I 36 52.07 14.78 -31.71
N ILE I 37 50.82 15.18 -31.58
CA ILE I 37 49.83 15.06 -32.58
C ILE I 37 49.37 16.45 -32.89
N THR I 38 49.51 16.79 -34.18
CA THR I 38 49.10 18.11 -34.70
C THR I 38 47.88 17.99 -35.55
N THR I 39 46.95 18.95 -35.35
CA THR I 39 45.77 19.06 -36.15
C THR I 39 45.85 20.28 -37.13
N SER I 40 44.87 20.35 -38.00
CA SER I 40 44.90 21.30 -39.12
C SER I 40 44.78 22.74 -38.64
N ASP I 41 44.27 22.92 -37.43
CA ASP I 41 44.09 24.24 -36.88
C ASP I 41 45.33 24.66 -36.12
N GLY I 42 46.36 23.84 -36.14
CA GLY I 42 47.62 24.15 -35.49
C GLY I 42 47.71 23.73 -34.06
N ILE I 43 46.65 23.14 -33.49
CA ILE I 43 46.77 22.64 -32.10
C ILE I 43 47.72 21.46 -32.03
N GLU I 44 48.54 21.43 -30.99
CA GLU I 44 49.50 20.35 -30.74
C GLU I 44 49.18 19.61 -29.43
N GLY I 45 48.89 18.31 -29.53
CA GLY I 45 48.62 17.48 -28.32
C GLY I 45 49.76 16.58 -28.02
N TYR I 46 50.00 16.34 -26.75
CA TYR I 46 51.04 15.50 -26.29
C TYR I 46 50.48 14.43 -25.36
N GLY I 47 51.03 13.27 -25.50
CA GLY I 47 50.64 12.14 -24.66
C GLY I 47 51.85 11.22 -24.55
N PHE I 48 51.99 10.57 -23.40
CA PHE I 48 53.15 9.71 -23.29
C PHE I 48 52.90 8.57 -22.32
N THR I 49 53.75 7.54 -22.42
CA THR I 49 53.84 6.48 -21.42
C THR I 49 55.07 6.79 -20.57
N GLY I 50 55.31 5.99 -19.57
CA GLY I 50 56.38 6.21 -18.61
C GLY I 50 57.24 4.96 -18.54
N THR I 51 58.53 5.10 -18.83
CA THR I 51 59.42 3.92 -18.88
C THR I 51 60.60 4.14 -18.01
N HIS I 52 61.38 3.08 -17.83
CA HIS I 52 62.62 3.12 -17.12
C HIS I 52 63.80 3.60 -17.98
N ALA I 53 63.51 4.20 -19.12
CA ALA I 53 64.51 4.89 -19.96
C ALA I 53 65.59 3.92 -20.46
N HIS I 54 65.10 2.77 -20.98
CA HIS I 54 65.94 1.79 -21.68
C HIS I 54 65.72 2.08 -23.17
N LEU I 55 66.66 2.80 -23.77
CA LEU I 55 66.45 3.31 -25.09
C LEU I 55 66.00 2.29 -26.15
N PRO I 56 66.56 1.07 -26.14
CA PRO I 56 66.20 0.16 -27.18
C PRO I 56 64.68 -0.22 -27.09
N SER I 57 64.12 -0.35 -25.87
CA SER I 57 62.66 -0.62 -25.72
C SER I 57 61.81 0.65 -25.92
N ASP I 58 62.32 1.81 -25.50
CA ASP I 58 61.62 3.06 -25.77
C ASP I 58 61.34 3.23 -27.25
N ARG I 59 62.34 2.88 -28.07
CA ARG I 59 62.16 3.00 -29.46
C ARG I 59 61.20 2.02 -30.03
N LEU I 60 60.97 0.88 -29.35
CA LEU I 60 59.88 0.03 -29.81
C LEU I 60 58.51 0.74 -29.67
N ILE I 61 58.33 1.50 -28.61
CA ILE I 61 57.05 2.21 -28.40
C ILE I 61 56.92 3.28 -29.48
N THR I 62 58.01 4.03 -29.70
CA THR I 62 57.93 5.11 -30.70
C THR I 62 57.77 4.59 -32.13
N SER I 63 58.40 3.48 -32.48
CA SER I 63 58.16 2.87 -33.79
C SER I 63 56.75 2.36 -33.95
N CYS I 64 56.17 1.84 -32.88
CA CYS I 64 54.78 1.44 -32.95
C CYS I 64 53.94 2.70 -33.30
N ILE I 65 54.27 3.85 -32.70
CA ILE I 65 53.48 5.05 -32.92
C ILE I 65 53.60 5.53 -34.38
N SER I 66 54.83 5.64 -34.89
CA SER I 66 55.06 6.19 -36.24
C SER I 66 54.67 5.23 -37.33
N ASP I 67 55.04 3.96 -37.11
CA ASP I 67 54.97 2.97 -38.18
C ASP I 67 53.73 2.16 -38.15
N CYS I 68 53.13 1.93 -36.95
CA CYS I 68 51.85 1.14 -36.88
C CYS I 68 50.62 2.02 -36.78
N TYR I 69 50.68 3.04 -35.92
CA TYR I 69 49.47 3.81 -35.60
C TYR I 69 49.31 5.10 -36.44
N ALA I 70 50.41 5.80 -36.73
CA ALA I 70 50.27 7.05 -37.52
C ALA I 70 49.48 6.93 -38.79
N PRO I 71 49.71 5.86 -39.61
CA PRO I 71 48.90 5.74 -40.79
C PRO I 71 47.41 5.64 -40.52
N LEU I 72 47.01 5.12 -39.37
CA LEU I 72 45.60 4.96 -39.05
C LEU I 72 45.05 6.28 -38.49
N LEU I 73 45.94 7.19 -38.10
CA LEU I 73 45.52 8.51 -37.57
C LEU I 73 45.50 9.67 -38.58
N LEU I 74 46.47 9.73 -39.52
CA LEU I 74 46.54 10.91 -40.42
C LEU I 74 45.28 11.04 -41.20
N GLY I 75 44.72 12.25 -41.22
CA GLY I 75 43.50 12.50 -41.94
C GLY I 75 42.21 12.29 -41.16
N GLU I 76 42.31 11.65 -39.99
CA GLU I 76 41.12 11.45 -39.15
C GLU I 76 40.84 12.68 -38.32
N ASP I 77 39.56 12.83 -37.98
CA ASP I 77 39.14 13.90 -37.07
C ASP I 77 39.59 13.53 -35.66
N ALA I 78 40.48 14.34 -35.08
CA ALA I 78 41.02 14.15 -33.75
C ALA I 78 39.97 14.15 -32.67
N SER I 79 38.85 14.83 -32.95
CA SER I 79 37.70 14.89 -32.08
C SER I 79 37.18 13.51 -31.69
N ASP I 80 37.26 12.57 -32.62
CA ASP I 80 36.66 11.26 -32.47
C ASP I 80 37.55 10.34 -31.66
N HIS I 81 37.93 10.73 -30.47
CA HIS I 81 38.86 9.93 -29.73
C HIS I 81 38.35 8.51 -29.34
N SER I 82 37.04 8.34 -29.14
N SER I 82 37.05 8.33 -29.12
CA SER I 82 36.51 7.03 -28.76
CA SER I 82 36.56 7.00 -28.74
C SER I 82 36.53 6.08 -29.96
C SER I 82 36.52 6.07 -29.96
N ARG I 83 36.15 6.58 -31.13
CA ARG I 83 36.14 5.76 -32.34
C ARG I 83 37.59 5.36 -32.64
N LEU I 84 38.48 6.36 -32.52
CA LEU I 84 39.90 6.17 -32.86
C LEU I 84 40.55 5.22 -31.88
N TRP I 85 40.10 5.23 -30.63
CA TRP I 85 40.69 4.26 -29.68
C TRP I 85 40.48 2.84 -30.20
N THR I 86 39.29 2.52 -30.59
CA THR I 86 38.96 1.20 -31.07
C THR I 86 39.68 0.89 -32.40
N LYS I 87 39.74 1.90 -33.27
CA LYS I 87 40.38 1.75 -34.58
C LYS I 87 41.82 1.25 -34.40
N LEU I 88 42.58 1.88 -33.50
CA LEU I 88 43.97 1.48 -33.24
C LEU I 88 44.09 0.23 -32.34
N ALA I 89 43.35 0.19 -31.22
CA ALA I 89 43.49 -0.94 -30.28
C ALA I 89 43.09 -2.27 -30.90
N ARG I 90 42.05 -2.26 -31.70
CA ARG I 90 41.47 -3.52 -32.22
C ARG I 90 41.80 -3.68 -33.72
N TYR I 91 42.81 -2.95 -34.21
CA TYR I 91 43.23 -3.09 -35.64
C TYR I 91 43.74 -4.53 -35.73
N PRO I 92 43.18 -5.34 -36.59
CA PRO I 92 43.34 -6.80 -36.39
C PRO I 92 44.78 -7.32 -36.30
N SER I 93 45.68 -6.89 -37.17
CA SER I 93 47.00 -7.50 -37.16
C SER I 93 47.81 -6.95 -36.02
N LEU I 94 47.46 -5.74 -35.51
CA LEU I 94 48.15 -5.24 -34.36
C LEU I 94 47.63 -5.85 -33.02
N GLN I 95 46.32 -6.04 -32.99
CA GLN I 95 45.71 -6.79 -31.89
C GLN I 95 46.37 -8.15 -31.74
N TRP I 96 46.71 -8.75 -32.87
CA TRP I 96 47.26 -10.09 -32.88
C TRP I 96 48.55 -10.16 -32.07
N VAL I 97 49.32 -9.09 -32.08
CA VAL I 97 50.56 -8.99 -31.38
C VAL I 97 50.45 -8.06 -30.18
N GLY I 98 49.23 -7.85 -29.74
CA GLY I 98 48.93 -6.82 -28.75
C GLY I 98 47.96 -7.24 -27.64
N ARG I 99 47.05 -6.32 -27.31
CA ARG I 99 46.17 -6.38 -26.13
C ARG I 99 46.84 -5.98 -24.85
N ALA I 100 48.17 -5.81 -24.86
CA ALA I 100 48.97 -5.62 -23.73
C ALA I 100 50.39 -5.32 -24.22
N GLY I 101 51.28 -4.90 -23.32
CA GLY I 101 52.66 -4.67 -23.74
C GLY I 101 52.85 -3.46 -24.64
N ILE I 102 53.91 -3.48 -25.44
CA ILE I 102 54.35 -2.29 -26.24
C ILE I 102 53.20 -1.66 -27.04
N THR I 103 52.39 -2.46 -27.77
CA THR I 103 51.31 -1.89 -28.54
C THR I 103 50.30 -1.08 -27.68
N HIS I 104 50.10 -1.52 -26.46
CA HIS I 104 49.12 -0.82 -25.57
C HIS I 104 49.72 0.42 -24.99
N LEU I 105 51.02 0.37 -24.70
CA LEU I 105 51.76 1.58 -24.19
C LEU I 105 51.77 2.68 -25.25
N ALA I 106 52.00 2.27 -26.50
CA ALA I 106 51.86 3.21 -27.62
C ALA I 106 50.47 3.77 -27.79
N LEU I 107 49.45 2.94 -27.60
CA LEU I 107 48.10 3.35 -27.71
C LEU I 107 47.82 4.37 -26.61
N ALA I 108 48.34 4.13 -25.40
CA ALA I 108 48.11 5.06 -24.30
C ALA I 108 48.61 6.50 -24.68
N ALA I 109 49.83 6.56 -25.25
CA ALA I 109 50.38 7.84 -25.65
C ALA I 109 49.48 8.61 -26.65
N VAL I 110 49.00 7.94 -27.68
CA VAL I 110 48.12 8.51 -28.71
C VAL I 110 46.86 9.00 -28.07
N ASP I 111 46.26 8.14 -27.24
CA ASP I 111 44.98 8.48 -26.61
C ASP I 111 45.09 9.78 -25.74
N VAL I 112 46.08 9.86 -24.91
CA VAL I 112 46.29 11.01 -24.05
C VAL I 112 46.49 12.27 -24.93
N ALA I 113 47.28 12.13 -25.99
CA ALA I 113 47.45 13.26 -26.91
C ALA I 113 46.12 13.74 -27.49
N LEU I 114 45.19 12.83 -27.82
CA LEU I 114 43.93 13.22 -28.39
C LEU I 114 43.09 13.96 -27.32
N TRP I 115 43.16 13.53 -26.07
CA TRP I 115 42.44 14.21 -25.00
C TRP I 115 43.04 15.61 -24.77
N ASP I 116 44.38 15.67 -24.83
CA ASP I 116 45.10 16.96 -24.63
C ASP I 116 44.61 17.96 -25.68
N ILE I 117 44.46 17.52 -26.92
CA ILE I 117 43.91 18.32 -28.02
C ILE I 117 42.47 18.74 -27.72
N LYS I 118 41.68 17.80 -27.22
CA LYS I 118 40.30 18.07 -26.96
C LYS I 118 40.16 19.21 -25.97
N ALA I 119 40.93 19.17 -24.88
CA ALA I 119 40.82 20.17 -23.81
C ALA I 119 41.43 21.55 -24.29
N LYS I 120 42.50 21.47 -25.06
CA LYS I 120 43.13 22.64 -25.65
C LYS I 120 42.14 23.35 -26.56
N LYS I 121 41.46 22.63 -27.44
CA LYS I 121 40.53 23.23 -28.33
C LYS I 121 39.35 23.86 -27.59
N ALA I 122 38.93 23.27 -26.50
CA ALA I 122 37.89 23.80 -25.67
C ALA I 122 38.41 24.93 -24.83
N GLY I 123 39.72 25.11 -24.71
CA GLY I 123 40.32 26.25 -23.98
C GLY I 123 40.35 26.11 -22.46
N VAL I 124 40.26 24.87 -21.97
CA VAL I 124 40.18 24.66 -20.53
C VAL I 124 41.03 23.48 -20.08
N PRO I 125 41.44 23.48 -18.82
CA PRO I 125 42.10 22.28 -18.30
C PRO I 125 41.21 21.04 -18.32
N LEU I 126 41.84 19.88 -18.34
CA LEU I 126 41.10 18.65 -18.58
C LEU I 126 40.08 18.41 -17.48
N TRP I 127 40.44 18.63 -16.22
CA TRP I 127 39.49 18.37 -15.11
C TRP I 127 38.19 19.18 -15.27
N HIS I 128 38.31 20.39 -15.82
CA HIS I 128 37.14 21.21 -16.07
C HIS I 128 36.38 20.72 -17.24
N TYR I 129 37.09 20.37 -18.33
CA TYR I 129 36.47 19.81 -19.48
C TYR I 129 35.54 18.59 -19.15
N LEU I 130 36.05 17.71 -18.30
CA LEU I 130 35.34 16.50 -17.97
C LEU I 130 34.09 16.72 -17.14
N GLY I 131 33.94 17.94 -16.54
CA GLY I 131 32.77 18.24 -15.76
C GLY I 131 32.94 18.83 -14.42
N GLY I 132 34.13 19.30 -14.07
CA GLY I 132 34.29 20.05 -12.84
C GLY I 132 34.85 19.28 -11.72
N ALA I 133 35.20 19.99 -10.65
CA ALA I 133 35.95 19.45 -9.55
C ALA I 133 35.09 18.74 -8.53
N ARG I 134 35.55 17.56 -8.09
CA ARG I 134 34.87 16.80 -7.00
C ARG I 134 35.40 17.20 -5.62
N THR I 135 36.52 17.91 -5.57
CA THR I 135 37.12 18.38 -4.34
C THR I 135 37.76 19.76 -4.51
N ALA I 136 37.86 20.45 -3.40
CA ALA I 136 38.62 21.74 -3.31
C ALA I 136 40.11 21.51 -3.22
N GLY I 137 40.54 20.32 -2.85
CA GLY I 137 41.94 20.03 -2.82
C GLY I 137 42.26 18.55 -2.82
N VAL I 138 43.00 18.12 -3.83
CA VAL I 138 43.53 16.75 -3.85
C VAL I 138 44.75 16.62 -2.97
N GLU I 139 44.69 15.74 -1.98
CA GLU I 139 45.78 15.56 -1.08
C GLU I 139 46.82 14.65 -1.69
N ALA I 140 48.10 15.02 -1.48
CA ALA I 140 49.24 14.26 -2.01
C ALA I 140 49.83 13.28 -1.00
N TYR I 141 50.49 12.25 -1.51
CA TYR I 141 51.34 11.42 -0.71
C TYR I 141 52.70 11.26 -1.36
N ASN I 142 53.71 11.27 -0.50
CA ASN I 142 55.09 11.36 -0.99
C ASN I 142 55.73 9.97 -1.09
N THR I 143 56.04 9.57 -2.29
CA THR I 143 56.74 8.28 -2.55
C THR I 143 58.26 8.52 -2.64
N ASP I 144 58.63 9.72 -3.05
CA ASP I 144 60.06 10.00 -3.32
C ASP I 144 61.01 9.85 -2.17
N ILE I 145 60.48 9.85 -0.97
CA ILE I 145 61.30 9.71 0.21
C ILE I 145 61.42 8.29 0.67
N GLY I 146 60.80 7.34 -0.05
CA GLY I 146 60.66 5.99 0.53
C GLY I 146 61.39 4.84 -0.15
N TRP I 147 62.28 5.18 -1.08
CA TRP I 147 62.95 4.20 -1.97
C TRP I 147 63.72 3.15 -1.13
N LEU I 148 63.68 1.89 -1.61
CA LEU I 148 64.26 0.77 -0.89
C LEU I 148 65.80 0.91 -0.86
N SER I 149 66.33 1.65 -1.80
CA SER I 149 67.75 1.91 -1.87
C SER I 149 68.22 2.85 -0.79
N PHE I 150 67.34 3.55 -0.09
CA PHE I 150 67.80 4.43 1.00
C PHE I 150 68.27 3.60 2.19
N THR I 151 69.43 3.95 2.74
CA THR I 151 69.80 3.45 4.06
C THR I 151 68.69 3.86 5.04
N LEU I 152 68.69 3.23 6.18
CA LEU I 152 67.76 3.66 7.23
C LEU I 152 67.91 5.13 7.61
N GLU I 153 69.15 5.59 7.74
CA GLU I 153 69.33 6.99 8.02
C GLU I 153 68.76 7.91 6.98
N ASP I 154 68.91 7.59 5.70
CA ASP I 154 68.34 8.46 4.69
C ASP I 154 66.82 8.36 4.57
N LEU I 155 66.31 7.17 4.79
CA LEU I 155 64.86 6.94 4.79
C LEU I 155 64.22 7.82 5.89
N LEU I 156 64.79 7.76 7.10
CA LEU I 156 64.28 8.57 8.23
C LEU I 156 64.41 10.06 7.99
N ALA I 157 65.58 10.49 7.50
CA ALA I 157 65.85 11.93 7.30
C ALA I 157 64.91 12.49 6.30
N GLY I 158 64.68 11.72 5.24
CA GLY I 158 63.84 12.17 4.16
C GLY I 158 62.37 12.20 4.57
N SER I 159 61.96 11.18 5.26
CA SER I 159 60.60 11.07 5.81
C SER I 159 60.26 12.26 6.71
N ALA I 160 61.12 12.47 7.69
CA ALA I 160 61.02 13.65 8.59
C ALA I 160 60.96 14.95 7.86
N ARG I 161 61.84 15.18 6.88
CA ARG I 161 61.79 16.43 6.10
C ARG I 161 60.41 16.66 5.39
N ALA I 162 59.93 15.61 4.74
CA ALA I 162 58.67 15.62 4.07
C ALA I 162 57.56 15.99 5.00
N VAL I 163 57.57 15.53 6.24
CA VAL I 163 56.48 15.79 7.15
C VAL I 163 56.72 17.16 7.81
N GLU I 164 57.96 17.38 8.26
CA GLU I 164 58.27 18.53 9.14
C GLU I 164 58.53 19.82 8.43
N GLU I 165 59.13 19.81 7.24
CA GLU I 165 59.39 20.99 6.48
C GLU I 165 58.44 21.19 5.33
N ASP I 166 57.92 20.12 4.73
CA ASP I 166 57.12 20.25 3.52
C ASP I 166 55.61 20.03 3.71
N GLY I 167 55.18 19.70 4.89
CA GLY I 167 53.77 19.68 5.23
C GLY I 167 53.04 18.40 4.70
N PHE I 168 53.78 17.38 4.28
CA PHE I 168 53.10 16.07 3.92
C PHE I 168 52.57 15.42 5.20
N THR I 169 51.38 14.84 5.13
CA THR I 169 50.96 13.95 6.23
C THR I 169 50.62 12.51 5.76
N ARG I 170 51.13 12.16 4.62
CA ARG I 170 50.92 10.88 3.92
C ARG I 170 52.21 10.57 3.12
N LEU I 171 52.75 9.39 3.35
CA LEU I 171 53.99 8.92 2.78
C LEU I 171 53.73 7.50 2.21
N LYS I 172 54.59 7.09 1.27
CA LYS I 172 54.64 5.66 0.88
C LYS I 172 56.06 5.21 0.91
N ILE I 173 56.29 4.08 1.56
CA ILE I 173 57.61 3.51 1.80
C ILE I 173 57.71 2.15 1.12
N LYS I 174 58.78 1.99 0.39
CA LYS I 174 59.03 0.71 -0.27
C LYS I 174 59.41 -0.36 0.70
N VAL I 175 58.96 -1.59 0.38
CA VAL I 175 59.36 -2.80 1.10
C VAL I 175 59.84 -3.80 0.11
N GLY I 176 60.32 -4.96 0.56
CA GLY I 176 60.81 -5.91 -0.42
C GLY I 176 62.21 -6.48 -0.23
N HIS I 177 62.77 -6.36 0.97
CA HIS I 177 63.95 -7.09 1.34
C HIS I 177 63.68 -8.57 1.31
N ASP I 178 64.72 -9.34 1.08
CA ASP I 178 64.53 -10.83 1.12
C ASP I 178 63.96 -11.34 2.40
N ASP I 179 64.42 -10.81 3.53
CA ASP I 179 63.78 -11.00 4.81
C ASP I 179 62.90 -9.78 5.18
N PRO I 180 61.56 -9.93 5.15
CA PRO I 180 60.65 -8.84 5.48
C PRO I 180 60.77 -8.30 6.89
N ASN I 181 61.39 -9.01 7.82
CA ASN I 181 61.63 -8.41 9.13
C ASN I 181 62.55 -7.15 9.09
N ILE I 182 63.38 -7.07 8.05
CA ILE I 182 64.17 -5.92 7.78
C ILE I 182 63.29 -4.72 7.45
N ASP I 183 62.31 -4.96 6.60
CA ASP I 183 61.28 -3.96 6.38
C ASP I 183 60.45 -3.58 7.60
N ILE I 184 60.13 -4.56 8.44
CA ILE I 184 59.35 -4.27 9.65
C ILE I 184 60.21 -3.32 10.53
N ALA I 185 61.52 -3.61 10.65
CA ALA I 185 62.40 -2.66 11.40
C ALA I 185 62.47 -1.28 10.79
N ARG I 186 62.57 -1.20 9.47
CA ARG I 186 62.56 0.10 8.80
C ARG I 186 61.33 0.90 9.09
N LEU I 187 60.18 0.25 8.93
CA LEU I 187 58.86 0.92 9.19
C LEU I 187 58.68 1.30 10.66
N THR I 188 59.19 0.45 11.56
CA THR I 188 59.03 0.65 12.94
C THR I 188 59.84 1.93 13.29
N ALA I 189 61.01 2.06 12.66
CA ALA I 189 61.84 3.25 12.89
C ALA I 189 61.18 4.53 12.35
N VAL I 190 60.55 4.44 11.16
CA VAL I 190 59.94 5.57 10.60
C VAL I 190 58.76 5.95 11.49
N ARG I 191 57.99 4.96 11.95
CA ARG I 191 56.88 5.21 12.81
C ARG I 191 57.28 5.92 14.13
N GLU I 192 58.46 5.59 14.66
CA GLU I 192 58.96 6.33 15.84
C GLU I 192 59.42 7.74 15.49
N ARG I 193 59.90 7.97 14.30
CA ARG I 193 60.47 9.25 13.94
C ARG I 193 59.42 10.29 13.55
N VAL I 194 58.36 9.91 12.87
CA VAL I 194 57.37 10.88 12.51
C VAL I 194 56.13 10.82 13.40
N ASP I 195 55.35 11.89 13.39
CA ASP I 195 54.14 12.01 14.17
C ASP I 195 53.12 10.92 13.87
N SER I 196 52.32 10.55 14.86
CA SER I 196 51.49 9.38 14.75
C SER I 196 50.42 9.63 13.70
N ALA I 197 50.10 10.89 13.40
CA ALA I 197 49.03 11.19 12.47
C ALA I 197 49.52 11.22 10.98
N VAL I 198 50.78 10.86 10.74
CA VAL I 198 51.26 10.66 9.37
C VAL I 198 50.71 9.29 8.87
N ARG I 199 50.07 9.28 7.73
CA ARG I 199 49.59 8.01 7.10
C ARG I 199 50.81 7.46 6.33
N ILE I 200 51.05 6.14 6.47
CA ILE I 200 52.12 5.49 5.79
C ILE I 200 51.62 4.24 5.08
N ALA I 201 51.66 4.29 3.79
CA ALA I 201 51.44 3.10 2.90
C ALA I 201 52.79 2.47 2.56
N ILE I 202 52.75 1.25 2.02
CA ILE I 202 53.96 0.55 1.60
C ILE I 202 53.74 -0.08 0.23
N ASP I 203 54.84 -0.48 -0.42
CA ASP I 203 54.80 -0.95 -1.80
C ASP I 203 55.89 -1.98 -1.95
N GLY I 204 55.51 -3.22 -2.30
CA GLY I 204 56.50 -4.26 -2.48
C GLY I 204 56.87 -4.49 -3.91
N ASN I 205 56.22 -3.83 -4.85
CA ASN I 205 56.55 -4.01 -6.25
C ASN I 205 56.64 -5.49 -6.72
N GLY I 206 55.73 -6.29 -6.21
CA GLY I 206 55.54 -7.64 -6.68
C GLY I 206 56.60 -8.60 -6.26
N LYS I 207 57.32 -8.34 -5.19
CA LYS I 207 58.52 -9.08 -4.85
C LYS I 207 58.26 -10.40 -4.12
N TRP I 208 57.26 -10.48 -3.27
CA TRP I 208 57.11 -11.60 -2.34
C TRP I 208 56.02 -12.59 -2.80
N ASP I 209 56.03 -13.77 -2.23
CA ASP I 209 54.97 -14.79 -2.45
C ASP I 209 53.89 -14.71 -1.36
N LEU I 210 52.84 -15.54 -1.47
CA LEU I 210 51.75 -15.49 -0.55
C LEU I 210 52.10 -15.76 0.91
N PRO I 211 52.84 -16.86 1.19
CA PRO I 211 53.11 -17.13 2.61
C PRO I 211 53.96 -16.01 3.24
N THR I 212 54.91 -15.50 2.49
CA THR I 212 55.80 -14.39 2.97
C THR I 212 54.94 -13.17 3.33
N CYS I 213 54.03 -12.82 2.44
CA CYS I 213 53.11 -11.71 2.71
C CYS I 213 52.21 -11.96 3.87
N GLN I 214 51.71 -13.18 4.03
CA GLN I 214 50.86 -13.42 5.18
C GLN I 214 51.60 -13.11 6.51
N ARG I 215 52.81 -13.67 6.61
CA ARG I 215 53.63 -13.50 7.83
C ARG I 215 53.95 -12.00 8.01
N PHE I 216 54.39 -11.31 6.95
CA PHE I 216 54.69 -9.86 7.06
C PHE I 216 53.50 -9.01 7.53
N CYS I 217 52.33 -9.26 6.92
CA CYS I 217 51.13 -8.54 7.32
C CYS I 217 50.79 -8.75 8.78
N ALA I 218 50.89 -9.97 9.29
CA ALA I 218 50.62 -10.22 10.68
C ALA I 218 51.67 -9.50 11.54
N ALA I 219 52.92 -9.47 11.08
CA ALA I 219 53.98 -8.82 11.83
C ALA I 219 53.84 -7.28 11.81
N ALA I 220 53.17 -6.70 10.79
CA ALA I 220 52.95 -5.26 10.61
C ALA I 220 51.67 -4.75 11.25
N LYS I 221 51.04 -5.57 12.08
CA LYS I 221 49.72 -5.28 12.67
C LYS I 221 49.67 -4.05 13.56
N ASP I 222 50.79 -3.70 14.17
CA ASP I 222 50.89 -2.53 14.97
C ASP I 222 51.47 -1.30 14.28
N LEU I 223 51.82 -1.35 13.01
CA LEU I 223 52.45 -0.20 12.38
C LEU I 223 51.54 0.80 11.70
N ASP I 224 50.23 0.52 11.72
CA ASP I 224 49.19 1.31 11.10
C ASP I 224 49.49 1.58 9.62
N ILE I 225 49.56 0.49 8.83
CA ILE I 225 49.91 0.57 7.44
C ILE I 225 48.68 0.94 6.67
N TYR I 226 48.74 2.01 5.90
CA TYR I 226 47.56 2.51 5.18
C TYR I 226 47.09 1.59 4.01
N TRP I 227 48.05 1.09 3.25
CA TRP I 227 47.82 0.02 2.28
C TRP I 227 49.13 -0.65 1.93
N PHE I 228 49.03 -1.82 1.35
CA PHE I 228 50.15 -2.61 0.90
C PHE I 228 49.98 -2.81 -0.56
N GLU I 229 50.83 -2.13 -1.31
CA GLU I 229 50.70 -2.02 -2.74
C GLU I 229 51.54 -3.13 -3.42
N GLU I 230 51.00 -3.71 -4.51
CA GLU I 230 51.66 -4.79 -5.27
C GLU I 230 52.39 -5.79 -4.38
N PRO I 231 51.68 -6.42 -3.43
CA PRO I 231 52.38 -7.34 -2.54
C PRO I 231 52.91 -8.61 -3.24
N LEU I 232 52.23 -9.01 -4.30
CA LEU I 232 52.43 -10.31 -4.97
C LEU I 232 52.65 -10.21 -6.45
N TRP I 233 52.89 -11.33 -7.12
CA TRP I 233 53.13 -11.26 -8.56
C TRP I 233 51.99 -10.63 -9.33
N TYR I 234 52.28 -9.78 -10.31
CA TYR I 234 51.29 -8.89 -10.83
C TYR I 234 50.11 -9.52 -11.52
N ASP I 235 50.29 -10.69 -12.12
CA ASP I 235 49.23 -11.39 -12.87
C ASP I 235 48.56 -12.49 -12.11
N ASP I 236 48.86 -12.58 -10.80
CA ASP I 236 48.35 -13.66 -9.92
C ASP I 236 47.18 -13.15 -9.12
N VAL I 237 45.99 -13.28 -9.65
CA VAL I 237 44.77 -12.79 -8.97
C VAL I 237 44.52 -13.53 -7.71
N THR I 238 44.54 -14.86 -7.82
CA THR I 238 44.18 -15.70 -6.62
C THR I 238 45.02 -15.47 -5.35
N SER I 239 46.33 -15.37 -5.48
CA SER I 239 47.20 -15.07 -4.36
C SER I 239 46.76 -13.76 -3.66
N HIS I 240 46.45 -12.75 -4.46
CA HIS I 240 46.00 -11.47 -3.85
C HIS I 240 44.68 -11.65 -3.11
N ALA I 241 43.75 -12.40 -3.69
CA ALA I 241 42.48 -12.67 -3.06
C ALA I 241 42.64 -13.39 -1.76
N ARG I 242 43.51 -14.38 -1.72
CA ARG I 242 43.81 -15.05 -0.50
C ARG I 242 44.45 -14.13 0.59
N LEU I 243 45.44 -13.35 0.22
CA LEU I 243 46.03 -12.38 1.16
C LEU I 243 45.03 -11.35 1.66
N ALA I 244 44.16 -10.79 0.78
CA ALA I 244 43.17 -9.83 1.24
C ALA I 244 42.26 -10.32 2.35
N ARG I 245 41.92 -11.59 2.30
CA ARG I 245 41.10 -12.23 3.31
C ARG I 245 41.84 -12.62 4.60
N ASN I 246 43.18 -12.63 4.59
CA ASN I 246 43.94 -13.16 5.70
C ASN I 246 44.45 -12.00 6.60
N THR I 247 44.25 -10.76 6.16
CA THR I 247 44.80 -9.59 6.87
C THR I 247 43.80 -8.45 6.77
N SER I 248 43.90 -7.54 7.72
CA SER I 248 43.10 -6.32 7.70
C SER I 248 43.79 -5.19 6.97
N ILE I 249 45.07 -5.35 6.60
CA ILE I 249 45.78 -4.35 5.83
C ILE I 249 45.21 -4.36 4.39
N PRO I 250 44.77 -3.20 3.84
CA PRO I 250 44.21 -3.10 2.50
C PRO I 250 45.28 -3.35 1.46
N ILE I 251 44.87 -4.07 0.40
CA ILE I 251 45.71 -4.29 -0.74
C ILE I 251 45.47 -3.22 -1.82
N ALA I 252 46.55 -2.71 -2.41
CA ALA I 252 46.49 -1.81 -3.54
C ALA I 252 47.24 -2.38 -4.73
N LEU I 253 46.76 -2.15 -5.95
CA LEU I 253 47.48 -2.60 -7.13
C LEU I 253 46.83 -1.93 -8.30
N GLY I 254 47.52 -1.99 -9.42
CA GLY I 254 46.96 -1.65 -10.71
C GLY I 254 48.02 -1.07 -11.68
N GLU I 255 49.17 -0.60 -11.18
CA GLU I 255 50.16 0.11 -12.03
C GLU I 255 50.69 -0.81 -13.17
N GLN I 256 50.64 -2.12 -12.97
CA GLN I 256 51.07 -3.04 -13.98
C GLN I 256 49.97 -3.68 -14.84
N LEU I 257 48.72 -3.32 -14.63
CA LEU I 257 47.57 -3.93 -15.35
C LEU I 257 47.28 -3.17 -16.62
N TYR I 258 47.31 -3.86 -17.75
CA TYR I 258 47.17 -3.19 -19.04
C TYR I 258 45.75 -2.92 -19.43
N THR I 259 44.77 -3.66 -18.86
CA THR I 259 43.45 -3.66 -19.43
C THR I 259 42.34 -3.58 -18.39
N VAL I 260 41.18 -3.09 -18.83
CA VAL I 260 39.98 -3.12 -18.04
C VAL I 260 39.65 -4.57 -17.63
N ASP I 261 39.95 -5.58 -18.46
CA ASP I 261 39.68 -6.96 -18.06
C ASP I 261 40.48 -7.43 -16.89
N ALA I 262 41.76 -7.01 -16.80
CA ALA I 262 42.59 -7.35 -15.68
C ALA I 262 42.07 -6.71 -14.41
N PHE I 263 41.75 -5.42 -14.45
CA PHE I 263 41.16 -4.80 -13.26
C PHE I 263 39.89 -5.48 -12.80
N ARG I 264 39.00 -5.80 -13.72
CA ARG I 264 37.76 -6.46 -13.41
C ARG I 264 38.04 -7.82 -12.71
N SER I 265 38.95 -8.63 -13.27
CA SER I 265 39.32 -9.84 -12.58
C SER I 265 39.79 -9.63 -11.12
N PHE I 266 40.66 -8.64 -10.86
CA PHE I 266 41.13 -8.39 -9.48
C PHE I 266 40.02 -7.87 -8.61
N ILE I 267 39.24 -6.94 -9.14
CA ILE I 267 38.18 -6.33 -8.36
C ILE I 267 37.12 -7.35 -7.96
N ASP I 268 36.64 -8.13 -8.94
CA ASP I 268 35.57 -9.10 -8.69
C ASP I 268 36.05 -10.14 -7.65
N ALA I 269 37.33 -10.45 -7.62
CA ALA I 269 37.86 -11.48 -6.71
C ALA I 269 38.07 -10.96 -5.29
N GLY I 270 37.86 -9.66 -5.05
CA GLY I 270 38.12 -9.05 -3.77
C GLY I 270 39.64 -8.97 -3.55
N ALA I 271 40.40 -8.91 -4.62
CA ALA I 271 41.85 -9.00 -4.56
C ALA I 271 42.53 -7.62 -4.50
N VAL I 272 41.73 -6.55 -4.59
CA VAL I 272 42.25 -5.17 -4.48
C VAL I 272 41.20 -4.28 -3.78
N ALA I 273 41.65 -3.43 -2.84
CA ALA I 273 40.80 -2.39 -2.26
C ALA I 273 41.14 -0.97 -2.80
N TYR I 274 42.42 -0.68 -3.03
CA TYR I 274 42.86 0.63 -3.55
C TYR I 274 43.21 0.43 -5.01
N VAL I 275 42.36 0.94 -5.90
CA VAL I 275 42.48 0.64 -7.36
C VAL I 275 43.35 1.71 -7.95
N GLN I 276 44.38 1.28 -8.70
CA GLN I 276 45.42 2.16 -9.19
C GLN I 276 45.58 2.15 -10.68
N PRO I 277 44.58 2.67 -11.38
CA PRO I 277 44.75 2.82 -12.82
C PRO I 277 45.83 3.86 -13.16
N ASP I 278 46.36 3.73 -14.37
CA ASP I 278 47.44 4.57 -14.87
C ASP I 278 47.24 4.78 -16.33
N VAL I 279 47.06 6.03 -16.77
CA VAL I 279 46.88 6.33 -18.20
C VAL I 279 48.05 5.89 -19.08
N THR I 280 49.20 5.68 -18.50
CA THR I 280 50.39 5.26 -19.25
C THR I 280 50.45 3.72 -19.42
N ARG I 281 49.60 3.01 -18.69
CA ARG I 281 49.63 1.53 -18.63
C ARG I 281 48.39 0.95 -19.31
N LEU I 282 47.21 1.40 -18.87
CA LEU I 282 45.99 1.14 -19.60
C LEU I 282 46.08 1.91 -20.88
N GLY I 283 45.08 1.76 -21.74
CA GLY I 283 44.96 2.51 -22.97
C GLY I 283 44.53 3.96 -22.80
N GLY I 284 45.37 4.73 -22.13
CA GLY I 284 45.17 6.13 -21.90
C GLY I 284 44.04 6.55 -20.99
N ILE I 285 43.65 7.81 -21.15
CA ILE I 285 42.51 8.42 -20.41
C ILE I 285 41.24 7.62 -20.72
N THR I 286 41.05 7.22 -21.95
CA THR I 286 39.84 6.54 -22.38
C THR I 286 39.59 5.29 -21.48
N GLU I 287 40.62 4.47 -21.36
CA GLU I 287 40.46 3.22 -20.59
C GLU I 287 40.56 3.45 -19.13
N TYR I 288 41.34 4.48 -18.69
CA TYR I 288 41.34 4.89 -17.31
C TYR I 288 39.95 5.16 -16.83
N ILE I 289 39.16 5.91 -17.57
CA ILE I 289 37.85 6.35 -17.05
C ILE I 289 36.93 5.12 -16.89
N GLN I 290 37.06 4.19 -17.82
CA GLN I 290 36.32 2.92 -17.69
C GLN I 290 36.66 2.17 -16.39
N VAL I 291 37.94 2.09 -16.02
CA VAL I 291 38.37 1.43 -14.80
C VAL I 291 37.88 2.25 -13.61
N ALA I 292 38.03 3.59 -13.66
CA ALA I 292 37.60 4.42 -12.54
C ALA I 292 36.10 4.27 -12.28
N ASP I 293 35.33 4.15 -13.35
CA ASP I 293 33.90 3.90 -13.28
C ASP I 293 33.61 2.50 -12.69
N LEU I 294 34.39 1.50 -13.09
CA LEU I 294 34.30 0.19 -12.52
C LEU I 294 34.52 0.23 -10.98
N ALA I 295 35.56 0.89 -10.57
CA ALA I 295 35.87 1.08 -9.20
C ALA I 295 34.72 1.81 -8.42
N LEU I 296 34.17 2.86 -9.02
CA LEU I 296 33.09 3.61 -8.43
C LEU I 296 31.87 2.69 -8.18
N ALA I 297 31.57 1.77 -9.15
CA ALA I 297 30.46 0.83 -9.01
C ALA I 297 30.64 -0.12 -7.81
N HIS I 298 31.88 -0.41 -7.47
CA HIS I 298 32.22 -1.16 -6.28
C HIS I 298 32.47 -0.34 -5.05
N ARG I 299 32.29 0.99 -5.17
CA ARG I 299 32.56 1.92 -4.06
C ARG I 299 33.99 1.83 -3.53
N LEU I 300 34.94 1.57 -4.43
CA LEU I 300 36.37 1.49 -4.08
C LEU I 300 37.07 2.79 -4.48
N PRO I 301 38.07 3.20 -3.71
CA PRO I 301 38.81 4.41 -4.01
C PRO I 301 39.74 4.22 -5.18
N VAL I 302 39.87 5.27 -5.97
CA VAL I 302 40.77 5.34 -7.14
C VAL I 302 41.96 6.27 -6.78
N VAL I 303 43.16 5.69 -6.80
CA VAL I 303 44.42 6.29 -6.37
C VAL I 303 45.45 5.95 -7.45
N PRO I 304 45.45 6.74 -8.53
CA PRO I 304 46.23 6.35 -9.71
C PRO I 304 47.73 6.35 -9.50
N HIS I 305 48.38 5.43 -10.18
CA HIS I 305 49.83 5.34 -10.10
C HIS I 305 50.50 6.40 -11.00
N ALA I 306 51.56 7.02 -10.50
CA ALA I 306 52.22 8.17 -11.16
C ALA I 306 53.20 7.74 -12.26
N GLY I 307 52.70 6.97 -13.20
CA GLY I 307 53.47 6.60 -14.39
C GLY I 307 53.86 7.78 -15.23
N GLU I 308 53.01 8.79 -15.14
CA GLU I 308 53.21 10.09 -15.79
C GLU I 308 53.49 11.19 -14.77
N MET I 309 54.00 10.78 -13.65
CA MET I 309 54.38 11.62 -12.52
C MET I 309 53.26 12.57 -12.15
N SER I 310 52.04 12.10 -12.34
CA SER I 310 50.80 12.85 -12.01
C SER I 310 50.51 14.07 -12.85
N GLN I 311 51.24 14.29 -13.97
CA GLN I 311 50.88 15.37 -14.87
C GLN I 311 49.46 15.29 -15.43
N VAL I 312 48.98 14.07 -15.71
CA VAL I 312 47.67 13.84 -16.23
C VAL I 312 46.74 13.50 -15.05
N HIS I 313 47.19 12.66 -14.15
CA HIS I 313 46.30 12.16 -13.15
C HIS I 313 45.84 13.26 -12.18
N VAL I 314 46.60 14.36 -12.06
CA VAL I 314 46.10 15.47 -11.21
C VAL I 314 44.74 15.94 -11.73
N HIS I 315 44.57 15.92 -13.05
CA HIS I 315 43.32 16.28 -13.62
C HIS I 315 42.23 15.26 -13.35
N LEU I 316 42.57 14.01 -13.56
CA LEU I 316 41.56 12.94 -13.31
C LEU I 316 41.19 12.82 -11.87
N SER I 317 42.11 13.10 -10.94
CA SER I 317 41.81 13.01 -9.56
C SER I 317 41.03 14.25 -9.00
N TYR I 318 41.17 15.38 -9.69
CA TYR I 318 40.40 16.55 -9.37
C TYR I 318 38.95 16.36 -9.87
N TRP I 319 38.70 15.51 -10.89
CA TRP I 319 37.39 15.39 -11.47
C TRP I 319 36.68 14.11 -11.02
N HIS I 320 37.33 12.95 -11.17
CA HIS I 320 36.54 11.72 -11.03
C HIS I 320 36.07 11.46 -9.58
N PRO I 321 34.78 11.25 -9.38
CA PRO I 321 34.29 11.26 -7.99
C PRO I 321 34.67 10.08 -7.11
N ALA I 322 35.26 9.01 -7.66
CA ALA I 322 35.78 7.90 -6.85
C ALA I 322 37.20 8.16 -6.39
N SER I 323 37.82 9.25 -6.87
CA SER I 323 39.23 9.53 -6.53
C SER I 323 39.35 9.95 -5.07
N THR I 324 40.49 9.70 -4.51
CA THR I 324 40.84 10.19 -3.19
C THR I 324 42.15 10.95 -3.20
N ILE I 325 43.26 10.26 -2.92
CA ILE I 325 44.61 10.87 -2.81
C ILE I 325 45.50 10.60 -4.05
N LEU I 326 46.58 11.35 -4.18
CA LEU I 326 47.38 11.37 -5.39
C LEU I 326 48.87 11.22 -5.11
N GLU I 327 49.48 10.18 -5.69
CA GLU I 327 50.90 9.96 -5.54
C GLU I 327 51.71 11.23 -6.00
N TYR I 328 52.82 11.50 -5.28
CA TYR I 328 53.73 12.60 -5.65
C TYR I 328 55.14 12.10 -5.76
N ILE I 329 55.72 12.32 -6.92
CA ILE I 329 57.12 12.12 -7.23
C ILE I 329 57.55 13.28 -8.13
N PRO I 330 58.54 14.06 -7.72
CA PRO I 330 58.78 15.33 -8.36
C PRO I 330 59.86 15.29 -9.44
N TRP I 331 60.13 14.11 -9.98
CA TRP I 331 61.20 13.94 -10.95
C TRP I 331 61.14 14.77 -12.15
N ILE I 332 59.98 14.89 -12.80
CA ILE I 332 59.90 15.47 -14.10
C ILE I 332 59.10 16.77 -14.22
N LYS I 333 58.44 17.16 -13.15
CA LYS I 333 57.46 18.23 -13.26
C LYS I 333 58.04 19.52 -13.87
N ASP I 334 59.29 19.81 -13.56
CA ASP I 334 59.85 21.10 -14.03
C ASP I 334 60.14 21.12 -15.51
N HIS I 335 59.91 19.98 -16.18
CA HIS I 335 60.02 19.89 -17.61
C HIS I 335 58.73 20.09 -18.37
N PHE I 336 57.66 20.46 -17.69
CA PHE I 336 56.41 20.73 -18.37
C PHE I 336 56.01 22.19 -18.34
N GLU I 337 55.29 22.61 -19.36
CA GLU I 337 54.75 23.99 -19.37
C GLU I 337 53.92 24.28 -18.14
N GLU I 338 53.16 23.29 -17.69
CA GLU I 338 52.50 23.42 -16.38
C GLU I 338 52.86 22.27 -15.43
N PRO I 339 53.87 22.47 -14.59
CA PRO I 339 54.29 21.47 -13.62
C PRO I 339 53.22 21.24 -12.65
N ILE I 340 53.14 20.01 -12.17
CA ILE I 340 52.35 19.84 -10.97
C ILE I 340 53.03 20.58 -9.86
N HIS I 341 52.27 20.86 -8.83
CA HIS I 341 52.84 21.58 -7.70
C HIS I 341 52.14 21.15 -6.44
N VAL I 342 52.89 20.77 -5.44
CA VAL I 342 52.28 20.40 -4.19
C VAL I 342 52.73 21.36 -3.09
N ARG I 343 51.78 21.84 -2.27
CA ARG I 343 52.04 22.80 -1.25
C ARG I 343 51.22 22.37 -0.05
N ASP I 344 51.86 22.27 1.09
CA ASP I 344 51.23 21.77 2.32
C ASP I 344 50.42 20.47 2.07
N GLY I 345 50.96 19.59 1.24
CA GLY I 345 50.33 18.26 1.04
C GLY I 345 49.12 18.25 0.13
N VAL I 346 48.89 19.32 -0.63
CA VAL I 346 47.80 19.44 -1.53
C VAL I 346 48.28 19.86 -2.93
N TYR I 347 47.80 19.16 -3.95
CA TYR I 347 48.06 19.50 -5.31
C TYR I 347 47.31 20.78 -5.66
N LYS I 348 48.05 21.68 -6.31
CA LYS I 348 47.46 22.80 -7.03
C LYS I 348 46.53 22.29 -8.12
N ARG I 349 45.38 22.95 -8.29
CA ARG I 349 44.50 22.62 -9.36
C ARG I 349 45.01 23.22 -10.66
N PRO I 350 45.11 22.40 -11.72
CA PRO I 350 45.67 22.94 -12.96
C PRO I 350 44.82 24.08 -13.54
N GLU I 351 45.46 25.05 -14.25
CA GLU I 351 44.79 26.19 -14.86
C GLU I 351 44.89 26.27 -16.40
N GLN I 352 45.93 25.72 -17.01
CA GLN I 352 46.11 25.83 -18.43
C GLN I 352 45.27 24.88 -19.25
N PRO I 353 44.85 25.29 -20.43
CA PRO I 353 44.19 24.42 -21.34
C PRO I 353 45.01 23.14 -21.63
N GLY I 354 44.30 22.01 -21.72
CA GLY I 354 44.92 20.71 -21.93
C GLY I 354 45.05 19.82 -20.73
N ALA I 355 45.88 18.76 -20.86
CA ALA I 355 46.08 17.74 -19.86
C ALA I 355 47.44 17.86 -19.16
N SER I 356 48.05 19.06 -19.24
CA SER I 356 49.34 19.31 -18.70
C SER I 356 50.42 18.28 -19.08
N THR I 357 50.36 17.87 -20.32
CA THR I 357 51.33 16.96 -20.82
C THR I 357 52.32 17.63 -21.81
N THR I 358 52.24 18.93 -22.03
CA THR I 358 53.15 19.62 -22.98
C THR I 358 54.49 19.90 -22.32
N PRO I 359 55.57 19.30 -22.83
CA PRO I 359 56.91 19.54 -22.29
C PRO I 359 57.44 20.91 -22.77
N LEU I 360 58.38 21.47 -22.03
CA LEU I 360 59.08 22.71 -22.47
C LEU I 360 59.94 22.45 -23.67
N ALA I 361 59.95 23.38 -24.65
CA ALA I 361 60.91 23.22 -25.77
C ALA I 361 62.35 22.94 -25.32
N GLU I 362 62.86 23.61 -24.31
CA GLU I 362 64.28 23.39 -23.92
C GLU I 362 64.49 21.94 -23.44
N SER I 363 63.43 21.30 -22.90
CA SER I 363 63.56 19.95 -22.38
C SER I 363 63.71 18.88 -23.49
N PHE I 364 63.04 19.00 -24.63
CA PHE I 364 63.38 18.18 -25.83
C PHE I 364 64.82 18.32 -26.26
N THR I 365 65.26 19.56 -26.46
CA THR I 365 66.64 19.82 -26.72
C THR I 365 67.64 19.23 -25.77
N ARG I 366 67.49 19.43 -24.49
CA ARG I 366 68.48 18.91 -23.60
C ARG I 366 68.39 17.40 -23.38
N TYR I 367 67.17 16.83 -23.35
CA TYR I 367 66.97 15.44 -22.81
C TYR I 367 66.32 14.47 -23.79
N GLY I 368 66.04 14.97 -24.96
CA GLY I 368 65.51 14.24 -26.13
C GLY I 368 66.48 13.17 -26.58
N LYS I 369 65.96 12.02 -27.03
CA LYS I 369 66.77 10.97 -27.62
C LYS I 369 66.21 10.76 -28.97
N ALA I 370 67.05 10.39 -29.92
CA ALA I 370 66.62 10.14 -31.29
C ALA I 370 65.74 8.86 -31.32
N VAL I 371 64.68 8.87 -32.09
CA VAL I 371 63.80 7.71 -32.12
C VAL I 371 64.25 6.58 -33.04
N LYS I 372 65.20 6.86 -33.93
CA LYS I 372 65.66 5.92 -34.94
C LYS I 372 67.17 6.18 -34.94
N MET J 1 -29.67 -0.22 69.54
CA MET J 1 -28.65 -1.10 70.21
C MET J 1 -27.31 -0.41 70.05
N LYS J 2 -26.35 -0.66 70.94
CA LYS J 2 -25.05 0.00 70.86
C LYS J 2 -24.26 -0.40 69.65
N ILE J 3 -23.64 0.59 69.02
CA ILE J 3 -22.70 0.36 67.98
C ILE J 3 -21.39 -0.21 68.56
N THR J 4 -20.93 -1.34 68.04
CA THR J 4 -19.74 -2.01 68.57
C THR J 4 -18.57 -1.96 67.58
N ALA J 5 -18.81 -1.74 66.30
CA ALA J 5 -17.72 -1.63 65.33
C ALA J 5 -18.17 -0.80 64.16
N VAL J 6 -17.20 -0.12 63.57
CA VAL J 6 -17.39 0.63 62.31
C VAL J 6 -16.21 0.28 61.48
N GLU J 7 -16.45 -0.27 60.32
CA GLU J 7 -15.43 -0.83 59.45
C GLU J 7 -15.59 -0.28 58.06
N PRO J 8 -14.73 0.67 57.67
CA PRO J 8 -14.84 1.14 56.26
C PRO J 8 -14.47 0.16 55.19
N PHE J 9 -14.99 0.34 53.98
CA PHE J 9 -14.61 -0.48 52.88
C PHE J 9 -14.57 0.25 51.58
N ILE J 10 -13.83 -0.30 50.63
CA ILE J 10 -13.89 0.18 49.25
C ILE J 10 -14.05 -0.97 48.25
N LEU J 11 -15.05 -0.90 47.37
CA LEU J 11 -15.14 -1.76 46.19
C LEU J 11 -14.96 -0.98 44.95
N HIS J 12 -14.17 -1.54 44.04
CA HIS J 12 -14.07 -1.05 42.69
C HIS J 12 -14.71 -2.05 41.72
N LEU J 13 -15.84 -1.66 41.15
CA LEU J 13 -16.63 -2.60 40.33
C LEU J 13 -16.65 -2.23 38.87
N PRO J 14 -16.51 -3.21 37.96
CA PRO J 14 -16.44 -2.92 36.50
C PRO J 14 -17.77 -2.58 35.88
N LEU J 15 -17.73 -1.93 34.73
CA LEU J 15 -18.99 -1.47 34.09
C LEU J 15 -19.44 -2.32 32.91
N THR J 16 -20.57 -1.92 32.27
CA THR J 16 -21.10 -2.54 31.03
C THR J 16 -20.14 -2.52 29.86
N SER J 17 -19.41 -1.42 29.69
CA SER J 17 -18.30 -1.40 28.73
C SER J 17 -17.00 -1.16 29.52
N GLU J 18 -15.87 -1.38 28.85
CA GLU J 18 -14.56 -1.18 29.48
C GLU J 18 -14.30 0.25 29.88
N SER J 19 -14.85 1.21 29.13
CA SER J 19 -14.83 2.61 29.51
C SER J 19 -16.13 3.25 29.06
N ILE J 20 -16.61 4.19 29.89
CA ILE J 20 -17.72 5.07 29.52
C ILE J 20 -17.28 6.52 29.80
N SER J 21 -17.88 7.42 29.04
CA SER J 21 -17.72 8.87 29.17
C SER J 21 -19.04 9.64 29.07
N ASP J 22 -19.08 10.74 29.81
CA ASP J 22 -20.07 11.78 29.60
C ASP J 22 -19.33 13.01 29.11
N SER J 23 -19.93 14.19 29.28
CA SER J 23 -19.28 15.43 28.75
C SER J 23 -17.97 15.76 29.48
N THR J 24 -17.82 15.23 30.71
CA THR J 24 -16.80 15.71 31.71
C THR J 24 -15.87 14.60 32.26
N HIS J 25 -16.35 13.36 32.32
CA HIS J 25 -15.61 12.28 32.95
C HIS J 25 -15.49 11.11 31.97
N SER J 26 -14.45 10.30 32.17
CA SER J 26 -14.32 8.98 31.57
C SER J 26 -13.91 8.04 32.68
N ILE J 27 -14.59 6.87 32.83
CA ILE J 27 -14.31 5.96 33.96
C ILE J 27 -14.38 4.50 33.49
N THR J 28 -13.72 3.65 34.25
CA THR J 28 -13.70 2.19 33.98
C THR J 28 -14.28 1.34 35.12
N HIS J 29 -14.37 1.92 36.29
CA HIS J 29 -14.92 1.23 37.43
C HIS J 29 -15.80 2.21 38.23
N TRP J 30 -16.71 1.65 39.05
CA TRP J 30 -17.50 2.49 39.95
C TRP J 30 -17.05 2.23 41.35
N GLY J 31 -16.84 3.29 42.13
CA GLY J 31 -16.44 3.09 43.47
C GLY J 31 -17.57 3.04 44.48
N VAL J 32 -17.63 1.95 45.24
CA VAL J 32 -18.59 1.81 46.26
C VAL J 32 -17.81 1.97 47.48
N VAL J 33 -17.97 3.11 48.14
CA VAL J 33 -17.08 3.45 49.26
C VAL J 33 -17.85 3.73 50.51
N GLY J 34 -17.63 2.97 51.57
CA GLY J 34 -18.54 3.09 52.68
C GLY J 34 -18.12 2.47 53.97
N ALA J 35 -19.13 2.12 54.75
CA ALA J 35 -18.90 1.65 56.12
C ALA J 35 -19.87 0.52 56.40
N LYS J 36 -19.37 -0.47 57.12
CA LYS J 36 -20.20 -1.46 57.73
C LYS J 36 -20.22 -1.20 59.22
N ILE J 37 -21.42 -1.11 59.78
CA ILE J 37 -21.57 -0.73 61.14
C ILE J 37 -22.25 -1.91 61.86
N THR J 38 -21.63 -2.36 62.91
CA THR J 38 -22.17 -3.54 63.64
C THR J 38 -22.70 -3.11 64.96
N THR J 39 -23.84 -3.69 65.37
CA THR J 39 -24.46 -3.38 66.67
C THR J 39 -24.32 -4.61 67.65
N SER J 40 -24.61 -4.41 68.89
CA SER J 40 -24.32 -5.41 69.96
C SER J 40 -25.21 -6.66 69.79
N ASP J 41 -26.23 -6.56 68.94
CA ASP J 41 -27.13 -7.64 68.66
C ASP J 41 -26.72 -8.41 67.40
N GLY J 42 -25.60 -8.04 66.79
CA GLY J 42 -25.09 -8.79 65.65
C GLY J 42 -25.52 -8.30 64.31
N ILE J 43 -26.47 -7.37 64.30
CA ILE J 43 -26.91 -6.75 63.03
C ILE J 43 -25.79 -5.88 62.44
N GLU J 44 -25.66 -6.01 61.13
CA GLU J 44 -24.62 -5.34 60.32
C GLU J 44 -25.33 -4.45 59.30
N GLY J 45 -25.03 -3.14 59.36
CA GLY J 45 -25.63 -2.19 58.42
C GLY J 45 -24.61 -1.72 57.43
N TYR J 46 -25.01 -1.47 56.19
CA TYR J 46 -24.07 -1.02 55.18
C TYR J 46 -24.56 0.29 54.59
N GLY J 47 -23.62 1.22 54.38
CA GLY J 47 -23.99 2.41 53.64
C GLY J 47 -22.77 2.86 52.90
N PHE J 48 -22.99 3.51 51.78
CA PHE J 48 -21.87 3.90 50.95
C PHE J 48 -22.15 5.16 50.12
N THR J 49 -21.06 5.82 49.73
CA THR J 49 -21.11 6.83 48.67
C THR J 49 -20.73 6.18 47.34
N GLY J 50 -20.75 6.96 46.28
CA GLY J 50 -20.48 6.51 44.92
C GLY J 50 -19.39 7.42 44.34
N THR J 51 -18.26 6.84 43.95
CA THR J 51 -17.18 7.59 43.41
C THR J 51 -16.75 7.05 42.11
N HIS J 52 -15.78 7.74 41.49
CA HIS J 52 -15.22 7.33 40.21
C HIS J 52 -14.04 6.37 40.38
N ALA J 53 -13.90 5.85 41.59
CA ALA J 53 -12.97 4.74 41.91
C ALA J 53 -11.52 5.21 41.72
N HIS J 54 -11.24 6.41 42.22
CA HIS J 54 -9.88 6.99 42.29
C HIS J 54 -9.42 6.60 43.68
N LEU J 55 -8.56 5.58 43.75
CA LEU J 55 -8.24 5.02 45.06
C LEU J 55 -7.72 6.00 46.10
N PRO J 56 -6.79 6.89 45.70
CA PRO J 56 -6.27 7.86 46.68
C PRO J 56 -7.35 8.69 47.38
N SER J 57 -8.36 9.13 46.63
CA SER J 57 -9.43 9.93 47.24
C SER J 57 -10.51 9.05 47.90
N ASP J 58 -10.73 7.82 47.37
CA ASP J 58 -11.59 6.84 48.09
C ASP J 58 -11.14 6.65 49.51
N ARG J 59 -9.82 6.60 49.73
CA ARG J 59 -9.21 6.45 51.03
C ARG J 59 -9.33 7.65 51.92
N LEU J 60 -9.54 8.84 51.35
CA LEU J 60 -9.85 10.01 52.19
C LEU J 60 -11.21 9.81 52.84
N ILE J 61 -12.18 9.30 52.07
CA ILE J 61 -13.51 9.04 52.62
C ILE J 61 -13.48 7.98 53.72
N THR J 62 -12.82 6.86 53.43
CA THR J 62 -12.71 5.79 54.44
C THR J 62 -11.94 6.20 55.66
N SER J 63 -10.86 7.02 55.50
CA SER J 63 -10.18 7.54 56.69
C SER J 63 -11.01 8.51 57.47
N CYS J 64 -11.83 9.35 56.80
CA CYS J 64 -12.78 10.14 57.54
C CYS J 64 -13.71 9.25 58.42
N ILE J 65 -14.22 8.19 57.86
CA ILE J 65 -15.10 7.27 58.58
C ILE J 65 -14.43 6.64 59.77
N SER J 66 -13.27 6.03 59.53
CA SER J 66 -12.55 5.33 60.63
C SER J 66 -11.88 6.23 61.63
N ASP J 67 -11.29 7.34 61.17
CA ASP J 67 -10.45 8.15 62.07
C ASP J 67 -11.14 9.34 62.66
N CYS J 68 -12.15 9.88 61.96
CA CYS J 68 -12.91 11.05 62.41
C CYS J 68 -14.29 10.68 63.02
N TYR J 69 -15.08 9.85 62.34
CA TYR J 69 -16.44 9.52 62.77
C TYR J 69 -16.61 8.30 63.67
N ALA J 70 -15.83 7.21 63.41
CA ALA J 70 -15.89 6.06 64.32
C ALA J 70 -15.79 6.41 65.78
N PRO J 71 -14.84 7.29 66.20
CA PRO J 71 -14.87 7.53 67.66
C PRO J 71 -16.13 8.17 68.23
N LEU J 72 -16.92 8.82 67.37
CA LEU J 72 -18.14 9.49 67.77
C LEU J 72 -19.28 8.51 67.69
N LEU J 73 -19.09 7.37 67.07
CA LEU J 73 -20.18 6.39 66.94
C LEU J 73 -20.10 5.23 67.94
N LEU J 74 -18.89 4.80 68.27
CA LEU J 74 -18.77 3.53 69.04
C LEU J 74 -19.40 3.75 70.35
N GLY J 75 -20.23 2.83 70.77
CA GLY J 75 -20.87 2.97 72.05
C GLY J 75 -22.22 3.67 72.04
N GLU J 76 -22.56 4.36 70.95
CA GLU J 76 -23.84 5.03 70.86
C GLU J 76 -24.90 4.06 70.40
N ASP J 77 -26.12 4.38 70.78
CA ASP J 77 -27.31 3.75 70.31
C ASP J 77 -27.56 4.08 68.87
N ALA J 78 -27.48 3.04 68.04
CA ALA J 78 -27.62 3.19 66.59
C ALA J 78 -29.02 3.61 66.18
N SER J 79 -29.98 3.39 67.07
CA SER J 79 -31.32 3.78 66.87
C SER J 79 -31.41 5.30 66.63
N ASP J 80 -30.55 6.05 67.30
CA ASP J 80 -30.65 7.51 67.38
C ASP J 80 -30.06 8.20 66.13
N HIS J 81 -30.47 7.78 64.97
CA HIS J 81 -29.83 8.21 63.72
C HIS J 81 -29.95 9.73 63.53
N SER J 82 -31.04 10.33 64.00
N SER J 82 -31.05 10.30 63.99
CA SER J 82 -31.25 11.77 63.85
CA SER J 82 -31.24 11.71 63.83
C SER J 82 -30.30 12.56 64.74
C SER J 82 -30.29 12.52 64.71
N ARG J 83 -30.18 12.14 65.99
CA ARG J 83 -29.23 12.77 66.87
C ARG J 83 -27.78 12.60 66.38
N LEU J 84 -27.44 11.38 65.91
CA LEU J 84 -26.08 11.05 65.49
C LEU J 84 -25.75 11.80 64.18
N TRP J 85 -26.74 12.06 63.33
CA TRP J 85 -26.49 12.85 62.09
C TRP J 85 -25.89 14.21 62.47
N THR J 86 -26.49 14.86 63.45
CA THR J 86 -26.01 16.15 63.91
C THR J 86 -24.66 16.04 64.65
N LYS J 87 -24.54 15.02 65.51
CA LYS J 87 -23.34 14.83 66.24
C LYS J 87 -22.13 14.83 65.29
N LEU J 88 -22.23 14.03 64.25
CA LEU J 88 -21.18 13.92 63.25
C LEU J 88 -21.04 15.14 62.34
N ALA J 89 -22.17 15.57 61.79
CA ALA J 89 -22.14 16.60 60.75
C ALA J 89 -21.65 17.90 61.29
N ARG J 90 -22.01 18.21 62.55
CA ARG J 90 -21.75 19.48 63.15
C ARG J 90 -20.68 19.39 64.24
N TYR J 91 -19.93 18.31 64.28
CA TYR J 91 -18.80 18.22 65.19
C TYR J 91 -17.86 19.37 64.83
N PRO J 92 -17.59 20.25 65.80
CA PRO J 92 -17.03 21.57 65.43
C PRO J 92 -15.76 21.55 64.60
N SER J 93 -14.76 20.73 64.96
CA SER J 93 -13.53 20.72 64.20
C SER J 93 -13.67 20.08 62.84
N LEU J 94 -14.65 19.18 62.68
CA LEU J 94 -14.90 18.60 61.41
C LEU J 94 -15.80 19.47 60.52
N GLN J 95 -16.75 20.11 61.12
CA GLN J 95 -17.56 21.11 60.36
C GLN J 95 -16.62 22.18 59.80
N TRP J 96 -15.58 22.54 60.58
CA TRP J 96 -14.60 23.50 60.12
C TRP J 96 -14.00 23.17 58.78
N VAL J 97 -13.84 21.88 58.50
CA VAL J 97 -13.25 21.48 57.25
C VAL J 97 -14.26 20.76 56.40
N GLY J 98 -15.53 21.03 56.64
CA GLY J 98 -16.57 20.27 55.97
C GLY J 98 -17.73 21.09 55.46
N ARG J 99 -18.93 20.61 55.81
CA ARG J 99 -20.21 21.08 55.22
C ARG J 99 -20.48 20.63 53.85
N ALA J 100 -19.49 19.99 53.21
CA ALA J 100 -19.49 19.62 51.81
C ALA J 100 -18.22 18.82 51.57
N GLY J 101 -18.17 18.18 50.44
CA GLY J 101 -17.00 17.44 50.05
C GLY J 101 -16.80 16.17 50.88
N ILE J 102 -15.55 15.78 51.06
CA ILE J 102 -15.20 14.49 51.67
C ILE J 102 -15.91 14.22 52.98
N THR J 103 -15.89 15.16 53.92
CA THR J 103 -16.50 14.89 55.21
C THR J 103 -17.99 14.58 55.08
N HIS J 104 -18.67 15.17 54.08
CA HIS J 104 -20.08 14.99 53.86
C HIS J 104 -20.36 13.65 53.18
N LEU J 105 -19.51 13.27 52.25
CA LEU J 105 -19.60 11.95 51.60
C LEU J 105 -19.46 10.80 52.62
N ALA J 106 -18.49 10.95 53.51
CA ALA J 106 -18.34 10.02 54.61
C ALA J 106 -19.54 9.96 55.50
N LEU J 107 -20.07 11.12 55.88
CA LEU J 107 -21.28 11.21 56.65
C LEU J 107 -22.43 10.45 55.97
N ALA J 108 -22.59 10.65 54.69
CA ALA J 108 -23.64 9.96 53.94
C ALA J 108 -23.56 8.43 54.13
N ALA J 109 -22.36 7.88 53.99
CA ALA J 109 -22.19 6.44 54.13
C ALA J 109 -22.61 5.99 55.51
N VAL J 110 -22.25 6.74 56.54
CA VAL J 110 -22.63 6.40 57.93
C VAL J 110 -24.14 6.42 58.15
N ASP J 111 -24.76 7.51 57.70
CA ASP J 111 -26.17 7.65 57.81
C ASP J 111 -26.95 6.52 57.17
N VAL J 112 -26.58 6.15 55.94
CA VAL J 112 -27.29 5.10 55.24
C VAL J 112 -27.12 3.75 55.98
N ALA J 113 -25.93 3.54 56.53
CA ALA J 113 -25.72 2.32 57.36
C ALA J 113 -26.68 2.29 58.57
N LEU J 114 -26.90 3.46 59.21
CA LEU J 114 -27.75 3.50 60.37
C LEU J 114 -29.17 3.20 59.99
N TRP J 115 -29.61 3.68 58.82
CA TRP J 115 -30.96 3.41 58.32
C TRP J 115 -31.11 1.91 57.94
N ASP J 116 -30.06 1.35 57.39
CA ASP J 116 -30.06 -0.05 56.99
C ASP J 116 -30.25 -0.91 58.27
N ILE J 117 -29.55 -0.56 59.35
CA ILE J 117 -29.71 -1.20 60.67
C ILE J 117 -31.12 -1.05 61.16
N LYS J 118 -31.69 0.15 61.07
CA LYS J 118 -33.03 0.39 61.57
C LYS J 118 -34.06 -0.53 60.88
N ALA J 119 -33.96 -0.69 59.57
CA ALA J 119 -34.95 -1.40 58.79
C ALA J 119 -34.73 -2.95 58.99
N LYS J 120 -33.46 -3.33 59.15
CA LYS J 120 -33.10 -4.71 59.43
C LYS J 120 -33.60 -5.12 60.77
N LYS J 121 -33.45 -4.27 61.75
CA LYS J 121 -33.92 -4.58 63.06
C LYS J 121 -35.39 -4.71 63.05
N ALA J 122 -36.08 -3.88 62.26
CA ALA J 122 -37.55 -3.96 62.16
C ALA J 122 -38.01 -5.13 61.36
N GLY J 123 -37.16 -5.78 60.60
CA GLY J 123 -37.50 -6.87 59.77
C GLY J 123 -38.17 -6.60 58.49
N VAL J 124 -37.97 -5.42 57.87
CA VAL J 124 -38.78 -5.04 56.77
C VAL J 124 -37.90 -4.24 55.78
N PRO J 125 -38.22 -4.25 54.51
CA PRO J 125 -37.46 -3.32 53.61
C PRO J 125 -37.72 -1.85 53.99
N LEU J 126 -36.76 -0.97 53.70
CA LEU J 126 -36.84 0.43 54.07
C LEU J 126 -38.15 1.10 53.62
N TRP J 127 -38.63 0.87 52.39
CA TRP J 127 -39.85 1.58 51.88
C TRP J 127 -41.03 1.25 52.76
N HIS J 128 -41.03 0.03 53.26
CA HIS J 128 -42.10 -0.36 54.11
C HIS J 128 -41.95 0.26 55.48
N TYR J 129 -40.74 0.25 56.02
CA TYR J 129 -40.43 0.86 57.28
C TYR J 129 -40.90 2.35 57.35
N LEU J 130 -40.74 3.05 56.26
CA LEU J 130 -40.96 4.49 56.21
C LEU J 130 -42.44 4.84 56.13
N GLY J 131 -43.27 3.84 55.80
CA GLY J 131 -44.71 4.09 55.71
C GLY J 131 -45.53 3.52 54.61
N GLY J 132 -44.92 2.69 53.77
CA GLY J 132 -45.64 2.00 52.74
C GLY J 132 -45.48 2.62 51.38
N ALA J 133 -46.06 1.97 50.40
CA ALA J 133 -45.82 2.33 49.03
C ALA J 133 -46.76 3.39 48.45
N ARG J 134 -46.19 4.35 47.69
CA ARG J 134 -46.95 5.40 47.03
C ARG J 134 -47.41 4.97 45.68
N THR J 135 -46.84 3.88 45.15
CA THR J 135 -47.21 3.43 43.83
C THR J 135 -47.08 1.91 43.81
N ALA J 136 -47.82 1.28 42.92
CA ALA J 136 -47.70 -0.15 42.65
C ALA J 136 -46.51 -0.45 41.75
N GLY J 137 -45.93 0.58 41.13
CA GLY J 137 -44.74 0.28 40.25
C GLY J 137 -43.94 1.53 39.93
N VAL J 138 -42.67 1.55 40.34
CA VAL J 138 -41.76 2.67 39.99
C VAL J 138 -41.16 2.45 38.60
N GLU J 139 -41.48 3.33 37.67
CA GLU J 139 -41.01 3.23 36.35
C GLU J 139 -39.55 3.65 36.28
N ALA J 140 -38.80 2.95 35.42
CA ALA J 140 -37.39 3.14 35.20
C ALA J 140 -37.12 3.92 33.94
N TYR J 141 -36.00 4.65 33.95
CA TYR J 141 -35.44 5.15 32.76
C TYR J 141 -33.99 4.74 32.64
N ASN J 142 -33.65 4.41 31.41
CA ASN J 142 -32.34 3.82 31.10
C ASN J 142 -31.31 4.89 30.70
N THR J 143 -30.29 5.04 31.55
CA THR J 143 -29.16 5.93 31.31
C THR J 143 -28.00 5.22 30.65
N ASP J 144 -27.93 3.91 30.84
CA ASP J 144 -26.76 3.14 30.39
C ASP J 144 -26.63 3.03 28.90
N ILE J 145 -27.68 3.32 28.17
CA ILE J 145 -27.58 3.29 26.76
C ILE J 145 -27.18 4.62 26.09
N GLY J 146 -26.92 5.66 26.90
CA GLY J 146 -26.83 7.02 26.29
C GLY J 146 -25.50 7.73 26.43
N TRP J 147 -24.47 7.06 26.86
CA TRP J 147 -23.17 7.69 27.09
C TRP J 147 -22.62 8.44 25.91
N LEU J 148 -21.92 9.55 26.22
CA LEU J 148 -21.45 10.45 25.16
C LEU J 148 -20.32 9.75 24.38
N SER J 149 -19.64 8.82 24.99
CA SER J 149 -18.62 7.98 24.33
C SER J 149 -19.15 7.09 23.22
N PHE J 150 -20.45 6.83 23.18
CA PHE J 150 -20.95 5.99 22.10
C PHE J 150 -20.95 6.69 20.78
N THR J 151 -20.58 5.93 19.72
CA THR J 151 -20.77 6.40 18.38
C THR J 151 -22.26 6.51 18.13
N LEU J 152 -22.65 7.28 17.13
CA LEU J 152 -24.06 7.40 16.76
C LEU J 152 -24.62 6.02 16.49
N GLU J 153 -23.88 5.23 15.71
CA GLU J 153 -24.36 3.83 15.53
C GLU J 153 -24.68 3.06 16.80
N ASP J 154 -23.79 3.08 17.76
CA ASP J 154 -24.00 2.31 18.97
C ASP J 154 -25.09 2.92 19.87
N LEU J 155 -25.18 4.27 19.82
CA LEU J 155 -26.18 5.00 20.59
C LEU J 155 -27.54 4.56 20.07
N LEU J 156 -27.68 4.53 18.75
CA LEU J 156 -28.92 4.12 18.13
C LEU J 156 -29.25 2.66 18.40
N ALA J 157 -28.23 1.78 18.31
CA ALA J 157 -28.47 0.34 18.52
C ALA J 157 -28.86 0.07 19.95
N GLY J 158 -28.18 0.68 20.92
CA GLY J 158 -28.53 0.47 22.30
C GLY J 158 -29.88 1.03 22.63
N SER J 159 -30.19 2.21 22.13
CA SER J 159 -31.47 2.83 22.43
C SER J 159 -32.60 1.92 21.90
N ALA J 160 -32.44 1.46 20.68
CA ALA J 160 -33.47 0.61 20.02
C ALA J 160 -33.69 -0.63 20.81
N ARG J 161 -32.61 -1.27 21.21
CA ARG J 161 -32.66 -2.47 22.02
C ARG J 161 -33.37 -2.28 23.37
N ALA J 162 -33.00 -1.20 24.10
CA ALA J 162 -33.68 -0.98 25.35
C ALA J 162 -35.18 -0.89 25.20
N VAL J 163 -35.61 -0.29 24.15
CA VAL J 163 -37.01 -0.02 23.92
C VAL J 163 -37.67 -1.26 23.32
N GLU J 164 -37.04 -1.83 22.33
CA GLU J 164 -37.68 -2.88 21.51
C GLU J 164 -37.54 -4.28 22.11
N GLU J 165 -36.45 -4.59 22.76
CA GLU J 165 -36.25 -5.83 23.40
C GLU J 165 -36.48 -5.77 24.88
N ASP J 166 -36.15 -4.67 25.56
CA ASP J 166 -36.17 -4.71 27.00
C ASP J 166 -37.32 -3.97 27.62
N GLY J 167 -38.16 -3.38 26.83
CA GLY J 167 -39.40 -2.86 27.31
C GLY J 167 -39.25 -1.49 28.00
N PHE J 168 -38.14 -0.81 27.81
CA PHE J 168 -38.09 0.61 28.30
C PHE J 168 -38.93 1.52 27.45
N THR J 169 -39.53 2.53 28.08
CA THR J 169 -40.21 3.58 27.33
C THR J 169 -39.66 4.96 27.73
N ARG J 170 -38.59 4.97 28.48
CA ARG J 170 -37.94 6.21 28.97
C ARG J 170 -36.42 5.97 28.93
N LEU J 171 -35.67 6.89 28.32
CA LEU J 171 -34.26 6.86 28.17
C LEU J 171 -33.68 8.24 28.62
N LYS J 172 -32.41 8.24 28.98
CA LYS J 172 -31.66 9.53 29.14
C LYS J 172 -30.36 9.40 28.30
N ILE J 173 -30.07 10.42 27.53
CA ILE J 173 -28.99 10.46 26.59
C ILE J 173 -28.07 11.66 26.98
N LYS J 174 -26.78 11.36 27.04
CA LYS J 174 -25.82 12.41 27.33
C LYS J 174 -25.66 13.36 26.19
N VAL J 175 -25.46 14.65 26.56
CA VAL J 175 -25.04 15.63 25.61
C VAL J 175 -23.81 16.33 26.17
N GLY J 176 -23.24 17.26 25.40
CA GLY J 176 -22.02 17.93 25.87
C GLY J 176 -20.87 17.91 24.92
N HIS J 177 -21.09 17.74 23.63
CA HIS J 177 -20.06 18.03 22.62
C HIS J 177 -19.71 19.55 22.65
N ASP J 178 -18.49 19.85 22.23
CA ASP J 178 -18.05 21.27 22.12
C ASP J 178 -18.99 22.07 21.26
N ASP J 179 -19.44 21.45 20.14
CA ASP J 179 -20.49 22.03 19.28
C ASP J 179 -21.83 21.29 19.57
N PRO J 180 -22.77 21.94 20.27
CA PRO J 180 -24.05 21.29 20.54
C PRO J 180 -24.83 20.81 19.36
N ASN J 181 -24.60 21.33 18.19
CA ASN J 181 -25.29 20.80 17.00
C ASN J 181 -25.02 19.33 16.70
N ILE J 182 -23.88 18.82 17.14
CA ILE J 182 -23.58 17.38 17.07
C ILE J 182 -24.55 16.64 17.97
N ASP J 183 -24.84 17.17 19.16
CA ASP J 183 -25.87 16.57 20.06
C ASP J 183 -27.27 16.68 19.46
N ILE J 184 -27.58 17.82 18.83
CA ILE J 184 -28.84 17.94 18.10
C ILE J 184 -28.96 16.79 17.07
N ALA J 185 -27.89 16.62 16.30
CA ALA J 185 -27.91 15.51 15.27
C ALA J 185 -28.09 14.13 15.87
N ARG J 186 -27.40 13.83 16.96
CA ARG J 186 -27.52 12.55 17.63
C ARG J 186 -28.93 12.33 18.15
N LEU J 187 -29.49 13.36 18.81
CA LEU J 187 -30.82 13.27 19.30
C LEU J 187 -31.91 13.13 18.25
N THR J 188 -31.71 13.82 17.15
CA THR J 188 -32.63 13.81 16.06
C THR J 188 -32.66 12.36 15.50
N ALA J 189 -31.50 11.73 15.41
CA ALA J 189 -31.39 10.36 14.90
C ALA J 189 -32.04 9.38 15.87
N VAL J 190 -31.90 9.58 17.16
CA VAL J 190 -32.51 8.69 18.09
C VAL J 190 -34.02 8.81 17.97
N ARG J 191 -34.50 10.03 17.86
CA ARG J 191 -35.88 10.31 17.71
C ARG J 191 -36.47 9.68 16.42
N GLU J 192 -35.68 9.62 15.36
CA GLU J 192 -36.15 8.99 14.16
C GLU J 192 -36.18 7.47 14.32
N ARG J 193 -35.25 6.91 15.08
CA ARG J 193 -35.06 5.51 15.25
C ARG J 193 -36.08 4.89 16.17
N VAL J 194 -36.40 5.52 17.29
CA VAL J 194 -37.34 4.87 18.23
C VAL J 194 -38.74 5.47 18.15
N ASP J 195 -39.68 4.71 18.72
CA ASP J 195 -41.10 5.05 18.69
C ASP J 195 -41.30 6.40 19.38
N SER J 196 -42.21 7.20 18.87
CA SER J 196 -42.50 8.57 19.34
C SER J 196 -42.93 8.59 20.82
N ALA J 197 -43.48 7.50 21.32
CA ALA J 197 -43.92 7.43 22.71
C ALA J 197 -42.75 7.14 23.68
N VAL J 198 -41.51 7.10 23.18
CA VAL J 198 -40.39 6.91 24.09
C VAL J 198 -40.06 8.30 24.63
N ARG J 199 -39.92 8.39 25.94
CA ARG J 199 -39.59 9.66 26.57
C ARG J 199 -38.05 9.71 26.60
N ILE J 200 -37.46 10.85 26.25
CA ILE J 200 -36.03 10.97 26.15
C ILE J 200 -35.64 12.27 26.91
N ALA J 201 -34.94 12.03 28.00
CA ALA J 201 -34.25 13.10 28.73
C ALA J 201 -32.81 13.18 28.29
N ILE J 202 -32.16 14.32 28.61
CA ILE J 202 -30.76 14.53 28.26
C ILE J 202 -30.01 15.10 29.45
N ASP J 203 -28.69 15.00 29.38
CA ASP J 203 -27.84 15.32 30.53
C ASP J 203 -26.51 15.84 30.01
N GLY J 204 -26.18 17.08 30.37
CA GLY J 204 -24.91 17.70 29.94
C GLY J 204 -23.78 17.69 30.96
N ASN J 205 -24.06 17.15 32.14
CA ASN J 205 -23.09 17.07 33.21
C ASN J 205 -22.27 18.40 33.42
N GLY J 206 -22.94 19.52 33.36
CA GLY J 206 -22.30 20.76 33.73
C GLY J 206 -21.40 21.39 32.71
N LYS J 207 -21.45 20.93 31.51
CA LYS J 207 -20.39 21.25 30.54
C LYS J 207 -20.52 22.63 29.88
N TRP J 208 -21.70 23.15 29.67
CA TRP J 208 -21.87 24.37 28.86
C TRP J 208 -22.19 25.59 29.68
N ASP J 209 -22.07 26.72 29.05
CA ASP J 209 -22.40 28.02 29.64
C ASP J 209 -23.80 28.47 29.21
N LEU J 210 -24.28 29.55 29.83
CA LEU J 210 -25.64 29.98 29.59
C LEU J 210 -25.99 30.26 28.13
N PRO J 211 -25.20 31.07 27.41
CA PRO J 211 -25.60 31.36 26.03
C PRO J 211 -25.63 30.10 25.15
N THR J 212 -24.70 29.19 25.40
CA THR J 212 -24.66 27.91 24.65
C THR J 212 -25.94 27.07 24.90
N CYS J 213 -26.34 26.96 26.15
CA CYS J 213 -27.57 26.29 26.51
C CYS J 213 -28.76 27.00 25.91
N GLN J 214 -28.79 28.34 25.87
CA GLN J 214 -29.96 28.99 25.30
C GLN J 214 -30.15 28.56 23.84
N ARG J 215 -29.06 28.60 23.09
CA ARG J 215 -29.13 28.31 21.62
C ARG J 215 -29.52 26.82 21.47
N PHE J 216 -28.89 25.96 22.25
CA PHE J 216 -29.17 24.51 22.14
C PHE J 216 -30.64 24.22 22.40
N CYS J 217 -31.15 24.83 23.49
CA CYS J 217 -32.54 24.55 23.87
C CYS J 217 -33.53 25.03 22.82
N ALA J 218 -33.26 26.14 22.19
CA ALA J 218 -34.07 26.65 21.07
C ALA J 218 -33.98 25.67 19.90
N ALA J 219 -32.81 25.14 19.65
CA ALA J 219 -32.63 24.23 18.58
C ALA J 219 -33.27 22.86 18.81
N ALA J 220 -33.44 22.48 20.05
CA ALA J 220 -33.99 21.25 20.46
C ALA J 220 -35.54 21.30 20.59
N LYS J 221 -36.16 22.37 20.14
CA LYS J 221 -37.58 22.64 20.45
C LYS J 221 -38.56 21.58 19.92
N ASP J 222 -38.22 20.87 18.84
CA ASP J 222 -39.03 19.82 18.25
C ASP J 222 -38.63 18.41 18.61
N LEU J 223 -37.63 18.23 19.42
CA LEU J 223 -37.19 16.87 19.73
C LEU J 223 -37.91 16.24 20.92
N ASP J 224 -38.82 16.99 21.57
CA ASP J 224 -39.58 16.50 22.74
C ASP J 224 -38.66 15.91 23.82
N ILE J 225 -37.85 16.82 24.35
CA ILE J 225 -36.87 16.51 25.37
C ILE J 225 -37.57 16.55 26.71
N TYR J 226 -37.52 15.47 27.46
CA TYR J 226 -38.20 15.34 28.71
C TYR J 226 -37.63 16.24 29.84
N TRP J 227 -36.31 16.29 29.94
CA TRP J 227 -35.65 17.24 30.82
C TRP J 227 -34.23 17.40 30.33
N PHE J 228 -33.59 18.50 30.75
CA PHE J 228 -32.19 18.76 30.48
C PHE J 228 -31.48 18.86 31.83
N GLU J 229 -30.69 17.83 32.16
CA GLU J 229 -30.03 17.68 33.41
C GLU J 229 -28.66 18.36 33.43
N GLU J 230 -28.35 18.97 34.57
CA GLU J 230 -27.05 19.70 34.75
C GLU J 230 -26.61 20.45 33.53
N PRO J 231 -27.44 21.33 33.07
CA PRO J 231 -27.01 22.03 31.84
C PRO J 231 -25.79 22.98 32.00
N LEU J 232 -25.64 23.51 33.20
CA LEU J 232 -24.66 24.58 33.53
C LEU J 232 -23.79 24.26 34.73
N TRP J 233 -22.84 25.12 35.05
CA TRP J 233 -21.98 24.85 36.21
C TRP J 233 -22.73 24.60 37.49
N TYR J 234 -22.31 23.56 38.23
CA TYR J 234 -23.11 23.03 39.34
C TYR J 234 -23.50 24.02 40.42
N ASP J 235 -22.62 24.99 40.69
CA ASP J 235 -22.82 25.90 41.79
C ASP J 235 -23.42 27.25 41.38
N ASP J 236 -23.70 27.42 40.12
CA ASP J 236 -24.20 28.66 39.49
C ASP J 236 -25.72 28.71 39.41
N VAL J 237 -26.37 29.25 40.43
CA VAL J 237 -27.83 29.23 40.52
C VAL J 237 -28.42 30.15 39.49
N THR J 238 -27.87 31.34 39.43
CA THR J 238 -28.43 32.38 38.55
C THR J 238 -28.49 31.95 37.09
N SER J 239 -27.43 31.37 36.55
CA SER J 239 -27.47 30.95 35.15
C SER J 239 -28.61 29.96 34.93
N HIS J 240 -28.79 29.03 35.87
CA HIS J 240 -29.90 28.06 35.76
C HIS J 240 -31.28 28.71 35.76
N ALA J 241 -31.43 29.71 36.58
CA ALA J 241 -32.68 30.47 36.71
C ALA J 241 -32.96 31.21 35.42
N ARG J 242 -31.94 31.79 34.80
CA ARG J 242 -32.15 32.46 33.54
C ARG J 242 -32.49 31.48 32.40
N LEU J 243 -31.80 30.32 32.39
CA LEU J 243 -32.04 29.33 31.34
C LEU J 243 -33.51 28.84 31.48
N ALA J 244 -33.96 28.53 32.69
CA ALA J 244 -35.29 27.99 32.96
C ALA J 244 -36.35 28.88 32.44
N ARG J 245 -36.14 30.19 32.55
CA ARG J 245 -37.10 31.13 32.02
C ARG J 245 -37.03 31.35 30.49
N ASN J 246 -35.96 30.92 29.87
CA ASN J 246 -35.74 31.21 28.46
C ASN J 246 -36.27 30.07 27.54
N THR J 247 -36.61 28.93 28.11
CA THR J 247 -36.97 27.74 27.35
C THR J 247 -38.17 27.06 28.05
N SER J 248 -38.85 26.23 27.29
CA SER J 248 -39.87 25.38 27.87
C SER J 248 -39.30 24.01 28.26
N ILE J 249 -38.09 23.67 27.88
CA ILE J 249 -37.49 22.41 28.33
C ILE J 249 -37.22 22.47 29.84
N PRO J 250 -37.72 21.49 30.63
CA PRO J 250 -37.51 21.51 32.05
C PRO J 250 -36.06 21.28 32.39
N ILE J 251 -35.60 21.94 33.44
CA ILE J 251 -34.27 21.72 33.97
C ILE J 251 -34.30 20.74 35.11
N ALA J 252 -33.30 19.84 35.08
CA ALA J 252 -33.07 18.89 36.14
C ALA J 252 -31.69 19.04 36.75
N LEU J 253 -31.59 18.92 38.05
CA LEU J 253 -30.25 18.94 38.72
C LEU J 253 -30.37 18.46 40.13
N GLY J 254 -29.22 18.21 40.74
CA GLY J 254 -29.10 17.87 42.17
C GLY J 254 -27.99 16.90 42.51
N GLU J 255 -27.47 16.15 41.54
CA GLU J 255 -26.52 15.06 41.86
C GLU J 255 -25.24 15.57 42.45
N GLN J 256 -24.89 16.84 42.20
CA GLN J 256 -23.72 17.41 42.74
C GLN J 256 -23.93 18.31 43.92
N LEU J 257 -25.16 18.50 44.40
CA LEU J 257 -25.48 19.38 45.54
C LEU J 257 -25.35 18.66 46.88
N TYR J 258 -24.46 19.12 47.75
CA TYR J 258 -24.18 18.48 48.99
C TYR J 258 -25.17 18.75 50.13
N THR J 259 -25.99 19.81 50.00
CA THR J 259 -26.73 20.21 51.15
C THR J 259 -28.13 20.59 50.83
N VAL J 260 -28.97 20.52 51.85
CA VAL J 260 -30.31 21.08 51.77
C VAL J 260 -30.31 22.60 51.42
N ASP J 261 -29.32 23.31 51.88
CA ASP J 261 -29.20 24.74 51.55
C ASP J 261 -29.04 24.99 50.09
N ALA J 262 -28.19 24.21 49.43
CA ALA J 262 -28.00 24.35 47.99
C ALA J 262 -29.26 24.00 47.25
N PHE J 263 -29.93 22.92 47.62
CA PHE J 263 -31.24 22.65 47.01
C PHE J 263 -32.24 23.76 47.19
N ARG J 264 -32.31 24.39 48.36
CA ARG J 264 -33.27 25.45 48.63
C ARG J 264 -32.92 26.64 47.71
N SER J 265 -31.63 26.93 47.55
CA SER J 265 -31.24 28.06 46.71
C SER J 265 -31.71 27.88 45.28
N PHE J 266 -31.54 26.70 44.72
CA PHE J 266 -31.93 26.40 43.34
C PHE J 266 -33.45 26.36 43.20
N ILE J 267 -34.12 25.70 44.13
CA ILE J 267 -35.53 25.59 44.10
C ILE J 267 -36.24 26.98 44.24
N ASP J 268 -35.83 27.78 45.17
CA ASP J 268 -36.44 29.06 45.41
C ASP J 268 -36.21 29.98 44.17
N ALA J 269 -35.13 29.78 43.44
CA ALA J 269 -34.81 30.64 42.31
C ALA J 269 -35.57 30.25 41.02
N GLY J 270 -36.30 29.15 41.08
CA GLY J 270 -37.00 28.62 39.92
C GLY J 270 -35.94 28.04 38.98
N ALA J 271 -34.81 27.61 39.51
CA ALA J 271 -33.72 27.17 38.72
C ALA J 271 -33.74 25.64 38.46
N VAL J 272 -34.72 24.93 39.04
CA VAL J 272 -34.82 23.47 38.85
C VAL J 272 -36.27 23.05 38.91
N ALA J 273 -36.65 22.17 37.97
CA ALA J 273 -38.01 21.60 37.93
C ALA J 273 -38.00 20.12 38.40
N TYR J 274 -36.95 19.37 38.05
CA TYR J 274 -36.83 17.96 38.39
C TYR J 274 -35.76 17.87 39.42
N VAL J 275 -36.13 17.64 40.67
CA VAL J 275 -35.19 17.72 41.74
C VAL J 275 -34.56 16.33 41.93
N GLN J 276 -33.24 16.30 41.98
CA GLN J 276 -32.43 15.09 41.98
C GLN J 276 -31.58 14.88 43.21
N PRO J 277 -32.21 14.72 44.36
CA PRO J 277 -31.36 14.38 45.52
C PRO J 277 -30.69 12.99 45.36
N ASP J 278 -29.60 12.81 46.06
CA ASP J 278 -28.82 11.58 46.08
C ASP J 278 -28.32 11.35 47.49
N VAL J 279 -28.60 10.18 48.06
CA VAL J 279 -28.17 9.89 49.40
C VAL J 279 -26.65 9.78 49.55
N THR J 280 -25.95 9.59 48.46
CA THR J 280 -24.52 9.43 48.44
C THR J 280 -23.82 10.80 48.34
N ARG J 281 -24.58 11.88 48.12
CA ARG J 281 -24.02 13.21 47.94
C ARG J 281 -24.47 14.16 49.04
N LEU J 282 -25.79 14.23 49.26
CA LEU J 282 -26.36 14.77 50.50
C LEU J 282 -25.91 13.92 51.66
N GLY J 283 -26.21 14.39 52.85
CA GLY J 283 -25.90 13.65 54.05
C GLY J 283 -26.77 12.43 54.28
N GLY J 284 -26.85 11.53 53.31
CA GLY J 284 -27.54 10.27 53.54
C GLY J 284 -29.05 10.35 53.39
N ILE J 285 -29.75 9.28 53.80
CA ILE J 285 -31.22 9.24 53.73
C ILE J 285 -31.81 10.40 54.57
N THR J 286 -31.19 10.70 55.71
CA THR J 286 -31.68 11.72 56.59
C THR J 286 -31.88 13.05 55.83
N GLU J 287 -30.81 13.48 55.17
CA GLU J 287 -30.86 14.77 54.45
C GLU J 287 -31.69 14.64 53.14
N TYR J 288 -31.62 13.48 52.49
CA TYR J 288 -32.45 13.22 51.31
C TYR J 288 -33.91 13.56 51.62
N ILE J 289 -34.40 13.04 52.74
CA ILE J 289 -35.85 13.14 53.04
C ILE J 289 -36.21 14.62 53.24
N GLN J 290 -35.28 15.38 53.80
CA GLN J 290 -35.51 16.78 53.93
C GLN J 290 -35.67 17.48 52.58
N VAL J 291 -34.80 17.17 51.65
CA VAL J 291 -34.88 17.76 50.36
C VAL J 291 -36.11 17.27 49.60
N ALA J 292 -36.47 15.98 49.75
CA ALA J 292 -37.67 15.46 49.10
C ALA J 292 -38.94 16.11 49.65
N ASP J 293 -38.96 16.46 50.95
CA ASP J 293 -40.06 17.15 51.58
C ASP J 293 -40.08 18.62 51.06
N LEU J 294 -38.91 19.21 50.90
CA LEU J 294 -38.78 20.54 50.29
C LEU J 294 -39.37 20.53 48.89
N ALA J 295 -39.02 19.57 48.05
CA ALA J 295 -39.59 19.45 46.73
C ALA J 295 -41.08 19.22 46.71
N LEU J 296 -41.57 18.40 47.64
CA LEU J 296 -43.04 18.16 47.78
C LEU J 296 -43.80 19.47 48.06
N ALA J 297 -43.25 20.32 48.89
CA ALA J 297 -43.87 21.57 49.29
C ALA J 297 -43.94 22.52 48.08
N HIS J 298 -43.00 22.41 47.13
CA HIS J 298 -43.06 23.10 45.85
C HIS J 298 -43.78 22.39 44.77
N ARG J 299 -44.34 21.19 45.08
CA ARG J 299 -45.07 20.36 44.16
C ARG J 299 -44.23 20.02 42.97
N LEU J 300 -42.94 19.87 43.23
CA LEU J 300 -41.99 19.44 42.21
C LEU J 300 -41.64 17.91 42.35
N PRO J 301 -41.43 17.22 41.24
CA PRO J 301 -41.10 15.79 41.17
C PRO J 301 -39.66 15.53 41.68
N VAL J 302 -39.55 14.44 42.41
CA VAL J 302 -38.30 13.93 42.97
C VAL J 302 -37.84 12.71 42.16
N VAL J 303 -36.68 12.86 41.54
CA VAL J 303 -36.15 11.86 40.62
C VAL J 303 -34.65 11.69 40.96
N PRO J 304 -34.33 10.86 41.91
CA PRO J 304 -32.99 10.82 42.50
C PRO J 304 -31.96 10.33 41.55
N HIS J 305 -30.75 10.83 41.67
CA HIS J 305 -29.66 10.42 40.78
C HIS J 305 -29.04 9.13 41.38
N ALA J 306 -28.72 8.21 40.47
CA ALA J 306 -28.22 6.90 40.82
C ALA J 306 -26.72 6.83 41.21
N GLY J 307 -26.37 7.59 42.24
CA GLY J 307 -25.02 7.62 42.84
C GLY J 307 -24.70 6.30 43.49
N GLU J 308 -25.77 5.68 43.94
CA GLU J 308 -25.74 4.33 44.53
C GLU J 308 -26.42 3.28 43.62
N MET J 309 -26.48 3.57 42.31
CA MET J 309 -27.05 2.76 41.27
C MET J 309 -28.45 2.32 41.65
N SER J 310 -29.13 3.18 42.39
CA SER J 310 -30.54 2.99 42.81
C SER J 310 -30.80 1.89 43.83
N GLN J 311 -29.76 1.31 44.45
CA GLN J 311 -29.94 0.31 45.50
C GLN J 311 -30.71 0.86 46.68
N VAL J 312 -30.48 2.12 47.08
CA VAL J 312 -31.20 2.76 48.16
C VAL J 312 -32.40 3.53 47.58
N HIS J 313 -32.22 4.20 46.42
CA HIS J 313 -33.28 5.07 45.97
C HIS J 313 -34.51 4.33 45.49
N VAL J 314 -34.37 3.07 45.10
CA VAL J 314 -35.56 2.26 44.88
C VAL J 314 -36.51 2.25 46.05
N HIS J 315 -36.02 2.17 47.28
CA HIS J 315 -36.85 2.22 48.47
C HIS J 315 -37.49 3.61 48.58
N LEU J 316 -36.65 4.61 48.43
CA LEU J 316 -37.15 5.96 48.65
C LEU J 316 -38.12 6.38 47.58
N SER J 317 -37.95 5.95 46.36
CA SER J 317 -38.90 6.24 45.34
C SER J 317 -40.25 5.44 45.42
N TYR J 318 -40.20 4.24 46.00
CA TYR J 318 -41.38 3.50 46.29
C TYR J 318 -42.20 4.13 47.40
N TRP J 319 -41.55 4.86 48.31
CA TRP J 319 -42.18 5.42 49.46
C TRP J 319 -42.56 6.94 49.32
N HIS J 320 -41.60 7.79 48.97
CA HIS J 320 -41.87 9.23 49.15
C HIS J 320 -42.90 9.71 48.16
N PRO J 321 -43.95 10.43 48.61
CA PRO J 321 -45.05 10.75 47.69
C PRO J 321 -44.74 11.75 46.54
N ALA J 322 -43.65 12.48 46.62
CA ALA J 322 -43.25 13.39 45.52
C ALA J 322 -42.45 12.68 44.44
N SER J 323 -42.02 11.43 44.70
CA SER J 323 -41.29 10.70 43.77
C SER J 323 -42.07 10.35 42.51
N THR J 324 -41.35 10.26 41.39
CA THR J 324 -41.92 9.83 40.10
C THR J 324 -41.16 8.61 39.49
N ILE J 325 -40.18 8.87 38.63
CA ILE J 325 -39.42 7.84 37.91
C ILE J 325 -38.03 7.65 38.48
N LEU J 326 -37.38 6.58 38.09
CA LEU J 326 -36.12 6.22 38.68
C LEU J 326 -35.07 5.80 37.77
N GLU J 327 -33.94 6.49 37.83
CA GLU J 327 -32.78 6.17 36.96
C GLU J 327 -32.33 4.71 37.08
N TYR J 328 -31.97 4.14 35.96
CA TYR J 328 -31.43 2.76 35.92
C TYR J 328 -30.10 2.73 35.19
N ILE J 329 -29.10 2.21 35.86
CA ILE J 329 -27.81 1.85 35.38
C ILE J 329 -27.43 0.53 36.08
N PRO J 330 -27.17 -0.51 35.30
CA PRO J 330 -27.11 -1.86 35.89
C PRO J 330 -25.72 -2.29 36.33
N TRP J 331 -24.80 -1.36 36.55
CA TRP J 331 -23.40 -1.71 36.73
C TRP J 331 -23.12 -2.55 37.94
N ILE J 332 -23.74 -2.28 39.09
CA ILE J 332 -23.28 -2.87 40.29
C ILE J 332 -24.26 -3.83 40.92
N LYS J 333 -25.46 -3.91 40.35
CA LYS J 333 -26.62 -4.56 40.99
C LYS J 333 -26.29 -6.02 41.45
N ASP J 334 -25.57 -6.72 40.59
CA ASP J 334 -25.34 -8.14 40.79
C ASP J 334 -24.35 -8.37 41.92
N HIS J 335 -23.80 -7.29 42.49
CA HIS J 335 -22.94 -7.39 43.65
C HIS J 335 -23.60 -7.26 44.97
N PHE J 336 -24.94 -7.18 44.97
CA PHE J 336 -25.67 -7.01 46.21
C PHE J 336 -26.53 -8.21 46.58
N GLU J 337 -26.74 -8.41 47.85
CA GLU J 337 -27.65 -9.48 48.31
C GLU J 337 -29.06 -9.35 47.74
N GLU J 338 -29.58 -8.09 47.67
CA GLU J 338 -30.78 -7.80 46.85
C GLU J 338 -30.53 -6.79 45.72
N PRO J 339 -30.20 -7.26 44.51
CA PRO J 339 -30.03 -6.46 43.32
C PRO J 339 -31.33 -5.75 43.04
N ILE J 340 -31.24 -4.50 42.62
CA ILE J 340 -32.39 -3.94 41.93
C ILE J 340 -32.65 -4.75 40.72
N HIS J 341 -33.87 -4.63 40.25
CA HIS J 341 -34.33 -5.35 39.07
C HIS J 341 -35.42 -4.60 38.36
N VAL J 342 -35.28 -4.47 37.06
CA VAL J 342 -36.20 -3.84 36.19
C VAL J 342 -36.67 -4.82 35.13
N ARG J 343 -37.97 -4.90 35.02
CA ARG J 343 -38.67 -5.76 34.11
C ARG J 343 -39.73 -4.89 33.41
N ASP J 344 -39.76 -4.91 32.09
CA ASP J 344 -40.78 -4.17 31.34
C ASP J 344 -40.78 -2.68 31.76
N GLY J 345 -39.61 -2.12 32.00
CA GLY J 345 -39.50 -0.72 32.43
C GLY J 345 -40.04 -0.36 33.78
N VAL J 346 -40.22 -1.35 34.68
CA VAL J 346 -40.64 -1.11 36.06
C VAL J 346 -39.71 -1.76 37.06
N TYR J 347 -39.32 -1.04 38.09
CA TYR J 347 -38.55 -1.58 39.20
C TYR J 347 -39.36 -2.54 40.03
N LYS J 348 -38.74 -3.65 40.36
CA LYS J 348 -39.25 -4.56 41.32
C LYS J 348 -39.24 -3.91 42.69
N ARG J 349 -40.27 -4.13 43.47
CA ARG J 349 -40.30 -3.62 44.81
C ARG J 349 -39.46 -4.48 45.75
N PRO J 350 -38.48 -3.89 46.46
CA PRO J 350 -37.62 -4.69 47.31
C PRO J 350 -38.42 -5.47 48.35
N GLU J 351 -37.85 -6.61 48.79
CA GLU J 351 -38.47 -7.43 49.87
C GLU J 351 -37.66 -7.74 51.10
N GLN J 352 -36.32 -7.70 51.02
CA GLN J 352 -35.54 -8.11 52.17
C GLN J 352 -35.47 -7.01 53.17
N PRO J 353 -35.24 -7.35 54.43
CA PRO J 353 -35.07 -6.36 55.45
C PRO J 353 -33.86 -5.46 55.10
N GLY J 354 -33.97 -4.18 55.42
CA GLY J 354 -32.85 -3.20 55.24
C GLY J 354 -33.07 -2.31 54.01
N ALA J 355 -31.98 -1.74 53.50
CA ALA J 355 -32.00 -0.66 52.47
C ALA J 355 -31.34 -1.18 51.22
N SER J 356 -31.26 -2.53 51.12
CA SER J 356 -30.54 -3.19 50.04
C SER J 356 -29.18 -2.61 49.69
N THR J 357 -28.41 -2.42 50.69
CA THR J 357 -27.05 -1.91 50.52
C THR J 357 -26.00 -2.96 50.90
N THR J 358 -26.44 -4.16 51.28
CA THR J 358 -25.50 -5.25 51.74
C THR J 358 -24.86 -5.89 50.50
N PRO J 359 -23.54 -5.76 50.31
CA PRO J 359 -22.87 -6.41 49.18
C PRO J 359 -22.63 -7.89 49.44
N LEU J 360 -22.42 -8.66 48.41
CA LEU J 360 -22.07 -10.11 48.61
C LEU J 360 -20.70 -10.22 49.21
N ALA J 361 -20.51 -11.18 50.10
CA ALA J 361 -19.22 -11.40 50.66
C ALA J 361 -18.22 -11.66 49.55
N GLU J 362 -18.57 -12.40 48.47
CA GLU J 362 -17.59 -12.71 47.43
C GLU J 362 -17.13 -11.42 46.69
N SER J 363 -17.96 -10.39 46.66
N SER J 363 -17.98 -10.40 46.70
CA SER J 363 -17.60 -9.23 45.87
CA SER J 363 -17.69 -9.19 45.93
C SER J 363 -16.56 -8.37 46.60
C SER J 363 -16.59 -8.38 46.60
N PHE J 364 -16.59 -8.31 47.92
CA PHE J 364 -15.43 -7.75 48.70
C PHE J 364 -14.15 -8.48 48.38
N THR J 365 -14.23 -9.81 48.45
CA THR J 365 -13.08 -10.61 48.11
C THR J 365 -12.47 -10.30 46.81
N ARG J 366 -13.25 -10.32 45.77
CA ARG J 366 -12.73 -10.12 44.46
C ARG J 366 -12.44 -8.62 44.11
N TYR J 367 -13.25 -7.70 44.62
CA TYR J 367 -13.18 -6.28 44.15
C TYR J 367 -12.89 -5.27 45.25
N GLY J 368 -12.70 -5.75 46.44
CA GLY J 368 -12.27 -4.96 47.59
C GLY J 368 -10.87 -4.33 47.36
N LYS J 369 -10.70 -3.12 47.87
CA LYS J 369 -9.41 -2.45 47.92
C LYS J 369 -9.03 -2.20 49.32
N ALA J 370 -7.77 -2.32 49.64
CA ALA J 370 -7.36 -2.00 51.02
C ALA J 370 -7.56 -0.49 51.29
N VAL J 371 -8.02 -0.17 52.48
CA VAL J 371 -8.30 1.21 52.86
C VAL J 371 -7.04 1.94 53.28
N LYS J 372 -5.97 1.19 53.47
CA LYS J 372 -4.70 1.75 53.97
C LYS J 372 -3.54 1.17 53.20
N MET K 1 77.23 -24.31 -25.04
CA MET K 1 78.39 -23.61 -25.70
C MET K 1 77.97 -22.17 -25.88
N LYS K 2 78.96 -21.30 -26.07
CA LYS K 2 78.72 -19.86 -26.15
C LYS K 2 78.01 -19.35 -27.39
N ILE K 3 77.06 -18.46 -27.14
CA ILE K 3 76.29 -17.83 -28.17
C ILE K 3 77.19 -16.76 -28.82
N THR K 4 77.32 -16.79 -30.13
CA THR K 4 78.27 -15.93 -30.88
C THR K 4 77.54 -14.99 -31.77
N ALA K 5 76.31 -15.33 -32.13
CA ALA K 5 75.51 -14.43 -32.92
C ALA K 5 74.00 -14.65 -32.72
N VAL K 6 73.24 -13.61 -32.97
CA VAL K 6 71.79 -13.63 -32.87
C VAL K 6 71.27 -12.80 -34.00
N GLU K 7 70.63 -13.42 -34.98
CA GLU K 7 70.22 -12.70 -36.19
C GLU K 7 68.74 -12.83 -36.42
N PRO K 8 68.01 -11.74 -36.27
CA PRO K 8 66.59 -11.84 -36.53
C PRO K 8 66.20 -11.94 -37.95
N PHE K 9 65.05 -12.52 -38.23
CA PHE K 9 64.55 -12.58 -39.57
C PHE K 9 63.02 -12.52 -39.63
N ILE K 10 62.51 -12.17 -40.80
CA ILE K 10 61.11 -12.15 -41.11
C ILE K 10 60.91 -12.87 -42.42
N LEU K 11 59.99 -13.84 -42.44
CA LEU K 11 59.49 -14.44 -43.70
C LEU K 11 58.03 -14.09 -43.83
N HIS K 12 57.59 -13.70 -45.02
CA HIS K 12 56.18 -13.62 -45.34
C HIS K 12 55.76 -14.67 -46.37
N LEU K 13 55.02 -15.65 -45.90
CA LEU K 13 54.71 -16.84 -46.73
C LEU K 13 53.28 -16.84 -47.18
N PRO K 14 53.04 -17.17 -48.46
CA PRO K 14 51.66 -17.23 -48.94
C PRO K 14 50.87 -18.41 -48.39
N LEU K 15 49.56 -18.29 -48.53
CA LEU K 15 48.58 -19.22 -48.01
C LEU K 15 47.95 -20.14 -49.10
N THR K 16 47.07 -21.07 -48.69
CA THR K 16 46.28 -21.96 -49.60
C THR K 16 45.35 -21.18 -50.52
N SER K 17 44.97 -19.99 -50.10
CA SER K 17 44.11 -19.13 -50.87
C SER K 17 44.80 -17.74 -50.91
N GLU K 18 44.40 -16.93 -51.87
CA GLU K 18 44.84 -15.56 -51.98
C GLU K 18 44.54 -14.81 -50.67
N SER K 19 43.34 -14.99 -50.13
CA SER K 19 43.00 -14.40 -48.81
C SER K 19 42.20 -15.43 -48.01
N ILE K 20 42.41 -15.47 -46.68
CA ILE K 20 41.44 -16.18 -45.84
C ILE K 20 41.03 -15.29 -44.68
N SER K 21 39.82 -15.57 -44.21
CA SER K 21 39.25 -14.87 -43.05
C SER K 21 38.74 -15.81 -41.98
N ASP K 22 38.89 -15.37 -40.71
CA ASP K 22 38.04 -15.91 -39.62
C ASP K 22 37.05 -14.85 -39.21
N SER K 23 36.47 -14.95 -38.02
CA SER K 23 35.46 -13.96 -37.56
C SER K 23 36.03 -12.55 -37.40
N THR K 24 37.35 -12.43 -37.23
CA THR K 24 38.00 -11.16 -36.78
C THR K 24 39.11 -10.60 -37.76
N HIS K 25 39.78 -11.50 -38.44
CA HIS K 25 40.93 -11.19 -39.27
C HIS K 25 40.70 -11.71 -40.72
N SER K 26 41.33 -10.99 -41.66
CA SER K 26 41.56 -11.37 -43.06
C SER K 26 43.05 -11.19 -43.34
N ILE K 27 43.69 -12.22 -43.90
CA ILE K 27 45.13 -12.24 -44.17
C ILE K 27 45.43 -12.86 -45.54
N THR K 28 46.60 -12.50 -46.09
CA THR K 28 47.10 -13.04 -47.36
C THR K 28 48.43 -13.71 -47.18
N HIS K 29 49.14 -13.46 -46.06
CA HIS K 29 50.44 -14.04 -45.79
C HIS K 29 50.53 -14.43 -44.33
N TRP K 30 51.37 -15.43 -44.06
CA TRP K 30 51.68 -15.81 -42.69
C TRP K 30 53.07 -15.30 -42.42
N GLY K 31 53.25 -14.67 -41.27
CA GLY K 31 54.53 -14.15 -40.88
C GLY K 31 55.29 -15.08 -39.94
N VAL K 32 56.50 -15.45 -40.34
CA VAL K 32 57.37 -16.23 -39.55
C VAL K 32 58.46 -15.29 -39.15
N VAL K 33 58.46 -14.92 -37.86
CA VAL K 33 59.21 -13.84 -37.37
C VAL K 33 60.03 -14.34 -36.24
N GLY K 34 61.34 -14.34 -36.42
CA GLY K 34 62.18 -14.93 -35.45
C GLY K 34 63.65 -14.64 -35.42
N ALA K 35 64.39 -15.59 -34.89
CA ALA K 35 65.81 -15.41 -34.64
C ALA K 35 66.58 -16.67 -34.99
N LYS K 36 67.75 -16.47 -35.58
CA LYS K 36 68.72 -17.52 -35.73
C LYS K 36 69.82 -17.22 -34.79
N ILE K 37 70.09 -18.14 -33.89
CA ILE K 37 71.13 -18.03 -32.92
C ILE K 37 72.24 -19.02 -33.22
N THR K 38 73.48 -18.52 -33.26
CA THR K 38 74.66 -19.39 -33.60
C THR K 38 75.47 -19.52 -32.37
N THR K 39 76.03 -20.70 -32.12
CA THR K 39 76.90 -20.92 -31.06
C THR K 39 78.37 -21.21 -31.54
N SER K 40 79.26 -21.28 -30.58
CA SER K 40 80.70 -21.35 -30.89
C SER K 40 81.07 -22.66 -31.60
N ASP K 41 80.24 -23.69 -31.46
CA ASP K 41 80.45 -24.94 -32.14
C ASP K 41 79.85 -25.05 -33.53
N GLY K 42 79.40 -23.93 -34.08
CA GLY K 42 78.86 -23.88 -35.41
C GLY K 42 77.44 -24.33 -35.52
N ILE K 43 76.82 -24.72 -34.43
CA ILE K 43 75.37 -25.03 -34.50
C ILE K 43 74.54 -23.77 -34.61
N GLU K 44 73.50 -23.86 -35.44
CA GLU K 44 72.62 -22.74 -35.70
C GLU K 44 71.16 -23.16 -35.30
N GLY K 45 70.60 -22.44 -34.34
CA GLY K 45 69.24 -22.69 -33.85
C GLY K 45 68.27 -21.67 -34.39
N TYR K 46 67.04 -22.13 -34.61
CA TYR K 46 66.02 -21.27 -35.12
C TYR K 46 64.78 -21.31 -34.24
N GLY K 47 64.17 -20.16 -34.02
CA GLY K 47 62.86 -20.11 -33.36
C GLY K 47 62.12 -18.92 -33.87
N PHE K 48 60.81 -18.93 -33.78
CA PHE K 48 60.01 -17.87 -34.30
C PHE K 48 58.62 -17.82 -33.70
N THR K 49 58.02 -16.66 -33.86
CA THR K 49 56.63 -16.46 -33.55
C THR K 49 55.87 -16.45 -34.83
N GLY K 50 54.55 -16.28 -34.74
CA GLY K 50 53.66 -16.37 -35.88
C GLY K 50 52.82 -15.12 -35.91
N THR K 51 52.88 -14.40 -37.00
CA THR K 51 52.17 -13.16 -37.13
C THR K 51 51.32 -13.15 -38.33
N HIS K 52 50.52 -12.12 -38.43
CA HIS K 52 49.69 -11.91 -39.57
C HIS K 52 50.43 -11.09 -40.69
N ALA K 53 51.73 -11.07 -40.62
CA ALA K 53 52.61 -10.50 -41.64
C ALA K 53 52.30 -9.06 -41.91
N HIS K 54 52.20 -8.30 -40.82
CA HIS K 54 52.12 -6.84 -40.90
C HIS K 54 53.50 -6.32 -40.65
N LEU K 55 54.19 -5.92 -41.71
CA LEU K 55 55.62 -5.64 -41.62
C LEU K 55 56.02 -4.71 -40.50
N PRO K 56 55.26 -3.65 -40.30
CA PRO K 56 55.77 -2.68 -39.33
C PRO K 56 55.77 -3.25 -37.93
N SER K 57 54.79 -4.11 -37.59
CA SER K 57 54.85 -4.71 -36.25
C SER K 57 55.76 -5.92 -36.17
N ASP K 58 55.92 -6.64 -37.30
CA ASP K 58 56.93 -7.70 -37.36
C ASP K 58 58.29 -7.18 -36.95
N ARG K 59 58.61 -5.98 -37.43
CA ARG K 59 59.87 -5.37 -37.13
C ARG K 59 60.01 -4.91 -35.70
N LEU K 60 58.89 -4.66 -35.03
CA LEU K 60 58.98 -4.45 -33.57
C LEU K 60 59.52 -5.69 -32.87
N ILE K 61 59.03 -6.86 -33.28
CA ILE K 61 59.52 -8.13 -32.73
C ILE K 61 60.98 -8.32 -33.05
N THR K 62 61.39 -8.16 -34.31
CA THR K 62 62.82 -8.39 -34.61
C THR K 62 63.73 -7.36 -33.95
N SER K 63 63.27 -6.12 -33.80
CA SER K 63 64.07 -5.11 -33.05
C SER K 63 64.18 -5.39 -31.60
N CYS K 64 63.16 -6.00 -30.96
CA CYS K 64 63.29 -6.41 -29.60
C CYS K 64 64.38 -7.50 -29.56
N ILE K 65 64.35 -8.42 -30.53
CA ILE K 65 65.34 -9.51 -30.53
C ILE K 65 66.76 -8.93 -30.62
N SER K 66 67.01 -8.10 -31.62
CA SER K 66 68.37 -7.62 -31.84
C SER K 66 68.79 -6.57 -30.86
N ASP K 67 67.91 -5.66 -30.46
CA ASP K 67 68.36 -4.44 -29.69
C ASP K 67 68.17 -4.62 -28.21
N CYS K 68 67.20 -5.46 -27.82
CA CYS K 68 66.92 -5.68 -26.42
C CYS K 68 67.50 -6.94 -25.88
N TYR K 69 67.28 -8.04 -26.57
CA TYR K 69 67.69 -9.34 -26.06
C TYR K 69 69.13 -9.81 -26.46
N ALA K 70 69.53 -9.54 -27.68
CA ALA K 70 70.84 -9.96 -28.15
C ALA K 70 71.96 -9.60 -27.24
N PRO K 71 71.95 -8.38 -26.69
CA PRO K 71 73.02 -8.10 -25.75
C PRO K 71 73.03 -8.92 -24.50
N LEU K 72 71.89 -9.49 -24.11
CA LEU K 72 71.83 -10.32 -22.94
C LEU K 72 72.19 -11.77 -23.22
N LEU K 73 72.23 -12.12 -24.53
CA LEU K 73 72.53 -13.48 -25.02
C LEU K 73 74.00 -13.66 -25.47
N LEU K 74 74.57 -12.66 -26.13
CA LEU K 74 75.94 -12.82 -26.62
C LEU K 74 76.89 -13.18 -25.51
N GLY K 75 77.65 -14.24 -25.74
CA GLY K 75 78.65 -14.68 -24.75
C GLY K 75 78.11 -15.59 -23.67
N GLU K 76 76.79 -15.81 -23.64
CA GLU K 76 76.20 -16.74 -22.67
C GLU K 76 76.22 -18.20 -23.18
N ASP K 77 76.23 -19.15 -22.26
CA ASP K 77 76.12 -20.57 -22.64
C ASP K 77 74.68 -20.89 -23.03
N ALA K 78 74.49 -21.26 -24.30
CA ALA K 78 73.20 -21.58 -24.88
C ALA K 78 72.49 -22.75 -24.19
N SER K 79 73.27 -23.61 -23.58
CA SER K 79 72.82 -24.72 -22.80
C SER K 79 71.81 -24.33 -21.68
N ASP K 80 72.12 -23.23 -21.04
CA ASP K 80 71.40 -22.70 -19.90
C ASP K 80 70.03 -22.04 -20.24
N HIS K 81 69.19 -22.73 -20.98
CA HIS K 81 67.99 -22.15 -21.51
C HIS K 81 67.03 -21.72 -20.37
N SER K 82 67.00 -22.41 -19.22
CA SER K 82 66.11 -21.98 -18.11
C SER K 82 66.59 -20.72 -17.44
N ARG K 83 67.88 -20.67 -17.10
CA ARG K 83 68.47 -19.45 -16.56
C ARG K 83 68.28 -18.27 -17.53
N LEU K 84 68.55 -18.49 -18.81
CA LEU K 84 68.41 -17.44 -19.82
C LEU K 84 66.97 -16.99 -20.03
N TRP K 85 66.03 -17.90 -19.84
CA TRP K 85 64.59 -17.53 -19.93
C TRP K 85 64.27 -16.41 -18.95
N THR K 86 64.65 -16.61 -17.73
CA THR K 86 64.45 -15.64 -16.66
C THR K 86 65.22 -14.37 -16.89
N LYS K 87 66.49 -14.55 -17.30
CA LYS K 87 67.35 -13.40 -17.56
C LYS K 87 66.70 -12.43 -18.55
N LEU K 88 66.08 -12.95 -19.60
CA LEU K 88 65.46 -12.07 -20.59
C LEU K 88 64.08 -11.64 -20.12
N ALA K 89 63.27 -12.62 -19.69
CA ALA K 89 61.87 -12.33 -19.46
C ALA K 89 61.74 -11.34 -18.30
N ARG K 90 62.60 -11.46 -17.31
CA ARG K 90 62.51 -10.68 -16.10
C ARG K 90 63.61 -9.58 -15.99
N TYR K 91 64.30 -9.27 -17.09
CA TYR K 91 65.20 -8.12 -17.12
C TYR K 91 64.37 -6.86 -16.80
N PRO K 92 64.74 -6.16 -15.75
CA PRO K 92 63.78 -5.22 -15.18
C PRO K 92 63.16 -4.18 -16.08
N SER K 93 63.97 -3.47 -16.86
CA SER K 93 63.43 -2.44 -17.67
C SER K 93 62.63 -2.97 -18.83
N LEU K 94 62.87 -4.22 -19.23
CA LEU K 94 62.06 -4.82 -20.31
C LEU K 94 60.76 -5.43 -19.74
N GLN K 95 60.87 -6.05 -18.56
CA GLN K 95 59.66 -6.51 -17.88
C GLN K 95 58.68 -5.33 -17.66
N TRP K 96 59.23 -4.15 -17.38
CA TRP K 96 58.40 -2.97 -17.24
C TRP K 96 57.49 -2.67 -18.42
N VAL K 97 57.94 -2.92 -19.65
CA VAL K 97 57.15 -2.72 -20.80
C VAL K 97 56.67 -4.05 -21.40
N GLY K 98 56.63 -5.06 -20.54
CA GLY K 98 56.49 -6.45 -21.03
C GLY K 98 55.46 -7.26 -20.24
N ARG K 99 55.83 -8.51 -19.99
CA ARG K 99 54.97 -9.57 -19.42
C ARG K 99 54.01 -10.14 -20.37
N ALA K 100 53.89 -9.54 -21.54
CA ALA K 100 52.90 -9.81 -22.54
C ALA K 100 53.21 -9.02 -23.78
N GLY K 101 52.61 -9.36 -24.90
CA GLY K 101 52.74 -8.59 -26.14
C GLY K 101 54.10 -8.76 -26.80
N ILE K 102 54.57 -7.72 -27.49
CA ILE K 102 55.79 -7.77 -28.28
C ILE K 102 56.97 -8.38 -27.57
N THR K 103 57.29 -7.96 -26.36
CA THR K 103 58.47 -8.49 -25.68
C THR K 103 58.38 -9.97 -25.44
N HIS K 104 57.16 -10.47 -25.21
CA HIS K 104 56.98 -11.89 -24.92
C HIS K 104 57.09 -12.68 -26.22
N LEU K 105 56.58 -12.13 -27.32
CA LEU K 105 56.63 -12.82 -28.59
C LEU K 105 58.08 -12.97 -29.04
N ALA K 106 58.89 -11.95 -28.78
CA ALA K 106 60.32 -12.01 -29.09
C ALA K 106 61.02 -13.01 -28.23
N LEU K 107 60.62 -13.08 -26.96
CA LEU K 107 61.17 -14.03 -26.03
C LEU K 107 60.90 -15.48 -26.50
N ALA K 108 59.69 -15.70 -26.97
CA ALA K 108 59.24 -17.02 -27.52
C ALA K 108 60.24 -17.43 -28.61
N ALA K 109 60.51 -16.51 -29.52
CA ALA K 109 61.45 -16.85 -30.64
C ALA K 109 62.85 -17.29 -30.09
N VAL K 110 63.42 -16.53 -29.19
CA VAL K 110 64.69 -16.82 -28.60
C VAL K 110 64.69 -18.17 -27.89
N ASP K 111 63.68 -18.41 -27.06
CA ASP K 111 63.60 -19.67 -26.37
C ASP K 111 63.52 -20.89 -27.27
N VAL K 112 62.69 -20.85 -28.28
CA VAL K 112 62.57 -21.96 -29.26
C VAL K 112 63.95 -22.18 -29.92
N ALA K 113 64.64 -21.11 -30.26
CA ALA K 113 65.97 -21.28 -30.90
C ALA K 113 66.92 -21.95 -29.95
N LEU K 114 66.87 -21.64 -28.68
CA LEU K 114 67.74 -22.29 -27.76
C LEU K 114 67.46 -23.82 -27.52
N TRP K 115 66.17 -24.15 -27.51
CA TRP K 115 65.79 -25.57 -27.50
C TRP K 115 66.17 -26.26 -28.85
N ASP K 116 66.04 -25.58 -29.97
CA ASP K 116 66.49 -26.17 -31.26
C ASP K 116 67.96 -26.51 -31.21
N ILE K 117 68.76 -25.62 -30.70
CA ILE K 117 70.18 -25.88 -30.46
C ILE K 117 70.43 -27.05 -29.49
N LYS K 118 69.71 -27.11 -28.37
CA LYS K 118 69.91 -28.17 -27.41
C LYS K 118 69.71 -29.53 -28.09
N ALA K 119 68.63 -29.67 -28.84
CA ALA K 119 68.28 -30.97 -29.46
C ALA K 119 69.28 -31.27 -30.63
N LYS K 120 69.57 -30.23 -31.39
CA LYS K 120 70.63 -30.36 -32.47
C LYS K 120 71.98 -30.82 -31.91
N LYS K 121 72.42 -30.20 -30.84
CA LYS K 121 73.63 -30.62 -30.17
C LYS K 121 73.63 -32.08 -29.67
N ALA K 122 72.47 -32.53 -29.18
CA ALA K 122 72.31 -33.91 -28.74
C ALA K 122 72.17 -34.86 -29.91
N GLY K 123 71.89 -34.33 -31.09
CA GLY K 123 71.80 -35.07 -32.26
C GLY K 123 70.52 -35.80 -32.41
N VAL K 124 69.45 -35.31 -31.78
CA VAL K 124 68.13 -35.99 -31.84
C VAL K 124 66.95 -35.02 -32.07
N PRO K 125 65.82 -35.53 -32.59
CA PRO K 125 64.65 -34.66 -32.65
C PRO K 125 64.18 -34.31 -31.22
N LEU K 126 63.59 -33.12 -31.10
CA LEU K 126 63.13 -32.64 -29.80
C LEU K 126 62.25 -33.63 -29.03
N TRP K 127 61.31 -34.26 -29.66
CA TRP K 127 60.41 -35.23 -28.90
C TRP K 127 61.21 -36.33 -28.23
N HIS K 128 62.30 -36.81 -28.89
CA HIS K 128 63.14 -37.83 -28.33
C HIS K 128 64.01 -37.24 -27.25
N TYR K 129 64.57 -36.04 -27.49
CA TYR K 129 65.35 -35.33 -26.47
C TYR K 129 64.61 -35.27 -25.11
N LEU K 130 63.35 -34.89 -25.16
CA LEU K 130 62.53 -34.58 -23.97
C LEU K 130 62.11 -35.83 -23.21
N GLY K 131 62.25 -37.01 -23.84
CA GLY K 131 62.08 -38.30 -23.16
C GLY K 131 61.30 -39.38 -23.85
N GLY K 132 61.02 -39.19 -25.14
CA GLY K 132 60.44 -40.21 -25.99
C GLY K 132 58.96 -40.07 -26.22
N ALA K 133 58.41 -41.03 -26.99
CA ALA K 133 57.07 -40.82 -27.55
C ALA K 133 55.98 -41.34 -26.64
N ARG K 134 54.93 -40.54 -26.48
CA ARG K 134 53.77 -40.99 -25.65
C ARG K 134 52.72 -41.67 -26.50
N THR K 135 52.84 -41.60 -27.82
CA THR K 135 51.91 -42.26 -28.73
C THR K 135 52.67 -42.76 -29.95
N ALA K 136 52.11 -43.75 -30.64
CA ALA K 136 52.68 -44.17 -31.95
C ALA K 136 52.22 -43.32 -33.10
N GLY K 137 51.17 -42.52 -32.90
CA GLY K 137 50.70 -41.66 -33.92
C GLY K 137 49.83 -40.49 -33.41
N VAL K 138 50.28 -39.28 -33.66
CA VAL K 138 49.50 -38.05 -33.30
C VAL K 138 48.51 -37.75 -34.41
N GLU K 139 47.23 -37.75 -34.09
CA GLU K 139 46.19 -37.53 -35.04
C GLU K 139 46.08 -36.05 -35.31
N ALA K 140 45.82 -35.70 -36.58
CA ALA K 140 45.63 -34.36 -37.05
C ALA K 140 44.20 -33.96 -37.22
N TYR K 141 43.91 -32.67 -37.07
CA TYR K 141 42.69 -32.14 -37.52
C TYR K 141 42.89 -31.02 -38.43
N ASN K 142 42.00 -30.89 -39.39
CA ASN K 142 42.21 -29.95 -40.50
C ASN K 142 41.42 -28.68 -40.30
N THR K 143 42.10 -27.58 -40.17
CA THR K 143 41.54 -26.22 -39.97
C THR K 143 41.44 -25.54 -41.31
N ASP K 144 42.30 -25.93 -42.27
CA ASP K 144 42.46 -25.15 -43.51
C ASP K 144 41.25 -25.26 -44.43
N ILE K 145 40.38 -26.19 -44.18
CA ILE K 145 39.11 -26.29 -44.92
C ILE K 145 37.97 -25.47 -44.37
N GLY K 146 38.20 -24.81 -43.24
CA GLY K 146 37.09 -24.31 -42.46
C GLY K 146 36.94 -22.80 -42.33
N TRP K 147 37.72 -22.05 -43.11
CA TRP K 147 37.70 -20.57 -43.03
C TRP K 147 36.33 -19.97 -43.24
N LEU K 148 36.04 -18.92 -42.47
CA LEU K 148 34.76 -18.25 -42.51
C LEU K 148 34.55 -17.51 -43.83
N SER K 149 35.64 -17.22 -44.53
CA SER K 149 35.62 -16.58 -45.88
C SER K 149 35.11 -17.55 -46.91
N PHE K 150 35.07 -18.86 -46.65
CA PHE K 150 34.52 -19.79 -47.63
C PHE K 150 32.99 -19.63 -47.77
N THR K 151 32.52 -19.58 -49.01
CA THR K 151 31.14 -19.75 -49.23
C THR K 151 30.73 -21.15 -48.74
N LEU K 152 29.44 -21.35 -48.53
CA LEU K 152 28.92 -22.66 -48.11
C LEU K 152 29.35 -23.75 -49.09
N GLU K 153 29.26 -23.45 -50.38
CA GLU K 153 29.66 -24.43 -51.40
C GLU K 153 31.12 -24.85 -51.21
N ASP K 154 32.02 -23.89 -51.05
CA ASP K 154 33.43 -24.20 -50.90
C ASP K 154 33.74 -24.86 -49.53
N LEU K 155 33.04 -24.43 -48.50
CA LEU K 155 33.18 -25.09 -47.18
C LEU K 155 32.86 -26.60 -47.32
N LEU K 156 31.72 -26.89 -47.93
CA LEU K 156 31.27 -28.25 -48.15
C LEU K 156 32.25 -29.03 -48.99
N ALA K 157 32.73 -28.40 -50.07
CA ALA K 157 33.66 -29.12 -51.03
C ALA K 157 34.95 -29.54 -50.38
N GLY K 158 35.64 -28.56 -49.77
CA GLY K 158 36.89 -28.80 -49.05
C GLY K 158 36.77 -29.74 -47.87
N SER K 159 35.71 -29.61 -47.07
CA SER K 159 35.50 -30.57 -45.97
C SER K 159 35.34 -31.95 -46.54
N ALA K 160 34.52 -32.08 -47.58
CA ALA K 160 34.30 -33.42 -48.16
C ALA K 160 35.60 -33.98 -48.74
N ARG K 161 36.41 -33.13 -49.35
CA ARG K 161 37.68 -33.60 -49.88
C ARG K 161 38.65 -34.06 -48.79
N ALA K 162 38.70 -33.31 -47.68
CA ALA K 162 39.63 -33.64 -46.61
C ALA K 162 39.31 -35.00 -46.08
N VAL K 163 38.03 -35.26 -45.97
CA VAL K 163 37.54 -36.50 -45.37
C VAL K 163 37.61 -37.68 -46.39
N GLU K 164 37.05 -37.43 -47.56
CA GLU K 164 36.86 -38.49 -48.58
C GLU K 164 38.08 -38.78 -49.43
N GLU K 165 38.94 -37.81 -49.62
CA GLU K 165 40.14 -38.01 -50.38
C GLU K 165 41.39 -38.06 -49.55
N ASP K 166 41.52 -37.19 -48.54
CA ASP K 166 42.77 -37.11 -47.77
C ASP K 166 42.86 -37.81 -46.43
N GLY K 167 41.80 -38.49 -46.04
CA GLY K 167 41.85 -39.36 -44.94
C GLY K 167 41.71 -38.68 -43.55
N PHE K 168 41.24 -37.44 -43.53
CA PHE K 168 40.99 -36.76 -42.25
C PHE K 168 39.68 -37.31 -41.65
N THR K 169 39.65 -37.47 -40.33
CA THR K 169 38.38 -37.78 -39.62
C THR K 169 38.11 -36.73 -38.48
N ARG K 170 38.82 -35.65 -38.55
CA ARG K 170 38.68 -34.47 -37.64
C ARG K 170 38.88 -33.20 -38.41
N LEU K 171 37.94 -32.30 -38.27
CA LEU K 171 37.97 -31.02 -38.88
C LEU K 171 37.75 -29.93 -37.80
N LYS K 172 38.11 -28.71 -38.17
CA LYS K 172 37.69 -27.54 -37.41
C LYS K 172 37.18 -26.46 -38.34
N ILE K 173 35.99 -25.95 -38.02
CA ILE K 173 35.33 -25.00 -38.85
C ILE K 173 35.16 -23.67 -38.11
N LYS K 174 35.44 -22.56 -38.77
CA LYS K 174 35.19 -21.21 -38.19
C LYS K 174 33.73 -20.86 -38.08
N VAL K 175 33.38 -20.17 -36.97
CA VAL K 175 32.10 -19.52 -36.84
C VAL K 175 32.37 -18.06 -36.47
N GLY K 176 31.32 -17.28 -36.44
CA GLY K 176 31.46 -15.87 -36.13
C GLY K 176 30.72 -14.92 -37.00
N HIS K 177 29.71 -15.36 -37.73
CA HIS K 177 28.86 -14.41 -38.40
C HIS K 177 28.16 -13.56 -37.35
N ASP K 178 27.66 -12.42 -37.74
CA ASP K 178 26.99 -11.55 -36.78
C ASP K 178 25.74 -12.24 -36.22
N ASP K 179 25.03 -12.97 -37.05
CA ASP K 179 23.92 -13.80 -36.65
C ASP K 179 24.39 -15.25 -36.63
N PRO K 180 24.57 -15.82 -35.44
CA PRO K 180 25.11 -17.18 -35.34
C PRO K 180 24.27 -18.29 -36.01
N ASN K 181 23.00 -18.00 -36.29
CA ASN K 181 22.14 -18.92 -36.96
C ASN K 181 22.66 -19.18 -38.39
N ILE K 182 23.42 -18.26 -38.94
CA ILE K 182 24.10 -18.56 -40.25
C ILE K 182 25.14 -19.66 -40.05
N ASP K 183 25.88 -19.59 -38.96
CA ASP K 183 26.83 -20.61 -38.59
C ASP K 183 26.15 -21.92 -38.29
N ILE K 184 24.99 -21.90 -37.64
CA ILE K 184 24.25 -23.15 -37.40
C ILE K 184 23.91 -23.82 -38.78
N ALA K 185 23.44 -22.98 -39.68
CA ALA K 185 23.16 -23.44 -41.05
C ALA K 185 24.35 -24.04 -41.75
N ARG K 186 25.49 -23.36 -41.75
CA ARG K 186 26.69 -23.89 -42.32
C ARG K 186 27.07 -25.24 -41.72
N LEU K 187 27.11 -25.31 -40.38
CA LEU K 187 27.47 -26.50 -39.71
C LEU K 187 26.51 -27.62 -39.93
N THR K 188 25.23 -27.28 -40.05
CA THR K 188 24.18 -28.28 -40.33
C THR K 188 24.43 -28.96 -41.71
N ALA K 189 24.76 -28.13 -42.68
CA ALA K 189 25.09 -28.54 -44.03
C ALA K 189 26.33 -29.44 -44.08
N VAL K 190 27.39 -29.09 -43.37
CA VAL K 190 28.59 -29.93 -43.29
C VAL K 190 28.27 -31.26 -42.67
N ARG K 191 27.48 -31.27 -41.59
CA ARG K 191 27.11 -32.51 -40.92
C ARG K 191 26.30 -33.50 -41.79
N GLU K 192 25.48 -32.93 -42.65
CA GLU K 192 24.68 -33.70 -43.60
C GLU K 192 25.56 -34.20 -44.74
N ARG K 193 26.62 -33.48 -45.06
CA ARG K 193 27.50 -33.80 -46.18
C ARG K 193 28.59 -34.82 -45.83
N VAL K 194 29.17 -34.78 -44.64
CA VAL K 194 30.19 -35.72 -44.31
C VAL K 194 29.69 -36.80 -43.37
N ASP K 195 30.48 -37.85 -43.30
CA ASP K 195 30.13 -39.03 -42.56
C ASP K 195 29.98 -38.66 -41.04
N SER K 196 29.05 -39.31 -40.30
CA SER K 196 28.79 -38.98 -38.90
C SER K 196 30.01 -39.26 -38.00
N ALA K 197 30.95 -40.11 -38.42
CA ALA K 197 32.14 -40.38 -37.64
C ALA K 197 33.21 -39.31 -37.76
N VAL K 198 32.96 -38.26 -38.54
CA VAL K 198 33.91 -37.11 -38.64
C VAL K 198 33.67 -36.23 -37.43
N ARG K 199 34.73 -35.96 -36.68
CA ARG K 199 34.63 -35.04 -35.52
C ARG K 199 34.76 -33.64 -36.06
N ILE K 200 33.95 -32.68 -35.59
CA ILE K 200 34.00 -31.37 -36.07
C ILE K 200 34.08 -30.43 -34.86
N ALA K 201 35.17 -29.72 -34.75
CA ALA K 201 35.31 -28.62 -33.75
C ALA K 201 34.99 -27.32 -34.40
N ILE K 202 34.74 -26.27 -33.61
CA ILE K 202 34.43 -24.95 -34.20
C ILE K 202 35.24 -23.89 -33.45
N ASP K 203 35.37 -22.73 -34.06
CA ASP K 203 36.27 -21.69 -33.54
C ASP K 203 35.69 -20.34 -33.86
N GLY K 204 35.32 -19.57 -32.80
CA GLY K 204 34.80 -18.25 -32.98
C GLY K 204 35.79 -17.07 -32.95
N ASN K 205 37.08 -17.34 -32.65
CA ASN K 205 38.10 -16.30 -32.54
C ASN K 205 37.65 -15.07 -31.76
N GLY K 206 36.92 -15.29 -30.67
CA GLY K 206 36.64 -14.22 -29.69
C GLY K 206 35.60 -13.24 -30.12
N LYS K 207 34.75 -13.59 -31.05
CA LYS K 207 33.86 -12.66 -31.69
C LYS K 207 32.63 -12.29 -30.86
N TRP K 208 32.07 -13.23 -30.13
CA TRP K 208 30.74 -13.08 -29.54
C TRP K 208 30.76 -12.82 -28.04
N ASP K 209 29.62 -12.35 -27.53
CA ASP K 209 29.48 -12.16 -26.13
C ASP K 209 28.76 -13.33 -25.46
N LEU K 210 28.66 -13.26 -24.13
CA LEU K 210 28.15 -14.36 -23.36
C LEU K 210 26.70 -14.79 -23.79
N PRO K 211 25.79 -13.82 -23.88
CA PRO K 211 24.43 -14.26 -24.15
C PRO K 211 24.32 -14.84 -25.59
N THR K 212 25.10 -14.30 -26.54
CA THR K 212 25.05 -14.83 -27.91
C THR K 212 25.54 -16.28 -27.90
N CYS K 213 26.64 -16.53 -27.20
CA CYS K 213 27.16 -17.90 -27.05
C CYS K 213 26.26 -18.89 -26.38
N GLN K 214 25.53 -18.45 -25.33
CA GLN K 214 24.59 -19.34 -24.65
C GLN K 214 23.51 -19.83 -25.67
N ARG K 215 23.00 -18.87 -26.44
CA ARG K 215 21.96 -19.19 -27.42
C ARG K 215 22.50 -20.11 -28.51
N PHE K 216 23.68 -19.75 -29.04
CA PHE K 216 24.32 -20.55 -30.11
C PHE K 216 24.57 -21.99 -29.63
N CYS K 217 25.14 -22.11 -28.44
CA CYS K 217 25.42 -23.44 -27.95
C CYS K 217 24.15 -24.30 -27.79
N ALA K 218 23.03 -23.72 -27.36
CA ALA K 218 21.84 -24.50 -27.23
C ALA K 218 21.34 -24.86 -28.62
N ALA K 219 21.46 -23.91 -29.55
CA ALA K 219 21.07 -24.22 -30.97
C ALA K 219 21.92 -25.32 -31.65
N ALA K 220 23.10 -25.58 -31.16
CA ALA K 220 24.06 -26.50 -31.75
C ALA K 220 24.07 -27.85 -31.04
N LYS K 221 23.09 -28.08 -30.17
CA LYS K 221 23.14 -29.28 -29.28
C LYS K 221 23.07 -30.58 -30.04
N ASP K 222 22.53 -30.57 -31.26
CA ASP K 222 22.39 -31.76 -32.08
C ASP K 222 23.48 -31.88 -33.14
N LEU K 223 24.44 -30.94 -33.22
CA LEU K 223 25.42 -30.96 -34.30
C LEU K 223 26.67 -31.72 -33.93
N ASP K 224 26.74 -32.30 -32.71
CA ASP K 224 27.91 -33.04 -32.20
C ASP K 224 29.19 -32.21 -32.41
N ILE K 225 29.25 -31.03 -31.80
CA ILE K 225 30.39 -30.17 -31.83
C ILE K 225 31.46 -30.63 -30.85
N TYR K 226 32.68 -30.91 -31.37
CA TYR K 226 33.74 -31.47 -30.56
C TYR K 226 34.26 -30.50 -29.45
N TRP K 227 34.49 -29.29 -29.87
CA TRP K 227 34.77 -28.15 -28.96
C TRP K 227 34.41 -26.85 -29.60
N PHE K 228 34.26 -25.82 -28.75
CA PHE K 228 34.01 -24.46 -29.16
C PHE K 228 35.19 -23.64 -28.71
N GLU K 229 36.05 -23.28 -29.68
CA GLU K 229 37.29 -22.56 -29.39
C GLU K 229 37.10 -21.02 -29.41
N GLU K 230 37.78 -20.38 -28.44
CA GLU K 230 37.70 -18.89 -28.24
C GLU K 230 36.29 -18.33 -28.47
N PRO K 231 35.31 -18.80 -27.64
CA PRO K 231 33.93 -18.33 -27.85
C PRO K 231 33.74 -16.84 -27.49
N LEU K 232 34.59 -16.33 -26.59
CA LEU K 232 34.34 -15.03 -25.93
C LEU K 232 35.61 -14.17 -25.94
N TRP K 233 35.51 -12.92 -25.47
CA TRP K 233 36.69 -12.06 -25.44
C TRP K 233 37.85 -12.73 -24.68
N TYR K 234 39.06 -12.64 -25.26
CA TYR K 234 40.20 -13.48 -24.85
C TYR K 234 40.62 -13.34 -23.40
N ASP K 235 40.45 -12.14 -22.85
CA ASP K 235 40.93 -11.89 -21.50
C ASP K 235 39.78 -11.94 -20.47
N ASP K 236 38.60 -12.37 -20.87
CA ASP K 236 37.42 -12.37 -19.97
C ASP K 236 37.21 -13.79 -19.40
N VAL K 237 37.74 -14.05 -18.24
CA VAL K 237 37.71 -15.40 -17.70
C VAL K 237 36.32 -15.73 -17.24
N THR K 238 35.69 -14.80 -16.55
CA THR K 238 34.37 -15.04 -16.03
C THR K 238 33.29 -15.44 -17.04
N SER K 239 33.23 -14.79 -18.19
CA SER K 239 32.23 -15.11 -19.18
C SER K 239 32.45 -16.56 -19.64
N HIS K 240 33.72 -16.96 -19.79
CA HIS K 240 33.98 -18.33 -20.26
C HIS K 240 33.54 -19.34 -19.16
N ALA K 241 33.81 -19.04 -17.89
CA ALA K 241 33.39 -19.91 -16.79
C ALA K 241 31.86 -20.07 -16.76
N ARG K 242 31.14 -18.97 -16.96
CA ARG K 242 29.68 -19.02 -17.02
C ARG K 242 29.16 -19.86 -18.21
N LEU K 243 29.76 -19.64 -19.36
CA LEU K 243 29.37 -20.39 -20.60
C LEU K 243 29.62 -21.87 -20.39
N ALA K 244 30.79 -22.22 -19.85
CA ALA K 244 31.17 -23.60 -19.70
C ALA K 244 30.19 -24.37 -18.81
N ARG K 245 29.64 -23.71 -17.79
CA ARG K 245 28.62 -24.31 -16.96
C ARG K 245 27.25 -24.37 -17.56
N ASN K 246 27.00 -23.62 -18.62
CA ASN K 246 25.67 -23.50 -19.22
C ASN K 246 25.43 -24.46 -20.41
N THR K 247 26.50 -25.12 -20.86
CA THR K 247 26.42 -25.98 -22.04
C THR K 247 27.23 -27.21 -21.78
N SER K 248 26.87 -28.28 -22.50
CA SER K 248 27.71 -29.45 -22.53
C SER K 248 28.85 -29.38 -23.62
N ILE K 249 28.79 -28.43 -24.55
CA ILE K 249 29.85 -28.29 -25.54
C ILE K 249 31.14 -27.88 -24.87
N PRO K 250 32.24 -28.63 -25.04
CA PRO K 250 33.50 -28.18 -24.40
C PRO K 250 34.04 -26.85 -24.94
N ILE K 251 34.64 -26.08 -24.04
CA ILE K 251 35.32 -24.84 -24.39
C ILE K 251 36.81 -25.08 -24.57
N ALA K 252 37.36 -24.54 -25.67
CA ALA K 252 38.80 -24.57 -25.94
C ALA K 252 39.33 -23.16 -26.02
N LEU K 253 40.49 -22.93 -25.47
CA LEU K 253 41.17 -21.67 -25.61
C LEU K 253 42.61 -21.78 -25.23
N GLY K 254 43.36 -20.75 -25.66
CA GLY K 254 44.70 -20.53 -25.22
C GLY K 254 45.64 -19.81 -26.22
N GLU K 255 45.27 -19.77 -27.47
CA GLU K 255 46.17 -19.27 -28.50
C GLU K 255 46.49 -17.81 -28.29
N GLN K 256 45.68 -17.11 -27.50
CA GLN K 256 45.91 -15.68 -27.26
C GLN K 256 46.48 -15.37 -25.89
N LEU K 257 46.70 -16.41 -25.08
CA LEU K 257 47.21 -16.22 -23.77
C LEU K 257 48.75 -16.18 -23.66
N TYR K 258 49.29 -15.11 -23.15
CA TYR K 258 50.73 -14.92 -23.11
C TYR K 258 51.44 -15.63 -21.99
N THR K 259 50.75 -15.99 -20.89
CA THR K 259 51.48 -16.40 -19.68
C THR K 259 50.85 -17.59 -18.99
N VAL K 260 51.65 -18.26 -18.19
CA VAL K 260 51.19 -19.33 -17.34
C VAL K 260 50.12 -18.82 -16.36
N ASP K 261 50.28 -17.60 -15.90
CA ASP K 261 49.28 -16.99 -15.04
C ASP K 261 47.91 -16.95 -15.67
N ALA K 262 47.86 -16.57 -16.94
CA ALA K 262 46.61 -16.47 -17.64
C ALA K 262 45.98 -17.84 -17.76
N PHE K 263 46.77 -18.84 -18.17
CA PHE K 263 46.28 -20.22 -18.22
C PHE K 263 45.76 -20.72 -16.88
N ARG K 264 46.52 -20.47 -15.81
CA ARG K 264 46.05 -20.89 -14.47
C ARG K 264 44.71 -20.24 -14.12
N SER K 265 44.56 -18.96 -14.41
CA SER K 265 43.27 -18.26 -14.18
C SER K 265 42.09 -18.97 -14.85
N PHE K 266 42.23 -19.28 -16.15
CA PHE K 266 41.18 -19.90 -16.91
C PHE K 266 40.96 -21.33 -16.41
N ILE K 267 42.01 -22.06 -16.19
CA ILE K 267 41.87 -23.43 -15.80
C ILE K 267 41.22 -23.59 -14.42
N ASP K 268 41.65 -22.77 -13.45
CA ASP K 268 41.14 -22.91 -12.09
C ASP K 268 39.65 -22.51 -12.09
N ALA K 269 39.24 -21.61 -12.98
CA ALA K 269 37.86 -21.19 -12.99
C ALA K 269 36.96 -22.21 -13.69
N GLY K 270 37.51 -23.25 -14.29
CA GLY K 270 36.68 -24.18 -14.99
C GLY K 270 36.21 -23.57 -16.31
N ALA K 271 36.99 -22.62 -16.81
CA ALA K 271 36.64 -21.84 -17.97
C ALA K 271 37.18 -22.45 -19.30
N VAL K 272 37.95 -23.52 -19.19
CA VAL K 272 38.57 -24.10 -20.39
C VAL K 272 38.68 -25.59 -20.15
N ALA K 273 38.29 -26.40 -21.15
CA ALA K 273 38.45 -27.84 -21.09
C ALA K 273 39.58 -28.35 -22.05
N TYR K 274 39.70 -27.78 -23.21
CA TYR K 274 40.76 -28.11 -24.16
C TYR K 274 41.77 -26.97 -24.13
N VAL K 275 42.93 -27.24 -23.58
CA VAL K 275 43.96 -26.24 -23.25
C VAL K 275 44.89 -26.15 -24.46
N GLN K 276 45.04 -24.92 -24.99
CA GLN K 276 45.70 -24.67 -26.24
C GLN K 276 46.96 -23.79 -26.09
N PRO K 277 47.99 -24.25 -25.37
CA PRO K 277 49.26 -23.51 -25.33
C PRO K 277 49.85 -23.34 -26.74
N ASP K 278 50.69 -22.35 -26.94
CA ASP K 278 51.34 -22.11 -28.24
C ASP K 278 52.71 -21.57 -27.94
N VAL K 279 53.76 -22.27 -28.35
CA VAL K 279 55.18 -21.80 -28.11
C VAL K 279 55.45 -20.45 -28.77
N THR K 280 54.59 -20.02 -29.65
CA THR K 280 54.77 -18.70 -30.29
C THR K 280 54.17 -17.54 -29.50
N ARG K 281 53.35 -17.86 -28.48
CA ARG K 281 52.50 -16.88 -27.79
C ARG K 281 52.91 -16.82 -26.33
N LEU K 282 52.98 -17.99 -25.69
CA LEU K 282 53.68 -18.09 -24.45
C LEU K 282 55.15 -17.84 -24.66
N GLY K 283 55.92 -17.82 -23.60
CA GLY K 283 57.37 -17.67 -23.73
C GLY K 283 58.08 -18.98 -24.15
N GLY K 284 57.74 -19.41 -25.33
CA GLY K 284 58.43 -20.55 -25.98
C GLY K 284 58.15 -21.91 -25.39
N ILE K 285 59.02 -22.86 -25.71
CA ILE K 285 58.92 -24.23 -25.20
C ILE K 285 58.97 -24.28 -23.69
N THR K 286 59.81 -23.48 -23.09
CA THR K 286 60.02 -23.49 -21.67
C THR K 286 58.68 -23.20 -20.96
N GLU K 287 57.99 -22.15 -21.36
CA GLU K 287 56.70 -21.81 -20.71
C GLU K 287 55.60 -22.76 -21.19
N TYR K 288 55.66 -23.20 -22.45
CA TYR K 288 54.72 -24.22 -22.93
C TYR K 288 54.71 -25.43 -22.03
N ILE K 289 55.89 -25.95 -21.65
CA ILE K 289 55.94 -27.20 -20.82
C ILE K 289 55.31 -26.96 -19.46
N GLN K 290 55.49 -25.74 -18.96
CA GLN K 290 54.88 -25.41 -17.68
C GLN K 290 53.35 -25.48 -17.78
N VAL K 291 52.79 -24.94 -18.86
CA VAL K 291 51.35 -24.93 -19.06
C VAL K 291 50.83 -26.34 -19.29
N ALA K 292 51.60 -27.15 -20.05
CA ALA K 292 51.19 -28.51 -20.31
C ALA K 292 51.19 -29.35 -19.03
N ASP K 293 52.14 -29.08 -18.13
CA ASP K 293 52.24 -29.78 -16.82
C ASP K 293 51.04 -29.32 -15.93
N LEU K 294 50.69 -28.03 -16.06
CA LEU K 294 49.49 -27.53 -15.34
C LEU K 294 48.24 -28.25 -15.86
N ALA K 295 48.05 -28.33 -17.17
CA ALA K 295 46.95 -29.05 -17.76
C ALA K 295 46.91 -30.55 -17.32
N LEU K 296 48.06 -31.20 -17.28
CA LEU K 296 48.15 -32.56 -16.83
C LEU K 296 47.66 -32.76 -15.40
N ALA K 297 48.04 -31.82 -14.52
CA ALA K 297 47.65 -31.86 -13.19
C ALA K 297 46.12 -31.80 -13.00
N HIS K 298 45.43 -31.15 -13.92
CA HIS K 298 43.99 -31.08 -13.95
C HIS K 298 43.35 -32.09 -14.82
N ARG K 299 44.18 -32.97 -15.39
CA ARG K 299 43.80 -34.02 -16.29
C ARG K 299 43.02 -33.51 -17.47
N LEU K 300 43.39 -32.35 -17.97
CA LEU K 300 42.79 -31.82 -19.17
C LEU K 300 43.70 -32.05 -20.38
N PRO K 301 43.09 -32.21 -21.56
CA PRO K 301 43.85 -32.42 -22.79
C PRO K 301 44.56 -31.15 -23.32
N VAL K 302 45.76 -31.39 -23.83
CA VAL K 302 46.56 -30.35 -24.42
C VAL K 302 46.56 -30.52 -25.96
N VAL K 303 46.03 -29.51 -26.60
CA VAL K 303 45.77 -29.39 -28.02
C VAL K 303 46.32 -28.07 -28.53
N PRO K 304 47.64 -28.04 -28.80
CA PRO K 304 48.27 -26.72 -29.04
C PRO K 304 47.83 -26.03 -30.29
N HIS K 305 47.77 -24.70 -30.25
CA HIS K 305 47.39 -23.93 -31.40
C HIS K 305 48.57 -23.79 -32.37
N ALA K 306 48.28 -23.88 -33.66
CA ALA K 306 49.31 -23.90 -34.74
C ALA K 306 49.88 -22.52 -35.11
N GLY K 307 50.41 -21.82 -34.12
CA GLY K 307 50.98 -20.48 -34.36
C GLY K 307 52.31 -20.60 -35.17
N GLU K 308 52.91 -21.79 -35.09
CA GLU K 308 54.14 -22.16 -35.78
C GLU K 308 53.81 -23.24 -36.85
N MET K 309 52.56 -23.31 -37.24
CA MET K 309 52.02 -24.31 -38.14
C MET K 309 52.40 -25.74 -37.81
N SER K 310 52.52 -25.98 -36.51
CA SER K 310 52.83 -27.28 -35.88
C SER K 310 54.22 -27.82 -36.14
N GLN K 311 55.11 -27.02 -36.74
CA GLN K 311 56.53 -27.40 -36.87
C GLN K 311 57.18 -27.75 -35.51
N VAL K 312 56.87 -27.01 -34.44
CA VAL K 312 57.40 -27.33 -33.15
C VAL K 312 56.41 -28.22 -32.39
N HIS K 313 55.14 -27.89 -32.43
CA HIS K 313 54.16 -28.63 -31.64
C HIS K 313 54.08 -30.10 -32.06
N VAL K 314 54.48 -30.45 -33.29
CA VAL K 314 54.49 -31.92 -33.56
C VAL K 314 55.40 -32.65 -32.61
N HIS K 315 56.54 -32.06 -32.26
CA HIS K 315 57.37 -32.71 -31.27
C HIS K 315 56.69 -32.77 -29.86
N LEU K 316 56.26 -31.61 -29.40
CA LEU K 316 55.64 -31.53 -28.10
C LEU K 316 54.41 -32.44 -27.92
N SER K 317 53.65 -32.60 -28.98
CA SER K 317 52.48 -33.49 -28.95
C SER K 317 52.83 -35.02 -29.05
N TYR K 318 53.95 -35.33 -29.70
CA TYR K 318 54.52 -36.68 -29.66
C TYR K 318 55.08 -37.09 -28.33
N TRP K 319 55.50 -36.10 -27.53
CA TRP K 319 56.08 -36.33 -26.28
C TRP K 319 55.18 -36.16 -25.04
N HIS K 320 54.55 -34.99 -24.92
CA HIS K 320 53.99 -34.64 -23.62
C HIS K 320 52.81 -35.51 -23.28
N PRO K 321 52.75 -36.12 -22.10
CA PRO K 321 51.71 -37.13 -21.95
C PRO K 321 50.24 -36.66 -21.87
N ALA K 322 50.01 -35.36 -21.62
CA ALA K 322 48.65 -34.81 -21.69
C ALA K 322 48.12 -34.50 -23.08
N SER K 323 48.97 -34.67 -24.11
CA SER K 323 48.63 -34.21 -25.43
C SER K 323 47.63 -35.16 -26.03
N THR K 324 46.88 -34.65 -26.95
CA THR K 324 45.95 -35.53 -27.69
C THR K 324 46.12 -35.30 -29.19
N ILE K 325 45.29 -34.47 -29.81
CA ILE K 325 45.29 -34.27 -31.27
C ILE K 325 46.00 -32.99 -31.65
N LEU K 326 46.31 -32.78 -32.96
CA LEU K 326 47.16 -31.68 -33.37
C LEU K 326 46.59 -30.99 -34.60
N GLU K 327 46.42 -29.69 -34.49
CA GLU K 327 45.94 -28.85 -35.54
C GLU K 327 46.85 -28.98 -36.76
N TYR K 328 46.20 -28.96 -37.94
CA TYR K 328 46.91 -28.99 -39.24
C TYR K 328 46.46 -27.90 -40.20
N ILE K 329 47.44 -27.10 -40.58
CA ILE K 329 47.32 -26.07 -41.59
C ILE K 329 48.63 -26.16 -42.43
N PRO K 330 48.50 -26.41 -43.72
CA PRO K 330 49.66 -26.75 -44.54
C PRO K 330 50.41 -25.58 -45.21
N TRP K 331 50.17 -24.37 -44.75
CA TRP K 331 50.65 -23.18 -45.43
C TRP K 331 52.14 -23.07 -45.56
N ILE K 332 52.86 -23.37 -44.52
CA ILE K 332 54.28 -23.15 -44.50
C ILE K 332 55.18 -24.37 -44.50
N LYS K 333 54.62 -25.57 -44.43
CA LYS K 333 55.45 -26.75 -44.13
C LYS K 333 56.60 -26.98 -45.15
N ASP K 334 56.30 -26.75 -46.40
CA ASP K 334 57.26 -26.99 -47.48
C ASP K 334 58.43 -26.04 -47.51
N HIS K 335 58.42 -24.99 -46.67
CA HIS K 335 59.57 -24.12 -46.55
C HIS K 335 60.56 -24.51 -45.51
N PHE K 336 60.39 -25.68 -44.89
CA PHE K 336 61.30 -26.15 -43.88
C PHE K 336 62.12 -27.33 -44.37
N GLU K 337 63.30 -27.48 -43.81
CA GLU K 337 64.16 -28.68 -43.95
C GLU K 337 63.49 -29.97 -43.47
N GLU K 338 62.69 -29.94 -42.40
CA GLU K 338 61.80 -31.04 -42.09
C GLU K 338 60.33 -30.58 -41.96
N PRO K 339 59.60 -30.51 -43.07
CA PRO K 339 58.20 -30.23 -43.11
C PRO K 339 57.45 -31.21 -42.25
N ILE K 340 56.41 -30.74 -41.55
CA ILE K 340 55.39 -31.67 -41.00
C ILE K 340 54.79 -32.41 -42.14
N HIS K 341 54.25 -33.59 -41.88
CA HIS K 341 53.63 -34.38 -42.95
C HIS K 341 52.54 -35.18 -42.33
N VAL K 342 51.36 -35.06 -42.90
CA VAL K 342 50.21 -35.80 -42.46
C VAL K 342 49.74 -36.75 -43.57
N ARG K 343 49.50 -37.97 -43.20
CA ARG K 343 48.95 -38.97 -44.11
C ARG K 343 47.91 -39.71 -43.31
N ASP K 344 46.75 -39.91 -43.92
CA ASP K 344 45.68 -40.71 -43.30
C ASP K 344 45.32 -40.12 -41.92
N GLY K 345 45.34 -38.79 -41.85
CA GLY K 345 45.01 -38.07 -40.61
C GLY K 345 45.98 -38.22 -39.45
N VAL K 346 47.20 -38.67 -39.72
CA VAL K 346 48.21 -38.86 -38.72
C VAL K 346 49.53 -38.15 -39.09
N TYR K 347 50.09 -37.44 -38.10
CA TYR K 347 51.36 -36.73 -38.29
C TYR K 347 52.51 -37.76 -38.33
N LYS K 348 53.36 -37.62 -39.32
CA LYS K 348 54.61 -38.33 -39.30
C LYS K 348 55.43 -37.92 -38.09
N ARG K 349 56.10 -38.86 -37.44
CA ARG K 349 56.98 -38.53 -36.34
C ARG K 349 58.33 -37.93 -36.77
N PRO K 350 58.74 -36.74 -36.23
CA PRO K 350 59.95 -36.07 -36.80
C PRO K 350 61.16 -36.96 -36.63
N GLU K 351 62.12 -36.79 -37.54
CA GLU K 351 63.35 -37.57 -37.58
C GLU K 351 64.67 -36.77 -37.38
N GLN K 352 64.78 -35.59 -37.95
CA GLN K 352 66.03 -34.83 -37.91
C GLN K 352 66.33 -34.26 -36.53
N PRO K 353 67.62 -34.05 -36.22
CA PRO K 353 68.01 -33.31 -35.04
C PRO K 353 67.42 -31.89 -34.98
N GLY K 354 66.99 -31.53 -33.79
CA GLY K 354 66.34 -30.22 -33.57
C GLY K 354 64.83 -30.21 -33.39
N ALA K 355 64.24 -29.02 -33.52
CA ALA K 355 62.81 -28.77 -33.30
C ALA K 355 62.02 -28.48 -34.58
N SER K 356 62.56 -28.91 -35.72
CA SER K 356 62.03 -28.69 -37.04
C SER K 356 61.58 -27.24 -37.31
N THR K 357 62.44 -26.35 -36.87
CA THR K 357 62.26 -24.92 -37.09
C THR K 357 63.18 -24.31 -38.18
N THR K 358 64.04 -25.14 -38.76
CA THR K 358 65.06 -24.65 -39.68
C THR K 358 64.44 -24.45 -41.03
N PRO K 359 64.34 -23.21 -41.52
CA PRO K 359 63.79 -23.01 -42.85
C PRO K 359 64.83 -23.40 -43.97
N LEU K 360 64.34 -23.75 -45.13
CA LEU K 360 65.20 -24.00 -46.32
C LEU K 360 65.92 -22.68 -46.63
N ALA K 361 67.22 -22.74 -46.90
CA ALA K 361 67.94 -21.49 -47.24
C ALA K 361 67.24 -20.74 -48.37
N GLU K 362 66.66 -21.43 -49.32
CA GLU K 362 66.09 -20.67 -50.43
C GLU K 362 64.74 -20.00 -50.09
N SER K 363 64.10 -20.44 -48.98
CA SER K 363 62.89 -19.76 -48.50
C SER K 363 63.20 -18.37 -47.90
N PHE K 364 64.31 -18.19 -47.21
CA PHE K 364 64.76 -16.79 -46.89
C PHE K 364 64.90 -15.84 -48.10
N THR K 365 65.66 -16.31 -49.06
CA THR K 365 65.88 -15.55 -50.26
C THR K 365 64.61 -15.15 -50.96
N ARG K 366 63.67 -16.07 -51.11
CA ARG K 366 62.47 -15.76 -51.82
C ARG K 366 61.51 -15.00 -50.96
N TYR K 367 61.33 -15.37 -49.68
CA TYR K 367 60.21 -14.77 -48.90
C TYR K 367 60.62 -13.87 -47.74
N GLY K 368 61.90 -13.66 -47.59
CA GLY K 368 62.44 -12.87 -46.49
C GLY K 368 62.07 -11.42 -46.68
N LYS K 369 61.93 -10.71 -45.56
CA LYS K 369 61.73 -9.26 -45.58
C LYS K 369 62.78 -8.61 -44.75
N ALA K 370 63.13 -7.38 -45.13
CA ALA K 370 64.16 -6.66 -44.44
C ALA K 370 63.68 -6.30 -43.03
N VAL K 371 64.53 -6.52 -42.03
CA VAL K 371 64.14 -6.24 -40.63
C VAL K 371 64.27 -4.77 -40.27
N LYS K 372 64.91 -3.99 -41.15
CA LYS K 372 65.11 -2.53 -40.99
C LYS K 372 64.92 -1.91 -42.39
N MET L 1 70.50 -45.38 -24.76
CA MET L 1 71.12 -46.76 -24.91
C MET L 1 70.23 -47.84 -24.26
N LYS L 2 70.43 -49.08 -24.66
CA LYS L 2 69.64 -50.17 -24.06
C LYS L 2 69.99 -50.53 -22.63
N ILE L 3 68.92 -50.75 -21.85
CA ILE L 3 69.06 -51.24 -20.50
C ILE L 3 69.36 -52.75 -20.50
N THR L 4 70.42 -53.11 -19.80
CA THR L 4 70.93 -54.46 -19.79
C THR L 4 70.82 -55.09 -18.45
N ALA L 5 70.73 -54.31 -17.38
CA ALA L 5 70.48 -54.83 -16.07
C ALA L 5 69.74 -53.84 -15.16
N VAL L 6 68.98 -54.43 -14.23
CA VAL L 6 68.24 -53.73 -13.20
C VAL L 6 68.47 -54.46 -11.90
N GLU L 7 69.16 -53.83 -10.98
CA GLU L 7 69.53 -54.49 -9.74
C GLU L 7 69.09 -53.70 -8.52
N PRO L 8 68.15 -54.27 -7.77
CA PRO L 8 67.77 -53.57 -6.56
C PRO L 8 68.73 -53.70 -5.42
N PHE L 9 68.66 -52.72 -4.53
CA PHE L 9 69.44 -52.71 -3.35
C PHE L 9 68.74 -52.09 -2.20
N ILE L 10 69.23 -52.45 -1.02
CA ILE L 10 68.79 -51.85 0.24
C ILE L 10 69.98 -51.50 1.09
N LEU L 11 70.05 -50.22 1.50
CA LEU L 11 70.98 -49.81 2.53
C LEU L 11 70.26 -49.37 3.78
N HIS L 12 70.75 -49.82 4.92
CA HIS L 12 70.29 -49.29 6.23
C HIS L 12 71.41 -48.46 6.90
N LEU L 13 71.29 -47.15 6.83
CA LEU L 13 72.34 -46.23 7.24
C LEU L 13 72.04 -45.63 8.61
N PRO L 14 72.99 -45.70 9.55
CA PRO L 14 72.77 -45.16 10.88
C PRO L 14 72.60 -43.62 10.89
N LEU L 15 72.02 -43.10 11.94
CA LEU L 15 71.70 -41.66 12.02
C LEU L 15 72.75 -40.91 12.89
N THR L 16 72.55 -39.60 13.05
CA THR L 16 73.44 -38.79 13.91
C THR L 16 73.19 -39.00 15.43
N SER L 17 72.07 -39.61 15.83
CA SER L 17 71.80 -40.08 17.18
C SER L 17 71.41 -41.55 17.06
N GLU L 18 71.50 -42.28 18.18
CA GLU L 18 71.14 -43.72 18.19
C GLU L 18 69.68 -43.91 17.72
N SER L 19 68.82 -42.99 18.16
CA SER L 19 67.39 -43.01 17.81
C SER L 19 66.95 -41.56 17.65
N ILE L 20 66.05 -41.28 16.71
CA ILE L 20 65.34 -40.01 16.69
C ILE L 20 63.82 -40.28 16.60
N SER L 21 63.04 -39.29 17.08
CA SER L 21 61.57 -39.30 16.99
C SER L 21 61.04 -37.97 16.46
N ASP L 22 59.97 -38.07 15.67
CA ASP L 22 59.10 -36.91 15.45
C ASP L 22 57.77 -37.19 16.20
N SER L 23 56.66 -36.56 15.83
CA SER L 23 55.34 -36.82 16.57
C SER L 23 54.80 -38.24 16.39
N THR L 24 55.31 -38.97 15.39
CA THR L 24 54.63 -40.18 14.88
C THR L 24 55.59 -41.37 14.76
N HIS L 25 56.86 -41.08 14.49
CA HIS L 25 57.85 -42.12 14.16
C HIS L 25 59.04 -42.07 15.16
N SER L 26 59.55 -43.26 15.51
CA SER L 26 60.90 -43.40 16.15
C SER L 26 61.76 -44.32 15.24
N ILE L 27 62.94 -43.87 14.83
CA ILE L 27 63.81 -44.66 13.96
C ILE L 27 65.27 -44.61 14.41
N THR L 28 65.98 -45.65 13.99
CA THR L 28 67.42 -45.84 14.24
C THR L 28 68.27 -45.88 12.97
N HIS L 29 67.66 -46.23 11.83
CA HIS L 29 68.38 -46.21 10.59
C HIS L 29 67.52 -45.55 9.58
N TRP L 30 68.14 -45.02 8.53
CA TRP L 30 67.40 -44.55 7.36
C TRP L 30 67.57 -45.59 6.23
N GLY L 31 66.48 -45.91 5.57
CA GLY L 31 66.48 -46.85 4.49
C GLY L 31 66.63 -46.22 3.12
N VAL L 32 67.72 -46.55 2.42
CA VAL L 32 67.88 -46.15 1.05
C VAL L 32 67.63 -47.37 0.22
N VAL L 33 66.51 -47.39 -0.49
CA VAL L 33 65.99 -48.57 -1.15
C VAL L 33 65.77 -48.20 -2.58
N GLY L 34 66.42 -48.92 -3.47
CA GLY L 34 66.32 -48.57 -4.81
C GLY L 34 66.88 -49.55 -5.81
N ALA L 35 67.31 -48.97 -6.91
CA ALA L 35 67.74 -49.74 -8.10
C ALA L 35 68.99 -49.15 -8.75
N LYS L 36 69.93 -50.03 -9.12
CA LYS L 36 70.99 -49.69 -10.05
C LYS L 36 70.61 -50.18 -11.42
N ILE L 37 70.59 -49.31 -12.39
CA ILE L 37 70.24 -49.66 -13.74
C ILE L 37 71.46 -49.50 -14.63
N THR L 38 71.78 -50.56 -15.38
CA THR L 38 72.97 -50.53 -16.29
C THR L 38 72.51 -50.51 -17.71
N THR L 39 73.18 -49.71 -18.52
CA THR L 39 72.93 -49.71 -19.95
C THR L 39 74.09 -50.34 -20.79
N SER L 40 73.86 -50.47 -22.10
CA SER L 40 74.79 -51.27 -22.93
C SER L 40 76.14 -50.55 -23.13
N ASP L 41 76.25 -49.26 -22.80
CA ASP L 41 77.51 -48.56 -22.78
C ASP L 41 78.22 -48.61 -21.45
N GLY L 42 77.71 -49.36 -20.49
CA GLY L 42 78.34 -49.51 -19.20
C GLY L 42 78.00 -48.42 -18.15
N ILE L 43 77.27 -47.42 -18.57
CA ILE L 43 76.82 -46.40 -17.60
C ILE L 43 75.86 -47.05 -16.61
N GLU L 44 76.06 -46.73 -15.35
CA GLU L 44 75.25 -47.24 -14.22
C GLU L 44 74.51 -46.07 -13.54
N GLY L 45 73.20 -46.13 -13.48
CA GLY L 45 72.39 -45.12 -12.82
C GLY L 45 71.81 -45.67 -11.52
N TYR L 46 71.62 -44.77 -10.56
CA TYR L 46 71.14 -45.11 -9.28
C TYR L 46 69.95 -44.22 -8.95
N GLY L 47 68.97 -44.86 -8.35
CA GLY L 47 67.82 -44.12 -7.83
C GLY L 47 67.21 -44.85 -6.67
N PHE L 48 66.54 -44.10 -5.80
CA PHE L 48 66.08 -44.71 -4.58
C PHE L 48 64.96 -43.91 -3.93
N THR L 49 64.16 -44.63 -3.19
CA THR L 49 63.20 -44.04 -2.28
C THR L 49 63.79 -44.01 -0.90
N GLY L 50 63.05 -43.50 0.08
CA GLY L 50 63.53 -43.31 1.42
C GLY L 50 62.56 -43.90 2.40
N THR L 51 63.01 -44.79 3.28
CA THR L 51 62.15 -45.53 4.17
C THR L 51 62.69 -45.49 5.55
N HIS L 52 61.89 -45.99 6.49
CA HIS L 52 62.29 -46.12 7.86
C HIS L 52 63.07 -47.41 8.16
N ALA L 53 63.54 -48.08 7.12
CA ALA L 53 64.44 -49.23 7.32
C ALA L 53 63.79 -50.35 8.07
N HIS L 54 62.56 -50.63 7.68
CA HIS L 54 61.80 -51.80 8.14
C HIS L 54 61.99 -52.83 7.05
N LEU L 55 62.89 -53.81 7.30
CA LEU L 55 63.36 -54.65 6.20
C LEU L 55 62.30 -55.43 5.44
N PRO L 56 61.30 -55.97 6.12
CA PRO L 56 60.24 -56.66 5.36
C PRO L 56 59.48 -55.81 4.28
N SER L 57 59.24 -54.54 4.55
CA SER L 57 58.60 -53.66 3.58
C SER L 57 59.58 -53.07 2.61
N ASP L 58 60.84 -52.86 3.00
CA ASP L 58 61.84 -52.49 2.06
C ASP L 58 61.91 -53.50 0.96
N ARG L 59 61.77 -54.77 1.34
CA ARG L 59 61.79 -55.82 0.33
C ARG L 59 60.65 -55.87 -0.62
N LEU L 60 59.51 -55.30 -0.22
CA LEU L 60 58.39 -55.19 -1.14
C LEU L 60 58.72 -54.27 -2.23
N ILE L 61 59.41 -53.19 -1.88
CA ILE L 61 59.82 -52.25 -2.85
C ILE L 61 60.85 -52.88 -3.81
N THR L 62 61.90 -53.48 -3.26
CA THR L 62 62.89 -54.15 -4.13
C THR L 62 62.28 -55.30 -5.01
N SER L 63 61.37 -56.09 -4.44
CA SER L 63 60.73 -57.12 -5.25
C SER L 63 59.84 -56.53 -6.34
N CYS L 64 59.22 -55.38 -6.07
CA CYS L 64 58.51 -54.72 -7.16
C CYS L 64 59.44 -54.34 -8.35
N ILE L 65 60.56 -53.77 -8.01
CA ILE L 65 61.53 -53.37 -9.00
C ILE L 65 62.00 -54.62 -9.80
N SER L 66 62.38 -55.67 -9.06
CA SER L 66 63.00 -56.82 -9.74
C SER L 66 61.95 -57.68 -10.42
N ASP L 67 60.83 -57.95 -9.76
CA ASP L 67 59.86 -58.90 -10.30
C ASP L 67 58.81 -58.28 -11.21
N CYS L 68 58.45 -57.02 -10.94
CA CYS L 68 57.36 -56.32 -11.70
C CYS L 68 57.87 -55.40 -12.75
N TYR L 69 58.85 -54.57 -12.39
CA TYR L 69 59.36 -53.60 -13.36
C TYR L 69 60.52 -54.00 -14.25
N ALA L 70 61.47 -54.72 -13.71
CA ALA L 70 62.66 -55.13 -14.50
C ALA L 70 62.31 -55.76 -15.84
N PRO L 71 61.28 -56.64 -15.88
CA PRO L 71 60.92 -57.23 -17.18
C PRO L 71 60.38 -56.23 -18.16
N LEU L 72 59.83 -55.09 -17.68
CA LEU L 72 59.36 -54.06 -18.59
C LEU L 72 60.44 -53.07 -19.05
N LEU L 73 61.58 -53.12 -18.35
CA LEU L 73 62.73 -52.24 -18.59
C LEU L 73 63.87 -52.85 -19.45
N LEU L 74 64.23 -54.10 -19.20
CA LEU L 74 65.30 -54.76 -19.95
C LEU L 74 65.06 -54.66 -21.42
N GLY L 75 66.09 -54.24 -22.17
CA GLY L 75 65.92 -54.14 -23.63
C GLY L 75 65.39 -52.83 -24.15
N GLU L 76 64.88 -51.98 -23.25
CA GLU L 76 64.37 -50.66 -23.66
C GLU L 76 65.45 -49.61 -23.70
N ASP L 77 65.24 -48.60 -24.52
CA ASP L 77 66.12 -47.45 -24.56
C ASP L 77 65.96 -46.54 -23.32
N ALA L 78 66.97 -46.49 -22.47
CA ALA L 78 66.93 -45.78 -21.17
C ALA L 78 66.67 -44.27 -21.32
N SER L 79 67.00 -43.76 -22.49
CA SER L 79 66.79 -42.40 -22.86
C SER L 79 65.34 -42.01 -22.80
N ASP L 80 64.46 -42.99 -23.10
CA ASP L 80 63.04 -42.72 -23.24
C ASP L 80 62.37 -42.70 -21.83
N HIS L 81 62.90 -41.91 -20.89
CA HIS L 81 62.38 -41.95 -19.52
C HIS L 81 60.92 -41.53 -19.37
N SER L 82 60.41 -40.69 -20.29
N SER L 82 60.43 -40.72 -20.30
CA SER L 82 59.01 -40.23 -20.21
CA SER L 82 59.06 -40.23 -20.20
C SER L 82 58.08 -41.34 -20.66
C SER L 82 58.08 -41.32 -20.69
N ARG L 83 58.41 -41.93 -21.81
CA ARG L 83 57.65 -43.09 -22.30
C ARG L 83 57.69 -44.25 -21.28
N LEU L 84 58.86 -44.49 -20.69
CA LEU L 84 59.04 -45.57 -19.71
C LEU L 84 58.28 -45.34 -18.41
N TRP L 85 58.15 -44.08 -18.01
CA TRP L 85 57.45 -43.76 -16.77
C TRP L 85 56.01 -44.25 -16.94
N THR L 86 55.37 -43.88 -18.03
CA THR L 86 54.04 -44.33 -18.35
C THR L 86 53.89 -45.83 -18.53
N LYS L 87 54.88 -46.43 -19.17
CA LYS L 87 54.88 -47.89 -19.36
C LYS L 87 54.81 -48.61 -18.05
N LEU L 88 55.57 -48.16 -17.03
CA LEU L 88 55.51 -48.79 -15.75
C LEU L 88 54.33 -48.39 -14.90
N ALA L 89 54.07 -47.10 -14.82
CA ALA L 89 53.09 -46.60 -13.88
C ALA L 89 51.72 -47.06 -14.27
N ARG L 90 51.48 -47.16 -15.55
CA ARG L 90 50.15 -47.39 -16.10
C ARG L 90 50.02 -48.81 -16.69
N TYR L 91 51.00 -49.66 -16.42
CA TYR L 91 50.89 -51.12 -16.76
C TYR L 91 49.71 -51.68 -16.07
N PRO L 92 48.76 -52.20 -16.82
CA PRO L 92 47.39 -52.29 -16.25
C PRO L 92 47.25 -53.12 -14.98
N SER L 93 47.94 -54.26 -14.90
CA SER L 93 47.78 -55.07 -13.75
C SER L 93 48.51 -54.54 -12.55
N LEU L 94 49.52 -53.70 -12.77
CA LEU L 94 50.24 -53.07 -11.75
C LEU L 94 49.49 -51.82 -11.25
N GLN L 95 48.94 -51.08 -12.17
CA GLN L 95 48.06 -49.92 -11.80
C GLN L 95 46.95 -50.40 -10.89
N TRP L 96 46.40 -51.56 -11.22
CA TRP L 96 45.35 -52.18 -10.42
C TRP L 96 45.65 -52.24 -8.97
N VAL L 97 46.92 -52.48 -8.59
CA VAL L 97 47.37 -52.58 -7.21
C VAL L 97 48.24 -51.36 -6.79
N GLY L 98 48.12 -50.29 -7.57
CA GLY L 98 49.06 -49.16 -7.46
C GLY L 98 48.38 -47.77 -7.36
N ARG L 99 48.96 -46.86 -8.13
CA ARG L 99 48.70 -45.44 -8.15
C ARG L 99 49.23 -44.79 -6.94
N ALA L 100 49.77 -45.55 -5.96
CA ALA L 100 50.23 -44.99 -4.70
C ALA L 100 50.95 -46.14 -3.95
N GLY L 101 51.62 -45.84 -2.87
CA GLY L 101 52.16 -46.90 -2.03
C GLY L 101 53.37 -47.59 -2.66
N ILE L 102 53.55 -48.87 -2.36
CA ILE L 102 54.74 -49.61 -2.81
C ILE L 102 55.08 -49.47 -4.29
N THR L 103 54.12 -49.71 -5.19
CA THR L 103 54.42 -49.60 -6.59
C THR L 103 54.94 -48.28 -7.00
N HIS L 104 54.45 -47.23 -6.33
CA HIS L 104 54.84 -45.88 -6.71
C HIS L 104 56.23 -45.55 -6.21
N LEU L 105 56.56 -46.01 -4.99
CA LEU L 105 57.89 -45.81 -4.40
C LEU L 105 58.96 -46.60 -5.21
N ALA L 106 58.57 -47.76 -5.74
CA ALA L 106 59.45 -48.48 -6.65
C ALA L 106 59.65 -47.75 -7.96
N LEU L 107 58.58 -47.16 -8.51
CA LEU L 107 58.60 -46.41 -9.77
C LEU L 107 59.53 -45.22 -9.59
N ALA L 108 59.42 -44.56 -8.42
CA ALA L 108 60.30 -43.43 -8.14
C ALA L 108 61.80 -43.77 -8.27
N ALA L 109 62.20 -44.86 -7.65
CA ALA L 109 63.59 -45.37 -7.71
C ALA L 109 64.03 -45.58 -9.16
N VAL L 110 63.23 -46.27 -9.95
CA VAL L 110 63.58 -46.45 -11.35
C VAL L 110 63.70 -45.13 -12.16
N ASP L 111 62.67 -44.28 -12.06
CA ASP L 111 62.74 -42.98 -12.75
C ASP L 111 64.03 -42.19 -12.32
N VAL L 112 64.35 -42.15 -11.03
CA VAL L 112 65.51 -41.38 -10.65
C VAL L 112 66.79 -41.98 -11.32
N ALA L 113 66.86 -43.31 -11.38
CA ALA L 113 68.01 -43.97 -11.99
C ALA L 113 68.14 -43.66 -13.49
N LEU L 114 67.00 -43.54 -14.17
CA LEU L 114 67.00 -43.17 -15.56
C LEU L 114 67.50 -41.74 -15.77
N TRP L 115 67.15 -40.83 -14.86
CA TRP L 115 67.60 -39.48 -14.99
C TRP L 115 69.12 -39.43 -14.63
N ASP L 116 69.58 -40.24 -13.69
CA ASP L 116 70.97 -40.26 -13.31
C ASP L 116 71.76 -40.73 -14.52
N ILE L 117 71.23 -41.73 -15.23
CA ILE L 117 71.84 -42.17 -16.52
C ILE L 117 71.88 -41.08 -17.60
N LYS L 118 70.74 -40.41 -17.74
CA LYS L 118 70.69 -39.33 -18.66
C LYS L 118 71.76 -38.25 -18.42
N ALA L 119 71.94 -37.84 -17.18
CA ALA L 119 72.87 -36.73 -16.91
C ALA L 119 74.33 -37.27 -17.02
N LYS L 120 74.54 -38.51 -16.53
CA LYS L 120 75.89 -39.17 -16.67
C LYS L 120 76.27 -39.27 -18.14
N LYS L 121 75.34 -39.63 -19.00
CA LYS L 121 75.63 -39.78 -20.41
C LYS L 121 75.97 -38.46 -21.05
N ALA L 122 75.36 -37.37 -20.53
CA ALA L 122 75.60 -36.05 -21.07
C ALA L 122 76.85 -35.44 -20.45
N GLY L 123 77.39 -36.05 -19.42
CA GLY L 123 78.59 -35.65 -18.83
C GLY L 123 78.45 -34.46 -17.90
N VAL L 124 77.27 -34.23 -17.33
CA VAL L 124 77.02 -33.05 -16.50
C VAL L 124 76.16 -33.33 -15.30
N PRO L 125 76.20 -32.45 -14.31
CA PRO L 125 75.31 -32.64 -13.19
C PRO L 125 73.89 -32.29 -13.63
N LEU L 126 72.93 -32.94 -12.97
CA LEU L 126 71.50 -32.78 -13.32
C LEU L 126 71.00 -31.33 -13.41
N TRP L 127 71.42 -30.46 -12.49
CA TRP L 127 70.84 -29.11 -12.47
C TRP L 127 71.25 -28.42 -13.82
N HIS L 128 72.46 -28.77 -14.29
CA HIS L 128 72.95 -28.20 -15.54
C HIS L 128 72.22 -28.83 -16.75
N TYR L 129 72.07 -30.15 -16.77
CA TYR L 129 71.38 -30.83 -17.83
C TYR L 129 69.99 -30.22 -18.05
N LEU L 130 69.32 -29.91 -16.95
CA LEU L 130 67.91 -29.41 -16.97
C LEU L 130 67.81 -28.02 -17.51
N GLY L 131 68.90 -27.25 -17.51
CA GLY L 131 68.84 -25.92 -18.09
C GLY L 131 69.56 -24.78 -17.37
N GLY L 132 70.23 -25.10 -16.27
CA GLY L 132 71.12 -24.17 -15.63
C GLY L 132 70.56 -23.63 -14.34
N ALA L 133 71.34 -22.82 -13.63
CA ALA L 133 71.03 -22.47 -12.25
C ALA L 133 70.10 -21.28 -12.17
N ARG L 134 69.13 -21.33 -11.26
CA ARG L 134 68.18 -20.20 -11.05
C ARG L 134 68.66 -19.29 -9.93
N THR L 135 69.65 -19.77 -9.19
CA THR L 135 70.30 -19.03 -8.12
C THR L 135 71.79 -19.32 -8.02
N ALA L 136 72.53 -18.37 -7.46
CA ALA L 136 73.94 -18.57 -7.18
C ALA L 136 74.11 -19.41 -5.90
N GLY L 137 73.10 -19.48 -5.03
CA GLY L 137 73.29 -20.25 -3.81
C GLY L 137 71.96 -20.68 -3.19
N VAL L 138 71.79 -21.97 -3.01
CA VAL L 138 70.56 -22.49 -2.41
C VAL L 138 70.78 -22.51 -0.93
N GLU L 139 69.98 -21.75 -0.19
CA GLU L 139 70.07 -21.72 1.26
C GLU L 139 69.44 -22.97 1.86
N ALA L 140 70.04 -23.44 2.96
CA ALA L 140 69.59 -24.59 3.71
C ALA L 140 68.90 -24.21 4.98
N TYR L 141 68.06 -25.14 5.45
CA TYR L 141 67.52 -25.06 6.76
C TYR L 141 67.72 -26.36 7.48
N ASN L 142 68.03 -26.28 8.74
CA ASN L 142 68.49 -27.42 9.47
C ASN L 142 67.38 -28.03 10.26
N THR L 143 67.03 -29.26 9.89
CA THR L 143 65.99 -30.05 10.54
C THR L 143 66.58 -30.94 11.61
N ASP L 144 67.84 -31.30 11.44
CA ASP L 144 68.41 -32.36 12.39
C ASP L 144 68.57 -31.92 13.87
N ILE L 145 68.46 -30.61 14.14
CA ILE L 145 68.57 -30.13 15.49
C ILE L 145 67.26 -30.09 16.22
N GLY L 146 66.17 -30.54 15.56
CA GLY L 146 64.81 -30.19 16.00
C GLY L 146 63.89 -31.31 16.40
N TRP L 147 64.45 -32.54 16.47
CA TRP L 147 63.68 -33.74 16.74
C TRP L 147 62.87 -33.64 18.02
N LEU L 148 61.63 -34.15 17.97
CA LEU L 148 60.75 -34.14 19.14
C LEU L 148 61.30 -34.95 20.30
N SER L 149 62.16 -35.94 20.00
CA SER L 149 62.85 -36.77 21.02
C SER L 149 63.88 -35.99 21.88
N PHE L 150 64.30 -34.85 21.39
CA PHE L 150 65.20 -33.99 22.16
C PHE L 150 64.53 -33.36 23.39
N THR L 151 65.23 -33.47 24.54
CA THR L 151 64.88 -32.69 25.71
C THR L 151 64.99 -31.22 25.38
N LEU L 152 64.35 -30.37 26.16
CA LEU L 152 64.50 -28.96 25.90
C LEU L 152 65.96 -28.52 25.90
N GLU L 153 66.70 -29.00 26.92
CA GLU L 153 68.08 -28.61 27.02
C GLU L 153 68.83 -28.95 25.74
N ASP L 154 68.62 -30.13 25.17
CA ASP L 154 69.31 -30.57 23.96
C ASP L 154 68.77 -29.90 22.70
N LEU L 155 67.47 -29.64 22.64
CA LEU L 155 66.91 -28.79 21.53
C LEU L 155 67.60 -27.42 21.50
N LEU L 156 67.65 -26.74 22.64
CA LEU L 156 68.33 -25.41 22.72
C LEU L 156 69.82 -25.43 22.37
N ALA L 157 70.53 -26.45 22.81
CA ALA L 157 71.97 -26.54 22.61
C ALA L 157 72.29 -26.74 21.18
N GLY L 158 71.54 -27.63 20.52
CA GLY L 158 71.80 -27.98 19.15
C GLY L 158 71.33 -26.84 18.25
N SER L 159 70.18 -26.20 18.58
CA SER L 159 69.75 -25.00 17.82
C SER L 159 70.80 -23.86 17.85
N ALA L 160 71.25 -23.52 19.04
CA ALA L 160 72.32 -22.53 19.24
C ALA L 160 73.61 -22.86 18.49
N ARG L 161 74.04 -24.10 18.57
CA ARG L 161 75.21 -24.58 17.82
C ARG L 161 75.03 -24.42 16.30
N ALA L 162 73.83 -24.77 15.81
CA ALA L 162 73.61 -24.64 14.38
C ALA L 162 73.69 -23.19 13.94
N VAL L 163 73.23 -22.31 14.80
CA VAL L 163 73.20 -20.89 14.49
C VAL L 163 74.57 -20.19 14.76
N GLU L 164 75.13 -20.43 15.90
CA GLU L 164 76.33 -19.68 16.35
C GLU L 164 77.61 -20.32 15.87
N GLU L 165 77.66 -21.63 15.69
CA GLU L 165 78.89 -22.26 15.19
C GLU L 165 78.81 -22.65 13.73
N ASP L 166 77.66 -23.12 13.23
CA ASP L 166 77.59 -23.60 11.84
C ASP L 166 77.03 -22.68 10.82
N GLY L 167 76.66 -21.49 11.22
CA GLY L 167 76.23 -20.50 10.29
C GLY L 167 74.82 -20.67 9.66
N PHE L 168 73.95 -21.49 10.25
CA PHE L 168 72.52 -21.56 9.81
C PHE L 168 71.76 -20.35 10.28
N THR L 169 70.85 -19.88 9.44
CA THR L 169 69.94 -18.86 9.83
C THR L 169 68.48 -19.30 9.57
N ARG L 170 68.31 -20.62 9.46
CA ARG L 170 67.02 -21.24 9.18
C ARG L 170 67.02 -22.58 9.83
N LEU L 171 65.99 -22.84 10.64
CA LEU L 171 65.84 -24.09 11.34
C LEU L 171 64.41 -24.67 11.12
N LYS L 172 64.22 -25.95 11.41
CA LYS L 172 62.87 -26.49 11.49
C LYS L 172 62.81 -27.36 12.73
N ILE L 173 61.82 -27.13 13.58
CA ILE L 173 61.64 -27.80 14.83
C ILE L 173 60.36 -28.62 14.84
N LYS L 174 60.47 -29.89 15.24
CA LYS L 174 59.31 -30.69 15.42
C LYS L 174 58.37 -30.24 16.52
N VAL L 175 57.06 -30.46 16.29
CA VAL L 175 56.06 -30.27 17.32
C VAL L 175 55.18 -31.52 17.27
N GLY L 176 54.24 -31.61 18.18
CA GLY L 176 53.35 -32.78 18.22
C GLY L 176 53.30 -33.46 19.55
N HIS L 177 53.57 -32.74 20.63
CA HIS L 177 53.16 -33.30 21.92
C HIS L 177 51.66 -33.42 21.98
N ASP L 178 51.14 -34.28 22.87
CA ASP L 178 49.68 -34.42 23.02
C ASP L 178 49.06 -33.11 23.50
N ASP L 179 49.76 -32.36 24.35
CA ASP L 179 49.37 -30.98 24.66
C ASP L 179 50.29 -30.04 23.89
N PRO L 180 49.74 -29.33 22.88
CA PRO L 180 50.55 -28.42 22.10
C PRO L 180 51.17 -27.29 22.92
N ASN L 181 50.68 -27.02 24.13
CA ASN L 181 51.30 -25.95 24.90
C ASN L 181 52.75 -26.27 25.33
N ILE L 182 53.07 -27.56 25.42
CA ILE L 182 54.44 -28.00 25.63
C ILE L 182 55.32 -27.59 24.44
N ASP L 183 54.79 -27.77 23.20
CA ASP L 183 55.43 -27.22 22.04
C ASP L 183 55.53 -25.68 22.05
N ILE L 184 54.52 -24.98 22.49
CA ILE L 184 54.62 -23.58 22.53
C ILE L 184 55.82 -23.20 23.47
N ALA L 185 55.94 -23.91 24.58
CA ALA L 185 57.02 -23.59 25.57
C ALA L 185 58.37 -23.90 24.96
N ARG L 186 58.52 -25.02 24.25
CA ARG L 186 59.76 -25.32 23.59
C ARG L 186 60.13 -24.24 22.59
N LEU L 187 59.16 -23.79 21.77
CA LEU L 187 59.48 -22.89 20.69
C LEU L 187 59.75 -21.52 21.29
N THR L 188 59.05 -21.20 22.38
CA THR L 188 59.30 -19.90 23.07
C THR L 188 60.76 -19.88 23.63
N ALA L 189 61.23 -21.01 24.13
CA ALA L 189 62.60 -21.09 24.69
C ALA L 189 63.65 -21.00 23.57
N VAL L 190 63.39 -21.66 22.45
CA VAL L 190 64.26 -21.51 21.33
C VAL L 190 64.30 -20.08 20.85
N ARG L 191 63.14 -19.43 20.74
CA ARG L 191 63.13 -18.08 20.25
C ARG L 191 63.94 -17.12 21.13
N GLU L 192 63.83 -17.27 22.44
CA GLU L 192 64.67 -16.53 23.41
C GLU L 192 66.16 -16.86 23.34
N ARG L 193 66.54 -18.07 22.98
CA ARG L 193 67.94 -18.45 22.93
C ARG L 193 68.70 -18.04 21.63
N VAL L 194 68.05 -18.03 20.47
CA VAL L 194 68.75 -17.72 19.21
C VAL L 194 68.40 -16.32 18.74
N ASP L 195 69.23 -15.80 17.86
CA ASP L 195 68.99 -14.48 17.34
C ASP L 195 67.60 -14.38 16.70
N SER L 196 66.99 -13.19 16.77
CA SER L 196 65.66 -12.92 16.22
C SER L 196 65.64 -13.09 14.70
N ALA L 197 66.80 -13.01 14.05
CA ALA L 197 66.83 -13.14 12.64
C ALA L 197 66.89 -14.62 12.15
N VAL L 198 66.85 -15.57 13.08
CA VAL L 198 66.82 -16.92 12.74
C VAL L 198 65.40 -17.25 12.35
N ARG L 199 65.23 -17.78 11.15
CA ARG L 199 63.90 -18.26 10.72
C ARG L 199 63.65 -19.66 11.28
N ILE L 200 62.43 -19.90 11.82
CA ILE L 200 62.12 -21.16 12.44
C ILE L 200 60.74 -21.69 11.94
N ALA L 201 60.79 -22.76 11.19
CA ALA L 201 59.58 -23.49 10.71
C ALA L 201 59.34 -24.59 11.69
N ILE L 202 58.14 -25.18 11.65
CA ILE L 202 57.81 -26.29 12.53
C ILE L 202 57.14 -27.36 11.76
N ASP L 203 57.01 -28.53 12.33
CA ASP L 203 56.55 -29.72 11.58
C ASP L 203 55.86 -30.65 12.53
N GLY L 204 54.56 -30.92 12.28
CA GLY L 204 53.77 -31.73 13.16
C GLY L 204 53.60 -33.20 12.75
N ASN L 205 54.13 -33.55 11.58
CA ASN L 205 54.01 -34.91 11.02
C ASN L 205 52.60 -35.53 11.11
N GLY L 206 51.59 -34.68 10.90
CA GLY L 206 50.25 -35.12 10.78
C GLY L 206 49.60 -35.56 12.04
N LYS L 207 50.09 -35.11 13.18
CA LYS L 207 49.66 -35.63 14.46
C LYS L 207 48.32 -35.08 14.98
N TRP L 208 48.03 -33.81 14.72
CA TRP L 208 46.86 -33.15 15.29
C TRP L 208 45.64 -33.08 14.38
N ASP L 209 44.54 -32.78 15.05
CA ASP L 209 43.25 -32.50 14.37
C ASP L 209 43.06 -30.99 14.21
N LEU L 210 42.00 -30.62 13.47
CA LEU L 210 41.75 -29.27 13.10
C LEU L 210 41.60 -28.36 14.34
N PRO L 211 40.72 -28.68 15.29
CA PRO L 211 40.57 -27.72 16.38
C PRO L 211 41.88 -27.56 17.19
N THR L 212 42.62 -28.64 17.35
CA THR L 212 43.93 -28.59 18.06
C THR L 212 44.88 -27.61 17.36
N CYS L 213 44.99 -27.76 16.04
CA CYS L 213 45.78 -26.84 15.30
C CYS L 213 45.31 -25.36 15.29
N GLN L 214 44.00 -25.15 15.38
CA GLN L 214 43.50 -23.76 15.31
C GLN L 214 44.01 -23.07 16.62
N ARG L 215 43.84 -23.76 17.72
CA ARG L 215 44.24 -23.21 19.02
C ARG L 215 45.73 -23.04 19.07
N PHE L 216 46.47 -24.01 18.59
CA PHE L 216 47.95 -23.90 18.61
C PHE L 216 48.45 -22.73 17.79
N CYS L 217 47.90 -22.58 16.58
CA CYS L 217 48.33 -21.49 15.70
C CYS L 217 48.06 -20.09 16.30
N ALA L 218 46.92 -19.97 16.96
CA ALA L 218 46.56 -18.73 17.65
C ALA L 218 47.59 -18.45 18.77
N ALA L 219 47.96 -19.52 19.47
CA ALA L 219 48.91 -19.45 20.60
C ALA L 219 50.33 -19.16 20.13
N ALA L 220 50.65 -19.46 18.89
CA ALA L 220 52.00 -19.31 18.33
C ALA L 220 52.17 -17.96 17.59
N LYS L 221 51.15 -17.11 17.73
CA LYS L 221 51.05 -15.85 16.95
C LYS L 221 52.25 -14.89 17.06
N ASP L 222 52.96 -14.91 18.18
CA ASP L 222 54.08 -14.05 18.41
C ASP L 222 55.41 -14.75 18.28
N LEU L 223 55.43 -16.02 17.89
CA LEU L 223 56.72 -16.77 17.78
C LEU L 223 57.39 -16.69 16.41
N ASP L 224 56.80 -15.96 15.46
CA ASP L 224 57.30 -15.77 14.12
C ASP L 224 57.65 -17.13 13.51
N ILE L 225 56.62 -17.95 13.37
CA ILE L 225 56.77 -19.29 12.74
C ILE L 225 56.76 -19.14 11.24
N TYR L 226 57.80 -19.60 10.59
CA TYR L 226 57.94 -19.46 9.18
C TYR L 226 56.90 -20.29 8.35
N TRP L 227 56.71 -21.55 8.74
CA TRP L 227 55.66 -22.43 8.18
C TRP L 227 55.33 -23.49 9.19
N PHE L 228 54.12 -24.07 9.08
CA PHE L 228 53.67 -25.18 9.85
C PHE L 228 53.42 -26.34 8.87
N GLU L 229 54.32 -27.34 8.96
CA GLU L 229 54.35 -28.47 8.04
C GLU L 229 53.52 -29.61 8.60
N GLU L 230 52.76 -30.24 7.69
CA GLU L 230 51.90 -31.39 7.94
C GLU L 230 51.16 -31.25 9.25
N PRO L 231 50.41 -30.18 9.35
CA PRO L 231 49.68 -30.03 10.62
C PRO L 231 48.63 -31.08 10.91
N LEU L 232 48.05 -31.63 9.85
CA LEU L 232 46.81 -32.43 9.96
C LEU L 232 47.01 -33.75 9.25
N TRP L 233 45.96 -34.58 9.23
CA TRP L 233 46.07 -35.90 8.58
C TRP L 233 46.35 -35.73 7.10
N TYR L 234 47.28 -36.55 6.59
CA TYR L 234 47.89 -36.33 5.28
C TYR L 234 46.94 -36.28 4.14
N ASP L 235 45.84 -37.03 4.24
CA ASP L 235 44.95 -37.16 3.14
C ASP L 235 43.69 -36.29 3.27
N ASP L 236 43.62 -35.43 4.28
CA ASP L 236 42.42 -34.62 4.58
C ASP L 236 42.63 -33.21 4.03
N VAL L 237 42.19 -32.98 2.80
CA VAL L 237 42.37 -31.68 2.18
C VAL L 237 41.58 -30.59 2.89
N THR L 238 40.33 -30.91 3.14
CA THR L 238 39.40 -29.88 3.72
C THR L 238 39.82 -29.30 5.10
N SER L 239 40.30 -30.12 6.00
CA SER L 239 40.79 -29.61 7.29
C SER L 239 41.97 -28.62 7.06
N HIS L 240 42.88 -28.92 6.14
CA HIS L 240 44.02 -28.02 5.86
C HIS L 240 43.49 -26.74 5.26
N ALA L 241 42.49 -26.86 4.37
CA ALA L 241 41.94 -25.61 3.75
C ALA L 241 41.33 -24.71 4.87
N ARG L 242 40.66 -25.33 5.79
CA ARG L 242 40.00 -24.56 6.89
C ARG L 242 41.08 -23.94 7.76
N LEU L 243 42.13 -24.69 8.02
CA LEU L 243 43.17 -24.15 8.92
C LEU L 243 43.89 -22.97 8.29
N ALA L 244 44.25 -23.13 7.02
CA ALA L 244 44.94 -22.09 6.32
C ALA L 244 44.21 -20.78 6.35
N ARG L 245 42.89 -20.82 6.29
CA ARG L 245 42.07 -19.63 6.36
C ARG L 245 41.91 -19.05 7.76
N ASN L 246 42.17 -19.83 8.79
CA ASN L 246 41.99 -19.42 10.15
C ASN L 246 43.26 -18.79 10.80
N THR L 247 44.42 -18.84 10.14
CA THR L 247 45.68 -18.35 10.68
C THR L 247 46.46 -17.69 9.61
N SER L 248 47.40 -16.80 10.01
CA SER L 248 48.36 -16.21 9.11
C SER L 248 49.59 -17.13 9.00
N ILE L 249 49.71 -18.15 9.81
CA ILE L 249 50.86 -19.00 9.69
C ILE L 249 50.77 -19.83 8.39
N PRO L 250 51.80 -19.83 7.54
CA PRO L 250 51.71 -20.61 6.31
C PRO L 250 51.71 -22.13 6.57
N ILE L 251 50.90 -22.87 5.84
CA ILE L 251 50.91 -24.33 5.84
C ILE L 251 51.84 -24.87 4.77
N ALA L 252 52.60 -25.86 5.16
CA ALA L 252 53.49 -26.60 4.25
C ALA L 252 53.09 -28.12 4.25
N LEU L 253 53.13 -28.79 3.10
CA LEU L 253 52.93 -30.23 3.05
C LEU L 253 53.38 -30.73 1.71
N GLY L 254 53.45 -32.03 1.56
CA GLY L 254 53.78 -32.64 0.33
C GLY L 254 54.47 -33.97 0.51
N GLU L 255 55.19 -34.18 1.63
CA GLU L 255 56.09 -35.29 1.68
C GLU L 255 55.39 -36.64 1.67
N GLN L 256 54.10 -36.64 1.94
CA GLN L 256 53.33 -37.89 2.01
C GLN L 256 52.43 -38.04 0.80
N LEU L 257 52.49 -37.11 -0.14
CA LEU L 257 51.60 -37.15 -1.27
C LEU L 257 52.24 -37.94 -2.42
N TYR L 258 51.55 -38.99 -2.91
CA TYR L 258 52.06 -39.82 -3.95
C TYR L 258 51.90 -39.33 -5.37
N THR L 259 50.94 -38.41 -5.64
CA THR L 259 50.62 -38.10 -6.98
C THR L 259 50.43 -36.63 -7.23
N VAL L 260 50.57 -36.26 -8.49
CA VAL L 260 50.22 -34.96 -8.96
C VAL L 260 48.74 -34.63 -8.69
N ASP L 261 47.84 -35.63 -8.75
CA ASP L 261 46.42 -35.36 -8.45
C ASP L 261 46.23 -34.89 -7.02
N ALA L 262 46.97 -35.51 -6.08
CA ALA L 262 46.89 -35.13 -4.65
C ALA L 262 47.38 -33.68 -4.46
N PHE L 263 48.50 -33.32 -5.09
CA PHE L 263 49.02 -31.94 -5.00
C PHE L 263 48.01 -30.97 -5.56
N ARG L 264 47.43 -31.31 -6.73
CA ARG L 264 46.42 -30.41 -7.31
C ARG L 264 45.27 -30.23 -6.36
N SER L 265 44.83 -31.31 -5.71
CA SER L 265 43.72 -31.21 -4.77
C SER L 265 44.04 -30.16 -3.68
N PHE L 266 45.22 -30.31 -3.08
CA PHE L 266 45.59 -29.40 -2.01
C PHE L 266 45.83 -28.00 -2.48
N ILE L 267 46.55 -27.85 -3.58
CA ILE L 267 46.88 -26.50 -4.06
C ILE L 267 45.58 -25.75 -4.45
N ASP L 268 44.68 -26.42 -5.15
CA ASP L 268 43.48 -25.70 -5.65
C ASP L 268 42.59 -25.31 -4.49
N ALA L 269 42.63 -26.09 -3.44
CA ALA L 269 41.85 -25.77 -2.24
C ALA L 269 42.45 -24.66 -1.35
N GLY L 270 43.63 -24.18 -1.68
CA GLY L 270 44.31 -23.22 -0.83
C GLY L 270 44.69 -23.80 0.49
N ALA L 271 44.92 -25.11 0.48
CA ALA L 271 45.26 -25.88 1.63
C ALA L 271 46.79 -26.04 1.84
N VAL L 272 47.61 -25.48 0.96
CA VAL L 272 49.04 -25.50 1.15
C VAL L 272 49.60 -24.23 0.57
N ALA L 273 50.60 -23.63 1.22
CA ALA L 273 51.32 -22.48 0.67
C ALA L 273 52.79 -22.88 0.28
N TYR L 274 53.44 -23.69 1.07
CA TYR L 274 54.74 -24.18 0.78
C TYR L 274 54.61 -25.63 0.31
N VAL L 275 54.94 -25.85 -0.96
CA VAL L 275 54.68 -27.10 -1.66
C VAL L 275 55.95 -27.93 -1.55
N GLN L 276 55.77 -29.14 -1.08
CA GLN L 276 56.93 -29.99 -0.73
C GLN L 276 56.93 -31.32 -1.51
N PRO L 277 57.12 -31.27 -2.81
CA PRO L 277 57.30 -32.51 -3.53
C PRO L 277 58.56 -33.27 -3.11
N ASP L 278 58.61 -34.57 -3.40
CA ASP L 278 59.71 -35.42 -2.99
C ASP L 278 59.85 -36.52 -4.04
N VAL L 279 60.98 -36.53 -4.73
CA VAL L 279 61.19 -37.49 -5.81
C VAL L 279 61.09 -38.92 -5.32
N THR L 280 61.19 -39.13 -4.03
CA THR L 280 61.10 -40.49 -3.46
C THR L 280 59.67 -40.93 -3.17
N ARG L 281 58.75 -39.99 -3.24
CA ARG L 281 57.35 -40.23 -2.84
C ARG L 281 56.44 -40.13 -4.06
N LEU L 282 56.53 -39.02 -4.83
CA LEU L 282 55.99 -38.92 -6.16
C LEU L 282 56.72 -39.89 -7.02
N GLY L 283 56.30 -40.02 -8.25
CA GLY L 283 56.98 -40.90 -9.19
C GLY L 283 58.27 -40.33 -9.78
N GLY L 284 59.23 -40.10 -8.95
CA GLY L 284 60.56 -39.67 -9.37
C GLY L 284 60.67 -38.21 -9.76
N ILE L 285 61.74 -37.94 -10.45
CA ILE L 285 62.02 -36.62 -11.02
C ILE L 285 60.95 -36.25 -12.02
N THR L 286 60.49 -37.22 -12.84
CA THR L 286 59.49 -36.94 -13.84
C THR L 286 58.22 -36.31 -13.19
N GLU L 287 57.71 -36.94 -12.15
CA GLU L 287 56.46 -36.38 -11.56
C GLU L 287 56.77 -35.09 -10.76
N TYR L 288 57.92 -35.05 -10.12
CA TYR L 288 58.35 -33.91 -9.31
C TYR L 288 58.28 -32.69 -10.18
N ILE L 289 58.82 -32.79 -11.39
CA ILE L 289 58.81 -31.61 -12.28
C ILE L 289 57.39 -31.14 -12.61
N GLN L 290 56.48 -32.12 -12.74
CA GLN L 290 55.09 -31.73 -13.00
C GLN L 290 54.49 -31.01 -11.82
N VAL L 291 54.78 -31.45 -10.60
CA VAL L 291 54.26 -30.80 -9.44
C VAL L 291 54.96 -29.44 -9.25
N ALA L 292 56.27 -29.36 -9.47
CA ALA L 292 56.95 -28.02 -9.44
C ALA L 292 56.41 -27.00 -10.39
N ASP L 293 56.11 -27.45 -11.60
CA ASP L 293 55.44 -26.62 -12.56
C ASP L 293 54.06 -26.16 -12.14
N LEU L 294 53.31 -27.06 -11.53
CA LEU L 294 52.03 -26.71 -10.97
C LEU L 294 52.15 -25.64 -9.91
N ALA L 295 53.11 -25.81 -9.03
CA ALA L 295 53.36 -24.77 -8.05
C ALA L 295 53.73 -23.44 -8.67
N LEU L 296 54.59 -23.48 -9.66
CA LEU L 296 55.01 -22.30 -10.35
C LEU L 296 53.78 -21.59 -10.89
N ALA L 297 52.85 -22.33 -11.53
CA ALA L 297 51.66 -21.65 -12.11
C ALA L 297 50.80 -20.94 -11.04
N HIS L 298 50.86 -21.45 -9.84
CA HIS L 298 50.20 -20.81 -8.71
C HIS L 298 51.08 -19.86 -7.96
N ARG L 299 52.30 -19.58 -8.44
CA ARG L 299 53.31 -18.75 -7.80
C ARG L 299 53.56 -19.14 -6.41
N LEU L 300 53.58 -20.44 -6.14
CA LEU L 300 53.86 -20.88 -4.82
C LEU L 300 55.31 -21.45 -4.78
N PRO L 301 55.98 -21.32 -3.65
CA PRO L 301 57.34 -21.79 -3.47
C PRO L 301 57.44 -23.31 -3.38
N VAL L 302 58.47 -23.86 -3.96
CA VAL L 302 58.78 -25.30 -3.90
C VAL L 302 59.96 -25.57 -3.01
N VAL L 303 59.69 -26.32 -1.99
CA VAL L 303 60.63 -26.54 -0.88
C VAL L 303 60.59 -28.04 -0.62
N PRO L 304 61.30 -28.82 -1.45
CA PRO L 304 61.11 -30.31 -1.41
C PRO L 304 61.56 -30.94 -0.12
N HIS L 305 60.87 -32.00 0.24
CA HIS L 305 61.19 -32.74 1.44
C HIS L 305 62.36 -33.70 1.16
N ALA L 306 63.19 -33.86 2.18
CA ALA L 306 64.45 -34.62 2.07
C ALA L 306 64.30 -36.14 2.29
N GLY L 307 63.41 -36.76 1.53
CA GLY L 307 63.25 -38.21 1.55
C GLY L 307 64.48 -38.95 1.00
N GLU L 308 65.27 -38.23 0.20
CA GLU L 308 66.52 -38.67 -0.29
C GLU L 308 67.69 -37.81 0.26
N MET L 309 67.44 -37.19 1.40
CA MET L 309 68.40 -36.41 2.18
C MET L 309 69.04 -35.31 1.37
N SER L 310 68.25 -34.83 0.39
CA SER L 310 68.63 -33.75 -0.56
C SER L 310 69.67 -34.06 -1.63
N GLN L 311 70.10 -35.30 -1.70
CA GLN L 311 71.03 -35.71 -2.76
C GLN L 311 70.54 -35.45 -4.18
N VAL L 312 69.23 -35.63 -4.44
CA VAL L 312 68.65 -35.32 -5.66
C VAL L 312 68.13 -33.88 -5.66
N HIS L 313 67.46 -33.49 -4.61
CA HIS L 313 66.74 -32.23 -4.59
C HIS L 313 67.71 -31.00 -4.59
N VAL L 314 68.98 -31.20 -4.17
CA VAL L 314 69.96 -30.13 -4.40
C VAL L 314 70.02 -29.73 -5.83
N HIS L 315 69.98 -30.69 -6.73
CA HIS L 315 69.89 -30.38 -8.14
C HIS L 315 68.62 -29.63 -8.54
N LEU L 316 67.49 -30.19 -8.17
CA LEU L 316 66.24 -29.64 -8.61
C LEU L 316 66.01 -28.22 -8.05
N SER L 317 66.48 -27.95 -6.83
CA SER L 317 66.40 -26.63 -6.21
C SER L 317 67.37 -25.56 -6.78
N TYR L 318 68.53 -26.03 -7.28
CA TYR L 318 69.45 -25.17 -8.05
C TYR L 318 68.88 -24.83 -9.39
N TRP L 319 67.97 -25.65 -9.95
CA TRP L 319 67.44 -25.39 -11.27
C TRP L 319 66.01 -24.77 -11.32
N HIS L 320 65.06 -25.43 -10.64
CA HIS L 320 63.66 -25.13 -10.93
C HIS L 320 63.29 -23.73 -10.44
N PRO L 321 62.69 -22.89 -11.28
CA PRO L 321 62.65 -21.45 -10.85
C PRO L 321 61.64 -21.14 -9.76
N ALA L 322 60.80 -22.10 -9.37
CA ALA L 322 59.87 -21.86 -8.24
C ALA L 322 60.51 -22.21 -6.91
N SER L 323 61.71 -22.78 -6.98
CA SER L 323 62.37 -23.31 -5.80
C SER L 323 62.83 -22.13 -4.89
N THR L 324 62.89 -22.38 -3.59
CA THR L 324 63.49 -21.43 -2.70
C THR L 324 64.57 -22.05 -1.80
N ILE L 325 64.18 -22.55 -0.62
CA ILE L 325 65.07 -23.16 0.37
C ILE L 325 65.04 -24.69 0.35
N LEU L 326 66.05 -25.29 0.99
CA LEU L 326 66.29 -26.73 0.97
C LEU L 326 66.61 -27.30 2.32
N GLU L 327 65.80 -28.25 2.73
CA GLU L 327 65.95 -29.00 3.94
C GLU L 327 67.36 -29.66 4.02
N TYR L 328 67.92 -29.65 5.20
CA TYR L 328 69.21 -30.29 5.46
C TYR L 328 69.14 -31.23 6.62
N ILE L 329 69.50 -32.48 6.33
CA ILE L 329 69.66 -33.53 7.32
C ILE L 329 70.90 -34.30 6.91
N PRO L 330 71.93 -34.30 7.77
CA PRO L 330 73.22 -34.81 7.27
C PRO L 330 73.44 -36.31 7.41
N TRP L 331 72.39 -37.10 7.66
CA TRP L 331 72.55 -38.51 8.02
C TRP L 331 73.31 -39.39 7.04
N ILE L 332 73.09 -39.24 5.75
CA ILE L 332 73.58 -40.20 4.76
C ILE L 332 74.59 -39.64 3.78
N LYS L 333 74.85 -38.35 3.86
CA LYS L 333 75.57 -37.71 2.79
C LYS L 333 76.98 -38.31 2.54
N ASP L 334 77.61 -38.70 3.61
CA ASP L 334 79.00 -39.16 3.54
C ASP L 334 79.08 -40.55 2.92
N HIS L 335 77.94 -41.12 2.55
CA HIS L 335 77.88 -42.43 1.89
C HIS L 335 77.76 -42.37 0.40
N PHE L 336 77.82 -41.17 -0.17
CA PHE L 336 77.77 -40.95 -1.61
C PHE L 336 79.11 -40.47 -2.24
N GLU L 337 79.26 -40.73 -3.54
CA GLU L 337 80.44 -40.29 -4.30
C GLU L 337 80.46 -38.75 -4.34
N GLU L 338 79.26 -38.11 -4.33
CA GLU L 338 79.17 -36.66 -4.24
C GLU L 338 78.20 -36.27 -3.11
N PRO L 339 78.72 -36.18 -1.89
CA PRO L 339 77.88 -35.78 -0.76
C PRO L 339 77.29 -34.41 -0.99
N ILE L 340 76.06 -34.17 -0.51
CA ILE L 340 75.67 -32.74 -0.35
C ILE L 340 76.66 -32.13 0.67
N HIS L 341 76.75 -30.84 0.59
CA HIS L 341 77.63 -30.07 1.46
C HIS L 341 76.96 -28.68 1.72
N VAL L 342 76.82 -28.34 2.98
CA VAL L 342 76.35 -27.02 3.41
C VAL L 342 77.44 -26.31 4.17
N ARG L 343 77.70 -25.07 3.76
CA ARG L 343 78.66 -24.24 4.42
C ARG L 343 77.97 -22.93 4.65
N ASP L 344 77.97 -22.51 5.93
CA ASP L 344 77.32 -21.25 6.35
C ASP L 344 75.93 -21.12 5.70
N GLY L 345 75.15 -22.18 5.77
CA GLY L 345 73.73 -22.11 5.41
C GLY L 345 73.45 -22.13 3.94
N VAL L 346 74.47 -22.44 3.10
CA VAL L 346 74.37 -22.52 1.70
C VAL L 346 74.87 -23.89 1.17
N TYR L 347 74.04 -24.53 0.31
CA TYR L 347 74.41 -25.78 -0.36
C TYR L 347 75.42 -25.49 -1.44
N LYS L 348 76.48 -26.31 -1.44
CA LYS L 348 77.38 -26.35 -2.56
C LYS L 348 76.65 -26.82 -3.83
N ARG L 349 76.99 -26.25 -4.93
CA ARG L 349 76.35 -26.62 -6.17
C ARG L 349 77.04 -27.90 -6.70
N PRO L 350 76.26 -28.93 -7.06
CA PRO L 350 76.90 -30.19 -7.52
C PRO L 350 77.80 -30.00 -8.69
N GLU L 351 78.86 -30.79 -8.72
CA GLU L 351 79.77 -30.78 -9.85
C GLU L 351 79.80 -32.06 -10.68
N GLN L 352 79.61 -33.23 -10.08
CA GLN L 352 79.87 -34.45 -10.88
C GLN L 352 78.70 -34.77 -11.80
N PRO L 353 78.97 -35.47 -12.90
CA PRO L 353 77.92 -35.90 -13.82
C PRO L 353 76.90 -36.78 -13.08
N GLY L 354 75.63 -36.58 -13.37
CA GLY L 354 74.63 -37.39 -12.73
C GLY L 354 73.78 -36.62 -11.76
N ALA L 355 72.97 -37.37 -11.01
CA ALA L 355 72.05 -36.82 -9.97
C ALA L 355 72.55 -36.94 -8.53
N SER L 356 73.86 -37.23 -8.35
CA SER L 356 74.43 -37.45 -7.06
C SER L 356 73.67 -38.48 -6.19
N THR L 357 73.25 -39.53 -6.85
CA THR L 357 72.63 -40.68 -6.22
C THR L 357 73.51 -41.95 -6.11
N THR L 358 74.76 -41.84 -6.50
CA THR L 358 75.65 -43.04 -6.57
C THR L 358 76.32 -43.18 -5.23
N PRO L 359 76.00 -44.24 -4.47
CA PRO L 359 76.65 -44.47 -3.21
C PRO L 359 78.04 -45.09 -3.40
N LEU L 360 78.86 -44.94 -2.37
CA LEU L 360 80.22 -45.51 -2.36
C LEU L 360 80.13 -47.03 -2.27
N ALA L 361 81.04 -47.71 -2.93
CA ALA L 361 81.13 -49.16 -2.88
C ALA L 361 81.20 -49.62 -1.46
N GLU L 362 81.98 -48.95 -0.63
CA GLU L 362 82.14 -49.42 0.73
C GLU L 362 80.85 -49.32 1.57
N SER L 363 79.96 -48.39 1.20
CA SER L 363 78.71 -48.23 1.92
C SER L 363 77.80 -49.43 1.65
N PHE L 364 77.80 -49.95 0.43
CA PHE L 364 77.10 -51.14 0.12
C PHE L 364 77.60 -52.31 0.90
N THR L 365 78.92 -52.45 0.94
CA THR L 365 79.54 -53.54 1.69
C THR L 365 79.18 -53.51 3.12
N ARG L 366 79.26 -52.34 3.71
CA ARG L 366 79.06 -52.23 5.14
C ARG L 366 77.60 -52.25 5.59
N TYR L 367 76.70 -51.62 4.83
CA TYR L 367 75.35 -51.34 5.29
C TYR L 367 74.24 -51.92 4.37
N GLY L 368 74.64 -52.59 3.30
CA GLY L 368 73.70 -53.23 2.39
C GLY L 368 72.96 -54.37 3.07
N LYS L 369 71.71 -54.59 2.68
CA LYS L 369 70.87 -55.60 3.29
C LYS L 369 70.43 -56.58 2.21
N ALA L 370 70.16 -57.81 2.61
CA ALA L 370 69.75 -58.80 1.62
C ALA L 370 68.28 -58.48 1.19
N VAL L 371 68.02 -58.66 -0.08
CA VAL L 371 66.68 -58.42 -0.67
C VAL L 371 65.74 -59.62 -0.63
N LYS L 372 66.26 -60.78 -0.19
CA LYS L 372 65.54 -62.06 -0.09
C LYS L 372 66.16 -62.76 1.10
N MET M 1 -16.42 -11.16 -34.33
CA MET M 1 -15.42 -12.29 -34.13
C MET M 1 -16.24 -13.55 -33.77
N LYS M 2 -15.62 -14.71 -33.91
CA LYS M 2 -16.28 -15.98 -33.64
C LYS M 2 -16.48 -16.22 -32.17
N ILE M 3 -17.67 -16.74 -31.84
CA ILE M 3 -18.03 -17.13 -30.52
C ILE M 3 -17.31 -18.46 -30.30
N THR M 4 -16.53 -18.53 -29.20
CA THR M 4 -15.83 -19.77 -28.89
C THR M 4 -16.36 -20.53 -27.68
N ALA M 5 -17.14 -19.88 -26.81
CA ALA M 5 -17.79 -20.55 -25.72
C ALA M 5 -19.03 -19.76 -25.29
N VAL M 6 -19.92 -20.52 -24.69
CA VAL M 6 -21.15 -20.01 -24.11
C VAL M 6 -21.29 -20.74 -22.79
N GLU M 7 -21.21 -20.03 -21.67
CA GLU M 7 -21.20 -20.63 -20.33
C GLU M 7 -22.27 -20.00 -19.45
N PRO M 8 -23.35 -20.75 -19.15
CA PRO M 8 -24.38 -20.21 -18.26
C PRO M 8 -23.93 -20.10 -16.86
N PHE M 9 -24.61 -19.24 -16.13
CA PHE M 9 -24.41 -19.04 -14.75
C PHE M 9 -25.70 -18.64 -14.04
N ILE M 10 -25.68 -18.85 -12.73
CA ILE M 10 -26.75 -18.45 -11.80
C ILE M 10 -26.15 -17.76 -10.57
N LEU M 11 -26.58 -16.58 -10.23
CA LEU M 11 -26.29 -16.03 -8.91
C LEU M 11 -27.57 -15.90 -8.15
N HIS M 12 -27.56 -16.21 -6.83
CA HIS M 12 -28.68 -15.87 -5.96
C HIS M 12 -28.22 -14.83 -4.99
N LEU M 13 -28.73 -13.62 -5.13
CA LEU M 13 -28.17 -12.52 -4.40
C LEU M 13 -29.15 -12.06 -3.35
N PRO M 14 -28.68 -11.76 -2.16
CA PRO M 14 -29.59 -11.34 -1.10
C PRO M 14 -30.10 -9.93 -1.23
N LEU M 15 -31.20 -9.66 -0.53
CA LEU M 15 -31.92 -8.38 -0.67
C LEU M 15 -31.67 -7.42 0.50
N THR M 16 -32.29 -6.24 0.46
CA THR M 16 -32.08 -5.25 1.54
C THR M 16 -32.80 -5.64 2.81
N SER M 17 -33.71 -6.64 2.73
CA SER M 17 -34.38 -7.22 3.91
C SER M 17 -34.30 -8.73 3.77
N GLU M 18 -34.59 -9.45 4.85
CA GLU M 18 -34.53 -10.91 4.83
C GLU M 18 -35.51 -11.44 3.78
N SER M 19 -36.69 -10.79 3.72
CA SER M 19 -37.76 -11.12 2.79
C SER M 19 -38.47 -9.81 2.37
N ILE M 20 -38.97 -9.79 1.15
CA ILE M 20 -39.86 -8.69 0.74
C ILE M 20 -41.02 -9.32 -0.04
N SER M 21 -42.17 -8.65 0.01
CA SER M 21 -43.35 -9.12 -0.76
C SER M 21 -44.00 -7.97 -1.53
N ASP M 22 -44.63 -8.32 -2.65
CA ASP M 22 -45.59 -7.44 -3.25
C ASP M 22 -46.97 -8.11 -3.11
N SER M 23 -47.96 -7.72 -3.91
CA SER M 23 -49.27 -8.37 -3.83
C SER M 23 -49.28 -9.86 -4.08
N THR M 24 -48.25 -10.36 -4.74
CA THR M 24 -48.30 -11.67 -5.40
C THR M 24 -47.14 -12.61 -5.01
N HIS M 25 -45.97 -12.02 -4.80
CA HIS M 25 -44.74 -12.79 -4.54
C HIS M 25 -44.11 -12.44 -3.19
N SER M 26 -43.49 -13.42 -2.56
CA SER M 26 -42.51 -13.18 -1.48
C SER M 26 -41.17 -13.86 -1.78
N ILE M 27 -40.06 -13.14 -1.65
CA ILE M 27 -38.73 -13.62 -2.03
C ILE M 27 -37.68 -13.24 -1.01
N THR M 28 -36.61 -14.04 -1.01
CA THR M 28 -35.46 -13.78 -0.13
C THR M 28 -34.20 -13.49 -0.91
N HIS M 29 -34.18 -13.86 -2.19
CA HIS M 29 -33.04 -13.57 -3.05
C HIS M 29 -33.49 -13.20 -4.47
N TRP M 30 -32.61 -12.54 -5.19
CA TRP M 30 -32.85 -12.18 -6.57
C TRP M 30 -32.05 -13.09 -7.38
N GLY M 31 -32.63 -13.69 -8.42
CA GLY M 31 -31.88 -14.56 -9.26
C GLY M 31 -31.32 -13.85 -10.49
N VAL M 32 -29.98 -13.85 -10.64
CA VAL M 32 -29.32 -13.38 -11.86
C VAL M 32 -28.92 -14.58 -12.64
N VAL M 33 -29.60 -14.80 -13.74
CA VAL M 33 -29.53 -16.01 -14.42
C VAL M 33 -29.14 -15.73 -15.85
N GLY M 34 -28.00 -16.24 -16.28
CA GLY M 34 -27.59 -15.91 -17.63
C GLY M 34 -26.48 -16.63 -18.28
N ALA M 35 -25.76 -15.90 -19.12
CA ALA M 35 -24.69 -16.48 -19.88
C ALA M 35 -23.53 -15.55 -20.05
N LYS M 36 -22.35 -16.16 -20.01
CA LYS M 36 -21.10 -15.56 -20.41
C LYS M 36 -20.69 -16.13 -21.74
N ILE M 37 -20.53 -15.25 -22.74
CA ILE M 37 -20.18 -15.68 -24.06
C ILE M 37 -18.80 -15.11 -24.38
N THR M 38 -17.90 -16.01 -24.73
CA THR M 38 -16.50 -15.63 -25.09
C THR M 38 -16.28 -15.66 -26.56
N THR M 39 -15.61 -14.66 -27.10
CA THR M 39 -15.27 -14.68 -28.51
C THR M 39 -13.74 -15.00 -28.73
N SER M 40 -13.36 -15.23 -29.98
CA SER M 40 -11.97 -15.61 -30.33
C SER M 40 -10.92 -14.60 -29.99
N ASP M 41 -11.29 -13.33 -29.85
CA ASP M 41 -10.38 -12.31 -29.38
C ASP M 41 -10.31 -12.22 -27.85
N GLY M 42 -10.94 -13.14 -27.14
CA GLY M 42 -10.86 -13.15 -25.65
C GLY M 42 -11.87 -12.25 -24.92
N ILE M 43 -12.69 -11.49 -25.65
CA ILE M 43 -13.73 -10.67 -25.02
C ILE M 43 -14.82 -11.57 -24.47
N GLU M 44 -15.29 -11.21 -23.30
CA GLU M 44 -16.28 -11.94 -22.50
C GLU M 44 -17.47 -11.00 -22.32
N GLY M 45 -18.61 -11.43 -22.87
CA GLY M 45 -19.87 -10.71 -22.71
C GLY M 45 -20.77 -11.41 -21.76
N TYR M 46 -21.52 -10.63 -21.01
CA TYR M 46 -22.43 -11.19 -20.04
C TYR M 46 -23.84 -10.66 -20.28
N GLY M 47 -24.80 -11.54 -20.13
CA GLY M 47 -26.20 -11.08 -20.21
C GLY M 47 -26.99 -11.97 -19.28
N PHE M 48 -28.12 -11.47 -18.79
CA PHE M 48 -28.89 -12.27 -17.85
C PHE M 48 -30.35 -11.85 -17.80
N THR M 49 -31.16 -12.80 -17.30
CA THR M 49 -32.54 -12.48 -16.95
C THR M 49 -32.64 -12.35 -15.46
N GLY M 50 -33.83 -12.13 -14.93
CA GLY M 50 -33.99 -11.80 -13.54
C GLY M 50 -35.10 -12.66 -13.00
N THR M 51 -34.85 -13.47 -12.01
CA THR M 51 -35.83 -14.41 -11.53
C THR M 51 -35.97 -14.28 -10.05
N HIS M 52 -36.90 -15.06 -9.46
CA HIS M 52 -37.12 -15.02 -8.02
C HIS M 52 -36.29 -16.09 -7.27
N ALA M 53 -35.27 -16.51 -7.96
CA ALA M 53 -34.24 -17.40 -7.41
C ALA M 53 -34.80 -18.73 -6.92
N HIS M 54 -35.62 -19.33 -7.78
CA HIS M 54 -36.16 -20.68 -7.61
C HIS M 54 -35.25 -21.58 -8.41
N LEU M 55 -34.29 -22.26 -7.71
CA LEU M 55 -33.25 -22.89 -8.43
C LEU M 55 -33.70 -23.86 -9.49
N PRO M 56 -34.72 -24.70 -9.23
CA PRO M 56 -35.09 -25.62 -10.31
C PRO M 56 -35.49 -24.97 -11.63
N SER M 57 -36.16 -23.83 -11.56
CA SER M 57 -36.54 -23.14 -12.81
C SER M 57 -35.45 -22.28 -13.37
N ASP M 58 -34.59 -21.76 -12.48
CA ASP M 58 -33.37 -21.10 -12.93
C ASP M 58 -32.55 -22.05 -13.83
N ARG M 59 -32.49 -23.33 -13.48
CA ARG M 59 -31.72 -24.28 -14.24
C ARG M 59 -32.37 -24.64 -15.53
N LEU M 60 -33.68 -24.43 -15.67
CA LEU M 60 -34.33 -24.60 -16.99
C LEU M 60 -33.83 -23.54 -17.93
N ILE M 61 -33.62 -22.33 -17.42
CA ILE M 61 -33.18 -21.23 -18.28
C ILE M 61 -31.72 -21.54 -18.76
N THR M 62 -30.88 -21.95 -17.81
CA THR M 62 -29.50 -22.21 -18.15
C THR M 62 -29.35 -23.40 -19.04
N SER M 63 -30.17 -24.43 -18.84
CA SER M 63 -30.09 -25.57 -19.72
C SER M 63 -30.55 -25.19 -21.13
N CYS M 64 -31.51 -24.26 -21.24
CA CYS M 64 -31.91 -23.84 -22.58
C CYS M 64 -30.70 -23.15 -23.24
N ILE M 65 -29.96 -22.37 -22.45
CA ILE M 65 -28.83 -21.64 -23.01
C ILE M 65 -27.78 -22.63 -23.49
N SER M 66 -27.39 -23.55 -22.62
CA SER M 66 -26.28 -24.49 -22.91
C SER M 66 -26.69 -25.56 -23.91
N ASP M 67 -27.90 -26.08 -23.78
CA ASP M 67 -28.30 -27.23 -24.55
C ASP M 67 -29.06 -26.92 -25.84
N CYS M 68 -29.85 -25.83 -25.87
CA CYS M 68 -30.62 -25.50 -27.06
C CYS M 68 -29.94 -24.39 -27.87
N TYR M 69 -29.40 -23.38 -27.19
CA TYR M 69 -28.87 -22.22 -27.90
C TYR M 69 -27.36 -22.29 -28.21
N ALA M 70 -26.54 -22.81 -27.26
CA ALA M 70 -25.08 -22.80 -27.51
C ALA M 70 -24.67 -23.44 -28.84
N PRO M 71 -25.25 -24.61 -29.21
CA PRO M 71 -24.89 -25.21 -30.49
C PRO M 71 -25.23 -24.31 -31.68
N LEU M 72 -26.16 -23.36 -31.51
CA LEU M 72 -26.49 -22.45 -32.62
C LEU M 72 -25.59 -21.18 -32.64
N LEU M 73 -24.90 -20.95 -31.54
CA LEU M 73 -24.05 -19.81 -31.39
C LEU M 73 -22.55 -20.13 -31.64
N LEU M 74 -22.10 -21.30 -31.26
CA LEU M 74 -20.64 -21.58 -31.42
C LEU M 74 -20.20 -21.50 -32.85
N GLY M 75 -19.10 -20.79 -33.06
CA GLY M 75 -18.58 -20.59 -34.38
C GLY M 75 -19.20 -19.47 -35.18
N GLU M 76 -20.23 -18.82 -34.67
CA GLU M 76 -20.88 -17.73 -35.39
C GLU M 76 -20.18 -16.42 -35.03
N ASP M 77 -20.27 -15.46 -35.93
CA ASP M 77 -19.79 -14.09 -35.70
C ASP M 77 -20.65 -13.38 -34.67
N ALA M 78 -20.10 -13.07 -33.50
CA ALA M 78 -20.88 -12.41 -32.47
C ALA M 78 -21.38 -11.03 -32.87
N SER M 79 -20.70 -10.43 -33.86
CA SER M 79 -21.04 -9.12 -34.39
C SER M 79 -22.51 -9.10 -34.89
N ASP M 80 -22.92 -10.24 -35.45
CA ASP M 80 -24.17 -10.37 -36.18
C ASP M 80 -25.39 -10.56 -35.23
N HIS M 81 -25.56 -9.71 -34.22
CA HIS M 81 -26.56 -9.91 -33.18
C HIS M 81 -28.03 -9.95 -33.72
N SER M 82 -28.31 -9.19 -34.75
CA SER M 82 -29.66 -9.24 -35.35
C SER M 82 -29.95 -10.52 -36.07
N ARG M 83 -29.00 -11.00 -36.86
CA ARG M 83 -29.16 -12.28 -37.53
C ARG M 83 -29.30 -13.42 -36.52
N LEU M 84 -28.47 -13.39 -35.52
CA LEU M 84 -28.51 -14.39 -34.46
C LEU M 84 -29.76 -14.36 -33.62
N TRP M 85 -30.31 -13.19 -33.38
CA TRP M 85 -31.54 -13.11 -32.66
C TRP M 85 -32.58 -13.96 -33.39
N THR M 86 -32.71 -13.74 -34.68
CA THR M 86 -33.69 -14.49 -35.44
C THR M 86 -33.35 -16.00 -35.49
N LYS M 87 -32.06 -16.29 -35.65
CA LYS M 87 -31.62 -17.67 -35.72
C LYS M 87 -32.09 -18.44 -34.48
N LEU M 88 -31.91 -17.86 -33.31
CA LEU M 88 -32.29 -18.51 -32.10
C LEU M 88 -33.84 -18.46 -31.84
N ALA M 89 -34.39 -17.26 -31.89
CA ALA M 89 -35.82 -17.03 -31.55
C ALA M 89 -36.72 -17.87 -32.44
N ARG M 90 -36.38 -17.96 -33.71
CA ARG M 90 -37.22 -18.62 -34.73
C ARG M 90 -36.67 -19.97 -35.18
N TYR M 91 -35.72 -20.59 -34.45
CA TYR M 91 -35.31 -21.95 -34.76
C TYR M 91 -36.56 -22.82 -34.57
N PRO M 92 -36.97 -23.55 -35.62
CA PRO M 92 -38.34 -24.08 -35.65
C PRO M 92 -38.78 -24.93 -34.54
N SER M 93 -37.93 -25.85 -34.09
CA SER M 93 -38.35 -26.72 -33.02
C SER M 93 -38.34 -26.02 -31.63
N LEU M 94 -37.56 -24.95 -31.46
CA LEU M 94 -37.58 -24.24 -30.22
C LEU M 94 -38.74 -23.24 -30.23
N GLN M 95 -38.99 -22.62 -31.36
CA GLN M 95 -40.16 -21.72 -31.50
C GLN M 95 -41.40 -22.47 -31.13
N TRP M 96 -41.45 -23.73 -31.54
CA TRP M 96 -42.59 -24.60 -31.26
C TRP M 96 -42.89 -24.69 -29.78
N VAL M 97 -41.87 -24.68 -28.94
CA VAL M 97 -42.08 -24.67 -27.50
C VAL M 97 -41.79 -23.34 -26.87
N GLY M 98 -41.86 -22.27 -27.66
CA GLY M 98 -41.40 -20.94 -27.27
C GLY M 98 -42.31 -19.78 -27.62
N ARG M 99 -41.71 -18.70 -28.14
CA ARG M 99 -42.35 -17.36 -28.33
C ARG M 99 -42.57 -16.63 -27.04
N ALA M 100 -42.36 -17.32 -25.93
CA ALA M 100 -42.52 -16.75 -24.62
C ALA M 100 -41.99 -17.69 -23.58
N GLY M 101 -42.00 -17.27 -22.35
CA GLY M 101 -41.61 -18.15 -21.23
C GLY M 101 -40.09 -18.46 -21.25
N ILE M 102 -39.71 -19.64 -20.79
CA ILE M 102 -38.31 -20.02 -20.57
C ILE M 102 -37.43 -19.78 -21.78
N THR M 103 -37.82 -20.21 -22.94
CA THR M 103 -37.01 -20.04 -24.13
C THR M 103 -36.74 -18.56 -24.44
N HIS M 104 -37.71 -17.70 -24.14
CA HIS M 104 -37.55 -16.30 -24.41
C HIS M 104 -36.62 -15.65 -23.38
N LEU M 105 -36.72 -16.08 -22.14
CA LEU M 105 -35.84 -15.55 -21.10
C LEU M 105 -34.40 -15.92 -21.37
N ALA M 106 -34.18 -17.14 -21.79
CA ALA M 106 -32.82 -17.57 -22.13
C ALA M 106 -32.28 -16.79 -23.33
N LEU M 107 -33.15 -16.52 -24.30
CA LEU M 107 -32.81 -15.72 -25.46
C LEU M 107 -32.38 -14.29 -25.08
N ALA M 108 -33.11 -13.73 -24.13
CA ALA M 108 -32.78 -12.40 -23.59
C ALA M 108 -31.30 -12.36 -23.06
N ALA M 109 -30.94 -13.38 -22.30
CA ALA M 109 -29.62 -13.41 -21.65
C ALA M 109 -28.58 -13.48 -22.77
N VAL M 110 -28.82 -14.30 -23.79
CA VAL M 110 -27.91 -14.35 -24.91
C VAL M 110 -27.77 -13.02 -25.61
N ASP M 111 -28.91 -12.42 -25.91
CA ASP M 111 -28.88 -11.20 -26.70
C ASP M 111 -28.11 -10.09 -25.98
N VAL M 112 -28.39 -9.95 -24.69
CA VAL M 112 -27.74 -8.95 -23.88
C VAL M 112 -26.23 -9.21 -23.89
N ALA M 113 -25.81 -10.47 -23.81
CA ALA M 113 -24.36 -10.81 -23.84
C ALA M 113 -23.71 -10.39 -25.14
N LEU M 114 -24.40 -10.56 -26.28
CA LEU M 114 -23.86 -10.16 -27.56
C LEU M 114 -23.70 -8.64 -27.66
N TRP M 115 -24.62 -7.93 -27.07
CA TRP M 115 -24.55 -6.49 -27.07
C TRP M 115 -23.44 -6.02 -26.10
N ASP M 116 -23.27 -6.76 -25.02
CA ASP M 116 -22.18 -6.41 -24.07
C ASP M 116 -20.82 -6.51 -24.82
N ILE M 117 -20.64 -7.60 -25.58
CA ILE M 117 -19.51 -7.82 -26.45
C ILE M 117 -19.32 -6.70 -27.48
N LYS M 118 -20.38 -6.36 -28.19
CA LYS M 118 -20.33 -5.29 -29.17
C LYS M 118 -19.78 -3.99 -28.62
N ALA M 119 -20.30 -3.58 -27.47
CA ALA M 119 -19.86 -2.30 -26.79
C ALA M 119 -18.40 -2.43 -26.17
N LYS M 120 -18.08 -3.59 -25.62
CA LYS M 120 -16.72 -3.87 -25.16
C LYS M 120 -15.74 -3.80 -26.29
N LYS M 121 -16.03 -4.42 -27.41
CA LYS M 121 -15.16 -4.41 -28.56
C LYS M 121 -14.94 -2.99 -29.08
N ALA M 122 -15.98 -2.19 -29.10
CA ALA M 122 -15.85 -0.78 -29.47
C ALA M 122 -15.19 0.08 -28.44
N GLY M 123 -15.04 -0.40 -27.24
CA GLY M 123 -14.35 0.31 -26.22
C GLY M 123 -15.14 1.43 -25.57
N VAL M 124 -16.47 1.32 -25.61
CA VAL M 124 -17.32 2.37 -25.08
C VAL M 124 -18.50 1.77 -24.31
N PRO M 125 -19.05 2.53 -23.36
CA PRO M 125 -20.31 2.11 -22.72
C PRO M 125 -21.46 2.06 -23.72
N LEU M 126 -22.42 1.17 -23.49
CA LEU M 126 -23.48 0.97 -24.47
C LEU M 126 -24.28 2.22 -24.81
N TRP M 127 -24.54 3.13 -23.86
CA TRP M 127 -25.32 4.34 -24.24
C TRP M 127 -24.61 5.15 -25.28
N HIS M 128 -23.29 5.20 -25.20
CA HIS M 128 -22.50 5.96 -26.18
C HIS M 128 -22.48 5.20 -27.50
N TYR M 129 -22.26 3.88 -27.44
CA TYR M 129 -22.28 3.05 -28.62
C TYR M 129 -23.53 3.29 -29.48
N LEU M 130 -24.69 3.29 -28.83
CA LEU M 130 -25.99 3.42 -29.51
C LEU M 130 -26.22 4.79 -30.15
N GLY M 131 -25.45 5.78 -29.78
CA GLY M 131 -25.57 7.11 -30.46
C GLY M 131 -25.54 8.33 -29.54
N GLY M 132 -25.24 8.15 -28.25
CA GLY M 132 -25.02 9.30 -27.38
C GLY M 132 -26.23 9.60 -26.50
N ALA M 133 -26.09 10.60 -25.62
CA ALA M 133 -27.01 10.78 -24.52
C ALA M 133 -28.15 11.69 -24.90
N ARG M 134 -29.37 11.34 -24.50
CA ARG M 134 -30.53 12.20 -24.75
C ARG M 134 -30.80 13.12 -23.59
N THR M 135 -30.15 12.87 -22.45
CA THR M 135 -30.27 13.73 -21.30
C THR M 135 -28.93 13.83 -20.53
N ALA M 136 -28.78 14.90 -19.74
CA ALA M 136 -27.63 15.12 -18.84
C ALA M 136 -27.80 14.32 -17.55
N GLY M 137 -29.01 13.85 -17.26
CA GLY M 137 -29.23 13.11 -16.03
C GLY M 137 -30.52 12.34 -16.06
N VAL M 138 -30.40 11.05 -15.92
CA VAL M 138 -31.61 10.18 -15.78
C VAL M 138 -32.05 10.21 -14.34
N GLU M 139 -33.27 10.67 -14.11
CA GLU M 139 -33.83 10.63 -12.77
C GLU M 139 -34.30 9.27 -12.35
N ALA M 140 -34.09 8.97 -11.08
CA ALA M 140 -34.45 7.72 -10.46
C ALA M 140 -35.70 7.78 -9.62
N TYR M 141 -36.40 6.67 -9.53
CA TYR M 141 -37.43 6.52 -8.58
C TYR M 141 -37.22 5.36 -7.71
N ASN M 142 -37.52 5.52 -6.42
CA ASN M 142 -37.22 4.45 -5.50
C ASN M 142 -38.32 3.45 -5.24
N THR M 143 -38.13 2.21 -5.63
CA THR M 143 -39.14 1.15 -5.42
C THR M 143 -38.88 0.42 -4.08
N ASP M 144 -37.65 0.47 -3.61
CA ASP M 144 -37.25 -0.39 -2.49
C ASP M 144 -37.82 0.01 -1.16
N ILE M 145 -38.36 1.20 -1.05
CA ILE M 145 -39.02 1.62 0.19
C ILE M 145 -40.51 1.29 0.28
N GLY M 146 -41.06 0.65 -0.75
CA GLY M 146 -42.53 0.53 -0.91
C GLY M 146 -43.15 -0.84 -0.92
N TRP M 147 -42.42 -1.88 -0.48
CA TRP M 147 -42.89 -3.24 -0.47
C TRP M 147 -44.14 -3.43 0.33
N LEU M 148 -45.02 -4.30 -0.16
CA LEU M 148 -46.30 -4.46 0.51
C LEU M 148 -46.12 -5.15 1.89
N SER M 149 -45.02 -5.86 2.04
CA SER M 149 -44.64 -6.54 3.31
C SER M 149 -44.32 -5.53 4.42
N PHE M 150 -44.05 -4.25 4.09
CA PHE M 150 -43.81 -3.24 5.11
C PHE M 150 -45.08 -2.90 5.87
N THR M 151 -44.97 -2.88 7.20
CA THR M 151 -46.01 -2.24 8.07
C THR M 151 -46.17 -0.80 7.68
N LEU M 152 -47.30 -0.19 7.99
CA LEU M 152 -47.43 1.24 7.71
C LEU M 152 -46.28 2.04 8.37
N GLU M 153 -45.87 1.68 9.58
CA GLU M 153 -44.85 2.50 10.26
C GLU M 153 -43.54 2.50 9.45
N ASP M 154 -43.14 1.33 8.99
CA ASP M 154 -41.93 1.12 8.24
C ASP M 154 -42.00 1.70 6.81
N LEU M 155 -43.19 1.63 6.20
CA LEU M 155 -43.40 2.27 4.90
C LEU M 155 -43.18 3.76 5.01
N LEU M 156 -43.79 4.36 6.03
CA LEU M 156 -43.61 5.78 6.29
C LEU M 156 -42.14 6.16 6.57
N ALA M 157 -41.51 5.38 7.42
CA ALA M 157 -40.14 5.74 7.82
C ALA M 157 -39.15 5.64 6.65
N GLY M 158 -39.27 4.56 5.88
CA GLY M 158 -38.41 4.39 4.72
C GLY M 158 -38.68 5.37 3.62
N SER M 159 -39.96 5.66 3.39
CA SER M 159 -40.28 6.67 2.40
C SER M 159 -39.71 8.03 2.78
N ALA M 160 -39.91 8.38 4.03
CA ALA M 160 -39.36 9.67 4.55
C ALA M 160 -37.84 9.80 4.45
N ARG M 161 -37.13 8.71 4.77
CA ARG M 161 -35.71 8.64 4.68
C ARG M 161 -35.26 8.77 3.24
N ALA M 162 -35.99 8.11 2.33
CA ALA M 162 -35.60 8.22 0.91
C ALA M 162 -35.64 9.63 0.43
N VAL M 163 -36.64 10.39 0.89
CA VAL M 163 -36.85 11.71 0.44
C VAL M 163 -35.97 12.73 1.21
N GLU M 164 -35.90 12.57 2.51
CA GLU M 164 -35.25 13.57 3.39
C GLU M 164 -33.78 13.31 3.60
N GLU M 165 -33.32 12.08 3.52
CA GLU M 165 -31.89 11.80 3.72
C GLU M 165 -31.25 11.51 2.38
N ASP M 166 -31.95 10.81 1.46
CA ASP M 166 -31.31 10.37 0.23
C ASP M 166 -31.56 11.15 -1.05
N GLY M 167 -32.36 12.18 -0.99
CA GLY M 167 -32.48 13.07 -2.09
C GLY M 167 -33.46 12.56 -3.19
N PHE M 168 -34.25 11.52 -2.92
CA PHE M 168 -35.26 11.08 -3.93
C PHE M 168 -36.43 12.05 -3.94
N THR M 169 -37.00 12.30 -5.12
CA THR M 169 -38.26 13.03 -5.24
C THR M 169 -39.35 12.23 -5.99
N ARG M 170 -39.12 10.94 -6.13
CA ARG M 170 -40.00 9.99 -6.82
C ARG M 170 -39.92 8.65 -6.14
N LEU M 171 -41.06 8.07 -5.81
CA LEU M 171 -41.15 6.85 -5.11
C LEU M 171 -42.19 5.95 -5.87
N LYS M 172 -42.12 4.68 -5.60
CA LYS M 172 -43.20 3.75 -6.05
C LYS M 172 -43.52 2.85 -4.92
N ILE M 173 -44.82 2.78 -4.61
CA ILE M 173 -45.34 2.02 -3.52
C ILE M 173 -46.28 0.91 -3.95
N LYS M 174 -46.05 -0.28 -3.41
CA LYS M 174 -46.92 -1.42 -3.67
C LYS M 174 -48.28 -1.28 -3.10
N VAL M 175 -49.28 -1.73 -3.92
CA VAL M 175 -50.64 -1.89 -3.47
C VAL M 175 -51.07 -3.32 -3.80
N GLY M 176 -52.24 -3.71 -3.32
CA GLY M 176 -52.68 -5.09 -3.56
C GLY M 176 -53.20 -5.84 -2.35
N HIS M 177 -53.59 -5.13 -1.32
CA HIS M 177 -54.32 -5.81 -0.27
C HIS M 177 -55.67 -6.30 -0.85
N ASP M 178 -56.21 -7.30 -0.17
CA ASP M 178 -57.52 -7.84 -0.61
C ASP M 178 -58.56 -6.79 -0.59
N ASP M 179 -58.53 -5.95 0.42
CA ASP M 179 -59.35 -4.73 0.48
C ASP M 179 -58.51 -3.50 0.11
N PRO M 180 -58.69 -2.92 -1.11
CA PRO M 180 -57.88 -1.76 -1.52
C PRO M 180 -57.97 -0.52 -0.60
N ASN M 181 -59.02 -0.41 0.20
CA ASN M 181 -59.10 0.74 1.08
C ASN M 181 -57.93 0.71 2.08
N ILE M 182 -57.36 -0.48 2.29
CA ILE M 182 -56.18 -0.56 3.18
C ILE M 182 -55.04 0.16 2.46
N ASP M 183 -54.97 0.00 1.13
CA ASP M 183 -53.96 0.67 0.37
C ASP M 183 -54.23 2.12 0.31
N ILE M 184 -55.51 2.51 0.17
CA ILE M 184 -55.81 3.96 0.22
C ILE M 184 -55.33 4.60 1.54
N ALA M 185 -55.55 3.90 2.63
CA ALA M 185 -55.07 4.39 3.98
C ALA M 185 -53.53 4.48 4.05
N ARG M 186 -52.84 3.49 3.54
CA ARG M 186 -51.38 3.51 3.48
C ARG M 186 -50.88 4.69 2.63
N LEU M 187 -51.44 4.85 1.40
CA LEU M 187 -51.03 5.96 0.57
C LEU M 187 -51.35 7.32 1.14
N THR M 188 -52.52 7.42 1.76
CA THR M 188 -52.96 8.65 2.34
C THR M 188 -51.93 9.11 3.45
N ALA M 189 -51.50 8.15 4.25
CA ALA M 189 -50.49 8.39 5.33
C ALA M 189 -49.14 8.75 4.73
N VAL M 190 -48.71 8.08 3.65
CA VAL M 190 -47.47 8.49 2.99
C VAL M 190 -47.59 9.90 2.48
N ARG M 191 -48.75 10.25 1.88
CA ARG M 191 -48.93 11.55 1.35
C ARG M 191 -48.90 12.63 2.44
N GLU M 192 -49.44 12.32 3.58
CA GLU M 192 -49.37 13.28 4.71
C GLU M 192 -47.97 13.47 5.25
N ARG M 193 -47.16 12.44 5.20
CA ARG M 193 -45.79 12.45 5.76
C ARG M 193 -44.76 13.12 4.91
N VAL M 194 -44.74 12.84 3.62
CA VAL M 194 -43.71 13.40 2.77
C VAL M 194 -44.21 14.66 2.10
N ASP M 195 -43.25 15.44 1.65
CA ASP M 195 -43.49 16.69 0.99
C ASP M 195 -44.36 16.48 -0.28
N SER M 196 -45.22 17.43 -0.54
CA SER M 196 -46.17 17.31 -1.66
C SER M 196 -45.49 17.26 -3.02
N ALA M 197 -44.26 17.72 -3.13
CA ALA M 197 -43.55 17.62 -4.43
C ALA M 197 -42.92 16.26 -4.69
N VAL M 198 -43.18 15.30 -3.82
CA VAL M 198 -42.73 13.96 -4.05
C VAL M 198 -43.74 13.29 -5.00
N ARG M 199 -43.23 12.73 -6.09
CA ARG M 199 -44.08 12.00 -7.05
C ARG M 199 -44.18 10.56 -6.54
N ILE M 200 -45.39 10.01 -6.52
CA ILE M 200 -45.61 8.70 -5.97
C ILE M 200 -46.40 7.87 -6.99
N ALA M 201 -45.72 6.87 -7.56
CA ALA M 201 -46.38 5.87 -8.35
C ALA M 201 -46.80 4.70 -7.51
N ILE M 202 -47.72 3.86 -8.01
CA ILE M 202 -48.08 2.63 -7.29
C ILE M 202 -48.09 1.43 -8.22
N ASP M 203 -48.10 0.24 -7.65
CA ASP M 203 -47.91 -1.00 -8.40
C ASP M 203 -48.70 -2.14 -7.73
N GLY M 204 -49.70 -2.66 -8.40
CA GLY M 204 -50.49 -3.77 -7.89
C GLY M 204 -50.06 -5.16 -8.25
N ASN M 205 -49.07 -5.30 -9.15
CA ASN M 205 -48.51 -6.61 -9.61
C ASN M 205 -49.63 -7.59 -10.07
N GLY M 206 -50.60 -7.06 -10.78
CA GLY M 206 -51.65 -7.92 -11.40
C GLY M 206 -52.70 -8.52 -10.51
N LYS M 207 -52.90 -7.95 -9.32
CA LYS M 207 -53.65 -8.64 -8.25
C LYS M 207 -55.18 -8.54 -8.41
N TRP M 208 -55.65 -7.41 -8.88
CA TRP M 208 -57.05 -7.06 -8.82
C TRP M 208 -57.79 -7.21 -10.13
N ASP M 209 -59.11 -7.22 -10.02
CA ASP M 209 -59.96 -7.31 -11.24
C ASP M 209 -60.46 -5.91 -11.64
N LEU M 210 -61.16 -5.81 -12.77
CA LEU M 210 -61.52 -4.54 -13.26
C LEU M 210 -62.39 -3.70 -12.34
N PRO M 211 -63.51 -4.24 -11.85
CA PRO M 211 -64.35 -3.46 -10.95
C PRO M 211 -63.60 -2.99 -9.67
N THR M 212 -62.78 -3.85 -9.10
CA THR M 212 -61.96 -3.48 -7.96
C THR M 212 -61.08 -2.28 -8.29
N CYS M 213 -60.40 -2.31 -9.46
CA CYS M 213 -59.59 -1.20 -9.89
C CYS M 213 -60.34 0.07 -10.15
N GLN M 214 -61.55 -0.02 -10.70
CA GLN M 214 -62.36 1.19 -10.95
C GLN M 214 -62.69 1.90 -9.64
N ARG M 215 -63.05 1.13 -8.63
CA ARG M 215 -63.44 1.72 -7.36
C ARG M 215 -62.17 2.32 -6.69
N PHE M 216 -61.06 1.60 -6.78
CA PHE M 216 -59.81 2.04 -6.16
C PHE M 216 -59.33 3.31 -6.78
N CYS M 217 -59.31 3.38 -8.11
CA CYS M 217 -58.88 4.57 -8.82
C CYS M 217 -59.74 5.79 -8.48
N ALA M 218 -61.03 5.61 -8.32
CA ALA M 218 -61.88 6.72 -7.92
C ALA M 218 -61.56 7.16 -6.52
N ALA M 219 -61.34 6.23 -5.64
CA ALA M 219 -60.99 6.52 -4.23
C ALA M 219 -59.62 7.19 -4.08
N ALA M 220 -58.71 6.95 -5.01
CA ALA M 220 -57.36 7.48 -4.98
C ALA M 220 -57.26 8.85 -5.67
N LYS M 221 -58.39 9.44 -6.05
CA LYS M 221 -58.38 10.64 -6.90
C LYS M 221 -57.72 11.87 -6.29
N ASP M 222 -57.68 12.01 -4.99
CA ASP M 222 -56.97 13.14 -4.40
C ASP M 222 -55.52 12.83 -3.95
N LEU M 223 -54.99 11.62 -4.19
CA LEU M 223 -53.69 11.23 -3.72
C LEU M 223 -52.51 11.50 -4.68
N ASP M 224 -52.79 12.16 -5.79
CA ASP M 224 -51.84 12.50 -6.80
C ASP M 224 -50.95 11.32 -7.16
N ILE M 225 -51.60 10.29 -7.63
CA ILE M 225 -50.88 9.05 -8.03
C ILE M 225 -50.25 9.21 -9.42
N TYR M 226 -48.96 8.96 -9.55
CA TYR M 226 -48.22 9.25 -10.75
C TYR M 226 -48.56 8.26 -11.86
N TRP M 227 -48.66 7.00 -11.47
CA TRP M 227 -49.10 5.91 -12.34
C TRP M 227 -49.53 4.78 -11.49
N PHE M 228 -50.37 3.92 -12.06
CA PHE M 228 -50.82 2.69 -11.48
C PHE M 228 -50.31 1.56 -12.37
N GLU M 229 -49.29 0.87 -11.88
CA GLU M 229 -48.65 -0.22 -12.59
C GLU M 229 -49.31 -1.56 -12.41
N GLU M 230 -49.36 -2.34 -13.50
CA GLU M 230 -49.97 -3.68 -13.50
C GLU M 230 -51.20 -3.77 -12.63
N PRO M 231 -52.22 -2.94 -12.95
CA PRO M 231 -53.40 -2.97 -12.12
C PRO M 231 -54.16 -4.34 -12.26
N LEU M 232 -54.00 -5.04 -13.40
CA LEU M 232 -54.95 -6.11 -13.76
C LEU M 232 -54.17 -7.30 -14.28
N TRP M 233 -54.87 -8.38 -14.60
CA TRP M 233 -54.19 -9.58 -15.10
C TRP M 233 -53.35 -9.30 -16.29
N TYR M 234 -52.13 -9.90 -16.31
CA TYR M 234 -51.08 -9.45 -17.23
C TYR M 234 -51.44 -9.53 -18.70
N ASP M 235 -52.22 -10.53 -19.06
CA ASP M 235 -52.48 -10.86 -20.44
C ASP M 235 -53.87 -10.40 -20.89
N ASP M 236 -54.53 -9.61 -20.06
CA ASP M 236 -55.91 -9.16 -20.33
C ASP M 236 -55.93 -7.75 -20.85
N VAL M 237 -55.81 -7.58 -22.14
CA VAL M 237 -55.72 -6.25 -22.74
C VAL M 237 -56.99 -5.42 -22.54
N THR M 238 -58.16 -6.01 -22.83
CA THR M 238 -59.43 -5.33 -22.69
C THR M 238 -59.75 -4.69 -21.35
N SER M 239 -59.51 -5.37 -20.22
CA SER M 239 -59.78 -4.83 -18.91
C SER M 239 -58.92 -3.60 -18.71
N HIS M 240 -57.69 -3.66 -19.17
CA HIS M 240 -56.75 -2.50 -19.07
C HIS M 240 -57.25 -1.29 -19.89
N ALA M 241 -57.77 -1.61 -21.08
CA ALA M 241 -58.34 -0.57 -21.99
C ALA M 241 -59.51 0.09 -21.33
N ARG M 242 -60.35 -0.71 -20.68
CA ARG M 242 -61.56 -0.19 -20.02
C ARG M 242 -61.16 0.65 -18.81
N LEU M 243 -60.24 0.16 -18.01
CA LEU M 243 -59.81 0.91 -16.86
C LEU M 243 -59.21 2.25 -17.25
N ALA M 244 -58.36 2.24 -18.27
CA ALA M 244 -57.71 3.46 -18.70
C ALA M 244 -58.67 4.57 -19.08
N ARG M 245 -59.86 4.22 -19.62
CA ARG M 245 -60.85 5.16 -20.06
C ARG M 245 -61.72 5.62 -18.92
N ASN M 246 -61.66 4.89 -17.83
CA ASN M 246 -62.48 5.14 -16.64
C ASN M 246 -61.86 6.05 -15.60
N THR M 247 -60.54 6.34 -15.70
CA THR M 247 -59.84 7.10 -14.67
C THR M 247 -58.86 8.01 -15.37
N SER M 248 -58.53 9.11 -14.70
CA SER M 248 -57.42 9.94 -15.10
C SER M 248 -56.04 9.39 -14.68
N ILE M 249 -55.99 8.41 -13.77
CA ILE M 249 -54.69 7.96 -13.30
C ILE M 249 -54.09 7.15 -14.46
N PRO M 250 -52.87 7.41 -14.82
CA PRO M 250 -52.21 6.68 -15.90
C PRO M 250 -51.89 5.24 -15.59
N ILE M 251 -52.08 4.37 -16.57
CA ILE M 251 -51.74 2.93 -16.43
C ILE M 251 -50.30 2.71 -16.96
N ALA M 252 -49.50 1.96 -16.18
CA ALA M 252 -48.21 1.47 -16.56
C ALA M 252 -48.19 -0.03 -16.58
N LEU M 253 -47.50 -0.61 -17.55
CA LEU M 253 -47.25 -2.04 -17.57
C LEU M 253 -46.20 -2.34 -18.58
N GLY M 254 -45.75 -3.57 -18.51
CA GLY M 254 -44.84 -4.13 -19.47
C GLY M 254 -43.90 -5.20 -18.93
N GLU M 255 -43.64 -5.22 -17.64
CA GLU M 255 -42.66 -6.13 -17.10
C GLU M 255 -42.92 -7.62 -17.26
N GLN M 256 -44.17 -7.99 -17.57
CA GLN M 256 -44.52 -9.35 -17.82
C GLN M 256 -44.77 -9.67 -19.28
N LEU M 257 -44.58 -8.70 -20.18
CA LEU M 257 -44.87 -8.93 -21.58
C LEU M 257 -43.62 -9.44 -22.31
N TYR M 258 -43.72 -10.61 -22.89
CA TYR M 258 -42.60 -11.26 -23.53
C TYR M 258 -42.25 -10.77 -24.95
N THR M 259 -43.15 -10.11 -25.68
CA THR M 259 -42.95 -9.89 -27.12
C THR M 259 -43.42 -8.53 -27.52
N VAL M 260 -42.90 -8.09 -28.64
CA VAL M 260 -43.31 -6.84 -29.23
C VAL M 260 -44.78 -6.89 -29.65
N ASP M 261 -45.26 -8.09 -30.00
CA ASP M 261 -46.71 -8.25 -30.34
C ASP M 261 -47.59 -7.91 -29.18
N ALA M 262 -47.20 -8.34 -27.96
CA ALA M 262 -48.00 -8.07 -26.78
C ALA M 262 -47.99 -6.56 -26.46
N PHE M 263 -46.81 -5.92 -26.53
CA PHE M 263 -46.77 -4.49 -26.38
C PHE M 263 -47.69 -3.77 -27.39
N ARG M 264 -47.59 -4.13 -28.64
CA ARG M 264 -48.41 -3.51 -29.68
C ARG M 264 -49.89 -3.68 -29.36
N SER M 265 -50.28 -4.85 -28.90
CA SER M 265 -51.69 -5.06 -28.54
C SER M 265 -52.17 -4.07 -27.48
N PHE M 266 -51.41 -3.95 -26.40
CA PHE M 266 -51.74 -3.04 -25.35
C PHE M 266 -51.71 -1.59 -25.82
N ILE M 267 -50.67 -1.19 -26.52
CA ILE M 267 -50.50 0.21 -26.95
C ILE M 267 -51.59 0.65 -27.88
N ASP M 268 -51.87 -0.18 -28.86
CA ASP M 268 -52.92 0.11 -29.79
C ASP M 268 -54.31 0.23 -29.14
N ALA M 269 -54.58 -0.58 -28.11
CA ALA M 269 -55.84 -0.50 -27.44
C ALA M 269 -55.97 0.74 -26.47
N GLY M 270 -54.89 1.51 -26.30
CA GLY M 270 -54.92 2.59 -25.35
C GLY M 270 -54.98 2.00 -23.91
N ALA M 271 -54.35 0.85 -23.71
CA ALA M 271 -54.40 0.14 -22.47
C ALA M 271 -53.20 0.43 -21.61
N VAL M 272 -52.26 1.20 -22.12
CA VAL M 272 -51.04 1.51 -21.42
C VAL M 272 -50.61 2.93 -21.80
N ALA M 273 -50.17 3.69 -20.79
CA ALA M 273 -49.61 5.01 -21.01
C ALA M 273 -48.11 5.07 -20.70
N TYR M 274 -47.71 4.41 -19.62
CA TYR M 274 -46.23 4.29 -19.28
C TYR M 274 -45.76 2.88 -19.69
N VAL M 275 -44.97 2.84 -20.74
CA VAL M 275 -44.56 1.59 -21.39
C VAL M 275 -43.32 1.09 -20.69
N GLN M 276 -43.34 -0.15 -20.18
CA GLN M 276 -42.27 -0.71 -19.33
C GLN M 276 -41.58 -1.96 -19.92
N PRO M 277 -40.89 -1.78 -21.04
CA PRO M 277 -40.13 -2.89 -21.54
C PRO M 277 -39.02 -3.28 -20.54
N ASP M 278 -38.55 -4.50 -20.70
CA ASP M 278 -37.53 -5.05 -19.83
C ASP M 278 -36.65 -5.97 -20.66
N VAL M 279 -35.36 -5.71 -20.73
CA VAL M 279 -34.51 -6.62 -21.55
C VAL M 279 -34.41 -8.03 -21.02
N THR M 280 -34.86 -8.25 -19.79
CA THR M 280 -34.85 -9.59 -19.25
C THR M 280 -36.10 -10.44 -19.55
N ARG M 281 -37.11 -9.79 -20.15
CA ARG M 281 -38.43 -10.36 -20.33
C ARG M 281 -38.73 -10.44 -21.84
N LEU M 282 -38.58 -9.35 -22.54
CA LEU M 282 -38.52 -9.37 -24.00
C LEU M 282 -37.24 -10.08 -24.37
N GLY M 283 -37.01 -10.28 -25.64
CA GLY M 283 -35.79 -10.88 -26.09
C GLY M 283 -34.63 -9.91 -26.15
N GLY M 284 -34.18 -9.46 -24.96
CA GLY M 284 -32.99 -8.67 -24.85
C GLY M 284 -33.09 -7.25 -25.36
N ILE M 285 -31.93 -6.66 -25.56
CA ILE M 285 -31.84 -5.30 -26.03
C ILE M 285 -32.44 -5.17 -27.40
N THR M 286 -32.25 -6.19 -28.23
CA THR M 286 -32.72 -6.09 -29.61
C THR M 286 -34.23 -5.85 -29.66
N GLU M 287 -34.95 -6.69 -28.92
CA GLU M 287 -36.44 -6.52 -28.88
C GLU M 287 -36.86 -5.33 -28.08
N TYR M 288 -36.13 -5.00 -27.02
CA TYR M 288 -36.39 -3.76 -26.26
C TYR M 288 -36.40 -2.51 -27.12
N ILE M 289 -35.44 -2.37 -28.01
CA ILE M 289 -35.34 -1.17 -28.84
C ILE M 289 -36.54 -1.07 -29.76
N GLN M 290 -36.96 -2.22 -30.30
CA GLN M 290 -38.15 -2.30 -31.11
C GLN M 290 -39.37 -1.81 -30.36
N VAL M 291 -39.54 -2.23 -29.10
CA VAL M 291 -40.63 -1.77 -28.27
C VAL M 291 -40.51 -0.28 -27.89
N ALA M 292 -39.31 0.16 -27.61
CA ALA M 292 -39.10 1.59 -27.32
C ALA M 292 -39.39 2.47 -28.54
N ASP M 293 -39.00 2.01 -29.71
CA ASP M 293 -39.31 2.68 -30.95
C ASP M 293 -40.84 2.71 -31.23
N LEU M 294 -41.52 1.63 -30.96
CA LEU M 294 -42.98 1.58 -30.99
C LEU M 294 -43.60 2.57 -30.03
N ALA M 295 -43.11 2.63 -28.77
CA ALA M 295 -43.56 3.68 -27.87
C ALA M 295 -43.32 5.10 -28.39
N LEU M 296 -42.14 5.36 -28.91
CA LEU M 296 -41.77 6.66 -29.41
C LEU M 296 -42.81 7.11 -30.48
N ALA M 297 -43.19 6.17 -31.33
CA ALA M 297 -44.11 6.43 -32.45
C ALA M 297 -45.49 6.86 -31.95
N HIS M 298 -45.87 6.36 -30.76
CA HIS M 298 -47.08 6.78 -30.10
C HIS M 298 -46.89 7.90 -29.10
N ARG M 299 -45.68 8.42 -29.03
CA ARG M 299 -45.32 9.51 -28.15
C ARG M 299 -45.60 9.16 -26.71
N LEU M 300 -45.34 7.89 -26.35
CA LEU M 300 -45.55 7.44 -24.98
C LEU M 300 -44.20 7.25 -24.32
N PRO M 301 -44.11 7.55 -23.00
CA PRO M 301 -42.85 7.48 -22.25
C PRO M 301 -42.47 6.03 -22.00
N VAL M 302 -41.16 5.77 -22.08
CA VAL M 302 -40.54 4.47 -21.83
C VAL M 302 -39.84 4.52 -20.45
N VAL M 303 -40.29 3.63 -19.58
CA VAL M 303 -39.85 3.56 -18.18
C VAL M 303 -39.63 2.12 -17.86
N PRO M 304 -38.43 1.60 -18.17
CA PRO M 304 -38.21 0.17 -18.15
C PRO M 304 -38.24 -0.43 -16.75
N HIS M 305 -38.80 -1.61 -16.64
CA HIS M 305 -38.83 -2.33 -15.39
C HIS M 305 -37.44 -2.92 -15.03
N ALA M 306 -37.09 -2.84 -13.76
CA ALA M 306 -35.74 -3.24 -13.27
C ALA M 306 -35.56 -4.76 -13.05
N GLY M 307 -35.83 -5.55 -14.09
CA GLY M 307 -35.65 -7.00 -14.03
C GLY M 307 -34.16 -7.36 -13.93
N GLU M 308 -33.32 -6.42 -14.37
CA GLU M 308 -31.85 -6.48 -14.30
C GLU M 308 -31.33 -5.42 -13.34
N MET M 309 -32.20 -5.00 -12.40
CA MET M 309 -31.93 -3.94 -11.43
C MET M 309 -31.26 -2.69 -12.04
N SER M 310 -31.65 -2.37 -13.28
CA SER M 310 -31.21 -1.17 -14.00
C SER M 310 -29.75 -1.15 -14.46
N GLN M 311 -29.05 -2.29 -14.27
CA GLN M 311 -27.71 -2.40 -14.82
C GLN M 311 -27.61 -2.21 -16.29
N VAL M 312 -28.55 -2.73 -17.10
CA VAL M 312 -28.58 -2.46 -18.52
C VAL M 312 -29.42 -1.21 -18.85
N HIS M 313 -30.57 -1.09 -18.21
CA HIS M 313 -31.48 -0.05 -18.59
C HIS M 313 -30.95 1.31 -18.31
N VAL M 314 -29.95 1.45 -17.43
CA VAL M 314 -29.36 2.79 -17.29
C VAL M 314 -28.78 3.26 -18.59
N HIS M 315 -28.26 2.35 -19.38
CA HIS M 315 -27.71 2.79 -20.67
C HIS M 315 -28.83 3.11 -21.63
N LEU M 316 -29.81 2.22 -21.70
CA LEU M 316 -30.96 2.43 -22.61
C LEU M 316 -31.73 3.70 -22.30
N SER M 317 -31.88 4.03 -21.03
N SER M 317 -31.89 4.03 -21.03
CA SER M 317 -32.53 5.27 -20.64
CA SER M 317 -32.56 5.27 -20.68
C SER M 317 -31.69 6.54 -20.83
C SER M 317 -31.69 6.53 -20.87
N TYR M 318 -30.37 6.43 -20.75
CA TYR M 318 -29.49 7.56 -21.13
C TYR M 318 -29.52 7.87 -22.63
N TRP M 319 -29.84 6.86 -23.42
CA TRP M 319 -29.81 6.96 -24.91
C TRP M 319 -31.18 7.20 -25.57
N HIS M 320 -32.11 6.29 -25.33
CA HIS M 320 -33.29 6.23 -26.20
C HIS M 320 -34.14 7.46 -25.97
N PRO M 321 -34.49 8.18 -27.01
CA PRO M 321 -35.12 9.45 -26.72
C PRO M 321 -36.55 9.50 -26.18
N ALA M 322 -37.21 8.35 -26.13
CA ALA M 322 -38.54 8.29 -25.54
C ALA M 322 -38.46 7.96 -24.02
N SER M 323 -37.26 7.73 -23.53
CA SER M 323 -37.06 7.39 -22.12
C SER M 323 -37.35 8.56 -21.23
N THR M 324 -37.78 8.30 -20.04
CA THR M 324 -37.92 9.36 -19.02
C THR M 324 -37.21 9.02 -17.70
N ILE M 325 -37.87 8.36 -16.79
CA ILE M 325 -37.28 8.06 -15.48
C ILE M 325 -36.95 6.58 -15.33
N LEU M 326 -36.19 6.22 -14.29
CA LEU M 326 -35.63 4.91 -14.19
C LEU M 326 -35.75 4.35 -12.81
N GLU M 327 -36.38 3.18 -12.74
CA GLU M 327 -36.59 2.49 -11.45
C GLU M 327 -35.27 2.20 -10.77
N TYR M 328 -35.28 2.33 -9.46
CA TYR M 328 -34.07 2.05 -8.65
C TYR M 328 -34.38 1.08 -7.54
N ILE M 329 -33.71 -0.07 -7.55
CA ILE M 329 -33.77 -1.08 -6.48
C ILE M 329 -32.26 -1.45 -6.29
N PRO M 330 -31.73 -1.29 -5.06
CA PRO M 330 -30.26 -1.38 -4.87
C PRO M 330 -29.71 -2.74 -4.52
N TRP M 331 -30.48 -3.79 -4.72
CA TRP M 331 -30.12 -5.11 -4.23
C TRP M 331 -28.85 -5.68 -4.77
N ILE M 332 -28.56 -5.51 -6.05
CA ILE M 332 -27.47 -6.19 -6.64
C ILE M 332 -26.33 -5.36 -7.13
N LYS M 333 -26.47 -4.04 -7.10
CA LYS M 333 -25.55 -3.17 -7.83
C LYS M 333 -24.09 -3.38 -7.40
N ASP M 334 -23.84 -3.61 -6.11
CA ASP M 334 -22.45 -3.73 -5.62
C ASP M 334 -21.74 -5.03 -6.07
N HIS M 335 -22.45 -5.92 -6.76
CA HIS M 335 -21.91 -7.18 -7.29
C HIS M 335 -21.39 -7.11 -8.71
N PHE M 336 -21.42 -5.91 -9.25
CA PHE M 336 -20.95 -5.61 -10.58
C PHE M 336 -19.64 -4.82 -10.64
N GLU M 337 -18.86 -5.08 -11.68
CA GLU M 337 -17.73 -4.20 -12.00
C GLU M 337 -18.06 -2.71 -12.14
N GLU M 338 -19.23 -2.39 -12.70
CA GLU M 338 -19.75 -1.04 -12.70
C GLU M 338 -21.17 -1.02 -12.14
N PRO M 339 -21.27 -0.90 -10.82
CA PRO M 339 -22.57 -0.76 -10.18
C PRO M 339 -23.29 0.49 -10.70
N ILE M 340 -24.62 0.43 -10.86
CA ILE M 340 -25.34 1.63 -10.99
C ILE M 340 -25.10 2.42 -9.71
N HIS M 341 -25.35 3.71 -9.79
CA HIS M 341 -25.15 4.62 -8.70
C HIS M 341 -26.09 5.79 -8.82
N VAL M 342 -26.82 6.07 -7.77
CA VAL M 342 -27.76 7.18 -7.74
C VAL M 342 -27.36 8.13 -6.62
N ARG M 343 -27.29 9.38 -6.98
CA ARG M 343 -27.02 10.46 -6.05
C ARG M 343 -28.01 11.58 -6.28
N ASP M 344 -28.62 12.06 -5.22
CA ASP M 344 -29.53 13.15 -5.35
C ASP M 344 -30.69 12.79 -6.38
N GLY M 345 -31.11 11.56 -6.37
CA GLY M 345 -32.24 11.14 -7.25
C GLY M 345 -31.87 11.11 -8.71
N VAL M 346 -30.59 11.04 -9.02
CA VAL M 346 -30.13 10.96 -10.42
C VAL M 346 -29.12 9.86 -10.60
N TYR M 347 -29.29 9.05 -11.63
CA TYR M 347 -28.34 8.05 -12.03
C TYR M 347 -27.06 8.65 -12.59
N LYS M 348 -25.93 8.19 -12.07
CA LYS M 348 -24.66 8.34 -12.77
C LYS M 348 -24.69 7.74 -14.18
N ARG M 349 -24.07 8.46 -15.08
CA ARG M 349 -23.91 8.01 -16.44
C ARG M 349 -22.79 6.98 -16.50
N PRO M 350 -23.09 5.78 -17.05
CA PRO M 350 -22.08 4.75 -17.09
C PRO M 350 -20.83 5.15 -17.88
N GLU M 351 -19.67 4.61 -17.49
CA GLU M 351 -18.35 4.97 -18.06
C GLU M 351 -17.57 3.84 -18.70
N GLN M 352 -17.67 2.62 -18.20
CA GLN M 352 -16.85 1.49 -18.70
C GLN M 352 -17.40 0.92 -19.98
N PRO M 353 -16.54 0.31 -20.81
CA PRO M 353 -16.99 -0.39 -22.02
C PRO M 353 -17.96 -1.50 -21.68
N GLY M 354 -18.96 -1.66 -22.51
CA GLY M 354 -19.94 -2.69 -22.24
C GLY M 354 -21.31 -2.18 -21.77
N ALA M 355 -22.14 -3.14 -21.33
CA ALA M 355 -23.50 -2.94 -20.89
C ALA M 355 -23.63 -3.01 -19.36
N SER M 356 -22.50 -2.79 -18.64
CA SER M 356 -22.48 -2.96 -17.17
C SER M 356 -23.23 -4.18 -16.64
N THR M 357 -22.98 -5.31 -17.31
CA THR M 357 -23.52 -6.60 -16.90
C THR M 357 -22.53 -7.58 -16.36
N THR M 358 -21.24 -7.18 -16.28
CA THR M 358 -20.16 -8.05 -15.82
C THR M 358 -20.16 -8.11 -14.28
N PRO M 359 -20.40 -9.24 -13.71
CA PRO M 359 -20.38 -9.32 -12.26
C PRO M 359 -18.95 -9.47 -11.73
N LEU M 360 -18.73 -9.09 -10.51
CA LEU M 360 -17.39 -9.33 -9.87
C LEU M 360 -17.13 -10.80 -9.69
N ALA M 361 -15.87 -11.15 -9.87
CA ALA M 361 -15.45 -12.51 -9.67
C ALA M 361 -15.79 -12.95 -8.21
N GLU M 362 -15.62 -12.09 -7.24
CA GLU M 362 -15.86 -12.50 -5.87
C GLU M 362 -17.39 -12.89 -5.68
N SER M 363 -18.27 -12.28 -6.48
N SER M 363 -18.24 -12.26 -6.50
CA SER M 363 -19.70 -12.52 -6.27
CA SER M 363 -19.67 -12.41 -6.36
C SER M 363 -20.11 -13.86 -6.86
C SER M 363 -20.10 -13.80 -6.88
N PHE M 364 -19.50 -14.25 -7.97
CA PHE M 364 -19.69 -15.62 -8.46
C PHE M 364 -19.24 -16.64 -7.46
N THR M 365 -18.07 -16.40 -6.87
CA THR M 365 -17.60 -17.38 -5.85
C THR M 365 -18.52 -17.43 -4.67
N ARG M 366 -18.97 -16.29 -4.16
CA ARG M 366 -19.76 -16.33 -2.96
C ARG M 366 -21.23 -16.77 -3.20
N TYR M 367 -21.83 -16.25 -4.26
CA TYR M 367 -23.29 -16.33 -4.47
C TYR M 367 -23.71 -17.16 -5.67
N GLY M 368 -22.75 -17.74 -6.38
CA GLY M 368 -23.08 -18.50 -7.58
C GLY M 368 -23.68 -19.83 -7.24
N LYS M 369 -24.55 -20.37 -8.11
CA LYS M 369 -25.13 -21.71 -7.93
C LYS M 369 -24.73 -22.56 -9.10
N ALA M 370 -24.51 -23.83 -8.85
CA ALA M 370 -24.27 -24.83 -9.85
C ALA M 370 -25.49 -24.98 -10.83
N VAL M 371 -25.19 -24.93 -12.12
CA VAL M 371 -26.22 -25.04 -13.16
C VAL M 371 -26.67 -26.45 -13.40
N LYS M 372 -25.92 -27.42 -12.89
CA LYS M 372 -26.36 -28.83 -12.82
C LYS M 372 -26.16 -29.39 -11.43
N MET N 1 -15.56 11.14 -33.15
CA MET N 1 -14.47 12.15 -33.46
C MET N 1 -15.16 13.44 -33.85
N LYS N 2 -14.46 14.55 -33.69
CA LYS N 2 -15.06 15.87 -33.92
C LYS N 2 -15.26 16.24 -35.37
N ILE N 3 -16.42 16.82 -35.65
CA ILE N 3 -16.76 17.27 -37.00
C ILE N 3 -15.98 18.57 -37.24
N THR N 4 -15.22 18.60 -38.30
CA THR N 4 -14.38 19.77 -38.63
C THR N 4 -14.90 20.51 -39.85
N ALA N 5 -15.74 19.88 -40.66
CA ALA N 5 -16.35 20.54 -41.82
C ALA N 5 -17.69 19.94 -42.27
N VAL N 6 -18.56 20.80 -42.78
CA VAL N 6 -19.82 20.36 -43.31
C VAL N 6 -20.00 21.13 -44.62
N GLU N 7 -20.01 20.43 -45.74
CA GLU N 7 -20.07 21.08 -47.03
C GLU N 7 -21.25 20.56 -47.85
N PRO N 8 -22.20 21.42 -48.14
CA PRO N 8 -23.30 21.01 -49.00
C PRO N 8 -22.92 20.75 -50.44
N PHE N 9 -23.71 19.96 -51.15
CA PHE N 9 -23.57 19.79 -52.56
C PHE N 9 -24.87 19.46 -53.28
N ILE N 10 -24.90 19.78 -54.56
CA ILE N 10 -26.01 19.45 -55.46
C ILE N 10 -25.46 18.80 -56.69
N LEU N 11 -25.95 17.58 -56.99
CA LEU N 11 -25.75 16.92 -58.31
C LEU N 11 -27.09 16.83 -59.07
N HIS N 12 -27.09 17.18 -60.37
CA HIS N 12 -28.24 16.93 -61.27
C HIS N 12 -27.81 15.88 -62.29
N LEU N 13 -28.28 14.66 -62.07
CA LEU N 13 -27.88 13.43 -62.76
C LEU N 13 -28.94 13.11 -63.79
N PRO N 14 -28.52 12.81 -65.02
CA PRO N 14 -29.47 12.47 -66.11
C PRO N 14 -30.15 11.12 -65.94
N LEU N 15 -31.33 10.93 -66.55
CA LEU N 15 -32.09 9.66 -66.39
C LEU N 15 -31.88 8.67 -67.55
N THR N 16 -32.59 7.53 -67.52
CA THR N 16 -32.60 6.49 -68.55
C THR N 16 -33.26 6.96 -69.86
N SER N 17 -34.05 8.05 -69.78
CA SER N 17 -34.75 8.65 -70.91
C SER N 17 -34.57 10.15 -70.80
N GLU N 18 -34.71 10.86 -71.91
CA GLU N 18 -34.61 12.32 -71.83
C GLU N 18 -35.61 12.91 -70.81
N SER N 19 -36.83 12.36 -70.82
CA SER N 19 -37.86 12.76 -69.86
C SER N 19 -38.60 11.52 -69.36
N ILE N 20 -39.03 11.55 -68.10
CA ILE N 20 -39.97 10.50 -67.64
C ILE N 20 -41.06 11.20 -66.87
N SER N 21 -42.24 10.57 -66.92
CA SER N 21 -43.43 11.11 -66.21
C SER N 21 -44.15 9.99 -65.42
N ASP N 22 -44.71 10.37 -64.28
CA ASP N 22 -45.72 9.55 -63.61
C ASP N 22 -47.04 10.35 -63.69
N SER N 23 -48.02 10.04 -62.84
CA SER N 23 -49.30 10.78 -62.90
C SER N 23 -49.24 12.26 -62.64
N THR N 24 -48.18 12.71 -61.98
CA THR N 24 -48.11 14.04 -61.37
C THR N 24 -46.87 14.85 -61.82
N HIS N 25 -45.75 14.17 -62.07
CA HIS N 25 -44.45 14.86 -62.26
C HIS N 25 -43.89 14.43 -63.62
N SER N 26 -43.19 15.38 -64.26
CA SER N 26 -42.29 15.08 -65.42
C SER N 26 -40.90 15.64 -65.08
N ILE N 27 -39.86 14.83 -65.22
CA ILE N 27 -38.48 15.24 -64.91
C ILE N 27 -37.47 14.79 -65.97
N THR N 28 -36.36 15.51 -65.99
CA THR N 28 -35.24 15.24 -66.88
C THR N 28 -33.99 14.87 -66.08
N HIS N 29 -33.94 15.24 -64.81
CA HIS N 29 -32.77 14.92 -64.00
C HIS N 29 -33.21 14.60 -62.59
N TRP N 30 -32.38 13.78 -61.91
CA TRP N 30 -32.54 13.48 -60.51
C TRP N 30 -31.54 14.35 -59.68
N GLY N 31 -32.10 14.98 -58.67
CA GLY N 31 -31.31 15.81 -57.75
C GLY N 31 -30.85 15.00 -56.58
N VAL N 32 -29.53 14.92 -56.41
CA VAL N 32 -28.84 14.37 -55.26
C VAL N 32 -28.29 15.56 -54.51
N VAL N 33 -28.98 15.93 -53.43
CA VAL N 33 -28.77 17.16 -52.73
C VAL N 33 -28.43 16.76 -51.29
N GLY N 34 -27.25 17.19 -50.84
CA GLY N 34 -26.74 16.67 -49.59
C GLY N 34 -25.57 17.36 -48.94
N ALA N 35 -24.92 16.60 -48.06
CA ALA N 35 -23.90 17.14 -47.15
C ALA N 35 -22.76 16.17 -47.17
N LYS N 36 -21.57 16.73 -47.28
CA LYS N 36 -20.34 16.02 -47.00
C LYS N 36 -19.82 16.49 -45.66
N ILE N 37 -19.63 15.57 -44.73
CA ILE N 37 -19.26 15.91 -43.39
C ILE N 37 -17.90 15.28 -43.13
N THR N 38 -16.93 16.13 -42.73
CA THR N 38 -15.58 15.67 -42.42
C THR N 38 -15.30 15.71 -40.93
N THR N 39 -14.60 14.69 -40.48
CA THR N 39 -14.23 14.54 -39.08
C THR N 39 -12.69 14.74 -38.98
N SER N 40 -12.25 14.95 -37.77
CA SER N 40 -10.84 15.27 -37.48
C SER N 40 -9.87 14.18 -37.83
N ASP N 41 -10.34 12.95 -37.93
CA ASP N 41 -9.52 11.86 -38.46
C ASP N 41 -9.47 11.79 -40.01
N GLY N 42 -10.13 12.70 -40.70
CA GLY N 42 -10.07 12.67 -42.12
C GLY N 42 -11.16 11.88 -42.79
N ILE N 43 -11.97 11.19 -42.01
CA ILE N 43 -13.09 10.47 -42.61
C ILE N 43 -14.13 11.44 -43.16
N GLU N 44 -14.63 11.16 -44.34
CA GLU N 44 -15.62 11.98 -45.02
C GLU N 44 -16.90 11.18 -45.20
N GLY N 45 -18.02 11.71 -44.65
CA GLY N 45 -19.33 11.07 -44.74
C GLY N 45 -20.22 11.81 -45.71
N TYR N 46 -21.03 11.06 -46.45
CA TYR N 46 -21.95 11.65 -47.40
C TYR N 46 -23.38 11.22 -47.12
N GLY N 47 -24.27 12.18 -47.14
CA GLY N 47 -25.67 11.87 -47.10
C GLY N 47 -26.43 12.85 -47.94
N PHE N 48 -27.59 12.44 -48.41
CA PHE N 48 -28.35 13.25 -49.33
C PHE N 48 -29.83 12.92 -49.35
N THR N 49 -30.60 13.90 -49.78
CA THR N 49 -32.02 13.69 -50.16
C THR N 49 -32.14 13.54 -51.66
N GLY N 50 -33.33 13.28 -52.16
CA GLY N 50 -33.60 13.15 -53.62
C GLY N 50 -34.67 14.10 -54.04
N THR N 51 -34.37 14.93 -55.03
CA THR N 51 -35.28 15.92 -55.50
C THR N 51 -35.47 15.76 -56.97
N HIS N 52 -36.41 16.55 -57.48
CA HIS N 52 -36.66 16.58 -58.91
C HIS N 52 -35.69 17.56 -59.63
N ALA N 53 -34.62 17.95 -58.95
CA ALA N 53 -33.56 18.78 -59.58
C ALA N 53 -34.08 20.09 -60.09
N HIS N 54 -34.82 20.77 -59.22
CA HIS N 54 -35.27 22.14 -59.40
C HIS N 54 -34.25 22.96 -58.58
N LEU N 55 -33.34 23.60 -59.28
CA LEU N 55 -32.20 24.19 -58.61
C LEU N 55 -32.57 25.19 -57.50
N PRO N 56 -33.54 26.09 -57.76
CA PRO N 56 -33.80 27.03 -56.70
C PRO N 56 -34.28 26.41 -55.36
N SER N 57 -34.99 25.28 -55.38
CA SER N 57 -35.42 24.68 -54.12
C SER N 57 -34.38 23.71 -53.64
N ASP N 58 -33.57 23.16 -54.53
CA ASP N 58 -32.43 22.38 -54.11
C ASP N 58 -31.53 23.25 -53.17
N ARG N 59 -31.39 24.52 -53.50
CA ARG N 59 -30.56 25.43 -52.78
C ARG N 59 -31.14 25.81 -51.44
N LEU N 60 -32.46 25.69 -51.25
CA LEU N 60 -33.03 25.89 -49.90
C LEU N 60 -32.54 24.77 -49.03
N ILE N 61 -32.46 23.55 -49.56
CA ILE N 61 -31.99 22.44 -48.70
C ILE N 61 -30.49 22.64 -48.33
N THR N 62 -29.70 23.02 -49.31
CA THR N 62 -28.21 23.23 -49.09
C THR N 62 -27.98 24.45 -48.18
N SER N 63 -28.80 25.47 -48.29
CA SER N 63 -28.65 26.59 -47.44
C SER N 63 -29.07 26.26 -46.01
N CYS N 64 -30.05 25.37 -45.84
CA CYS N 64 -30.38 24.92 -44.51
C CYS N 64 -29.19 24.20 -43.92
N ILE N 65 -28.60 23.29 -44.68
CA ILE N 65 -27.47 22.56 -44.23
C ILE N 65 -26.30 23.53 -43.81
N SER N 66 -25.92 24.43 -44.69
CA SER N 66 -24.74 25.24 -44.44
C SER N 66 -25.02 26.35 -43.43
N ASP N 67 -26.20 26.99 -43.45
CA ASP N 67 -26.42 28.16 -42.63
C ASP N 67 -27.15 27.88 -41.27
N CYS N 68 -27.96 26.81 -41.23
CA CYS N 68 -28.77 26.52 -40.07
C CYS N 68 -28.19 25.36 -39.28
N TYR N 69 -27.77 24.30 -39.95
CA TYR N 69 -27.31 23.15 -39.26
C TYR N 69 -25.77 23.10 -38.97
N ALA N 70 -24.96 23.47 -39.94
CA ALA N 70 -23.50 23.36 -39.76
C ALA N 70 -23.03 24.03 -38.49
N PRO N 71 -23.61 25.19 -38.10
CA PRO N 71 -23.15 25.76 -36.79
C PRO N 71 -23.44 24.95 -35.55
N LEU N 72 -24.45 24.07 -35.64
CA LEU N 72 -24.80 23.13 -34.58
C LEU N 72 -23.99 21.86 -34.62
N LEU N 73 -23.28 21.62 -35.70
CA LEU N 73 -22.49 20.40 -35.87
C LEU N 73 -20.99 20.56 -35.68
N LEU N 74 -20.45 21.70 -36.14
CA LEU N 74 -19.02 21.93 -36.13
C LEU N 74 -18.55 21.78 -34.68
N GLY N 75 -17.51 20.98 -34.46
CA GLY N 75 -16.97 20.77 -33.12
C GLY N 75 -17.62 19.64 -32.34
N GLU N 76 -18.75 19.10 -32.83
CA GLU N 76 -19.43 18.00 -32.10
C GLU N 76 -18.87 16.64 -32.46
N ASP N 77 -19.01 15.69 -31.53
CA ASP N 77 -18.60 14.31 -31.80
C ASP N 77 -19.59 13.69 -32.77
N ALA N 78 -19.09 13.38 -33.95
CA ALA N 78 -19.91 12.73 -34.99
C ALA N 78 -20.52 11.41 -34.60
N SER N 79 -19.89 10.76 -33.65
CA SER N 79 -20.39 9.50 -33.11
C SER N 79 -21.79 9.60 -32.50
N ASP N 80 -22.11 10.74 -31.89
CA ASP N 80 -23.34 10.92 -31.15
C ASP N 80 -24.50 11.25 -32.08
N HIS N 81 -24.70 10.42 -33.10
CA HIS N 81 -25.77 10.66 -34.12
C HIS N 81 -27.18 10.80 -33.51
N SER N 82 -27.51 10.05 -32.46
N SER N 82 -27.50 10.04 -32.47
CA SER N 82 -28.84 10.17 -31.85
CA SER N 82 -28.85 10.15 -31.89
C SER N 82 -29.05 11.49 -31.17
C SER N 82 -29.04 11.49 -31.18
N ARG N 83 -28.05 11.89 -30.39
CA ARG N 83 -28.14 13.18 -29.69
C ARG N 83 -28.21 14.27 -30.74
N LEU N 84 -27.37 14.14 -31.76
CA LEU N 84 -27.29 15.21 -32.80
C LEU N 84 -28.57 15.31 -33.63
N TRP N 85 -29.26 14.20 -33.80
CA TRP N 85 -30.56 14.21 -34.46
C TRP N 85 -31.49 15.14 -33.72
N THR N 86 -31.61 14.95 -32.43
CA THR N 86 -32.50 15.77 -31.64
C THR N 86 -32.06 17.23 -31.61
N LYS N 87 -30.73 17.40 -31.55
CA LYS N 87 -30.16 18.76 -31.46
C LYS N 87 -30.58 19.57 -32.66
N LEU N 88 -30.54 18.97 -33.84
CA LEU N 88 -30.90 19.71 -35.08
C LEU N 88 -32.45 19.76 -35.28
N ALA N 89 -33.10 18.61 -35.16
CA ALA N 89 -34.54 18.50 -35.39
C ALA N 89 -35.33 19.35 -34.45
N ARG N 90 -34.95 19.40 -33.19
CA ARG N 90 -35.72 20.12 -32.22
C ARG N 90 -35.10 21.45 -31.81
N TYR N 91 -34.11 21.92 -32.55
CA TYR N 91 -33.63 23.28 -32.34
C TYR N 91 -34.79 24.29 -32.44
N PRO N 92 -35.11 24.99 -31.34
CA PRO N 92 -36.45 25.57 -31.29
C PRO N 92 -36.85 26.45 -32.41
N SER N 93 -35.94 27.34 -32.84
CA SER N 93 -36.30 28.25 -33.92
C SER N 93 -36.40 27.57 -35.29
N LEU N 94 -35.69 26.46 -35.48
CA LEU N 94 -35.80 25.66 -36.71
C LEU N 94 -37.01 24.75 -36.67
N GLN N 95 -37.26 24.13 -35.53
CA GLN N 95 -38.51 23.39 -35.36
C GLN N 95 -39.75 24.29 -35.71
N TRP N 96 -39.69 25.57 -35.32
CA TRP N 96 -40.81 26.47 -35.53
C TRP N 96 -41.15 26.55 -37.03
N VAL N 97 -40.14 26.46 -37.91
CA VAL N 97 -40.34 26.52 -39.39
C VAL N 97 -40.16 25.15 -40.06
N GLY N 98 -40.36 24.11 -39.27
CA GLY N 98 -40.01 22.77 -39.64
C GLY N 98 -41.02 21.67 -39.30
N ARG N 99 -40.43 20.59 -38.81
CA ARG N 99 -41.10 19.30 -38.57
C ARG N 99 -41.36 18.56 -39.84
N ALA N 100 -41.13 19.21 -40.98
CA ALA N 100 -41.47 18.63 -42.28
C ALA N 100 -40.94 19.56 -43.36
N GLY N 101 -40.90 19.11 -44.62
CA GLY N 101 -40.42 19.96 -45.73
C GLY N 101 -38.92 20.24 -45.62
N ILE N 102 -38.46 21.41 -46.09
CA ILE N 102 -37.06 21.70 -46.34
C ILE N 102 -36.17 21.37 -45.16
N THR N 103 -36.57 21.75 -43.97
CA THR N 103 -35.73 21.44 -42.82
C THR N 103 -35.52 19.99 -42.57
N HIS N 104 -36.56 19.21 -42.83
CA HIS N 104 -36.50 17.79 -42.53
C HIS N 104 -35.68 17.06 -43.56
N LEU N 105 -35.78 17.50 -44.81
CA LEU N 105 -34.96 16.98 -45.89
C LEU N 105 -33.46 17.27 -45.71
N ALA N 106 -33.18 18.46 -45.21
CA ALA N 106 -31.80 18.77 -44.84
C ALA N 106 -31.28 17.94 -43.72
N LEU N 107 -32.14 17.70 -42.75
CA LEU N 107 -31.82 16.84 -41.61
C LEU N 107 -31.50 15.44 -42.08
N ALA N 108 -32.32 14.93 -43.02
CA ALA N 108 -32.12 13.64 -43.58
C ALA N 108 -30.67 13.45 -44.12
N ALA N 109 -30.23 14.42 -44.89
CA ALA N 109 -28.89 14.40 -45.46
C ALA N 109 -27.80 14.40 -44.39
N VAL N 110 -27.96 15.24 -43.35
CA VAL N 110 -26.96 15.25 -42.27
C VAL N 110 -26.91 13.88 -41.58
N ASP N 111 -28.10 13.37 -41.25
CA ASP N 111 -28.18 12.13 -40.49
C ASP N 111 -27.54 11.00 -41.29
N VAL N 112 -27.81 10.90 -42.56
CA VAL N 112 -27.23 9.82 -43.32
C VAL N 112 -25.70 9.93 -43.36
N ALA N 113 -25.22 11.16 -43.54
CA ALA N 113 -23.75 11.35 -43.49
C ALA N 113 -23.11 10.90 -42.18
N LEU N 114 -23.79 11.15 -41.04
CA LEU N 114 -23.28 10.69 -39.75
C LEU N 114 -23.24 9.17 -39.68
N TRP N 115 -24.21 8.52 -40.34
CA TRP N 115 -24.19 7.07 -40.29
C TRP N 115 -23.13 6.51 -41.25
N ASP N 116 -22.93 7.15 -42.38
CA ASP N 116 -21.83 6.82 -43.29
C ASP N 116 -20.45 6.92 -42.62
N ILE N 117 -20.25 7.96 -41.82
CA ILE N 117 -19.05 8.07 -41.01
C ILE N 117 -18.89 6.95 -40.02
N LYS N 118 -19.98 6.62 -39.34
N LYS N 118 -19.98 6.61 -39.34
CA LYS N 118 -20.01 5.61 -38.32
CA LYS N 118 -19.97 5.61 -38.32
C LYS N 118 -19.54 4.26 -38.88
C LYS N 118 -19.52 4.26 -38.88
N ALA N 119 -20.14 3.83 -39.99
CA ALA N 119 -19.77 2.57 -40.61
C ALA N 119 -18.34 2.59 -41.27
N LYS N 120 -17.98 3.70 -41.88
CA LYS N 120 -16.63 3.90 -42.43
C LYS N 120 -15.60 3.81 -41.32
N LYS N 121 -15.86 4.42 -40.19
CA LYS N 121 -14.92 4.34 -39.06
C LYS N 121 -14.77 2.95 -38.51
N ALA N 122 -15.88 2.21 -38.48
CA ALA N 122 -15.93 0.81 -38.09
C ALA N 122 -15.33 -0.10 -39.17
N GLY N 123 -15.18 0.42 -40.38
CA GLY N 123 -14.55 -0.33 -41.46
C GLY N 123 -15.41 -1.41 -42.06
N VAL N 124 -16.75 -1.24 -41.99
CA VAL N 124 -17.68 -2.20 -42.47
C VAL N 124 -18.84 -1.56 -43.24
N PRO N 125 -19.49 -2.35 -44.11
CA PRO N 125 -20.72 -1.81 -44.71
C PRO N 125 -21.82 -1.66 -43.64
N LEU N 126 -22.68 -0.70 -43.84
CA LEU N 126 -23.76 -0.38 -42.87
C LEU N 126 -24.63 -1.61 -42.48
N TRP N 127 -25.01 -2.47 -43.43
CA TRP N 127 -25.88 -3.64 -43.08
C TRP N 127 -25.18 -4.53 -42.03
N HIS N 128 -23.87 -4.58 -42.11
CA HIS N 128 -23.11 -5.40 -41.16
C HIS N 128 -22.95 -4.69 -39.82
N TYR N 129 -22.61 -3.42 -39.90
CA TYR N 129 -22.52 -2.59 -38.72
C TYR N 129 -23.79 -2.73 -37.83
N LEU N 130 -24.95 -2.68 -38.48
CA LEU N 130 -26.24 -2.70 -37.79
C LEU N 130 -26.53 -4.06 -37.18
N GLY N 131 -25.80 -5.11 -37.56
CA GLY N 131 -26.11 -6.36 -36.88
C GLY N 131 -26.23 -7.61 -37.73
N GLY N 132 -25.95 -7.49 -39.01
CA GLY N 132 -25.85 -8.62 -39.94
C GLY N 132 -27.05 -8.78 -40.83
N ALA N 133 -26.97 -9.75 -41.74
CA ALA N 133 -27.95 -9.89 -42.78
C ALA N 133 -29.13 -10.76 -42.34
N ARG N 134 -30.33 -10.34 -42.76
CA ARG N 134 -31.55 -11.10 -42.45
C ARG N 134 -31.92 -12.00 -43.61
N THR N 135 -31.28 -11.86 -44.76
CA THR N 135 -31.51 -12.69 -45.93
C THR N 135 -30.24 -12.83 -46.73
N ALA N 136 -30.17 -13.96 -47.43
CA ALA N 136 -29.14 -14.22 -48.44
C ALA N 136 -29.24 -13.41 -49.71
N GLY N 137 -30.38 -12.83 -50.00
CA GLY N 137 -30.53 -12.05 -51.22
C GLY N 137 -31.80 -11.23 -51.16
N VAL N 138 -31.66 -9.93 -51.29
CA VAL N 138 -32.80 -8.99 -51.31
C VAL N 138 -33.26 -8.89 -52.76
N GLU N 139 -34.46 -9.39 -53.01
CA GLU N 139 -35.03 -9.29 -54.35
C GLU N 139 -35.45 -7.90 -54.76
N ALA N 140 -35.20 -7.56 -56.03
CA ALA N 140 -35.48 -6.26 -56.63
C ALA N 140 -36.82 -6.25 -57.42
N TYR N 141 -37.46 -5.11 -57.49
CA TYR N 141 -38.51 -4.92 -58.46
C TYR N 141 -38.20 -3.73 -59.32
N ASN N 142 -38.50 -3.84 -60.61
CA ASN N 142 -38.14 -2.81 -61.57
C ASN N 142 -39.21 -1.83 -61.77
N THR N 143 -38.98 -0.59 -61.32
CA THR N 143 -39.84 0.52 -61.57
C THR N 143 -39.55 1.26 -62.86
N ASP N 144 -38.30 1.14 -63.34
CA ASP N 144 -37.89 1.93 -64.52
C ASP N 144 -38.55 1.59 -65.86
N ILE N 145 -39.15 0.40 -65.97
CA ILE N 145 -39.90 0.04 -67.16
C ILE N 145 -41.34 0.49 -67.23
N GLY N 146 -41.80 1.18 -66.18
CA GLY N 146 -43.22 1.44 -65.96
C GLY N 146 -43.78 2.81 -66.04
N TRP N 147 -43.00 3.79 -66.44
CA TRP N 147 -43.42 5.18 -66.44
C TRP N 147 -44.69 5.42 -67.27
N LEU N 148 -45.52 6.28 -66.72
CA LEU N 148 -46.74 6.64 -67.33
C LEU N 148 -46.51 7.32 -68.68
N SER N 149 -45.39 8.01 -68.85
CA SER N 149 -45.05 8.56 -70.18
C SER N 149 -44.79 7.52 -71.29
N PHE N 150 -44.57 6.25 -70.97
CA PHE N 150 -44.42 5.23 -72.01
C PHE N 150 -45.73 4.94 -72.75
N THR N 151 -45.66 4.91 -74.11
CA THR N 151 -46.75 4.42 -74.90
C THR N 151 -46.93 2.97 -74.52
N LEU N 152 -48.08 2.39 -74.85
CA LEU N 152 -48.29 1.00 -74.53
C LEU N 152 -47.21 0.14 -75.17
N GLU N 153 -46.80 0.49 -76.40
CA GLU N 153 -45.78 -0.30 -77.09
C GLU N 153 -44.47 -0.41 -76.28
N ASP N 154 -44.02 0.74 -75.77
CA ASP N 154 -42.80 0.84 -75.07
C ASP N 154 -42.91 0.31 -73.63
N LEU N 155 -44.09 0.46 -73.05
CA LEU N 155 -44.41 -0.26 -71.79
C LEU N 155 -44.25 -1.71 -71.89
N LEU N 156 -44.84 -2.25 -72.96
CA LEU N 156 -44.79 -3.65 -73.17
C LEU N 156 -43.39 -4.16 -73.51
N ALA N 157 -42.68 -3.44 -74.39
CA ALA N 157 -41.36 -3.92 -74.77
C ALA N 157 -40.37 -3.85 -73.60
N GLY N 158 -40.41 -2.76 -72.82
CA GLY N 158 -39.56 -2.69 -71.64
C GLY N 158 -39.91 -3.72 -70.59
N SER N 159 -41.21 -3.94 -70.35
CA SER N 159 -41.59 -4.97 -69.36
C SER N 159 -41.15 -6.33 -69.74
N ALA N 160 -41.27 -6.64 -71.04
CA ALA N 160 -40.86 -7.96 -71.53
C ALA N 160 -39.32 -8.15 -71.43
N ARG N 161 -38.59 -7.08 -71.70
CA ARG N 161 -37.15 -7.09 -71.66
C ARG N 161 -36.66 -7.32 -70.22
N ALA N 162 -37.21 -6.53 -69.29
CA ALA N 162 -36.86 -6.71 -67.87
C ALA N 162 -37.04 -8.16 -67.45
N VAL N 163 -38.13 -8.77 -67.87
CA VAL N 163 -38.42 -10.13 -67.48
C VAL N 163 -37.65 -11.23 -68.27
N GLU N 164 -37.64 -11.08 -69.60
CA GLU N 164 -37.05 -12.14 -70.50
C GLU N 164 -35.52 -12.01 -70.65
N GLU N 165 -34.94 -10.82 -70.61
CA GLU N 165 -33.50 -10.67 -70.72
C GLU N 165 -32.83 -10.45 -69.40
N ASP N 166 -33.46 -9.69 -68.53
CA ASP N 166 -32.75 -9.21 -67.34
C ASP N 166 -33.10 -9.96 -66.10
N GLY N 167 -34.03 -10.88 -66.19
CA GLY N 167 -34.26 -11.76 -65.08
C GLY N 167 -35.10 -11.24 -63.88
N PHE N 168 -35.78 -10.13 -64.07
CA PHE N 168 -36.75 -9.63 -63.05
C PHE N 168 -37.97 -10.48 -63.06
N THR N 169 -38.48 -10.82 -61.86
CA THR N 169 -39.81 -11.42 -61.73
C THR N 169 -40.86 -10.51 -60.98
N ARG N 170 -40.49 -9.25 -60.84
CA ARG N 170 -41.23 -8.24 -60.08
C ARG N 170 -41.05 -6.91 -60.78
N LEU N 171 -42.15 -6.24 -61.07
CA LEU N 171 -42.19 -4.99 -61.74
C LEU N 171 -43.11 -4.04 -61.00
N LYS N 172 -42.98 -2.75 -61.26
CA LYS N 172 -43.97 -1.78 -60.83
C LYS N 172 -44.29 -0.84 -61.96
N ILE N 173 -45.58 -0.69 -62.19
CA ILE N 173 -46.09 0.11 -63.26
C ILE N 173 -46.92 1.27 -62.79
N LYS N 174 -46.66 2.44 -63.36
CA LYS N 174 -47.43 3.62 -63.01
C LYS N 174 -48.82 3.55 -63.59
N VAL N 175 -49.74 4.18 -62.84
CA VAL N 175 -51.13 4.38 -63.23
C VAL N 175 -51.42 5.82 -62.92
N GLY N 176 -52.55 6.33 -63.37
CA GLY N 176 -52.92 7.67 -63.12
C GLY N 176 -53.38 8.50 -64.31
N HIS N 177 -53.84 7.86 -65.36
CA HIS N 177 -54.60 8.58 -66.37
C HIS N 177 -55.90 9.16 -65.79
N ASP N 178 -56.40 10.21 -66.42
CA ASP N 178 -57.61 10.85 -65.98
C ASP N 178 -58.76 9.83 -65.96
N ASP N 179 -58.80 8.95 -66.94
CA ASP N 179 -59.72 7.84 -66.93
C ASP N 179 -58.97 6.58 -66.63
N PRO N 180 -59.18 6.01 -65.42
CA PRO N 180 -58.43 4.80 -65.07
C PRO N 180 -58.65 3.59 -65.91
N ASN N 181 -59.69 3.55 -66.75
CA ASN N 181 -59.81 2.41 -67.63
C ASN N 181 -58.67 2.29 -68.66
N ILE N 182 -58.05 3.40 -68.98
CA ILE N 182 -56.81 3.39 -69.80
C ILE N 182 -55.70 2.62 -69.08
N ASP N 183 -55.60 2.82 -67.76
CA ASP N 183 -54.66 2.00 -66.98
C ASP N 183 -55.03 0.57 -66.92
N ILE N 184 -56.30 0.29 -66.76
CA ILE N 184 -56.73 -1.11 -66.76
C ILE N 184 -56.29 -1.78 -68.12
N ALA N 185 -56.48 -1.04 -69.20
CA ALA N 185 -56.14 -1.55 -70.55
C ALA N 185 -54.64 -1.82 -70.61
N ARG N 186 -53.84 -0.89 -70.13
CA ARG N 186 -52.40 -1.02 -70.12
C ARG N 186 -51.91 -2.17 -69.32
N LEU N 187 -52.48 -2.34 -68.10
CA LEU N 187 -52.11 -3.43 -67.28
C LEU N 187 -52.58 -4.80 -67.84
N THR N 188 -53.74 -4.80 -68.49
CA THR N 188 -54.27 -6.01 -69.03
C THR N 188 -53.32 -6.50 -70.13
N ALA N 189 -52.79 -5.54 -70.91
CA ALA N 189 -51.79 -5.80 -71.99
C ALA N 189 -50.48 -6.30 -71.47
N VAL N 190 -49.99 -5.76 -70.33
CA VAL N 190 -48.80 -6.23 -69.73
C VAL N 190 -48.98 -7.62 -69.20
N ARG N 191 -50.11 -7.91 -68.57
CA ARG N 191 -50.37 -9.22 -68.06
C ARG N 191 -50.43 -10.30 -69.14
N GLU N 192 -50.98 -9.96 -70.27
CA GLU N 192 -51.10 -10.86 -71.43
C GLU N 192 -49.71 -11.09 -72.03
N ARG N 193 -48.86 -10.08 -71.98
CA ARG N 193 -47.56 -10.13 -72.62
C ARG N 193 -46.50 -10.87 -71.80
N VAL N 194 -46.46 -10.69 -70.50
CA VAL N 194 -45.46 -11.37 -69.66
C VAL N 194 -46.01 -12.59 -68.93
N ASP N 195 -45.09 -13.38 -68.43
CA ASP N 195 -45.40 -14.63 -67.81
C ASP N 195 -46.25 -14.40 -66.52
N SER N 196 -47.14 -15.32 -66.22
CA SER N 196 -48.10 -15.14 -65.09
C SER N 196 -47.42 -15.11 -63.73
N ALA N 197 -46.23 -15.68 -63.63
CA ALA N 197 -45.46 -15.64 -62.45
C ALA N 197 -44.73 -14.31 -62.16
N VAL N 198 -44.88 -13.34 -63.03
CA VAL N 198 -44.35 -12.02 -62.78
C VAL N 198 -45.32 -11.31 -61.84
N ARG N 199 -44.75 -10.77 -60.76
CA ARG N 199 -45.47 -9.94 -59.78
C ARG N 199 -45.46 -8.51 -60.31
N ILE N 200 -46.61 -7.88 -60.28
CA ILE N 200 -46.77 -6.54 -60.81
C ILE N 200 -47.50 -5.66 -59.81
N ALA N 201 -46.77 -4.68 -59.30
CA ALA N 201 -47.33 -3.64 -58.46
C ALA N 201 -47.63 -2.43 -59.29
N ILE N 202 -48.47 -1.52 -58.76
CA ILE N 202 -48.82 -0.29 -59.42
C ILE N 202 -48.66 0.90 -58.50
N ASP N 203 -48.62 2.09 -59.08
CA ASP N 203 -48.35 3.33 -58.34
C ASP N 203 -49.02 4.51 -58.96
N GLY N 204 -49.92 5.10 -58.22
CA GLY N 204 -50.66 6.23 -58.70
C GLY N 204 -50.19 7.60 -58.37
N ASN N 205 -49.18 7.66 -57.50
CA ASN N 205 -48.54 8.97 -57.10
C ASN N 205 -49.56 9.98 -56.67
N GLY N 206 -50.56 9.51 -55.92
CA GLY N 206 -51.52 10.42 -55.31
C GLY N 206 -52.48 11.16 -56.23
N LYS N 207 -52.76 10.61 -57.36
CA LYS N 207 -53.53 11.32 -58.39
C LYS N 207 -55.04 11.31 -58.15
N TRP N 208 -55.58 10.21 -57.67
CA TRP N 208 -57.00 9.97 -57.75
C TRP N 208 -57.68 10.19 -56.37
N ASP N 209 -58.99 10.35 -56.39
CA ASP N 209 -59.82 10.47 -55.19
C ASP N 209 -60.37 9.07 -54.80
N LEU N 210 -61.04 9.02 -53.64
CA LEU N 210 -61.49 7.78 -53.13
C LEU N 210 -62.48 7.04 -54.09
N PRO N 211 -63.56 7.71 -54.51
CA PRO N 211 -64.49 6.93 -55.34
C PRO N 211 -63.79 6.43 -56.67
N THR N 212 -62.93 7.24 -57.25
CA THR N 212 -62.17 6.77 -58.44
C THR N 212 -61.37 5.53 -58.14
N CYS N 213 -60.65 5.55 -57.01
CA CYS N 213 -59.91 4.36 -56.60
C CYS N 213 -60.78 3.13 -56.34
N GLN N 214 -61.92 3.30 -55.69
CA GLN N 214 -62.86 2.16 -55.44
C GLN N 214 -63.26 1.49 -56.76
N ARG N 215 -63.66 2.29 -57.76
CA ARG N 215 -64.01 1.73 -59.05
C ARG N 215 -62.79 1.03 -59.69
N PHE N 216 -61.63 1.68 -59.72
CA PHE N 216 -60.43 1.09 -60.31
C PHE N 216 -60.04 -0.22 -59.68
N CYS N 217 -60.06 -0.28 -58.33
CA CYS N 217 -59.63 -1.52 -57.67
C CYS N 217 -60.58 -2.65 -57.99
N ALA N 218 -61.88 -2.37 -58.08
CA ALA N 218 -62.84 -3.41 -58.49
C ALA N 218 -62.58 -3.90 -59.95
N ALA N 219 -62.27 -2.95 -60.80
CA ALA N 219 -62.05 -3.25 -62.20
C ALA N 219 -60.73 -4.01 -62.38
N ALA N 220 -59.80 -3.91 -61.43
CA ALA N 220 -58.48 -4.56 -61.47
C ALA N 220 -58.45 -5.94 -60.83
N LYS N 221 -59.64 -6.41 -60.44
CA LYS N 221 -59.78 -7.67 -59.69
C LYS N 221 -59.07 -8.84 -60.28
N ASP N 222 -59.02 -8.95 -61.59
CA ASP N 222 -58.41 -10.14 -62.16
C ASP N 222 -56.98 -9.90 -62.65
N LEU N 223 -56.36 -8.77 -62.32
CA LEU N 223 -55.06 -8.43 -62.87
C LEU N 223 -53.93 -8.87 -61.98
N ASP N 224 -54.26 -9.46 -60.82
CA ASP N 224 -53.28 -9.88 -59.84
C ASP N 224 -52.27 -8.74 -59.53
N ILE N 225 -52.77 -7.62 -59.04
CA ILE N 225 -51.97 -6.50 -58.66
C ILE N 225 -51.34 -6.72 -57.27
N TYR N 226 -50.03 -6.58 -57.20
CA TYR N 226 -49.28 -6.93 -55.99
C TYR N 226 -49.55 -5.89 -54.90
N TRP N 227 -49.48 -4.62 -55.25
CA TRP N 227 -49.92 -3.56 -54.37
C TRP N 227 -50.27 -2.35 -55.20
N PHE N 228 -50.97 -1.41 -54.56
CA PHE N 228 -51.39 -0.18 -55.18
C PHE N 228 -50.78 0.95 -54.33
N GLU N 229 -49.78 1.60 -54.87
CA GLU N 229 -48.98 2.58 -54.12
C GLU N 229 -49.54 3.98 -54.30
N GLU N 230 -49.56 4.73 -53.20
CA GLU N 230 -50.04 6.08 -53.19
C GLU N 230 -51.29 6.31 -54.00
N PRO N 231 -52.37 5.61 -53.63
CA PRO N 231 -53.56 5.73 -54.48
C PRO N 231 -54.23 7.10 -54.39
N LEU N 232 -54.07 7.72 -53.24
CA LEU N 232 -54.86 8.89 -52.84
C LEU N 232 -53.98 10.02 -52.34
N TRP N 233 -54.57 11.19 -52.01
CA TRP N 233 -53.77 12.35 -51.61
C TRP N 233 -52.91 11.97 -50.37
N TYR N 234 -51.68 12.46 -50.33
CA TYR N 234 -50.66 11.92 -49.46
C TYR N 234 -50.92 12.09 -47.99
N ASP N 235 -51.64 13.16 -47.63
CA ASP N 235 -51.88 13.50 -46.26
C ASP N 235 -53.30 13.15 -45.79
N ASP N 236 -54.05 12.41 -46.60
CA ASP N 236 -55.47 12.02 -46.28
C ASP N 236 -55.50 10.56 -45.75
N VAL N 237 -55.41 10.39 -44.46
CA VAL N 237 -55.42 9.06 -43.88
C VAL N 237 -56.76 8.36 -44.02
N THR N 238 -57.85 9.12 -43.81
CA THR N 238 -59.19 8.53 -43.80
C THR N 238 -59.57 7.89 -45.12
N SER N 239 -59.28 8.57 -46.22
CA SER N 239 -59.58 8.01 -47.52
C SER N 239 -58.84 6.68 -47.77
N HIS N 240 -57.57 6.60 -47.40
CA HIS N 240 -56.82 5.38 -47.55
C HIS N 240 -57.41 4.30 -46.66
N ALA N 241 -57.85 4.65 -45.45
CA ALA N 241 -58.43 3.62 -44.55
C ALA N 241 -59.73 3.04 -45.17
N ARG N 242 -60.54 3.89 -45.82
CA ARG N 242 -61.76 3.42 -46.44
C ARG N 242 -61.47 2.55 -47.68
N LEU N 243 -60.49 2.95 -48.47
CA LEU N 243 -60.09 2.22 -49.65
C LEU N 243 -59.62 0.83 -49.27
N ALA N 244 -58.76 0.76 -48.25
CA ALA N 244 -58.19 -0.49 -47.82
C ALA N 244 -59.24 -1.53 -47.42
N ARG N 245 -60.31 -1.06 -46.83
CA ARG N 245 -61.40 -1.94 -46.41
C ARG N 245 -62.32 -2.29 -47.52
N ASN N 246 -62.29 -1.55 -48.61
CA ASN N 246 -63.21 -1.75 -49.76
C ASN N 246 -62.61 -2.72 -50.85
N THR N 247 -61.34 -3.11 -50.78
CA THR N 247 -60.72 -3.94 -51.87
C THR N 247 -59.75 -4.89 -51.19
N SER N 248 -59.50 -6.02 -51.81
CA SER N 248 -58.46 -6.91 -51.41
C SER N 248 -57.08 -6.49 -51.88
N ILE N 249 -56.99 -5.55 -52.82
CA ILE N 249 -55.68 -5.10 -53.29
C ILE N 249 -54.94 -4.32 -52.13
N PRO N 250 -53.71 -4.72 -51.80
CA PRO N 250 -53.04 -4.03 -50.68
C PRO N 250 -52.62 -2.62 -51.07
N ILE N 251 -52.69 -1.74 -50.08
CA ILE N 251 -52.21 -0.37 -50.23
C ILE N 251 -50.77 -0.23 -49.73
N ALA N 252 -49.99 0.53 -50.50
CA ALA N 252 -48.59 0.86 -50.21
C ALA N 252 -48.49 2.36 -50.16
N LEU N 253 -47.74 2.89 -49.20
CA LEU N 253 -47.41 4.28 -49.17
C LEU N 253 -46.29 4.55 -48.19
N GLY N 254 -45.76 5.74 -48.26
CA GLY N 254 -44.80 6.19 -47.31
C GLY N 254 -43.81 7.18 -47.92
N GLU N 255 -43.64 7.16 -49.24
CA GLU N 255 -42.58 7.99 -49.77
C GLU N 255 -42.71 9.48 -49.54
N GLN N 256 -43.92 9.95 -49.25
CA GLN N 256 -44.14 11.35 -49.02
C GLN N 256 -44.33 11.75 -47.53
N LEU N 257 -44.21 10.77 -46.63
CA LEU N 257 -44.42 10.98 -45.22
C LEU N 257 -43.11 11.39 -44.55
N TYR N 258 -43.12 12.56 -43.92
CA TYR N 258 -41.95 13.16 -43.36
C TYR N 258 -41.61 12.61 -41.94
N THR N 259 -42.62 12.08 -41.20
CA THR N 259 -42.40 11.78 -39.81
C THR N 259 -42.90 10.45 -39.35
N VAL N 260 -42.33 9.99 -38.25
CA VAL N 260 -42.87 8.80 -37.61
C VAL N 260 -44.33 8.96 -37.23
N ASP N 261 -44.75 10.19 -36.87
CA ASP N 261 -46.11 10.43 -36.43
C ASP N 261 -47.04 10.17 -37.61
N ALA N 262 -46.66 10.65 -38.78
CA ALA N 262 -47.49 10.35 -39.95
C ALA N 262 -47.59 8.87 -40.25
N PHE N 263 -46.49 8.16 -40.13
CA PHE N 263 -46.52 6.73 -40.39
C PHE N 263 -47.39 6.01 -39.39
N ARG N 264 -47.29 6.46 -38.13
CA ARG N 264 -48.14 5.89 -37.10
C ARG N 264 -49.64 6.12 -37.37
N SER N 265 -50.00 7.30 -37.83
CA SER N 265 -51.36 7.61 -38.08
C SER N 265 -51.92 6.67 -39.18
N PHE N 266 -51.18 6.50 -40.25
CA PHE N 266 -51.60 5.58 -41.34
C PHE N 266 -51.65 4.12 -40.92
N ILE N 267 -50.62 3.65 -40.23
CA ILE N 267 -50.60 2.27 -39.80
C ILE N 267 -51.70 1.96 -38.83
N ASP N 268 -51.94 2.80 -37.85
CA ASP N 268 -52.94 2.52 -36.87
C ASP N 268 -54.35 2.51 -37.47
N ALA N 269 -54.53 3.21 -38.58
CA ALA N 269 -55.86 3.32 -39.23
C ALA N 269 -56.14 2.16 -40.14
N GLY N 270 -55.13 1.35 -40.31
CA GLY N 270 -55.21 0.25 -41.23
C GLY N 270 -55.22 0.77 -42.66
N ALA N 271 -54.62 1.91 -42.87
CA ALA N 271 -54.60 2.62 -44.15
C ALA N 271 -53.39 2.29 -45.06
N VAL N 272 -52.49 1.43 -44.57
CA VAL N 272 -51.32 1.02 -45.30
C VAL N 272 -50.95 -0.43 -44.92
N ALA N 273 -50.67 -1.26 -45.94
CA ALA N 273 -50.19 -2.59 -45.66
C ALA N 273 -48.71 -2.71 -46.03
N TYR N 274 -48.26 -2.06 -47.09
CA TYR N 274 -46.86 -2.09 -47.45
C TYR N 274 -46.26 -0.75 -47.11
N VAL N 275 -45.38 -0.73 -46.11
CA VAL N 275 -44.89 0.49 -45.51
C VAL N 275 -43.61 0.86 -46.20
N GLN N 276 -43.57 2.11 -46.66
CA GLN N 276 -42.47 2.61 -47.53
C GLN N 276 -41.70 3.79 -46.96
N PRO N 277 -40.95 3.58 -45.88
CA PRO N 277 -40.10 4.65 -45.38
C PRO N 277 -39.03 5.00 -46.39
N ASP N 278 -38.45 6.17 -46.24
CA ASP N 278 -37.44 6.63 -47.18
C ASP N 278 -36.50 7.53 -46.35
N VAL N 279 -35.25 7.15 -46.24
CA VAL N 279 -34.21 7.94 -45.51
C VAL N 279 -34.05 9.34 -46.01
N THR N 280 -34.49 9.59 -47.24
CA THR N 280 -34.41 10.89 -47.79
C THR N 280 -35.58 11.82 -47.46
N ARG N 281 -36.64 11.28 -46.88
CA ARG N 281 -37.91 11.99 -46.68
C ARG N 281 -38.18 12.10 -45.17
N LEU N 282 -38.09 10.96 -44.48
CA LEU N 282 -37.96 10.91 -43.03
C LEU N 282 -36.63 11.51 -42.63
N GLY N 283 -36.42 11.75 -41.34
CA GLY N 283 -35.13 12.31 -40.86
C GLY N 283 -34.04 11.28 -40.96
N GLY N 284 -33.65 10.87 -42.16
CA GLY N 284 -32.55 9.94 -42.24
C GLY N 284 -32.73 8.51 -41.72
N ILE N 285 -31.61 7.84 -41.59
CA ILE N 285 -31.53 6.47 -41.14
C ILE N 285 -32.13 6.38 -39.74
N THR N 286 -31.90 7.39 -38.93
CA THR N 286 -32.29 7.35 -37.53
C THR N 286 -33.84 7.20 -37.42
N GLU N 287 -34.56 8.05 -38.14
CA GLU N 287 -36.00 7.96 -38.10
C GLU N 287 -36.56 6.76 -38.92
N TYR N 288 -35.89 6.43 -40.01
CA TYR N 288 -36.19 5.21 -40.76
C TYR N 288 -36.26 3.99 -39.84
N ILE N 289 -35.28 3.82 -38.98
CA ILE N 289 -35.23 2.62 -38.17
C ILE N 289 -36.42 2.62 -37.22
N GLN N 290 -36.80 3.80 -36.74
CA GLN N 290 -37.99 3.91 -35.88
C GLN N 290 -39.26 3.48 -36.63
N VAL N 291 -39.38 3.88 -37.90
CA VAL N 291 -40.56 3.51 -38.66
C VAL N 291 -40.52 2.04 -39.03
N ALA N 292 -39.35 1.51 -39.36
CA ALA N 292 -39.26 0.05 -39.65
C ALA N 292 -39.63 -0.80 -38.39
N ASP N 293 -39.22 -0.34 -37.20
CA ASP N 293 -39.54 -1.04 -35.99
C ASP N 293 -41.03 -0.93 -35.71
N LEU N 294 -41.60 0.21 -36.04
CA LEU N 294 -43.06 0.40 -35.94
C LEU N 294 -43.78 -0.62 -36.86
N ALA N 295 -43.30 -0.70 -38.06
CA ALA N 295 -43.88 -1.68 -39.01
C ALA N 295 -43.79 -3.09 -38.49
N LEU N 296 -42.61 -3.44 -38.00
CA LEU N 296 -42.34 -4.75 -37.47
C LEU N 296 -43.34 -5.05 -36.38
N ALA N 297 -43.55 -4.12 -35.42
CA ALA N 297 -44.52 -4.36 -34.37
C ALA N 297 -45.93 -4.71 -34.86
N HIS N 298 -46.30 -4.20 -36.03
CA HIS N 298 -47.56 -4.54 -36.67
C HIS N 298 -47.44 -5.64 -37.63
N ARG N 299 -46.28 -6.30 -37.70
CA ARG N 299 -46.02 -7.39 -38.64
C ARG N 299 -46.28 -7.02 -40.11
N LEU N 300 -45.99 -5.78 -40.47
CA LEU N 300 -46.17 -5.37 -41.83
C LEU N 300 -44.81 -5.28 -42.52
N PRO N 301 -44.79 -5.51 -43.81
CA PRO N 301 -43.53 -5.46 -44.58
C PRO N 301 -43.04 -4.08 -44.88
N VAL N 302 -41.72 -3.96 -44.86
CA VAL N 302 -41.01 -2.70 -45.12
C VAL N 302 -40.32 -2.80 -46.48
N VAL N 303 -40.81 -1.93 -47.35
CA VAL N 303 -40.44 -1.84 -48.76
C VAL N 303 -40.11 -0.38 -49.04
N PRO N 304 -38.88 0.01 -48.75
CA PRO N 304 -38.52 1.42 -48.82
C PRO N 304 -38.56 1.98 -50.25
N HIS N 305 -38.95 3.23 -50.36
CA HIS N 305 -39.01 3.96 -51.60
C HIS N 305 -37.63 4.48 -52.01
N ALA N 306 -37.24 4.33 -53.29
CA ALA N 306 -35.88 4.67 -53.80
C ALA N 306 -35.65 6.17 -54.03
N GLY N 307 -35.79 6.93 -52.98
CA GLY N 307 -35.55 8.34 -53.13
C GLY N 307 -34.03 8.65 -53.16
N GLU N 308 -33.24 7.68 -52.69
CA GLU N 308 -31.81 7.65 -52.85
C GLU N 308 -31.35 6.54 -53.81
N MET N 309 -32.26 6.13 -54.67
CA MET N 309 -32.08 5.16 -55.71
C MET N 309 -31.54 3.84 -55.16
N SER N 310 -31.91 3.59 -53.90
CA SER N 310 -31.59 2.37 -53.16
C SER N 310 -30.13 2.27 -52.68
N GLN N 311 -29.33 3.34 -52.86
CA GLN N 311 -27.91 3.32 -52.43
C GLN N 311 -27.80 3.10 -50.91
N VAL N 312 -28.75 3.65 -50.18
CA VAL N 312 -28.77 3.44 -48.74
C VAL N 312 -29.67 2.28 -48.33
N HIS N 313 -30.82 2.20 -49.00
CA HIS N 313 -31.81 1.24 -48.62
C HIS N 313 -31.39 -0.21 -48.89
N VAL N 314 -30.43 -0.41 -49.78
CA VAL N 314 -29.91 -1.74 -49.99
C VAL N 314 -29.31 -2.26 -48.69
N HIS N 315 -28.63 -1.39 -47.92
CA HIS N 315 -28.19 -1.80 -46.59
C HIS N 315 -29.34 -2.10 -45.61
N LEU N 316 -30.31 -1.20 -45.55
CA LEU N 316 -31.38 -1.28 -44.57
C LEU N 316 -32.26 -2.48 -44.84
N SER N 317 -32.45 -2.83 -46.11
CA SER N 317 -33.21 -4.03 -46.46
C SER N 317 -32.43 -5.36 -46.29
N TYR N 318 -31.11 -5.34 -46.45
CA TYR N 318 -30.33 -6.49 -46.11
C TYR N 318 -30.32 -6.78 -44.61
N TRP N 319 -30.55 -5.77 -43.80
CA TRP N 319 -30.46 -5.93 -42.34
C TRP N 319 -31.83 -6.00 -41.63
N HIS N 320 -32.76 -5.08 -41.90
CA HIS N 320 -33.89 -4.92 -40.98
C HIS N 320 -34.81 -6.09 -41.15
N PRO N 321 -35.15 -6.79 -40.06
CA PRO N 321 -35.90 -8.02 -40.30
C PRO N 321 -37.34 -7.91 -40.82
N ALA N 322 -37.92 -6.73 -40.83
CA ALA N 322 -39.21 -6.54 -41.45
C ALA N 322 -39.18 -6.33 -42.98
N SER N 323 -38.01 -6.14 -43.53
CA SER N 323 -37.84 -5.89 -44.92
C SER N 323 -38.19 -7.10 -45.77
N THR N 324 -38.65 -6.81 -46.95
CA THR N 324 -38.94 -7.85 -47.95
C THR N 324 -38.16 -7.50 -49.29
N ILE N 325 -38.78 -6.77 -50.20
CA ILE N 325 -38.25 -6.54 -51.52
C ILE N 325 -37.85 -5.07 -51.69
N LEU N 326 -37.12 -4.78 -52.75
CA LEU N 326 -36.50 -3.47 -52.85
C LEU N 326 -36.62 -2.90 -54.23
N GLU N 327 -37.10 -1.68 -54.27
CA GLU N 327 -37.24 -0.97 -55.51
C GLU N 327 -35.89 -0.77 -56.26
N TYR N 328 -35.98 -0.84 -57.58
CA TYR N 328 -34.83 -0.70 -58.44
C TYR N 328 -35.11 0.26 -59.56
N ILE N 329 -34.29 1.30 -59.58
CA ILE N 329 -34.26 2.32 -60.61
C ILE N 329 -32.79 2.68 -60.85
N PRO N 330 -32.30 2.47 -62.06
CA PRO N 330 -30.86 2.50 -62.21
C PRO N 330 -30.25 3.81 -62.65
N TRP N 331 -30.92 4.91 -62.42
CA TRP N 331 -30.49 6.17 -62.96
C TRP N 331 -29.13 6.67 -62.45
N ILE N 332 -28.79 6.42 -61.19
CA ILE N 332 -27.64 7.11 -60.61
C ILE N 332 -26.59 6.19 -60.08
N LYS N 333 -26.78 4.87 -60.19
CA LYS N 333 -25.90 3.90 -59.54
C LYS N 333 -24.43 4.03 -60.02
N ASP N 334 -24.25 4.30 -61.30
CA ASP N 334 -22.86 4.37 -61.85
C ASP N 334 -22.10 5.64 -61.42
N HIS N 335 -22.75 6.55 -60.68
CA HIS N 335 -22.08 7.71 -60.11
C HIS N 335 -21.53 7.57 -58.69
N PHE N 336 -21.60 6.36 -58.13
CA PHE N 336 -21.12 6.07 -56.80
C PHE N 336 -19.86 5.17 -56.77
N GLU N 337 -19.08 5.33 -55.69
CA GLU N 337 -17.97 4.41 -55.47
C GLU N 337 -18.40 2.97 -55.37
N GLU N 338 -19.60 2.67 -54.78
CA GLU N 338 -20.15 1.31 -54.79
C GLU N 338 -21.56 1.38 -55.31
N PRO N 339 -21.69 1.28 -56.64
CA PRO N 339 -23.02 1.28 -57.22
C PRO N 339 -23.83 0.10 -56.66
N ILE N 340 -25.13 0.25 -56.45
CA ILE N 340 -25.97 -0.91 -56.30
C ILE N 340 -25.84 -1.72 -57.58
N HIS N 341 -26.15 -2.98 -57.44
CA HIS N 341 -26.07 -3.86 -58.56
C HIS N 341 -27.10 -4.97 -58.44
N VAL N 342 -27.91 -5.15 -59.51
CA VAL N 342 -28.94 -6.20 -59.55
C VAL N 342 -28.62 -7.23 -60.66
N ARG N 343 -28.59 -8.51 -60.32
CA ARG N 343 -28.41 -9.56 -61.31
C ARG N 343 -29.48 -10.62 -60.99
N ASP N 344 -30.22 -11.03 -62.01
CA ASP N 344 -31.22 -12.08 -61.86
C ASP N 344 -32.26 -11.68 -60.84
N GLY N 345 -32.52 -10.39 -60.75
CA GLY N 345 -33.54 -9.86 -59.86
C GLY N 345 -33.16 -9.87 -58.40
N VAL N 346 -31.87 -9.97 -58.09
CA VAL N 346 -31.37 -9.92 -56.72
C VAL N 346 -30.30 -8.82 -56.59
N TYR N 347 -30.42 -8.00 -55.54
CA TYR N 347 -29.40 -7.06 -55.23
C TYR N 347 -28.16 -7.73 -54.71
N LYS N 348 -27.02 -7.28 -55.19
CA LYS N 348 -25.75 -7.61 -54.56
C LYS N 348 -25.68 -7.03 -53.19
N ARG N 349 -25.09 -7.78 -52.27
CA ARG N 349 -24.89 -7.27 -50.93
C ARG N 349 -23.69 -6.31 -50.89
N PRO N 350 -23.87 -5.12 -50.35
CA PRO N 350 -22.76 -4.15 -50.29
C PRO N 350 -21.49 -4.69 -49.54
N GLU N 351 -20.30 -4.29 -50.01
CA GLU N 351 -19.02 -4.76 -49.42
C GLU N 351 -18.18 -3.66 -48.79
N GLN N 352 -18.22 -2.46 -49.33
CA GLN N 352 -17.28 -1.40 -48.87
C GLN N 352 -17.75 -0.76 -47.59
N PRO N 353 -16.78 -0.21 -46.86
CA PRO N 353 -17.25 0.41 -45.65
C PRO N 353 -18.11 1.61 -45.94
N GLY N 354 -19.09 1.85 -45.07
CA GLY N 354 -19.96 2.99 -45.21
C GLY N 354 -21.38 2.55 -45.62
N ALA N 355 -22.15 3.57 -46.04
CA ALA N 355 -23.53 3.49 -46.46
C ALA N 355 -23.75 3.59 -47.99
N SER N 356 -22.67 3.36 -48.74
CA SER N 356 -22.64 3.55 -50.18
C SER N 356 -23.30 4.81 -50.66
N THR N 357 -22.97 5.92 -50.01
CA THR N 357 -23.44 7.21 -50.38
C THR N 357 -22.41 8.13 -51.09
N THR N 358 -21.21 7.59 -51.30
CA THR N 358 -20.01 8.39 -51.67
C THR N 358 -20.00 8.47 -53.17
N PRO N 359 -20.22 9.65 -53.72
CA PRO N 359 -20.25 9.73 -55.15
C PRO N 359 -18.79 9.75 -55.72
N LEU N 360 -18.64 9.29 -56.95
CA LEU N 360 -17.38 9.45 -57.68
C LEU N 360 -16.97 10.88 -57.80
N ALA N 361 -15.67 11.15 -57.62
CA ALA N 361 -15.22 12.52 -57.79
C ALA N 361 -15.54 13.11 -59.15
N GLU N 362 -15.39 12.35 -60.24
CA GLU N 362 -15.69 12.88 -61.58
C GLU N 362 -17.16 13.30 -61.72
N SER N 363 -18.02 12.63 -60.95
CA SER N 363 -19.44 12.95 -61.03
C SER N 363 -19.73 14.33 -60.46
N PHE N 364 -19.13 14.76 -59.36
CA PHE N 364 -19.29 16.19 -58.99
C PHE N 364 -18.87 17.22 -60.09
N THR N 365 -17.75 16.95 -60.75
CA THR N 365 -17.25 17.85 -61.75
C THR N 365 -18.18 18.00 -62.90
N ARG N 366 -18.71 16.89 -63.36
CA ARG N 366 -19.53 16.93 -64.50
C ARG N 366 -20.93 17.35 -64.17
N TYR N 367 -21.44 16.89 -63.02
CA TYR N 367 -22.87 17.06 -62.73
C TYR N 367 -23.22 18.00 -61.57
N GLY N 368 -22.21 18.50 -60.90
CA GLY N 368 -22.40 19.40 -59.76
C GLY N 368 -23.00 20.69 -60.16
N LYS N 369 -23.80 21.30 -59.28
CA LYS N 369 -24.39 22.61 -59.46
C LYS N 369 -23.92 23.54 -58.35
N ALA N 370 -23.83 24.84 -58.63
CA ALA N 370 -23.48 25.81 -57.59
C ALA N 370 -24.63 25.91 -56.55
N VAL N 371 -24.28 25.97 -55.29
CA VAL N 371 -25.25 26.10 -54.16
C VAL N 371 -25.63 27.55 -53.89
N LYS N 372 -24.92 28.46 -54.57
CA LYS N 372 -25.28 29.91 -54.71
C LYS N 372 -25.02 30.36 -56.15
N MET O 1 -57.51 -39.76 -4.77
CA MET O 1 -56.56 -40.62 -3.95
C MET O 1 -55.21 -39.89 -3.91
N LYS O 2 -54.35 -40.20 -2.96
CA LYS O 2 -53.07 -39.45 -2.85
C LYS O 2 -52.08 -39.74 -3.96
N ILE O 3 -51.37 -38.73 -4.49
CA ILE O 3 -50.40 -38.96 -5.54
C ILE O 3 -49.12 -39.49 -4.90
N THR O 4 -48.62 -40.62 -5.37
CA THR O 4 -47.44 -41.23 -4.75
C THR O 4 -46.20 -41.18 -5.61
N ALA O 5 -46.32 -40.92 -6.91
CA ALA O 5 -45.19 -40.75 -7.79
C ALA O 5 -45.57 -39.92 -9.04
N VAL O 6 -44.58 -39.18 -9.56
CA VAL O 6 -44.72 -38.49 -10.83
C VAL O 6 -43.48 -38.78 -11.61
N GLU O 7 -43.57 -39.39 -12.76
CA GLU O 7 -42.43 -39.79 -13.51
C GLU O 7 -42.50 -39.30 -14.91
N PRO O 8 -41.57 -38.46 -15.30
CA PRO O 8 -41.71 -37.93 -16.64
C PRO O 8 -41.20 -38.86 -17.68
N PHE O 9 -41.60 -38.69 -18.93
CA PHE O 9 -41.14 -39.47 -20.00
C PHE O 9 -41.09 -38.72 -21.32
N ILE O 10 -40.28 -39.25 -22.21
CA ILE O 10 -40.15 -38.74 -23.54
C ILE O 10 -40.17 -39.91 -24.52
N LEU O 11 -41.11 -39.91 -25.48
CA LEU O 11 -41.07 -40.83 -26.61
C LEU O 11 -40.82 -40.06 -27.86
N HIS O 12 -39.94 -40.55 -28.74
CA HIS O 12 -39.80 -40.02 -30.05
C HIS O 12 -40.29 -41.04 -31.07
N LEU O 13 -41.40 -40.68 -31.74
CA LEU O 13 -42.10 -41.63 -32.61
C LEU O 13 -41.98 -41.26 -34.09
N PRO O 14 -41.62 -42.26 -34.93
CA PRO O 14 -41.51 -42.09 -36.39
C PRO O 14 -42.82 -41.68 -37.08
N LEU O 15 -42.70 -40.99 -38.20
CA LEU O 15 -43.85 -40.53 -38.96
C LEU O 15 -44.19 -41.45 -40.17
N THR O 16 -45.28 -41.11 -40.88
CA THR O 16 -45.72 -41.66 -42.17
C THR O 16 -44.71 -41.65 -43.35
N SER O 17 -43.89 -40.61 -43.38
CA SER O 17 -42.84 -40.43 -44.37
C SER O 17 -41.55 -40.23 -43.57
N GLU O 18 -40.39 -40.38 -44.18
CA GLU O 18 -39.17 -40.15 -43.38
C GLU O 18 -39.10 -38.69 -42.94
N SER O 19 -39.64 -37.78 -43.76
CA SER O 19 -39.70 -36.36 -43.38
C SER O 19 -40.95 -35.69 -43.96
N ILE O 20 -41.56 -34.79 -43.15
CA ILE O 20 -42.67 -33.92 -43.61
C ILE O 20 -42.34 -32.45 -43.28
N SER O 21 -42.86 -31.58 -44.12
CA SER O 21 -42.70 -30.14 -43.99
C SER O 21 -44.05 -29.41 -44.13
N ASP O 22 -44.28 -28.42 -43.26
CA ASP O 22 -45.34 -27.42 -43.56
C ASP O 22 -44.63 -26.13 -44.01
N SER O 23 -45.22 -24.93 -43.87
CA SER O 23 -44.50 -23.73 -44.41
C SER O 23 -43.28 -23.31 -43.59
N THR O 24 -43.15 -23.85 -42.39
CA THR O 24 -42.25 -23.35 -41.36
C THR O 24 -41.31 -24.47 -40.78
N HIS O 25 -41.79 -25.71 -40.74
CA HIS O 25 -41.08 -26.77 -40.01
C HIS O 25 -40.88 -27.99 -40.96
N SER O 26 -39.78 -28.69 -40.73
CA SER O 26 -39.57 -30.02 -41.30
C SER O 26 -39.18 -30.93 -40.14
N ILE O 27 -39.90 -32.04 -39.95
CA ILE O 27 -39.60 -32.92 -38.83
C ILE O 27 -39.51 -34.38 -39.27
N THR O 28 -38.86 -35.21 -38.45
CA THR O 28 -38.75 -36.62 -38.75
C THR O 28 -39.38 -37.51 -37.69
N HIS O 29 -39.60 -36.96 -36.49
CA HIS O 29 -40.26 -37.69 -35.41
C HIS O 29 -41.25 -36.80 -34.67
N TRP O 30 -42.24 -37.42 -34.02
CA TRP O 30 -43.13 -36.70 -33.11
C TRP O 30 -42.68 -36.95 -31.72
N GLY O 31 -42.62 -35.88 -30.93
CA GLY O 31 -42.32 -36.01 -29.55
C GLY O 31 -43.53 -36.07 -28.63
N VAL O 32 -43.63 -37.18 -27.94
CA VAL O 32 -44.60 -37.37 -26.87
C VAL O 32 -43.93 -37.19 -25.56
N VAL O 33 -44.20 -36.07 -24.92
CA VAL O 33 -43.41 -35.64 -23.76
C VAL O 33 -44.37 -35.41 -22.62
N GLY O 34 -44.24 -36.18 -21.54
CA GLY O 34 -45.16 -36.03 -20.44
C GLY O 34 -44.81 -36.64 -19.14
N ALA O 35 -45.86 -37.05 -18.47
CA ALA O 35 -45.76 -37.52 -17.12
C ALA O 35 -46.69 -38.67 -16.85
N LYS O 36 -46.19 -39.60 -16.04
CA LYS O 36 -46.99 -40.69 -15.54
C LYS O 36 -47.14 -40.44 -14.06
N ILE O 37 -48.38 -40.31 -13.64
CA ILE O 37 -48.68 -40.01 -12.28
C ILE O 37 -49.37 -41.20 -11.65
N THR O 38 -48.86 -41.66 -10.51
CA THR O 38 -49.40 -42.84 -9.83
C THR O 38 -50.10 -42.43 -8.58
N THR O 39 -51.25 -43.04 -8.25
CA THR O 39 -51.83 -42.78 -6.94
C THR O 39 -51.72 -44.03 -5.97
N SER O 40 -52.08 -43.80 -4.72
CA SER O 40 -52.04 -44.80 -3.67
C SER O 40 -52.85 -46.07 -3.95
N ASP O 41 -53.80 -46.03 -4.85
CA ASP O 41 -54.60 -47.22 -5.21
C ASP O 41 -54.00 -47.93 -6.40
N GLY O 42 -52.85 -47.44 -6.86
CA GLY O 42 -52.20 -48.02 -8.01
C GLY O 42 -52.63 -47.60 -9.41
N ILE O 43 -53.56 -46.66 -9.50
CA ILE O 43 -53.97 -46.17 -10.84
C ILE O 43 -52.81 -45.32 -11.34
N GLU O 44 -52.48 -45.52 -12.59
CA GLU O 44 -51.46 -44.73 -13.28
C GLU O 44 -52.12 -43.84 -14.35
N GLY O 45 -51.93 -42.52 -14.22
CA GLY O 45 -52.42 -41.60 -15.28
C GLY O 45 -51.29 -41.09 -16.15
N TYR O 46 -51.58 -40.88 -17.41
CA TYR O 46 -50.63 -40.40 -18.35
C TYR O 46 -51.18 -39.12 -19.04
N GLY O 47 -50.31 -38.14 -19.20
CA GLY O 47 -50.62 -36.94 -19.94
C GLY O 47 -49.37 -36.48 -20.60
N PHE O 48 -49.49 -35.81 -21.76
CA PHE O 48 -48.29 -35.34 -22.48
C PHE O 48 -48.59 -34.12 -23.33
N THR O 49 -47.54 -33.42 -23.67
CA THR O 49 -47.63 -32.39 -24.71
C THR O 49 -47.07 -32.97 -25.97
N GLY O 50 -47.02 -32.23 -27.04
CA GLY O 50 -46.59 -32.73 -28.37
C GLY O 50 -45.55 -31.79 -28.92
N THR O 51 -44.35 -32.30 -29.18
CA THR O 51 -43.22 -31.50 -29.62
C THR O 51 -42.67 -32.03 -30.92
N HIS O 52 -41.72 -31.26 -31.48
CA HIS O 52 -41.08 -31.63 -32.68
C HIS O 52 -39.88 -32.60 -32.44
N ALA O 53 -39.77 -33.14 -31.23
CA ALA O 53 -38.81 -34.18 -30.87
C ALA O 53 -37.36 -33.72 -30.90
N HIS O 54 -37.16 -32.51 -30.39
CA HIS O 54 -35.85 -31.89 -30.19
C HIS O 54 -35.50 -32.15 -28.72
N LEU O 55 -34.61 -33.12 -28.48
CA LEU O 55 -34.43 -33.66 -27.18
C LEU O 55 -34.00 -32.63 -26.16
N PRO O 56 -33.10 -31.69 -26.51
CA PRO O 56 -32.68 -30.81 -25.44
C PRO O 56 -33.83 -29.98 -24.93
N SER O 57 -34.76 -29.57 -25.80
CA SER O 57 -35.95 -28.81 -25.30
C SER O 57 -37.02 -29.74 -24.68
N ASP O 58 -37.19 -30.98 -25.18
CA ASP O 58 -38.06 -31.96 -24.49
C ASP O 58 -37.69 -32.16 -23.04
N ARG O 59 -36.37 -32.18 -22.75
CA ARG O 59 -35.90 -32.34 -21.40
C ARG O 59 -36.17 -31.15 -20.59
N LEU O 60 -36.31 -29.98 -21.20
CA LEU O 60 -36.73 -28.83 -20.38
C LEU O 60 -38.14 -29.08 -19.81
N ILE O 61 -39.04 -29.59 -20.65
CA ILE O 61 -40.41 -29.91 -20.23
C ILE O 61 -40.41 -30.96 -19.11
N THR O 62 -39.67 -32.05 -19.26
CA THR O 62 -39.62 -33.09 -18.25
C THR O 62 -38.97 -32.67 -17.00
N SER O 63 -37.95 -31.80 -17.12
CA SER O 63 -37.33 -31.24 -15.93
C SER O 63 -38.24 -30.32 -15.15
N CYS O 64 -39.05 -29.55 -15.86
CA CYS O 64 -40.10 -28.74 -15.22
C CYS O 64 -41.07 -29.66 -14.49
N ILE O 65 -41.46 -30.77 -15.12
CA ILE O 65 -42.35 -31.73 -14.47
C ILE O 65 -41.73 -32.33 -13.16
N SER O 66 -40.51 -32.87 -13.26
CA SER O 66 -39.89 -33.54 -12.11
C SER O 66 -39.37 -32.54 -11.08
N ASP O 67 -38.78 -31.44 -11.53
CA ASP O 67 -38.12 -30.61 -10.59
C ASP O 67 -38.93 -29.48 -10.04
N CYS O 68 -39.89 -28.95 -10.83
CA CYS O 68 -40.68 -27.83 -10.37
C CYS O 68 -42.06 -28.24 -9.86
N TYR O 69 -42.73 -29.13 -10.57
CA TYR O 69 -44.11 -29.50 -10.27
C TYR O 69 -44.28 -30.70 -9.34
N ALA O 70 -43.54 -31.76 -9.59
CA ALA O 70 -43.64 -32.96 -8.69
C ALA O 70 -43.66 -32.65 -7.19
N PRO O 71 -42.82 -31.72 -6.68
CA PRO O 71 -42.88 -31.41 -5.27
C PRO O 71 -44.21 -30.86 -4.84
N LEU O 72 -44.92 -30.22 -5.77
CA LEU O 72 -46.17 -29.64 -5.41
C LEU O 72 -47.30 -30.63 -5.58
N LEU O 73 -47.05 -31.76 -6.21
CA LEU O 73 -48.08 -32.80 -6.43
C LEU O 73 -48.00 -33.95 -5.42
N LEU O 74 -46.80 -34.35 -5.04
CA LEU O 74 -46.72 -35.59 -4.20
C LEU O 74 -47.48 -35.38 -2.95
N GLY O 75 -48.28 -36.37 -2.55
CA GLY O 75 -49.03 -36.23 -1.32
C GLY O 75 -50.40 -35.58 -1.49
N GLU O 76 -50.65 -34.94 -2.64
CA GLU O 76 -51.91 -34.23 -2.86
C GLU O 76 -52.96 -35.23 -3.36
N ASP O 77 -54.24 -34.99 -3.06
CA ASP O 77 -55.35 -35.74 -3.62
C ASP O 77 -55.50 -35.45 -5.10
N ALA O 78 -55.27 -36.47 -5.93
CA ALA O 78 -55.30 -36.37 -7.40
C ALA O 78 -56.66 -35.97 -7.95
N SER O 79 -57.66 -36.23 -7.14
CA SER O 79 -59.04 -35.94 -7.51
C SER O 79 -59.24 -34.40 -7.67
N ASP O 80 -58.46 -33.62 -6.93
CA ASP O 80 -58.56 -32.14 -6.87
C ASP O 80 -57.92 -31.41 -8.05
N HIS O 81 -58.20 -31.89 -9.26
CA HIS O 81 -57.48 -31.43 -10.42
C HIS O 81 -57.66 -29.90 -10.65
N SER O 82 -58.79 -29.31 -10.25
N SER O 82 -58.80 -29.33 -10.26
CA SER O 82 -59.04 -27.84 -10.48
CA SER O 82 -59.05 -27.90 -10.49
C SER O 82 -58.18 -27.05 -9.54
C SER O 82 -58.20 -27.07 -9.56
N ARG O 83 -58.16 -27.49 -8.30
CA ARG O 83 -57.33 -26.84 -7.28
C ARG O 83 -55.86 -26.99 -7.59
N LEU O 84 -55.47 -28.20 -8.00
CA LEU O 84 -54.07 -28.46 -8.38
C LEU O 84 -53.61 -27.60 -9.59
N TRP O 85 -54.55 -27.33 -10.51
CA TRP O 85 -54.20 -26.56 -11.72
C TRP O 85 -53.68 -25.20 -11.29
N THR O 86 -54.41 -24.56 -10.42
CA THR O 86 -54.06 -23.24 -9.92
C THR O 86 -52.77 -23.33 -9.10
N LYS O 87 -52.68 -24.35 -8.24
CA LYS O 87 -51.46 -24.54 -7.45
C LYS O 87 -50.18 -24.54 -8.29
N LEU O 88 -50.17 -25.29 -9.41
CA LEU O 88 -49.06 -25.39 -10.27
C LEU O 88 -48.92 -24.14 -11.15
N ALA O 89 -50.03 -23.72 -11.81
CA ALA O 89 -49.94 -22.69 -12.85
C ALA O 89 -49.56 -21.35 -12.26
N ARG O 90 -50.03 -21.10 -11.04
CA ARG O 90 -49.90 -19.82 -10.40
C ARG O 90 -48.95 -19.85 -9.20
N TYR O 91 -48.16 -20.89 -9.08
CA TYR O 91 -47.10 -20.91 -8.09
C TYR O 91 -46.19 -19.71 -8.37
N PRO O 92 -46.02 -18.82 -7.40
CA PRO O 92 -45.48 -17.48 -7.75
C PRO O 92 -44.15 -17.48 -8.50
N SER O 93 -43.14 -18.20 -8.04
CA SER O 93 -41.86 -18.19 -8.78
C SER O 93 -41.81 -18.88 -10.12
N LEU O 94 -42.71 -19.85 -10.34
CA LEU O 94 -42.91 -20.46 -11.64
C LEU O 94 -43.75 -19.62 -12.60
N GLN O 95 -44.82 -19.02 -12.09
CA GLN O 95 -45.56 -18.01 -12.88
C GLN O 95 -44.66 -16.89 -13.37
N TRP O 96 -43.70 -16.49 -12.53
CA TRP O 96 -42.73 -15.44 -12.86
C TRP O 96 -41.99 -15.77 -14.17
N VAL O 97 -41.73 -17.06 -14.39
CA VAL O 97 -41.03 -17.53 -15.61
C VAL O 97 -41.96 -18.28 -16.57
N GLY O 98 -43.26 -18.01 -16.51
CA GLY O 98 -44.22 -18.81 -17.14
C GLY O 98 -45.36 -17.99 -17.71
N ARG O 99 -46.57 -18.52 -17.55
CA ARG O 99 -47.84 -18.10 -18.23
C ARG O 99 -47.91 -18.59 -19.63
N ALA O 100 -46.82 -19.15 -20.16
CA ALA O 100 -46.72 -19.59 -21.52
C ALA O 100 -45.41 -20.35 -21.67
N GLY O 101 -45.24 -21.00 -22.78
CA GLY O 101 -44.04 -21.76 -23.09
C GLY O 101 -43.86 -22.98 -22.23
N ILE O 102 -42.59 -23.26 -21.95
CA ILE O 102 -42.25 -24.54 -21.29
C ILE O 102 -43.03 -24.82 -20.04
N THR O 103 -43.16 -23.84 -19.15
CA THR O 103 -43.88 -24.17 -17.92
C THR O 103 -45.33 -24.53 -18.18
N HIS O 104 -45.87 -23.96 -19.27
CA HIS O 104 -47.25 -24.19 -19.54
C HIS O 104 -47.46 -25.53 -20.21
N LEU O 105 -46.57 -25.90 -21.10
CA LEU O 105 -46.60 -27.23 -21.66
C LEU O 105 -46.44 -28.38 -20.66
N ALA O 106 -45.55 -28.24 -19.67
CA ALA O 106 -45.47 -29.18 -18.53
C ALA O 106 -46.72 -29.25 -17.72
N LEU O 107 -47.36 -28.09 -17.47
CA LEU O 107 -48.61 -28.06 -16.83
C LEU O 107 -49.73 -28.86 -17.57
N ALA O 108 -49.78 -28.72 -18.87
CA ALA O 108 -50.73 -29.44 -19.76
C ALA O 108 -50.56 -30.97 -19.53
N ALA O 109 -49.30 -31.43 -19.50
CA ALA O 109 -49.04 -32.85 -19.28
C ALA O 109 -49.59 -33.32 -17.94
N VAL O 110 -49.35 -32.58 -16.88
CA VAL O 110 -49.77 -32.93 -15.55
C VAL O 110 -51.29 -32.97 -15.50
N ASP O 111 -51.91 -31.92 -16.01
CA ASP O 111 -53.34 -31.84 -16.00
C ASP O 111 -54.02 -32.99 -16.71
N VAL O 112 -53.55 -33.36 -17.90
CA VAL O 112 -54.19 -34.41 -18.66
C VAL O 112 -54.04 -35.73 -17.84
N ALA O 113 -52.84 -35.93 -17.25
CA ALA O 113 -52.65 -37.11 -16.39
C ALA O 113 -53.65 -37.17 -15.25
N LEU O 114 -53.97 -36.04 -14.62
CA LEU O 114 -54.93 -36.04 -13.60
C LEU O 114 -56.36 -36.42 -14.09
N TRP O 115 -56.74 -35.94 -15.28
CA TRP O 115 -58.03 -36.30 -15.87
C TRP O 115 -58.10 -37.78 -16.29
N ASP O 116 -57.01 -38.31 -16.83
CA ASP O 116 -56.90 -39.77 -17.09
C ASP O 116 -57.13 -40.60 -15.81
N ILE O 117 -56.44 -40.26 -14.72
CA ILE O 117 -56.75 -40.85 -13.40
C ILE O 117 -58.21 -40.78 -13.08
N LYS O 118 -58.79 -39.60 -13.27
CA LYS O 118 -60.19 -39.44 -12.81
C LYS O 118 -61.11 -40.36 -13.57
N ALA O 119 -60.93 -40.47 -14.86
CA ALA O 119 -61.84 -41.24 -15.68
C ALA O 119 -61.54 -42.76 -15.41
N LYS O 120 -60.25 -43.09 -15.30
CA LYS O 120 -59.81 -44.45 -14.87
C LYS O 120 -60.43 -44.89 -13.54
N LYS O 121 -60.40 -44.05 -12.54
CA LYS O 121 -60.98 -44.35 -11.31
C LYS O 121 -62.51 -44.56 -11.41
N ALA O 122 -63.19 -43.75 -12.21
CA ALA O 122 -64.63 -43.88 -12.42
C ALA O 122 -64.93 -45.07 -13.32
N GLY O 123 -63.92 -45.60 -14.00
CA GLY O 123 -64.04 -46.75 -14.87
C GLY O 123 -64.72 -46.54 -16.22
N VAL O 124 -64.58 -45.34 -16.83
CA VAL O 124 -65.31 -45.01 -18.03
C VAL O 124 -64.37 -44.17 -18.92
N PRO O 125 -64.56 -44.25 -20.23
CA PRO O 125 -63.93 -43.24 -21.07
C PRO O 125 -64.28 -41.81 -20.69
N LEU O 126 -63.31 -40.93 -20.95
CA LEU O 126 -63.43 -39.54 -20.56
C LEU O 126 -64.69 -38.86 -21.17
N TRP O 127 -65.00 -39.09 -22.42
CA TRP O 127 -66.23 -38.49 -23.04
C TRP O 127 -67.48 -38.84 -22.20
N HIS O 128 -67.57 -40.09 -21.75
CA HIS O 128 -68.64 -40.50 -20.88
C HIS O 128 -68.61 -39.85 -19.53
N TYR O 129 -67.48 -39.89 -18.84
CA TYR O 129 -67.28 -39.20 -17.61
C TYR O 129 -67.79 -37.75 -17.63
N LEU O 130 -67.51 -37.04 -18.70
CA LEU O 130 -67.85 -35.58 -18.79
C LEU O 130 -69.34 -35.31 -18.96
N GLY O 131 -70.12 -36.34 -19.33
CA GLY O 131 -71.59 -36.22 -19.41
C GLY O 131 -72.26 -36.73 -20.66
N GLY O 132 -71.56 -37.49 -21.47
CA GLY O 132 -72.12 -38.31 -22.54
C GLY O 132 -71.89 -37.71 -23.90
N ALA O 133 -72.26 -38.43 -24.95
CA ALA O 133 -71.98 -37.99 -26.28
C ALA O 133 -72.94 -36.99 -26.93
N ARG O 134 -72.37 -36.05 -27.68
CA ARG O 134 -73.16 -34.99 -28.34
C ARG O 134 -73.42 -35.38 -29.75
N THR O 135 -72.81 -36.44 -30.24
CA THR O 135 -73.08 -36.94 -31.56
C THR O 135 -72.84 -38.45 -31.57
N ALA O 136 -73.44 -39.09 -32.59
CA ALA O 136 -73.25 -40.54 -32.88
C ALA O 136 -71.94 -40.81 -33.56
N GLY O 137 -71.33 -39.77 -34.15
CA GLY O 137 -70.16 -39.95 -34.94
C GLY O 137 -69.42 -38.64 -35.22
N VAL O 138 -68.19 -38.57 -34.71
CA VAL O 138 -67.28 -37.48 -35.01
C VAL O 138 -66.63 -37.70 -36.31
N GLU O 139 -66.85 -36.78 -37.22
CA GLU O 139 -66.25 -36.82 -38.54
C GLU O 139 -64.81 -36.37 -38.47
N ALA O 140 -63.96 -37.05 -39.26
CA ALA O 140 -62.57 -36.75 -39.34
C ALA O 140 -62.23 -35.92 -40.57
N TYR O 141 -61.11 -35.22 -40.53
CA TYR O 141 -60.54 -34.69 -41.71
C TYR O 141 -59.06 -35.02 -41.72
N ASN O 142 -58.60 -35.33 -42.91
CA ASN O 142 -57.28 -35.90 -43.05
C ASN O 142 -56.27 -34.79 -43.41
N THR O 143 -55.34 -34.59 -42.49
CA THR O 143 -54.22 -33.66 -42.71
C THR O 143 -52.97 -34.34 -43.28
N ASP O 144 -52.86 -35.65 -43.07
CA ASP O 144 -51.59 -36.36 -43.36
C ASP O 144 -51.33 -36.46 -44.84
N ILE O 145 -52.33 -36.16 -45.68
CA ILE O 145 -52.14 -36.23 -47.12
C ILE O 145 -51.75 -34.88 -47.70
N GLY O 146 -51.57 -33.86 -46.84
CA GLY O 146 -51.56 -32.47 -47.37
C GLY O 146 -50.24 -31.70 -47.18
N TRP O 147 -49.22 -32.38 -46.65
CA TRP O 147 -47.92 -31.72 -46.39
C TRP O 147 -47.32 -30.90 -47.50
N LEU O 148 -46.77 -29.72 -47.15
CA LEU O 148 -46.23 -28.86 -48.12
C LEU O 148 -44.99 -29.47 -48.85
N SER O 149 -44.36 -30.40 -48.21
CA SER O 149 -43.21 -31.15 -48.79
C SER O 149 -43.60 -32.08 -49.94
N PHE O 150 -44.87 -32.42 -50.09
CA PHE O 150 -45.30 -33.24 -51.25
C PHE O 150 -45.24 -32.53 -52.58
N THR O 151 -44.73 -33.21 -53.60
CA THR O 151 -44.84 -32.71 -54.94
C THR O 151 -46.35 -32.66 -55.22
N LEU O 152 -46.70 -31.95 -56.27
CA LEU O 152 -48.07 -31.97 -56.74
C LEU O 152 -48.62 -33.37 -56.99
N GLU O 153 -47.85 -34.19 -57.72
CA GLU O 153 -48.32 -35.52 -57.97
C GLU O 153 -48.61 -36.28 -56.74
N ASP O 154 -47.74 -36.22 -55.73
CA ASP O 154 -47.99 -36.97 -54.52
C ASP O 154 -49.14 -36.36 -53.70
N LEU O 155 -49.28 -35.03 -53.77
CA LEU O 155 -50.44 -34.40 -53.11
C LEU O 155 -51.77 -34.97 -53.68
N LEU O 156 -51.84 -34.96 -55.01
CA LEU O 156 -52.97 -35.49 -55.76
C LEU O 156 -53.23 -36.93 -55.45
N ALA O 157 -52.20 -37.77 -55.51
CA ALA O 157 -52.33 -39.19 -55.26
C ALA O 157 -52.85 -39.50 -53.90
N GLY O 158 -52.27 -38.86 -52.88
CA GLY O 158 -52.67 -39.09 -51.50
C GLY O 158 -54.09 -38.54 -51.26
N SER O 159 -54.38 -37.36 -51.79
CA SER O 159 -55.72 -36.82 -51.65
C SER O 159 -56.75 -37.77 -52.28
N ALA O 160 -56.51 -38.20 -53.51
CA ALA O 160 -57.45 -39.12 -54.21
C ALA O 160 -57.60 -40.42 -53.43
N ARG O 161 -56.52 -41.00 -52.94
CA ARG O 161 -56.66 -42.24 -52.19
C ARG O 161 -57.47 -42.06 -50.88
N ALA O 162 -57.22 -40.94 -50.21
CA ALA O 162 -57.94 -40.71 -48.95
C ALA O 162 -59.43 -40.70 -49.21
N VAL O 163 -59.80 -40.09 -50.29
CA VAL O 163 -61.17 -39.91 -50.62
C VAL O 163 -61.76 -41.17 -51.31
N GLU O 164 -60.99 -41.80 -52.20
CA GLU O 164 -61.53 -42.85 -53.09
C GLU O 164 -61.33 -44.19 -52.48
N GLU O 165 -60.32 -44.41 -51.68
CA GLU O 165 -60.14 -45.70 -51.04
C GLU O 165 -60.49 -45.69 -49.60
N ASP O 166 -60.24 -44.62 -48.85
CA ASP O 166 -60.39 -44.66 -47.39
C ASP O 166 -61.63 -43.96 -46.88
N GLY O 167 -62.39 -43.38 -47.76
CA GLY O 167 -63.68 -42.89 -47.38
C GLY O 167 -63.66 -41.52 -46.66
N PHE O 168 -62.59 -40.75 -46.82
CA PHE O 168 -62.61 -39.37 -46.22
C PHE O 168 -63.43 -38.50 -47.12
N THR O 169 -64.13 -37.50 -46.53
CA THR O 169 -64.75 -36.52 -47.37
C THR O 169 -64.36 -35.08 -46.93
N ARG O 170 -63.30 -35.03 -46.16
CA ARG O 170 -62.76 -33.78 -45.63
C ARG O 170 -61.25 -33.93 -45.59
N LEU O 171 -60.55 -32.93 -46.12
CA LEU O 171 -59.10 -32.89 -46.18
C LEU O 171 -58.62 -31.54 -45.71
N LYS O 172 -57.36 -31.47 -45.32
CA LYS O 172 -56.66 -30.21 -45.09
C LYS O 172 -55.29 -30.29 -45.75
N ILE O 173 -55.02 -29.27 -46.52
CA ILE O 173 -53.84 -29.11 -47.35
C ILE O 173 -53.02 -27.90 -46.86
N LYS O 174 -51.74 -28.16 -46.64
CA LYS O 174 -50.80 -27.06 -46.36
C LYS O 174 -50.59 -26.10 -47.50
N VAL O 175 -50.47 -24.79 -47.18
CA VAL O 175 -50.07 -23.72 -48.08
C VAL O 175 -48.91 -22.99 -47.39
N GLY O 176 -48.30 -22.08 -48.09
CA GLY O 176 -47.10 -21.43 -47.57
C GLY O 176 -45.88 -21.33 -48.40
N HIS O 177 -46.00 -21.48 -49.73
CA HIS O 177 -44.94 -21.16 -50.62
C HIS O 177 -44.69 -19.70 -50.62
N ASP O 178 -43.48 -19.28 -50.97
CA ASP O 178 -43.16 -17.83 -50.99
C ASP O 178 -44.05 -17.04 -51.93
N ASP O 179 -44.36 -17.62 -53.09
CA ASP O 179 -45.34 -17.09 -54.03
C ASP O 179 -46.61 -17.93 -53.83
N PRO O 180 -47.62 -17.37 -53.15
CA PRO O 180 -48.87 -18.13 -53.03
C PRO O 180 -49.60 -18.57 -54.29
N ASN O 181 -49.31 -18.00 -55.46
CA ASN O 181 -49.81 -18.58 -56.71
C ASN O 181 -49.50 -20.06 -56.92
N ILE O 182 -48.37 -20.49 -56.38
CA ILE O 182 -48.01 -21.90 -56.41
C ILE O 182 -49.00 -22.71 -55.61
N ASP O 183 -49.41 -22.18 -54.45
CA ASP O 183 -50.46 -22.83 -53.70
C ASP O 183 -51.80 -22.84 -54.39
N ILE O 184 -52.14 -21.76 -55.08
CA ILE O 184 -53.38 -21.66 -55.80
C ILE O 184 -53.31 -22.77 -56.87
N ALA O 185 -52.18 -22.90 -57.54
CA ALA O 185 -52.09 -23.96 -58.59
C ALA O 185 -52.29 -25.34 -57.99
N ARG O 186 -51.71 -25.62 -56.82
CA ARG O 186 -51.82 -26.89 -56.20
C ARG O 186 -53.24 -27.20 -55.79
N LEU O 187 -53.88 -26.23 -55.13
CA LEU O 187 -55.27 -26.40 -54.70
C LEU O 187 -56.20 -26.57 -55.90
N THR O 188 -55.95 -25.83 -56.96
CA THR O 188 -56.74 -25.93 -58.18
C THR O 188 -56.68 -27.36 -58.71
N ALA O 189 -55.49 -27.88 -58.74
CA ALA O 189 -55.30 -29.24 -59.21
C ALA O 189 -55.99 -30.27 -58.32
N VAL O 190 -55.97 -30.09 -57.00
CA VAL O 190 -56.63 -31.03 -56.13
C VAL O 190 -58.14 -30.92 -56.38
N ARG O 191 -58.65 -29.71 -56.49
CA ARG O 191 -60.05 -29.52 -56.80
C ARG O 191 -60.54 -30.20 -58.09
N GLU O 192 -59.76 -30.11 -59.17
CA GLU O 192 -60.03 -30.85 -60.40
C GLU O 192 -59.89 -32.33 -60.25
N ARG O 193 -59.09 -32.84 -59.32
CA ARG O 193 -58.91 -34.27 -59.18
C ARG O 193 -59.98 -34.92 -58.34
N VAL O 194 -60.43 -34.31 -57.24
CA VAL O 194 -61.30 -35.05 -56.33
C VAL O 194 -62.73 -34.55 -56.50
N ASP O 195 -63.70 -35.31 -56.03
CA ASP O 195 -65.09 -34.97 -56.14
C ASP O 195 -65.39 -33.60 -55.49
N SER O 196 -66.31 -32.83 -56.06
CA SER O 196 -66.69 -31.51 -55.54
C SER O 196 -67.25 -31.57 -54.10
N ALA O 197 -67.83 -32.69 -53.73
CA ALA O 197 -68.30 -32.86 -52.35
C ALA O 197 -67.21 -33.03 -51.27
N VAL O 198 -65.95 -33.04 -51.66
CA VAL O 198 -64.86 -33.20 -50.73
C VAL O 198 -64.62 -31.79 -50.10
N ARG O 199 -64.65 -31.70 -48.78
CA ARG O 199 -64.38 -30.41 -48.16
C ARG O 199 -62.82 -30.27 -47.98
N ILE O 200 -62.26 -29.13 -48.35
CA ILE O 200 -60.83 -28.93 -48.31
C ILE O 200 -60.53 -27.63 -47.51
N ALA O 201 -59.94 -27.78 -46.35
CA ALA O 201 -59.35 -26.64 -45.61
C ALA O 201 -57.88 -26.54 -45.98
N ILE O 202 -57.29 -25.42 -45.56
CA ILE O 202 -55.89 -25.13 -45.78
C ILE O 202 -55.24 -24.59 -44.50
N ASP O 203 -53.91 -24.56 -44.47
CA ASP O 203 -53.21 -24.17 -43.29
C ASP O 203 -51.85 -23.56 -43.71
N GLY O 204 -51.64 -22.27 -43.39
CA GLY O 204 -50.41 -21.62 -43.69
C GLY O 204 -49.33 -21.63 -42.61
N ASN O 205 -49.61 -22.22 -41.45
CA ASN O 205 -48.67 -22.25 -40.31
C ASN O 205 -47.96 -20.92 -40.06
N GLY O 206 -48.73 -19.83 -40.14
CA GLY O 206 -48.21 -18.52 -39.75
C GLY O 206 -47.20 -17.87 -40.69
N LYS O 207 -47.11 -18.34 -41.91
CA LYS O 207 -46.04 -17.94 -42.82
C LYS O 207 -46.17 -16.58 -43.45
N TRP O 208 -47.37 -16.13 -43.74
CA TRP O 208 -47.52 -14.96 -44.59
C TRP O 208 -47.91 -13.73 -43.79
N ASP O 209 -47.84 -12.57 -44.44
CA ASP O 209 -48.25 -11.33 -43.86
C ASP O 209 -49.62 -10.95 -44.39
N LEU O 210 -50.17 -9.88 -43.83
CA LEU O 210 -51.51 -9.48 -44.18
C LEU O 210 -51.77 -9.20 -45.66
N PRO O 211 -50.98 -8.36 -46.32
CA PRO O 211 -51.34 -8.12 -47.73
C PRO O 211 -51.22 -9.39 -48.60
N THR O 212 -50.26 -10.23 -48.29
CA THR O 212 -50.08 -11.50 -49.05
C THR O 212 -51.34 -12.35 -48.90
N CYS O 213 -51.83 -12.47 -47.67
CA CYS O 213 -53.04 -13.21 -47.40
C CYS O 213 -54.29 -12.61 -48.07
N GLN O 214 -54.38 -11.29 -48.14
CA GLN O 214 -55.53 -10.67 -48.77
C GLN O 214 -55.56 -11.06 -50.24
N ARG O 215 -54.40 -10.98 -50.86
CA ARG O 215 -54.37 -11.33 -52.33
C ARG O 215 -54.65 -12.82 -52.57
N PHE O 216 -54.10 -13.68 -51.75
CA PHE O 216 -54.27 -15.12 -51.83
C PHE O 216 -55.74 -15.45 -51.64
N CYS O 217 -56.38 -14.90 -50.59
CA CYS O 217 -57.79 -15.25 -50.37
C CYS O 217 -58.67 -14.78 -51.51
N ALA O 218 -58.37 -13.65 -52.10
CA ALA O 218 -59.10 -13.26 -53.30
C ALA O 218 -58.92 -14.23 -54.46
N ALA O 219 -57.71 -14.66 -54.66
CA ALA O 219 -57.38 -15.56 -55.77
C ALA O 219 -57.94 -16.97 -55.51
N ALA O 220 -58.25 -17.31 -54.27
CA ALA O 220 -58.83 -18.61 -53.85
C ALA O 220 -60.37 -18.62 -53.83
N LYS O 221 -60.95 -17.52 -54.31
CA LYS O 221 -62.41 -17.32 -54.34
C LYS O 221 -63.24 -18.46 -54.93
N ASP O 222 -62.76 -19.11 -55.96
CA ASP O 222 -63.52 -20.21 -56.56
C ASP O 222 -63.12 -21.58 -56.12
N LEU O 223 -62.22 -21.71 -55.14
CA LEU O 223 -61.72 -22.99 -54.77
C LEU O 223 -62.50 -23.70 -53.68
N ASP O 224 -63.53 -23.06 -53.16
CA ASP O 224 -64.33 -23.62 -52.08
C ASP O 224 -63.49 -24.11 -50.86
N ILE O 225 -62.76 -23.16 -50.33
CA ILE O 225 -61.81 -23.39 -49.21
C ILE O 225 -62.60 -23.38 -47.89
N TYR O 226 -62.57 -24.47 -47.10
CA TYR O 226 -63.40 -24.64 -45.97
C TYR O 226 -62.99 -23.72 -44.79
N TRP O 227 -61.69 -23.65 -44.54
CA TRP O 227 -61.11 -22.63 -43.71
C TRP O 227 -59.65 -22.39 -44.05
N PHE O 228 -59.11 -21.27 -43.54
CA PHE O 228 -57.71 -20.93 -43.69
C PHE O 228 -57.09 -20.81 -42.30
N GLU O 229 -56.29 -21.82 -41.95
CA GLU O 229 -55.73 -21.97 -40.62
C GLU O 229 -54.37 -21.22 -40.52
N GLU O 230 -54.16 -20.57 -39.39
CA GLU O 230 -52.96 -19.79 -39.11
C GLU O 230 -52.43 -19.03 -40.31
N PRO O 231 -53.26 -18.12 -40.83
CA PRO O 231 -52.79 -17.45 -42.04
C PRO O 231 -51.58 -16.48 -41.74
N LEU O 232 -51.57 -15.93 -40.53
CA LEU O 232 -50.72 -14.80 -40.15
C LEU O 232 -49.90 -15.09 -38.90
N TRP O 233 -49.02 -14.19 -38.54
CA TRP O 233 -48.19 -14.41 -37.35
C TRP O 233 -49.06 -14.70 -36.08
N TYR O 234 -48.61 -15.65 -35.29
CA TYR O 234 -49.49 -16.30 -34.29
C TYR O 234 -50.02 -15.34 -33.22
N ASP O 235 -49.21 -14.36 -32.86
CA ASP O 235 -49.57 -13.44 -31.78
C ASP O 235 -50.12 -12.14 -32.28
N ASP O 236 -50.43 -12.03 -33.58
CA ASP O 236 -50.84 -10.76 -34.20
C ASP O 236 -52.35 -10.76 -34.40
N VAL O 237 -53.08 -10.28 -33.42
CA VAL O 237 -54.54 -10.37 -33.46
C VAL O 237 -55.10 -9.46 -34.55
N THR O 238 -54.64 -8.22 -34.51
CA THR O 238 -55.11 -7.21 -35.47
C THR O 238 -55.03 -7.63 -36.94
N SER O 239 -53.95 -8.21 -37.41
CA SER O 239 -53.88 -8.58 -38.79
C SER O 239 -54.93 -9.65 -39.14
N HIS O 240 -55.15 -10.57 -38.21
CA HIS O 240 -56.17 -11.56 -38.40
C HIS O 240 -57.57 -10.94 -38.46
N ALA O 241 -57.81 -9.93 -37.67
CA ALA O 241 -59.14 -9.31 -37.63
C ALA O 241 -59.36 -8.60 -38.93
N ARG O 242 -58.32 -7.92 -39.43
CA ARG O 242 -58.43 -7.27 -40.71
C ARG O 242 -58.69 -8.25 -41.86
N LEU O 243 -57.93 -9.33 -41.89
CA LEU O 243 -58.14 -10.35 -42.91
C LEU O 243 -59.53 -10.96 -42.89
N ALA O 244 -60.04 -11.29 -41.67
CA ALA O 244 -61.39 -11.88 -41.56
C ALA O 244 -62.44 -11.01 -42.18
N ARG O 245 -62.26 -9.71 -42.13
CA ARG O 245 -63.27 -8.76 -42.63
C ARG O 245 -63.08 -8.56 -44.12
N ASN O 246 -61.93 -8.92 -44.67
CA ASN O 246 -61.64 -8.66 -46.09
C ASN O 246 -61.98 -9.84 -47.01
N THR O 247 -62.27 -11.01 -46.43
CA THR O 247 -62.56 -12.19 -47.23
C THR O 247 -63.74 -12.94 -46.65
N SER O 248 -64.38 -13.77 -47.47
CA SER O 248 -65.39 -14.69 -46.93
C SER O 248 -64.80 -16.00 -46.49
N ILE O 249 -63.50 -16.28 -46.78
CA ILE O 249 -62.92 -17.54 -46.34
C ILE O 249 -62.83 -17.46 -44.82
N PRO O 250 -63.40 -18.44 -44.08
CA PRO O 250 -63.24 -18.45 -42.62
C PRO O 250 -61.81 -18.64 -42.16
N ILE O 251 -61.47 -17.94 -41.09
CA ILE O 251 -60.18 -18.10 -40.39
C ILE O 251 -60.28 -19.11 -39.28
N ALA O 252 -59.29 -19.97 -39.23
CA ALA O 252 -59.06 -20.91 -38.14
C ALA O 252 -57.71 -20.67 -37.47
N LEU O 253 -57.67 -20.76 -36.12
CA LEU O 253 -56.38 -20.73 -35.42
C LEU O 253 -56.59 -21.18 -33.99
N GLY O 254 -55.49 -21.39 -33.31
CA GLY O 254 -55.53 -21.74 -31.94
C GLY O 254 -54.40 -22.66 -31.52
N GLU O 255 -53.79 -23.38 -32.43
CA GLU O 255 -52.81 -24.39 -31.98
C GLU O 255 -51.55 -23.85 -31.32
N GLN O 256 -51.27 -22.59 -31.52
CA GLN O 256 -50.10 -21.93 -30.88
C GLN O 256 -50.46 -21.05 -29.70
N LEU O 257 -51.75 -20.93 -29.37
CA LEU O 257 -52.17 -20.11 -28.26
C LEU O 257 -52.10 -20.79 -26.92
N TYR O 258 -51.34 -20.22 -26.00
CA TYR O 258 -51.15 -20.89 -24.71
C TYR O 258 -52.21 -20.72 -23.66
N THR O 259 -53.03 -19.67 -23.77
CA THR O 259 -53.93 -19.31 -22.74
C THR O 259 -55.33 -18.93 -23.19
N VAL O 260 -56.23 -19.02 -22.23
CA VAL O 260 -57.59 -18.56 -22.42
C VAL O 260 -57.63 -17.07 -22.76
N ASP O 261 -56.70 -16.29 -22.21
CA ASP O 261 -56.63 -14.86 -22.56
C ASP O 261 -56.36 -14.62 -24.00
N ALA O 262 -55.42 -15.38 -24.54
CA ALA O 262 -55.09 -15.27 -25.95
C ALA O 262 -56.29 -15.62 -26.86
N PHE O 263 -57.02 -16.66 -26.48
CA PHE O 263 -58.22 -17.07 -27.21
C PHE O 263 -59.27 -15.98 -27.13
N ARG O 264 -59.46 -15.42 -25.95
CA ARG O 264 -60.45 -14.36 -25.78
C ARG O 264 -60.11 -13.16 -26.68
N SER O 265 -58.83 -12.77 -26.69
CA SER O 265 -58.38 -11.67 -27.55
C SER O 265 -58.76 -11.90 -28.99
N PHE O 266 -58.42 -13.05 -29.54
CA PHE O 266 -58.75 -13.34 -30.93
C PHE O 266 -60.27 -13.44 -31.19
N ILE O 267 -60.98 -14.13 -30.31
CA ILE O 267 -62.40 -14.29 -30.49
C ILE O 267 -63.15 -12.95 -30.44
N ASP O 268 -62.86 -12.10 -29.46
CA ASP O 268 -63.58 -10.86 -29.28
C ASP O 268 -63.26 -9.94 -30.46
N ALA O 269 -62.10 -10.07 -31.03
CA ALA O 269 -61.73 -9.19 -32.19
C ALA O 269 -62.35 -9.63 -33.53
N GLY O 270 -63.02 -10.77 -33.54
CA GLY O 270 -63.58 -11.31 -34.75
C GLY O 270 -62.50 -11.91 -35.64
N ALA O 271 -61.38 -12.34 -35.03
CA ALA O 271 -60.18 -12.70 -35.75
C ALA O 271 -60.08 -14.18 -35.92
N VAL O 272 -61.08 -14.92 -35.43
CA VAL O 272 -61.10 -16.36 -35.66
C VAL O 272 -62.54 -16.85 -35.72
N ALA O 273 -62.83 -17.78 -36.65
CA ALA O 273 -64.17 -18.36 -36.73
C ALA O 273 -64.15 -19.84 -36.33
N TYR O 274 -63.09 -20.55 -36.70
CA TYR O 274 -62.85 -21.94 -36.25
C TYR O 274 -61.86 -21.99 -35.13
N VAL O 275 -62.31 -22.26 -33.92
CA VAL O 275 -61.49 -22.17 -32.73
C VAL O 275 -60.80 -23.50 -32.47
N GLN O 276 -59.45 -23.47 -32.28
CA GLN O 276 -58.66 -24.71 -32.27
C GLN O 276 -57.84 -24.89 -31.01
N PRO O 277 -58.53 -25.07 -29.89
CA PRO O 277 -57.88 -25.35 -28.64
C PRO O 277 -57.11 -26.66 -28.76
N ASP O 278 -56.08 -26.79 -27.95
CA ASP O 278 -55.23 -28.00 -27.92
C ASP O 278 -54.82 -28.23 -26.45
N VAL O 279 -55.18 -29.43 -25.92
CA VAL O 279 -54.88 -29.76 -24.55
C VAL O 279 -53.34 -29.80 -24.32
N THR O 280 -52.58 -29.94 -25.38
CA THR O 280 -51.11 -29.94 -25.21
C THR O 280 -50.45 -28.57 -25.22
N ARG O 281 -51.22 -27.53 -25.55
CA ARG O 281 -50.72 -26.14 -25.75
C ARG O 281 -51.28 -25.23 -24.66
N LEU O 282 -52.61 -25.25 -24.50
CA LEU O 282 -53.24 -24.66 -23.36
C LEU O 282 -52.86 -25.49 -22.17
N GLY O 283 -53.28 -25.07 -20.99
CA GLY O 283 -53.08 -25.83 -19.78
C GLY O 283 -53.95 -27.05 -19.58
N GLY O 284 -53.81 -28.01 -20.48
CA GLY O 284 -54.55 -29.23 -20.38
C GLY O 284 -56.02 -29.23 -20.71
N ILE O 285 -56.69 -30.30 -20.29
CA ILE O 285 -58.13 -30.43 -20.40
C ILE O 285 -58.84 -29.32 -19.62
N THR O 286 -58.33 -28.93 -18.47
CA THR O 286 -58.99 -27.96 -17.63
C THR O 286 -59.18 -26.62 -18.42
N GLU O 287 -58.12 -26.20 -19.06
CA GLU O 287 -58.15 -24.92 -19.77
C GLU O 287 -58.84 -25.08 -21.12
N TYR O 288 -58.62 -26.23 -21.79
CA TYR O 288 -59.37 -26.52 -22.99
C TYR O 288 -60.85 -26.30 -22.80
N ILE O 289 -61.40 -26.88 -21.75
CA ILE O 289 -62.89 -26.81 -21.52
C ILE O 289 -63.33 -25.32 -21.35
N GLN O 290 -62.52 -24.52 -20.64
CA GLN O 290 -62.80 -23.09 -20.58
C GLN O 290 -62.83 -22.46 -21.97
N VAL O 291 -61.88 -22.77 -22.83
CA VAL O 291 -61.87 -22.21 -24.21
C VAL O 291 -63.04 -22.67 -25.02
N ALA O 292 -63.39 -23.96 -24.88
CA ALA O 292 -64.51 -24.49 -25.57
C ALA O 292 -65.82 -23.85 -25.17
N ASP O 293 -65.97 -23.56 -23.88
CA ASP O 293 -67.10 -22.87 -23.32
C ASP O 293 -67.17 -21.42 -23.83
N LEU O 294 -66.02 -20.78 -23.94
CA LEU O 294 -65.92 -19.48 -24.56
C LEU O 294 -66.39 -19.50 -26.02
N ALA O 295 -65.93 -20.45 -26.79
CA ALA O 295 -66.34 -20.58 -28.14
C ALA O 295 -67.87 -20.84 -28.27
N LEU O 296 -68.40 -21.70 -27.41
CA LEU O 296 -69.83 -21.99 -27.33
C LEU O 296 -70.63 -20.73 -27.06
N ALA O 297 -70.11 -19.83 -26.24
CA ALA O 297 -70.84 -18.62 -25.93
C ALA O 297 -70.96 -17.70 -27.14
N HIS O 298 -69.97 -17.78 -28.02
CA HIS O 298 -69.97 -17.06 -29.28
C HIS O 298 -70.55 -17.78 -30.43
N ARG O 299 -71.06 -18.99 -30.15
CA ARG O 299 -71.63 -19.89 -31.10
C ARG O 299 -70.67 -20.18 -32.24
N LEU O 300 -69.40 -20.39 -31.88
CA LEU O 300 -68.36 -20.76 -32.82
C LEU O 300 -67.94 -22.22 -32.68
N PRO O 301 -67.61 -22.88 -33.77
CA PRO O 301 -67.30 -24.31 -33.75
C PRO O 301 -65.89 -24.52 -33.15
N VAL O 302 -65.74 -25.62 -32.41
CA VAL O 302 -64.51 -26.03 -31.79
C VAL O 302 -63.98 -27.23 -32.57
N VAL O 303 -62.77 -27.09 -33.15
CA VAL O 303 -62.15 -28.06 -33.97
C VAL O 303 -60.67 -28.18 -33.49
N PRO O 304 -60.46 -28.98 -32.47
CA PRO O 304 -59.15 -28.94 -31.84
C PRO O 304 -58.01 -29.45 -32.68
N HIS O 305 -56.85 -28.81 -32.48
CA HIS O 305 -55.63 -29.17 -33.18
C HIS O 305 -55.01 -30.46 -32.56
N ALA O 306 -54.52 -31.34 -33.40
CA ALA O 306 -54.04 -32.67 -33.01
C ALA O 306 -52.55 -32.65 -32.54
N GLY O 307 -52.31 -31.92 -31.48
CA GLY O 307 -50.96 -31.88 -30.86
C GLY O 307 -50.67 -33.16 -30.08
N GLU O 308 -51.74 -33.87 -29.73
CA GLU O 308 -51.75 -35.19 -29.10
C GLU O 308 -52.33 -36.21 -30.06
N MET O 309 -52.21 -35.90 -31.34
CA MET O 309 -52.73 -36.69 -32.46
C MET O 309 -54.14 -37.21 -32.26
N SER O 310 -54.97 -36.40 -31.59
CA SER O 310 -56.37 -36.75 -31.26
C SER O 310 -56.65 -37.87 -30.27
N GLN O 311 -55.65 -38.35 -29.58
CA GLN O 311 -55.89 -39.34 -28.54
C GLN O 311 -56.76 -38.84 -27.44
N VAL O 312 -56.60 -37.57 -27.05
CA VAL O 312 -57.42 -36.96 -26.07
C VAL O 312 -58.63 -36.25 -26.66
N HIS O 313 -58.41 -35.53 -27.73
CA HIS O 313 -59.43 -34.75 -28.34
C HIS O 313 -60.58 -35.53 -28.91
N VAL O 314 -60.36 -36.81 -29.29
CA VAL O 314 -61.50 -37.69 -29.68
C VAL O 314 -62.54 -37.69 -28.55
N HIS O 315 -62.11 -37.69 -27.31
CA HIS O 315 -63.03 -37.67 -26.21
C HIS O 315 -63.71 -36.29 -26.14
N LEU O 316 -62.91 -35.25 -26.08
CA LEU O 316 -63.50 -33.92 -26.02
C LEU O 316 -64.45 -33.58 -27.19
N SER O 317 -64.18 -34.04 -28.41
N SER O 317 -64.19 -34.06 -28.40
CA SER O 317 -65.09 -33.81 -29.54
CA SER O 317 -65.07 -33.80 -29.52
C SER O 317 -66.38 -34.65 -29.43
C SER O 317 -66.33 -34.70 -29.53
N TYR O 318 -66.27 -35.86 -28.90
CA TYR O 318 -67.46 -36.67 -28.70
C TYR O 318 -68.35 -36.03 -27.65
N TRP O 319 -67.83 -35.25 -26.68
CA TRP O 319 -68.61 -34.73 -25.56
C TRP O 319 -69.04 -33.25 -25.78
N HIS O 320 -68.06 -32.37 -26.09
CA HIS O 320 -68.34 -30.93 -25.93
C HIS O 320 -69.30 -30.49 -27.02
N PRO O 321 -70.38 -29.78 -26.62
CA PRO O 321 -71.42 -29.59 -27.63
C PRO O 321 -71.15 -28.52 -28.66
N ALA O 322 -70.11 -27.71 -28.47
CA ALA O 322 -69.64 -26.81 -29.57
C ALA O 322 -68.72 -27.51 -30.62
N SER O 323 -68.37 -28.77 -30.40
CA SER O 323 -67.43 -29.44 -31.24
C SER O 323 -68.09 -29.79 -32.58
N THR O 324 -67.29 -29.88 -33.63
CA THR O 324 -67.75 -30.33 -34.95
C THR O 324 -66.92 -31.50 -35.50
N ILE O 325 -65.86 -31.20 -36.24
CA ILE O 325 -65.04 -32.18 -36.89
C ILE O 325 -63.66 -32.32 -36.23
N LEU O 326 -62.92 -33.37 -36.56
CA LEU O 326 -61.73 -33.65 -35.85
C LEU O 326 -60.58 -34.02 -36.74
N GLU O 327 -59.46 -33.34 -36.53
CA GLU O 327 -58.24 -33.60 -37.29
C GLU O 327 -57.75 -35.03 -37.12
N TYR O 328 -57.21 -35.57 -38.20
CA TYR O 328 -56.67 -36.94 -38.20
C TYR O 328 -55.29 -36.97 -38.84
N ILE O 329 -54.35 -37.43 -38.05
CA ILE O 329 -52.99 -37.69 -38.43
C ILE O 329 -52.58 -39.00 -37.73
N PRO O 330 -52.22 -39.99 -38.52
CA PRO O 330 -52.13 -41.36 -37.95
C PRO O 330 -50.75 -41.74 -37.40
N TRP O 331 -49.92 -40.77 -37.11
CA TRP O 331 -48.54 -41.02 -36.79
C TRP O 331 -48.27 -41.88 -35.57
N ILE O 332 -48.98 -41.67 -34.47
CA ILE O 332 -48.65 -42.28 -33.17
C ILE O 332 -49.65 -43.31 -32.67
N LYS O 333 -50.78 -43.41 -33.31
CA LYS O 333 -51.97 -44.03 -32.71
C LYS O 333 -51.68 -45.49 -32.29
N ASP O 334 -50.80 -46.12 -33.05
CA ASP O 334 -50.51 -47.57 -32.91
C ASP O 334 -49.64 -47.78 -31.70
N HIS O 335 -49.21 -46.65 -31.08
CA HIS O 335 -48.42 -46.72 -29.85
C HIS O 335 -49.21 -46.62 -28.63
N PHE O 336 -50.54 -46.54 -28.70
CA PHE O 336 -51.39 -46.45 -27.48
C PHE O 336 -52.19 -47.74 -27.20
N GLU O 337 -52.50 -47.98 -25.92
N GLU O 337 -52.50 -47.99 -25.94
CA GLU O 337 -53.35 -49.11 -25.53
CA GLU O 337 -53.34 -49.12 -25.57
C GLU O 337 -54.69 -49.02 -26.23
C GLU O 337 -54.68 -49.02 -26.28
N GLU O 338 -55.21 -47.79 -26.42
CA GLU O 338 -56.45 -47.55 -27.22
C GLU O 338 -56.19 -46.53 -28.34
N PRO O 339 -55.71 -47.00 -29.50
CA PRO O 339 -55.51 -46.16 -30.64
C PRO O 339 -56.78 -45.51 -31.07
N ILE O 340 -56.69 -44.27 -31.54
CA ILE O 340 -57.76 -43.71 -32.34
C ILE O 340 -57.91 -44.54 -33.57
N HIS O 341 -59.13 -44.55 -34.10
CA HIS O 341 -59.41 -45.27 -35.31
C HIS O 341 -60.48 -44.53 -36.10
N VAL O 342 -60.22 -44.32 -37.37
CA VAL O 342 -61.13 -43.73 -38.27
C VAL O 342 -61.51 -44.73 -39.36
N ARG O 343 -62.80 -44.89 -39.52
CA ARG O 343 -63.39 -45.75 -40.54
C ARG O 343 -64.43 -44.96 -41.29
N ASP O 344 -64.30 -44.93 -42.60
CA ASP O 344 -65.25 -44.23 -43.46
C ASP O 344 -65.35 -42.79 -42.99
N GLY O 345 -64.25 -42.16 -42.64
CA GLY O 345 -64.35 -40.75 -42.30
C GLY O 345 -64.93 -40.41 -40.97
N VAL O 346 -65.22 -41.41 -40.14
CA VAL O 346 -65.70 -41.21 -38.78
C VAL O 346 -64.79 -41.84 -37.73
N TYR O 347 -64.51 -41.11 -36.65
CA TYR O 347 -63.77 -41.60 -35.53
C TYR O 347 -64.61 -42.62 -34.75
N LYS O 348 -63.95 -43.72 -34.42
CA LYS O 348 -64.51 -44.64 -33.46
C LYS O 348 -64.66 -43.95 -32.12
N ARG O 349 -65.75 -44.20 -31.43
CA ARG O 349 -65.90 -43.71 -30.09
C ARG O 349 -65.14 -44.52 -29.05
N PRO O 350 -64.25 -43.88 -28.26
CA PRO O 350 -63.43 -44.67 -27.34
C PRO O 350 -64.28 -45.44 -26.32
N GLU O 351 -63.76 -46.60 -25.88
CA GLU O 351 -64.45 -47.40 -24.85
C GLU O 351 -63.66 -47.72 -23.62
N GLN O 352 -62.34 -47.58 -23.59
CA GLN O 352 -61.58 -47.94 -22.39
C GLN O 352 -61.63 -46.85 -21.34
N PRO O 353 -61.49 -47.21 -20.08
CA PRO O 353 -61.49 -46.15 -19.08
C PRO O 353 -60.28 -45.25 -19.25
N GLY O 354 -60.44 -44.00 -18.86
CA GLY O 354 -59.39 -43.02 -19.10
C GLY O 354 -59.53 -42.12 -20.33
N ALA O 355 -58.46 -41.41 -20.60
CA ALA O 355 -58.41 -40.44 -21.70
C ALA O 355 -57.65 -40.93 -22.95
N SER O 356 -57.50 -42.23 -23.05
CA SER O 356 -56.70 -42.82 -24.10
C SER O 356 -55.32 -42.20 -24.33
N THR O 357 -54.64 -41.98 -23.22
CA THR O 357 -53.26 -41.44 -23.19
C THR O 357 -52.21 -42.47 -22.78
N THR O 358 -52.66 -43.68 -22.43
CA THR O 358 -51.75 -44.74 -21.93
C THR O 358 -51.00 -45.37 -23.11
N PRO O 359 -49.67 -45.18 -23.17
CA PRO O 359 -48.96 -45.77 -24.26
C PRO O 359 -48.72 -47.28 -24.00
N LEU O 360 -48.44 -48.03 -25.05
CA LEU O 360 -47.99 -49.45 -24.86
C LEU O 360 -46.67 -49.52 -24.13
N ALA O 361 -46.51 -50.50 -23.24
CA ALA O 361 -45.21 -50.77 -22.59
C ALA O 361 -44.04 -50.89 -23.54
N GLU O 362 -44.23 -51.61 -24.64
CA GLU O 362 -43.21 -51.85 -25.65
C GLU O 362 -42.77 -50.55 -26.35
N SER O 363 -43.68 -49.59 -26.47
CA SER O 363 -43.34 -48.32 -27.13
C SER O 363 -42.41 -47.47 -26.20
N PHE O 364 -42.52 -47.51 -24.88
CA PHE O 364 -41.44 -46.86 -24.05
C PHE O 364 -40.07 -47.50 -24.29
N THR O 365 -40.07 -48.81 -24.26
CA THR O 365 -38.88 -49.57 -24.49
C THR O 365 -38.30 -49.21 -25.81
N ARG O 366 -39.02 -49.29 -26.90
CA ARG O 366 -38.35 -48.97 -28.15
C ARG O 366 -38.07 -47.50 -28.44
N TYR O 367 -38.92 -46.60 -27.96
CA TYR O 367 -38.90 -45.22 -28.48
C TYR O 367 -38.66 -44.19 -27.38
N GLY O 368 -38.52 -44.63 -26.16
CA GLY O 368 -38.23 -43.79 -25.00
C GLY O 368 -36.86 -43.16 -25.09
N LYS O 369 -36.74 -41.94 -24.58
CA LYS O 369 -35.46 -41.24 -24.53
C LYS O 369 -35.23 -40.90 -23.11
N ALA O 370 -33.96 -40.84 -22.65
CA ALA O 370 -33.73 -40.64 -21.23
C ALA O 370 -34.00 -39.14 -20.95
N VAL O 371 -34.59 -38.88 -19.82
CA VAL O 371 -34.97 -37.52 -19.46
C VAL O 371 -33.75 -36.69 -18.97
N LYS O 372 -32.72 -37.39 -18.52
CA LYS O 372 -31.40 -36.75 -18.15
C LYS O 372 -30.29 -37.37 -18.98
N MET P 1 -55.16 42.85 -62.10
CA MET P 1 -54.00 43.53 -62.80
C MET P 1 -52.75 42.66 -62.72
N LYS P 2 -51.81 42.90 -63.63
CA LYS P 2 -50.68 42.00 -63.76
C LYS P 2 -49.69 42.28 -62.64
N ILE P 3 -49.14 41.22 -62.08
CA ILE P 3 -48.02 41.33 -61.13
C ILE P 3 -46.74 41.74 -61.84
N THR P 4 -46.16 42.87 -61.39
CA THR P 4 -44.96 43.39 -61.97
C THR P 4 -43.68 43.19 -61.13
N ALA P 5 -43.83 43.14 -59.81
CA ALA P 5 -42.70 42.85 -58.98
C ALA P 5 -43.12 41.97 -57.75
N VAL P 6 -42.18 41.21 -57.23
CA VAL P 6 -42.33 40.47 -56.00
C VAL P 6 -41.02 40.65 -55.23
N GLU P 7 -41.12 41.26 -54.06
CA GLU P 7 -39.97 41.65 -53.32
C GLU P 7 -40.06 41.10 -51.88
N PRO P 8 -39.20 40.17 -51.54
CA PRO P 8 -39.20 39.75 -50.15
C PRO P 8 -38.61 40.67 -49.18
N PHE P 9 -39.02 40.54 -47.94
CA PHE P 9 -38.44 41.26 -46.83
C PHE P 9 -38.42 40.44 -45.54
N ILE P 10 -37.57 40.89 -44.61
CA ILE P 10 -37.46 40.36 -43.29
C ILE P 10 -37.36 41.49 -42.29
N LEU P 11 -38.31 41.60 -41.36
CA LEU P 11 -38.24 42.47 -40.19
C LEU P 11 -38.01 41.67 -38.93
N HIS P 12 -37.12 42.13 -38.06
CA HIS P 12 -36.92 41.59 -36.73
C HIS P 12 -37.34 42.67 -35.71
N LEU P 13 -38.47 42.45 -35.06
CA LEU P 13 -39.13 43.45 -34.27
C LEU P 13 -38.96 43.09 -32.83
N PRO P 14 -38.59 44.07 -31.99
CA PRO P 14 -38.49 43.78 -30.54
C PRO P 14 -39.77 43.51 -29.75
N LEU P 15 -39.62 42.81 -28.63
CA LEU P 15 -40.76 42.43 -27.84
C LEU P 15 -41.02 43.39 -26.67
N THR P 16 -42.07 43.14 -25.89
CA THR P 16 -42.38 43.94 -24.67
C THR P 16 -41.41 43.65 -23.51
N SER P 17 -40.68 42.53 -23.54
CA SER P 17 -39.59 42.27 -22.57
C SER P 17 -38.32 42.00 -23.40
N GLU P 18 -37.14 42.06 -22.80
CA GLU P 18 -35.92 41.73 -23.56
C GLU P 18 -35.94 40.29 -24.09
N SER P 19 -36.53 39.40 -23.30
CA SER P 19 -36.66 38.00 -23.69
C SER P 19 -37.96 37.43 -23.08
N ILE P 20 -38.69 36.58 -23.84
CA ILE P 20 -39.87 35.87 -23.31
C ILE P 20 -39.70 34.38 -23.63
N SER P 21 -40.23 33.51 -22.77
CA SER P 21 -40.21 32.05 -22.99
C SER P 21 -41.61 31.42 -22.81
N ASP P 22 -41.86 30.35 -23.55
CA ASP P 22 -42.97 29.48 -23.16
C ASP P 22 -42.30 28.20 -22.75
N SER P 23 -43.01 27.07 -22.77
CA SER P 23 -42.41 25.76 -22.34
C SER P 23 -41.30 25.30 -23.23
N THR P 24 -41.23 25.85 -24.45
CA THR P 24 -40.40 25.27 -25.50
C THR P 24 -39.40 26.26 -26.13
N HIS P 25 -39.76 27.55 -26.22
CA HIS P 25 -38.94 28.54 -26.91
C HIS P 25 -38.60 29.70 -25.97
N SER P 26 -37.44 30.32 -26.26
CA SER P 26 -37.06 31.62 -25.71
C SER P 26 -36.70 32.53 -26.86
N ILE P 27 -37.25 33.75 -26.90
CA ILE P 27 -36.96 34.64 -28.04
C ILE P 27 -36.79 36.06 -27.57
N THR P 28 -36.12 36.85 -28.41
CA THR P 28 -35.88 38.26 -28.15
C THR P 28 -36.52 39.21 -29.17
N HIS P 29 -36.84 38.68 -30.36
CA HIS P 29 -37.46 39.40 -31.44
C HIS P 29 -38.50 38.54 -32.17
N TRP P 30 -39.41 39.20 -32.88
CA TRP P 30 -40.44 38.47 -33.68
C TRP P 30 -40.07 38.71 -35.11
N GLY P 31 -40.09 37.64 -35.89
CA GLY P 31 -39.81 37.74 -37.31
C GLY P 31 -41.01 37.94 -38.15
N VAL P 32 -41.02 39.02 -38.93
CA VAL P 32 -42.07 39.30 -39.86
C VAL P 32 -41.47 39.10 -41.23
N VAL P 33 -41.77 37.99 -41.89
CA VAL P 33 -40.99 37.55 -43.02
C VAL P 33 -41.93 37.38 -44.20
N GLY P 34 -41.71 38.11 -45.29
CA GLY P 34 -42.79 38.17 -46.27
C GLY P 34 -42.42 38.72 -47.59
N ALA P 35 -43.46 39.12 -48.31
CA ALA P 35 -43.37 39.56 -49.70
C ALA P 35 -44.24 40.81 -49.89
N LYS P 36 -43.69 41.74 -50.64
CA LYS P 36 -44.39 42.86 -51.17
C LYS P 36 -44.62 42.56 -52.64
N ILE P 37 -45.88 42.56 -53.06
CA ILE P 37 -46.15 42.25 -54.44
C ILE P 37 -46.75 43.49 -55.08
N THR P 38 -46.20 43.88 -56.20
CA THR P 38 -46.64 45.14 -56.84
C THR P 38 -47.35 44.77 -58.13
N THR P 39 -48.48 45.42 -58.40
CA THR P 39 -49.17 45.22 -59.65
C THR P 39 -49.02 46.49 -60.56
N SER P 40 -49.49 46.35 -61.78
CA SER P 40 -49.29 47.37 -62.83
C SER P 40 -50.01 48.64 -62.60
N ASP P 41 -51.02 48.65 -61.75
CA ASP P 41 -51.68 49.90 -61.40
C ASP P 41 -51.00 50.57 -60.19
N GLY P 42 -49.90 50.02 -59.74
CA GLY P 42 -49.20 50.59 -58.62
C GLY P 42 -49.65 50.15 -57.23
N ILE P 43 -50.61 49.26 -57.16
CA ILE P 43 -51.01 48.81 -55.84
C ILE P 43 -49.89 47.87 -55.32
N GLU P 44 -49.59 48.04 -54.04
CA GLU P 44 -48.63 47.23 -53.31
C GLU P 44 -49.30 46.41 -52.23
N GLY P 45 -49.19 45.10 -52.36
CA GLY P 45 -49.72 44.19 -51.32
C GLY P 45 -48.60 43.58 -50.48
N TYR P 46 -48.89 43.34 -49.20
CA TYR P 46 -47.95 42.78 -48.28
C TYR P 46 -48.59 41.53 -47.68
N GLY P 47 -47.77 40.53 -47.48
CA GLY P 47 -48.14 39.40 -46.69
C GLY P 47 -46.91 38.86 -46.05
N PHE P 48 -47.09 38.11 -44.97
CA PHE P 48 -45.96 37.58 -44.25
C PHE P 48 -46.31 36.43 -43.32
N THR P 49 -45.29 35.65 -43.03
CA THR P 49 -45.38 34.63 -42.00
C THR P 49 -44.74 35.15 -40.72
N GLY P 50 -44.76 34.36 -39.65
CA GLY P 50 -44.35 34.81 -38.37
C GLY P 50 -43.32 33.83 -37.85
N THR P 51 -42.12 34.33 -37.57
CA THR P 51 -40.99 33.46 -37.18
C THR P 51 -40.37 33.92 -35.89
N HIS P 52 -39.45 33.13 -35.36
CA HIS P 52 -38.71 33.44 -34.16
C HIS P 52 -37.45 34.27 -34.45
N ALA P 53 -37.41 34.87 -35.63
CA ALA P 53 -36.32 35.80 -36.02
C ALA P 53 -34.93 35.15 -36.01
N HIS P 54 -34.88 33.93 -36.51
CA HIS P 54 -33.60 33.25 -36.77
C HIS P 54 -33.23 33.52 -38.20
N LEU P 55 -32.30 34.44 -38.39
CA LEU P 55 -32.02 34.94 -39.75
C LEU P 55 -31.71 33.87 -40.79
N PRO P 56 -30.93 32.83 -40.47
CA PRO P 56 -30.56 31.91 -41.48
C PRO P 56 -31.78 31.15 -42.00
N SER P 57 -32.77 30.92 -41.15
CA SER P 57 -34.00 30.29 -41.63
C SER P 57 -35.02 31.25 -42.17
N ASP P 58 -35.07 32.47 -41.65
CA ASP P 58 -35.89 33.50 -42.28
C ASP P 58 -35.50 33.61 -43.74
N ARG P 59 -34.18 33.57 -44.01
CA ARG P 59 -33.73 33.66 -45.42
C ARG P 59 -34.12 32.54 -46.34
N LEU P 60 -34.35 31.33 -45.79
CA LEU P 60 -34.89 30.25 -46.61
C LEU P 60 -36.27 30.62 -47.13
N ILE P 61 -37.06 31.26 -46.31
CA ILE P 61 -38.46 31.60 -46.66
C ILE P 61 -38.42 32.68 -47.72
N THR P 62 -37.55 33.68 -47.53
CA THR P 62 -37.49 34.73 -48.55
C THR P 62 -36.91 34.22 -49.86
N SER P 63 -35.91 33.33 -49.78
CA SER P 63 -35.36 32.78 -51.00
C SER P 63 -36.42 31.93 -51.74
N CYS P 64 -37.27 31.23 -51.00
CA CYS P 64 -38.39 30.50 -51.63
C CYS P 64 -39.28 31.53 -52.34
N ILE P 65 -39.59 32.64 -51.70
CA ILE P 65 -40.47 33.61 -52.33
C ILE P 65 -39.84 34.12 -53.63
N SER P 66 -38.57 34.57 -53.51
CA SER P 66 -37.91 35.17 -54.69
C SER P 66 -37.51 34.22 -55.79
N ASP P 67 -36.96 33.07 -55.45
CA ASP P 67 -36.29 32.22 -56.45
C ASP P 67 -37.23 31.07 -56.91
N CYS P 68 -38.18 30.70 -56.08
CA CYS P 68 -39.15 29.62 -56.45
C CYS P 68 -40.50 30.20 -56.86
N TYR P 69 -41.09 31.12 -56.13
CA TYR P 69 -42.43 31.51 -56.46
C TYR P 69 -42.51 32.69 -57.44
N ALA P 70 -41.58 33.65 -57.32
CA ALA P 70 -41.72 34.89 -58.10
C ALA P 70 -41.78 34.58 -59.60
N PRO P 71 -40.99 33.64 -60.09
CA PRO P 71 -41.12 33.41 -61.50
C PRO P 71 -42.47 32.88 -61.87
N LEU P 72 -43.20 32.29 -60.94
CA LEU P 72 -44.54 31.78 -61.25
C LEU P 72 -45.62 32.89 -61.10
N LEU P 73 -45.24 34.01 -60.52
CA LEU P 73 -46.18 35.08 -60.28
C LEU P 73 -46.06 36.23 -61.32
N LEU P 74 -44.84 36.52 -61.79
CA LEU P 74 -44.65 37.75 -62.60
C LEU P 74 -45.49 37.63 -63.82
N GLY P 75 -46.25 38.66 -64.11
CA GLY P 75 -47.00 38.68 -65.37
C GLY P 75 -48.39 38.07 -65.20
N GLU P 76 -48.65 37.39 -64.07
CA GLU P 76 -49.98 36.85 -63.82
C GLU P 76 -50.91 37.94 -63.30
N ASP P 77 -52.18 37.74 -63.50
CA ASP P 77 -53.18 38.60 -62.90
C ASP P 77 -53.37 38.30 -61.42
N ALA P 78 -53.10 39.30 -60.63
CA ALA P 78 -53.14 39.19 -59.20
C ALA P 78 -54.51 38.83 -58.71
N SER P 79 -55.53 39.21 -59.50
CA SER P 79 -56.91 38.99 -59.13
C SER P 79 -57.19 37.44 -58.90
N ASP P 80 -56.50 36.59 -59.64
CA ASP P 80 -56.71 35.13 -59.69
C ASP P 80 -56.05 34.45 -58.49
N HIS P 81 -56.31 34.92 -57.29
CA HIS P 81 -55.58 34.37 -56.12
C HIS P 81 -55.82 32.86 -55.89
N SER P 82 -56.99 32.36 -56.26
N SER P 82 -57.01 32.36 -56.24
CA SER P 82 -57.26 30.93 -56.06
CA SER P 82 -57.26 30.91 -56.04
C SER P 82 -56.50 30.07 -57.05
C SER P 82 -56.53 30.05 -57.05
N ARG P 83 -56.50 30.50 -58.31
CA ARG P 83 -55.78 29.76 -59.34
C ARG P 83 -54.30 29.78 -59.01
N LEU P 84 -53.83 30.95 -58.54
CA LEU P 84 -52.39 31.12 -58.20
C LEU P 84 -51.97 30.30 -56.97
N TRP P 85 -52.87 30.15 -56.04
CA TRP P 85 -52.62 29.32 -54.88
C TRP P 85 -52.23 27.93 -55.35
N THR P 86 -53.07 27.34 -56.18
CA THR P 86 -52.76 25.99 -56.69
C THR P 86 -51.49 25.96 -57.55
N LYS P 87 -51.32 26.97 -58.40
CA LYS P 87 -50.17 27.04 -59.26
C LYS P 87 -48.87 26.96 -58.43
N LEU P 88 -48.78 27.72 -57.35
CA LEU P 88 -47.59 27.65 -56.48
C LEU P 88 -47.51 26.42 -55.58
N ALA P 89 -48.62 26.14 -54.87
CA ALA P 89 -48.64 25.07 -53.85
C ALA P 89 -48.39 23.77 -54.50
N ARG P 90 -48.99 23.57 -55.66
CA ARG P 90 -48.90 22.28 -56.34
C ARG P 90 -47.92 22.21 -57.53
N TYR P 91 -47.11 23.24 -57.71
CA TYR P 91 -46.01 23.18 -58.69
C TYR P 91 -45.21 21.93 -58.42
N PRO P 92 -45.15 21.01 -59.38
CA PRO P 92 -44.72 19.65 -59.04
C PRO P 92 -43.39 19.55 -58.29
N SER P 93 -42.34 20.20 -58.79
CA SER P 93 -41.05 20.03 -58.16
C SER P 93 -40.99 20.72 -56.83
N LEU P 94 -41.85 21.72 -56.60
CA LEU P 94 -41.89 22.34 -55.31
C LEU P 94 -42.77 21.54 -54.30
N GLN P 95 -43.91 21.04 -54.77
CA GLN P 95 -44.70 20.09 -53.96
C GLN P 95 -43.82 18.94 -53.43
N TRP P 96 -42.92 18.42 -54.26
CA TRP P 96 -42.04 17.33 -53.94
C TRP P 96 -41.24 17.60 -52.68
N VAL P 97 -40.84 18.84 -52.42
CA VAL P 97 -40.08 19.24 -51.23
C VAL P 97 -40.95 20.03 -50.25
N GLY P 98 -42.26 19.91 -50.44
CA GLY P 98 -43.19 20.73 -49.71
C GLY P 98 -44.34 20.05 -49.03
N ARG P 99 -45.50 20.66 -49.21
CA ARG P 99 -46.77 20.37 -48.52
C ARG P 99 -46.81 20.83 -47.06
N ALA P 100 -45.73 21.43 -46.57
CA ALA P 100 -45.52 21.78 -45.18
C ALA P 100 -44.12 22.38 -45.10
N GLY P 101 -43.80 23.06 -44.01
CA GLY P 101 -42.49 23.59 -43.77
C GLY P 101 -42.26 24.87 -44.57
N ILE P 102 -41.00 25.10 -44.92
CA ILE P 102 -40.62 26.38 -45.51
C ILE P 102 -41.40 26.76 -46.75
N THR P 103 -41.67 25.84 -47.66
CA THR P 103 -42.41 26.18 -48.89
C THR P 103 -43.82 26.64 -48.61
N HIS P 104 -44.46 26.06 -47.60
CA HIS P 104 -45.78 26.43 -47.18
C HIS P 104 -45.84 27.79 -46.48
N LEU P 105 -44.83 28.11 -45.68
CA LEU P 105 -44.76 29.42 -45.03
C LEU P 105 -44.52 30.53 -46.09
N ALA P 106 -43.74 30.24 -47.10
CA ALA P 106 -43.52 31.19 -48.20
C ALA P 106 -44.80 31.39 -49.02
N LEU P 107 -45.53 30.29 -49.18
CA LEU P 107 -46.84 30.36 -49.85
C LEU P 107 -47.85 31.26 -49.14
N ALA P 108 -47.86 31.17 -47.81
CA ALA P 108 -48.72 31.91 -46.94
C ALA P 108 -48.50 33.42 -47.14
N ALA P 109 -47.21 33.81 -47.16
CA ALA P 109 -46.90 35.20 -47.36
C ALA P 109 -47.42 35.68 -48.69
N VAL P 110 -47.17 34.95 -49.76
CA VAL P 110 -47.68 35.35 -51.11
C VAL P 110 -49.17 35.48 -51.14
N ASP P 111 -49.86 34.44 -50.66
CA ASP P 111 -51.28 34.46 -50.56
C ASP P 111 -51.89 35.66 -49.83
N VAL P 112 -51.36 36.02 -48.63
CA VAL P 112 -51.88 37.12 -47.88
C VAL P 112 -51.67 38.42 -48.71
N ALA P 113 -50.54 38.50 -49.38
CA ALA P 113 -50.25 39.69 -50.14
C ALA P 113 -51.29 39.91 -51.28
N LEU P 114 -51.63 38.83 -51.97
CA LEU P 114 -52.67 38.85 -52.99
C LEU P 114 -54.01 39.24 -52.45
N TRP P 115 -54.38 38.75 -51.28
CA TRP P 115 -55.60 39.19 -50.71
C TRP P 115 -55.56 40.70 -50.32
N ASP P 116 -54.42 41.15 -49.81
CA ASP P 116 -54.26 42.58 -49.42
C ASP P 116 -54.45 43.46 -50.72
N ILE P 117 -53.91 43.02 -51.86
CA ILE P 117 -54.09 43.71 -53.11
C ILE P 117 -55.58 43.74 -53.45
N LYS P 118 -56.22 42.59 -53.32
CA LYS P 118 -57.64 42.51 -53.66
C LYS P 118 -58.49 43.53 -52.93
N ALA P 119 -58.32 43.59 -51.61
CA ALA P 119 -59.07 44.45 -50.78
C ALA P 119 -58.67 45.93 -51.05
N LYS P 120 -57.38 46.16 -51.27
CA LYS P 120 -56.94 47.57 -51.62
C LYS P 120 -57.52 48.03 -52.96
N LYS P 121 -57.57 47.14 -53.93
CA LYS P 121 -58.14 47.47 -55.21
C LYS P 121 -59.61 47.83 -55.07
N ALA P 122 -60.31 47.12 -54.21
CA ALA P 122 -61.71 47.31 -53.93
C ALA P 122 -62.00 48.49 -53.01
N GLY P 123 -60.97 49.01 -52.40
CA GLY P 123 -61.07 50.18 -51.57
C GLY P 123 -61.68 50.00 -50.24
N VAL P 124 -61.58 48.78 -49.68
CA VAL P 124 -62.24 48.50 -48.44
C VAL P 124 -61.39 47.55 -47.53
N PRO P 125 -61.64 47.53 -46.22
CA PRO P 125 -60.85 46.60 -45.35
C PRO P 125 -61.33 45.16 -45.70
N LEU P 126 -60.46 44.19 -45.50
CA LEU P 126 -60.74 42.80 -45.83
C LEU P 126 -62.02 42.25 -45.25
N TRP P 127 -62.33 42.55 -44.00
CA TRP P 127 -63.53 41.99 -43.35
C TRP P 127 -64.76 42.45 -44.16
N HIS P 128 -64.70 43.67 -44.72
CA HIS P 128 -65.85 44.20 -45.50
C HIS P 128 -65.91 43.57 -46.85
N TYR P 129 -64.76 43.47 -47.47
CA TYR P 129 -64.61 42.81 -48.76
C TYR P 129 -65.25 41.40 -48.74
N LEU P 130 -64.96 40.65 -47.68
CA LEU P 130 -65.39 39.26 -47.55
C LEU P 130 -66.88 39.07 -47.35
N GLY P 131 -67.58 40.13 -46.94
CA GLY P 131 -69.05 40.09 -46.75
C GLY P 131 -69.66 40.73 -45.53
N GLY P 132 -68.88 41.48 -44.79
CA GLY P 132 -69.41 42.19 -43.66
C GLY P 132 -69.15 41.51 -42.29
N ALA P 133 -69.55 42.21 -41.26
CA ALA P 133 -69.20 41.86 -39.87
C ALA P 133 -70.21 40.93 -39.22
N ARG P 134 -69.73 39.89 -38.53
CA ARG P 134 -70.60 38.98 -37.83
C ARG P 134 -70.84 39.42 -36.45
N THR P 135 -70.08 40.41 -35.96
CA THR P 135 -70.23 40.91 -34.61
C THR P 135 -69.95 42.41 -34.57
N ALA P 136 -70.50 43.11 -33.58
CA ALA P 136 -70.20 44.51 -33.36
C ALA P 136 -68.85 44.69 -32.66
N GLY P 137 -68.34 43.64 -32.03
CA GLY P 137 -67.09 43.75 -31.28
C GLY P 137 -66.43 42.39 -31.07
N VAL P 138 -65.22 42.25 -31.60
CA VAL P 138 -64.38 41.01 -31.37
C VAL P 138 -63.67 41.20 -30.03
N GLU P 139 -63.98 40.35 -29.11
CA GLU P 139 -63.33 40.37 -27.82
C GLU P 139 -61.93 39.78 -27.87
N ALA P 140 -61.04 40.41 -27.11
CA ALA P 140 -59.64 40.01 -27.04
C ALA P 140 -59.33 39.18 -25.83
N TYR P 141 -58.32 38.34 -25.93
CA TYR P 141 -57.70 37.73 -24.76
C TYR P 141 -56.22 38.04 -24.78
N ASN P 142 -55.69 38.33 -23.59
CA ASN P 142 -54.30 38.82 -23.43
C ASN P 142 -53.34 37.70 -23.14
N THR P 143 -52.50 37.39 -24.11
CA THR P 143 -51.48 36.38 -23.97
C THR P 143 -50.12 36.92 -23.40
N ASP P 144 -49.91 38.21 -23.56
CA ASP P 144 -48.61 38.82 -23.24
C ASP P 144 -48.32 38.90 -21.79
N ILE P 145 -49.29 38.67 -20.93
CA ILE P 145 -49.06 38.73 -19.50
C ILE P 145 -48.73 37.36 -18.95
N GLY P 146 -48.66 36.31 -19.81
CA GLY P 146 -48.71 34.94 -19.28
C GLY P 146 -47.52 34.05 -19.54
N TRP P 147 -46.44 34.65 -20.07
CA TRP P 147 -45.24 33.90 -20.42
C TRP P 147 -44.69 33.09 -19.28
N LEU P 148 -44.19 31.90 -19.64
CA LEU P 148 -43.67 30.94 -18.65
C LEU P 148 -42.39 31.48 -17.97
N SER P 149 -41.72 32.38 -18.63
CA SER P 149 -40.53 33.06 -18.09
C SER P 149 -40.83 34.00 -16.93
N PHE P 150 -42.07 34.43 -16.76
CA PHE P 150 -42.39 35.30 -15.66
C PHE P 150 -42.31 34.56 -14.37
N THR P 151 -41.73 35.22 -13.37
CA THR P 151 -41.83 34.71 -12.02
C THR P 151 -43.24 34.84 -11.56
N LEU P 152 -43.56 34.15 -10.47
CA LEU P 152 -44.93 34.17 -10.02
C LEU P 152 -45.34 35.59 -9.72
N GLU P 153 -44.42 36.37 -9.12
CA GLU P 153 -44.74 37.79 -8.86
C GLU P 153 -45.14 38.59 -10.08
N ASP P 154 -44.36 38.48 -11.14
CA ASP P 154 -44.56 39.21 -12.39
C ASP P 154 -45.80 38.69 -13.18
N LEU P 155 -46.08 37.40 -13.05
CA LEU P 155 -47.27 36.80 -13.64
C LEU P 155 -48.49 37.44 -13.02
N LEU P 156 -48.46 37.54 -11.72
CA LEU P 156 -49.55 38.06 -10.97
C LEU P 156 -49.74 39.56 -11.21
N ALA P 157 -48.65 40.32 -11.28
CA ALA P 157 -48.73 41.75 -11.43
C ALA P 157 -49.24 42.12 -12.82
N GLY P 158 -48.75 41.39 -13.84
CA GLY P 158 -49.24 41.64 -15.24
C GLY P 158 -50.69 41.25 -15.42
N SER P 159 -51.05 40.08 -14.92
CA SER P 159 -52.37 39.56 -15.00
C SER P 159 -53.35 40.53 -14.31
N ALA P 160 -52.97 41.02 -13.13
CA ALA P 160 -53.86 41.99 -12.40
C ALA P 160 -54.01 43.30 -13.17
N ARG P 161 -52.92 43.82 -13.71
CA ARG P 161 -53.01 45.05 -14.43
C ARG P 161 -53.87 44.92 -15.69
N ALA P 162 -53.70 43.80 -16.39
CA ALA P 162 -54.46 43.57 -17.62
C ALA P 162 -55.94 43.67 -17.36
N VAL P 163 -56.34 43.09 -16.24
CA VAL P 163 -57.71 43.01 -15.81
C VAL P 163 -58.20 44.32 -15.14
N GLU P 164 -57.42 44.78 -14.16
CA GLU P 164 -57.87 45.92 -13.31
C GLU P 164 -57.58 47.26 -13.95
N GLU P 165 -56.52 47.40 -14.71
CA GLU P 165 -56.28 48.65 -15.43
C GLU P 165 -56.63 48.62 -16.89
N ASP P 166 -56.34 47.53 -17.57
CA ASP P 166 -56.55 47.57 -19.05
C ASP P 166 -57.90 47.03 -19.57
N GLY P 167 -58.75 46.53 -18.71
CA GLY P 167 -60.09 46.20 -19.04
C GLY P 167 -60.23 44.81 -19.73
N PHE P 168 -59.22 43.94 -19.61
CA PHE P 168 -59.32 42.55 -20.08
C PHE P 168 -60.14 41.72 -19.19
N THR P 169 -60.91 40.81 -19.76
CA THR P 169 -61.61 39.83 -18.91
C THR P 169 -61.31 38.39 -19.35
N ARG P 170 -60.32 38.31 -20.20
CA ARG P 170 -59.85 37.07 -20.79
C ARG P 170 -58.33 37.11 -20.87
N LEU P 171 -57.69 36.09 -20.33
CA LEU P 171 -56.23 35.94 -20.29
C LEU P 171 -55.84 34.56 -20.85
N LYS P 172 -54.59 34.43 -21.24
CA LYS P 172 -54.03 33.10 -21.45
C LYS P 172 -52.67 33.02 -20.81
N ILE P 173 -52.48 31.96 -20.06
CA ILE P 173 -51.28 31.76 -19.29
C ILE P 173 -50.51 30.49 -19.76
N LYS P 174 -49.23 30.63 -19.98
CA LYS P 174 -48.37 29.48 -20.33
C LYS P 174 -48.21 28.47 -19.18
N VAL P 175 -48.23 27.20 -19.54
CA VAL P 175 -47.84 26.13 -18.64
C VAL P 175 -46.75 25.33 -19.35
N GLY P 176 -46.17 24.38 -18.64
CA GLY P 176 -45.12 23.54 -19.15
C GLY P 176 -43.85 23.43 -18.31
N HIS P 177 -43.93 23.64 -17.01
CA HIS P 177 -42.83 23.22 -16.14
C HIS P 177 -42.68 21.70 -16.17
N ASP P 178 -41.50 21.23 -15.84
CA ASP P 178 -41.27 19.77 -15.83
C ASP P 178 -42.26 19.06 -14.93
N ASP P 179 -42.54 19.69 -13.78
CA ASP P 179 -43.52 19.25 -12.85
C ASP P 179 -44.73 20.19 -12.97
N PRO P 180 -45.84 19.66 -13.52
CA PRO P 180 -47.02 20.45 -13.75
C PRO P 180 -47.64 20.99 -12.47
N ASN P 181 -47.36 20.37 -11.33
CA ASN P 181 -47.85 20.93 -10.08
C ASN P 181 -47.33 22.37 -9.82
N ILE P 182 -46.21 22.76 -10.38
CA ILE P 182 -45.75 24.12 -10.35
C ILE P 182 -46.74 25.01 -11.15
N ASP P 183 -47.20 24.51 -12.31
CA ASP P 183 -48.17 25.26 -13.03
C ASP P 183 -49.50 25.30 -12.31
N ILE P 184 -49.94 24.23 -11.65
CA ILE P 184 -51.15 24.28 -10.86
C ILE P 184 -51.05 25.42 -9.80
N ALA P 185 -49.88 25.50 -9.20
CA ALA P 185 -49.64 26.47 -8.14
C ALA P 185 -49.72 27.90 -8.67
N ARG P 186 -49.09 28.13 -9.83
CA ARG P 186 -49.14 29.43 -10.49
C ARG P 186 -50.59 29.79 -10.84
N LEU P 187 -51.37 28.82 -11.32
CA LEU P 187 -52.67 29.16 -11.79
C LEU P 187 -53.61 29.40 -10.62
N THR P 188 -53.42 28.58 -9.58
CA THR P 188 -54.10 28.78 -8.31
C THR P 188 -53.88 30.19 -7.81
N ALA P 189 -52.66 30.68 -7.84
CA ALA P 189 -52.39 32.03 -7.33
C ALA P 189 -53.07 33.08 -8.20
N VAL P 190 -52.99 32.95 -9.53
CA VAL P 190 -53.67 33.87 -10.42
C VAL P 190 -55.15 33.88 -10.14
N ARG P 191 -55.75 32.72 -9.94
CA ARG P 191 -57.18 32.63 -9.75
C ARG P 191 -57.61 33.31 -8.42
N GLU P 192 -56.75 33.27 -7.43
CA GLU P 192 -57.04 33.89 -6.15
C GLU P 192 -56.86 35.39 -6.22
N ARG P 193 -56.03 35.85 -7.12
CA ARG P 193 -55.73 37.26 -7.27
C ARG P 193 -56.71 38.04 -8.10
N VAL P 194 -57.18 37.44 -9.23
CA VAL P 194 -58.00 38.21 -10.15
C VAL P 194 -59.48 37.84 -9.93
N ASP P 195 -60.38 38.70 -10.34
CA ASP P 195 -61.85 38.44 -10.21
C ASP P 195 -62.24 37.09 -10.81
N SER P 196 -63.26 36.44 -10.28
CA SER P 196 -63.63 35.14 -10.76
C SER P 196 -64.23 35.15 -12.15
N ALA P 197 -64.67 36.33 -12.59
CA ALA P 197 -65.23 36.47 -13.91
C ALA P 197 -64.17 36.60 -14.99
N VAL P 198 -62.91 36.58 -14.60
CA VAL P 198 -61.85 36.58 -15.57
C VAL P 198 -61.74 35.12 -16.17
N ARG P 199 -61.76 35.03 -17.50
CA ARG P 199 -61.62 33.73 -18.15
C ARG P 199 -60.13 33.56 -18.34
N ILE P 200 -59.65 32.36 -18.05
CA ILE P 200 -58.26 32.00 -18.15
C ILE P 200 -58.08 30.68 -18.90
N ALA P 201 -57.46 30.82 -20.07
CA ALA P 201 -56.98 29.71 -20.86
C ALA P 201 -55.53 29.45 -20.52
N ILE P 202 -55.03 28.30 -20.91
CA ILE P 202 -53.66 27.96 -20.74
C ILE P 202 -53.11 27.34 -22.01
N ASP P 203 -51.77 27.21 -22.04
CA ASP P 203 -51.11 26.83 -23.28
C ASP P 203 -49.81 26.12 -22.92
N GLY P 204 -49.67 24.85 -23.35
CA GLY P 204 -48.47 24.06 -23.04
C GLY P 204 -47.42 23.99 -24.09
N ASN P 205 -47.73 24.56 -25.24
CA ASN P 205 -46.84 24.52 -26.40
C ASN P 205 -46.21 23.15 -26.69
N GLY P 206 -47.03 22.12 -26.54
CA GLY P 206 -46.63 20.83 -26.99
C GLY P 206 -45.62 20.15 -26.10
N LYS P 207 -45.51 20.58 -24.84
CA LYS P 207 -44.45 20.11 -23.94
C LYS P 207 -44.62 18.74 -23.32
N TRP P 208 -45.83 18.35 -22.96
CA TRP P 208 -46.06 17.17 -22.15
C TRP P 208 -46.56 15.94 -22.95
N ASP P 209 -46.53 14.79 -22.27
CA ASP P 209 -47.09 13.52 -22.80
C ASP P 209 -48.50 13.28 -22.30
N LEU P 210 -49.14 12.28 -22.84
CA LEU P 210 -50.51 11.98 -22.46
C LEU P 210 -50.74 11.75 -20.96
N PRO P 211 -50.01 10.83 -20.29
CA PRO P 211 -50.30 10.59 -18.92
C PRO P 211 -50.04 11.84 -18.08
N THR P 212 -49.03 12.62 -18.44
CA THR P 212 -48.76 13.91 -17.72
C THR P 212 -49.94 14.86 -17.82
N CYS P 213 -50.48 15.02 -19.04
CA CYS P 213 -51.69 15.79 -19.25
C CYS P 213 -52.89 15.28 -18.57
N GLN P 214 -53.10 13.95 -18.54
CA GLN P 214 -54.24 13.44 -17.84
C GLN P 214 -54.25 13.83 -16.35
N ARG P 215 -53.10 13.67 -15.70
CA ARG P 215 -53.01 13.99 -14.27
C ARG P 215 -53.19 15.50 -14.06
N PHE P 216 -52.54 16.32 -14.86
CA PHE P 216 -52.64 17.77 -14.76
C PHE P 216 -54.05 18.27 -14.92
N CYS P 217 -54.78 17.77 -15.95
CA CYS P 217 -56.13 18.21 -16.14
C CYS P 217 -57.02 17.85 -14.96
N ALA P 218 -56.83 16.68 -14.38
CA ALA P 218 -57.54 16.30 -13.23
C ALA P 218 -57.26 17.18 -12.01
N ALA P 219 -56.01 17.54 -11.86
CA ALA P 219 -55.55 18.42 -10.79
C ALA P 219 -56.06 19.85 -10.98
N ALA P 220 -56.39 20.21 -12.21
CA ALA P 220 -56.80 21.55 -12.55
C ALA P 220 -58.34 21.71 -12.53
N LYS P 221 -59.05 20.71 -11.96
CA LYS P 221 -60.49 20.63 -12.13
C LYS P 221 -61.24 21.79 -11.45
N ASP P 222 -60.64 22.44 -10.49
CA ASP P 222 -61.34 23.51 -9.83
C ASP P 222 -60.84 24.87 -10.23
N LEU P 223 -59.96 24.97 -11.22
CA LEU P 223 -59.32 26.25 -11.60
C LEU P 223 -60.08 27.01 -12.72
N ASP P 224 -61.19 26.41 -13.19
CA ASP P 224 -62.00 27.02 -14.27
C ASP P 224 -61.14 27.42 -15.49
N ILE P 225 -60.46 26.42 -16.06
CA ILE P 225 -59.54 26.63 -17.20
C ILE P 225 -60.39 26.65 -18.50
N TYR P 226 -60.28 27.73 -19.26
CA TYR P 226 -61.15 27.98 -20.41
C TYR P 226 -60.81 27.01 -21.59
N TRP P 227 -59.54 26.82 -21.85
CA TRP P 227 -59.05 25.79 -22.75
C TRP P 227 -57.62 25.45 -22.41
N PHE P 228 -57.17 24.31 -22.93
CA PHE P 228 -55.77 23.84 -22.82
C PHE P 228 -55.23 23.71 -24.20
N GLU P 229 -54.37 24.67 -24.59
CA GLU P 229 -53.80 24.76 -25.90
C GLU P 229 -52.58 23.94 -26.01
N GLU P 230 -52.45 23.21 -27.13
CA GLU P 230 -51.33 22.39 -27.50
C GLU P 230 -50.79 21.60 -26.33
N PRO P 231 -51.62 20.80 -25.72
CA PRO P 231 -51.18 19.98 -24.57
C PRO P 231 -50.07 18.97 -24.87
N LEU P 232 -50.01 18.50 -26.11
CA LEU P 232 -49.36 17.30 -26.53
C LEU P 232 -48.59 17.53 -27.83
N TRP P 233 -47.84 16.54 -28.28
CA TRP P 233 -46.93 16.74 -29.42
C TRP P 233 -47.77 17.04 -30.68
N TYR P 234 -47.31 17.97 -31.52
CA TYR P 234 -48.17 18.69 -32.45
C TYR P 234 -48.80 17.80 -33.48
N ASP P 235 -48.08 16.75 -33.85
CA ASP P 235 -48.49 15.85 -34.91
C ASP P 235 -49.17 14.59 -34.41
N ASP P 236 -49.43 14.50 -33.13
CA ASP P 236 -49.93 13.25 -32.51
C ASP P 236 -51.42 13.35 -32.26
N VAL P 237 -52.21 12.97 -33.26
CA VAL P 237 -53.67 13.08 -33.14
C VAL P 237 -54.27 12.22 -32.03
N THR P 238 -53.84 10.99 -32.02
CA THR P 238 -54.43 10.01 -31.12
C THR P 238 -54.26 10.42 -29.66
N SER P 239 -53.12 10.95 -29.25
CA SER P 239 -52.97 11.29 -27.82
C SER P 239 -53.94 12.44 -27.47
N HIS P 240 -54.16 13.37 -28.40
CA HIS P 240 -55.12 14.41 -28.17
C HIS P 240 -56.55 13.89 -28.07
N ALA P 241 -56.89 12.94 -28.95
CA ALA P 241 -58.21 12.36 -28.90
C ALA P 241 -58.48 11.72 -27.53
N ARG P 242 -57.52 10.98 -27.03
CA ARG P 242 -57.64 10.24 -25.77
C ARG P 242 -57.73 11.24 -24.61
N LEU P 243 -56.90 12.26 -24.65
CA LEU P 243 -56.99 13.33 -23.59
C LEU P 243 -58.37 14.05 -23.55
N ALA P 244 -58.85 14.45 -24.73
CA ALA P 244 -60.12 15.09 -24.84
C ALA P 244 -61.28 14.31 -24.21
N ARG P 245 -61.23 12.99 -24.28
CA ARG P 245 -62.26 12.13 -23.78
C ARG P 245 -62.07 11.87 -22.28
N ASN P 246 -60.94 12.23 -21.71
CA ASN P 246 -60.57 11.96 -20.31
C ASN P 246 -60.80 13.17 -19.39
N THR P 247 -61.02 14.35 -19.95
CA THR P 247 -61.23 15.54 -19.18
C THR P 247 -62.36 16.36 -19.75
N SER P 248 -62.92 17.26 -18.91
CA SER P 248 -63.95 18.20 -19.36
C SER P 248 -63.25 19.45 -19.84
N ILE P 249 -61.97 19.62 -19.55
CA ILE P 249 -61.26 20.80 -20.09
C ILE P 249 -61.13 20.77 -21.63
N PRO P 250 -61.55 21.82 -22.32
CA PRO P 250 -61.42 21.79 -23.78
C PRO P 250 -60.01 21.88 -24.31
N ILE P 251 -59.71 21.19 -25.42
CA ILE P 251 -58.46 21.23 -26.04
C ILE P 251 -58.51 22.23 -27.18
N ALA P 252 -57.49 23.07 -27.29
CA ALA P 252 -57.26 24.02 -28.39
C ALA P 252 -55.94 23.64 -29.06
N LEU P 253 -55.92 23.67 -30.38
CA LEU P 253 -54.69 23.57 -31.14
C LEU P 253 -54.87 24.06 -32.58
N GLY P 254 -53.76 24.18 -33.28
CA GLY P 254 -53.82 24.60 -34.65
C GLY P 254 -52.67 25.41 -35.16
N GLU P 255 -51.97 26.07 -34.24
CA GLU P 255 -50.93 27.00 -34.65
C GLU P 255 -49.75 26.36 -35.34
N GLN P 256 -49.55 25.06 -35.15
CA GLN P 256 -48.49 24.29 -35.81
C GLN P 256 -48.91 23.42 -37.00
N LEU P 257 -50.24 23.43 -37.32
CA LEU P 257 -50.77 22.62 -38.43
C LEU P 257 -50.68 23.37 -39.74
N TYR P 258 -49.94 22.81 -40.68
CA TYR P 258 -49.71 23.46 -41.96
C TYR P 258 -50.81 23.28 -43.00
N THR P 259 -51.70 22.27 -42.86
CA THR P 259 -52.63 21.93 -43.92
C THR P 259 -54.08 21.71 -43.42
N VAL P 260 -55.04 21.93 -44.31
CA VAL P 260 -56.43 21.55 -44.08
C VAL P 260 -56.48 20.06 -43.74
N ASP P 261 -55.59 19.23 -44.29
CA ASP P 261 -55.66 17.78 -44.03
C ASP P 261 -55.37 17.50 -42.57
N ALA P 262 -54.41 18.19 -42.05
CA ALA P 262 -54.10 17.98 -40.64
C ALA P 262 -55.22 18.45 -39.73
N PHE P 263 -55.81 19.60 -40.01
CA PHE P 263 -56.95 20.05 -39.28
C PHE P 263 -58.10 19.04 -39.35
N ARG P 264 -58.37 18.53 -40.55
CA ARG P 264 -59.40 17.50 -40.68
C ARG P 264 -59.12 16.28 -39.78
N SER P 265 -57.90 15.81 -39.75
CA SER P 265 -57.54 14.66 -38.92
C SER P 265 -57.88 14.90 -37.46
N PHE P 266 -57.46 16.07 -36.93
CA PHE P 266 -57.73 16.40 -35.54
C PHE P 266 -59.23 16.58 -35.27
N ILE P 267 -59.90 17.28 -36.16
CA ILE P 267 -61.29 17.59 -35.91
C ILE P 267 -62.12 16.29 -35.95
N ASP P 268 -61.90 15.46 -36.95
CA ASP P 268 -62.70 14.24 -37.10
C ASP P 268 -62.47 13.26 -35.92
N ALA P 269 -61.32 13.31 -35.26
CA ALA P 269 -60.98 12.39 -34.19
C ALA P 269 -61.48 12.92 -32.91
N GLY P 270 -62.11 14.07 -32.95
CA GLY P 270 -62.53 14.75 -31.70
C GLY P 270 -61.38 15.18 -30.78
N ALA P 271 -60.28 15.50 -31.43
CA ALA P 271 -59.00 15.80 -30.73
C ALA P 271 -58.80 17.31 -30.54
N VAL P 272 -59.78 18.12 -30.96
CA VAL P 272 -59.69 19.55 -30.85
C VAL P 272 -61.09 20.14 -30.75
N ALA P 273 -61.30 21.03 -29.78
CA ALA P 273 -62.55 21.81 -29.63
C ALA P 273 -62.42 23.25 -30.09
N TYR P 274 -61.31 23.89 -29.77
CA TYR P 274 -61.08 25.26 -30.10
C TYR P 274 -60.10 25.20 -31.21
N VAL P 275 -60.56 25.56 -32.40
CA VAL P 275 -59.77 25.39 -33.61
C VAL P 275 -58.98 26.64 -33.94
N GLN P 276 -57.68 26.50 -34.11
CA GLN P 276 -56.78 27.72 -34.19
C GLN P 276 -56.00 27.81 -35.45
N PRO P 277 -56.68 28.14 -36.56
CA PRO P 277 -55.97 28.29 -37.80
C PRO P 277 -55.12 29.57 -37.73
N ASP P 278 -54.10 29.61 -38.57
CA ASP P 278 -53.21 30.80 -38.63
C ASP P 278 -52.83 31.03 -40.07
N VAL P 279 -53.14 32.20 -40.64
CA VAL P 279 -52.76 32.43 -42.04
C VAL P 279 -51.24 32.40 -42.31
N THR P 280 -50.42 32.42 -41.25
CA THR P 280 -48.99 32.41 -41.39
C THR P 280 -48.42 30.98 -41.38
N ARG P 281 -49.27 30.00 -41.02
CA ARG P 281 -48.90 28.60 -40.98
C ARG P 281 -49.55 27.70 -42.06
N LEU P 282 -50.87 27.78 -42.19
CA LEU P 282 -51.61 27.31 -43.36
C LEU P 282 -51.20 28.12 -44.54
N GLY P 283 -51.66 27.79 -45.76
CA GLY P 283 -51.29 28.60 -46.91
C GLY P 283 -52.19 29.81 -47.04
N GLY P 284 -52.01 30.72 -46.09
CA GLY P 284 -52.59 32.06 -46.12
C GLY P 284 -54.08 32.08 -45.87
N ILE P 285 -54.68 33.15 -46.36
CA ILE P 285 -56.07 33.38 -46.18
C ILE P 285 -56.89 32.30 -46.91
N THR P 286 -56.44 31.90 -48.07
CA THR P 286 -57.16 30.95 -48.89
C THR P 286 -57.37 29.69 -48.05
N GLU P 287 -56.33 29.19 -47.46
CA GLU P 287 -56.45 27.86 -46.77
C GLU P 287 -57.09 28.07 -45.44
N TYR P 288 -56.85 29.26 -44.82
CA TYR P 288 -57.54 29.58 -43.58
C TYR P 288 -59.05 29.46 -43.68
N ILE P 289 -59.60 30.05 -44.76
CA ILE P 289 -61.03 30.07 -44.94
C ILE P 289 -61.56 28.62 -45.08
N GLN P 290 -60.82 27.76 -45.76
CA GLN P 290 -61.17 26.36 -45.86
C GLN P 290 -61.25 25.72 -44.48
N VAL P 291 -60.28 26.01 -43.61
CA VAL P 291 -60.28 25.45 -42.23
C VAL P 291 -61.39 26.05 -41.43
N ALA P 292 -61.66 27.35 -41.58
CA ALA P 292 -62.73 27.92 -40.80
C ALA P 292 -64.11 27.38 -41.17
N ASP P 293 -64.25 27.05 -42.45
CA ASP P 293 -65.54 26.57 -42.95
C ASP P 293 -65.67 25.10 -42.43
N LEU P 294 -64.57 24.36 -42.41
CA LEU P 294 -64.56 23.02 -41.84
C LEU P 294 -64.99 23.07 -40.37
N ALA P 295 -64.44 24.03 -39.64
CA ALA P 295 -64.81 24.23 -38.18
C ALA P 295 -66.28 24.56 -38.08
N LEU P 296 -66.76 25.46 -38.95
CA LEU P 296 -68.16 25.83 -38.96
C LEU P 296 -69.08 24.59 -39.16
N ALA P 297 -68.68 23.72 -40.07
CA ALA P 297 -69.50 22.51 -40.34
C ALA P 297 -69.61 21.62 -39.11
N HIS P 298 -68.57 21.60 -38.27
CA HIS P 298 -68.61 20.92 -36.98
C HIS P 298 -69.15 21.74 -35.81
N ARG P 299 -69.56 22.96 -36.10
CA ARG P 299 -70.04 23.90 -35.09
C ARG P 299 -69.03 24.12 -33.98
N LEU P 300 -67.77 24.15 -34.36
CA LEU P 300 -66.74 24.48 -33.41
C LEU P 300 -66.23 25.92 -33.58
N PRO P 301 -65.79 26.53 -32.46
CA PRO P 301 -65.30 27.91 -32.50
C PRO P 301 -63.92 28.06 -33.12
N VAL P 302 -63.75 29.16 -33.88
CA VAL P 302 -62.54 29.48 -34.55
C VAL P 302 -61.85 30.64 -33.81
N VAL P 303 -60.68 30.34 -33.32
CA VAL P 303 -59.93 31.22 -32.45
C VAL P 303 -58.52 31.25 -32.94
N PRO P 304 -58.27 32.08 -33.97
CA PRO P 304 -57.00 31.94 -34.61
C PRO P 304 -55.76 32.34 -33.81
N HIS P 305 -54.63 31.68 -34.14
CA HIS P 305 -53.40 31.95 -33.42
C HIS P 305 -52.73 33.16 -33.99
N ALA P 306 -52.22 34.01 -33.11
CA ALA P 306 -51.59 35.31 -33.52
C ALA P 306 -50.17 35.21 -34.07
N GLY P 307 -49.98 34.39 -35.12
CA GLY P 307 -48.70 34.26 -35.79
C GLY P 307 -48.27 35.54 -36.57
N GLU P 308 -49.30 36.32 -36.89
CA GLU P 308 -49.20 37.66 -37.48
C GLU P 308 -49.68 38.71 -36.51
N MET P 309 -49.60 38.39 -35.21
CA MET P 309 -49.98 39.27 -34.12
C MET P 309 -51.36 39.95 -34.35
N SER P 310 -52.28 39.20 -35.00
CA SER P 310 -53.68 39.55 -35.21
C SER P 310 -53.93 40.65 -36.23
N GLN P 311 -52.89 41.04 -36.95
CA GLN P 311 -53.04 42.08 -37.97
C GLN P 311 -53.97 41.62 -39.07
N VAL P 312 -53.87 40.34 -39.49
CA VAL P 312 -54.83 39.80 -40.52
C VAL P 312 -56.04 39.22 -39.87
N HIS P 313 -55.87 38.55 -38.70
CA HIS P 313 -56.93 37.78 -38.12
C HIS P 313 -57.99 38.66 -37.52
N VAL P 314 -57.67 39.93 -37.19
CA VAL P 314 -58.71 40.82 -36.75
C VAL P 314 -59.83 40.94 -37.85
N HIS P 315 -59.43 40.95 -39.10
CA HIS P 315 -60.36 40.99 -40.26
C HIS P 315 -61.14 39.67 -40.34
N LEU P 316 -60.40 38.58 -40.33
CA LEU P 316 -61.07 37.26 -40.40
C LEU P 316 -62.02 36.96 -39.27
N SER P 317 -61.67 37.38 -38.04
N SER P 317 -61.68 37.38 -38.05
CA SER P 317 -62.56 37.23 -36.86
CA SER P 317 -62.57 37.21 -36.92
C SER P 317 -63.75 38.18 -36.85
C SER P 317 -63.76 38.16 -36.89
N TYR P 318 -63.60 39.36 -37.43
CA TYR P 318 -64.77 40.25 -37.61
C TYR P 318 -65.77 39.73 -38.67
N TRP P 319 -65.29 38.93 -39.61
CA TRP P 319 -66.14 38.40 -40.71
C TRP P 319 -66.63 36.96 -40.54
N HIS P 320 -65.71 36.03 -40.26
CA HIS P 320 -66.14 34.60 -40.41
C HIS P 320 -67.11 34.25 -39.27
N PRO P 321 -68.30 33.70 -39.60
CA PRO P 321 -69.30 33.48 -38.57
C PRO P 321 -69.00 32.42 -37.51
N ALA P 322 -68.01 31.55 -37.71
CA ALA P 322 -67.60 30.58 -36.70
C ALA P 322 -66.63 31.17 -35.67
N SER P 323 -66.20 32.40 -35.93
CA SER P 323 -65.24 33.06 -35.07
C SER P 323 -65.83 33.41 -33.70
N THR P 324 -64.96 33.46 -32.68
CA THR P 324 -65.31 33.96 -31.37
C THR P 324 -64.38 35.05 -30.85
N ILE P 325 -63.37 34.67 -30.06
CA ILE P 325 -62.45 35.67 -29.44
C ILE P 325 -61.13 35.68 -30.18
N LEU P 326 -60.29 36.67 -29.90
CA LEU P 326 -59.10 36.82 -30.63
C LEU P 326 -57.90 37.12 -29.76
N GLU P 327 -56.84 36.36 -30.00
CA GLU P 327 -55.55 36.51 -29.24
C GLU P 327 -54.98 37.90 -29.43
N TYR P 328 -54.42 38.43 -28.35
CA TYR P 328 -53.77 39.77 -28.35
C TYR P 328 -52.39 39.69 -27.75
N ILE P 329 -51.44 40.12 -28.55
CA ILE P 329 -50.02 40.26 -28.20
C ILE P 329 -49.60 41.57 -28.94
N PRO P 330 -49.18 42.59 -28.19
CA PRO P 330 -48.97 43.94 -28.77
C PRO P 330 -47.57 44.22 -29.29
N TRP P 331 -46.77 43.18 -29.47
CA TRP P 331 -45.38 43.32 -29.91
C TRP P 331 -45.14 44.14 -31.15
N ILE P 332 -45.94 43.98 -32.20
CA ILE P 332 -45.58 44.54 -33.44
C ILE P 332 -46.58 45.58 -33.99
N LYS P 333 -47.69 45.77 -33.32
CA LYS P 333 -48.84 46.50 -33.89
C LYS P 333 -48.42 47.92 -34.34
N ASP P 334 -47.60 48.57 -33.51
CA ASP P 334 -47.18 49.96 -33.79
C ASP P 334 -46.29 50.12 -35.00
N HIS P 335 -45.86 49.02 -35.63
CA HIS P 335 -45.11 49.06 -36.84
C HIS P 335 -45.90 49.03 -38.08
N PHE P 336 -47.22 49.02 -37.94
CA PHE P 336 -48.10 48.97 -39.13
C PHE P 336 -48.83 50.28 -39.40
N GLU P 337 -49.14 50.54 -40.66
CA GLU P 337 -49.96 51.70 -41.02
C GLU P 337 -51.33 51.66 -40.36
N GLU P 338 -51.97 50.47 -40.22
CA GLU P 338 -53.14 50.34 -39.32
C GLU P 338 -52.85 49.30 -38.24
N PRO P 339 -52.36 49.75 -37.07
CA PRO P 339 -52.23 48.85 -36.02
C PRO P 339 -53.54 48.23 -35.55
N ILE P 340 -53.48 46.98 -35.06
CA ILE P 340 -54.60 46.53 -34.24
C ILE P 340 -54.66 47.39 -32.95
N HIS P 341 -55.84 47.47 -32.40
CA HIS P 341 -56.12 48.28 -31.25
C HIS P 341 -57.19 47.69 -30.42
N VAL P 342 -56.89 47.48 -29.15
CA VAL P 342 -57.80 46.89 -28.21
C VAL P 342 -58.08 47.89 -27.09
N ARG P 343 -59.35 48.05 -26.81
CA ARG P 343 -59.82 48.92 -25.75
C ARG P 343 -60.94 48.19 -25.04
N ASP P 344 -60.83 48.19 -23.71
CA ASP P 344 -61.83 47.58 -22.83
C ASP P 344 -62.05 46.11 -23.31
N GLY P 345 -60.99 45.45 -23.71
CA GLY P 345 -61.03 44.05 -24.02
C GLY P 345 -61.67 43.74 -25.36
N VAL P 346 -61.81 44.77 -26.21
CA VAL P 346 -62.44 44.63 -27.52
C VAL P 346 -61.54 45.21 -28.60
N TYR P 347 -61.37 44.46 -29.67
CA TYR P 347 -60.68 44.94 -30.84
C TYR P 347 -61.42 46.02 -31.62
N LYS P 348 -60.70 47.05 -32.02
CA LYS P 348 -61.25 48.01 -32.97
C LYS P 348 -61.47 47.34 -34.32
N ARG P 349 -62.58 47.66 -34.98
CA ARG P 349 -62.82 47.18 -36.32
C ARG P 349 -61.97 47.91 -37.31
N PRO P 350 -61.23 47.18 -38.15
CA PRO P 350 -60.35 47.82 -39.10
C PRO P 350 -61.07 48.73 -40.11
N GLU P 351 -60.36 49.75 -40.57
CA GLU P 351 -60.92 50.86 -41.42
C GLU P 351 -60.28 51.02 -42.76
N GLN P 352 -58.98 50.84 -42.85
CA GLN P 352 -58.27 51.20 -44.05
C GLN P 352 -58.39 50.10 -45.09
N PRO P 353 -58.26 50.47 -46.36
CA PRO P 353 -58.27 49.43 -47.36
C PRO P 353 -57.17 48.38 -47.15
N GLY P 354 -57.54 47.11 -47.38
CA GLY P 354 -56.56 46.07 -47.29
C GLY P 354 -56.74 45.19 -46.07
N ALA P 355 -55.69 44.42 -45.82
CA ALA P 355 -55.70 43.38 -44.77
C ALA P 355 -54.84 43.81 -43.62
N SER P 356 -54.60 45.14 -43.52
CA SER P 356 -53.67 45.70 -42.49
C SER P 356 -52.34 44.98 -42.28
N THR P 357 -51.72 44.61 -43.40
CA THR P 357 -50.44 44.00 -43.41
C THR P 357 -49.30 44.98 -43.81
N THR P 358 -49.67 46.16 -44.22
CA THR P 358 -48.69 47.15 -44.70
C THR P 358 -47.86 47.76 -43.58
N PRO P 359 -46.56 47.50 -43.60
CA PRO P 359 -45.81 48.06 -42.48
C PRO P 359 -45.50 49.58 -42.73
N LEU P 360 -45.28 50.35 -41.68
CA LEU P 360 -44.83 51.73 -41.87
C LEU P 360 -43.49 51.69 -42.61
N ALA P 361 -43.30 52.62 -43.53
CA ALA P 361 -42.09 52.65 -44.34
C ALA P 361 -40.82 52.55 -43.51
N GLU P 362 -40.84 53.28 -42.40
CA GLU P 362 -39.71 53.38 -41.53
C GLU P 362 -39.43 52.17 -40.65
N SER P 363 -40.42 51.35 -40.44
CA SER P 363 -40.14 50.12 -39.69
C SER P 363 -39.25 49.20 -40.57
N PHE P 364 -39.37 49.20 -41.88
CA PHE P 364 -38.33 48.57 -42.74
C PHE P 364 -36.93 49.17 -42.59
N THR P 365 -36.85 50.50 -42.51
CA THR P 365 -35.59 51.23 -42.24
C THR P 365 -34.92 50.68 -41.00
N ARG P 366 -35.62 50.78 -39.91
CA ARG P 366 -35.09 50.52 -38.66
C ARG P 366 -34.89 49.02 -38.40
N TYR P 367 -35.67 48.12 -39.03
CA TYR P 367 -35.74 46.72 -38.51
C TYR P 367 -35.57 45.67 -39.55
N GLY P 368 -35.33 46.09 -40.77
CA GLY P 368 -35.21 45.18 -41.89
C GLY P 368 -33.91 44.46 -41.74
N LYS P 369 -33.83 43.28 -42.35
CA LYS P 369 -32.59 42.55 -42.45
C LYS P 369 -32.39 42.22 -43.88
N ALA P 370 -31.16 42.04 -44.31
CA ALA P 370 -30.88 41.74 -45.67
C ALA P 370 -31.32 40.29 -46.00
N VAL P 371 -31.98 40.09 -47.14
CA VAL P 371 -32.48 38.76 -47.54
C VAL P 371 -31.37 37.88 -48.11
N LYS P 372 -30.28 38.52 -48.53
CA LYS P 372 -28.97 37.86 -48.71
C LYS P 372 -27.83 38.59 -47.98
CA CA Q . -38.08 56.04 34.04
CL CL R . -35.60 71.29 47.41
CL CL S . -13.89 61.83 25.67
CL CL T . -19.68 82.60 41.48
MG MG U . -21.46 67.99 45.09
C1 GOL V . -21.30 55.98 62.36
O1 GOL V . -21.08 57.36 62.00
C2 GOL V . -19.98 55.27 62.22
O2 GOL V . -20.13 53.87 62.45
C3 GOL V . -19.49 55.51 60.83
O3 GOL V . -18.27 54.76 60.68
C1 GOL W . -37.51 78.66 45.35
O1 GOL W . -36.45 77.85 45.30
C2 GOL W . -38.82 78.10 45.04
O2 GOL W . -39.78 79.13 45.23
C3 GOL W . -39.02 76.90 45.83
O3 GOL W . -38.97 76.11 44.65
C1 GOL X . 1.96 67.45 37.30
O1 GOL X . 2.50 66.64 38.33
C2 GOL X . 0.49 67.07 37.32
O2 GOL X . -0.28 68.24 37.04
C3 GOL X . 0.18 65.89 36.40
O3 GOL X . -0.71 66.14 35.32
C1 GOL Y . -28.19 58.47 20.66
O1 GOL Y . -28.30 59.87 20.34
C2 GOL Y . -29.23 57.76 19.85
O2 GOL Y . -28.68 57.52 18.59
C3 GOL Y . -29.75 56.45 20.44
O3 GOL Y . -31.19 56.54 20.39
CAG 0YR Z . -14.30 70.84 44.51
NAH 0YR Z . -20.57 70.71 44.84
CAI 0YR Z . -19.44 69.95 44.80
CAJ 0YR Z . -15.72 71.14 44.00
CAK 0YR Z . -18.18 70.73 44.21
CAL 0YR Z . -16.82 70.15 44.59
OAB 0YR Z . -14.03 69.41 44.19
OAD 0YR Z . -15.70 70.94 42.56
OAF 0YR Z . -16.78 69.99 46.03
OAE 0YR Z . -18.29 70.60 42.78
OAA 0YR Z . -19.45 68.72 45.05
OAC 0YR Z . -21.78 70.05 45.12
CA CA AA . 30.44 -34.77 4.39
CL CL BA . 39.92 -33.76 22.51
CL CL CA . 8.25 -37.11 18.25
CL CL DA . 27.04 -40.16 37.00
MG MG EA . 26.62 -29.12 26.69
C1 GOL FA . 32.86 -9.12 24.86
O1 GOL FA . 32.87 -10.19 25.86
C2 GOL FA . 31.53 -8.33 24.92
O2 GOL FA . 31.51 -7.42 23.80
C3 GOL FA . 30.43 -9.34 24.82
O3 GOL FA . 29.16 -8.73 24.92
C1 GOL GA . 16.48 -43.66 6.03
O1 GOL GA . 15.84 -44.44 7.04
C2 GOL GA . 15.47 -43.13 5.02
O2 GOL GA . 14.80 -44.23 4.47
C3 GOL GA . 16.05 -42.35 3.84
O3 GOL GA . 17.17 -42.95 3.13
C1 GOL HA . 4.22 -26.65 35.30
O1 GOL HA . 3.08 -26.75 36.15
C2 GOL HA . 4.36 -28.00 34.66
O2 GOL HA . 5.75 -28.32 34.69
C3 GOL HA . 3.79 -27.95 33.25
O3 GOL HA . 4.33 -28.93 32.35
CAG 0YR IA . 21.54 -29.03 32.49
NAH 0YR IA . 26.53 -30.63 29.04
CAI 0YR IA . 25.38 -29.93 28.99
CAJ 0YR IA . 22.40 -30.04 31.73
CAK 0YR IA . 24.29 -30.44 30.00
CAL 0YR IA . 23.29 -29.38 30.56
OAB 0YR IA . 20.64 -28.46 31.50
OAD 0YR IA . 21.51 -30.88 31.04
OAF 0YR IA . 23.97 -28.21 31.00
OAE 0YR IA . 23.51 -31.42 29.21
OAA 0YR IA . 25.13 -29.01 28.19
OAC 0YR IA . 27.54 -30.46 28.02
CL CL JA . 20.16 -48.45 -6.85
CL CL KA . 31.69 -65.22 -8.73
CL CL LA . 51.58 -49.63 -0.15
MG MG MA . 33.65 -50.56 -12.36
C1 GOL NA . 31.73 -38.02 -28.03
O1 GOL NA . 33.10 -37.84 -28.44
C2 GOL NA . 30.68 -37.53 -29.01
O2 GOL NA . 30.92 -36.13 -29.20
C3 GOL NA . 29.26 -37.79 -28.45
O3 GOL NA . 29.17 -39.14 -27.93
C1 GOL OA . 43.79 -39.47 11.88
O1 GOL OA . 42.66 -39.26 12.84
C2 GOL OA . 44.67 -40.73 11.98
O2 GOL OA . 44.93 -41.21 13.31
C3 GOL OA . 44.26 -41.89 11.08
O3 GOL OA . 43.46 -43.00 11.58
C1 GOL PA . 16.91 -54.39 -3.11
O1 GOL PA . 18.04 -54.55 -3.95
C2 GOL PA . 16.32 -52.99 -3.16
O2 GOL PA . 17.19 -52.06 -2.52
C3 GOL PA . 16.02 -52.55 -4.62
O3 GOL PA . 16.29 -51.10 -4.73
CAG 0YR QA . 38.36 -55.87 -15.32
NAH 0YR QA . 33.53 -53.43 -12.32
CAI 0YR QA . 34.70 -53.12 -12.88
CAJ 0YR QA . 37.53 -55.68 -14.03
CAK 0YR QA . 35.69 -54.36 -12.92
CAL 0YR QA . 36.75 -54.30 -14.04
OAB 0YR QA . 39.40 -54.84 -15.34
OAD 0YR QA . 38.41 -55.68 -12.90
OAF 0YR QA . 36.08 -54.05 -15.25
OAE 0YR QA . 36.41 -54.40 -11.61
OAA 0YR QA . 35.03 -51.99 -13.23
OAC 0YR QA . 32.59 -52.41 -12.03
CA CA RA . -22.53 40.56 40.27
CL CL SA . -17.61 31.07 22.81
CL CL TA . -4.35 42.72 12.56
CL CL UA . -11.45 34.69 24.46
CL CL VA . -12.00 62.08 29.45
CL CL WA . 5.36 64.79 16.18
MG MG XA . -18.38 44.81 17.74
C1 GOL YA . -38.05 41.56 11.25
O1 GOL YA . -36.68 41.40 10.84
C2 GOL YA . -38.48 42.99 11.00
O2 GOL YA . -39.79 43.14 11.52
C3 GOL YA . -37.58 43.99 11.67
O3 GOL YA . -37.87 45.37 11.33
C1 GOL ZA . -12.68 26.90 23.70
O1 GOL ZA . -12.23 27.94 24.46
C2 GOL ZA . -11.51 26.67 22.80
O2 GOL ZA . -10.31 26.63 23.56
C3 GOL ZA . -11.60 27.68 21.67
O3 GOL ZA . -11.01 28.96 21.78
C1 GOL AB . -14.04 53.71 44.28
O1 GOL AB . -13.82 52.50 45.05
C2 GOL AB . -12.75 54.30 43.72
O2 GOL AB . -11.91 54.30 44.84
C3 GOL AB . -12.26 53.46 42.54
O3 GOL AB . -10.90 53.63 42.10
CAG 0YR BB . -15.55 49.91 12.68
NAH 0YR BB . -16.02 44.76 16.10
CAI 0YR BB . -16.56 45.96 15.93
CAJ 0YR BB . -15.03 48.84 13.61
CAK 0YR BB . -15.56 47.00 15.19
CAL 0YR BB . -16.18 48.11 14.35
OAB 0YR BB . -16.32 50.85 13.42
OAD 0YR BB . -14.27 49.53 14.62
OAF 0YR BB . -17.10 47.50 13.46
OAE 0YR BB . -14.83 47.61 16.25
OAA 0YR BB . -17.73 46.24 16.24
OAC 0YR BB . -16.71 43.83 17.02
CL CL CB . 21.32 -6.62 21.57
CL CL DB . 9.56 7.46 -4.86
CL CL EB . 11.99 11.54 21.52
MG MG FB . 22.31 5.01 12.54
C1 GOL GB . 42.31 4.31 9.85
O1 GOL GB . 42.69 5.15 8.80
C2 GOL GB . 43.53 3.98 10.59
O2 GOL GB . 44.50 3.33 9.78
C3 GOL GB . 43.17 3.07 11.72
O3 GOL GB . 42.24 3.66 12.66
C1 GOL HB . 17.10 -5.67 26.19
O1 GOL HB . 15.75 -5.41 26.19
C2 GOL HB . 17.49 -7.03 26.79
O2 GOL HB . 18.63 -7.53 26.08
C3 GOL HB . 16.37 -7.98 26.57
O3 GOL HB . 16.21 -8.16 25.14
C1 GOL IB . 5.69 -7.65 -4.28
O1 GOL IB . 4.41 -7.23 -3.74
C2 GOL IB . 5.61 -8.34 -5.65
O2 GOL IB . 4.26 -8.60 -5.95
C3 GOL IB . 6.49 -9.60 -5.86
O3 GOL IB . 6.19 -10.91 -5.26
CAG 0YR JB . 20.99 12.58 11.98
NAH 0YR JB . 20.77 6.78 14.25
CAI 0YR JB . 21.17 7.50 13.19
CAJ 0YR JB . 20.19 11.32 12.41
CAK 0YR JB . 20.32 8.85 12.93
CAL 0YR JB . 21.08 10.03 12.28
OAB 0YR JB . 21.37 12.42 10.55
OAD 0YR JB . 19.13 11.24 11.42
OAF 0YR JB . 22.39 10.23 12.85
OAE 0YR JB . 19.32 8.52 11.98
OAA 0YR JB . 22.01 7.10 12.36
OAC 0YR JB . 21.35 5.52 14.41
CL CL KB . -13.15 48.90 56.41
CL CL LB . -13.68 17.52 49.42
CL CL MB . -0.22 35.23 64.30
MG MG NB . -15.15 35.31 61.68
C1 GOL OB . -32.56 41.52 71.63
O1 GOL OB . -31.13 41.52 71.85
C2 GOL OB . -33.23 40.19 71.96
O2 GOL OB . -34.63 40.20 71.64
C3 GOL OB . -32.56 39.09 71.17
O3 GOL OB . -33.07 37.81 71.44
C1 GOL PB . -5.76 51.17 55.50
O1 GOL PB . -6.23 50.10 56.31
C2 GOL PB . -6.98 51.94 55.08
O2 GOL PB . -7.73 51.22 54.04
C3 GOL PB . -7.88 52.13 56.29
O3 GOL PB . -9.23 52.25 55.78
C1 GOL QB . -32.20 29.45 68.98
O1 GOL QB . -32.16 30.82 69.40
C2 GOL QB . -32.01 29.55 67.48
O2 GOL QB . -31.81 28.21 66.97
C3 GOL QB . -30.80 30.49 67.28
O3 GOL QB . -31.07 31.90 67.10
CAG 0YR RB . -12.08 29.89 66.27
NAH 0YR RB . -12.55 35.06 62.83
CAI 0YR RB . -13.22 33.96 63.21
CAJ 0YR RB . -11.71 30.78 65.05
CAK 0YR RB . -12.26 32.81 63.75
CAL 0YR RB . -12.87 31.70 64.62
OAB 0YR RB . -13.24 29.05 65.89
OAD 0YR RB . -11.35 29.87 63.97
OAF 0YR RB . -13.54 32.41 65.70
OAE 0YR RB . -11.87 32.12 62.61
OAA 0YR RB . -14.43 33.81 63.02
OAC 0YR RB . -13.27 36.12 62.14
CA CA SB . 17.51 -16.05 3.81
CL CL TB . 1.42 -21.35 -7.73
CL CL UB . 8.92 -33.93 21.06
CL CL VB . -11.66 -32.05 3.92
MG MG WB . 2.85 -33.78 0.01
C1 GOL XB . 13.92 -42.54 -15.58
O1 GOL XB . 12.56 -42.32 -15.16
C2 GOL XB . 14.52 -43.71 -14.86
O2 GOL XB . 15.92 -43.80 -15.22
C3 GOL XB . 14.31 -43.56 -13.42
O3 GOL XB . 14.91 -44.58 -12.65
C1 GOL YB . -3.40 -16.51 -7.51
O1 GOL YB . -2.63 -16.66 -6.38
C2 GOL YB . -4.71 -16.76 -6.88
O2 GOL YB . -5.53 -15.66 -7.17
C3 GOL YB . -5.07 -18.11 -7.39
O3 GOL YB . -5.04 -18.88 -6.22
C1 GOL ZB . 16.38 -18.66 19.41
O1 GOL ZB . 16.68 -17.25 19.42
C2 GOL ZB . 15.35 -19.10 20.42
O2 GOL ZB . 15.20 -18.09 21.38
C3 GOL ZB . 14.00 -19.46 19.79
O3 GOL ZB . 12.83 -19.00 20.49
CAG 0YR AC . -0.82 -39.79 3.16
NAH 0YR AC . 0.04 -34.20 0.50
CAI 0YR AC . 0.72 -35.25 1.02
CAJ 0YR AC . -0.85 -38.22 3.20
CAK 0YR AC . -0.15 -36.11 2.01
CAL 0YR AC . 0.24 -37.60 2.28
OAB 0YR AC . 0.47 -40.24 3.64
OAD 0YR AC . -0.73 -37.75 4.59
OAF 0YR AC . 0.19 -38.22 1.00
OAE 0YR AC . -0.05 -35.45 3.25
OAA 0YR AC . 1.96 -35.43 0.82
OAC 0YR AC . 0.83 -33.28 -0.10
CA CA BC . 32.11 -6.40 -10.92
CL CL CC . 22.51 -7.42 -28.94
CL CL DC . 12.87 9.85 -3.39
CL CL EC . 8.97 7.80 -29.79
MG MG FC . 11.11 -3.79 -20.38
C1 GOL GC . 5.47 -24.00 -19.02
O1 GOL GC . 5.21 -22.88 -19.93
C2 GOL GC . 4.44 -23.98 -17.88
O2 GOL GC . 4.66 -25.04 -17.00
C3 GOL GC . 4.53 -22.65 -17.20
O3 GOL GC . 3.68 -22.53 -16.07
C1 GOL HC . 36.72 -4.82 -26.92
O1 GOL HC . 37.06 -3.82 -27.91
C2 GOL HC . 36.34 -6.17 -27.53
O2 GOL HC . 35.59 -5.90 -28.71
C3 GOL HC . 35.55 -7.06 -26.55
O3 GOL HC . 34.16 -6.69 -26.32
C1 GOL IC . 29.80 6.71 -2.06
O1 GOL IC . 31.21 6.49 -2.34
C2 GOL IC . 29.56 8.14 -2.48
O2 GOL IC . 29.62 8.88 -1.30
C3 GOL IC . 28.26 8.35 -3.19
O3 GOL IC . 28.35 9.49 -4.09
CAG 0YR JC . 4.41 -0.01 -20.20
NAH 0YR JC . 9.93 -1.79 -22.31
CAI 0YR JC . 9.11 -1.89 -21.23
CAJ 0YR JC . 5.89 0.33 -20.56
CAK 0YR JC . 8.12 -0.69 -21.15
CAL 0YR JC . 6.78 -0.93 -20.42
OAB 0YR JC . 4.39 -0.34 -18.78
OAD 0YR JC . 6.38 1.31 -19.62
OAF 0YR JC . 6.15 -2.08 -21.00
OAE 0YR JC . 8.81 0.26 -20.33
OAA 0YR JC . 9.21 -2.83 -20.39
OAC 0YR JC . 11.08 -2.70 -22.23
CL CL KC . 42.53 7.21 0.24
CL CL LC . 52.41 -5.58 -27.65
CL CL MC . 57.54 14.93 -11.33
MG MG NC . 53.79 1.09 -6.94
C1 GOL OC . 57.46 -11.59 9.55
O1 GOL OC . 57.75 -10.29 9.01
C2 GOL OC . 58.38 -12.62 8.91
O2 GOL OC . 57.97 -13.93 9.23
C3 GOL OC . 58.46 -12.42 7.43
O3 GOL OC . 59.27 -13.40 6.78
CAG 0YR PC . 60.75 2.28 -10.00
NAH 0YR PC . 55.13 3.53 -7.51
CAI 0YR PC . 55.94 2.54 -8.00
CAJ 0YR PC . 59.28 2.81 -10.12
CAK 0YR PC . 57.03 3.02 -8.98
CAL 0YR PC . 58.27 2.06 -9.16
OAB 0YR PC . 60.77 0.86 -10.36
OAD 0YR PC . 58.83 2.74 -11.50
OAF 0YR PC . 58.81 1.89 -7.84
OAE 0YR PC . 56.45 3.20 -10.30
OAA 0YR PC . 55.75 1.33 -7.79
OAC 0YR PC . 53.94 3.13 -6.83
CA CA QC . -39.08 27.45 49.13
CL CL RC . -41.32 12.33 35.96
CL CL SC . -14.83 18.05 53.41
CL CL TC . -26.41 -1.35 39.00
MG MG UC . -26.67 13.31 35.67
C1 GOL VC . -27.61 25.32 18.47
O1 GOL VC . -27.58 23.97 18.97
C2 GOL VC . -26.19 25.87 18.42
O2 GOL VC . -26.25 27.29 18.17
C3 GOL VC . -25.54 25.53 19.73
O3 GOL VC . -24.26 26.10 19.81
C1 GOL WC . -50.04 17.31 44.51
O1 GOL WC . -48.78 16.87 43.94
C2 GOL WC . -50.92 16.26 45.24
O2 GOL WC . -51.10 15.21 44.30
C3 GOL WC . -50.32 15.68 46.49
O3 GOL WC . -51.24 14.86 47.20
C1 GOL XC . -44.14 6.01 37.67
O1 GOL XC . -42.93 5.76 38.35
C2 GOL XC . -45.05 7.18 38.04
O2 GOL XC . -44.77 7.88 39.26
C3 GOL XC . -44.71 8.15 36.88
O3 GOL XC . -45.32 9.44 37.14
CAG 0YR YC . -20.01 9.54 35.02
NAH 0YR YC . -26.10 10.51 35.71
CAI 0YR YC . -24.92 11.13 35.62
CAJ 0YR YC . -21.32 9.38 35.86
CAK 0YR YC . -23.72 10.19 36.01
CAL 0YR YC . -22.33 10.53 35.44
OAB 0YR YC . -19.45 10.86 35.27
OAD 0YR YC . -21.01 9.38 37.32
OAF 0YR YC . -22.51 10.62 34.04
OAE 0YR YC . -23.49 10.34 37.39
OAA 0YR YC . -24.81 12.34 35.46
OAC 0YR YC . -27.24 11.30 35.62
CL CL ZC . 41.20 -34.57 -28.03
CL CL AD . 52.30 -25.61 -42.69
CL CL BD . 55.51 -5.89 -24.80
MG MG CD . 41.79 -20.73 -32.90
C1 GOL DD . 20.78 -19.26 -31.81
O1 GOL DD . 21.86 -19.64 -32.65
C2 GOL DD . 20.68 -17.74 -31.94
O2 GOL DD . 19.71 -17.27 -31.00
C3 GOL DD . 22.02 -17.09 -31.75
O3 GOL DD . 21.91 -15.69 -31.89
C1 GOL ED . 47.15 -40.63 -16.18
O1 GOL ED . 48.43 -41.07 -16.71
C2 GOL ED . 45.87 -40.97 -16.95
O2 GOL ED . 46.11 -41.41 -18.24
C3 GOL ED . 44.86 -39.81 -17.04
O3 GOL ED . 45.10 -38.76 -18.04
CAG 0YR FD . 43.70 -16.17 -38.81
NAH 0YR FD . 43.33 -21.26 -35.24
CAI 0YR FD . 43.05 -19.95 -35.30
CAJ 0YR FD . 44.38 -17.34 -38.03
CAK 0YR FD . 43.96 -19.18 -36.35
CAL 0YR FD . 43.41 -17.90 -36.96
OAB 0YR FD . 43.51 -15.08 -37.78
OAD 0YR FD . 45.59 -16.82 -37.33
OAF 0YR FD . 42.17 -18.22 -37.42
OAE 0YR FD . 44.99 -18.66 -35.55
OAA 0YR FD . 42.23 -19.38 -34.55
OAC 0YR FD . 42.80 -21.93 -34.19
CA CA GD . 45.00 -25.25 -10.24
CL CL HD . 61.12 -20.00 1.28
CL CL ID . 72.50 -36.71 4.51
CL CL JD . 70.36 -60.62 -1.47
MG MG KD . 58.10 -33.04 7.31
C1 GOL LD . 47.16 -23.65 22.60
O1 GOL LD . 48.47 -24.16 22.20
C2 GOL LD . 46.38 -24.86 23.11
O2 GOL LD . 45.02 -24.60 23.40
C3 GOL LD . 46.53 -26.04 22.19
O3 GOL LD . 45.96 -27.20 22.79
CAG 0YR MD . 61.13 -39.30 10.65
NAH 0YR MD . 60.89 -33.93 7.52
CAI 0YR MD . 60.12 -34.93 8.03
CAJ 0YR MD . 61.44 -38.44 9.44
CAK 0YR MD . 60.91 -36.31 8.20
CAL 0YR MD . 60.44 -37.25 9.34
OAB 0YR MD . 59.74 -39.60 10.67
OAD 0YR MD . 61.27 -39.23 8.24
OAF 0YR MD . 60.33 -36.50 10.57
OAE 0YR MD . 60.73 -37.07 7.00
OAA 0YR MD . 58.91 -34.83 8.26
OAC 0YR MD . 60.14 -32.75 7.07
CA CA ND . -49.76 1.24 -33.37
CL CL OD . -42.05 9.97 -16.52
CL CL PD . -40.73 -21.44 -23.50
CL CL QD . -29.25 -3.20 -7.54
MG MG RD . -43.87 -3.65 -11.37
C1 GOL SD . -62.29 1.76 -2.88
O1 GOL SD . -60.85 1.71 -2.62
C2 GOL SD . -62.87 0.43 -2.65
O2 GOL SD . -64.25 0.36 -3.05
C3 GOL SD . -62.05 -0.61 -3.32
O3 GOL SD . -62.65 -1.84 -3.00
C1 GOL TD . -34.78 12.68 -16.77
O1 GOL TD . -35.19 11.44 -16.19
C2 GOL TD . -35.96 13.59 -17.02
O2 GOL TD . -37.17 13.33 -16.27
C3 GOL TD . -36.20 13.52 -18.50
O3 GOL TD . -36.56 12.24 -18.78
C1 GOL UD . -41.36 -13.10 -36.51
O1 GOL UD . -39.93 -13.03 -36.34
C2 GOL UD . -41.68 -12.78 -37.95
O2 GOL UD . -41.31 -13.87 -38.76
C3 GOL UD . -43.13 -12.47 -38.30
O3 GOL UD . -43.07 -11.45 -39.35
CAG 0YR VD . -41.20 -8.98 -6.50
NAH 0YR VD . -41.29 -3.84 -10.03
CAI 0YR VD . -41.95 -4.96 -9.71
CAJ 0YR VD . -40.55 -8.04 -7.54
CAK 0YR VD . -40.98 -6.10 -9.12
CAL 0YR VD . -41.66 -7.14 -8.19
OAB 0YR VD . -42.22 -9.83 -7.19
OAD 0YR VD . -39.95 -8.83 -8.61
OAF 0YR VD . -42.49 -6.52 -7.22
OAE 0YR VD . -40.49 -6.87 -10.27
OAA 0YR VD . -43.16 -5.18 -10.02
OAC 0YR VD . -42.02 -2.82 -10.74
CL CL WD . -43.12 -8.05 -50.38
CL CL XD . -39.29 23.17 -43.37
CL CL YD . -29.63 4.15 -59.68
MG MG ZD . -44.09 5.66 -55.51
C1 GOL AE . -62.95 1.55 -63.52
O1 GOL AE . -61.53 1.47 -63.87
C2 GOL AE . -63.50 2.89 -63.86
O2 GOL AE . -64.83 3.04 -63.41
C3 GOL AE . -62.62 3.87 -63.17
O3 GOL AE . -63.04 5.20 -63.37
C1 GOL BE . -41.93 14.38 -28.57
O1 GOL BE . -41.98 13.36 -27.55
C2 GOL BE . -40.46 14.68 -28.94
O2 GOL BE . -40.05 15.95 -28.48
C3 GOL BE . -40.25 14.77 -30.41
O3 GOL BE . -38.83 14.65 -30.70
C1 GOL CE . -37.73 -11.65 -49.66
O1 GOL CE . -37.56 -10.90 -48.43
C2 GOL CE . -36.43 -11.42 -50.39
O2 GOL CE . -36.23 -10.05 -50.85
C3 GOL CE . -35.33 -11.86 -49.46
O3 GOL CE . -35.62 -12.95 -48.52
C1 GOL DE . -26.22 28.82 -34.74
O1 GOL DE . -26.27 28.72 -33.35
C2 GOL DE . -27.67 28.56 -35.10
O2 GOL DE . -28.33 29.82 -34.90
C3 GOL DE . -27.68 28.11 -36.55
O3 GOL DE . -28.93 27.58 -36.81
CAG 0YR EE . -40.93 10.58 -60.45
NAH 0YR EE . -41.62 5.66 -56.97
CAI 0YR EE . -42.20 6.83 -57.24
CAJ 0YR EE . -40.48 9.71 -59.28
CAK 0YR EE . -41.21 7.87 -57.81
CAL 0YR EE . -41.75 8.98 -58.73
OAB 0YR EE . -41.94 11.48 -59.96
OAD 0YR EE . -39.93 10.51 -58.22
OAF 0YR EE . -42.59 8.39 -59.79
OAE 0YR EE . -40.81 8.58 -56.62
OAA 0YR EE . -43.32 7.19 -56.89
OAC 0YR EE . -42.33 4.75 -56.17
CA CA FE . -66.35 -12.56 -25.76
CL CL GE . -66.95 -27.81 -38.95
CL CL HE . -42.13 -20.97 -19.53
MG MG IE . -52.37 -26.14 -38.06
C1 GOL JE . -50.48 -13.87 -54.09
O1 GOL JE . -49.21 -13.21 -53.93
C2 GOL JE . -51.09 -13.60 -55.41
O2 GOL JE . -51.20 -12.18 -55.58
C3 GOL JE . -52.46 -14.23 -55.47
O3 GOL JE . -52.43 -15.59 -54.92
C1 GOL KE . -70.86 -33.55 -36.30
O1 GOL KE . -70.38 -32.28 -35.83
C2 GOL KE . -69.88 -34.08 -37.33
O2 GOL KE . -68.56 -34.43 -36.78
C3 GOL KE . -69.83 -33.04 -38.46
O3 GOL KE . -70.47 -31.73 -38.34
C1 GOL LE . -56.07 -16.68 -12.88
O1 GOL LE . -55.21 -17.70 -12.44
C2 GOL LE . -55.55 -15.30 -12.55
O2 GOL LE . -55.63 -15.11 -11.16
C3 GOL LE . -56.40 -14.20 -13.20
O3 GOL LE . -57.53 -13.78 -12.39
CAG 0YR ME . -45.56 -29.79 -38.32
NAH 0YR ME . -51.75 -28.99 -38.00
CAI 0YR ME . -50.56 -28.32 -37.99
CAJ 0YR ME . -46.94 -29.90 -37.63
CAK 0YR ME . -49.32 -29.21 -37.57
CAL 0YR ME . -47.89 -28.71 -37.97
OAB 0YR ME . -45.03 -28.47 -38.06
OAD 0YR ME . -46.77 -29.88 -36.23
OAF 0YR ME . -47.89 -28.50 -39.35
OAE 0YR ME . -49.27 -29.31 -36.13
OAA 0YR ME . -50.45 -27.11 -38.25
OAC 0YR ME . -52.91 -28.25 -38.21
CA CA NE . -65.53 16.08 -40.60
CL CL OE . -64.63 31.39 -27.37
CL CL PE . -40.84 22.84 -47.32
CL CL QE . -48.75 43.32 -31.98
MG MG RE . -50.18 28.70 -28.56
C1 GOL SE . -50.84 16.79 -11.22
O1 GOL SE . -50.66 18.14 -11.73
C2 GOL SE . -49.53 16.03 -11.32
O2 GOL SE . -49.67 14.63 -11.08
C3 GOL SE . -48.97 16.22 -12.71
O3 GOL SE . -47.68 15.56 -12.85
C1 GOL TE . -75.85 29.01 -36.93
O1 GOL TE . -75.64 30.23 -37.65
C2 GOL TE . -75.02 29.07 -35.68
O2 GOL TE . -75.70 29.96 -34.82
C3 GOL TE . -74.93 27.75 -34.98
O3 GOL TE . -73.59 27.69 -34.49
CAG 0YR UE . -43.24 31.89 -28.44
NAH 0YR UE . -49.49 31.42 -28.70
CAI 0YR UE . -48.32 30.73 -28.67
CAJ 0YR UE . -44.62 32.22 -29.16
CAK 0YR UE . -47.09 31.63 -29.10
CAL 0YR UE . -45.69 31.15 -28.74
OAB 0YR UE . -42.83 30.51 -28.78
OAD 0YR UE . -44.45 32.18 -30.59
OAF 0YR UE . -45.64 30.88 -27.38
OAE 0YR UE . -47.02 31.48 -30.51
OAA 0YR UE . -48.22 29.51 -28.44
OAC 0YR UE . -50.64 30.69 -28.58
#